data_2MBG
#
_entry.id   2MBG
#
_entity_poly.entity_id   1
_entity_poly.type   'polypeptide(L)'
_entity_poly.pdbx_seq_one_letter_code
;HMPNLKPIFGIPLADAVERTMMYDGIRLPAVFRECIDYVEKYGMKCEGIYRVSGIKSKVDELKAAYDREESTNLEDYEPN
TVASLLKQYLRDLPENLLTKELMPRFEEACGRTTETEKVQEFQRLLKELPECNYLLISWLIVHMDHVIAKELETKMNIQN
ISIVLSPTVQISNRVLYVFFTHVQELFGNVVLKQVMKPLRWSNMATMPTLPETQAGIKEEIRRQEFLLNCLHRDLQGGIK
DLSKEERLWEVQRILTALKRKLREA
;
_entity_poly.pdbx_strand_id   A
#
# COMPACT_ATOMS: atom_id res chain seq x y z
N HIS A 1 -14.70 -17.66 23.60
CA HIS A 1 -13.33 -17.75 23.04
C HIS A 1 -12.90 -16.39 22.51
N MET A 2 -11.77 -16.35 21.80
CA MET A 2 -11.30 -15.11 21.19
C MET A 2 -12.31 -14.59 20.17
N PRO A 3 -12.62 -13.29 20.23
CA PRO A 3 -13.60 -12.68 19.33
C PRO A 3 -13.10 -12.56 17.90
N ASN A 4 -13.88 -13.12 16.97
CA ASN A 4 -13.62 -13.06 15.54
C ASN A 4 -12.46 -13.98 15.14
N LEU A 5 -12.53 -14.47 13.92
CA LEU A 5 -11.51 -15.38 13.41
C LEU A 5 -10.57 -14.65 12.46
N LYS A 6 -9.45 -14.18 13.00
CA LYS A 6 -8.42 -13.46 12.24
C LYS A 6 -8.94 -12.12 11.73
N PRO A 7 -8.76 -11.06 12.51
CA PRO A 7 -9.07 -9.70 12.08
C PRO A 7 -7.94 -9.11 11.25
N ILE A 8 -8.10 -7.85 10.84
CA ILE A 8 -7.12 -7.18 10.02
C ILE A 8 -6.96 -5.73 10.47
N PHE A 9 -8.08 -5.07 10.73
CA PHE A 9 -8.07 -3.67 11.15
C PHE A 9 -7.99 -3.57 12.66
N GLY A 10 -6.77 -3.57 13.16
CA GLY A 10 -6.53 -3.46 14.59
C GLY A 10 -5.52 -4.45 15.09
N ILE A 11 -4.42 -4.60 14.36
CA ILE A 11 -3.37 -5.56 14.72
C ILE A 11 -2.00 -4.93 14.48
N PRO A 12 -0.95 -5.47 15.13
CA PRO A 12 0.43 -5.03 14.90
C PRO A 12 0.86 -5.25 13.46
N LEU A 13 1.90 -4.54 13.04
CA LEU A 13 2.34 -4.60 11.65
C LEU A 13 2.72 -6.01 11.22
N ALA A 14 3.66 -6.63 11.93
CA ALA A 14 4.09 -8.00 11.61
C ALA A 14 2.91 -8.96 11.51
N ASP A 15 2.01 -8.88 12.49
CA ASP A 15 0.79 -9.70 12.48
C ASP A 15 0.00 -9.50 11.19
N ALA A 16 -0.14 -8.25 10.77
CA ALA A 16 -0.80 -7.93 9.52
C ALA A 16 0.02 -8.43 8.33
N VAL A 17 1.34 -8.32 8.44
CA VAL A 17 2.27 -8.74 7.39
C VAL A 17 2.13 -10.23 7.12
N GLU A 18 2.24 -11.04 8.17
CA GLU A 18 2.17 -12.49 8.05
C GLU A 18 0.82 -12.90 7.49
N ARG A 19 -0.21 -12.12 7.80
CA ARG A 19 -1.54 -12.37 7.30
C ARG A 19 -1.63 -12.02 5.81
N THR A 20 -1.16 -10.82 5.47
CA THR A 20 -1.36 -10.29 4.12
C THR A 20 -0.09 -10.32 3.27
N MET A 21 0.71 -11.37 3.41
CA MET A 21 1.90 -11.54 2.57
C MET A 21 1.50 -11.87 1.13
N MET A 22 1.95 -11.04 0.19
CA MET A 22 1.60 -11.23 -1.22
C MET A 22 2.79 -11.76 -2.03
N TYR A 23 3.73 -10.88 -2.36
CA TYR A 23 4.85 -11.25 -3.21
C TYR A 23 5.93 -12.03 -2.46
N ASP A 24 6.85 -11.29 -1.86
CA ASP A 24 8.02 -11.90 -1.25
C ASP A 24 7.90 -11.89 0.26
N GLY A 25 7.05 -11.01 0.76
CA GLY A 25 6.92 -10.84 2.18
C GLY A 25 7.98 -9.90 2.71
N ILE A 26 8.13 -8.76 2.05
CA ILE A 26 9.13 -7.74 2.39
C ILE A 26 8.79 -7.00 3.70
N ARG A 27 8.06 -7.66 4.60
CA ARG A 27 7.64 -7.07 5.86
C ARG A 27 6.82 -5.81 5.63
N LEU A 28 5.59 -6.01 5.21
CA LEU A 28 4.68 -4.94 4.88
C LEU A 28 3.31 -5.55 4.60
N PRO A 29 2.22 -4.92 5.09
CA PRO A 29 0.87 -5.40 4.83
C PRO A 29 0.44 -5.21 3.38
N ALA A 30 -0.47 -6.05 2.89
CA ALA A 30 -0.93 -5.96 1.51
C ALA A 30 -1.75 -4.72 1.29
N VAL A 31 -2.67 -4.47 2.22
CA VAL A 31 -3.58 -3.33 2.16
C VAL A 31 -2.86 -2.05 1.76
N PHE A 32 -1.76 -1.74 2.43
CA PHE A 32 -1.00 -0.54 2.16
C PHE A 32 -0.54 -0.51 0.71
N ARG A 33 -0.07 -1.64 0.21
CA ARG A 33 0.45 -1.73 -1.14
C ARG A 33 -0.68 -1.66 -2.14
N GLU A 34 -1.77 -2.37 -1.84
CA GLU A 34 -2.95 -2.38 -2.70
C GLU A 34 -3.48 -0.96 -2.93
N CYS A 35 -3.41 -0.13 -1.88
CA CYS A 35 -3.92 1.23 -1.96
C CYS A 35 -2.90 2.14 -2.64
N ILE A 36 -1.63 1.94 -2.32
CA ILE A 36 -0.56 2.73 -2.94
C ILE A 36 -0.46 2.39 -4.43
N ASP A 37 -0.74 1.14 -4.76
CA ASP A 37 -0.68 0.66 -6.14
C ASP A 37 -1.75 1.32 -6.99
N TYR A 38 -2.98 1.33 -6.50
CA TYR A 38 -4.09 1.93 -7.23
C TYR A 38 -3.84 3.41 -7.49
N VAL A 39 -3.42 4.14 -6.45
CA VAL A 39 -3.17 5.56 -6.57
C VAL A 39 -2.02 5.82 -7.55
N GLU A 40 -1.01 4.98 -7.50
CA GLU A 40 0.16 5.15 -8.35
C GLU A 40 -0.21 4.91 -9.82
N LYS A 41 -1.09 3.97 -10.07
CA LYS A 41 -1.46 3.61 -11.44
C LYS A 41 -2.57 4.48 -11.99
N TYR A 42 -3.61 4.71 -11.20
CA TYR A 42 -4.81 5.35 -11.72
C TYR A 42 -5.12 6.64 -10.99
N GLY A 43 -4.81 6.70 -9.69
CA GLY A 43 -5.24 7.84 -8.88
C GLY A 43 -4.16 8.91 -8.79
N MET A 44 -3.47 9.12 -9.89
CA MET A 44 -2.37 10.08 -9.90
C MET A 44 -2.85 11.45 -10.39
N LYS A 45 -3.83 11.44 -11.28
CA LYS A 45 -4.35 12.70 -11.83
C LYS A 45 -5.67 13.08 -11.19
N CYS A 46 -5.97 12.46 -10.06
CA CYS A 46 -7.25 12.69 -9.40
C CYS A 46 -7.21 13.96 -8.58
N GLU A 47 -8.09 14.91 -8.89
CA GLU A 47 -8.32 16.06 -8.04
C GLU A 47 -8.93 15.57 -6.73
N GLY A 48 -8.76 16.32 -5.65
CA GLY A 48 -9.20 15.85 -4.36
C GLY A 48 -8.49 14.59 -3.89
N ILE A 49 -7.42 14.20 -4.58
CA ILE A 49 -6.66 13.01 -4.23
C ILE A 49 -6.21 13.03 -2.76
N TYR A 50 -6.76 12.11 -1.96
CA TYR A 50 -6.44 11.98 -0.54
C TYR A 50 -7.00 13.17 0.24
N ARG A 51 -7.84 13.95 -0.41
CA ARG A 51 -8.34 15.19 0.16
C ARG A 51 -9.85 15.09 0.37
N VAL A 52 -10.52 14.55 -0.62
CA VAL A 52 -11.96 14.33 -0.55
C VAL A 52 -12.25 13.13 0.35
N SER A 53 -13.41 13.12 0.98
CA SER A 53 -13.80 12.03 1.84
C SER A 53 -14.16 10.81 1.01
N GLY A 54 -13.71 9.64 1.44
CA GLY A 54 -14.10 8.42 0.78
C GLY A 54 -15.50 8.01 1.19
N ILE A 55 -16.24 7.39 0.28
CA ILE A 55 -17.58 6.93 0.59
C ILE A 55 -17.53 5.91 1.72
N LYS A 56 -17.93 6.33 2.92
CA LYS A 56 -17.84 5.49 4.11
C LYS A 56 -18.59 4.18 3.91
N SER A 57 -19.63 4.22 3.11
CA SER A 57 -20.43 3.05 2.82
C SER A 57 -19.64 2.01 2.03
N LYS A 58 -18.68 2.46 1.23
CA LYS A 58 -17.83 1.54 0.49
C LYS A 58 -16.69 1.08 1.40
N VAL A 59 -16.13 2.06 2.11
CA VAL A 59 -14.99 1.86 2.99
C VAL A 59 -15.28 0.80 4.05
N ASP A 60 -16.45 0.89 4.67
CA ASP A 60 -16.82 -0.05 5.71
C ASP A 60 -16.98 -1.45 5.14
N GLU A 61 -17.34 -1.53 3.87
CA GLU A 61 -17.45 -2.81 3.17
C GLU A 61 -16.05 -3.37 2.92
N LEU A 62 -15.16 -2.51 2.45
CA LEU A 62 -13.77 -2.88 2.18
C LEU A 62 -13.09 -3.39 3.44
N LYS A 63 -13.12 -2.61 4.52
CA LYS A 63 -12.52 -3.03 5.79
C LYS A 63 -13.11 -4.35 6.24
N ALA A 64 -14.39 -4.54 5.97
CA ALA A 64 -15.05 -5.80 6.28
C ALA A 64 -14.51 -6.92 5.40
N ALA A 65 -14.36 -6.63 4.11
CA ALA A 65 -13.88 -7.61 3.15
C ALA A 65 -12.45 -8.04 3.47
N TYR A 66 -11.60 -7.08 3.81
CA TYR A 66 -10.23 -7.40 4.19
C TYR A 66 -10.21 -8.20 5.49
N ASP A 67 -11.05 -7.81 6.44
CA ASP A 67 -11.09 -8.47 7.76
C ASP A 67 -11.64 -9.89 7.64
N ARG A 68 -12.42 -10.13 6.59
CA ARG A 68 -12.99 -11.45 6.32
C ARG A 68 -12.13 -12.23 5.34
N GLU A 69 -10.99 -11.67 4.95
CA GLU A 69 -10.11 -12.26 3.94
C GLU A 69 -10.88 -12.59 2.65
N GLU A 70 -11.35 -11.55 1.99
CA GLU A 70 -12.12 -11.69 0.76
C GLU A 70 -11.39 -11.08 -0.42
N SER A 71 -12.04 -11.05 -1.57
CA SER A 71 -11.45 -10.47 -2.76
C SER A 71 -11.91 -9.02 -2.94
N THR A 72 -10.94 -8.11 -2.98
CA THR A 72 -11.23 -6.70 -3.10
C THR A 72 -10.59 -6.12 -4.36
N ASN A 73 -11.42 -5.83 -5.34
CA ASN A 73 -10.95 -5.23 -6.57
C ASN A 73 -10.99 -3.71 -6.45
N LEU A 74 -9.88 -3.14 -5.97
CA LEU A 74 -9.79 -1.72 -5.71
C LEU A 74 -9.73 -0.92 -6.99
N GLU A 75 -9.53 -1.61 -8.10
CA GLU A 75 -9.35 -0.97 -9.39
C GLU A 75 -10.71 -0.51 -9.91
N ASP A 76 -11.75 -0.93 -9.20
CA ASP A 76 -13.12 -0.62 -9.56
C ASP A 76 -13.72 0.40 -8.59
N TYR A 77 -12.96 0.74 -7.55
CA TYR A 77 -13.41 1.69 -6.53
C TYR A 77 -12.80 3.06 -6.75
N GLU A 78 -13.28 4.05 -6.00
CA GLU A 78 -12.80 5.41 -6.11
C GLU A 78 -11.50 5.59 -5.31
N PRO A 79 -10.60 6.49 -5.77
CA PRO A 79 -9.31 6.71 -5.13
C PRO A 79 -9.44 7.22 -3.69
N ASN A 80 -10.33 8.20 -3.49
CA ASN A 80 -10.65 8.72 -2.16
C ASN A 80 -11.11 7.60 -1.23
N THR A 81 -11.81 6.63 -1.79
CA THR A 81 -12.35 5.53 -1.01
C THR A 81 -11.23 4.63 -0.48
N VAL A 82 -10.35 4.18 -1.36
CA VAL A 82 -9.25 3.31 -0.96
C VAL A 82 -8.27 4.05 -0.05
N ALA A 83 -8.04 5.32 -0.35
CA ALA A 83 -7.16 6.17 0.45
C ALA A 83 -7.70 6.33 1.87
N SER A 84 -9.02 6.32 1.99
CA SER A 84 -9.68 6.55 3.26
C SER A 84 -9.68 5.25 4.05
N LEU A 85 -9.80 4.16 3.33
CA LEU A 85 -9.67 2.84 3.89
C LEU A 85 -8.25 2.66 4.41
N LEU A 86 -7.29 3.10 3.62
CA LEU A 86 -5.88 2.98 3.97
C LEU A 86 -5.55 3.78 5.23
N LYS A 87 -5.87 5.07 5.22
CA LYS A 87 -5.54 5.93 6.36
C LYS A 87 -6.23 5.44 7.62
N GLN A 88 -7.42 4.87 7.45
CA GLN A 88 -8.14 4.30 8.57
C GLN A 88 -7.42 3.05 9.07
N TYR A 89 -7.10 2.16 8.14
CA TYR A 89 -6.33 0.95 8.44
C TYR A 89 -5.06 1.26 9.26
N LEU A 90 -4.37 2.33 8.91
CA LEU A 90 -3.15 2.71 9.62
C LEU A 90 -3.48 3.17 11.03
N ARG A 91 -4.58 3.89 11.15
CA ARG A 91 -5.08 4.33 12.43
C ARG A 91 -5.36 3.13 13.33
N ASP A 92 -6.16 2.20 12.83
CA ASP A 92 -6.55 1.01 13.59
C ASP A 92 -5.36 0.20 14.08
N LEU A 93 -4.20 0.39 13.49
CA LEU A 93 -3.04 -0.39 13.92
C LEU A 93 -2.50 0.17 15.24
N PRO A 94 -2.52 -0.66 16.30
CA PRO A 94 -2.15 -0.28 17.67
C PRO A 94 -0.80 0.42 17.78
N GLU A 95 0.23 -0.18 17.20
CA GLU A 95 1.55 0.41 17.24
C GLU A 95 1.70 1.43 16.13
N ASN A 96 2.00 2.66 16.50
CA ASN A 96 2.23 3.72 15.52
C ASN A 96 3.44 3.41 14.68
N LEU A 97 3.58 4.14 13.59
CA LEU A 97 4.72 3.96 12.71
C LEU A 97 5.96 4.50 13.41
N LEU A 98 5.77 5.65 14.05
CA LEU A 98 6.83 6.32 14.80
C LEU A 98 6.74 5.91 16.27
N THR A 99 5.80 5.01 16.55
CA THR A 99 5.47 4.56 17.91
C THR A 99 5.12 5.75 18.82
N LYS A 100 4.69 5.44 20.04
CA LYS A 100 4.47 6.47 21.05
C LYS A 100 5.82 7.06 21.44
N GLU A 101 6.79 6.18 21.44
CA GLU A 101 8.17 6.49 21.78
C GLU A 101 8.76 7.65 20.95
N LEU A 102 8.82 7.50 19.63
CA LEU A 102 9.53 8.49 18.81
C LEU A 102 8.61 9.64 18.38
N MET A 103 7.31 9.36 18.31
CA MET A 103 6.32 10.36 17.85
C MET A 103 6.53 11.77 18.43
N PRO A 104 6.66 11.93 19.77
CA PRO A 104 6.81 13.27 20.37
C PRO A 104 8.09 13.99 19.96
N ARG A 105 9.05 13.25 19.43
CA ARG A 105 10.31 13.84 19.03
C ARG A 105 10.22 14.45 17.64
N PHE A 106 9.16 14.10 16.93
CA PHE A 106 8.92 14.67 15.60
C PHE A 106 8.53 16.13 15.73
N GLU A 107 7.78 16.44 16.79
CA GLU A 107 7.47 17.82 17.12
C GLU A 107 8.76 18.61 17.38
N GLU A 108 9.68 17.96 18.10
CA GLU A 108 10.97 18.54 18.42
C GLU A 108 11.77 18.80 17.14
N ALA A 109 11.92 17.76 16.33
CA ALA A 109 12.67 17.83 15.07
C ALA A 109 12.05 18.80 14.07
N CYS A 110 10.78 19.10 14.25
CA CYS A 110 10.10 20.02 13.35
C CYS A 110 10.45 21.45 13.73
N GLY A 111 10.71 21.64 15.03
CA GLY A 111 11.13 22.92 15.53
C GLY A 111 12.64 23.06 15.62
N ARG A 112 13.32 22.58 14.59
CA ARG A 112 14.77 22.74 14.51
C ARG A 112 15.11 23.97 13.68
N THR A 113 16.11 24.71 14.12
CA THR A 113 16.50 25.96 13.50
C THR A 113 17.04 25.76 12.08
N THR A 114 17.46 24.54 11.77
CA THR A 114 18.06 24.26 10.47
C THR A 114 17.49 22.97 9.89
N GLU A 115 17.40 22.89 8.56
CA GLU A 115 16.88 21.72 7.87
C GLU A 115 17.71 20.49 8.20
N THR A 116 19.00 20.72 8.42
CA THR A 116 19.93 19.67 8.73
C THR A 116 19.61 19.06 10.10
N GLU A 117 19.37 19.94 11.09
CA GLU A 117 19.08 19.50 12.44
C GLU A 117 17.81 18.66 12.46
N LYS A 118 16.86 19.02 11.59
CA LYS A 118 15.59 18.31 11.54
C LYS A 118 15.82 16.88 11.07
N VAL A 119 16.33 16.76 9.85
CA VAL A 119 16.59 15.45 9.27
C VAL A 119 17.41 14.54 10.17
N GLN A 120 18.41 15.09 10.85
CA GLN A 120 19.23 14.30 11.77
C GLN A 120 18.39 13.68 12.89
N GLU A 121 17.48 14.46 13.47
CA GLU A 121 16.62 13.96 14.54
C GLU A 121 15.67 12.88 14.00
N PHE A 122 15.01 13.17 12.88
CA PHE A 122 14.15 12.18 12.22
C PHE A 122 14.92 10.90 11.91
N GLN A 123 16.17 11.08 11.49
CA GLN A 123 17.06 9.95 11.21
C GLN A 123 17.08 8.99 12.38
N ARG A 124 17.44 9.49 13.56
CA ARG A 124 17.58 8.63 14.73
C ARG A 124 16.23 8.04 15.13
N LEU A 125 15.17 8.83 14.94
CA LEU A 125 13.81 8.36 15.19
C LEU A 125 13.50 7.10 14.37
N LEU A 126 13.63 7.24 13.06
CA LEU A 126 13.35 6.15 12.12
C LEU A 126 14.19 4.90 12.39
N LYS A 127 15.39 5.08 12.94
CA LYS A 127 16.27 3.94 13.21
C LYS A 127 15.74 3.11 14.39
N GLU A 128 15.17 3.79 15.36
CA GLU A 128 14.52 3.11 16.50
C GLU A 128 13.36 2.24 16.01
N LEU A 129 12.61 2.75 15.04
CA LEU A 129 11.48 2.01 14.46
C LEU A 129 11.87 0.61 13.98
N PRO A 130 10.96 -0.35 14.12
CA PRO A 130 11.11 -1.70 13.56
C PRO A 130 11.16 -1.66 12.03
N GLU A 131 11.66 -2.75 11.44
CA GLU A 131 11.83 -2.85 9.99
C GLU A 131 10.54 -2.51 9.23
N CYS A 132 9.44 -3.12 9.67
CA CYS A 132 8.14 -2.90 9.02
C CYS A 132 7.73 -1.43 9.08
N ASN A 133 8.02 -0.78 10.20
CA ASN A 133 7.69 0.64 10.36
C ASN A 133 8.57 1.48 9.46
N TYR A 134 9.83 1.10 9.39
CA TYR A 134 10.81 1.79 8.57
C TYR A 134 10.37 1.77 7.11
N LEU A 135 9.91 0.63 6.62
CA LEU A 135 9.44 0.51 5.25
C LEU A 135 8.11 1.23 5.05
N LEU A 136 7.22 1.11 6.04
CA LEU A 136 5.91 1.76 5.97
C LEU A 136 6.08 3.27 5.86
N ILE A 137 6.89 3.84 6.77
CA ILE A 137 7.12 5.28 6.80
C ILE A 137 7.76 5.74 5.50
N SER A 138 8.63 4.90 4.94
CA SER A 138 9.29 5.20 3.69
C SER A 138 8.26 5.37 2.57
N TRP A 139 7.41 4.38 2.37
CA TRP A 139 6.49 4.37 1.24
C TRP A 139 5.40 5.38 1.40
N LEU A 140 4.81 5.44 2.59
CA LEU A 140 3.70 6.33 2.85
C LEU A 140 4.08 7.77 2.51
N ILE A 141 5.22 8.19 3.02
CA ILE A 141 5.64 9.57 2.86
C ILE A 141 6.18 9.82 1.45
N VAL A 142 7.00 8.91 0.94
CA VAL A 142 7.57 9.06 -0.40
C VAL A 142 6.49 9.00 -1.47
N HIS A 143 5.51 8.11 -1.30
CA HIS A 143 4.43 8.01 -2.27
C HIS A 143 3.59 9.27 -2.25
N MET A 144 3.38 9.83 -1.07
CA MET A 144 2.56 11.01 -0.94
C MET A 144 3.31 12.24 -1.43
N ASP A 145 4.63 12.14 -1.43
CA ASP A 145 5.49 13.19 -1.98
C ASP A 145 5.27 13.31 -3.49
N HIS A 146 5.26 12.15 -4.14
CA HIS A 146 4.98 12.09 -5.56
C HIS A 146 3.56 12.59 -5.83
N VAL A 147 2.68 12.39 -4.85
CA VAL A 147 1.32 12.92 -4.93
C VAL A 147 1.34 14.45 -4.90
N ILE A 148 2.33 15.04 -4.23
CA ILE A 148 2.44 16.49 -4.18
C ILE A 148 2.72 17.05 -5.57
N ALA A 149 3.57 16.36 -6.33
CA ALA A 149 3.79 16.73 -7.73
C ALA A 149 2.49 16.58 -8.51
N LYS A 150 1.73 15.56 -8.14
CA LYS A 150 0.44 15.32 -8.77
C LYS A 150 -0.53 16.42 -8.36
N GLU A 151 -0.37 16.92 -7.15
CA GLU A 151 -1.11 18.09 -6.68
C GLU A 151 -0.77 19.31 -7.53
N LEU A 152 0.43 19.33 -8.08
CA LEU A 152 0.86 20.43 -8.91
C LEU A 152 0.03 20.45 -10.19
N GLU A 153 -0.37 19.26 -10.65
CA GLU A 153 -1.30 19.18 -11.79
C GLU A 153 -2.78 19.15 -11.33
N THR A 154 -3.10 18.39 -10.27
CA THR A 154 -4.48 18.27 -9.77
C THR A 154 -4.93 19.51 -8.99
N LYS A 155 -4.12 20.54 -9.08
CA LYS A 155 -4.42 21.85 -8.48
C LYS A 155 -4.58 21.75 -6.96
N MET A 156 -3.57 21.20 -6.32
CA MET A 156 -3.54 21.05 -4.88
C MET A 156 -2.13 21.41 -4.39
N ASN A 157 -1.89 21.30 -3.09
CA ASN A 157 -0.60 21.71 -2.54
C ASN A 157 -0.22 20.86 -1.34
N ILE A 158 1.06 20.87 -0.98
CA ILE A 158 1.59 20.10 0.15
C ILE A 158 0.73 20.30 1.40
N GLN A 159 0.23 21.51 1.56
CA GLN A 159 -0.58 21.87 2.71
C GLN A 159 -1.84 20.99 2.79
N ASN A 160 -2.46 20.73 1.64
CA ASN A 160 -3.70 19.96 1.59
C ASN A 160 -3.46 18.55 2.09
N ILE A 161 -2.45 17.88 1.52
CA ILE A 161 -2.09 16.56 1.97
C ILE A 161 -1.70 16.56 3.45
N SER A 162 -0.98 17.59 3.87
CA SER A 162 -0.54 17.70 5.25
C SER A 162 -1.73 17.75 6.21
N ILE A 163 -2.83 18.38 5.77
CA ILE A 163 -4.01 18.51 6.61
C ILE A 163 -4.70 17.17 6.80
N VAL A 164 -4.76 16.41 5.72
CA VAL A 164 -5.49 15.16 5.72
C VAL A 164 -4.61 13.98 6.15
N LEU A 165 -3.30 14.20 6.14
CA LEU A 165 -2.35 13.16 6.50
C LEU A 165 -1.99 13.26 7.99
N SER A 166 -2.24 14.44 8.57
CA SER A 166 -2.05 14.64 10.00
C SER A 166 -2.90 13.66 10.83
N PRO A 167 -4.23 13.59 10.60
CA PRO A 167 -5.11 12.65 11.30
C PRO A 167 -4.80 11.20 10.94
N THR A 168 -3.97 11.02 9.92
CA THR A 168 -3.63 9.69 9.45
C THR A 168 -2.63 8.99 10.38
N VAL A 169 -1.46 9.59 10.64
CA VAL A 169 -0.48 8.95 11.52
C VAL A 169 -0.41 9.58 12.90
N GLN A 170 -1.26 10.59 13.13
CA GLN A 170 -1.46 11.20 14.46
C GLN A 170 -0.35 12.20 14.78
N ILE A 171 0.09 12.95 13.78
CA ILE A 171 1.14 13.95 13.99
C ILE A 171 0.73 15.28 13.35
N SER A 172 1.11 16.37 14.02
CA SER A 172 0.78 17.74 13.60
C SER A 172 1.01 18.01 12.11
N ASN A 173 0.20 18.94 11.58
CA ASN A 173 0.17 19.30 10.17
C ASN A 173 1.57 19.59 9.61
N ARG A 174 2.29 20.49 10.26
CA ARG A 174 3.58 20.96 9.77
C ARG A 174 4.57 19.80 9.64
N VAL A 175 4.38 18.77 10.43
CA VAL A 175 5.28 17.63 10.42
C VAL A 175 5.15 16.83 9.12
N LEU A 176 3.97 16.84 8.50
CA LEU A 176 3.78 16.13 7.23
C LEU A 176 4.51 16.87 6.11
N TYR A 177 4.25 18.17 6.00
CA TYR A 177 5.03 19.02 5.10
C TYR A 177 6.53 18.73 5.21
N VAL A 178 7.06 18.74 6.44
CA VAL A 178 8.47 18.45 6.64
C VAL A 178 8.75 16.96 6.40
N PHE A 179 7.75 16.12 6.62
CA PHE A 179 7.90 14.69 6.39
C PHE A 179 8.38 14.42 4.98
N PHE A 180 7.71 15.00 3.98
CA PHE A 180 8.09 14.75 2.60
C PHE A 180 9.43 15.40 2.27
N THR A 181 9.47 16.71 2.44
CA THR A 181 10.73 17.45 2.33
C THR A 181 11.92 16.64 2.91
N HIS A 182 11.80 16.16 4.14
CA HIS A 182 12.92 15.44 4.77
C HIS A 182 12.96 13.99 4.30
N VAL A 183 11.84 13.46 3.83
CA VAL A 183 11.79 12.05 3.44
C VAL A 183 12.74 11.76 2.30
N GLN A 184 12.83 12.66 1.32
CA GLN A 184 13.79 12.49 0.25
C GLN A 184 15.16 12.95 0.70
N GLU A 185 15.22 13.89 1.65
CA GLU A 185 16.49 14.23 2.27
C GLU A 185 17.09 13.02 2.99
N LEU A 186 16.23 12.11 3.46
CA LEU A 186 16.68 10.92 4.15
C LEU A 186 16.79 9.73 3.21
N PHE A 187 15.74 9.45 2.45
CA PHE A 187 15.76 8.39 1.47
C PHE A 187 15.81 9.01 0.07
N GLY A 188 15.14 8.38 -0.89
CA GLY A 188 14.99 8.98 -2.20
C GLY A 188 15.11 7.93 -3.28
N ASN A 189 15.72 6.80 -2.92
CA ASN A 189 15.78 5.65 -3.81
C ASN A 189 14.64 4.71 -3.47
N VAL A 190 13.96 5.06 -2.38
CA VAL A 190 12.74 4.39 -1.97
C VAL A 190 11.75 4.36 -3.12
N VAL A 191 11.40 3.16 -3.49
CA VAL A 191 10.61 2.93 -4.69
C VAL A 191 9.23 2.38 -4.33
N LEU A 192 8.21 2.84 -5.05
CA LEU A 192 6.86 2.37 -4.83
C LEU A 192 6.59 1.14 -5.69
N LYS A 193 6.86 -0.03 -5.12
CA LYS A 193 6.65 -1.30 -5.81
C LYS A 193 5.16 -1.62 -5.89
N GLN A 194 4.62 -1.60 -7.11
CA GLN A 194 3.21 -1.88 -7.32
C GLN A 194 2.95 -3.39 -7.31
N VAL A 195 1.70 -3.76 -7.12
CA VAL A 195 1.33 -5.16 -6.97
C VAL A 195 0.35 -5.61 -8.07
N MET A 196 0.39 -6.89 -8.39
CA MET A 196 -0.59 -7.50 -9.26
C MET A 196 -1.95 -7.55 -8.55
N LYS A 197 -2.97 -7.01 -9.18
CA LYS A 197 -4.26 -6.84 -8.53
C LYS A 197 -5.30 -7.79 -9.13
N PRO A 198 -6.27 -8.24 -8.31
CA PRO A 198 -7.37 -9.09 -8.79
C PRO A 198 -8.21 -8.39 -9.85
N LEU A 199 -8.75 -9.16 -10.79
CA LEU A 199 -9.52 -8.60 -11.89
C LEU A 199 -10.99 -8.51 -11.52
N ARG A 200 -11.76 -7.83 -12.34
CA ARG A 200 -13.21 -7.79 -12.20
C ARG A 200 -13.80 -9.14 -12.65
N TRP A 201 -12.97 -9.95 -13.30
CA TRP A 201 -13.36 -11.26 -13.76
C TRP A 201 -13.39 -12.23 -12.59
N SER A 202 -14.34 -13.15 -12.59
CA SER A 202 -14.44 -14.15 -11.52
C SER A 202 -13.42 -15.27 -11.71
N ASN A 203 -12.58 -15.14 -12.72
CA ASN A 203 -11.42 -16.03 -12.94
C ASN A 203 -11.82 -17.40 -13.52
N MET A 204 -13.03 -17.52 -14.05
CA MET A 204 -13.43 -18.75 -14.72
C MET A 204 -14.62 -18.50 -15.65
N ALA A 205 -14.98 -19.54 -16.43
CA ALA A 205 -16.16 -19.53 -17.29
C ALA A 205 -15.97 -18.66 -18.53
N THR A 206 -15.67 -17.39 -18.31
CA THR A 206 -15.48 -16.45 -19.40
C THR A 206 -14.06 -16.53 -19.96
N MET A 207 -13.77 -15.68 -20.94
CA MET A 207 -12.46 -15.62 -21.57
C MET A 207 -12.22 -14.25 -22.21
N PRO A 208 -13.15 -13.76 -23.07
CA PRO A 208 -13.03 -12.42 -23.67
C PRO A 208 -13.29 -11.31 -22.67
N THR A 209 -12.39 -11.19 -21.71
CA THR A 209 -12.48 -10.17 -20.67
C THR A 209 -11.08 -9.71 -20.29
N LEU A 210 -10.10 -10.32 -20.93
CA LEU A 210 -8.69 -10.06 -20.63
C LEU A 210 -8.17 -8.90 -21.47
N PRO A 211 -7.13 -8.20 -20.98
CA PRO A 211 -6.50 -7.11 -21.75
C PRO A 211 -5.95 -7.60 -23.08
N GLU A 212 -6.38 -6.95 -24.16
CA GLU A 212 -6.00 -7.37 -25.50
C GLU A 212 -4.86 -6.50 -26.04
N THR A 213 -4.26 -5.72 -25.15
CA THR A 213 -3.17 -4.83 -25.52
C THR A 213 -1.82 -5.47 -25.22
N GLN A 214 -0.87 -5.29 -26.15
CA GLN A 214 0.44 -5.93 -26.05
C GLN A 214 1.24 -5.39 -24.87
N ALA A 215 1.28 -4.07 -24.73
CA ALA A 215 2.05 -3.45 -23.66
C ALA A 215 1.40 -3.73 -22.32
N GLY A 216 0.08 -3.94 -22.36
CA GLY A 216 -0.67 -4.26 -21.17
C GLY A 216 -0.32 -5.64 -20.64
N ILE A 217 -0.16 -6.58 -21.57
CA ILE A 217 0.16 -7.95 -21.22
C ILE A 217 1.63 -8.07 -20.80
N LYS A 218 2.51 -7.38 -21.52
CA LYS A 218 3.95 -7.40 -21.21
C LYS A 218 4.20 -7.03 -19.76
N GLU A 219 3.65 -5.89 -19.34
CA GLU A 219 3.85 -5.39 -17.99
C GLU A 219 3.24 -6.34 -16.96
N GLU A 220 2.02 -6.78 -17.23
CA GLU A 220 1.29 -7.62 -16.29
C GLU A 220 1.98 -8.99 -16.12
N ILE A 221 2.43 -9.57 -17.22
CA ILE A 221 3.14 -10.84 -17.17
C ILE A 221 4.37 -10.73 -16.26
N ARG A 222 5.14 -9.66 -16.44
CA ARG A 222 6.32 -9.42 -15.62
C ARG A 222 5.95 -9.44 -14.14
N ARG A 223 4.95 -8.67 -13.79
CA ARG A 223 4.50 -8.56 -12.41
C ARG A 223 3.97 -9.89 -11.90
N GLN A 224 3.22 -10.57 -12.74
CA GLN A 224 2.54 -11.78 -12.34
C GLN A 224 3.51 -12.97 -12.23
N GLU A 225 4.50 -13.04 -13.12
CA GLU A 225 5.46 -14.13 -13.07
C GLU A 225 6.29 -14.08 -11.79
N PHE A 226 6.61 -12.88 -11.33
CA PHE A 226 7.32 -12.73 -10.07
C PHE A 226 6.45 -13.20 -8.91
N LEU A 227 5.16 -12.91 -9.00
CA LEU A 227 4.22 -13.43 -8.01
C LEU A 227 4.14 -14.95 -8.13
N LEU A 228 4.19 -15.42 -9.36
CA LEU A 228 3.99 -16.83 -9.66
C LEU A 228 5.16 -17.67 -9.18
N ASN A 229 6.37 -17.32 -9.61
CA ASN A 229 7.55 -18.12 -9.28
C ASN A 229 7.82 -18.12 -7.78
N CYS A 230 7.51 -17.02 -7.11
CA CYS A 230 7.78 -16.92 -5.68
C CYS A 230 6.81 -17.78 -4.88
N LEU A 231 5.52 -17.72 -5.23
CA LEU A 231 4.51 -18.48 -4.49
C LEU A 231 4.72 -19.97 -4.69
N HIS A 232 5.03 -20.37 -5.91
CA HIS A 232 5.34 -21.76 -6.20
C HIS A 232 6.51 -22.24 -5.35
N ARG A 233 7.55 -21.42 -5.29
CA ARG A 233 8.78 -21.76 -4.59
C ARG A 233 8.54 -21.88 -3.08
N ASP A 234 7.61 -21.06 -2.59
CA ASP A 234 7.25 -21.04 -1.17
C ASP A 234 6.90 -22.44 -0.67
N LEU A 235 6.15 -23.19 -1.48
CA LEU A 235 5.69 -24.52 -1.10
C LEU A 235 6.86 -25.47 -0.85
N GLN A 236 7.97 -25.22 -1.52
CA GLN A 236 9.13 -26.11 -1.43
C GLN A 236 9.86 -25.93 -0.10
N GLY A 237 9.42 -24.97 0.69
CA GLY A 237 9.99 -24.77 2.01
C GLY A 237 9.32 -25.63 3.06
N GLY A 238 8.82 -26.80 2.64
CA GLY A 238 8.15 -27.69 3.56
C GLY A 238 6.74 -27.23 3.86
N ILE A 239 6.10 -26.65 2.85
CA ILE A 239 4.78 -26.05 3.04
C ILE A 239 3.75 -26.76 2.18
N LYS A 240 2.72 -27.30 2.82
CA LYS A 240 1.65 -27.97 2.11
C LYS A 240 0.31 -27.37 2.55
N ASP A 241 -0.02 -26.22 2.00
CA ASP A 241 -1.28 -25.55 2.30
C ASP A 241 -2.15 -25.48 1.06
N LEU A 242 -3.39 -25.92 1.19
CA LEU A 242 -4.32 -25.96 0.08
C LEU A 242 -4.60 -24.56 -0.43
N SER A 243 -4.65 -23.59 0.49
CA SER A 243 -4.99 -22.23 0.15
C SER A 243 -3.90 -21.62 -0.73
N LYS A 244 -2.66 -21.97 -0.41
CA LYS A 244 -1.51 -21.52 -1.18
C LYS A 244 -1.51 -22.18 -2.55
N GLU A 245 -1.90 -23.46 -2.57
CA GLU A 245 -1.97 -24.22 -3.82
C GLU A 245 -3.06 -23.67 -4.74
N GLU A 246 -4.27 -23.49 -4.21
CA GLU A 246 -5.37 -22.91 -4.97
C GLU A 246 -4.94 -21.62 -5.67
N ARG A 247 -4.24 -20.76 -4.95
CA ARG A 247 -3.75 -19.50 -5.53
C ARG A 247 -2.64 -19.77 -6.54
N LEU A 248 -1.96 -20.89 -6.40
CA LEU A 248 -0.88 -21.27 -7.31
C LEU A 248 -1.44 -21.60 -8.69
N TRP A 249 -2.50 -22.42 -8.73
CA TRP A 249 -3.16 -22.73 -10.01
C TRP A 249 -3.83 -21.48 -10.54
N GLU A 250 -4.20 -20.63 -9.60
CA GLU A 250 -4.90 -19.38 -9.91
C GLU A 250 -4.02 -18.48 -10.79
N VAL A 251 -2.80 -18.23 -10.32
CA VAL A 251 -1.87 -17.36 -11.04
C VAL A 251 -1.45 -17.99 -12.38
N GLN A 252 -1.24 -19.30 -12.35
CA GLN A 252 -0.88 -20.07 -13.54
C GLN A 252 -1.97 -19.98 -14.61
N ARG A 253 -3.22 -20.21 -14.22
CA ARG A 253 -4.34 -20.19 -15.16
C ARG A 253 -4.46 -18.83 -15.85
N ILE A 254 -4.25 -17.78 -15.08
CA ILE A 254 -4.38 -16.42 -15.59
C ILE A 254 -3.21 -16.11 -16.52
N LEU A 255 -2.01 -16.47 -16.07
CA LEU A 255 -0.81 -16.27 -16.88
C LEU A 255 -0.84 -17.11 -18.14
N THR A 256 -1.50 -18.27 -18.09
CA THR A 256 -1.64 -19.11 -19.28
C THR A 256 -2.36 -18.35 -20.37
N ALA A 257 -3.49 -17.73 -20.03
CA ALA A 257 -4.21 -16.87 -20.94
C ALA A 257 -3.33 -15.74 -21.46
N LEU A 258 -2.59 -15.11 -20.56
CA LEU A 258 -1.71 -14.00 -20.91
C LEU A 258 -0.57 -14.44 -21.82
N LYS A 259 -0.01 -15.62 -21.55
CA LYS A 259 1.07 -16.16 -22.38
C LYS A 259 0.59 -16.44 -23.79
N ARG A 260 -0.66 -16.88 -23.91
CA ARG A 260 -1.25 -17.10 -25.23
C ARG A 260 -1.43 -15.77 -25.96
N LYS A 261 -2.12 -14.84 -25.30
CA LYS A 261 -2.38 -13.51 -25.85
C LYS A 261 -1.08 -12.73 -26.08
N LEU A 262 -0.02 -13.08 -25.37
CA LEU A 262 1.27 -12.41 -25.53
C LEU A 262 1.76 -12.52 -26.97
N ARG A 263 1.57 -13.70 -27.55
CA ARG A 263 1.93 -13.94 -28.94
C ARG A 263 0.69 -13.86 -29.82
N GLU A 264 -0.37 -13.31 -29.25
CA GLU A 264 -1.64 -13.21 -29.93
C GLU A 264 -1.94 -11.75 -30.28
N ALA A 265 -1.15 -10.85 -29.71
CA ALA A 265 -1.32 -9.43 -29.93
C ALA A 265 -0.25 -8.90 -30.88
N HIS A 1 -16.81 -16.24 22.21
CA HIS A 1 -15.38 -16.02 21.88
C HIS A 1 -15.26 -15.37 20.51
N MET A 2 -14.03 -15.05 20.12
CA MET A 2 -13.78 -14.40 18.84
C MET A 2 -13.42 -15.43 17.77
N PRO A 3 -14.25 -15.49 16.70
CA PRO A 3 -14.01 -16.38 15.55
C PRO A 3 -12.67 -16.10 14.88
N ASN A 4 -12.26 -14.84 14.89
CA ASN A 4 -10.97 -14.45 14.33
C ASN A 4 -10.04 -14.00 15.43
N LEU A 5 -8.82 -14.50 15.40
CA LEU A 5 -7.82 -14.17 16.40
C LEU A 5 -7.06 -12.92 16.00
N LYS A 6 -7.47 -11.79 16.56
CA LYS A 6 -6.85 -10.49 16.30
C LYS A 6 -7.00 -10.10 14.84
N PRO A 7 -8.09 -9.39 14.50
CA PRO A 7 -8.41 -9.02 13.12
C PRO A 7 -7.53 -7.88 12.59
N ILE A 8 -7.06 -8.06 11.35
CA ILE A 8 -6.27 -7.07 10.59
C ILE A 8 -6.46 -5.62 11.03
N PHE A 9 -7.70 -5.17 11.09
CA PHE A 9 -7.98 -3.78 11.42
C PHE A 9 -7.96 -3.57 12.93
N GLY A 10 -6.76 -3.47 13.46
CA GLY A 10 -6.57 -3.27 14.89
C GLY A 10 -5.51 -4.19 15.47
N ILE A 11 -4.37 -4.30 14.77
CA ILE A 11 -3.28 -5.21 15.19
C ILE A 11 -1.93 -4.63 14.76
N PRO A 12 -0.82 -5.23 15.25
CA PRO A 12 0.54 -4.88 14.79
C PRO A 12 0.73 -5.20 13.31
N LEU A 13 1.57 -4.40 12.64
CA LEU A 13 1.81 -4.56 11.21
C LEU A 13 2.18 -6.00 10.82
N ALA A 14 3.18 -6.58 11.50
CA ALA A 14 3.66 -7.93 11.16
C ALA A 14 2.53 -8.94 10.96
N ASP A 15 1.65 -9.04 11.96
CA ASP A 15 0.49 -9.93 11.88
C ASP A 15 -0.29 -9.68 10.59
N ALA A 16 -0.62 -8.44 10.32
CA ALA A 16 -1.35 -8.08 9.11
C ALA A 16 -0.54 -8.42 7.87
N VAL A 17 0.76 -8.20 7.93
CA VAL A 17 1.66 -8.48 6.81
C VAL A 17 1.67 -9.97 6.47
N GLU A 18 1.90 -10.79 7.49
CA GLU A 18 2.02 -12.24 7.31
C GLU A 18 0.72 -12.85 6.79
N ARG A 19 -0.38 -12.14 6.95
CA ARG A 19 -1.66 -12.61 6.44
C ARG A 19 -1.94 -12.08 5.04
N THR A 20 -1.58 -10.82 4.80
CA THR A 20 -1.90 -10.18 3.51
C THR A 20 -0.65 -10.01 2.64
N MET A 21 0.27 -10.96 2.72
CA MET A 21 1.48 -10.91 1.91
C MET A 21 1.17 -11.24 0.44
N MET A 22 1.62 -10.37 -0.46
CA MET A 22 1.31 -10.53 -1.88
C MET A 22 2.54 -10.93 -2.69
N TYR A 23 3.28 -9.95 -3.20
CA TYR A 23 4.38 -10.21 -4.11
C TYR A 23 5.58 -10.83 -3.41
N ASP A 24 6.44 -9.95 -2.94
CA ASP A 24 7.79 -10.29 -2.54
C ASP A 24 7.90 -10.61 -1.06
N GLY A 25 6.97 -10.10 -0.29
CA GLY A 25 7.03 -10.29 1.14
C GLY A 25 7.83 -9.20 1.81
N ILE A 26 7.72 -7.98 1.29
CA ILE A 26 8.35 -6.83 1.93
C ILE A 26 7.44 -6.34 3.04
N ARG A 27 7.89 -6.51 4.28
CA ARG A 27 7.14 -6.10 5.50
C ARG A 27 6.20 -4.91 5.27
N LEU A 28 4.98 -5.21 4.82
CA LEU A 28 3.97 -4.21 4.46
C LEU A 28 2.67 -4.95 4.16
N PRO A 29 1.55 -4.52 4.75
CA PRO A 29 0.25 -5.12 4.50
C PRO A 29 -0.20 -4.87 3.06
N ALA A 30 -1.03 -5.77 2.52
CA ALA A 30 -1.44 -5.69 1.13
C ALA A 30 -2.14 -4.37 0.83
N VAL A 31 -3.08 -4.03 1.71
CA VAL A 31 -3.88 -2.82 1.59
C VAL A 31 -3.03 -1.57 1.34
N PHE A 32 -1.86 -1.51 1.95
CA PHE A 32 -1.00 -0.36 1.76
C PHE A 32 -0.57 -0.25 0.31
N ARG A 33 -0.12 -1.37 -0.26
CA ARG A 33 0.30 -1.38 -1.65
C ARG A 33 -0.91 -1.25 -2.56
N GLU A 34 -2.02 -1.88 -2.17
CA GLU A 34 -3.28 -1.78 -2.90
C GLU A 34 -3.74 -0.33 -3.08
N CYS A 35 -3.61 0.48 -2.04
CA CYS A 35 -4.06 1.86 -2.11
C CYS A 35 -3.03 2.70 -2.85
N ILE A 36 -1.77 2.46 -2.52
CA ILE A 36 -0.67 3.20 -3.13
C ILE A 36 -0.62 2.92 -4.63
N ASP A 37 -0.96 1.69 -5.03
CA ASP A 37 -0.95 1.28 -6.43
C ASP A 37 -2.05 1.98 -7.21
N TYR A 38 -3.27 1.93 -6.67
CA TYR A 38 -4.44 2.45 -7.37
C TYR A 38 -4.31 3.94 -7.64
N VAL A 39 -3.95 4.71 -6.62
CA VAL A 39 -3.83 6.16 -6.77
C VAL A 39 -2.68 6.53 -7.69
N GLU A 40 -1.60 5.76 -7.63
CA GLU A 40 -0.46 5.99 -8.53
C GLU A 40 -0.89 5.81 -9.98
N LYS A 41 -1.68 4.79 -10.24
CA LYS A 41 -2.13 4.48 -11.59
C LYS A 41 -3.20 5.44 -12.06
N TYR A 42 -4.21 5.71 -11.23
CA TYR A 42 -5.38 6.43 -11.69
C TYR A 42 -5.59 7.76 -10.95
N GLY A 43 -5.25 7.80 -9.67
CA GLY A 43 -5.68 8.91 -8.82
C GLY A 43 -4.61 9.97 -8.70
N MET A 44 -3.86 10.15 -9.77
CA MET A 44 -2.79 11.13 -9.79
C MET A 44 -3.27 12.42 -10.44
N LYS A 45 -4.29 12.31 -11.27
CA LYS A 45 -4.92 13.48 -11.87
C LYS A 45 -6.19 13.85 -11.11
N CYS A 46 -6.34 13.30 -9.91
CA CYS A 46 -7.50 13.56 -9.09
C CYS A 46 -7.30 14.86 -8.31
N GLU A 47 -8.00 15.91 -8.72
CA GLU A 47 -7.93 17.19 -8.03
C GLU A 47 -8.48 17.05 -6.61
N GLY A 48 -7.57 17.07 -5.65
CA GLY A 48 -7.97 17.08 -4.26
C GLY A 48 -7.91 15.68 -3.67
N ILE A 49 -7.18 14.80 -4.35
CA ILE A 49 -7.02 13.41 -3.93
C ILE A 49 -6.54 13.32 -2.48
N TYR A 50 -7.06 12.31 -1.75
CA TYR A 50 -6.74 12.07 -0.33
C TYR A 50 -7.47 13.05 0.59
N ARG A 51 -7.62 14.29 0.14
CA ARG A 51 -8.41 15.29 0.87
C ARG A 51 -9.90 14.96 0.80
N VAL A 52 -10.33 14.35 -0.30
CA VAL A 52 -11.71 13.91 -0.43
C VAL A 52 -11.92 12.62 0.34
N SER A 53 -13.07 12.48 0.95
CA SER A 53 -13.37 11.31 1.76
C SER A 53 -14.17 10.30 0.94
N GLY A 54 -13.81 9.03 1.06
CA GLY A 54 -14.49 8.00 0.33
C GLY A 54 -15.71 7.49 1.07
N ILE A 55 -16.51 6.68 0.40
CA ILE A 55 -17.72 6.14 0.99
C ILE A 55 -17.38 5.20 2.14
N LYS A 56 -17.74 5.60 3.36
CA LYS A 56 -17.46 4.81 4.56
C LYS A 56 -18.10 3.44 4.43
N SER A 57 -19.27 3.40 3.81
CA SER A 57 -20.01 2.18 3.63
C SER A 57 -19.22 1.18 2.79
N LYS A 58 -18.42 1.67 1.85
CA LYS A 58 -17.59 0.79 1.04
C LYS A 58 -16.29 0.49 1.77
N VAL A 59 -15.84 1.44 2.57
CA VAL A 59 -14.63 1.29 3.37
C VAL A 59 -14.80 0.12 4.35
N ASP A 60 -15.91 0.11 5.07
CA ASP A 60 -16.21 -0.98 5.99
C ASP A 60 -16.41 -2.29 5.24
N GLU A 61 -16.75 -2.18 3.96
CA GLU A 61 -16.91 -3.34 3.09
C GLU A 61 -15.53 -3.91 2.77
N LEU A 62 -14.61 -3.02 2.40
CA LEU A 62 -13.23 -3.40 2.13
C LEU A 62 -12.56 -3.95 3.39
N LYS A 63 -12.87 -3.35 4.54
CA LYS A 63 -12.38 -3.86 5.82
C LYS A 63 -12.77 -5.33 5.98
N ALA A 64 -14.01 -5.61 5.61
CA ALA A 64 -14.54 -6.95 5.71
C ALA A 64 -13.84 -7.88 4.72
N ALA A 65 -13.44 -7.35 3.57
CA ALA A 65 -12.75 -8.16 2.57
C ALA A 65 -11.33 -8.47 3.00
N TYR A 66 -10.55 -7.45 3.32
CA TYR A 66 -9.12 -7.62 3.57
C TYR A 66 -8.85 -8.55 4.74
N ASP A 67 -9.73 -8.54 5.74
CA ASP A 67 -9.58 -9.42 6.91
C ASP A 67 -9.97 -10.87 6.56
N ARG A 68 -10.79 -11.03 5.52
CA ARG A 68 -11.34 -12.34 5.16
C ARG A 68 -10.65 -12.92 3.91
N GLU A 69 -9.36 -12.58 3.73
CA GLU A 69 -8.52 -13.06 2.61
C GLU A 69 -8.72 -12.19 1.36
N GLU A 70 -9.69 -11.29 1.45
CA GLU A 70 -9.89 -10.20 0.48
C GLU A 70 -10.64 -10.68 -0.75
N SER A 71 -11.59 -9.86 -1.18
CA SER A 71 -12.31 -10.08 -2.40
C SER A 71 -13.05 -8.81 -2.81
N THR A 72 -12.37 -7.96 -3.59
CA THR A 72 -12.99 -6.80 -4.18
C THR A 72 -12.06 -6.22 -5.25
N ASN A 73 -12.65 -5.66 -6.28
CA ASN A 73 -11.88 -5.06 -7.36
C ASN A 73 -11.78 -3.56 -7.16
N LEU A 74 -10.64 -3.11 -6.65
CA LEU A 74 -10.44 -1.71 -6.31
C LEU A 74 -10.35 -0.84 -7.55
N GLU A 75 -10.19 -1.48 -8.70
CA GLU A 75 -10.08 -0.77 -9.97
C GLU A 75 -11.42 -0.15 -10.37
N ASP A 76 -12.47 -0.53 -9.63
CA ASP A 76 -13.81 0.00 -9.89
C ASP A 76 -14.17 1.08 -8.87
N TYR A 77 -13.70 0.92 -7.63
CA TYR A 77 -14.02 1.85 -6.55
C TYR A 77 -13.35 3.19 -6.77
N GLU A 78 -13.72 4.18 -5.98
CA GLU A 78 -13.17 5.51 -6.13
C GLU A 78 -11.86 5.64 -5.38
N PRO A 79 -10.92 6.42 -5.92
CA PRO A 79 -9.62 6.67 -5.29
C PRO A 79 -9.76 7.15 -3.86
N ASN A 80 -10.68 8.11 -3.64
CA ASN A 80 -10.96 8.61 -2.30
C ASN A 80 -11.32 7.48 -1.33
N THR A 81 -12.00 6.46 -1.84
CA THR A 81 -12.47 5.36 -1.00
C THR A 81 -11.30 4.46 -0.63
N VAL A 82 -10.47 4.14 -1.60
CA VAL A 82 -9.28 3.32 -1.37
C VAL A 82 -8.34 4.03 -0.41
N ALA A 83 -8.21 5.34 -0.58
CA ALA A 83 -7.37 6.16 0.28
C ALA A 83 -7.92 6.21 1.71
N SER A 84 -9.24 6.16 1.82
CA SER A 84 -9.90 6.33 3.10
C SER A 84 -9.82 5.04 3.89
N LEU A 85 -9.92 3.93 3.17
CA LEU A 85 -9.74 2.62 3.76
C LEU A 85 -8.30 2.49 4.27
N LEU A 86 -7.37 3.00 3.51
CA LEU A 86 -5.95 2.93 3.86
C LEU A 86 -5.65 3.79 5.09
N LYS A 87 -6.11 5.03 5.07
CA LYS A 87 -5.85 5.94 6.19
C LYS A 87 -6.57 5.47 7.46
N GLN A 88 -7.74 4.89 7.28
CA GLN A 88 -8.51 4.36 8.39
C GLN A 88 -7.83 3.11 8.95
N TYR A 89 -7.53 2.17 8.05
CA TYR A 89 -6.77 0.96 8.41
C TYR A 89 -5.56 1.29 9.28
N LEU A 90 -4.81 2.31 8.89
CA LEU A 90 -3.64 2.70 9.67
C LEU A 90 -4.06 3.15 11.07
N ARG A 91 -5.16 3.86 11.16
CA ARG A 91 -5.67 4.35 12.43
C ARG A 91 -6.02 3.21 13.38
N ASP A 92 -6.82 2.25 12.91
CA ASP A 92 -7.24 1.11 13.74
C ASP A 92 -6.07 0.35 14.34
N LEU A 93 -4.88 0.54 13.80
CA LEU A 93 -3.71 -0.16 14.31
C LEU A 93 -3.20 0.53 15.58
N PRO A 94 -2.97 -0.24 16.65
CA PRO A 94 -2.63 0.31 17.98
C PRO A 94 -1.22 0.93 18.03
N GLU A 95 -0.39 0.61 17.05
CA GLU A 95 0.97 1.11 17.04
C GLU A 95 1.16 2.09 15.90
N ASN A 96 1.92 3.14 16.17
CA ASN A 96 2.18 4.17 15.18
C ASN A 96 3.41 3.80 14.37
N LEU A 97 3.62 4.54 13.29
CA LEU A 97 4.78 4.33 12.45
C LEU A 97 6.03 4.72 13.22
N LEU A 98 5.94 5.85 13.90
CA LEU A 98 7.02 6.35 14.75
C LEU A 98 6.81 5.86 16.18
N THR A 99 5.74 5.09 16.35
CA THR A 99 5.29 4.58 17.65
C THR A 99 5.12 5.73 18.65
N LYS A 100 4.74 5.39 19.89
CA LYS A 100 4.59 6.40 20.93
C LYS A 100 5.97 6.95 21.31
N GLU A 101 6.97 6.10 21.12
CA GLU A 101 8.34 6.41 21.50
C GLU A 101 8.92 7.62 20.73
N LEU A 102 9.02 7.51 19.41
CA LEU A 102 9.69 8.54 18.61
C LEU A 102 8.75 9.68 18.25
N MET A 103 7.45 9.40 18.20
CA MET A 103 6.43 10.38 17.80
C MET A 103 6.61 11.76 18.47
N PRO A 104 6.71 11.86 19.81
CA PRO A 104 6.83 13.16 20.50
C PRO A 104 8.15 13.87 20.19
N ARG A 105 9.14 13.11 19.73
CA ARG A 105 10.46 13.66 19.45
C ARG A 105 10.42 14.48 18.17
N PHE A 106 9.42 14.20 17.33
CA PHE A 106 9.23 14.94 16.10
C PHE A 106 8.83 16.38 16.39
N GLU A 107 8.08 16.59 17.46
CA GLU A 107 7.75 17.94 17.93
C GLU A 107 9.04 18.74 18.11
N GLU A 108 10.03 18.09 18.73
CA GLU A 108 11.35 18.68 18.94
C GLU A 108 12.06 18.86 17.60
N ALA A 109 12.01 17.83 16.77
CA ALA A 109 12.62 17.83 15.45
C ALA A 109 12.03 18.92 14.55
N CYS A 110 10.82 19.36 14.84
CA CYS A 110 10.16 20.38 14.03
C CYS A 110 10.47 21.76 14.59
N GLY A 111 10.78 21.80 15.89
CA GLY A 111 11.12 23.05 16.52
C GLY A 111 12.62 23.30 16.54
N ARG A 112 13.36 22.54 15.72
CA ARG A 112 14.80 22.76 15.61
C ARG A 112 15.07 24.09 14.92
N THR A 113 16.07 24.80 15.40
CA THR A 113 16.39 26.12 14.86
C THR A 113 17.04 26.03 13.48
N THR A 114 17.53 24.85 13.12
CA THR A 114 18.19 24.65 11.84
C THR A 114 17.55 23.49 11.10
N GLU A 115 17.47 23.60 9.77
CA GLU A 115 16.86 22.58 8.93
C GLU A 115 17.67 21.27 8.98
N THR A 116 18.94 21.42 9.29
CA THR A 116 19.85 20.28 9.39
C THR A 116 19.43 19.39 10.56
N GLU A 117 19.24 20.01 11.72
CA GLU A 117 18.89 19.30 12.95
C GLU A 117 17.61 18.49 12.76
N LYS A 118 16.72 18.99 11.92
CA LYS A 118 15.46 18.33 11.69
C LYS A 118 15.69 17.03 10.94
N VAL A 119 16.26 17.12 9.74
CA VAL A 119 16.57 15.91 8.97
C VAL A 119 17.36 14.90 9.79
N GLN A 120 18.31 15.38 10.62
CA GLN A 120 19.09 14.51 11.49
C GLN A 120 18.22 13.82 12.56
N GLU A 121 17.33 14.58 13.19
CA GLU A 121 16.49 14.04 14.24
C GLU A 121 15.53 12.99 13.68
N PHE A 122 14.87 13.32 12.57
CA PHE A 122 14.04 12.36 11.85
C PHE A 122 14.82 11.07 11.59
N GLN A 123 16.02 11.25 11.07
CA GLN A 123 16.91 10.12 10.80
C GLN A 123 17.04 9.21 12.01
N ARG A 124 17.42 9.75 13.15
CA ARG A 124 17.63 8.92 14.34
C ARG A 124 16.31 8.30 14.81
N LEU A 125 15.24 9.06 14.72
CA LEU A 125 13.91 8.56 15.07
C LEU A 125 13.54 7.35 14.21
N LEU A 126 13.64 7.51 12.90
CA LEU A 126 13.36 6.43 11.95
C LEU A 126 14.23 5.18 12.17
N LYS A 127 15.43 5.34 12.71
CA LYS A 127 16.30 4.17 12.96
C LYS A 127 15.74 3.35 14.12
N GLU A 128 15.19 4.05 15.11
CA GLU A 128 14.55 3.43 16.26
C GLU A 128 13.18 2.83 15.93
N LEU A 129 12.88 2.65 14.64
CA LEU A 129 11.60 2.10 14.24
C LEU A 129 11.72 0.61 13.96
N PRO A 130 10.65 -0.16 14.21
CA PRO A 130 10.58 -1.57 13.84
C PRO A 130 10.71 -1.74 12.31
N GLU A 131 11.17 -2.92 11.88
CA GLU A 131 11.40 -3.19 10.46
C GLU A 131 10.18 -2.87 9.60
N CYS A 132 9.03 -3.46 9.95
CA CYS A 132 7.79 -3.21 9.22
C CYS A 132 7.42 -1.73 9.21
N ASN A 133 7.69 -1.03 10.30
CA ASN A 133 7.35 0.38 10.40
C ASN A 133 8.29 1.22 9.54
N TYR A 134 9.54 0.79 9.48
CA TYR A 134 10.55 1.47 8.69
C TYR A 134 10.14 1.51 7.23
N LEU A 135 9.61 0.40 6.72
CA LEU A 135 9.15 0.34 5.34
C LEU A 135 7.88 1.15 5.13
N LEU A 136 6.98 1.11 6.11
CA LEU A 136 5.72 1.86 6.03
C LEU A 136 6.03 3.35 5.95
N ILE A 137 6.84 3.83 6.89
CA ILE A 137 7.14 5.25 7.00
C ILE A 137 7.83 5.76 5.74
N SER A 138 8.71 4.95 5.18
CA SER A 138 9.45 5.34 3.99
C SER A 138 8.52 5.41 2.77
N TRP A 139 7.68 4.40 2.60
CA TRP A 139 6.79 4.35 1.44
C TRP A 139 5.67 5.38 1.55
N LEU A 140 5.03 5.44 2.71
CA LEU A 140 3.89 6.34 2.89
C LEU A 140 4.28 7.77 2.58
N ILE A 141 5.45 8.17 3.05
CA ILE A 141 5.88 9.55 2.92
C ILE A 141 6.41 9.83 1.52
N VAL A 142 7.21 8.91 0.98
CA VAL A 142 7.74 9.07 -0.37
C VAL A 142 6.63 8.98 -1.41
N HIS A 143 5.65 8.12 -1.17
CA HIS A 143 4.50 8.02 -2.08
C HIS A 143 3.73 9.33 -2.09
N MET A 144 3.56 9.92 -0.92
CA MET A 144 2.77 11.13 -0.81
C MET A 144 3.57 12.33 -1.32
N ASP A 145 4.89 12.18 -1.36
CA ASP A 145 5.76 13.18 -1.96
C ASP A 145 5.53 13.21 -3.47
N HIS A 146 5.35 12.04 -4.06
CA HIS A 146 4.98 11.96 -5.47
C HIS A 146 3.60 12.56 -5.70
N VAL A 147 2.74 12.49 -4.69
CA VAL A 147 1.45 13.17 -4.76
C VAL A 147 1.69 14.68 -4.79
N ILE A 148 2.74 15.14 -4.13
CA ILE A 148 3.07 16.56 -4.13
C ILE A 148 3.44 17.02 -5.54
N ALA A 149 4.04 16.12 -6.31
CA ALA A 149 4.34 16.40 -7.71
C ALA A 149 3.03 16.59 -8.50
N LYS A 150 2.04 15.77 -8.21
CA LYS A 150 0.77 15.94 -8.87
C LYS A 150 -0.04 17.03 -8.18
N GLU A 151 0.39 17.44 -7.00
CA GLU A 151 -0.18 18.62 -6.34
C GLU A 151 0.14 19.82 -7.20
N LEU A 152 1.31 19.77 -7.82
CA LEU A 152 1.75 20.82 -8.72
C LEU A 152 0.85 20.86 -9.94
N GLU A 153 0.49 19.69 -10.46
CA GLU A 153 -0.39 19.63 -11.62
C GLU A 153 -1.88 19.81 -11.26
N THR A 154 -2.34 19.13 -10.21
CA THR A 154 -3.76 19.18 -9.84
C THR A 154 -4.16 20.57 -9.31
N LYS A 155 -3.27 21.13 -8.47
CA LYS A 155 -3.27 22.55 -8.03
C LYS A 155 -3.09 22.68 -6.51
N MET A 156 -3.21 21.59 -5.77
CA MET A 156 -3.16 21.66 -4.31
C MET A 156 -1.72 21.86 -3.82
N ASN A 157 -1.52 21.70 -2.52
CA ASN A 157 -0.24 22.07 -1.91
C ASN A 157 0.13 21.08 -0.81
N ILE A 158 1.42 21.01 -0.51
CA ILE A 158 1.94 20.11 0.52
C ILE A 158 1.18 20.25 1.84
N GLN A 159 0.70 21.47 2.10
CA GLN A 159 -0.01 21.76 3.34
C GLN A 159 -1.31 20.95 3.41
N ASN A 160 -2.00 20.84 2.29
CA ASN A 160 -3.28 20.11 2.25
C ASN A 160 -3.05 18.64 2.50
N ILE A 161 -2.01 18.10 1.87
CA ILE A 161 -1.64 16.71 2.09
C ILE A 161 -1.22 16.51 3.54
N SER A 162 -0.54 17.50 4.10
CA SER A 162 -0.15 17.47 5.50
C SER A 162 -1.38 17.53 6.42
N ILE A 163 -2.47 18.10 5.91
CA ILE A 163 -3.70 18.22 6.68
C ILE A 163 -4.37 16.87 6.81
N VAL A 164 -4.31 16.09 5.75
CA VAL A 164 -4.97 14.79 5.73
C VAL A 164 -4.14 13.74 6.47
N LEU A 165 -2.82 13.78 6.29
CA LEU A 165 -1.93 12.83 6.96
C LEU A 165 -1.78 13.12 8.44
N SER A 166 -2.00 14.37 8.83
CA SER A 166 -1.85 14.77 10.23
C SER A 166 -2.68 13.87 11.16
N PRO A 167 -4.03 13.83 11.02
CA PRO A 167 -4.89 12.96 11.84
C PRO A 167 -4.65 11.48 11.53
N THR A 168 -3.98 11.22 10.41
CA THR A 168 -3.77 9.86 9.96
C THR A 168 -2.68 9.16 10.76
N VAL A 169 -1.47 9.72 10.82
CA VAL A 169 -0.41 9.10 11.59
C VAL A 169 -0.38 9.65 13.03
N GLN A 170 -1.19 10.68 13.27
CA GLN A 170 -1.37 11.27 14.61
C GLN A 170 -0.21 12.19 14.98
N ILE A 171 0.21 12.99 14.00
CA ILE A 171 1.22 14.02 14.22
C ILE A 171 0.74 15.33 13.58
N SER A 172 1.01 16.45 14.24
CA SER A 172 0.56 17.77 13.78
C SER A 172 0.92 18.04 12.31
N ASN A 173 0.21 19.02 11.74
CA ASN A 173 0.23 19.30 10.30
C ASN A 173 1.62 19.56 9.75
N ARG A 174 2.32 20.53 10.33
CA ARG A 174 3.58 21.03 9.77
C ARG A 174 4.59 19.91 9.57
N VAL A 175 4.53 18.90 10.43
CA VAL A 175 5.53 17.84 10.44
C VAL A 175 5.51 17.03 9.14
N LEU A 176 4.36 16.92 8.49
CA LEU A 176 4.24 16.13 7.26
C LEU A 176 4.98 16.81 6.10
N TYR A 177 4.72 18.10 5.91
CA TYR A 177 5.54 18.93 5.02
C TYR A 177 7.03 18.67 5.27
N VAL A 178 7.42 18.76 6.53
CA VAL A 178 8.79 18.49 6.95
C VAL A 178 9.19 17.06 6.61
N PHE A 179 8.22 16.16 6.70
CA PHE A 179 8.43 14.75 6.39
C PHE A 179 8.88 14.52 4.95
N PHE A 180 8.09 14.97 3.97
CA PHE A 180 8.41 14.66 2.57
C PHE A 180 9.73 15.32 2.17
N THR A 181 9.74 16.63 2.28
CA THR A 181 10.97 17.42 2.07
C THR A 181 12.22 16.67 2.57
N HIS A 182 12.18 16.22 3.81
CA HIS A 182 13.35 15.60 4.41
C HIS A 182 13.41 14.10 4.12
N VAL A 183 12.27 13.48 3.83
CA VAL A 183 12.23 12.08 3.47
C VAL A 183 13.00 11.82 2.17
N GLN A 184 12.98 12.81 1.28
CA GLN A 184 13.77 12.73 0.05
C GLN A 184 15.23 12.97 0.37
N GLU A 185 15.50 13.85 1.33
CA GLU A 185 16.86 14.02 1.82
C GLU A 185 17.34 12.76 2.56
N LEU A 186 16.40 12.01 3.13
CA LEU A 186 16.74 10.85 3.96
C LEU A 186 16.87 9.56 3.16
N PHE A 187 15.91 9.23 2.31
CA PHE A 187 15.97 7.99 1.55
C PHE A 187 16.32 8.26 0.10
N GLY A 188 15.32 8.67 -0.69
CA GLY A 188 15.54 8.99 -2.08
C GLY A 188 15.50 7.77 -2.99
N ASN A 189 16.06 6.66 -2.51
CA ASN A 189 16.08 5.42 -3.29
C ASN A 189 14.80 4.63 -3.06
N VAL A 190 14.04 5.06 -2.06
CA VAL A 190 12.74 4.47 -1.77
C VAL A 190 11.80 4.71 -2.94
N VAL A 191 11.04 3.68 -3.29
CA VAL A 191 10.22 3.70 -4.49
C VAL A 191 8.94 2.92 -4.28
N LEU A 192 7.87 3.39 -4.90
CA LEU A 192 6.56 2.79 -4.71
C LEU A 192 6.32 1.69 -5.73
N LYS A 193 6.52 0.45 -5.30
CA LYS A 193 6.34 -0.71 -6.17
C LYS A 193 4.88 -1.15 -6.20
N GLN A 194 4.27 -1.05 -7.37
CA GLN A 194 2.85 -1.33 -7.54
C GLN A 194 2.53 -2.81 -7.41
N VAL A 195 1.26 -3.10 -7.21
CA VAL A 195 0.78 -4.46 -7.06
C VAL A 195 -0.38 -4.74 -8.02
N MET A 196 -0.56 -6.00 -8.39
CA MET A 196 -1.69 -6.40 -9.21
C MET A 196 -2.91 -6.59 -8.34
N LYS A 197 -4.08 -6.51 -8.94
CA LYS A 197 -5.33 -6.59 -8.19
C LYS A 197 -6.19 -7.73 -8.70
N PRO A 198 -7.01 -8.30 -7.81
CA PRO A 198 -7.94 -9.37 -8.19
C PRO A 198 -9.02 -8.88 -9.14
N LEU A 199 -9.57 -9.79 -9.92
CA LEU A 199 -10.57 -9.45 -10.90
C LEU A 199 -11.87 -10.15 -10.52
N ARG A 200 -12.99 -9.68 -11.05
CA ARG A 200 -14.27 -10.31 -10.78
C ARG A 200 -14.61 -11.28 -11.89
N TRP A 201 -13.55 -11.87 -12.45
CA TRP A 201 -13.66 -12.81 -13.55
C TRP A 201 -13.77 -14.24 -13.00
N SER A 202 -13.83 -14.34 -11.66
CA SER A 202 -13.82 -15.64 -10.97
C SER A 202 -12.56 -16.40 -11.33
N ASN A 203 -11.60 -15.66 -11.88
CA ASN A 203 -10.31 -16.17 -12.33
C ASN A 203 -10.48 -17.25 -13.39
N MET A 204 -11.64 -17.23 -14.06
CA MET A 204 -11.86 -18.08 -15.23
C MET A 204 -13.18 -17.74 -15.92
N ALA A 205 -14.30 -17.79 -15.16
CA ALA A 205 -15.66 -17.54 -15.69
C ALA A 205 -15.96 -18.29 -16.98
N THR A 206 -15.47 -17.75 -18.08
CA THR A 206 -15.66 -18.34 -19.39
C THR A 206 -14.33 -18.40 -20.13
N MET A 207 -13.93 -17.27 -20.70
CA MET A 207 -12.64 -17.13 -21.39
C MET A 207 -12.47 -15.72 -21.97
N PRO A 208 -13.42 -15.24 -22.79
CA PRO A 208 -13.29 -13.94 -23.46
C PRO A 208 -13.47 -12.75 -22.52
N THR A 209 -12.42 -11.94 -22.43
CA THR A 209 -12.40 -10.74 -21.58
C THR A 209 -10.97 -10.19 -21.50
N LEU A 210 -10.01 -11.03 -21.85
CA LEU A 210 -8.60 -10.68 -21.73
C LEU A 210 -8.16 -9.71 -22.82
N PRO A 211 -7.24 -8.79 -22.50
CA PRO A 211 -6.70 -7.84 -23.47
C PRO A 211 -5.95 -8.55 -24.60
N GLU A 212 -6.02 -7.99 -25.79
CA GLU A 212 -5.41 -8.59 -26.96
C GLU A 212 -4.22 -7.78 -27.46
N THR A 213 -3.77 -6.84 -26.63
CA THR A 213 -2.61 -6.01 -26.96
C THR A 213 -1.36 -6.50 -26.24
N GLN A 214 -0.23 -6.47 -26.95
CA GLN A 214 1.03 -6.97 -26.42
C GLN A 214 1.41 -6.26 -25.13
N ALA A 215 1.23 -4.95 -25.11
CA ALA A 215 1.67 -4.11 -23.98
C ALA A 215 1.01 -4.54 -22.67
N GLY A 216 -0.31 -4.66 -22.71
CA GLY A 216 -1.05 -5.03 -21.51
C GLY A 216 -0.70 -6.41 -21.01
N ILE A 217 -0.64 -7.35 -21.94
CA ILE A 217 -0.37 -8.75 -21.60
C ILE A 217 1.05 -8.91 -21.08
N LYS A 218 2.02 -8.33 -21.80
CA LYS A 218 3.44 -8.50 -21.48
C LYS A 218 3.75 -8.03 -20.06
N GLU A 219 3.37 -6.81 -19.74
CA GLU A 219 3.71 -6.23 -18.44
C GLU A 219 2.97 -6.93 -17.31
N GLU A 220 1.72 -7.33 -17.54
CA GLU A 220 0.97 -8.04 -16.52
C GLU A 220 1.59 -9.42 -16.30
N ILE A 221 1.98 -10.07 -17.39
CA ILE A 221 2.64 -11.38 -17.32
C ILE A 221 3.94 -11.30 -16.52
N ARG A 222 4.69 -10.21 -16.73
CA ARG A 222 5.91 -9.98 -15.98
C ARG A 222 5.62 -10.09 -14.49
N ARG A 223 4.60 -9.37 -14.07
CA ARG A 223 4.19 -9.35 -12.68
C ARG A 223 3.68 -10.74 -12.27
N GLN A 224 2.86 -11.34 -13.13
CA GLN A 224 2.27 -12.65 -12.87
C GLN A 224 3.33 -13.70 -12.56
N GLU A 225 4.40 -13.73 -13.35
CA GLU A 225 5.45 -14.71 -13.18
C GLU A 225 6.20 -14.49 -11.87
N PHE A 226 6.44 -13.24 -11.51
CA PHE A 226 7.14 -12.93 -10.26
C PHE A 226 6.32 -13.37 -9.07
N LEU A 227 5.02 -13.12 -9.13
CA LEU A 227 4.12 -13.56 -8.07
C LEU A 227 4.06 -15.09 -8.07
N LEU A 228 4.17 -15.65 -9.26
CA LEU A 228 3.98 -17.07 -9.45
C LEU A 228 5.18 -17.85 -8.91
N ASN A 229 6.37 -17.51 -9.37
CA ASN A 229 7.57 -18.28 -9.00
C ASN A 229 7.93 -18.12 -7.53
N CYS A 230 7.58 -16.98 -6.93
CA CYS A 230 7.85 -16.76 -5.52
C CYS A 230 6.91 -17.61 -4.67
N LEU A 231 5.61 -17.48 -4.94
CA LEU A 231 4.59 -18.25 -4.24
C LEU A 231 4.83 -19.75 -4.44
N HIS A 232 5.13 -20.13 -5.67
CA HIS A 232 5.43 -21.52 -6.00
C HIS A 232 6.55 -22.06 -5.12
N ARG A 233 7.58 -21.26 -4.92
CA ARG A 233 8.76 -21.68 -4.17
C ARG A 233 8.42 -21.99 -2.72
N ASP A 234 7.45 -21.25 -2.17
CA ASP A 234 7.01 -21.46 -0.78
C ASP A 234 6.71 -22.93 -0.50
N LEU A 235 5.98 -23.57 -1.40
CA LEU A 235 5.55 -24.95 -1.23
C LEU A 235 6.73 -25.92 -1.11
N GLN A 236 7.90 -25.52 -1.58
CA GLN A 236 9.08 -26.38 -1.54
C GLN A 236 9.84 -26.23 -0.23
N GLY A 237 9.43 -25.27 0.58
CA GLY A 237 10.07 -25.05 1.86
C GLY A 237 9.45 -25.88 2.96
N GLY A 238 8.91 -27.06 2.60
CA GLY A 238 8.26 -27.91 3.57
C GLY A 238 6.91 -27.38 3.99
N ILE A 239 6.40 -26.44 3.19
CA ILE A 239 5.14 -25.77 3.49
C ILE A 239 3.96 -26.59 2.96
N LYS A 240 2.96 -26.81 3.81
CA LYS A 240 1.77 -27.53 3.40
C LYS A 240 0.53 -26.69 3.67
N ASP A 241 0.27 -25.75 2.78
CA ASP A 241 -0.92 -24.92 2.85
C ASP A 241 -1.74 -25.09 1.60
N LEU A 242 -2.89 -25.74 1.75
CA LEU A 242 -3.75 -26.04 0.61
C LEU A 242 -4.28 -24.75 -0.01
N SER A 243 -4.29 -23.67 0.79
CA SER A 243 -4.72 -22.37 0.32
C SER A 243 -3.70 -21.83 -0.68
N LYS A 244 -2.43 -22.01 -0.37
CA LYS A 244 -1.34 -21.59 -1.25
C LYS A 244 -1.26 -22.47 -2.47
N GLU A 245 -1.55 -23.76 -2.30
CA GLU A 245 -1.53 -24.69 -3.42
C GLU A 245 -2.55 -24.27 -4.47
N GLU A 246 -3.82 -24.18 -4.09
CA GLU A 246 -4.87 -23.70 -4.99
C GLU A 246 -4.50 -22.34 -5.60
N ARG A 247 -3.84 -21.50 -4.81
CA ARG A 247 -3.39 -20.19 -5.27
C ARG A 247 -2.37 -20.33 -6.39
N LEU A 248 -1.62 -21.43 -6.37
CA LEU A 248 -0.62 -21.70 -7.40
C LEU A 248 -1.30 -22.06 -8.71
N TRP A 249 -2.27 -22.97 -8.67
CA TRP A 249 -2.98 -23.37 -9.87
C TRP A 249 -3.72 -22.16 -10.41
N GLU A 250 -4.17 -21.34 -9.48
CA GLU A 250 -4.92 -20.14 -9.80
C GLU A 250 -4.09 -19.19 -10.66
N VAL A 251 -2.89 -18.85 -10.19
CA VAL A 251 -2.02 -17.95 -10.93
C VAL A 251 -1.51 -18.62 -12.23
N GLN A 252 -1.18 -19.90 -12.13
CA GLN A 252 -0.70 -20.66 -13.28
C GLN A 252 -1.73 -20.73 -14.40
N ARG A 253 -2.99 -21.01 -14.07
CA ARG A 253 -4.05 -21.09 -15.08
C ARG A 253 -4.32 -19.72 -15.70
N ILE A 254 -4.19 -18.68 -14.89
CA ILE A 254 -4.41 -17.31 -15.36
C ILE A 254 -3.30 -16.94 -16.31
N LEU A 255 -2.07 -17.25 -15.90
CA LEU A 255 -0.90 -16.99 -16.72
C LEU A 255 -0.94 -17.81 -18.00
N THR A 256 -1.58 -18.98 -17.95
CA THR A 256 -1.66 -19.83 -19.12
C THR A 256 -2.41 -19.12 -20.26
N ALA A 257 -3.58 -18.57 -19.94
CA ALA A 257 -4.33 -17.78 -20.90
C ALA A 257 -3.49 -16.64 -21.44
N LEU A 258 -2.81 -15.94 -20.55
CA LEU A 258 -1.98 -14.81 -20.94
C LEU A 258 -0.79 -15.27 -21.78
N LYS A 259 -0.22 -16.42 -21.46
CA LYS A 259 0.92 -16.95 -22.20
C LYS A 259 0.53 -17.29 -23.64
N ARG A 260 -0.68 -17.80 -23.82
CA ARG A 260 -1.16 -18.10 -25.16
C ARG A 260 -1.36 -16.80 -25.93
N LYS A 261 -1.96 -15.82 -25.28
CA LYS A 261 -2.21 -14.52 -25.90
C LYS A 261 -0.93 -13.71 -26.05
N LEU A 262 0.09 -14.07 -25.29
CA LEU A 262 1.38 -13.36 -25.34
C LEU A 262 2.03 -13.54 -26.70
N ARG A 263 1.93 -14.75 -27.25
CA ARG A 263 2.43 -15.03 -28.59
C ARG A 263 1.29 -15.01 -29.59
N GLU A 264 0.21 -14.36 -29.22
CA GLU A 264 -0.97 -14.25 -30.06
C GLU A 264 -0.93 -12.92 -30.82
N ALA A 265 -0.32 -11.94 -30.18
CA ALA A 265 -0.21 -10.60 -30.75
C ALA A 265 1.03 -10.50 -31.63
N HIS A 1 -16.26 -15.72 21.08
CA HIS A 1 -16.07 -14.25 21.21
C HIS A 1 -15.62 -13.65 19.88
N MET A 2 -14.61 -14.27 19.27
CA MET A 2 -14.12 -13.82 17.97
C MET A 2 -13.31 -14.94 17.31
N PRO A 3 -13.76 -15.39 16.13
CA PRO A 3 -13.11 -16.50 15.41
C PRO A 3 -11.77 -16.12 14.79
N ASN A 4 -11.57 -14.83 14.58
CA ASN A 4 -10.30 -14.33 14.07
C ASN A 4 -9.47 -13.77 15.19
N LEU A 5 -8.17 -14.01 15.15
CA LEU A 5 -7.27 -13.52 16.18
C LEU A 5 -6.76 -12.13 15.83
N LYS A 6 -7.48 -11.12 16.32
CA LYS A 6 -7.14 -9.72 16.09
C LYS A 6 -7.26 -9.36 14.61
N PRO A 7 -8.42 -8.80 14.22
CA PRO A 7 -8.71 -8.45 12.81
C PRO A 7 -7.83 -7.34 12.29
N ILE A 8 -7.39 -7.46 11.02
CA ILE A 8 -6.63 -6.44 10.28
C ILE A 8 -6.77 -5.02 10.84
N PHE A 9 -7.99 -4.54 10.98
CA PHE A 9 -8.19 -3.19 11.47
C PHE A 9 -8.07 -3.13 12.98
N GLY A 10 -6.82 -3.11 13.46
CA GLY A 10 -6.56 -3.07 14.89
C GLY A 10 -5.38 -3.94 15.29
N ILE A 11 -4.35 -3.98 14.46
CA ILE A 11 -3.20 -4.84 14.71
C ILE A 11 -1.91 -4.13 14.31
N PRO A 12 -0.74 -4.63 14.78
CA PRO A 12 0.55 -4.11 14.36
C PRO A 12 0.87 -4.48 12.90
N LEU A 13 1.78 -3.74 12.30
CA LEU A 13 2.13 -3.93 10.90
C LEU A 13 2.59 -5.36 10.62
N ALA A 14 3.59 -5.85 11.36
CA ALA A 14 4.12 -7.19 11.17
C ALA A 14 3.02 -8.26 11.14
N ASP A 15 2.18 -8.24 12.16
CA ASP A 15 1.04 -9.16 12.27
C ASP A 15 0.15 -9.06 11.04
N ALA A 16 -0.08 -7.84 10.58
CA ALA A 16 -0.85 -7.60 9.37
C ALA A 16 -0.13 -8.16 8.16
N VAL A 17 1.19 -7.96 8.10
CA VAL A 17 1.99 -8.43 6.99
C VAL A 17 1.87 -9.95 6.83
N GLU A 18 2.12 -10.66 7.91
CA GLU A 18 2.13 -12.12 7.88
C GLU A 18 0.78 -12.69 7.45
N ARG A 19 -0.29 -11.99 7.80
CA ARG A 19 -1.62 -12.38 7.37
C ARG A 19 -1.84 -12.02 5.90
N THR A 20 -1.49 -10.80 5.53
CA THR A 20 -1.77 -10.28 4.19
C THR A 20 -0.52 -10.16 3.31
N MET A 21 0.37 -11.15 3.36
CA MET A 21 1.54 -11.16 2.46
C MET A 21 1.08 -11.18 1.00
N MET A 22 2.00 -11.00 0.06
CA MET A 22 1.60 -10.78 -1.32
C MET A 22 2.81 -10.85 -2.26
N TYR A 23 3.06 -9.75 -2.99
CA TYR A 23 4.05 -9.70 -4.07
C TYR A 23 5.39 -10.33 -3.67
N ASP A 24 6.26 -9.56 -3.02
CA ASP A 24 7.53 -10.10 -2.54
C ASP A 24 7.44 -10.46 -1.07
N GLY A 25 6.46 -9.87 -0.39
CA GLY A 25 6.39 -10.04 1.05
C GLY A 25 7.44 -9.20 1.76
N ILE A 26 7.63 -7.98 1.27
CA ILE A 26 8.69 -7.10 1.75
C ILE A 26 8.32 -6.42 3.06
N ARG A 27 7.72 -7.17 3.97
CA ARG A 27 7.35 -6.65 5.29
C ARG A 27 6.47 -5.40 5.18
N LEU A 28 5.32 -5.56 4.55
CA LEU A 28 4.38 -4.48 4.29
C LEU A 28 3.04 -5.10 3.95
N PRO A 29 1.97 -4.76 4.69
CA PRO A 29 0.64 -5.34 4.45
C PRO A 29 0.16 -5.12 3.02
N ALA A 30 -0.62 -6.05 2.49
CA ALA A 30 -1.05 -5.99 1.10
C ALA A 30 -1.92 -4.76 0.87
N VAL A 31 -2.86 -4.54 1.80
CA VAL A 31 -3.79 -3.41 1.75
C VAL A 31 -3.07 -2.08 1.50
N PHE A 32 -1.91 -1.89 2.12
CA PHE A 32 -1.14 -0.67 1.92
C PHE A 32 -0.71 -0.56 0.47
N ARG A 33 -0.14 -1.63 -0.06
CA ARG A 33 0.37 -1.62 -1.43
C ARG A 33 -0.78 -1.58 -2.42
N GLU A 34 -1.89 -2.24 -2.08
CA GLU A 34 -3.11 -2.19 -2.89
C GLU A 34 -3.57 -0.75 -3.15
N CYS A 35 -3.48 0.08 -2.13
CA CYS A 35 -3.94 1.46 -2.22
C CYS A 35 -2.86 2.30 -2.90
N ILE A 36 -1.60 2.02 -2.55
CA ILE A 36 -0.46 2.70 -3.14
C ILE A 36 -0.42 2.44 -4.64
N ASP A 37 -0.69 1.19 -5.02
CA ASP A 37 -0.63 0.75 -6.40
C ASP A 37 -1.68 1.44 -7.25
N TYR A 38 -2.92 1.43 -6.76
CA TYR A 38 -4.03 1.99 -7.52
C TYR A 38 -3.82 3.45 -7.86
N VAL A 39 -3.49 4.26 -6.86
CA VAL A 39 -3.33 5.68 -7.09
C VAL A 39 -2.07 6.00 -7.88
N GLU A 40 -1.00 5.27 -7.63
CA GLU A 40 0.24 5.49 -8.37
C GLU A 40 0.03 5.23 -9.86
N LYS A 41 -0.93 4.36 -10.17
CA LYS A 41 -1.25 4.03 -11.56
C LYS A 41 -2.34 4.93 -12.15
N TYR A 42 -3.43 5.13 -11.40
CA TYR A 42 -4.62 5.78 -11.96
C TYR A 42 -5.07 7.00 -11.16
N GLY A 43 -4.52 7.17 -9.97
CA GLY A 43 -5.00 8.20 -9.06
C GLY A 43 -3.88 9.11 -8.63
N MET A 44 -3.09 9.52 -9.59
CA MET A 44 -1.87 10.21 -9.30
C MET A 44 -2.06 11.73 -9.38
N LYS A 45 -2.76 12.17 -10.43
CA LYS A 45 -3.00 13.60 -10.67
C LYS A 45 -4.50 13.86 -10.68
N CYS A 46 -5.19 13.21 -9.78
CA CYS A 46 -6.64 13.37 -9.66
C CYS A 46 -6.95 14.46 -8.64
N GLU A 47 -8.01 15.22 -8.87
CA GLU A 47 -8.41 16.23 -7.91
C GLU A 47 -9.16 15.57 -6.76
N GLY A 48 -9.26 16.25 -5.62
CA GLY A 48 -9.81 15.64 -4.43
C GLY A 48 -8.95 14.52 -3.87
N ILE A 49 -7.83 14.27 -4.53
CA ILE A 49 -6.91 13.21 -4.16
C ILE A 49 -6.45 13.35 -2.70
N TYR A 50 -6.88 12.40 -1.87
CA TYR A 50 -6.51 12.38 -0.45
C TYR A 50 -7.16 13.55 0.29
N ARG A 51 -8.18 14.13 -0.32
CA ARG A 51 -8.87 15.27 0.26
C ARG A 51 -10.32 14.90 0.56
N VAL A 52 -10.93 14.18 -0.37
CA VAL A 52 -12.30 13.70 -0.19
C VAL A 52 -12.32 12.60 0.86
N SER A 53 -13.30 12.65 1.76
CA SER A 53 -13.33 11.75 2.92
C SER A 53 -13.59 10.30 2.51
N GLY A 54 -13.92 10.08 1.25
CA GLY A 54 -14.12 8.74 0.75
C GLY A 54 -15.54 8.27 0.88
N ILE A 55 -15.93 7.35 0.02
CA ILE A 55 -17.25 6.74 0.08
C ILE A 55 -17.32 5.77 1.27
N LYS A 56 -17.92 6.23 2.36
CA LYS A 56 -17.93 5.48 3.61
C LYS A 56 -18.64 4.14 3.45
N SER A 57 -19.68 4.12 2.62
CA SER A 57 -20.42 2.90 2.35
C SER A 57 -19.52 1.82 1.73
N LYS A 58 -18.56 2.25 0.91
CA LYS A 58 -17.65 1.30 0.28
C LYS A 58 -16.54 0.89 1.24
N VAL A 59 -16.15 1.82 2.11
CA VAL A 59 -15.11 1.56 3.10
C VAL A 59 -15.47 0.35 3.97
N ASP A 60 -16.72 0.33 4.42
CA ASP A 60 -17.22 -0.78 5.25
C ASP A 60 -17.12 -2.11 4.49
N GLU A 61 -17.34 -2.05 3.19
CA GLU A 61 -17.29 -3.23 2.33
C GLU A 61 -15.86 -3.73 2.20
N LEU A 62 -14.94 -2.80 1.98
CA LEU A 62 -13.53 -3.13 1.85
C LEU A 62 -12.99 -3.70 3.15
N LYS A 63 -13.31 -3.03 4.26
CA LYS A 63 -12.89 -3.48 5.59
C LYS A 63 -13.22 -4.95 5.78
N ALA A 64 -14.43 -5.31 5.38
CA ALA A 64 -14.91 -6.69 5.52
C ALA A 64 -14.10 -7.65 4.66
N ALA A 65 -13.83 -7.23 3.43
CA ALA A 65 -13.15 -8.08 2.45
C ALA A 65 -11.67 -8.25 2.81
N TYR A 66 -11.03 -7.19 3.28
CA TYR A 66 -9.61 -7.26 3.61
C TYR A 66 -9.35 -8.21 4.75
N ASP A 67 -10.16 -8.14 5.80
CA ASP A 67 -9.94 -8.95 7.00
C ASP A 67 -10.08 -10.45 6.70
N ARG A 68 -11.00 -10.79 5.81
CA ARG A 68 -11.27 -12.19 5.48
C ARG A 68 -10.31 -12.72 4.41
N GLU A 69 -9.53 -11.81 3.83
CA GLU A 69 -8.73 -12.12 2.64
C GLU A 69 -9.67 -12.48 1.48
N GLU A 70 -10.31 -11.45 0.92
CA GLU A 70 -11.18 -11.63 -0.22
C GLU A 70 -10.61 -10.90 -1.42
N SER A 71 -11.31 -10.94 -2.54
CA SER A 71 -10.86 -10.29 -3.75
C SER A 71 -11.36 -8.85 -3.77
N THR A 72 -10.43 -7.91 -3.87
CA THR A 72 -10.79 -6.50 -3.88
C THR A 72 -10.28 -5.84 -5.15
N ASN A 73 -11.16 -5.64 -6.10
CA ASN A 73 -10.79 -5.01 -7.35
C ASN A 73 -10.84 -3.49 -7.19
N LEU A 74 -9.76 -2.94 -6.66
CA LEU A 74 -9.65 -1.51 -6.35
C LEU A 74 -9.71 -0.66 -7.61
N GLU A 75 -9.55 -1.31 -8.75
CA GLU A 75 -9.50 -0.62 -10.02
C GLU A 75 -10.91 -0.16 -10.43
N ASP A 76 -11.91 -0.65 -9.70
CA ASP A 76 -13.30 -0.24 -9.90
C ASP A 76 -13.69 0.88 -8.94
N TYR A 77 -13.02 0.91 -7.79
CA TYR A 77 -13.30 1.91 -6.78
C TYR A 77 -12.59 3.22 -7.10
N GLU A 78 -12.88 4.26 -6.34
CA GLU A 78 -12.26 5.56 -6.57
C GLU A 78 -11.01 5.72 -5.72
N PRO A 79 -10.10 6.63 -6.11
CA PRO A 79 -8.90 6.94 -5.34
C PRO A 79 -9.23 7.40 -3.92
N ASN A 80 -10.24 8.27 -3.80
CA ASN A 80 -10.69 8.74 -2.49
C ASN A 80 -11.10 7.57 -1.60
N THR A 81 -11.67 6.54 -2.21
CA THR A 81 -12.20 5.42 -1.47
C THR A 81 -11.07 4.59 -0.87
N VAL A 82 -10.11 4.19 -1.71
CA VAL A 82 -8.97 3.40 -1.25
C VAL A 82 -8.10 4.21 -0.30
N ALA A 83 -7.96 5.50 -0.60
CA ALA A 83 -7.18 6.41 0.22
C ALA A 83 -7.76 6.53 1.63
N SER A 84 -9.08 6.43 1.72
CA SER A 84 -9.77 6.64 2.97
C SER A 84 -9.68 5.38 3.78
N LEU A 85 -9.76 4.26 3.09
CA LEU A 85 -9.53 2.96 3.69
C LEU A 85 -8.10 2.92 4.21
N LEU A 86 -7.17 3.43 3.40
CA LEU A 86 -5.75 3.43 3.74
C LEU A 86 -5.48 4.23 5.03
N LYS A 87 -5.91 5.49 5.05
CA LYS A 87 -5.66 6.36 6.20
C LYS A 87 -6.40 5.84 7.43
N GLN A 88 -7.56 5.23 7.20
CA GLN A 88 -8.35 4.67 8.28
C GLN A 88 -7.73 3.39 8.81
N TYR A 89 -7.45 2.45 7.92
CA TYR A 89 -6.72 1.24 8.28
C TYR A 89 -5.46 1.56 9.09
N LEU A 90 -4.70 2.56 8.65
CA LEU A 90 -3.49 2.94 9.35
C LEU A 90 -3.80 3.40 10.77
N ARG A 91 -4.86 4.18 10.90
CA ARG A 91 -5.28 4.70 12.19
C ARG A 91 -5.62 3.60 13.19
N ASP A 92 -6.46 2.66 12.79
CA ASP A 92 -6.87 1.54 13.67
C ASP A 92 -5.72 0.73 14.24
N LEU A 93 -4.53 0.92 13.71
CA LEU A 93 -3.39 0.16 14.18
C LEU A 93 -2.90 0.75 15.52
N PRO A 94 -2.85 -0.08 16.58
CA PRO A 94 -2.48 0.37 17.93
C PRO A 94 -1.03 0.84 18.01
N GLU A 95 -0.21 0.40 17.08
CA GLU A 95 1.17 0.83 17.04
C GLU A 95 1.39 1.73 15.83
N ASN A 96 1.82 2.95 16.10
CA ASN A 96 2.04 3.94 15.05
C ASN A 96 3.30 3.59 14.27
N LEU A 97 3.56 4.33 13.20
CA LEU A 97 4.75 4.13 12.40
C LEU A 97 5.98 4.51 13.21
N LEU A 98 5.88 5.66 13.89
CA LEU A 98 6.95 6.15 14.75
C LEU A 98 6.71 5.66 16.17
N THR A 99 5.63 4.90 16.33
CA THR A 99 5.13 4.43 17.62
C THR A 99 4.98 5.58 18.62
N LYS A 100 4.57 5.25 19.83
CA LYS A 100 4.45 6.25 20.90
C LYS A 100 5.84 6.70 21.32
N GLU A 101 6.77 5.79 21.08
CA GLU A 101 8.16 5.93 21.51
C GLU A 101 8.86 7.13 20.86
N LEU A 102 8.96 7.14 19.53
CA LEU A 102 9.70 8.19 18.82
C LEU A 102 8.81 9.42 18.57
N MET A 103 7.50 9.18 18.40
CA MET A 103 6.52 10.23 18.08
C MET A 103 6.73 11.56 18.85
N PRO A 104 6.82 11.56 20.19
CA PRO A 104 6.96 12.82 20.96
C PRO A 104 8.28 13.53 20.70
N ARG A 105 9.26 12.81 20.17
CA ARG A 105 10.56 13.39 19.89
C ARG A 105 10.55 14.10 18.54
N PHE A 106 9.52 13.83 17.75
CA PHE A 106 9.38 14.47 16.45
C PHE A 106 9.18 15.97 16.60
N GLU A 107 8.49 16.38 17.66
CA GLU A 107 8.33 17.79 17.98
C GLU A 107 9.71 18.46 18.11
N GLU A 108 10.64 17.74 18.74
CA GLU A 108 12.01 18.22 18.89
C GLU A 108 12.72 18.27 17.53
N ALA A 109 12.51 17.22 16.75
CA ALA A 109 13.13 17.11 15.42
C ALA A 109 12.55 18.12 14.44
N CYS A 110 11.31 18.50 14.63
CA CYS A 110 10.65 19.42 13.73
C CYS A 110 10.89 20.85 14.21
N GLY A 111 11.09 21.00 15.51
CA GLY A 111 11.38 22.29 16.09
C GLY A 111 12.88 22.56 16.14
N ARG A 112 13.62 21.90 15.26
CA ARG A 112 15.05 22.13 15.14
C ARG A 112 15.31 23.52 14.57
N THR A 113 16.43 24.11 14.94
CA THR A 113 16.77 25.47 14.54
C THR A 113 17.12 25.55 13.05
N THR A 114 17.36 24.40 12.44
CA THR A 114 17.70 24.34 11.02
C THR A 114 17.10 23.10 10.37
N GLU A 115 16.76 23.20 9.09
CA GLU A 115 16.22 22.07 8.33
C GLU A 115 17.19 20.87 8.38
N THR A 116 18.47 21.18 8.44
CA THR A 116 19.51 20.17 8.53
C THR A 116 19.39 19.41 9.85
N GLU A 117 19.20 20.15 10.93
CA GLU A 117 19.01 19.56 12.26
C GLU A 117 17.82 18.62 12.25
N LYS A 118 16.78 18.99 11.51
CA LYS A 118 15.55 18.20 11.44
C LYS A 118 15.83 16.86 10.80
N VAL A 119 16.28 16.89 9.55
CA VAL A 119 16.59 15.67 8.81
C VAL A 119 17.48 14.72 9.60
N GLN A 120 18.51 15.25 10.25
CA GLN A 120 19.40 14.43 11.07
C GLN A 120 18.64 13.75 12.22
N GLU A 121 17.81 14.51 12.91
CA GLU A 121 17.10 14.00 14.07
C GLU A 121 16.09 12.93 13.66
N PHE A 122 15.29 13.23 12.62
CA PHE A 122 14.33 12.25 12.10
C PHE A 122 15.00 10.90 11.83
N GLN A 123 16.16 10.97 11.17
CA GLN A 123 16.97 9.78 10.95
C GLN A 123 17.14 8.98 12.24
N ARG A 124 17.51 9.66 13.32
CA ARG A 124 17.66 9.01 14.63
C ARG A 124 16.40 8.23 15.02
N LEU A 125 15.25 8.91 14.97
CA LEU A 125 13.98 8.28 15.33
C LEU A 125 13.69 7.10 14.42
N LEU A 126 13.86 7.31 13.12
CA LEU A 126 13.68 6.27 12.11
C LEU A 126 14.59 5.06 12.35
N LYS A 127 15.75 5.24 12.98
CA LYS A 127 16.62 4.11 13.29
C LYS A 127 15.94 3.24 14.33
N GLU A 128 15.32 3.91 15.28
CA GLU A 128 14.61 3.25 16.37
C GLU A 128 13.28 2.64 15.92
N LEU A 129 13.09 2.43 14.62
CA LEU A 129 11.86 1.87 14.12
C LEU A 129 12.04 0.39 13.79
N PRO A 130 11.01 -0.44 14.03
CA PRO A 130 11.02 -1.83 13.59
C PRO A 130 10.97 -1.96 12.06
N GLU A 131 11.36 -3.12 11.55
CA GLU A 131 11.45 -3.40 10.12
C GLU A 131 10.22 -2.92 9.33
N CYS A 132 9.04 -3.41 9.68
CA CYS A 132 7.81 -3.06 8.96
C CYS A 132 7.54 -1.56 8.99
N ASN A 133 7.81 -0.93 10.12
CA ASN A 133 7.51 0.49 10.29
C ASN A 133 8.43 1.35 9.44
N TYR A 134 9.70 0.96 9.38
CA TYR A 134 10.69 1.70 8.61
C TYR A 134 10.32 1.75 7.13
N LEU A 135 9.90 0.62 6.59
CA LEU A 135 9.50 0.57 5.19
C LEU A 135 8.16 1.28 4.98
N LEU A 136 7.26 1.14 5.95
CA LEU A 136 5.95 1.79 5.87
C LEU A 136 6.12 3.32 5.85
N ILE A 137 6.91 3.86 6.77
CA ILE A 137 7.13 5.29 6.84
C ILE A 137 7.80 5.80 5.56
N SER A 138 8.67 4.97 4.97
CA SER A 138 9.31 5.30 3.71
C SER A 138 8.28 5.50 2.61
N TRP A 139 7.42 4.51 2.43
CA TRP A 139 6.48 4.52 1.32
C TRP A 139 5.35 5.51 1.55
N LEU A 140 4.87 5.60 2.77
CA LEU A 140 3.75 6.44 3.10
C LEU A 140 4.05 7.89 2.74
N ILE A 141 5.23 8.34 3.12
CA ILE A 141 5.61 9.73 2.94
C ILE A 141 6.12 9.99 1.52
N VAL A 142 6.97 9.10 1.00
CA VAL A 142 7.50 9.26 -0.34
C VAL A 142 6.39 9.14 -1.40
N HIS A 143 5.45 8.23 -1.18
CA HIS A 143 4.32 8.11 -2.10
C HIS A 143 3.46 9.36 -2.05
N MET A 144 3.24 9.86 -0.84
CA MET A 144 2.40 11.03 -0.65
C MET A 144 3.06 12.23 -1.29
N ASP A 145 4.40 12.19 -1.31
CA ASP A 145 5.22 13.26 -1.90
C ASP A 145 5.05 13.29 -3.41
N HIS A 146 4.85 12.12 -4.00
CA HIS A 146 4.57 12.02 -5.42
C HIS A 146 3.27 12.76 -5.74
N VAL A 147 2.27 12.58 -4.88
CA VAL A 147 1.01 13.30 -5.04
C VAL A 147 1.23 14.79 -4.88
N ILE A 148 2.13 15.18 -3.97
CA ILE A 148 2.43 16.58 -3.73
C ILE A 148 2.79 17.29 -5.04
N ALA A 149 3.66 16.66 -5.82
CA ALA A 149 4.06 17.22 -7.11
C ALA A 149 2.86 17.28 -8.05
N LYS A 150 2.00 16.28 -7.94
CA LYS A 150 0.80 16.21 -8.77
C LYS A 150 -0.24 17.20 -8.28
N GLU A 151 -0.18 17.55 -7.00
CA GLU A 151 -1.02 18.60 -6.44
C GLU A 151 -0.64 19.92 -7.05
N LEU A 152 0.65 20.08 -7.30
CA LEU A 152 1.17 21.31 -7.84
C LEU A 152 0.66 21.49 -9.26
N GLU A 153 0.46 20.39 -9.96
CA GLU A 153 -0.09 20.46 -11.31
C GLU A 153 -1.62 20.41 -11.33
N THR A 154 -2.28 20.00 -10.25
CA THR A 154 -3.73 19.89 -10.29
C THR A 154 -4.39 21.14 -9.70
N LYS A 155 -3.91 21.53 -8.50
CA LYS A 155 -4.30 22.78 -7.80
C LYS A 155 -4.02 22.68 -6.31
N MET A 156 -4.05 21.46 -5.78
CA MET A 156 -3.90 21.23 -4.34
C MET A 156 -2.48 21.55 -3.86
N ASN A 157 -2.26 21.46 -2.55
CA ASN A 157 -1.01 21.88 -1.96
C ASN A 157 -0.66 21.00 -0.77
N ILE A 158 0.60 21.01 -0.36
CA ILE A 158 1.05 20.24 0.80
C ILE A 158 0.19 20.56 2.01
N GLN A 159 -0.33 21.79 2.06
CA GLN A 159 -1.19 22.22 3.15
C GLN A 159 -2.42 21.34 3.24
N ASN A 160 -2.98 21.00 2.09
CA ASN A 160 -4.18 20.17 2.02
C ASN A 160 -3.87 18.79 2.58
N ILE A 161 -2.81 18.20 2.06
CA ILE A 161 -2.37 16.89 2.51
C ILE A 161 -2.03 16.92 4.00
N SER A 162 -1.31 17.96 4.43
CA SER A 162 -0.90 18.06 5.83
C SER A 162 -2.10 18.05 6.78
N ILE A 163 -3.23 18.58 6.32
CA ILE A 163 -4.43 18.66 7.15
C ILE A 163 -5.06 17.28 7.29
N VAL A 164 -5.05 16.53 6.20
CA VAL A 164 -5.65 15.21 6.21
C VAL A 164 -4.64 14.17 6.72
N LEU A 165 -3.37 14.47 6.62
CA LEU A 165 -2.32 13.53 7.00
C LEU A 165 -1.97 13.65 8.48
N SER A 166 -2.27 14.81 9.08
CA SER A 166 -2.00 15.03 10.49
C SER A 166 -2.66 13.94 11.36
N PRO A 167 -4.00 13.77 11.30
CA PRO A 167 -4.69 12.71 12.07
C PRO A 167 -4.34 11.31 11.56
N THR A 168 -3.76 11.26 10.37
CA THR A 168 -3.44 9.99 9.74
C THR A 168 -2.35 9.23 10.50
N VAL A 169 -1.22 9.88 10.76
CA VAL A 169 -0.17 9.25 11.58
C VAL A 169 -0.21 9.73 13.02
N GLN A 170 -1.05 10.76 13.28
CA GLN A 170 -1.24 11.31 14.63
C GLN A 170 -0.09 12.23 15.02
N ILE A 171 0.34 13.05 14.09
CA ILE A 171 1.37 14.05 14.34
C ILE A 171 0.91 15.40 13.77
N SER A 172 1.12 16.47 14.54
CA SER A 172 0.65 17.81 14.17
C SER A 172 0.99 18.24 12.74
N ASN A 173 0.07 19.02 12.17
CA ASN A 173 0.10 19.47 10.76
C ASN A 173 1.49 19.85 10.27
N ARG A 174 2.17 20.71 11.04
CA ARG A 174 3.44 21.28 10.62
C ARG A 174 4.49 20.22 10.24
N VAL A 175 4.47 19.10 10.95
CA VAL A 175 5.49 18.08 10.79
C VAL A 175 5.35 17.35 9.44
N LEU A 176 4.13 17.24 8.92
CA LEU A 176 3.89 16.51 7.67
C LEU A 176 4.56 17.19 6.48
N TYR A 177 4.28 18.49 6.31
CA TYR A 177 5.03 19.30 5.36
C TYR A 177 6.55 19.03 5.45
N VAL A 178 7.08 19.07 6.67
CA VAL A 178 8.49 18.79 6.90
C VAL A 178 8.82 17.32 6.57
N PHE A 179 7.84 16.46 6.74
CA PHE A 179 8.00 15.04 6.49
C PHE A 179 8.47 14.80 5.06
N PHE A 180 7.77 15.38 4.08
CA PHE A 180 8.13 15.17 2.68
C PHE A 180 9.46 15.83 2.35
N THR A 181 9.48 17.15 2.57
CA THR A 181 10.74 17.90 2.44
C THR A 181 11.95 17.08 2.94
N HIS A 182 11.83 16.51 4.15
CA HIS A 182 12.95 15.76 4.71
C HIS A 182 12.99 14.34 4.15
N VAL A 183 11.84 13.79 3.74
CA VAL A 183 11.78 12.41 3.24
C VAL A 183 12.56 12.27 1.94
N GLN A 184 12.55 13.30 1.10
CA GLN A 184 13.34 13.27 -0.12
C GLN A 184 14.81 13.43 0.21
N GLU A 185 15.12 14.29 1.18
CA GLU A 185 16.49 14.41 1.64
C GLU A 185 16.99 13.11 2.31
N LEU A 186 16.06 12.34 2.87
CA LEU A 186 16.40 11.16 3.66
C LEU A 186 16.25 9.84 2.91
N PHE A 187 15.73 9.88 1.69
CA PHE A 187 15.42 8.64 0.97
C PHE A 187 15.66 8.80 -0.52
N GLY A 188 14.61 9.13 -1.27
CA GLY A 188 14.75 9.37 -2.70
C GLY A 188 14.76 8.08 -3.52
N ASN A 189 15.39 7.04 -2.98
CA ASN A 189 15.47 5.75 -3.67
C ASN A 189 14.24 4.91 -3.37
N VAL A 190 13.45 5.39 -2.43
CA VAL A 190 12.20 4.76 -2.07
C VAL A 190 11.25 4.77 -3.26
N VAL A 191 10.81 3.60 -3.65
CA VAL A 191 10.02 3.44 -4.87
C VAL A 191 8.75 2.64 -4.60
N LEU A 192 7.66 3.07 -5.22
CA LEU A 192 6.37 2.43 -5.02
C LEU A 192 6.18 1.28 -6.01
N LYS A 193 6.52 0.08 -5.57
CA LYS A 193 6.43 -1.11 -6.40
C LYS A 193 4.97 -1.56 -6.54
N GLN A 194 4.47 -1.55 -7.77
CA GLN A 194 3.07 -1.89 -8.05
C GLN A 194 2.86 -3.40 -8.03
N VAL A 195 1.61 -3.81 -7.91
CA VAL A 195 1.27 -5.23 -7.87
C VAL A 195 0.23 -5.56 -8.93
N MET A 196 0.17 -6.82 -9.36
CA MET A 196 -0.89 -7.28 -10.23
C MET A 196 -2.21 -7.20 -9.48
N LYS A 197 -3.29 -6.84 -10.16
CA LYS A 197 -4.53 -6.60 -9.45
C LYS A 197 -5.58 -7.64 -9.79
N PRO A 198 -6.35 -8.08 -8.78
CA PRO A 198 -7.42 -9.05 -8.95
C PRO A 198 -8.52 -8.52 -9.87
N LEU A 199 -9.11 -9.42 -10.63
CA LEU A 199 -10.14 -9.04 -11.59
C LEU A 199 -11.48 -9.61 -11.15
N ARG A 200 -12.55 -9.08 -11.72
CA ARG A 200 -13.90 -9.52 -11.37
C ARG A 200 -14.29 -10.75 -12.19
N TRP A 201 -13.33 -11.62 -12.44
CA TRP A 201 -13.56 -12.82 -13.22
C TRP A 201 -13.61 -14.04 -12.30
N SER A 202 -14.49 -14.98 -12.62
CA SER A 202 -14.69 -16.18 -11.81
C SER A 202 -13.54 -17.18 -12.00
N ASN A 203 -12.50 -16.74 -12.73
CA ASN A 203 -11.27 -17.51 -12.93
C ASN A 203 -11.38 -18.52 -14.05
N MET A 204 -12.58 -18.99 -14.34
CA MET A 204 -12.80 -19.87 -15.48
C MET A 204 -14.20 -19.66 -16.05
N ALA A 205 -14.58 -20.50 -17.02
CA ALA A 205 -15.91 -20.50 -17.64
C ALA A 205 -16.07 -19.36 -18.63
N THR A 206 -15.09 -18.47 -18.67
CA THR A 206 -15.08 -17.37 -19.61
C THR A 206 -13.70 -17.28 -20.24
N MET A 207 -13.52 -16.31 -21.13
CA MET A 207 -12.25 -16.14 -21.85
C MET A 207 -12.06 -14.69 -22.33
N PRO A 208 -13.02 -14.13 -23.13
CA PRO A 208 -12.90 -12.75 -23.63
C PRO A 208 -13.12 -11.70 -22.53
N THR A 209 -12.23 -11.72 -21.55
CA THR A 209 -12.24 -10.74 -20.46
C THR A 209 -10.80 -10.38 -20.09
N LEU A 210 -9.87 -11.00 -20.80
CA LEU A 210 -8.45 -10.79 -20.57
C LEU A 210 -7.93 -9.67 -21.47
N PRO A 211 -6.86 -8.98 -21.06
CA PRO A 211 -6.28 -7.87 -21.84
C PRO A 211 -5.88 -8.31 -23.24
N GLU A 212 -6.20 -7.47 -24.23
CA GLU A 212 -5.89 -7.78 -25.62
C GLU A 212 -4.72 -6.90 -26.11
N THR A 213 -4.06 -6.25 -25.16
CA THR A 213 -2.94 -5.39 -25.47
C THR A 213 -1.61 -6.07 -25.12
N GLN A 214 -0.61 -5.90 -25.98
CA GLN A 214 0.69 -6.54 -25.79
C GLN A 214 1.36 -6.02 -24.52
N ALA A 215 1.31 -4.71 -24.33
CA ALA A 215 1.96 -4.07 -23.21
C ALA A 215 1.26 -4.43 -21.90
N GLY A 216 -0.08 -4.43 -21.93
CA GLY A 216 -0.86 -4.79 -20.78
C GLY A 216 -0.55 -6.19 -20.31
N ILE A 217 -0.46 -7.11 -21.26
CA ILE A 217 -0.18 -8.51 -20.95
C ILE A 217 1.24 -8.66 -20.39
N LYS A 218 2.21 -8.07 -21.09
CA LYS A 218 3.61 -8.14 -20.69
C LYS A 218 3.82 -7.70 -19.23
N GLU A 219 3.31 -6.53 -18.89
CA GLU A 219 3.51 -5.97 -17.55
C GLU A 219 2.90 -6.82 -16.46
N GLU A 220 1.62 -7.16 -16.61
CA GLU A 220 0.94 -7.93 -15.58
C GLU A 220 1.51 -9.34 -15.47
N ILE A 221 1.88 -9.93 -16.60
CA ILE A 221 2.53 -11.23 -16.60
C ILE A 221 3.83 -11.19 -15.81
N ARG A 222 4.60 -10.12 -16.00
CA ARG A 222 5.84 -9.92 -15.25
C ARG A 222 5.55 -10.01 -13.76
N ARG A 223 4.55 -9.25 -13.33
CA ARG A 223 4.15 -9.21 -11.92
C ARG A 223 3.74 -10.61 -11.45
N GLN A 224 2.93 -11.28 -12.26
CA GLN A 224 2.39 -12.58 -11.90
C GLN A 224 3.48 -13.64 -11.78
N GLU A 225 4.50 -13.58 -12.62
CA GLU A 225 5.57 -14.56 -12.58
C GLU A 225 6.47 -14.35 -11.36
N PHE A 226 6.51 -13.14 -10.82
CA PHE A 226 7.21 -12.90 -9.57
C PHE A 226 6.45 -13.52 -8.42
N LEU A 227 5.13 -13.39 -8.43
CA LEU A 227 4.30 -14.02 -7.43
C LEU A 227 4.32 -15.52 -7.66
N LEU A 228 4.47 -15.89 -8.92
CA LEU A 228 4.45 -17.28 -9.32
C LEU A 228 5.69 -17.99 -8.81
N ASN A 229 6.86 -17.47 -9.19
CA ASN A 229 8.11 -18.16 -8.90
C ASN A 229 8.37 -18.24 -7.40
N CYS A 230 7.84 -17.27 -6.63
CA CYS A 230 8.04 -17.28 -5.20
C CYS A 230 7.24 -18.39 -4.55
N LEU A 231 5.93 -18.42 -4.82
CA LEU A 231 5.05 -19.37 -4.17
C LEU A 231 5.38 -20.77 -4.66
N HIS A 232 5.55 -20.88 -5.97
CA HIS A 232 5.92 -22.13 -6.60
C HIS A 232 7.18 -22.71 -5.97
N ARG A 233 8.16 -21.87 -5.70
CA ARG A 233 9.42 -22.31 -5.08
C ARG A 233 9.22 -22.63 -3.60
N ASP A 234 8.55 -21.71 -2.89
CA ASP A 234 8.33 -21.85 -1.45
C ASP A 234 7.57 -23.12 -1.11
N LEU A 235 6.69 -23.54 -2.01
CA LEU A 235 5.85 -24.72 -1.79
C LEU A 235 6.69 -25.97 -1.49
N GLN A 236 7.90 -26.04 -2.05
CA GLN A 236 8.78 -27.19 -1.81
C GLN A 236 9.45 -27.10 -0.44
N GLY A 237 9.24 -25.98 0.25
CA GLY A 237 9.83 -25.77 1.55
C GLY A 237 9.00 -26.35 2.68
N GLY A 238 8.54 -27.58 2.49
CA GLY A 238 7.77 -28.26 3.52
C GLY A 238 6.42 -27.61 3.78
N ILE A 239 5.85 -26.99 2.74
CA ILE A 239 4.57 -26.32 2.88
C ILE A 239 3.43 -27.24 2.49
N LYS A 240 2.63 -27.63 3.48
CA LYS A 240 1.49 -28.47 3.24
C LYS A 240 0.21 -27.69 3.54
N ASP A 241 -0.19 -26.86 2.59
CA ASP A 241 -1.35 -26.00 2.76
C ASP A 241 -2.21 -26.01 1.52
N LEU A 242 -3.38 -26.61 1.65
CA LEU A 242 -4.30 -26.76 0.52
C LEU A 242 -4.71 -25.40 -0.03
N SER A 243 -4.81 -24.41 0.86
CA SER A 243 -5.27 -23.09 0.48
C SER A 243 -4.20 -22.38 -0.36
N LYS A 244 -2.94 -22.57 0.03
CA LYS A 244 -1.83 -21.98 -0.71
C LYS A 244 -1.66 -22.69 -2.05
N GLU A 245 -1.88 -24.01 -2.02
CA GLU A 245 -1.81 -24.82 -3.23
C GLU A 245 -2.85 -24.37 -4.25
N GLU A 246 -4.13 -24.34 -3.85
CA GLU A 246 -5.21 -23.88 -4.73
C GLU A 246 -4.88 -22.52 -5.35
N ARG A 247 -4.31 -21.62 -4.55
CA ARG A 247 -3.97 -20.29 -5.03
C ARG A 247 -2.83 -20.37 -6.07
N LEU A 248 -1.99 -21.39 -5.93
CA LEU A 248 -0.85 -21.57 -6.81
C LEU A 248 -1.27 -22.02 -8.21
N TRP A 249 -2.15 -23.01 -8.30
CA TRP A 249 -2.60 -23.48 -9.61
C TRP A 249 -3.47 -22.41 -10.25
N GLU A 250 -4.09 -21.64 -9.38
CA GLU A 250 -5.00 -20.59 -9.79
C GLU A 250 -4.26 -19.53 -10.61
N VAL A 251 -3.16 -19.02 -10.08
CA VAL A 251 -2.36 -18.03 -10.79
C VAL A 251 -1.80 -18.60 -12.10
N GLN A 252 -1.35 -19.84 -12.02
CA GLN A 252 -0.85 -20.56 -13.19
C GLN A 252 -1.89 -20.63 -14.30
N ARG A 253 -3.11 -21.01 -13.95
CA ARG A 253 -4.21 -21.12 -14.90
C ARG A 253 -4.48 -19.78 -15.59
N ILE A 254 -4.39 -18.71 -14.81
CA ILE A 254 -4.68 -17.37 -15.32
C ILE A 254 -3.53 -16.91 -16.20
N LEU A 255 -2.32 -17.12 -15.72
CA LEU A 255 -1.11 -16.77 -16.45
C LEU A 255 -1.01 -17.57 -17.75
N THR A 256 -1.49 -18.80 -17.72
CA THR A 256 -1.44 -19.66 -18.89
C THR A 256 -2.25 -19.06 -20.04
N ALA A 257 -3.49 -18.67 -19.74
CA ALA A 257 -4.32 -17.97 -20.71
C ALA A 257 -3.61 -16.73 -21.26
N LEU A 258 -2.99 -15.98 -20.36
CA LEU A 258 -2.29 -14.76 -20.74
C LEU A 258 -1.05 -15.07 -21.58
N LYS A 259 -0.42 -16.21 -21.33
CA LYS A 259 0.76 -16.62 -22.09
C LYS A 259 0.39 -16.90 -23.54
N ARG A 260 -0.81 -17.45 -23.75
CA ARG A 260 -1.30 -17.69 -25.09
C ARG A 260 -1.68 -16.38 -25.75
N LYS A 261 -2.36 -15.51 -25.01
CA LYS A 261 -2.73 -14.20 -25.52
C LYS A 261 -1.50 -13.32 -25.73
N LEU A 262 -0.42 -13.64 -25.03
CA LEU A 262 0.86 -12.95 -25.20
C LEU A 262 1.32 -13.07 -26.65
N ARG A 263 1.11 -14.25 -27.23
CA ARG A 263 1.46 -14.50 -28.62
C ARG A 263 0.20 -14.44 -29.48
N GLU A 264 -0.83 -13.84 -28.94
CA GLU A 264 -2.09 -13.65 -29.66
C GLU A 264 -2.11 -12.25 -30.25
N ALA A 265 -1.59 -11.30 -29.48
CA ALA A 265 -1.51 -9.92 -29.90
C ALA A 265 -0.55 -9.76 -31.06
N HIS A 1 -15.88 -18.32 24.01
CA HIS A 1 -14.45 -18.09 23.73
C HIS A 1 -14.30 -17.17 22.53
N MET A 2 -13.23 -16.40 22.48
CA MET A 2 -12.97 -15.49 21.36
C MET A 2 -12.63 -16.28 20.11
N PRO A 3 -13.42 -16.10 19.04
CA PRO A 3 -13.21 -16.79 17.77
C PRO A 3 -12.06 -16.20 16.97
N ASN A 4 -11.78 -14.92 17.21
CA ASN A 4 -10.73 -14.21 16.48
C ASN A 4 -9.85 -13.45 17.46
N LEU A 5 -8.55 -13.52 17.26
CA LEU A 5 -7.60 -12.86 18.12
C LEU A 5 -7.05 -11.60 17.45
N LYS A 6 -7.64 -10.46 17.80
CA LYS A 6 -7.28 -9.16 17.23
C LYS A 6 -7.47 -9.13 15.70
N PRO A 7 -8.56 -8.53 15.22
CA PRO A 7 -8.85 -8.40 13.79
C PRO A 7 -8.03 -7.31 13.13
N ILE A 8 -7.54 -7.58 11.91
CA ILE A 8 -6.81 -6.62 11.04
C ILE A 8 -6.85 -5.16 11.51
N PHE A 9 -8.03 -4.58 11.59
CA PHE A 9 -8.15 -3.18 11.98
C PHE A 9 -8.02 -3.03 13.49
N GLY A 10 -6.78 -2.91 13.94
CA GLY A 10 -6.50 -2.79 15.35
C GLY A 10 -5.43 -3.75 15.82
N ILE A 11 -4.33 -3.84 15.06
CA ILE A 11 -3.24 -4.75 15.40
C ILE A 11 -1.88 -4.10 15.16
N PRO A 12 -0.82 -4.64 15.79
CA PRO A 12 0.56 -4.19 15.58
C PRO A 12 1.03 -4.28 14.13
N LEU A 13 2.10 -3.57 13.82
CA LEU A 13 2.64 -3.49 12.46
C LEU A 13 2.96 -4.89 11.94
N ALA A 14 3.83 -5.61 12.66
CA ALA A 14 4.23 -6.97 12.27
C ALA A 14 3.01 -7.88 12.07
N ASP A 15 2.11 -7.86 13.03
CA ASP A 15 0.88 -8.66 12.93
C ASP A 15 0.12 -8.34 11.66
N ALA A 16 0.00 -7.06 11.36
CA ALA A 16 -0.71 -6.61 10.17
C ALA A 16 -0.07 -7.17 8.90
N VAL A 17 1.25 -7.03 8.79
CA VAL A 17 1.95 -7.42 7.57
C VAL A 17 2.02 -8.93 7.41
N GLU A 18 2.21 -9.66 8.51
CA GLU A 18 2.32 -11.11 8.45
C GLU A 18 1.02 -11.74 7.98
N ARG A 19 -0.10 -11.11 8.29
CA ARG A 19 -1.41 -11.61 7.88
C ARG A 19 -1.74 -11.17 6.45
N THR A 20 -1.51 -9.91 6.16
CA THR A 20 -1.86 -9.35 4.85
C THR A 20 -0.68 -9.38 3.88
N MET A 21 0.12 -10.45 3.95
CA MET A 21 1.25 -10.60 3.05
C MET A 21 0.78 -10.76 1.60
N MET A 22 1.73 -10.81 0.67
CA MET A 22 1.39 -10.75 -0.75
C MET A 22 2.58 -11.12 -1.64
N TYR A 23 3.23 -10.10 -2.20
CA TYR A 23 4.27 -10.27 -3.21
C TYR A 23 5.46 -11.09 -2.69
N ASP A 24 6.38 -10.43 -2.01
CA ASP A 24 7.63 -11.07 -1.57
C ASP A 24 7.68 -11.23 -0.06
N GLY A 25 6.86 -10.44 0.63
CA GLY A 25 6.91 -10.42 2.08
C GLY A 25 7.87 -9.37 2.58
N ILE A 26 7.94 -8.26 1.84
CA ILE A 26 8.85 -7.15 2.13
C ILE A 26 8.49 -6.37 3.40
N ARG A 27 7.88 -7.04 4.36
CA ARG A 27 7.46 -6.41 5.61
C ARG A 27 6.58 -5.21 5.36
N LEU A 28 5.43 -5.45 4.75
CA LEU A 28 4.48 -4.41 4.37
C LEU A 28 3.11 -5.06 4.16
N PRO A 29 2.03 -4.40 4.56
CA PRO A 29 0.69 -4.95 4.36
C PRO A 29 0.29 -4.85 2.90
N ALA A 30 -0.52 -5.78 2.39
CA ALA A 30 -0.93 -5.74 1.01
C ALA A 30 -1.77 -4.51 0.76
N VAL A 31 -2.65 -4.24 1.73
CA VAL A 31 -3.49 -3.05 1.74
C VAL A 31 -2.71 -1.80 1.32
N PHE A 32 -1.54 -1.63 1.92
CA PHE A 32 -0.74 -0.46 1.65
C PHE A 32 -0.32 -0.40 0.20
N ARG A 33 0.14 -1.52 -0.33
CA ARG A 33 0.65 -1.56 -1.68
C ARG A 33 -0.48 -1.54 -2.70
N GLU A 34 -1.57 -2.26 -2.40
CA GLU A 34 -2.75 -2.25 -3.25
C GLU A 34 -3.31 -0.84 -3.44
N CYS A 35 -3.25 -0.03 -2.39
CA CYS A 35 -3.74 1.33 -2.45
C CYS A 35 -2.74 2.23 -3.16
N ILE A 36 -1.48 2.13 -2.75
CA ILE A 36 -0.42 2.95 -3.33
C ILE A 36 -0.28 2.66 -4.82
N ASP A 37 -0.56 1.41 -5.19
CA ASP A 37 -0.48 0.97 -6.58
C ASP A 37 -1.59 1.62 -7.40
N TYR A 38 -2.82 1.54 -6.89
CA TYR A 38 -3.97 2.04 -7.64
C TYR A 38 -3.89 3.55 -7.85
N VAL A 39 -3.60 4.27 -6.78
CA VAL A 39 -3.52 5.72 -6.87
C VAL A 39 -2.48 6.13 -7.89
N GLU A 40 -1.30 5.55 -7.79
CA GLU A 40 -0.18 5.94 -8.62
C GLU A 40 -0.42 5.61 -10.09
N LYS A 41 -1.26 4.62 -10.36
CA LYS A 41 -1.56 4.22 -11.72
C LYS A 41 -2.69 5.06 -12.33
N TYR A 42 -3.78 5.24 -11.58
CA TYR A 42 -4.99 5.83 -12.14
C TYR A 42 -5.49 7.04 -11.35
N GLY A 43 -5.20 7.08 -10.04
CA GLY A 43 -5.73 8.13 -9.19
C GLY A 43 -4.73 9.26 -8.99
N MET A 44 -3.96 9.51 -10.02
CA MET A 44 -2.88 10.49 -9.94
C MET A 44 -3.33 11.82 -10.53
N LYS A 45 -4.30 11.75 -11.43
CA LYS A 45 -4.89 12.92 -12.03
C LYS A 45 -6.19 13.31 -11.34
N CYS A 46 -6.42 12.71 -10.18
CA CYS A 46 -7.67 12.92 -9.46
C CYS A 46 -7.56 14.08 -8.49
N GLU A 47 -8.32 15.13 -8.74
CA GLU A 47 -8.42 16.25 -7.80
C GLU A 47 -9.09 15.76 -6.51
N GLY A 48 -8.94 16.53 -5.43
CA GLY A 48 -9.37 16.05 -4.13
C GLY A 48 -8.61 14.83 -3.64
N ILE A 49 -7.58 14.43 -4.37
CA ILE A 49 -6.82 13.23 -4.07
C ILE A 49 -6.28 13.23 -2.64
N TYR A 50 -6.64 12.18 -1.89
CA TYR A 50 -6.19 11.99 -0.52
C TYR A 50 -6.79 13.02 0.43
N ARG A 51 -7.66 13.89 -0.07
CA ARG A 51 -8.28 14.89 0.78
C ARG A 51 -9.71 14.48 1.06
N VAL A 52 -10.39 14.05 0.01
CA VAL A 52 -11.74 13.53 0.13
C VAL A 52 -11.73 12.31 1.05
N SER A 53 -12.79 12.15 1.81
CA SER A 53 -12.91 11.01 2.69
C SER A 53 -13.69 9.92 1.97
N GLY A 54 -12.96 8.89 1.53
CA GLY A 54 -13.54 7.83 0.74
C GLY A 54 -14.81 7.28 1.33
N ILE A 55 -15.80 7.08 0.46
CA ILE A 55 -17.12 6.60 0.86
C ILE A 55 -17.03 5.44 1.82
N LYS A 56 -17.42 5.66 3.08
CA LYS A 56 -17.38 4.65 4.13
C LYS A 56 -18.14 3.40 3.69
N SER A 57 -19.14 3.61 2.84
CA SER A 57 -19.95 2.53 2.31
C SER A 57 -19.06 1.50 1.58
N LYS A 58 -18.10 2.00 0.79
CA LYS A 58 -17.21 1.12 0.05
C LYS A 58 -16.06 0.67 0.93
N VAL A 59 -15.68 1.52 1.86
CA VAL A 59 -14.54 1.26 2.74
C VAL A 59 -14.76 0.00 3.55
N ASP A 60 -15.95 -0.15 4.12
CA ASP A 60 -16.27 -1.30 4.94
C ASP A 60 -16.41 -2.56 4.07
N GLU A 61 -16.60 -2.36 2.77
CA GLU A 61 -16.63 -3.46 1.81
C GLU A 61 -15.24 -4.08 1.73
N LEU A 62 -14.25 -3.21 1.54
CA LEU A 62 -12.85 -3.62 1.46
C LEU A 62 -12.37 -4.18 2.79
N LYS A 63 -12.71 -3.48 3.88
CA LYS A 63 -12.37 -3.93 5.23
C LYS A 63 -12.80 -5.38 5.42
N ALA A 64 -13.98 -5.69 4.93
CA ALA A 64 -14.52 -7.03 5.03
C ALA A 64 -13.69 -8.02 4.22
N ALA A 65 -13.37 -7.66 2.98
CA ALA A 65 -12.63 -8.54 2.08
C ALA A 65 -11.22 -8.84 2.59
N TYR A 66 -10.54 -7.84 3.13
CA TYR A 66 -9.18 -8.02 3.62
C TYR A 66 -9.12 -8.94 4.83
N ASP A 67 -10.08 -8.79 5.74
CA ASP A 67 -10.12 -9.62 6.95
C ASP A 67 -10.57 -11.04 6.62
N ARG A 68 -11.41 -11.19 5.61
CA ARG A 68 -11.96 -12.49 5.26
C ARG A 68 -11.08 -13.25 4.26
N GLU A 69 -9.95 -12.65 3.90
CA GLU A 69 -9.05 -13.21 2.88
C GLU A 69 -9.77 -13.37 1.54
N GLU A 70 -10.30 -12.27 1.03
CA GLU A 70 -11.03 -12.29 -0.22
C GLU A 70 -10.39 -11.36 -1.23
N SER A 71 -10.55 -11.69 -2.50
CA SER A 71 -9.92 -10.99 -3.60
C SER A 71 -10.39 -9.53 -3.68
N THR A 72 -9.43 -8.61 -3.67
CA THR A 72 -9.72 -7.20 -3.70
C THR A 72 -9.27 -6.58 -5.02
N ASN A 73 -10.24 -6.21 -5.85
CA ASN A 73 -9.96 -5.53 -7.09
C ASN A 73 -10.22 -4.03 -6.92
N LEU A 74 -9.16 -3.30 -6.60
CA LEU A 74 -9.27 -1.87 -6.29
C LEU A 74 -9.46 -1.04 -7.54
N GLU A 75 -9.29 -1.66 -8.69
CA GLU A 75 -9.23 -0.95 -9.96
C GLU A 75 -10.61 -0.50 -10.40
N ASP A 76 -11.64 -1.12 -9.82
CA ASP A 76 -13.01 -0.73 -10.10
C ASP A 76 -13.46 0.33 -9.11
N TYR A 77 -12.82 0.34 -7.95
CA TYR A 77 -13.14 1.29 -6.90
C TYR A 77 -12.57 2.66 -7.23
N GLU A 78 -12.77 3.60 -6.31
CA GLU A 78 -12.31 4.95 -6.50
C GLU A 78 -11.01 5.19 -5.73
N PRO A 79 -10.19 6.15 -6.19
CA PRO A 79 -8.94 6.50 -5.51
C PRO A 79 -9.20 6.96 -4.08
N ASN A 80 -10.21 7.81 -3.92
CA ASN A 80 -10.64 8.25 -2.58
C ASN A 80 -10.96 7.05 -1.69
N THR A 81 -11.49 5.99 -2.29
CA THR A 81 -11.88 4.81 -1.53
C THR A 81 -10.66 4.08 -0.98
N VAL A 82 -9.71 3.77 -1.87
CA VAL A 82 -8.51 3.05 -1.46
C VAL A 82 -7.63 3.91 -0.56
N ALA A 83 -7.55 5.20 -0.87
CA ALA A 83 -6.81 6.16 -0.05
C ALA A 83 -7.40 6.24 1.35
N SER A 84 -8.71 6.06 1.44
CA SER A 84 -9.43 6.24 2.68
C SER A 84 -9.29 4.98 3.50
N LEU A 85 -9.41 3.85 2.80
CA LEU A 85 -9.18 2.55 3.40
C LEU A 85 -7.76 2.52 3.97
N LEU A 86 -6.81 3.03 3.20
CA LEU A 86 -5.40 3.01 3.60
C LEU A 86 -5.17 3.89 4.81
N LYS A 87 -5.57 5.17 4.74
CA LYS A 87 -5.31 6.09 5.83
C LYS A 87 -6.04 5.67 7.10
N GLN A 88 -7.21 5.07 6.94
CA GLN A 88 -7.96 4.57 8.08
C GLN A 88 -7.33 3.30 8.64
N TYR A 89 -7.05 2.35 7.74
CA TYR A 89 -6.34 1.12 8.10
C TYR A 89 -5.10 1.42 8.93
N LEU A 90 -4.38 2.48 8.61
CA LEU A 90 -3.20 2.84 9.37
C LEU A 90 -3.61 3.38 10.75
N ARG A 91 -4.66 4.18 10.78
CA ARG A 91 -5.13 4.80 12.02
C ARG A 91 -5.54 3.76 13.06
N ASP A 92 -6.41 2.82 12.66
CA ASP A 92 -6.87 1.75 13.55
C ASP A 92 -5.74 0.93 14.15
N LEU A 93 -4.54 1.11 13.66
CA LEU A 93 -3.41 0.34 14.17
C LEU A 93 -2.86 1.01 15.43
N PRO A 94 -2.92 0.30 16.57
CA PRO A 94 -2.45 0.84 17.86
C PRO A 94 -0.95 1.08 17.87
N GLU A 95 -0.25 0.40 16.96
CA GLU A 95 1.17 0.55 16.83
C GLU A 95 1.47 1.45 15.65
N ASN A 96 2.14 2.57 15.92
CA ASN A 96 2.38 3.58 14.91
C ASN A 96 3.63 3.29 14.11
N LEU A 97 3.84 4.08 13.07
CA LEU A 97 5.04 3.96 12.25
C LEU A 97 6.24 4.46 13.03
N LEU A 98 6.07 5.61 13.66
CA LEU A 98 7.10 6.19 14.51
C LEU A 98 6.86 5.73 15.92
N THR A 99 5.86 4.86 16.06
CA THR A 99 5.40 4.35 17.35
C THR A 99 5.13 5.47 18.35
N LYS A 100 4.74 5.09 19.56
CA LYS A 100 4.50 6.05 20.62
C LYS A 100 5.80 6.73 20.98
N GLU A 101 6.79 5.88 21.14
CA GLU A 101 8.09 6.27 21.63
C GLU A 101 8.75 7.41 20.84
N LEU A 102 8.81 7.31 19.51
CA LEU A 102 9.48 8.35 18.72
C LEU A 102 8.54 9.50 18.35
N MET A 103 7.24 9.20 18.30
CA MET A 103 6.21 10.17 17.89
C MET A 103 6.37 11.57 18.50
N PRO A 104 6.49 11.73 19.84
CA PRO A 104 6.56 13.05 20.48
C PRO A 104 7.85 13.79 20.14
N ARG A 105 8.86 13.06 19.72
CA ARG A 105 10.17 13.66 19.45
C ARG A 105 10.20 14.34 18.10
N PHE A 106 9.18 14.07 17.29
CA PHE A 106 9.02 14.76 16.02
C PHE A 106 8.70 16.22 16.25
N GLU A 107 7.95 16.52 17.32
CA GLU A 107 7.72 17.89 17.75
C GLU A 107 9.06 18.60 18.00
N GLU A 108 9.92 17.89 18.73
CA GLU A 108 11.28 18.37 19.02
C GLU A 108 12.06 18.55 17.72
N ALA A 109 11.91 17.58 16.82
CA ALA A 109 12.55 17.61 15.51
C ALA A 109 12.03 18.74 14.64
N CYS A 110 10.81 19.17 14.89
CA CYS A 110 10.18 20.21 14.09
C CYS A 110 10.58 21.58 14.64
N GLY A 111 10.77 21.64 15.96
CA GLY A 111 11.08 22.88 16.61
C GLY A 111 12.56 23.17 16.66
N ARG A 112 13.35 22.45 15.86
CA ARG A 112 14.78 22.70 15.80
C ARG A 112 15.03 24.06 15.16
N THR A 113 16.02 24.77 15.68
CA THR A 113 16.36 26.11 15.21
C THR A 113 16.89 26.09 13.77
N THR A 114 17.24 24.90 13.30
CA THR A 114 17.76 24.73 11.96
C THR A 114 17.10 23.51 11.31
N GLU A 115 16.85 23.57 10.02
CA GLU A 115 16.20 22.47 9.32
C GLU A 115 17.13 21.28 9.19
N THR A 116 18.43 21.56 9.25
CA THR A 116 19.43 20.50 9.26
C THR A 116 19.28 19.67 10.53
N GLU A 117 19.14 20.35 11.67
CA GLU A 117 18.93 19.68 12.95
C GLU A 117 17.63 18.89 12.93
N LYS A 118 16.65 19.42 12.19
CA LYS A 118 15.35 18.78 12.09
C LYS A 118 15.49 17.41 11.47
N VAL A 119 15.99 17.37 10.24
CA VAL A 119 16.20 16.11 9.54
C VAL A 119 17.09 15.13 10.33
N GLN A 120 18.09 15.65 11.06
CA GLN A 120 18.93 14.81 11.90
C GLN A 120 18.10 14.03 12.93
N GLU A 121 17.18 14.72 13.59
CA GLU A 121 16.31 14.07 14.57
C GLU A 121 15.40 13.06 13.87
N PHE A 122 14.79 13.48 12.75
CA PHE A 122 13.98 12.57 11.93
C PHE A 122 14.76 11.30 11.61
N GLN A 123 15.97 11.49 11.08
CA GLN A 123 16.87 10.37 10.82
C GLN A 123 16.98 9.49 12.05
N ARG A 124 17.29 10.10 13.19
CA ARG A 124 17.43 9.37 14.45
C ARG A 124 16.18 8.56 14.76
N LEU A 125 15.01 9.21 14.72
CA LEU A 125 13.75 8.53 15.04
C LEU A 125 13.56 7.30 14.16
N LEU A 126 13.73 7.49 12.85
CA LEU A 126 13.56 6.39 11.90
C LEU A 126 14.49 5.20 12.20
N LYS A 127 15.65 5.47 12.79
CA LYS A 127 16.57 4.37 13.16
C LYS A 127 15.98 3.56 14.30
N GLU A 128 15.36 4.27 15.24
CA GLU A 128 14.69 3.66 16.39
C GLU A 128 13.39 2.94 15.99
N LEU A 129 13.18 2.71 14.70
CA LEU A 129 11.96 2.07 14.24
C LEU A 129 12.21 0.61 13.88
N PRO A 130 11.19 -0.24 14.05
CA PRO A 130 11.23 -1.63 13.57
C PRO A 130 11.28 -1.69 12.05
N GLU A 131 11.74 -2.82 11.50
CA GLU A 131 11.93 -2.99 10.07
C GLU A 131 10.67 -2.62 9.28
N CYS A 132 9.55 -3.24 9.64
CA CYS A 132 8.29 -3.00 8.93
C CYS A 132 7.91 -1.52 8.94
N ASN A 133 8.14 -0.85 10.06
CA ASN A 133 7.82 0.57 10.19
C ASN A 133 8.72 1.40 9.30
N TYR A 134 9.98 1.03 9.29
CA TYR A 134 11.00 1.77 8.55
C TYR A 134 10.70 1.79 7.06
N LEU A 135 10.33 0.64 6.50
CA LEU A 135 10.03 0.58 5.08
C LEU A 135 8.69 1.26 4.80
N LEU A 136 7.74 1.12 5.71
CA LEU A 136 6.42 1.71 5.54
C LEU A 136 6.50 3.24 5.58
N ILE A 137 7.27 3.78 6.52
CA ILE A 137 7.43 5.23 6.63
C ILE A 137 8.07 5.78 5.35
N SER A 138 9.05 5.03 4.83
CA SER A 138 9.70 5.35 3.58
C SER A 138 8.67 5.48 2.46
N TRP A 139 7.81 4.48 2.31
CA TRP A 139 6.89 4.42 1.19
C TRP A 139 5.78 5.43 1.33
N LEU A 140 5.15 5.49 2.50
CA LEU A 140 4.00 6.35 2.72
C LEU A 140 4.36 7.78 2.39
N ILE A 141 5.53 8.22 2.82
CA ILE A 141 5.93 9.60 2.67
C ILE A 141 6.47 9.86 1.25
N VAL A 142 7.25 8.93 0.71
CA VAL A 142 7.79 9.08 -0.65
C VAL A 142 6.66 9.03 -1.70
N HIS A 143 5.70 8.13 -1.51
CA HIS A 143 4.55 8.06 -2.41
C HIS A 143 3.74 9.36 -2.33
N MET A 144 3.60 9.89 -1.13
CA MET A 144 2.77 11.08 -0.93
C MET A 144 3.49 12.33 -1.43
N ASP A 145 4.81 12.28 -1.46
CA ASP A 145 5.60 13.39 -1.98
C ASP A 145 5.47 13.45 -3.50
N HIS A 146 5.45 12.27 -4.12
CA HIS A 146 5.19 12.18 -5.55
C HIS A 146 3.75 12.57 -5.84
N VAL A 147 2.89 12.39 -4.85
CA VAL A 147 1.53 12.91 -4.92
C VAL A 147 1.56 14.44 -4.93
N ILE A 148 2.58 15.01 -4.29
CA ILE A 148 2.72 16.47 -4.25
C ILE A 148 2.98 17.03 -5.65
N ALA A 149 3.74 16.30 -6.45
CA ALA A 149 3.90 16.65 -7.87
C ALA A 149 2.54 16.55 -8.57
N LYS A 150 1.77 15.55 -8.16
CA LYS A 150 0.45 15.37 -8.71
C LYS A 150 -0.46 16.49 -8.22
N GLU A 151 -0.20 16.96 -7.00
CA GLU A 151 -0.86 18.13 -6.45
C GLU A 151 -0.62 19.34 -7.35
N LEU A 152 0.57 19.37 -7.96
CA LEU A 152 0.91 20.46 -8.85
C LEU A 152 -0.04 20.47 -10.03
N GLU A 153 -0.49 19.29 -10.46
CA GLU A 153 -1.54 19.25 -11.47
C GLU A 153 -2.96 19.25 -10.86
N THR A 154 -3.18 18.50 -9.78
CA THR A 154 -4.49 18.39 -9.13
C THR A 154 -4.88 19.65 -8.34
N LYS A 155 -4.09 20.70 -8.48
CA LYS A 155 -4.43 22.04 -7.97
C LYS A 155 -4.22 22.18 -6.47
N MET A 156 -4.15 21.05 -5.78
CA MET A 156 -3.91 21.05 -4.34
C MET A 156 -2.42 21.24 -4.04
N ASN A 157 -2.05 21.28 -2.77
CA ASN A 157 -0.66 21.48 -2.40
C ASN A 157 -0.35 20.71 -1.11
N ILE A 158 0.93 20.65 -0.75
CA ILE A 158 1.38 19.92 0.44
C ILE A 158 0.55 20.30 1.66
N GLN A 159 0.11 21.54 1.71
CA GLN A 159 -0.69 22.04 2.82
C GLN A 159 -1.91 21.15 3.06
N ASN A 160 -2.65 20.86 1.99
CA ASN A 160 -3.85 20.03 2.07
C ASN A 160 -3.49 18.62 2.51
N ILE A 161 -2.44 18.08 1.91
CA ILE A 161 -1.98 16.74 2.25
C ILE A 161 -1.58 16.67 3.72
N SER A 162 -0.95 17.72 4.20
CA SER A 162 -0.52 17.79 5.60
C SER A 162 -1.74 17.79 6.53
N ILE A 163 -2.85 18.37 6.06
CA ILE A 163 -4.07 18.44 6.86
C ILE A 163 -4.70 17.05 7.02
N VAL A 164 -4.59 16.26 5.97
CA VAL A 164 -5.24 14.96 5.94
C VAL A 164 -4.30 13.87 6.48
N LEU A 165 -3.02 14.02 6.22
CA LEU A 165 -2.04 13.04 6.67
C LEU A 165 -1.76 13.19 8.16
N SER A 166 -2.07 14.36 8.72
CA SER A 166 -1.88 14.62 10.14
C SER A 166 -2.63 13.59 11.00
N PRO A 167 -3.98 13.50 10.89
CA PRO A 167 -4.75 12.51 11.66
C PRO A 167 -4.42 11.10 11.24
N THR A 168 -3.86 10.96 10.04
CA THR A 168 -3.55 9.66 9.48
C THR A 168 -2.55 8.89 10.34
N VAL A 169 -1.40 9.47 10.64
CA VAL A 169 -0.43 8.80 11.49
C VAL A 169 -0.43 9.39 12.91
N GLN A 170 -1.24 10.44 13.11
CA GLN A 170 -1.45 11.06 14.42
C GLN A 170 -0.29 11.97 14.81
N ILE A 171 0.19 12.74 13.84
CA ILE A 171 1.25 13.71 14.10
C ILE A 171 0.83 15.08 13.60
N SER A 172 1.20 16.12 14.35
CA SER A 172 0.85 17.51 14.05
C SER A 172 1.05 17.87 12.57
N ASN A 173 0.13 18.70 12.07
CA ASN A 173 0.04 19.10 10.66
C ASN A 173 1.38 19.51 10.07
N ARG A 174 2.11 20.35 10.81
CA ARG A 174 3.35 20.95 10.31
C ARG A 174 4.38 19.89 9.94
N VAL A 175 4.36 18.76 10.65
CA VAL A 175 5.38 17.74 10.50
C VAL A 175 5.28 17.01 9.15
N LEU A 176 4.07 16.88 8.61
CA LEU A 176 3.88 16.13 7.37
C LEU A 176 4.51 16.85 6.17
N TYR A 177 4.20 18.13 6.01
CA TYR A 177 4.90 18.97 5.05
C TYR A 177 6.42 18.75 5.09
N VAL A 178 7.02 18.95 6.26
CA VAL A 178 8.46 18.76 6.39
C VAL A 178 8.84 17.31 6.18
N PHE A 179 7.90 16.40 6.47
CA PHE A 179 8.12 14.96 6.29
C PHE A 179 8.57 14.66 4.87
N PHE A 180 7.82 15.13 3.88
CA PHE A 180 8.14 14.83 2.49
C PHE A 180 9.44 15.53 2.09
N THR A 181 9.44 16.85 2.22
CA THR A 181 10.66 17.62 2.07
C THR A 181 11.90 16.85 2.61
N HIS A 182 11.78 16.36 3.83
CA HIS A 182 12.90 15.69 4.49
C HIS A 182 13.04 14.25 3.99
N VAL A 183 11.94 13.62 3.65
CA VAL A 183 11.97 12.23 3.17
C VAL A 183 12.76 12.11 1.87
N GLN A 184 12.77 13.18 1.08
CA GLN A 184 13.56 13.18 -0.13
C GLN A 184 15.04 13.35 0.18
N GLU A 185 15.39 14.24 1.12
CA GLU A 185 16.79 14.37 1.50
C GLU A 185 17.26 13.19 2.35
N LEU A 186 16.33 12.55 3.05
CA LEU A 186 16.63 11.41 3.92
C LEU A 186 16.62 10.07 3.19
N PHE A 187 16.21 10.06 1.92
CA PHE A 187 16.01 8.79 1.22
C PHE A 187 16.30 8.94 -0.28
N GLY A 188 15.26 9.21 -1.07
CA GLY A 188 15.42 9.44 -2.49
C GLY A 188 15.56 8.15 -3.31
N ASN A 189 16.21 7.14 -2.74
CA ASN A 189 16.40 5.86 -3.44
C ASN A 189 15.20 4.94 -3.19
N VAL A 190 14.43 5.27 -2.17
CA VAL A 190 13.22 4.53 -1.84
C VAL A 190 12.29 4.48 -3.05
N VAL A 191 11.98 3.27 -3.46
CA VAL A 191 11.22 3.05 -4.68
C VAL A 191 9.89 2.39 -4.37
N LEU A 192 8.85 2.84 -5.05
CA LEU A 192 7.51 2.33 -4.83
C LEU A 192 7.22 1.19 -5.78
N LYS A 193 7.49 -0.03 -5.34
CA LYS A 193 7.24 -1.21 -6.14
C LYS A 193 5.73 -1.52 -6.21
N GLN A 194 5.19 -1.41 -7.42
CA GLN A 194 3.76 -1.62 -7.66
C GLN A 194 3.40 -3.11 -7.68
N VAL A 195 2.11 -3.40 -7.59
CA VAL A 195 1.63 -4.77 -7.43
C VAL A 195 0.67 -5.14 -8.56
N MET A 196 0.54 -6.44 -8.84
CA MET A 196 -0.44 -6.93 -9.81
C MET A 196 -1.84 -6.83 -9.20
N LYS A 197 -2.85 -6.73 -10.04
CA LYS A 197 -4.20 -6.59 -9.56
C LYS A 197 -5.12 -7.67 -10.10
N PRO A 198 -5.65 -8.52 -9.21
CA PRO A 198 -6.67 -9.50 -9.57
C PRO A 198 -7.91 -8.81 -10.14
N LEU A 199 -8.70 -9.55 -10.90
CA LEU A 199 -9.79 -8.94 -11.65
C LEU A 199 -11.13 -9.52 -11.24
N ARG A 200 -12.15 -8.66 -11.15
CA ARG A 200 -13.51 -9.10 -10.88
C ARG A 200 -14.08 -9.76 -12.12
N TRP A 201 -13.91 -11.07 -12.21
CA TRP A 201 -14.29 -11.83 -13.40
C TRP A 201 -14.92 -13.15 -12.96
N SER A 202 -15.12 -13.30 -11.65
CA SER A 202 -15.55 -14.55 -11.06
C SER A 202 -14.50 -15.62 -11.34
N ASN A 203 -13.29 -15.13 -11.58
CA ASN A 203 -12.13 -15.94 -11.98
C ASN A 203 -12.27 -16.48 -13.39
N MET A 204 -13.49 -16.49 -13.92
CA MET A 204 -13.76 -16.79 -15.32
C MET A 204 -15.27 -16.72 -15.58
N ALA A 205 -15.67 -15.86 -16.50
CA ALA A 205 -17.05 -15.80 -16.94
C ALA A 205 -17.16 -16.45 -18.32
N THR A 206 -16.57 -15.80 -19.31
CA THR A 206 -16.49 -16.36 -20.64
C THR A 206 -15.07 -16.23 -21.18
N MET A 207 -14.65 -15.00 -21.48
CA MET A 207 -13.32 -14.74 -22.02
C MET A 207 -13.05 -13.24 -22.15
N PRO A 208 -13.90 -12.48 -22.89
CA PRO A 208 -13.67 -11.04 -23.12
C PRO A 208 -13.66 -10.21 -21.84
N THR A 209 -12.48 -9.71 -21.48
CA THR A 209 -12.30 -8.84 -20.32
C THR A 209 -10.81 -8.60 -20.11
N LEU A 210 -10.02 -9.61 -20.43
CA LEU A 210 -8.57 -9.52 -20.35
C LEU A 210 -8.07 -8.51 -21.36
N PRO A 211 -7.13 -7.64 -20.97
CA PRO A 211 -6.54 -6.64 -21.87
C PRO A 211 -5.94 -7.31 -23.10
N GLU A 212 -6.17 -6.72 -24.25
CA GLU A 212 -5.64 -7.25 -25.49
C GLU A 212 -4.50 -6.39 -25.98
N THR A 213 -4.08 -5.48 -25.13
CA THR A 213 -2.94 -4.63 -25.42
C THR A 213 -1.65 -5.35 -25.03
N GLN A 214 -0.66 -5.24 -25.89
CA GLN A 214 0.60 -5.94 -25.70
C GLN A 214 1.34 -5.41 -24.47
N ALA A 215 1.23 -4.11 -24.25
CA ALA A 215 1.81 -3.48 -23.09
C ALA A 215 1.13 -3.95 -21.81
N GLY A 216 -0.20 -3.97 -21.85
CA GLY A 216 -0.98 -4.37 -20.70
C GLY A 216 -0.73 -5.80 -20.28
N ILE A 217 -0.66 -6.71 -21.25
CA ILE A 217 -0.45 -8.12 -20.96
C ILE A 217 0.95 -8.35 -20.43
N LYS A 218 1.93 -7.73 -21.08
CA LYS A 218 3.33 -7.87 -20.72
C LYS A 218 3.54 -7.48 -19.25
N GLU A 219 2.99 -6.33 -18.87
CA GLU A 219 3.12 -5.80 -17.52
C GLU A 219 2.54 -6.76 -16.48
N GLU A 220 1.29 -7.18 -16.71
CA GLU A 220 0.57 -7.99 -15.72
C GLU A 220 1.22 -9.34 -15.55
N ILE A 221 1.59 -9.98 -16.65
CA ILE A 221 2.22 -11.29 -16.59
C ILE A 221 3.52 -11.23 -15.79
N ARG A 222 4.30 -10.18 -16.01
CA ARG A 222 5.55 -9.98 -15.27
C ARG A 222 5.29 -10.06 -13.77
N ARG A 223 4.31 -9.29 -13.33
CA ARG A 223 3.97 -9.20 -11.91
C ARG A 223 3.48 -10.55 -11.40
N GLN A 224 2.57 -11.15 -12.15
CA GLN A 224 1.94 -12.39 -11.76
C GLN A 224 2.93 -13.54 -11.66
N GLU A 225 3.91 -13.58 -12.56
CA GLU A 225 4.88 -14.68 -12.56
C GLU A 225 5.90 -14.51 -11.43
N PHE A 226 6.10 -13.29 -10.95
CA PHE A 226 6.93 -13.08 -9.76
C PHE A 226 6.22 -13.62 -8.52
N LEU A 227 4.91 -13.42 -8.48
CA LEU A 227 4.10 -13.97 -7.41
C LEU A 227 3.97 -15.48 -7.60
N LEU A 228 4.05 -15.89 -8.86
CA LEU A 228 3.89 -17.29 -9.21
C LEU A 228 5.06 -18.12 -8.71
N ASN A 229 6.27 -17.69 -9.05
CA ASN A 229 7.47 -18.47 -8.75
C ASN A 229 7.77 -18.48 -7.25
N CYS A 230 7.53 -17.36 -6.57
CA CYS A 230 7.80 -17.30 -5.14
C CYS A 230 6.87 -18.26 -4.39
N LEU A 231 5.58 -18.16 -4.68
CA LEU A 231 4.61 -19.06 -4.07
C LEU A 231 4.92 -20.51 -4.41
N HIS A 232 5.25 -20.76 -5.67
CA HIS A 232 5.70 -22.08 -6.11
C HIS A 232 6.87 -22.57 -5.28
N ARG A 233 7.85 -21.70 -5.07
CA ARG A 233 9.09 -22.07 -4.40
C ARG A 233 8.90 -22.29 -2.90
N ASP A 234 8.25 -21.34 -2.24
CA ASP A 234 8.06 -21.41 -0.79
C ASP A 234 7.26 -22.64 -0.38
N LEU A 235 6.43 -23.13 -1.29
CA LEU A 235 5.59 -24.30 -1.04
C LEU A 235 6.44 -25.50 -0.60
N GLN A 236 7.65 -25.61 -1.13
CA GLN A 236 8.55 -26.73 -0.82
C GLN A 236 9.14 -26.58 0.58
N GLY A 237 8.85 -25.47 1.25
CA GLY A 237 9.36 -25.25 2.59
C GLY A 237 8.65 -26.09 3.64
N GLY A 238 7.86 -27.05 3.19
CA GLY A 238 7.10 -27.87 4.12
C GLY A 238 5.65 -27.45 4.19
N ILE A 239 5.25 -26.62 3.23
CA ILE A 239 3.89 -26.10 3.19
C ILE A 239 2.97 -27.08 2.47
N LYS A 240 2.10 -27.73 3.24
CA LYS A 240 1.17 -28.68 2.66
C LYS A 240 -0.25 -28.18 2.84
N ASP A 241 -0.64 -27.25 1.98
CA ASP A 241 -1.99 -26.69 2.02
C ASP A 241 -2.66 -26.79 0.66
N LEU A 242 -3.85 -27.37 0.65
CA LEU A 242 -4.60 -27.50 -0.58
C LEU A 242 -5.04 -26.11 -1.04
N SER A 243 -5.23 -25.23 -0.06
CA SER A 243 -5.67 -23.86 -0.32
C SER A 243 -4.55 -23.01 -0.92
N LYS A 244 -3.30 -23.30 -0.54
CA LYS A 244 -2.16 -22.61 -1.16
C LYS A 244 -2.12 -22.97 -2.63
N GLU A 245 -2.37 -24.25 -2.89
CA GLU A 245 -2.42 -24.77 -4.24
C GLU A 245 -3.57 -24.14 -5.01
N GLU A 246 -4.75 -24.08 -4.40
CA GLU A 246 -5.92 -23.44 -5.03
C GLU A 246 -5.58 -22.06 -5.56
N ARG A 247 -4.95 -21.24 -4.72
CA ARG A 247 -4.55 -19.90 -5.11
C ARG A 247 -3.57 -19.95 -6.29
N LEU A 248 -2.76 -21.00 -6.34
CA LEU A 248 -1.82 -21.18 -7.43
C LEU A 248 -2.52 -21.43 -8.76
N TRP A 249 -3.49 -22.34 -8.79
CA TRP A 249 -4.19 -22.66 -10.04
C TRP A 249 -4.89 -21.43 -10.56
N GLU A 250 -5.27 -20.60 -9.63
CA GLU A 250 -5.97 -19.36 -9.94
C GLU A 250 -5.09 -18.43 -10.78
N VAL A 251 -3.89 -18.13 -10.27
CA VAL A 251 -2.97 -17.26 -11.00
C VAL A 251 -2.49 -17.92 -12.29
N GLN A 252 -2.25 -19.23 -12.21
CA GLN A 252 -1.81 -20.02 -13.36
C GLN A 252 -2.86 -20.02 -14.47
N ARG A 253 -4.14 -20.12 -14.10
CA ARG A 253 -5.23 -20.09 -15.06
C ARG A 253 -5.27 -18.75 -15.79
N ILE A 254 -5.04 -17.70 -15.04
CA ILE A 254 -5.10 -16.34 -15.58
C ILE A 254 -3.88 -16.07 -16.45
N LEU A 255 -2.72 -16.48 -15.94
CA LEU A 255 -1.48 -16.34 -16.68
C LEU A 255 -1.54 -17.07 -18.00
N THR A 256 -2.15 -18.24 -18.02
CA THR A 256 -2.25 -19.04 -19.21
C THR A 256 -3.02 -18.32 -20.32
N ALA A 257 -4.21 -17.81 -19.98
CA ALA A 257 -4.98 -17.00 -20.92
C ALA A 257 -4.15 -15.82 -21.41
N LEU A 258 -3.43 -15.18 -20.50
CA LEU A 258 -2.61 -14.02 -20.85
C LEU A 258 -1.44 -14.43 -21.75
N LYS A 259 -0.86 -15.60 -21.48
CA LYS A 259 0.25 -16.11 -22.30
C LYS A 259 -0.19 -16.31 -23.74
N ARG A 260 -1.41 -16.79 -23.93
CA ARG A 260 -1.96 -16.97 -25.26
C ARG A 260 -2.14 -15.63 -25.95
N LYS A 261 -2.87 -14.73 -25.29
CA LYS A 261 -3.12 -13.39 -25.80
C LYS A 261 -1.83 -12.58 -25.98
N LEU A 262 -0.79 -12.92 -25.22
CA LEU A 262 0.51 -12.25 -25.34
C LEU A 262 1.05 -12.46 -26.75
N ARG A 263 0.94 -13.69 -27.25
CA ARG A 263 1.40 -14.01 -28.59
C ARG A 263 0.28 -13.78 -29.60
N GLU A 264 -0.85 -13.31 -29.09
CA GLU A 264 -2.03 -13.07 -29.89
C GLU A 264 -2.07 -11.62 -30.35
N ALA A 265 -1.24 -10.79 -29.70
CA ALA A 265 -1.16 -9.38 -30.01
C ALA A 265 0.09 -9.08 -30.83
N HIS A 1 -14.18 -20.05 21.93
CA HIS A 1 -13.86 -19.99 20.49
C HIS A 1 -13.84 -18.55 20.01
N MET A 2 -13.21 -18.32 18.87
CA MET A 2 -13.09 -16.97 18.33
C MET A 2 -14.22 -16.69 17.35
N PRO A 3 -14.85 -15.52 17.46
CA PRO A 3 -15.93 -15.11 16.57
C PRO A 3 -15.43 -14.80 15.16
N ASN A 4 -14.12 -14.63 15.04
CA ASN A 4 -13.49 -14.36 13.78
C ASN A 4 -12.12 -15.00 13.74
N LEU A 5 -11.70 -15.37 12.54
CA LEU A 5 -10.43 -16.07 12.37
C LEU A 5 -9.43 -15.22 11.59
N LYS A 6 -8.37 -14.81 12.28
CA LYS A 6 -7.29 -14.02 11.69
C LYS A 6 -7.79 -12.66 11.19
N PRO A 7 -7.90 -11.68 12.08
CA PRO A 7 -8.29 -10.33 11.70
C PRO A 7 -7.19 -9.60 10.93
N ILE A 8 -7.45 -8.35 10.60
CA ILE A 8 -6.50 -7.54 9.83
C ILE A 8 -6.26 -6.22 10.55
N PHE A 9 -7.18 -5.89 11.47
CA PHE A 9 -7.07 -4.66 12.24
C PHE A 9 -6.84 -5.01 13.70
N GLY A 10 -6.62 -4.00 14.53
CA GLY A 10 -6.26 -4.23 15.92
C GLY A 10 -5.09 -5.17 16.10
N ILE A 11 -4.13 -5.10 15.19
CA ILE A 11 -2.96 -5.97 15.23
C ILE A 11 -1.71 -5.23 14.81
N PRO A 12 -0.53 -5.77 15.17
CA PRO A 12 0.76 -5.23 14.71
C PRO A 12 0.99 -5.48 13.22
N LEU A 13 1.85 -4.68 12.63
CA LEU A 13 2.17 -4.76 11.21
C LEU A 13 2.56 -6.17 10.78
N ALA A 14 3.52 -6.78 11.50
CA ALA A 14 4.00 -8.12 11.17
C ALA A 14 2.86 -9.12 10.99
N ASP A 15 1.95 -9.14 11.96
CA ASP A 15 0.76 -9.99 11.90
C ASP A 15 0.00 -9.76 10.60
N ALA A 16 -0.25 -8.51 10.28
CA ALA A 16 -0.95 -8.16 9.04
C ALA A 16 -0.14 -8.61 7.83
N VAL A 17 1.17 -8.41 7.88
CA VAL A 17 2.06 -8.77 6.77
C VAL A 17 2.01 -10.26 6.48
N GLU A 18 2.21 -11.08 7.50
CA GLU A 18 2.27 -12.52 7.33
C GLU A 18 0.93 -13.08 6.84
N ARG A 19 -0.15 -12.36 7.11
CA ARG A 19 -1.47 -12.77 6.62
C ARG A 19 -1.73 -12.25 5.21
N THR A 20 -1.34 -11.01 4.93
CA THR A 20 -1.57 -10.42 3.61
C THR A 20 -0.33 -10.48 2.72
N MET A 21 0.44 -11.55 2.82
CA MET A 21 1.60 -11.74 1.96
C MET A 21 1.17 -12.17 0.57
N MET A 22 1.43 -11.31 -0.41
CA MET A 22 0.98 -11.56 -1.77
C MET A 22 2.14 -11.72 -2.73
N TYR A 23 2.97 -10.69 -2.84
CA TYR A 23 4.01 -10.68 -3.83
C TYR A 23 5.32 -11.17 -3.25
N ASP A 24 6.05 -10.24 -2.66
CA ASP A 24 7.40 -10.52 -2.17
C ASP A 24 7.48 -10.64 -0.65
N GLY A 25 6.54 -10.03 0.05
CA GLY A 25 6.55 -10.09 1.50
C GLY A 25 7.74 -9.33 2.09
N ILE A 26 7.94 -8.11 1.60
CA ILE A 26 9.03 -7.24 2.06
C ILE A 26 8.75 -6.67 3.46
N ARG A 27 8.01 -7.41 4.27
CA ARG A 27 7.52 -6.95 5.57
C ARG A 27 6.75 -5.63 5.41
N LEU A 28 5.59 -5.73 4.76
CA LEU A 28 4.74 -4.60 4.50
C LEU A 28 3.36 -5.12 4.11
N PRO A 29 2.30 -4.73 4.82
CA PRO A 29 0.94 -5.22 4.57
C PRO A 29 0.50 -4.97 3.13
N ALA A 30 -0.29 -5.88 2.58
CA ALA A 30 -0.68 -5.80 1.18
C ALA A 30 -1.51 -4.55 0.93
N VAL A 31 -2.48 -4.33 1.82
CA VAL A 31 -3.38 -3.18 1.74
C VAL A 31 -2.62 -1.85 1.55
N PHE A 32 -1.45 -1.72 2.17
CA PHE A 32 -0.64 -0.52 2.00
C PHE A 32 -0.17 -0.42 0.55
N ARG A 33 0.26 -1.55 -0.01
CA ARG A 33 0.72 -1.56 -1.38
C ARG A 33 -0.46 -1.42 -2.33
N GLU A 34 -1.56 -2.09 -2.02
CA GLU A 34 -2.77 -2.02 -2.83
C GLU A 34 -3.28 -0.59 -3.01
N CYS A 35 -3.14 0.22 -1.96
CA CYS A 35 -3.56 1.61 -2.05
C CYS A 35 -2.50 2.44 -2.76
N ILE A 36 -1.24 2.19 -2.41
CA ILE A 36 -0.13 2.91 -3.03
C ILE A 36 -0.04 2.59 -4.52
N ASP A 37 -0.38 1.35 -4.87
CA ASP A 37 -0.31 0.87 -6.24
C ASP A 37 -1.40 1.50 -7.08
N TYR A 38 -2.63 1.47 -6.58
CA TYR A 38 -3.76 2.02 -7.29
C TYR A 38 -3.56 3.51 -7.57
N VAL A 39 -3.09 4.23 -6.56
CA VAL A 39 -2.80 5.65 -6.71
C VAL A 39 -1.66 5.87 -7.69
N GLU A 40 -0.70 4.97 -7.68
CA GLU A 40 0.44 5.06 -8.58
C GLU A 40 0.00 4.87 -10.03
N LYS A 41 -0.83 3.87 -10.27
CA LYS A 41 -1.27 3.56 -11.62
C LYS A 41 -2.32 4.53 -12.14
N TYR A 42 -3.28 4.91 -11.29
CA TYR A 42 -4.41 5.70 -11.77
C TYR A 42 -4.56 7.02 -11.01
N GLY A 43 -4.25 7.01 -9.71
CA GLY A 43 -4.61 8.14 -8.87
C GLY A 43 -3.50 9.16 -8.77
N MET A 44 -2.74 9.28 -9.85
CA MET A 44 -1.66 10.24 -9.92
C MET A 44 -2.17 11.52 -10.56
N LYS A 45 -3.14 11.37 -11.44
CA LYS A 45 -3.74 12.50 -12.13
C LYS A 45 -5.13 12.80 -11.56
N CYS A 46 -5.48 12.11 -10.47
CA CYS A 46 -6.79 12.25 -9.85
C CYS A 46 -6.92 13.56 -9.10
N GLU A 47 -7.88 14.37 -9.50
CA GLU A 47 -8.22 15.58 -8.76
C GLU A 47 -8.84 15.16 -7.44
N GLY A 48 -8.77 16.05 -6.43
CA GLY A 48 -9.19 15.69 -5.08
C GLY A 48 -8.37 14.59 -4.43
N ILE A 49 -7.25 14.24 -5.04
CA ILE A 49 -6.42 13.13 -4.56
C ILE A 49 -5.98 13.34 -3.11
N TYR A 50 -6.44 12.45 -2.23
CA TYR A 50 -6.11 12.50 -0.80
C TYR A 50 -6.73 13.73 -0.15
N ARG A 51 -7.69 14.34 -0.83
CA ARG A 51 -8.36 15.53 -0.31
C ARG A 51 -9.84 15.24 -0.10
N VAL A 52 -10.45 14.60 -1.10
CA VAL A 52 -11.81 14.13 -0.98
C VAL A 52 -11.88 12.92 -0.06
N SER A 53 -12.93 12.85 0.73
CA SER A 53 -13.06 11.80 1.71
C SER A 53 -13.67 10.56 1.08
N GLY A 54 -13.13 9.39 1.42
CA GLY A 54 -13.61 8.15 0.87
C GLY A 54 -15.01 7.80 1.32
N ILE A 55 -15.76 7.15 0.44
CA ILE A 55 -17.12 6.73 0.77
C ILE A 55 -17.11 5.76 1.95
N LYS A 56 -17.69 6.19 3.06
CA LYS A 56 -17.71 5.41 4.29
C LYS A 56 -18.30 4.02 4.07
N SER A 57 -19.32 3.95 3.22
CA SER A 57 -19.99 2.70 2.91
C SER A 57 -19.03 1.68 2.29
N LYS A 58 -18.06 2.14 1.51
CA LYS A 58 -17.16 1.23 0.81
C LYS A 58 -16.06 0.77 1.74
N VAL A 59 -15.70 1.65 2.67
CA VAL A 59 -14.61 1.40 3.60
C VAL A 59 -14.92 0.20 4.48
N ASP A 60 -16.13 0.14 4.99
CA ASP A 60 -16.55 -0.97 5.84
C ASP A 60 -16.55 -2.27 5.04
N GLU A 61 -16.80 -2.16 3.75
CA GLU A 61 -16.83 -3.32 2.85
C GLU A 61 -15.41 -3.83 2.63
N LEU A 62 -14.51 -2.91 2.30
CA LEU A 62 -13.10 -3.23 2.07
C LEU A 62 -12.46 -3.82 3.32
N LYS A 63 -12.70 -3.18 4.47
CA LYS A 63 -12.19 -3.67 5.74
C LYS A 63 -12.68 -5.09 5.96
N ALA A 64 -13.93 -5.31 5.61
CA ALA A 64 -14.54 -6.63 5.77
C ALA A 64 -13.90 -7.63 4.81
N ALA A 65 -13.50 -7.15 3.64
CA ALA A 65 -12.88 -8.02 2.64
C ALA A 65 -11.50 -8.49 3.06
N TYR A 66 -10.64 -7.56 3.46
CA TYR A 66 -9.28 -7.92 3.89
C TYR A 66 -9.33 -8.89 5.06
N ASP A 67 -10.21 -8.57 6.00
CA ASP A 67 -10.29 -9.28 7.27
C ASP A 67 -10.75 -10.73 7.11
N ARG A 68 -11.42 -11.05 6.00
CA ARG A 68 -11.93 -12.40 5.81
C ARG A 68 -11.26 -13.12 4.64
N GLU A 69 -10.11 -12.61 4.20
CA GLU A 69 -9.38 -13.19 3.08
C GLU A 69 -10.23 -13.14 1.81
N GLU A 70 -10.77 -11.97 1.56
CA GLU A 70 -11.64 -11.75 0.41
C GLU A 70 -10.90 -10.88 -0.60
N SER A 71 -11.05 -11.19 -1.87
CA SER A 71 -10.31 -10.49 -2.92
C SER A 71 -10.74 -9.02 -3.01
N THR A 72 -9.75 -8.14 -2.96
CA THR A 72 -9.99 -6.70 -3.02
C THR A 72 -9.68 -6.17 -4.40
N ASN A 73 -10.72 -5.80 -5.12
CA ASN A 73 -10.58 -5.23 -6.44
C ASN A 73 -10.59 -3.70 -6.33
N LEU A 74 -9.39 -3.12 -6.24
CA LEU A 74 -9.25 -1.68 -6.04
C LEU A 74 -9.54 -0.90 -7.31
N GLU A 75 -9.58 -1.61 -8.42
CA GLU A 75 -9.74 -0.99 -9.73
C GLU A 75 -11.12 -0.35 -9.89
N ASP A 76 -12.08 -0.84 -9.10
CA ASP A 76 -13.45 -0.33 -9.16
C ASP A 76 -13.63 0.89 -8.26
N TYR A 77 -13.06 0.81 -7.06
CA TYR A 77 -13.21 1.88 -6.07
C TYR A 77 -12.37 3.10 -6.46
N GLU A 78 -12.69 4.25 -5.88
CA GLU A 78 -11.97 5.48 -6.20
C GLU A 78 -10.70 5.60 -5.36
N PRO A 79 -9.76 6.46 -5.78
CA PRO A 79 -8.53 6.74 -5.03
C PRO A 79 -8.83 7.19 -3.60
N ASN A 80 -9.80 8.08 -3.45
CA ASN A 80 -10.23 8.52 -2.12
C ASN A 80 -10.65 7.34 -1.26
N THR A 81 -11.26 6.34 -1.88
CA THR A 81 -11.77 5.18 -1.16
C THR A 81 -10.62 4.35 -0.59
N VAL A 82 -9.68 3.98 -1.45
CA VAL A 82 -8.52 3.19 -1.02
C VAL A 82 -7.66 3.98 -0.02
N ALA A 83 -7.55 5.29 -0.25
CA ALA A 83 -6.78 6.19 0.62
C ALA A 83 -7.38 6.24 2.02
N SER A 84 -8.69 6.11 2.10
CA SER A 84 -9.40 6.28 3.35
C SER A 84 -9.45 4.94 4.04
N LEU A 85 -9.46 3.90 3.23
CA LEU A 85 -9.31 2.55 3.74
C LEU A 85 -7.92 2.42 4.36
N LEU A 86 -6.93 3.00 3.69
CA LEU A 86 -5.55 2.93 4.16
C LEU A 86 -5.36 3.71 5.45
N LYS A 87 -5.76 4.98 5.45
CA LYS A 87 -5.60 5.84 6.63
C LYS A 87 -6.39 5.29 7.80
N GLN A 88 -7.51 4.65 7.51
CA GLN A 88 -8.34 4.05 8.53
C GLN A 88 -7.70 2.74 9.02
N TYR A 89 -7.39 1.84 8.09
CA TYR A 89 -6.63 0.63 8.43
C TYR A 89 -5.41 0.94 9.28
N LEU A 90 -4.67 1.98 8.91
CA LEU A 90 -3.49 2.37 9.65
C LEU A 90 -3.86 2.78 11.08
N ARG A 91 -4.95 3.52 11.21
CA ARG A 91 -5.43 3.94 12.52
C ARG A 91 -5.90 2.77 13.38
N ASP A 92 -6.64 1.83 12.79
CA ASP A 92 -7.06 0.59 13.48
C ASP A 92 -5.89 -0.18 14.10
N LEU A 93 -4.68 0.14 13.69
CA LEU A 93 -3.52 -0.56 14.22
C LEU A 93 -3.07 0.11 15.52
N PRO A 94 -2.93 -0.69 16.60
CA PRO A 94 -2.66 -0.17 17.94
C PRO A 94 -1.26 0.41 18.11
N GLU A 95 -0.38 0.11 17.16
CA GLU A 95 0.97 0.61 17.20
C GLU A 95 1.23 1.48 15.98
N ASN A 96 1.56 2.74 16.22
CA ASN A 96 1.83 3.69 15.14
C ASN A 96 3.19 3.40 14.52
N LEU A 97 3.54 4.15 13.49
CA LEU A 97 4.80 3.94 12.80
C LEU A 97 5.94 4.51 13.63
N LEU A 98 5.69 5.67 14.24
CA LEU A 98 6.67 6.30 15.09
C LEU A 98 6.45 5.85 16.53
N THR A 99 5.43 5.01 16.69
CA THR A 99 4.96 4.54 18.00
C THR A 99 4.76 5.70 18.99
N LYS A 100 4.41 5.38 20.22
CA LYS A 100 4.27 6.38 21.27
C LYS A 100 5.65 6.95 21.61
N GLU A 101 6.64 6.11 21.36
CA GLU A 101 8.03 6.42 21.68
C GLU A 101 8.53 7.65 20.94
N LEU A 102 8.61 7.57 19.61
CA LEU A 102 9.26 8.61 18.82
C LEU A 102 8.30 9.73 18.41
N MET A 103 7.01 9.40 18.34
CA MET A 103 5.99 10.35 17.85
C MET A 103 6.11 11.75 18.48
N PRO A 104 6.05 11.88 19.82
CA PRO A 104 6.07 13.20 20.49
C PRO A 104 7.42 13.90 20.38
N ARG A 105 8.40 13.22 19.81
CA ARG A 105 9.74 13.78 19.66
C ARG A 105 9.89 14.46 18.31
N PHE A 106 8.92 14.24 17.42
CA PHE A 106 8.91 14.89 16.12
C PHE A 106 8.67 16.37 16.26
N GLU A 107 7.86 16.76 17.25
CA GLU A 107 7.63 18.16 17.55
C GLU A 107 8.96 18.87 17.80
N GLU A 108 9.88 18.16 18.48
CA GLU A 108 11.22 18.68 18.72
C GLU A 108 11.94 18.91 17.40
N ALA A 109 11.90 17.89 16.56
CA ALA A 109 12.52 17.94 15.24
C ALA A 109 11.91 19.04 14.37
N CYS A 110 10.66 19.37 14.61
CA CYS A 110 9.99 20.37 13.79
C CYS A 110 10.35 21.77 14.27
N GLY A 111 10.56 21.88 15.58
CA GLY A 111 10.88 23.15 16.19
C GLY A 111 12.38 23.41 16.26
N ARG A 112 13.16 22.63 15.51
CA ARG A 112 14.59 22.86 15.45
C ARG A 112 14.88 24.22 14.82
N THR A 113 15.92 24.86 15.31
CA THR A 113 16.31 26.18 14.81
C THR A 113 16.94 26.07 13.41
N THR A 114 17.30 24.85 13.01
CA THR A 114 17.85 24.63 11.68
C THR A 114 17.20 23.42 11.02
N GLU A 115 16.98 23.49 9.71
CA GLU A 115 16.38 22.38 8.97
C GLU A 115 17.29 21.17 8.96
N THR A 116 18.58 21.42 9.01
CA THR A 116 19.55 20.34 9.08
C THR A 116 19.26 19.51 10.32
N GLU A 117 19.07 20.20 11.45
CA GLU A 117 18.77 19.56 12.72
C GLU A 117 17.53 18.69 12.59
N LYS A 118 16.56 19.19 11.83
CA LYS A 118 15.31 18.48 11.65
C LYS A 118 15.55 17.18 10.89
N VAL A 119 16.09 17.30 9.68
CA VAL A 119 16.41 16.13 8.86
C VAL A 119 17.26 15.11 9.63
N GLN A 120 18.25 15.58 10.38
CA GLN A 120 19.08 14.70 11.20
C GLN A 120 18.27 14.04 12.31
N GLU A 121 17.36 14.81 12.91
CA GLU A 121 16.52 14.32 13.99
C GLU A 121 15.61 13.21 13.48
N PHE A 122 14.88 13.48 12.40
CA PHE A 122 13.99 12.49 11.78
C PHE A 122 14.70 11.17 11.57
N GLN A 123 15.90 11.25 11.00
CA GLN A 123 16.75 10.08 10.82
C GLN A 123 16.85 9.27 12.12
N ARG A 124 17.15 9.95 13.23
CA ARG A 124 17.29 9.29 14.53
C ARG A 124 16.00 8.56 14.93
N LEU A 125 14.87 9.27 14.89
CA LEU A 125 13.58 8.67 15.25
C LEU A 125 13.33 7.42 14.42
N LEU A 126 13.51 7.54 13.10
CA LEU A 126 13.30 6.43 12.18
C LEU A 126 14.19 5.21 12.47
N LYS A 127 15.35 5.43 13.07
CA LYS A 127 16.22 4.31 13.43
C LYS A 127 15.59 3.51 14.56
N GLU A 128 15.00 4.24 15.49
CA GLU A 128 14.35 3.64 16.66
C GLU A 128 13.06 2.90 16.30
N LEU A 129 12.85 2.63 15.02
CA LEU A 129 11.63 1.97 14.57
C LEU A 129 11.88 0.50 14.23
N PRO A 130 10.89 -0.38 14.46
CA PRO A 130 10.94 -1.76 13.98
C PRO A 130 10.94 -1.82 12.44
N GLU A 131 11.36 -2.96 11.89
CA GLU A 131 11.56 -3.10 10.45
C GLU A 131 10.33 -2.67 9.64
N CYS A 132 9.17 -3.24 9.95
CA CYS A 132 7.94 -2.95 9.21
C CYS A 132 7.59 -1.47 9.26
N ASN A 133 7.83 -0.84 10.40
CA ASN A 133 7.52 0.58 10.57
C ASN A 133 8.45 1.42 9.71
N TYR A 134 9.71 1.02 9.65
CA TYR A 134 10.71 1.73 8.88
C TYR A 134 10.32 1.76 7.41
N LEU A 135 9.86 0.64 6.90
CA LEU A 135 9.46 0.58 5.50
C LEU A 135 8.16 1.34 5.27
N LEU A 136 7.24 1.21 6.22
CA LEU A 136 5.94 1.87 6.14
C LEU A 136 6.13 3.39 6.08
N ILE A 137 6.94 3.92 7.01
CA ILE A 137 7.18 5.35 7.07
C ILE A 137 7.87 5.84 5.78
N SER A 138 8.75 5.02 5.25
CA SER A 138 9.46 5.34 4.02
C SER A 138 8.47 5.53 2.87
N TRP A 139 7.63 4.53 2.67
CA TRP A 139 6.74 4.53 1.51
C TRP A 139 5.62 5.52 1.65
N LEU A 140 5.02 5.57 2.84
CA LEU A 140 3.88 6.45 3.06
C LEU A 140 4.26 7.89 2.72
N ILE A 141 5.42 8.30 3.21
CA ILE A 141 5.86 9.67 3.03
C ILE A 141 6.36 9.92 1.60
N VAL A 142 7.22 9.03 1.08
CA VAL A 142 7.76 9.19 -0.27
C VAL A 142 6.66 9.10 -1.33
N HIS A 143 5.71 8.20 -1.13
CA HIS A 143 4.57 8.08 -2.04
C HIS A 143 3.76 9.35 -2.03
N MET A 144 3.57 9.93 -0.85
CA MET A 144 2.76 11.14 -0.71
C MET A 144 3.51 12.35 -1.26
N ASP A 145 4.85 12.27 -1.26
CA ASP A 145 5.70 13.31 -1.81
C ASP A 145 5.53 13.38 -3.32
N HIS A 146 5.58 12.21 -3.94
CA HIS A 146 5.37 12.11 -5.37
C HIS A 146 3.96 12.54 -5.73
N VAL A 147 3.05 12.40 -4.76
CA VAL A 147 1.69 12.92 -4.92
C VAL A 147 1.74 14.45 -4.95
N ILE A 148 2.71 15.06 -4.29
CA ILE A 148 2.85 16.52 -4.32
C ILE A 148 3.20 17.03 -5.71
N ALA A 149 4.04 16.29 -6.43
CA ALA A 149 4.28 16.62 -7.84
C ALA A 149 2.96 16.48 -8.61
N LYS A 150 2.19 15.49 -8.21
CA LYS A 150 0.88 15.28 -8.76
C LYS A 150 -0.03 16.43 -8.37
N GLU A 151 0.15 16.94 -7.14
CA GLU A 151 -0.55 18.14 -6.66
C GLU A 151 -0.31 19.30 -7.61
N LEU A 152 0.85 19.30 -8.26
CA LEU A 152 1.17 20.36 -9.19
C LEU A 152 0.27 20.27 -10.41
N GLU A 153 -0.08 19.05 -10.82
CA GLU A 153 -1.06 18.90 -11.90
C GLU A 153 -2.51 18.81 -11.36
N THR A 154 -2.73 18.05 -10.29
CA THR A 154 -4.05 17.90 -9.67
C THR A 154 -4.55 19.18 -8.98
N LYS A 155 -3.81 20.28 -9.17
CA LYS A 155 -4.25 21.61 -8.73
C LYS A 155 -4.38 21.69 -7.21
N MET A 156 -3.38 21.22 -6.50
CA MET A 156 -3.40 21.23 -5.04
C MET A 156 -1.99 21.44 -4.50
N ASN A 157 -1.83 21.36 -3.20
CA ASN A 157 -0.54 21.64 -2.59
C ASN A 157 -0.34 20.82 -1.32
N ILE A 158 0.90 20.73 -0.87
CA ILE A 158 1.24 19.99 0.35
C ILE A 158 0.36 20.39 1.53
N GLN A 159 -0.05 21.65 1.57
CA GLN A 159 -0.87 22.16 2.67
C GLN A 159 -2.12 21.31 2.85
N ASN A 160 -2.81 21.00 1.75
CA ASN A 160 -4.03 20.20 1.81
C ASN A 160 -3.70 18.81 2.29
N ILE A 161 -2.65 18.24 1.69
CA ILE A 161 -2.19 16.91 2.03
C ILE A 161 -1.82 16.84 3.53
N SER A 162 -1.23 17.91 4.04
CA SER A 162 -0.79 17.97 5.42
C SER A 162 -1.99 17.96 6.37
N ILE A 163 -3.09 18.57 5.95
CA ILE A 163 -4.28 18.67 6.78
C ILE A 163 -4.95 17.31 6.92
N VAL A 164 -4.93 16.55 5.85
CA VAL A 164 -5.57 15.25 5.83
C VAL A 164 -4.64 14.18 6.41
N LEU A 165 -3.34 14.30 6.15
CA LEU A 165 -2.39 13.31 6.59
C LEU A 165 -2.04 13.46 8.07
N SER A 166 -2.24 14.65 8.61
CA SER A 166 -1.97 14.91 10.02
C SER A 166 -2.71 13.92 10.94
N PRO A 167 -4.07 13.88 10.90
CA PRO A 167 -4.86 12.93 11.70
C PRO A 167 -4.63 11.48 11.27
N THR A 168 -4.04 11.30 10.09
CA THR A 168 -3.80 9.97 9.55
C THR A 168 -2.76 9.22 10.38
N VAL A 169 -1.59 9.84 10.62
CA VAL A 169 -0.58 9.20 11.46
C VAL A 169 -0.60 9.76 12.88
N GLN A 170 -1.41 10.81 13.08
CA GLN A 170 -1.61 11.44 14.39
C GLN A 170 -0.44 12.36 14.76
N ILE A 171 0.09 13.05 13.76
CA ILE A 171 1.20 13.99 13.98
C ILE A 171 0.80 15.38 13.49
N SER A 172 1.20 16.40 14.25
CA SER A 172 0.86 17.80 13.96
C SER A 172 1.04 18.17 12.47
N ASN A 173 0.06 18.93 11.97
CA ASN A 173 -0.04 19.34 10.56
C ASN A 173 1.30 19.79 9.96
N ARG A 174 1.96 20.71 10.66
CA ARG A 174 3.17 21.36 10.14
C ARG A 174 4.28 20.37 9.81
N VAL A 175 4.30 19.26 10.55
CA VAL A 175 5.37 18.27 10.42
C VAL A 175 5.32 17.55 9.07
N LEU A 176 4.12 17.30 8.56
CA LEU A 176 3.95 16.52 7.32
C LEU A 176 4.62 17.19 6.12
N TYR A 177 4.29 18.47 5.91
CA TYR A 177 5.00 19.27 4.90
C TYR A 177 6.52 19.05 4.97
N VAL A 178 7.11 19.21 6.15
CA VAL A 178 8.55 19.02 6.29
C VAL A 178 8.91 17.54 6.15
N PHE A 179 7.98 16.66 6.48
CA PHE A 179 8.18 15.23 6.34
C PHE A 179 8.63 14.89 4.93
N PHE A 180 7.87 15.32 3.92
CA PHE A 180 8.19 14.94 2.54
C PHE A 180 9.44 15.66 2.05
N THR A 181 9.38 17.00 2.05
CA THR A 181 10.55 17.82 1.72
C THR A 181 11.87 17.20 2.23
N HIS A 182 11.89 16.84 3.49
CA HIS A 182 13.11 16.36 4.11
C HIS A 182 13.24 14.84 4.01
N VAL A 183 12.11 14.15 3.79
CA VAL A 183 12.16 12.71 3.53
C VAL A 183 12.94 12.42 2.24
N GLN A 184 12.86 13.32 1.27
CA GLN A 184 13.67 13.20 0.07
C GLN A 184 15.10 13.59 0.37
N GLU A 185 15.29 14.53 1.29
CA GLU A 185 16.63 14.79 1.82
C GLU A 185 17.20 13.53 2.50
N LEU A 186 16.30 12.66 2.99
CA LEU A 186 16.71 11.52 3.79
C LEU A 186 16.87 10.23 2.98
N PHE A 187 15.89 9.86 2.15
CA PHE A 187 15.94 8.58 1.46
C PHE A 187 16.30 8.73 -0.02
N GLY A 188 15.29 8.92 -0.86
CA GLY A 188 15.50 9.05 -2.29
C GLY A 188 15.64 7.70 -2.97
N ASN A 189 16.24 6.74 -2.28
CA ASN A 189 16.36 5.37 -2.81
C ASN A 189 15.07 4.60 -2.60
N VAL A 190 14.21 5.15 -1.74
CA VAL A 190 12.91 4.58 -1.48
C VAL A 190 12.03 4.69 -2.73
N VAL A 191 11.53 3.55 -3.18
CA VAL A 191 10.80 3.48 -4.42
C VAL A 191 9.47 2.77 -4.22
N LEU A 192 8.44 3.29 -4.86
CA LEU A 192 7.10 2.71 -4.75
C LEU A 192 6.93 1.58 -5.77
N LYS A 193 7.10 0.34 -5.30
CA LYS A 193 6.96 -0.81 -6.19
C LYS A 193 5.52 -1.31 -6.25
N GLN A 194 4.94 -1.25 -7.45
CA GLN A 194 3.54 -1.59 -7.68
C GLN A 194 3.30 -3.11 -7.66
N VAL A 195 2.03 -3.47 -7.53
CA VAL A 195 1.62 -4.88 -7.46
C VAL A 195 0.57 -5.17 -8.54
N MET A 196 0.46 -6.44 -8.95
CA MET A 196 -0.53 -6.82 -9.96
C MET A 196 -1.94 -6.55 -9.46
N LYS A 197 -2.85 -6.27 -10.37
CA LYS A 197 -4.18 -5.82 -10.00
C LYS A 197 -5.23 -6.93 -10.07
N PRO A 198 -5.84 -7.28 -8.94
CA PRO A 198 -6.93 -8.25 -8.89
C PRO A 198 -8.17 -7.75 -9.63
N LEU A 199 -8.89 -8.67 -10.27
CA LEU A 199 -10.02 -8.28 -11.12
C LEU A 199 -11.24 -9.14 -10.79
N ARG A 200 -12.42 -8.64 -11.13
CA ARG A 200 -13.66 -9.36 -10.86
C ARG A 200 -13.97 -10.33 -11.99
N TRP A 201 -13.57 -11.59 -11.81
CA TRP A 201 -13.79 -12.62 -12.82
C TRP A 201 -13.99 -13.98 -12.15
N SER A 202 -13.89 -14.02 -10.82
CA SER A 202 -13.95 -15.27 -10.06
C SER A 202 -12.89 -16.26 -10.54
N ASN A 203 -11.84 -15.72 -11.16
CA ASN A 203 -10.73 -16.52 -11.69
C ASN A 203 -11.16 -17.38 -12.89
N MET A 204 -12.44 -17.32 -13.24
CA MET A 204 -12.96 -18.05 -14.39
C MET A 204 -14.44 -17.73 -14.58
N ALA A 205 -14.85 -17.58 -15.84
CA ALA A 205 -16.24 -17.40 -16.19
C ALA A 205 -16.48 -17.87 -17.61
N THR A 206 -15.75 -17.27 -18.53
CA THR A 206 -15.82 -17.66 -19.93
C THR A 206 -14.45 -17.48 -20.59
N MET A 207 -14.09 -16.23 -20.92
CA MET A 207 -12.78 -15.93 -21.50
C MET A 207 -12.58 -14.43 -21.73
N PRO A 208 -13.42 -13.75 -22.53
CA PRO A 208 -13.23 -12.34 -22.87
C PRO A 208 -13.43 -11.41 -21.67
N THR A 209 -12.32 -10.87 -21.16
CA THR A 209 -12.34 -9.94 -20.03
C THR A 209 -10.91 -9.53 -19.67
N LEU A 210 -9.95 -10.33 -20.11
CA LEU A 210 -8.54 -10.01 -19.92
C LEU A 210 -8.12 -8.89 -20.86
N PRO A 211 -7.04 -8.17 -20.54
CA PRO A 211 -6.51 -7.08 -21.37
C PRO A 211 -6.26 -7.51 -22.81
N GLU A 212 -6.85 -6.79 -23.75
CA GLU A 212 -6.71 -7.10 -25.16
C GLU A 212 -5.52 -6.36 -25.77
N THR A 213 -4.88 -5.53 -24.96
CA THR A 213 -3.76 -4.71 -25.43
C THR A 213 -2.41 -5.39 -25.17
N GLN A 214 -1.51 -5.28 -26.13
CA GLN A 214 -0.19 -5.92 -26.04
C GLN A 214 0.57 -5.43 -24.80
N ALA A 215 0.59 -4.12 -24.60
CA ALA A 215 1.30 -3.53 -23.48
C ALA A 215 0.61 -3.87 -22.16
N GLY A 216 -0.70 -4.07 -22.24
CA GLY A 216 -1.47 -4.45 -21.07
C GLY A 216 -1.14 -5.87 -20.63
N ILE A 217 -1.02 -6.76 -21.60
CA ILE A 217 -0.71 -8.15 -21.33
C ILE A 217 0.74 -8.28 -20.85
N LYS A 218 1.65 -7.61 -21.55
CA LYS A 218 3.07 -7.62 -21.22
C LYS A 218 3.33 -7.28 -19.75
N GLU A 219 2.79 -6.16 -19.29
CA GLU A 219 3.05 -5.68 -17.93
C GLU A 219 2.41 -6.57 -16.88
N GLU A 220 1.19 -7.02 -17.13
CA GLU A 220 0.48 -7.85 -16.16
C GLU A 220 1.20 -9.18 -15.98
N ILE A 221 1.60 -9.79 -17.09
CA ILE A 221 2.31 -11.06 -17.08
C ILE A 221 3.60 -10.95 -16.28
N ARG A 222 4.37 -9.89 -16.54
CA ARG A 222 5.63 -9.67 -15.84
C ARG A 222 5.42 -9.76 -14.32
N ARG A 223 4.44 -9.02 -13.84
CA ARG A 223 4.14 -8.99 -12.42
C ARG A 223 3.72 -10.38 -11.93
N GLN A 224 2.83 -11.04 -12.66
CA GLN A 224 2.31 -12.34 -12.26
C GLN A 224 3.39 -13.42 -12.26
N GLU A 225 4.35 -13.34 -13.17
CA GLU A 225 5.36 -14.38 -13.26
C GLU A 225 6.36 -14.29 -12.10
N PHE A 226 6.64 -13.08 -11.64
CA PHE A 226 7.55 -12.92 -10.49
C PHE A 226 6.88 -13.45 -9.23
N LEU A 227 5.59 -13.23 -9.14
CA LEU A 227 4.80 -13.81 -8.06
C LEU A 227 4.69 -15.31 -8.26
N LEU A 228 4.63 -15.72 -9.52
CA LEU A 228 4.36 -17.12 -9.85
C LEU A 228 5.51 -18.00 -9.37
N ASN A 229 6.70 -17.67 -9.84
CA ASN A 229 7.88 -18.46 -9.54
C ASN A 229 8.21 -18.39 -8.04
N CYS A 230 7.97 -17.22 -7.44
CA CYS A 230 8.27 -17.03 -6.03
C CYS A 230 7.42 -17.93 -5.15
N LEU A 231 6.16 -18.09 -5.52
CA LEU A 231 5.26 -18.92 -4.74
C LEU A 231 5.63 -20.39 -4.90
N HIS A 232 6.00 -20.77 -6.13
CA HIS A 232 6.48 -22.14 -6.39
C HIS A 232 7.71 -22.44 -5.53
N ARG A 233 8.52 -21.43 -5.26
CA ARG A 233 9.68 -21.58 -4.39
C ARG A 233 9.23 -21.97 -2.99
N ASP A 234 8.30 -21.18 -2.43
CA ASP A 234 7.83 -21.42 -1.06
C ASP A 234 7.09 -22.75 -0.97
N LEU A 235 6.53 -23.17 -2.11
CA LEU A 235 5.85 -24.45 -2.23
C LEU A 235 6.78 -25.65 -2.02
N GLN A 236 8.11 -25.40 -1.95
CA GLN A 236 9.11 -26.47 -1.83
C GLN A 236 8.72 -27.56 -0.82
N GLY A 237 7.98 -27.18 0.21
CA GLY A 237 7.47 -28.17 1.13
C GLY A 237 7.32 -27.70 2.56
N GLY A 238 7.64 -26.44 2.82
CA GLY A 238 7.23 -25.84 4.06
C GLY A 238 5.76 -25.46 4.00
N ILE A 239 5.17 -25.73 2.84
CA ILE A 239 3.79 -25.39 2.57
C ILE A 239 2.96 -26.63 2.26
N LYS A 240 2.15 -27.04 3.22
CA LYS A 240 1.10 -28.01 2.98
C LYS A 240 -0.23 -27.34 3.31
N ASP A 241 -0.71 -26.54 2.37
CA ASP A 241 -1.82 -25.65 2.62
C ASP A 241 -2.69 -25.54 1.37
N LEU A 242 -3.87 -26.10 1.44
CA LEU A 242 -4.77 -26.16 0.30
C LEU A 242 -5.14 -24.77 -0.18
N SER A 243 -5.26 -23.85 0.76
CA SER A 243 -5.69 -22.48 0.46
C SER A 243 -4.66 -21.79 -0.43
N LYS A 244 -3.40 -21.95 -0.06
CA LYS A 244 -2.31 -21.34 -0.83
C LYS A 244 -2.13 -22.07 -2.15
N GLU A 245 -2.25 -23.39 -2.12
CA GLU A 245 -2.07 -24.22 -3.29
C GLU A 245 -3.17 -23.97 -4.31
N GLU A 246 -4.42 -24.20 -3.92
CA GLU A 246 -5.57 -23.95 -4.80
C GLU A 246 -5.50 -22.55 -5.43
N ARG A 247 -5.16 -21.55 -4.62
CA ARG A 247 -5.06 -20.18 -5.11
C ARG A 247 -3.93 -20.07 -6.15
N LEU A 248 -2.87 -20.84 -5.95
CA LEU A 248 -1.74 -20.84 -6.86
C LEU A 248 -2.17 -21.33 -8.25
N TRP A 249 -2.90 -22.44 -8.30
CA TRP A 249 -3.38 -23.01 -9.57
C TRP A 249 -4.21 -22.00 -10.30
N GLU A 250 -5.00 -21.29 -9.52
CA GLU A 250 -5.88 -20.26 -10.09
C GLU A 250 -5.05 -19.16 -10.75
N VAL A 251 -3.98 -18.74 -10.08
CA VAL A 251 -3.04 -17.80 -10.67
C VAL A 251 -2.44 -18.38 -11.96
N GLN A 252 -2.03 -19.65 -11.90
CA GLN A 252 -1.49 -20.34 -13.07
C GLN A 252 -2.46 -20.22 -14.25
N ARG A 253 -3.74 -20.50 -13.98
CA ARG A 253 -4.79 -20.46 -15.00
C ARG A 253 -4.93 -19.07 -15.62
N ILE A 254 -4.73 -18.05 -14.79
CA ILE A 254 -4.88 -16.68 -15.22
C ILE A 254 -3.70 -16.29 -16.10
N LEU A 255 -2.51 -16.61 -15.62
CA LEU A 255 -1.29 -16.32 -16.35
C LEU A 255 -1.25 -17.09 -17.66
N THR A 256 -1.71 -18.33 -17.65
CA THR A 256 -1.68 -19.17 -18.84
C THR A 256 -2.49 -18.54 -19.98
N ALA A 257 -3.72 -18.11 -19.69
CA ALA A 257 -4.53 -17.38 -20.65
C ALA A 257 -3.78 -16.15 -21.16
N LEU A 258 -3.13 -15.44 -20.27
CA LEU A 258 -2.37 -14.25 -20.64
C LEU A 258 -1.16 -14.60 -21.51
N LYS A 259 -0.49 -15.70 -21.19
CA LYS A 259 0.67 -16.15 -21.96
C LYS A 259 0.25 -16.47 -23.40
N ARG A 260 -0.96 -16.98 -23.55
CA ARG A 260 -1.54 -17.21 -24.88
C ARG A 260 -1.79 -15.87 -25.57
N LYS A 261 -2.44 -14.96 -24.85
CA LYS A 261 -2.75 -13.63 -25.38
C LYS A 261 -1.48 -12.85 -25.72
N LEU A 262 -0.38 -13.19 -25.04
CA LEU A 262 0.90 -12.56 -25.31
C LEU A 262 1.27 -12.70 -26.78
N ARG A 263 1.01 -13.89 -27.33
CA ARG A 263 1.30 -14.17 -28.72
C ARG A 263 0.02 -14.14 -29.54
N GLU A 264 -1.02 -13.61 -28.94
CA GLU A 264 -2.33 -13.51 -29.58
C GLU A 264 -2.49 -12.15 -30.24
N ALA A 265 -1.77 -11.17 -29.69
CA ALA A 265 -1.82 -9.80 -30.18
C ALA A 265 -0.61 -9.49 -31.05
N HIS A 1 -18.87 -14.54 23.14
CA HIS A 1 -18.88 -14.84 21.70
C HIS A 1 -17.92 -13.89 20.99
N MET A 2 -17.05 -14.42 20.15
CA MET A 2 -16.06 -13.62 19.44
C MET A 2 -16.72 -12.73 18.39
N PRO A 3 -16.58 -11.41 18.54
CA PRO A 3 -17.20 -10.44 17.62
C PRO A 3 -16.51 -10.39 16.26
N ASN A 4 -15.19 -10.39 16.27
CA ASN A 4 -14.41 -10.32 15.04
C ASN A 4 -13.34 -11.38 15.06
N LEU A 5 -13.13 -12.04 13.94
CA LEU A 5 -12.22 -13.17 13.87
C LEU A 5 -10.94 -12.82 13.11
N LYS A 6 -9.92 -12.41 13.88
CA LYS A 6 -8.64 -11.97 13.32
C LYS A 6 -8.80 -10.71 12.49
N PRO A 7 -8.55 -9.54 13.10
CA PRO A 7 -8.67 -8.25 12.43
C PRO A 7 -7.51 -7.97 11.47
N ILE A 8 -7.64 -6.87 10.73
CA ILE A 8 -6.61 -6.44 9.79
C ILE A 8 -6.32 -4.95 9.99
N PHE A 9 -7.37 -4.17 10.16
CA PHE A 9 -7.26 -2.72 10.21
C PHE A 9 -6.80 -2.22 11.57
N GLY A 10 -6.67 -3.14 12.52
CA GLY A 10 -6.37 -2.78 13.89
C GLY A 10 -5.46 -3.79 14.56
N ILE A 11 -4.29 -4.01 13.97
CA ILE A 11 -3.32 -4.98 14.50
C ILE A 11 -1.89 -4.48 14.29
N PRO A 12 -0.92 -5.06 15.01
CA PRO A 12 0.51 -4.75 14.82
C PRO A 12 0.97 -5.08 13.40
N LEU A 13 1.94 -4.32 12.90
CA LEU A 13 2.41 -4.51 11.53
C LEU A 13 2.88 -5.92 11.27
N ALA A 14 3.71 -6.47 12.15
CA ALA A 14 4.15 -7.87 12.01
C ALA A 14 2.98 -8.81 11.76
N ASP A 15 1.99 -8.74 12.66
CA ASP A 15 0.79 -9.58 12.55
C ASP A 15 0.12 -9.37 11.19
N ALA A 16 0.01 -8.13 10.78
CA ALA A 16 -0.58 -7.80 9.49
C ALA A 16 0.26 -8.37 8.34
N VAL A 17 1.57 -8.20 8.41
CA VAL A 17 2.47 -8.68 7.38
C VAL A 17 2.41 -10.20 7.24
N GLU A 18 2.49 -10.90 8.38
CA GLU A 18 2.46 -12.36 8.40
C GLU A 18 1.23 -12.90 7.69
N ARG A 19 0.11 -12.18 7.82
CA ARG A 19 -1.14 -12.60 7.21
C ARG A 19 -1.27 -12.10 5.76
N THR A 20 -0.97 -10.84 5.52
CA THR A 20 -1.21 -10.25 4.20
C THR A 20 0.03 -10.31 3.29
N MET A 21 0.80 -11.36 3.42
CA MET A 21 1.95 -11.57 2.55
C MET A 21 1.52 -12.09 1.18
N MET A 22 1.82 -11.35 0.13
CA MET A 22 1.52 -11.81 -1.22
C MET A 22 2.77 -11.80 -2.11
N TYR A 23 3.12 -10.63 -2.64
CA TYR A 23 4.28 -10.47 -3.54
C TYR A 23 5.54 -11.20 -3.05
N ASP A 24 6.37 -10.52 -2.26
CA ASP A 24 7.59 -11.14 -1.74
C ASP A 24 7.54 -11.22 -0.20
N GLY A 25 6.70 -10.38 0.40
CA GLY A 25 6.65 -10.29 1.84
C GLY A 25 7.77 -9.42 2.40
N ILE A 26 7.89 -8.22 1.85
CA ILE A 26 8.95 -7.29 2.21
C ILE A 26 8.68 -6.56 3.55
N ARG A 27 8.13 -7.29 4.52
CA ARG A 27 7.72 -6.72 5.80
C ARG A 27 6.79 -5.52 5.61
N LEU A 28 5.65 -5.76 4.98
CA LEU A 28 4.72 -4.69 4.63
C LEU A 28 3.35 -5.29 4.31
N PRO A 29 2.26 -4.76 4.88
CA PRO A 29 0.91 -5.29 4.66
C PRO A 29 0.49 -5.18 3.19
N ALA A 30 -0.38 -6.07 2.74
CA ALA A 30 -0.87 -6.04 1.36
C ALA A 30 -1.74 -4.83 1.11
N VAL A 31 -2.78 -4.70 1.93
CA VAL A 31 -3.79 -3.66 1.80
C VAL A 31 -3.19 -2.26 1.64
N PHE A 32 -2.16 -1.95 2.42
CA PHE A 32 -1.48 -0.65 2.30
C PHE A 32 -1.01 -0.44 0.87
N ARG A 33 -0.42 -1.48 0.30
CA ARG A 33 0.17 -1.39 -1.02
C ARG A 33 -0.91 -1.50 -2.09
N GLU A 34 -1.98 -2.24 -1.79
CA GLU A 34 -3.13 -2.31 -2.68
C GLU A 34 -3.74 -0.92 -2.90
N CYS A 35 -3.69 -0.09 -1.87
CA CYS A 35 -4.21 1.26 -1.96
C CYS A 35 -3.19 2.14 -2.68
N ILE A 36 -1.92 1.86 -2.44
CA ILE A 36 -0.83 2.57 -3.10
C ILE A 36 -0.81 2.25 -4.60
N ASP A 37 -1.11 1.00 -4.93
CA ASP A 37 -1.15 0.55 -6.31
C ASP A 37 -2.23 1.27 -7.11
N TYR A 38 -3.44 1.31 -6.55
CA TYR A 38 -4.58 1.91 -7.25
C TYR A 38 -4.35 3.39 -7.53
N VAL A 39 -3.87 4.13 -6.54
CA VAL A 39 -3.60 5.55 -6.71
C VAL A 39 -2.51 5.77 -7.75
N GLU A 40 -1.52 4.88 -7.74
CA GLU A 40 -0.41 4.97 -8.67
C GLU A 40 -0.90 4.80 -10.10
N LYS A 41 -1.81 3.85 -10.30
CA LYS A 41 -2.34 3.55 -11.62
C LYS A 41 -3.17 4.69 -12.20
N TYR A 42 -4.18 5.15 -11.48
CA TYR A 42 -5.17 6.06 -12.07
C TYR A 42 -5.34 7.33 -11.24
N GLY A 43 -5.30 7.18 -9.91
CA GLY A 43 -5.55 8.31 -9.02
C GLY A 43 -4.40 9.29 -8.93
N MET A 44 -3.60 9.38 -9.98
CA MET A 44 -2.49 10.31 -10.01
C MET A 44 -2.88 11.60 -10.72
N LYS A 45 -3.71 11.47 -11.75
CA LYS A 45 -4.18 12.63 -12.51
C LYS A 45 -5.51 13.16 -11.96
N CYS A 46 -5.83 12.79 -10.73
CA CYS A 46 -7.09 13.18 -10.12
C CYS A 46 -6.91 14.45 -9.28
N GLU A 47 -7.52 15.55 -9.70
CA GLU A 47 -7.46 16.78 -8.91
C GLU A 47 -8.28 16.63 -7.65
N GLY A 48 -7.58 16.51 -6.54
CA GLY A 48 -8.25 16.47 -5.25
C GLY A 48 -8.03 15.14 -4.58
N ILE A 49 -7.12 14.37 -5.14
CA ILE A 49 -6.80 13.04 -4.65
C ILE A 49 -6.37 13.08 -3.18
N TYR A 50 -6.86 12.12 -2.40
CA TYR A 50 -6.56 12.00 -0.97
C TYR A 50 -7.32 13.04 -0.14
N ARG A 51 -7.37 14.29 -0.62
CA ARG A 51 -8.15 15.33 0.04
C ARG A 51 -9.64 15.00 0.06
N VAL A 52 -10.13 14.48 -1.06
CA VAL A 52 -11.52 14.07 -1.15
C VAL A 52 -11.78 12.86 -0.26
N SER A 53 -12.93 12.83 0.38
CA SER A 53 -13.25 11.76 1.32
C SER A 53 -14.00 10.65 0.62
N GLY A 54 -13.78 9.44 1.06
CA GLY A 54 -14.41 8.29 0.45
C GLY A 54 -15.85 8.10 0.89
N ILE A 55 -16.58 7.30 0.13
CA ILE A 55 -17.96 7.01 0.46
C ILE A 55 -18.03 6.05 1.64
N LYS A 56 -18.74 6.48 2.69
CA LYS A 56 -18.85 5.71 3.92
C LYS A 56 -19.31 4.28 3.65
N SER A 57 -20.30 4.14 2.77
CA SER A 57 -20.88 2.85 2.45
C SER A 57 -19.85 1.90 1.84
N LYS A 58 -18.86 2.43 1.14
CA LYS A 58 -17.88 1.59 0.46
C LYS A 58 -16.80 1.16 1.44
N VAL A 59 -16.54 2.01 2.43
CA VAL A 59 -15.52 1.74 3.43
C VAL A 59 -15.86 0.48 4.21
N ASP A 60 -17.12 0.37 4.63
CA ASP A 60 -17.59 -0.82 5.34
C ASP A 60 -17.49 -2.05 4.45
N GLU A 61 -17.65 -1.84 3.14
CA GLU A 61 -17.64 -2.93 2.17
C GLU A 61 -16.22 -3.50 2.03
N LEU A 62 -15.27 -2.61 1.82
CA LEU A 62 -13.88 -3.00 1.61
C LEU A 62 -13.28 -3.53 2.90
N LYS A 63 -13.41 -2.74 3.96
CA LYS A 63 -12.85 -3.07 5.26
C LYS A 63 -13.39 -4.41 5.77
N ALA A 64 -14.62 -4.73 5.41
CA ALA A 64 -15.20 -6.01 5.78
C ALA A 64 -14.52 -7.15 5.05
N ALA A 65 -14.31 -7.00 3.75
CA ALA A 65 -13.75 -8.07 2.95
C ALA A 65 -12.29 -8.33 3.32
N TYR A 66 -11.53 -7.27 3.55
CA TYR A 66 -10.13 -7.41 3.97
C TYR A 66 -10.03 -8.15 5.29
N ASP A 67 -10.80 -7.68 6.27
CA ASP A 67 -10.70 -8.19 7.62
C ASP A 67 -11.18 -9.64 7.72
N ARG A 68 -12.17 -9.99 6.90
CA ARG A 68 -12.75 -11.34 6.93
C ARG A 68 -11.98 -12.32 6.04
N GLU A 69 -10.84 -11.89 5.50
CA GLU A 69 -9.98 -12.74 4.68
C GLU A 69 -10.68 -13.10 3.36
N GLU A 70 -11.20 -12.10 2.69
CA GLU A 70 -11.86 -12.29 1.40
C GLU A 70 -11.07 -11.61 0.29
N SER A 71 -11.74 -10.78 -0.50
CA SER A 71 -11.08 -10.08 -1.59
C SER A 71 -11.89 -8.85 -2.00
N THR A 72 -11.19 -7.83 -2.47
CA THR A 72 -11.82 -6.60 -2.92
C THR A 72 -11.14 -6.05 -4.16
N ASN A 73 -11.87 -6.00 -5.25
CA ASN A 73 -11.38 -5.36 -6.46
C ASN A 73 -11.54 -3.85 -6.36
N LEU A 74 -10.45 -3.19 -6.04
CA LEU A 74 -10.45 -1.74 -5.83
C LEU A 74 -10.51 -1.01 -7.15
N GLU A 75 -10.19 -1.72 -8.22
CA GLU A 75 -10.02 -1.11 -9.53
C GLU A 75 -11.36 -0.61 -10.09
N ASP A 76 -12.44 -1.02 -9.46
CA ASP A 76 -13.78 -0.61 -9.87
C ASP A 76 -14.35 0.43 -8.91
N TYR A 77 -13.58 0.77 -7.87
CA TYR A 77 -14.03 1.69 -6.84
C TYR A 77 -13.45 3.09 -7.05
N GLU A 78 -13.73 3.96 -6.08
CA GLU A 78 -13.30 5.36 -6.15
C GLU A 78 -11.99 5.55 -5.40
N PRO A 79 -11.06 6.30 -6.00
CA PRO A 79 -9.72 6.52 -5.43
C PRO A 79 -9.78 7.16 -4.04
N ASN A 80 -10.61 8.19 -3.91
CA ASN A 80 -10.82 8.85 -2.61
C ASN A 80 -11.27 7.87 -1.54
N THR A 81 -12.09 6.91 -1.92
CA THR A 81 -12.55 5.89 -0.99
C THR A 81 -11.40 4.97 -0.58
N VAL A 82 -10.57 4.60 -1.55
CA VAL A 82 -9.40 3.77 -1.30
C VAL A 82 -8.43 4.48 -0.36
N ALA A 83 -8.29 5.79 -0.56
CA ALA A 83 -7.44 6.64 0.28
C ALA A 83 -7.98 6.68 1.72
N SER A 84 -9.28 6.57 1.84
CA SER A 84 -9.96 6.68 3.11
C SER A 84 -9.87 5.34 3.83
N LEU A 85 -9.91 4.29 3.03
CA LEU A 85 -9.70 2.94 3.50
C LEU A 85 -8.27 2.81 4.02
N LEU A 86 -7.33 3.35 3.27
CA LEU A 86 -5.91 3.31 3.61
C LEU A 86 -5.63 4.01 4.94
N LYS A 87 -6.03 5.27 5.05
CA LYS A 87 -5.74 6.06 6.24
C LYS A 87 -6.39 5.45 7.47
N GLN A 88 -7.58 4.90 7.28
CA GLN A 88 -8.32 4.28 8.36
C GLN A 88 -7.63 2.99 8.79
N TYR A 89 -7.26 2.19 7.79
CA TYR A 89 -6.47 0.98 8.04
C TYR A 89 -5.29 1.23 8.97
N LEU A 90 -4.61 2.35 8.81
CA LEU A 90 -3.48 2.65 9.67
C LEU A 90 -3.94 3.10 11.06
N ARG A 91 -5.11 3.73 11.11
CA ARG A 91 -5.64 4.28 12.34
C ARG A 91 -5.89 3.22 13.42
N ASP A 92 -6.65 2.18 13.12
CA ASP A 92 -6.98 1.16 14.12
C ASP A 92 -5.77 0.35 14.57
N LEU A 93 -4.62 0.58 13.96
CA LEU A 93 -3.41 -0.13 14.37
C LEU A 93 -2.96 0.39 15.72
N PRO A 94 -2.81 -0.52 16.71
CA PRO A 94 -2.41 -0.13 18.07
C PRO A 94 -0.95 0.34 18.14
N GLU A 95 -0.27 0.29 17.01
CA GLU A 95 1.12 0.68 16.93
C GLU A 95 1.26 1.84 15.96
N ASN A 96 2.35 2.59 16.10
CA ASN A 96 2.61 3.72 15.23
C ASN A 96 3.84 3.48 14.40
N LEU A 97 3.97 4.22 13.32
CA LEU A 97 5.12 4.12 12.44
C LEU A 97 6.34 4.67 13.15
N LEU A 98 6.14 5.80 13.81
CA LEU A 98 7.18 6.42 14.62
C LEU A 98 7.03 5.99 16.06
N THR A 99 6.15 5.00 16.25
CA THR A 99 5.81 4.44 17.57
C THR A 99 5.41 5.53 18.56
N LYS A 100 5.04 5.10 19.76
CA LYS A 100 4.78 6.03 20.86
C LYS A 100 6.07 6.72 21.26
N GLU A 101 7.14 5.94 21.13
CA GLU A 101 8.49 6.33 21.50
C GLU A 101 8.98 7.56 20.71
N LEU A 102 9.09 7.46 19.38
CA LEU A 102 9.72 8.53 18.59
C LEU A 102 8.73 9.65 18.27
N MET A 103 7.46 9.28 18.12
CA MET A 103 6.39 10.22 17.72
C MET A 103 6.51 11.62 18.36
N PRO A 104 6.56 11.74 19.72
CA PRO A 104 6.56 13.06 20.38
C PRO A 104 7.76 13.93 19.99
N ARG A 105 8.84 13.30 19.55
CA ARG A 105 10.06 14.02 19.22
C ARG A 105 10.00 14.64 17.83
N PHE A 106 8.98 14.27 17.06
CA PHE A 106 8.81 14.83 15.74
C PHE A 106 8.31 16.27 15.80
N GLU A 107 7.46 16.54 16.78
CA GLU A 107 7.03 17.91 17.03
C GLU A 107 8.24 18.74 17.47
N GLU A 108 9.08 18.14 18.30
CA GLU A 108 10.33 18.76 18.74
C GLU A 108 11.20 19.11 17.53
N ALA A 109 11.43 18.10 16.70
CA ALA A 109 12.24 18.23 15.50
C ALA A 109 11.64 19.20 14.50
N CYS A 110 10.35 19.44 14.60
CA CYS A 110 9.68 20.30 13.63
C CYS A 110 9.91 21.76 13.99
N GLY A 111 10.07 22.01 15.28
CA GLY A 111 10.29 23.36 15.75
C GLY A 111 11.76 23.69 15.94
N ARG A 112 12.62 22.90 15.33
CA ARG A 112 14.06 23.16 15.36
C ARG A 112 14.37 24.48 14.69
N THR A 113 15.48 25.09 15.09
CA THR A 113 15.88 26.39 14.57
C THR A 113 16.26 26.31 13.09
N THR A 114 16.58 25.13 12.62
CA THR A 114 16.98 24.94 11.23
C THR A 114 16.52 23.56 10.75
N GLU A 115 16.13 23.45 9.47
CA GLU A 115 15.68 22.17 8.93
C GLU A 115 16.79 21.12 9.00
N THR A 116 18.04 21.57 8.98
CA THR A 116 19.18 20.70 9.18
C THR A 116 19.07 19.99 10.53
N GLU A 117 18.82 20.78 11.59
CA GLU A 117 18.65 20.22 12.92
C GLU A 117 17.45 19.27 12.95
N LYS A 118 16.46 19.58 12.11
CA LYS A 118 15.25 18.79 12.04
C LYS A 118 15.52 17.42 11.47
N VAL A 119 16.06 17.38 10.25
CA VAL A 119 16.44 16.12 9.62
C VAL A 119 17.37 15.29 10.51
N GLN A 120 18.31 15.93 11.21
CA GLN A 120 19.20 15.22 12.14
C GLN A 120 18.39 14.53 13.25
N GLU A 121 17.42 15.25 13.78
CA GLU A 121 16.55 14.71 14.83
C GLU A 121 15.76 13.51 14.29
N PHE A 122 15.11 13.73 13.14
CA PHE A 122 14.39 12.67 12.45
C PHE A 122 15.25 11.43 12.26
N GLN A 123 16.46 11.62 11.73
CA GLN A 123 17.40 10.52 11.52
C GLN A 123 17.56 9.66 12.77
N ARG A 124 17.71 10.28 13.93
CA ARG A 124 17.83 9.52 15.19
C ARG A 124 16.57 8.71 15.43
N LEU A 125 15.41 9.35 15.29
CA LEU A 125 14.14 8.67 15.44
C LEU A 125 14.05 7.52 14.44
N LEU A 126 14.40 7.83 13.19
CA LEU A 126 14.49 6.88 12.10
C LEU A 126 15.30 5.62 12.45
N LYS A 127 16.27 5.76 13.34
CA LYS A 127 17.08 4.62 13.75
C LYS A 127 16.27 3.73 14.68
N GLU A 128 15.56 4.38 15.58
CA GLU A 128 14.77 3.71 16.60
C GLU A 128 13.46 3.14 16.04
N LEU A 129 13.39 2.94 14.73
CA LEU A 129 12.18 2.41 14.12
C LEU A 129 12.35 0.93 13.81
N PRO A 130 11.41 0.08 14.26
CA PRO A 130 11.38 -1.33 13.87
C PRO A 130 11.30 -1.48 12.36
N GLU A 131 11.79 -2.61 11.85
CA GLU A 131 11.92 -2.83 10.41
C GLU A 131 10.62 -2.55 9.66
N CYS A 132 9.52 -3.15 10.11
CA CYS A 132 8.22 -2.96 9.46
C CYS A 132 7.78 -1.50 9.49
N ASN A 133 8.09 -0.81 10.58
CA ASN A 133 7.78 0.61 10.69
C ASN A 133 8.64 1.42 9.74
N TYR A 134 9.92 1.07 9.70
CA TYR A 134 10.90 1.74 8.84
C TYR A 134 10.45 1.74 7.38
N LEU A 135 10.06 0.58 6.86
CA LEU A 135 9.69 0.51 5.44
C LEU A 135 8.33 1.18 5.20
N LEU A 136 7.41 1.03 6.15
CA LEU A 136 6.09 1.64 6.04
C LEU A 136 6.23 3.16 5.98
N ILE A 137 7.05 3.71 6.87
CA ILE A 137 7.26 5.15 6.89
C ILE A 137 7.94 5.60 5.60
N SER A 138 8.78 4.73 5.04
CA SER A 138 9.42 5.02 3.76
C SER A 138 8.38 5.18 2.66
N TRP A 139 7.51 4.18 2.53
CA TRP A 139 6.58 4.15 1.43
C TRP A 139 5.49 5.19 1.57
N LEU A 140 4.90 5.28 2.74
CA LEU A 140 3.82 6.23 2.96
C LEU A 140 4.27 7.64 2.58
N ILE A 141 5.45 8.01 3.03
CA ILE A 141 5.96 9.36 2.81
C ILE A 141 6.48 9.53 1.38
N VAL A 142 7.32 8.61 0.91
CA VAL A 142 7.90 8.73 -0.43
C VAL A 142 6.83 8.58 -1.51
N HIS A 143 5.84 7.72 -1.28
CA HIS A 143 4.75 7.57 -2.25
C HIS A 143 3.93 8.85 -2.30
N MET A 144 3.73 9.46 -1.15
CA MET A 144 2.93 10.68 -1.08
C MET A 144 3.74 11.89 -1.54
N ASP A 145 5.07 11.73 -1.52
CA ASP A 145 5.99 12.74 -2.04
C ASP A 145 5.86 12.83 -3.55
N HIS A 146 5.86 11.67 -4.20
CA HIS A 146 5.67 11.61 -5.63
C HIS A 146 4.26 12.04 -5.99
N VAL A 147 3.33 11.89 -5.04
CA VAL A 147 2.00 12.44 -5.21
C VAL A 147 2.09 13.96 -5.31
N ILE A 148 3.01 14.56 -4.55
CA ILE A 148 3.19 16.02 -4.58
C ILE A 148 3.65 16.49 -5.95
N ALA A 149 4.46 15.69 -6.63
CA ALA A 149 4.81 16.01 -8.02
C ALA A 149 3.55 15.97 -8.88
N LYS A 150 2.67 15.03 -8.56
CA LYS A 150 1.39 14.95 -9.25
C LYS A 150 0.47 16.06 -8.78
N GLU A 151 0.69 16.51 -7.54
CA GLU A 151 -0.01 17.68 -7.01
C GLU A 151 0.36 18.90 -7.82
N LEU A 152 1.58 18.91 -8.33
CA LEU A 152 2.07 19.98 -9.17
C LEU A 152 1.24 20.03 -10.45
N GLU A 153 0.87 18.88 -10.98
CA GLU A 153 0.00 18.86 -12.17
C GLU A 153 -1.51 18.89 -11.80
N THR A 154 -1.88 18.31 -10.64
CA THR A 154 -3.27 18.33 -10.19
C THR A 154 -3.63 19.64 -9.50
N LYS A 155 -2.65 20.53 -9.43
CA LYS A 155 -2.82 21.91 -8.93
C LYS A 155 -2.87 21.97 -7.41
N MET A 156 -2.87 20.82 -6.76
CA MET A 156 -2.83 20.74 -5.30
C MET A 156 -1.40 20.93 -4.77
N ASN A 157 -1.25 20.82 -3.45
CA ASN A 157 0.04 21.11 -2.83
C ASN A 157 0.23 20.22 -1.60
N ILE A 158 1.46 20.20 -1.09
CA ILE A 158 1.81 19.43 0.10
C ILE A 158 0.87 19.73 1.26
N GLN A 159 0.35 20.96 1.30
CA GLN A 159 -0.51 21.42 2.37
C GLN A 159 -1.73 20.50 2.54
N ASN A 160 -2.41 20.22 1.43
CA ASN A 160 -3.62 19.39 1.48
C ASN A 160 -3.28 17.96 1.85
N ILE A 161 -2.18 17.47 1.28
CA ILE A 161 -1.72 16.12 1.58
C ILE A 161 -1.36 16.00 3.06
N SER A 162 -0.76 17.06 3.60
CA SER A 162 -0.37 17.08 5.00
C SER A 162 -1.60 17.15 5.92
N ILE A 163 -2.70 17.68 5.39
CA ILE A 163 -3.93 17.79 6.17
C ILE A 163 -4.57 16.43 6.34
N VAL A 164 -4.46 15.61 5.31
CA VAL A 164 -5.04 14.28 5.37
C VAL A 164 -4.12 13.30 6.10
N LEU A 165 -2.82 13.46 5.91
CA LEU A 165 -1.84 12.56 6.54
C LEU A 165 -1.68 12.84 8.04
N SER A 166 -2.04 14.03 8.50
CA SER A 166 -1.95 14.38 9.92
C SER A 166 -2.74 13.37 10.78
N PRO A 167 -4.07 13.23 10.55
CA PRO A 167 -4.89 12.23 11.25
C PRO A 167 -4.52 10.80 10.87
N THR A 168 -3.74 10.66 9.81
CA THR A 168 -3.36 9.35 9.32
C THR A 168 -2.30 8.70 10.21
N VAL A 169 -1.16 9.37 10.45
CA VAL A 169 -0.13 8.77 11.30
C VAL A 169 -0.18 9.28 12.74
N GLN A 170 -1.14 10.17 13.01
CA GLN A 170 -1.44 10.66 14.38
C GLN A 170 -0.43 11.70 14.82
N ILE A 171 0.00 12.53 13.88
CA ILE A 171 0.96 13.58 14.15
C ILE A 171 0.49 14.91 13.57
N SER A 172 0.87 16.02 14.20
CA SER A 172 0.54 17.36 13.74
C SER A 172 0.77 17.54 12.23
N ASN A 173 -0.12 18.31 11.61
CA ASN A 173 -0.12 18.55 10.17
C ASN A 173 1.21 19.07 9.66
N ARG A 174 1.82 19.97 10.42
CA ARG A 174 3.06 20.63 10.03
C ARG A 174 4.18 19.62 9.74
N VAL A 175 4.16 18.50 10.45
CA VAL A 175 5.21 17.50 10.38
C VAL A 175 5.23 16.77 9.03
N LEU A 176 4.07 16.63 8.39
CA LEU A 176 4.00 15.88 7.13
C LEU A 176 4.73 16.59 6.00
N TYR A 177 4.41 17.87 5.82
CA TYR A 177 5.17 18.72 4.91
C TYR A 177 6.69 18.51 5.06
N VAL A 178 7.18 18.64 6.28
CA VAL A 178 8.60 18.43 6.53
C VAL A 178 8.96 16.96 6.32
N PHE A 179 8.00 16.07 6.53
CA PHE A 179 8.25 14.64 6.38
C PHE A 179 8.81 14.33 5.00
N PHE A 180 8.20 14.89 3.95
CA PHE A 180 8.69 14.65 2.59
C PHE A 180 10.04 15.35 2.37
N THR A 181 10.03 16.67 2.54
CA THR A 181 11.28 17.44 2.49
C THR A 181 12.44 16.65 3.17
N HIS A 182 12.15 16.16 4.37
CA HIS A 182 13.11 15.38 5.14
C HIS A 182 13.33 14.01 4.52
N VAL A 183 12.25 13.37 4.09
CA VAL A 183 12.32 11.99 3.64
C VAL A 183 13.28 11.80 2.47
N GLN A 184 13.34 12.78 1.57
CA GLN A 184 14.30 12.71 0.49
C GLN A 184 15.71 12.99 1.01
N GLU A 185 15.82 13.85 2.01
CA GLU A 185 17.11 14.02 2.69
C GLU A 185 17.49 12.77 3.50
N LEU A 186 16.49 12.00 3.94
CA LEU A 186 16.72 10.85 4.82
C LEU A 186 16.82 9.53 4.05
N PHE A 187 16.39 9.55 2.81
CA PHE A 187 16.18 8.33 2.03
C PHE A 187 16.69 8.47 0.62
N GLY A 188 15.76 8.50 -0.32
CA GLY A 188 16.12 8.37 -1.70
C GLY A 188 16.38 6.91 -2.05
N ASN A 189 15.80 6.47 -3.16
CA ASN A 189 15.93 5.10 -3.70
C ASN A 189 14.85 4.21 -3.10
N VAL A 190 13.88 4.89 -2.50
CA VAL A 190 12.70 4.25 -1.99
C VAL A 190 11.75 3.96 -3.14
N VAL A 191 11.59 2.69 -3.46
CA VAL A 191 10.88 2.30 -4.66
C VAL A 191 9.44 1.93 -4.33
N LEU A 192 8.53 2.41 -5.15
CA LEU A 192 7.12 2.10 -4.96
C LEU A 192 6.72 0.97 -5.90
N LYS A 193 7.06 -0.25 -5.50
CA LYS A 193 6.72 -1.43 -6.28
C LYS A 193 5.24 -1.77 -6.11
N GLN A 194 4.48 -1.59 -7.19
CA GLN A 194 3.05 -1.90 -7.16
C GLN A 194 2.82 -3.40 -6.91
N VAL A 195 1.61 -3.74 -6.51
CA VAL A 195 1.33 -5.09 -6.05
C VAL A 195 0.20 -5.74 -6.85
N MET A 196 0.20 -7.08 -6.83
CA MET A 196 -0.83 -7.87 -7.51
C MET A 196 -2.22 -7.53 -6.99
N LYS A 197 -3.15 -7.28 -7.90
CA LYS A 197 -4.51 -6.87 -7.54
C LYS A 197 -5.55 -7.81 -8.12
N PRO A 198 -6.66 -8.03 -7.39
CA PRO A 198 -7.75 -8.88 -7.87
C PRO A 198 -8.57 -8.21 -8.97
N LEU A 199 -9.03 -9.01 -9.92
CA LEU A 199 -9.83 -8.51 -11.02
C LEU A 199 -11.30 -8.76 -10.72
N ARG A 200 -12.20 -8.16 -11.48
CA ARG A 200 -13.63 -8.39 -11.28
C ARG A 200 -14.09 -9.65 -12.02
N TRP A 201 -13.13 -10.55 -12.28
CA TRP A 201 -13.43 -11.83 -12.88
C TRP A 201 -13.23 -12.93 -11.84
N SER A 202 -14.14 -13.89 -11.80
CA SER A 202 -14.07 -14.98 -10.86
C SER A 202 -13.04 -16.03 -11.26
N ASN A 203 -12.34 -15.76 -12.38
CA ASN A 203 -11.20 -16.55 -12.83
C ASN A 203 -11.61 -17.90 -13.43
N MET A 204 -12.84 -18.00 -13.91
CA MET A 204 -13.29 -19.22 -14.59
C MET A 204 -14.47 -18.91 -15.51
N ALA A 205 -14.92 -19.95 -16.24
CA ALA A 205 -16.14 -19.89 -17.06
C ALA A 205 -15.98 -19.01 -18.30
N THR A 206 -15.88 -17.71 -18.10
CA THR A 206 -15.81 -16.77 -19.19
C THR A 206 -14.37 -16.61 -19.69
N MET A 207 -14.11 -15.57 -20.45
CA MET A 207 -12.81 -15.39 -21.10
C MET A 207 -12.63 -13.95 -21.60
N PRO A 208 -13.60 -13.39 -22.37
CA PRO A 208 -13.52 -12.00 -22.86
C PRO A 208 -13.74 -10.99 -21.74
N THR A 209 -12.84 -11.01 -20.78
CA THR A 209 -12.87 -10.07 -19.67
C THR A 209 -11.48 -9.47 -19.48
N LEU A 210 -10.56 -9.91 -20.31
CA LEU A 210 -9.17 -9.48 -20.24
C LEU A 210 -8.92 -8.31 -21.19
N PRO A 211 -7.97 -7.42 -20.84
CA PRO A 211 -7.59 -6.29 -21.69
C PRO A 211 -7.05 -6.74 -23.04
N GLU A 212 -7.22 -5.90 -24.05
CA GLU A 212 -6.78 -6.22 -25.40
C GLU A 212 -5.53 -5.42 -25.75
N THR A 213 -5.07 -4.58 -24.84
CA THR A 213 -3.88 -3.77 -25.08
C THR A 213 -2.62 -4.55 -24.71
N GLN A 214 -1.59 -4.40 -25.54
CA GLN A 214 -0.33 -5.13 -25.36
C GLN A 214 0.42 -4.60 -24.14
N ALA A 215 0.35 -3.29 -23.94
CA ALA A 215 1.01 -2.67 -22.80
C ALA A 215 0.39 -3.14 -21.49
N GLY A 216 -0.92 -3.40 -21.56
CA GLY A 216 -1.65 -3.87 -20.40
C GLY A 216 -1.28 -5.30 -20.04
N ILE A 217 -1.18 -6.15 -21.05
CA ILE A 217 -0.91 -7.57 -20.84
C ILE A 217 0.56 -7.78 -20.46
N LYS A 218 1.44 -7.08 -21.16
CA LYS A 218 2.87 -7.15 -20.90
C LYS A 218 3.18 -6.85 -19.44
N GLU A 219 2.60 -5.77 -18.93
CA GLU A 219 2.78 -5.38 -17.55
C GLU A 219 2.32 -6.47 -16.58
N GLU A 220 1.10 -6.96 -16.77
CA GLU A 220 0.54 -7.97 -15.89
C GLU A 220 1.37 -9.25 -15.90
N ILE A 221 1.78 -9.69 -17.08
CA ILE A 221 2.59 -10.91 -17.20
C ILE A 221 3.84 -10.83 -16.31
N ARG A 222 4.52 -9.70 -16.35
CA ARG A 222 5.70 -9.48 -15.54
C ARG A 222 5.37 -9.66 -14.05
N ARG A 223 4.32 -8.98 -13.64
CA ARG A 223 3.91 -8.97 -12.23
C ARG A 223 3.47 -10.36 -11.77
N GLN A 224 2.65 -11.01 -12.59
CA GLN A 224 2.09 -12.31 -12.26
C GLN A 224 3.18 -13.37 -12.11
N GLU A 225 4.20 -13.30 -12.95
CA GLU A 225 5.29 -14.27 -12.90
C GLU A 225 6.18 -14.06 -11.68
N PHE A 226 6.18 -12.84 -11.13
CA PHE A 226 6.90 -12.59 -9.88
C PHE A 226 6.19 -13.29 -8.73
N LEU A 227 4.87 -13.22 -8.74
CA LEU A 227 4.06 -13.89 -7.73
C LEU A 227 4.10 -15.39 -7.97
N LEU A 228 4.28 -15.75 -9.24
CA LEU A 228 4.31 -17.14 -9.65
C LEU A 228 5.54 -17.85 -9.10
N ASN A 229 6.71 -17.32 -9.40
CA ASN A 229 7.96 -17.98 -9.05
C ASN A 229 8.14 -18.03 -7.54
N CYS A 230 7.79 -16.97 -6.82
CA CYS A 230 7.99 -16.95 -5.39
C CYS A 230 7.12 -18.00 -4.71
N LEU A 231 5.83 -17.98 -5.01
CA LEU A 231 4.88 -18.91 -4.40
C LEU A 231 5.21 -20.34 -4.78
N HIS A 232 5.45 -20.54 -6.08
CA HIS A 232 5.86 -21.84 -6.59
C HIS A 232 7.05 -22.39 -5.81
N ARG A 233 8.05 -21.54 -5.60
CA ARG A 233 9.28 -21.95 -4.94
C ARG A 233 9.07 -22.18 -3.44
N ASP A 234 8.23 -21.32 -2.85
CA ASP A 234 7.95 -21.36 -1.41
C ASP A 234 7.48 -22.74 -0.95
N LEU A 235 6.68 -23.38 -1.79
CA LEU A 235 6.10 -24.69 -1.47
C LEU A 235 7.16 -25.74 -1.16
N GLN A 236 8.32 -25.63 -1.82
CA GLN A 236 9.36 -26.66 -1.71
C GLN A 236 10.06 -26.62 -0.36
N GLY A 237 9.71 -25.63 0.46
CA GLY A 237 10.28 -25.55 1.79
C GLY A 237 9.58 -26.46 2.78
N GLY A 238 9.09 -27.59 2.29
CA GLY A 238 8.34 -28.51 3.12
C GLY A 238 6.97 -27.95 3.46
N ILE A 239 6.45 -27.13 2.57
CA ILE A 239 5.19 -26.45 2.80
C ILE A 239 4.07 -27.09 1.97
N LYS A 240 3.29 -27.96 2.60
CA LYS A 240 2.13 -28.53 1.96
C LYS A 240 0.86 -27.83 2.40
N ASP A 241 0.58 -26.71 1.77
CA ASP A 241 -0.57 -25.89 2.11
C ASP A 241 -1.52 -25.83 0.93
N LEU A 242 -2.72 -26.35 1.11
CA LEU A 242 -3.69 -26.47 0.03
C LEU A 242 -4.11 -25.09 -0.47
N SER A 243 -4.14 -24.11 0.42
CA SER A 243 -4.55 -22.76 0.05
C SER A 243 -3.48 -22.11 -0.81
N LYS A 244 -2.23 -22.30 -0.43
CA LYS A 244 -1.10 -21.81 -1.21
C LYS A 244 -1.07 -22.46 -2.60
N GLU A 245 -1.24 -23.78 -2.61
CA GLU A 245 -1.22 -24.53 -3.86
C GLU A 245 -2.29 -24.04 -4.83
N GLU A 246 -3.55 -24.01 -4.38
CA GLU A 246 -4.63 -23.48 -5.22
C GLU A 246 -4.28 -22.09 -5.75
N ARG A 247 -3.65 -21.26 -4.91
CA ARG A 247 -3.29 -19.91 -5.31
C ARG A 247 -2.28 -19.93 -6.45
N LEU A 248 -1.50 -21.01 -6.51
CA LEU A 248 -0.52 -21.19 -7.56
C LEU A 248 -1.20 -21.52 -8.90
N TRP A 249 -2.22 -22.39 -8.85
CA TRP A 249 -2.93 -22.78 -10.08
C TRP A 249 -3.68 -21.59 -10.62
N GLU A 250 -4.10 -20.76 -9.69
CA GLU A 250 -4.87 -19.56 -10.01
C GLU A 250 -4.06 -18.60 -10.88
N VAL A 251 -2.86 -18.26 -10.42
CA VAL A 251 -2.00 -17.34 -11.16
C VAL A 251 -1.56 -17.93 -12.50
N GLN A 252 -1.15 -19.18 -12.49
CA GLN A 252 -0.69 -19.84 -13.71
C GLN A 252 -1.81 -19.97 -14.74
N ARG A 253 -3.06 -20.06 -14.27
CA ARG A 253 -4.22 -20.06 -15.16
C ARG A 253 -4.35 -18.70 -15.84
N ILE A 254 -4.07 -17.66 -15.07
CA ILE A 254 -4.13 -16.29 -15.57
C ILE A 254 -3.01 -16.07 -16.58
N LEU A 255 -1.83 -16.58 -16.24
CA LEU A 255 -0.69 -16.56 -17.13
C LEU A 255 -1.00 -17.25 -18.45
N THR A 256 -1.60 -18.43 -18.37
CA THR A 256 -2.06 -19.14 -19.57
C THR A 256 -2.92 -18.25 -20.46
N ALA A 257 -3.77 -17.45 -19.81
CA ALA A 257 -4.65 -16.55 -20.51
C ALA A 257 -3.82 -15.45 -21.15
N LEU A 258 -3.02 -14.80 -20.33
CA LEU A 258 -2.17 -13.69 -20.76
C LEU A 258 -1.15 -14.12 -21.80
N LYS A 259 -0.73 -15.37 -21.78
CA LYS A 259 0.26 -15.85 -22.74
C LYS A 259 -0.36 -16.00 -24.13
N ARG A 260 -1.63 -16.38 -24.19
CA ARG A 260 -2.35 -16.37 -25.46
C ARG A 260 -2.59 -14.92 -25.88
N LYS A 261 -3.09 -14.14 -24.94
CA LYS A 261 -3.34 -12.71 -25.14
C LYS A 261 -2.08 -11.96 -25.58
N LEU A 262 -0.92 -12.42 -25.13
CA LEU A 262 0.36 -11.78 -25.46
C LEU A 262 0.59 -11.79 -26.97
N ARG A 263 0.15 -12.85 -27.62
CA ARG A 263 0.30 -12.97 -29.08
C ARG A 263 -1.00 -12.59 -29.75
N GLU A 264 -1.95 -12.13 -28.95
CA GLU A 264 -3.26 -11.72 -29.45
C GLU A 264 -3.24 -10.23 -29.76
N ALA A 265 -2.40 -9.51 -29.02
CA ALA A 265 -2.31 -8.07 -29.14
C ALA A 265 -1.21 -7.66 -30.12
N HIS A 1 -18.94 -17.38 18.51
CA HIS A 1 -17.80 -17.49 19.44
C HIS A 1 -16.68 -16.56 19.00
N MET A 2 -16.35 -16.60 17.72
CA MET A 2 -15.30 -15.76 17.17
C MET A 2 -15.88 -14.44 16.70
N PRO A 3 -15.30 -13.32 17.19
CA PRO A 3 -15.76 -11.98 16.82
C PRO A 3 -15.54 -11.70 15.35
N ASN A 4 -14.52 -12.36 14.79
CA ASN A 4 -14.21 -12.31 13.38
C ASN A 4 -13.29 -13.45 13.04
N LEU A 5 -13.22 -13.79 11.78
CA LEU A 5 -12.36 -14.86 11.32
C LEU A 5 -11.10 -14.28 10.68
N LYS A 6 -9.98 -14.37 11.39
CA LYS A 6 -8.69 -13.85 10.92
C LYS A 6 -8.72 -12.32 10.80
N PRO A 7 -8.24 -11.61 11.83
CA PRO A 7 -8.26 -10.15 11.83
C PRO A 7 -7.26 -9.54 10.84
N ILE A 8 -7.55 -8.32 10.43
CA ILE A 8 -6.72 -7.57 9.50
C ILE A 8 -6.68 -6.12 9.94
N PHE A 9 -7.84 -5.56 10.22
CA PHE A 9 -7.92 -4.19 10.68
C PHE A 9 -7.77 -4.12 12.20
N GLY A 10 -6.52 -4.07 12.63
CA GLY A 10 -6.22 -3.97 14.04
C GLY A 10 -5.16 -4.95 14.49
N ILE A 11 -4.10 -5.05 13.71
CA ILE A 11 -2.99 -5.96 14.01
C ILE A 11 -1.67 -5.29 13.65
N PRO A 12 -0.55 -5.70 14.30
CA PRO A 12 0.78 -5.18 13.98
C PRO A 12 1.19 -5.48 12.53
N LEU A 13 2.17 -4.73 12.03
CA LEU A 13 2.55 -4.80 10.63
C LEU A 13 3.00 -6.21 10.21
N ALA A 14 3.90 -6.82 10.98
CA ALA A 14 4.32 -8.20 10.73
C ALA A 14 3.12 -9.14 10.58
N ASP A 15 2.26 -9.12 11.58
CA ASP A 15 1.05 -9.93 11.57
C ASP A 15 0.23 -9.67 10.29
N ALA A 16 0.11 -8.39 9.95
CA ALA A 16 -0.66 -7.97 8.78
C ALA A 16 -0.05 -8.49 7.48
N VAL A 17 1.26 -8.36 7.32
CA VAL A 17 1.93 -8.78 6.09
C VAL A 17 1.96 -10.31 5.97
N GLU A 18 2.25 -11.02 7.07
CA GLU A 18 2.36 -12.48 7.01
C GLU A 18 1.00 -13.11 6.69
N ARG A 19 -0.07 -12.35 6.92
CA ARG A 19 -1.40 -12.76 6.49
C ARG A 19 -1.57 -12.49 5.00
N THR A 20 -1.22 -11.28 4.58
CA THR A 20 -1.50 -10.81 3.23
C THR A 20 -0.27 -10.83 2.33
N MET A 21 0.58 -11.83 2.49
CA MET A 21 1.79 -11.93 1.69
C MET A 21 1.48 -12.22 0.22
N MET A 22 2.12 -11.45 -0.67
CA MET A 22 1.98 -11.65 -2.11
C MET A 22 3.19 -12.40 -2.67
N TYR A 23 4.27 -11.64 -2.81
CA TYR A 23 5.50 -12.14 -3.43
C TYR A 23 6.50 -12.60 -2.39
N ASP A 24 7.23 -11.63 -1.83
CA ASP A 24 8.39 -11.92 -0.99
C ASP A 24 8.04 -11.71 0.47
N GLY A 25 7.02 -10.91 0.71
CA GLY A 25 6.66 -10.60 2.07
C GLY A 25 7.62 -9.62 2.67
N ILE A 26 7.81 -8.50 1.95
CA ILE A 26 8.82 -7.49 2.28
C ILE A 26 8.53 -6.75 3.59
N ARG A 27 7.84 -7.42 4.52
CA ARG A 27 7.44 -6.83 5.78
C ARG A 27 6.65 -5.54 5.54
N LEU A 28 5.49 -5.72 4.92
CA LEU A 28 4.67 -4.60 4.50
C LEU A 28 3.32 -5.16 4.05
N PRO A 29 2.23 -4.79 4.75
CA PRO A 29 0.87 -5.30 4.47
C PRO A 29 0.47 -5.13 3.01
N ALA A 30 -0.39 -6.02 2.51
CA ALA A 30 -0.84 -5.94 1.13
C ALA A 30 -1.74 -4.73 0.95
N VAL A 31 -2.66 -4.55 1.89
CA VAL A 31 -3.62 -3.44 1.87
C VAL A 31 -2.94 -2.11 1.54
N PHE A 32 -1.88 -1.80 2.27
CA PHE A 32 -1.14 -0.55 2.05
C PHE A 32 -0.68 -0.44 0.61
N ARG A 33 -0.17 -1.54 0.10
CA ARG A 33 0.44 -1.55 -1.21
C ARG A 33 -0.61 -1.60 -2.32
N GLU A 34 -1.72 -2.27 -2.05
CA GLU A 34 -2.83 -2.31 -3.01
C GLU A 34 -3.48 -0.94 -3.17
N CYS A 35 -3.46 -0.14 -2.12
CA CYS A 35 -4.02 1.21 -2.19
C CYS A 35 -3.02 2.15 -2.85
N ILE A 36 -1.74 1.97 -2.52
CA ILE A 36 -0.68 2.76 -3.12
C ILE A 36 -0.53 2.41 -4.61
N ASP A 37 -0.83 1.16 -4.94
CA ASP A 37 -0.73 0.68 -6.32
C ASP A 37 -1.81 1.33 -7.18
N TYR A 38 -3.05 1.29 -6.72
CA TYR A 38 -4.18 1.83 -7.46
C TYR A 38 -3.95 3.30 -7.81
N VAL A 39 -3.65 4.11 -6.80
CA VAL A 39 -3.46 5.54 -7.01
C VAL A 39 -2.25 5.81 -7.91
N GLU A 40 -1.20 5.02 -7.76
CA GLU A 40 0.00 5.20 -8.57
C GLU A 40 -0.31 4.96 -10.05
N LYS A 41 -1.30 4.12 -10.32
CA LYS A 41 -1.66 3.77 -11.69
C LYS A 41 -2.74 4.68 -12.26
N TYR A 42 -3.78 4.98 -11.47
CA TYR A 42 -4.96 5.66 -12.01
C TYR A 42 -5.28 6.96 -11.26
N GLY A 43 -4.88 7.02 -10.00
CA GLY A 43 -5.30 8.12 -9.15
C GLY A 43 -4.13 8.93 -8.68
N MET A 44 -3.32 9.37 -9.62
CA MET A 44 -2.12 10.12 -9.30
C MET A 44 -2.40 11.61 -9.41
N LYS A 45 -3.10 11.99 -10.45
CA LYS A 45 -3.33 13.38 -10.79
C LYS A 45 -4.84 13.64 -10.80
N CYS A 46 -5.53 13.02 -9.86
CA CYS A 46 -6.97 13.17 -9.72
C CYS A 46 -7.29 14.23 -8.67
N GLU A 47 -8.29 15.06 -8.92
CA GLU A 47 -8.64 16.13 -8.01
C GLU A 47 -9.28 15.55 -6.73
N GLY A 48 -9.25 16.32 -5.64
CA GLY A 48 -9.76 15.84 -4.36
C GLY A 48 -8.96 14.68 -3.77
N ILE A 49 -7.93 14.26 -4.48
CA ILE A 49 -7.14 13.08 -4.11
C ILE A 49 -6.59 13.18 -2.69
N TYR A 50 -6.95 12.17 -1.89
CA TYR A 50 -6.42 11.99 -0.52
C TYR A 50 -6.99 13.01 0.47
N ARG A 51 -7.72 14.01 -0.03
CA ARG A 51 -8.09 15.14 0.79
C ARG A 51 -9.46 14.93 1.40
N VAL A 52 -10.39 14.46 0.59
CA VAL A 52 -11.77 14.27 1.02
C VAL A 52 -11.90 12.99 1.86
N SER A 53 -13.08 12.82 2.45
CA SER A 53 -13.37 11.66 3.28
C SER A 53 -13.62 10.42 2.43
N GLY A 54 -14.08 10.63 1.21
CA GLY A 54 -14.36 9.52 0.31
C GLY A 54 -15.77 9.00 0.50
N ILE A 55 -16.14 7.98 -0.24
CA ILE A 55 -17.48 7.40 -0.11
C ILE A 55 -17.50 6.43 1.06
N LYS A 56 -18.04 6.89 2.18
CA LYS A 56 -18.09 6.11 3.41
C LYS A 56 -18.73 4.75 3.18
N SER A 57 -19.75 4.74 2.34
CA SER A 57 -20.51 3.53 2.05
C SER A 57 -19.64 2.43 1.43
N LYS A 58 -18.58 2.82 0.73
CA LYS A 58 -17.68 1.84 0.14
C LYS A 58 -16.67 1.36 1.18
N VAL A 59 -16.26 2.29 2.04
CA VAL A 59 -15.14 2.09 2.95
C VAL A 59 -15.41 0.96 3.95
N ASP A 60 -16.60 0.94 4.53
CA ASP A 60 -16.92 -0.08 5.52
C ASP A 60 -17.06 -1.46 4.87
N GLU A 61 -17.37 -1.45 3.58
CA GLU A 61 -17.44 -2.68 2.80
C GLU A 61 -16.04 -3.24 2.57
N LEU A 62 -15.12 -2.35 2.20
CA LEU A 62 -13.74 -2.71 1.96
C LEU A 62 -13.09 -3.30 3.21
N LYS A 63 -13.31 -2.65 4.35
CA LYS A 63 -12.82 -3.15 5.63
C LYS A 63 -13.37 -4.52 5.90
N ALA A 64 -14.62 -4.71 5.53
CA ALA A 64 -15.30 -5.98 5.74
C ALA A 64 -14.70 -7.07 4.83
N ALA A 65 -14.31 -6.68 3.63
CA ALA A 65 -13.77 -7.63 2.66
C ALA A 65 -12.36 -8.08 3.05
N TYR A 66 -11.50 -7.12 3.36
CA TYR A 66 -10.11 -7.41 3.69
C TYR A 66 -10.00 -8.22 4.99
N ASP A 67 -10.85 -7.91 5.95
CA ASP A 67 -10.84 -8.61 7.24
C ASP A 67 -11.35 -10.04 7.09
N ARG A 68 -12.03 -10.31 5.98
CA ARG A 68 -12.58 -11.64 5.70
C ARG A 68 -11.70 -12.46 4.75
N GLU A 69 -10.48 -11.98 4.51
CA GLU A 69 -9.59 -12.59 3.50
C GLU A 69 -10.31 -12.76 2.16
N GLU A 70 -10.76 -11.64 1.60
CA GLU A 70 -11.51 -11.66 0.36
C GLU A 70 -10.90 -10.69 -0.64
N SER A 71 -10.71 -11.16 -1.86
CA SER A 71 -10.13 -10.35 -2.92
C SER A 71 -10.98 -9.12 -3.20
N THR A 72 -10.36 -7.95 -3.12
CA THR A 72 -11.06 -6.71 -3.31
C THR A 72 -10.50 -5.92 -4.48
N ASN A 73 -11.27 -5.86 -5.55
CA ASN A 73 -10.89 -5.12 -6.75
C ASN A 73 -11.13 -3.63 -6.55
N LEU A 74 -10.07 -2.93 -6.18
CA LEU A 74 -10.11 -1.49 -5.96
C LEU A 74 -10.13 -0.75 -7.29
N GLU A 75 -9.87 -1.49 -8.36
CA GLU A 75 -9.69 -0.93 -9.69
C GLU A 75 -11.00 -0.37 -10.25
N ASP A 76 -12.10 -0.69 -9.56
CA ASP A 76 -13.42 -0.21 -9.96
C ASP A 76 -13.97 0.79 -8.94
N TYR A 77 -13.18 1.06 -7.92
CA TYR A 77 -13.60 1.96 -6.85
C TYR A 77 -12.98 3.34 -7.02
N GLU A 78 -13.47 4.30 -6.23
CA GLU A 78 -12.98 5.67 -6.30
C GLU A 78 -11.65 5.82 -5.55
N PRO A 79 -10.73 6.65 -6.08
CA PRO A 79 -9.38 6.82 -5.53
C PRO A 79 -9.40 7.38 -4.11
N ASN A 80 -10.21 8.41 -3.92
CA ASN A 80 -10.46 9.00 -2.61
C ASN A 80 -10.88 7.94 -1.58
N THR A 81 -11.64 6.97 -2.04
CA THR A 81 -12.20 5.95 -1.16
C THR A 81 -11.12 4.93 -0.75
N VAL A 82 -10.35 4.46 -1.71
CA VAL A 82 -9.28 3.50 -1.43
C VAL A 82 -8.20 4.14 -0.56
N ALA A 83 -7.93 5.42 -0.81
CA ALA A 83 -6.97 6.19 -0.03
C ALA A 83 -7.49 6.40 1.40
N SER A 84 -8.79 6.49 1.53
CA SER A 84 -9.43 6.73 2.82
C SER A 84 -9.38 5.42 3.60
N LEU A 85 -9.66 4.33 2.89
CA LEU A 85 -9.50 3.00 3.44
C LEU A 85 -8.05 2.78 3.86
N LEU A 86 -7.13 3.30 3.06
CA LEU A 86 -5.70 3.18 3.32
C LEU A 86 -5.29 3.86 4.64
N LYS A 87 -5.63 5.14 4.78
CA LYS A 87 -5.27 5.89 5.99
C LYS A 87 -6.03 5.36 7.20
N GLN A 88 -7.24 4.88 6.98
CA GLN A 88 -8.02 4.27 8.05
C GLN A 88 -7.41 2.93 8.47
N TYR A 89 -7.16 2.06 7.50
CA TYR A 89 -6.47 0.80 7.76
C TYR A 89 -5.21 1.02 8.60
N LEU A 90 -4.47 2.08 8.30
CA LEU A 90 -3.27 2.41 9.08
C LEU A 90 -3.65 2.68 10.53
N ARG A 91 -4.73 3.41 10.72
CA ARG A 91 -5.19 3.77 12.05
C ARG A 91 -5.66 2.56 12.86
N ASP A 92 -6.45 1.67 12.24
CA ASP A 92 -6.89 0.45 12.94
C ASP A 92 -5.74 -0.35 13.51
N LEU A 93 -4.55 -0.15 12.98
CA LEU A 93 -3.39 -0.89 13.46
C LEU A 93 -2.91 -0.30 14.79
N PRO A 94 -2.69 -1.16 15.81
CA PRO A 94 -2.45 -0.73 17.18
C PRO A 94 -1.03 -0.24 17.47
N GLU A 95 -0.25 -0.01 16.44
CA GLU A 95 1.09 0.53 16.63
C GLU A 95 1.38 1.64 15.63
N ASN A 96 1.99 2.72 16.11
CA ASN A 96 2.39 3.82 15.24
C ASN A 96 3.65 3.45 14.48
N LEU A 97 3.92 4.17 13.40
CA LEU A 97 5.11 3.91 12.61
C LEU A 97 6.32 4.43 13.36
N LEU A 98 6.15 5.57 14.02
CA LEU A 98 7.20 6.18 14.82
C LEU A 98 7.06 5.73 16.25
N THR A 99 6.06 4.88 16.47
CA THR A 99 5.66 4.42 17.80
C THR A 99 5.35 5.60 18.73
N LYS A 100 4.86 5.29 19.92
CA LYS A 100 4.60 6.30 20.92
C LYS A 100 5.90 6.99 21.29
N GLU A 101 6.87 6.14 21.57
CA GLU A 101 8.19 6.55 22.04
C GLU A 101 8.88 7.61 21.15
N LEU A 102 8.98 7.39 19.84
CA LEU A 102 9.72 8.34 19.00
C LEU A 102 8.85 9.51 18.55
N MET A 103 7.53 9.29 18.58
CA MET A 103 6.56 10.31 18.14
C MET A 103 6.82 11.72 18.71
N PRO A 104 6.99 11.91 20.05
CA PRO A 104 7.16 13.23 20.65
C PRO A 104 8.44 13.94 20.19
N ARG A 105 9.38 13.15 19.70
CA ARG A 105 10.66 13.69 19.23
C ARG A 105 10.47 14.47 17.94
N PHE A 106 9.39 14.18 17.22
CA PHE A 106 9.10 14.87 15.97
C PHE A 106 8.72 16.32 16.21
N GLU A 107 8.02 16.56 17.32
CA GLU A 107 7.75 17.90 17.77
C GLU A 107 9.05 18.69 17.87
N GLU A 108 10.06 18.05 18.47
CA GLU A 108 11.38 18.63 18.61
C GLU A 108 12.01 18.84 17.24
N ALA A 109 11.95 17.81 16.42
CA ALA A 109 12.55 17.82 15.10
C ALA A 109 11.95 18.90 14.22
N CYS A 110 10.77 19.38 14.57
CA CYS A 110 10.11 20.41 13.79
C CYS A 110 10.56 21.78 14.29
N GLY A 111 10.82 21.88 15.59
CA GLY A 111 11.22 23.13 16.18
C GLY A 111 12.72 23.32 16.30
N ARG A 112 13.48 22.44 15.63
CA ARG A 112 14.93 22.57 15.58
C ARG A 112 15.33 23.90 14.97
N THR A 113 16.40 24.47 15.49
CA THR A 113 16.86 25.79 15.07
C THR A 113 17.47 25.75 13.67
N THR A 114 17.92 24.58 13.24
CA THR A 114 18.55 24.46 11.94
C THR A 114 17.93 23.32 11.13
N GLU A 115 17.85 23.51 9.82
CA GLU A 115 17.30 22.51 8.90
C GLU A 115 18.04 21.18 9.05
N THR A 116 19.30 21.28 9.43
CA THR A 116 20.14 20.11 9.64
C THR A 116 19.64 19.33 10.85
N GLU A 117 19.49 20.02 11.98
CA GLU A 117 19.12 19.39 13.23
C GLU A 117 17.78 18.68 13.09
N LYS A 118 16.93 19.24 12.24
CA LYS A 118 15.61 18.68 12.00
C LYS A 118 15.73 17.33 11.31
N VAL A 119 16.31 17.33 10.12
CA VAL A 119 16.53 16.10 9.36
C VAL A 119 17.33 15.07 10.17
N GLN A 120 18.32 15.51 10.93
CA GLN A 120 19.09 14.59 11.79
C GLN A 120 18.19 13.87 12.79
N GLU A 121 17.31 14.63 13.45
CA GLU A 121 16.40 14.06 14.44
C GLU A 121 15.48 13.03 13.77
N PHE A 122 14.87 13.41 12.65
CA PHE A 122 14.03 12.51 11.87
C PHE A 122 14.76 11.20 11.57
N GLN A 123 15.97 11.34 11.05
CA GLN A 123 16.83 10.18 10.78
C GLN A 123 16.93 9.28 12.00
N ARG A 124 17.28 9.86 13.14
CA ARG A 124 17.43 9.11 14.40
C ARG A 124 16.16 8.36 14.75
N LEU A 125 15.02 9.04 14.72
CA LEU A 125 13.76 8.44 15.11
C LEU A 125 13.46 7.23 14.26
N LEU A 126 13.59 7.39 12.95
CA LEU A 126 13.32 6.32 12.00
C LEU A 126 14.23 5.10 12.23
N LYS A 127 15.42 5.33 12.78
CA LYS A 127 16.33 4.22 13.08
C LYS A 127 15.76 3.36 14.21
N GLU A 128 15.31 4.05 15.24
CA GLU A 128 14.71 3.42 16.42
C GLU A 128 13.37 2.74 16.12
N LEU A 129 13.09 2.47 14.85
CA LEU A 129 11.83 1.85 14.46
C LEU A 129 12.06 0.40 14.02
N PRO A 130 11.03 -0.44 14.10
CA PRO A 130 11.08 -1.80 13.55
C PRO A 130 11.21 -1.75 12.03
N GLU A 131 11.78 -2.81 11.46
CA GLU A 131 12.04 -2.86 10.01
C GLU A 131 10.76 -2.64 9.20
N CYS A 132 9.68 -3.30 9.60
CA CYS A 132 8.39 -3.14 8.91
C CYS A 132 7.90 -1.70 8.95
N ASN A 133 8.07 -1.05 10.10
CA ASN A 133 7.64 0.33 10.26
C ASN A 133 8.51 1.27 9.43
N TYR A 134 9.79 0.94 9.37
CA TYR A 134 10.75 1.71 8.61
C TYR A 134 10.38 1.74 7.13
N LEU A 135 9.94 0.60 6.61
CA LEU A 135 9.52 0.53 5.21
C LEU A 135 8.19 1.27 5.02
N LEU A 136 7.26 1.06 5.94
CA LEU A 136 5.95 1.69 5.88
C LEU A 136 6.10 3.21 5.89
N ILE A 137 6.90 3.73 6.84
CA ILE A 137 7.08 5.17 6.98
C ILE A 137 7.66 5.76 5.69
N SER A 138 8.71 5.12 5.16
CA SER A 138 9.32 5.53 3.90
C SER A 138 8.28 5.66 2.79
N TRP A 139 7.49 4.62 2.60
CA TRP A 139 6.58 4.55 1.46
C TRP A 139 5.43 5.54 1.59
N LEU A 140 4.81 5.57 2.76
CA LEU A 140 3.66 6.42 3.00
C LEU A 140 3.98 7.87 2.67
N ILE A 141 5.16 8.31 3.07
CA ILE A 141 5.54 9.70 2.90
C ILE A 141 5.99 9.97 1.47
N VAL A 142 6.87 9.13 0.91
CA VAL A 142 7.37 9.37 -0.42
C VAL A 142 6.27 9.22 -1.47
N HIS A 143 5.30 8.36 -1.21
CA HIS A 143 4.17 8.24 -2.11
C HIS A 143 3.30 9.48 -2.02
N MET A 144 3.12 9.99 -0.82
CA MET A 144 2.31 11.17 -0.61
C MET A 144 3.02 12.39 -1.17
N ASP A 145 4.35 12.32 -1.19
CA ASP A 145 5.19 13.34 -1.80
C ASP A 145 4.90 13.43 -3.29
N HIS A 146 4.73 12.28 -3.91
CA HIS A 146 4.40 12.22 -5.33
C HIS A 146 3.08 12.94 -5.60
N VAL A 147 2.11 12.75 -4.70
CA VAL A 147 0.83 13.44 -4.81
C VAL A 147 1.01 14.94 -4.68
N ILE A 148 2.02 15.36 -3.93
CA ILE A 148 2.28 16.79 -3.76
C ILE A 148 2.65 17.43 -5.10
N ALA A 149 3.50 16.75 -5.87
CA ALA A 149 3.81 17.21 -7.22
C ALA A 149 2.58 17.13 -8.11
N LYS A 150 1.78 16.11 -7.87
CA LYS A 150 0.58 15.88 -8.64
C LYS A 150 -0.49 16.92 -8.32
N GLU A 151 -0.62 17.28 -7.04
CA GLU A 151 -1.55 18.31 -6.62
C GLU A 151 -1.06 19.67 -7.07
N LEU A 152 0.23 19.77 -7.30
CA LEU A 152 0.81 20.98 -7.84
C LEU A 152 0.32 21.18 -9.25
N GLU A 153 0.10 20.08 -9.96
CA GLU A 153 -0.41 20.15 -11.30
C GLU A 153 -1.92 20.01 -11.37
N THR A 154 -2.59 19.58 -10.30
CA THR A 154 -4.04 19.43 -10.36
C THR A 154 -4.75 20.63 -9.73
N LYS A 155 -4.33 21.02 -8.51
CA LYS A 155 -4.78 22.28 -7.89
C LYS A 155 -4.29 22.51 -6.45
N MET A 156 -4.19 21.47 -5.60
CA MET A 156 -3.89 21.70 -4.18
C MET A 156 -2.40 21.81 -3.90
N ASN A 157 -2.06 21.70 -2.62
CA ASN A 157 -0.70 21.93 -2.14
C ASN A 157 -0.40 21.00 -0.97
N ILE A 158 0.84 21.05 -0.47
CA ILE A 158 1.26 20.26 0.68
C ILE A 158 0.35 20.51 1.87
N GLN A 159 -0.10 21.75 2.02
CA GLN A 159 -0.84 22.16 3.21
C GLN A 159 -2.08 21.30 3.39
N ASN A 160 -2.90 21.22 2.34
CA ASN A 160 -4.15 20.47 2.40
C ASN A 160 -3.87 19.01 2.75
N ILE A 161 -2.87 18.45 2.07
CA ILE A 161 -2.50 17.07 2.27
C ILE A 161 -1.99 16.83 3.70
N SER A 162 -1.16 17.74 4.18
CA SER A 162 -0.60 17.62 5.52
C SER A 162 -1.68 17.69 6.60
N ILE A 163 -2.79 18.34 6.28
CA ILE A 163 -3.88 18.50 7.23
C ILE A 163 -4.60 17.18 7.42
N VAL A 164 -4.83 16.48 6.31
CA VAL A 164 -5.52 15.20 6.35
C VAL A 164 -4.57 14.09 6.83
N LEU A 165 -3.28 14.37 6.81
CA LEU A 165 -2.26 13.41 7.24
C LEU A 165 -2.00 13.49 8.72
N SER A 166 -2.26 14.64 9.32
CA SER A 166 -2.09 14.83 10.76
C SER A 166 -2.80 13.71 11.55
N PRO A 167 -4.12 13.51 11.36
CA PRO A 167 -4.85 12.45 12.05
C PRO A 167 -4.43 11.06 11.56
N THR A 168 -3.75 11.01 10.44
CA THR A 168 -3.42 9.74 9.81
C THR A 168 -2.39 8.96 10.62
N VAL A 169 -1.22 9.54 10.90
CA VAL A 169 -0.25 8.87 11.76
C VAL A 169 -0.29 9.40 13.19
N GLN A 170 -1.13 10.42 13.40
CA GLN A 170 -1.36 11.00 14.73
C GLN A 170 -0.23 11.95 15.14
N ILE A 171 0.19 12.77 14.20
CA ILE A 171 1.20 13.77 14.46
C ILE A 171 0.73 15.12 13.94
N SER A 172 1.04 16.19 14.67
CA SER A 172 0.63 17.56 14.32
C SER A 172 0.91 17.88 12.85
N ASN A 173 -0.04 18.63 12.27
CA ASN A 173 -0.05 18.97 10.85
C ASN A 173 1.30 19.44 10.33
N ARG A 174 1.92 20.37 11.05
CA ARG A 174 3.17 20.99 10.61
C ARG A 174 4.24 19.95 10.31
N VAL A 175 4.26 18.90 11.10
CA VAL A 175 5.28 17.85 10.97
C VAL A 175 5.18 17.12 9.62
N LEU A 176 3.99 17.03 9.05
CA LEU A 176 3.81 16.31 7.77
C LEU A 176 4.49 17.03 6.60
N TYR A 177 4.23 18.32 6.47
CA TYR A 177 5.02 19.18 5.58
C TYR A 177 6.52 18.92 5.77
N VAL A 178 6.93 18.88 7.04
CA VAL A 178 8.31 18.60 7.41
C VAL A 178 8.71 17.17 7.02
N PHE A 179 7.73 16.29 7.03
CA PHE A 179 7.93 14.90 6.68
C PHE A 179 8.42 14.73 5.25
N PHE A 180 7.71 15.30 4.27
CA PHE A 180 8.11 15.11 2.87
C PHE A 180 9.44 15.79 2.59
N THR A 181 9.44 17.09 2.85
CA THR A 181 10.68 17.88 2.77
C THR A 181 11.89 17.06 3.28
N HIS A 182 11.77 16.52 4.48
CA HIS A 182 12.88 15.77 5.08
C HIS A 182 12.94 14.33 4.60
N VAL A 183 11.81 13.76 4.19
CA VAL A 183 11.78 12.36 3.79
C VAL A 183 12.70 12.13 2.59
N GLN A 184 12.75 13.06 1.65
CA GLN A 184 13.70 12.96 0.56
C GLN A 184 15.09 13.45 0.99
N GLU A 185 15.15 14.34 1.97
CA GLU A 185 16.43 14.67 2.57
C GLU A 185 17.04 13.43 3.23
N LEU A 186 16.18 12.52 3.69
CA LEU A 186 16.64 11.28 4.31
C LEU A 186 16.81 10.16 3.28
N PHE A 187 15.78 9.93 2.48
CA PHE A 187 15.83 8.90 1.45
C PHE A 187 15.76 9.55 0.08
N GLY A 188 15.05 8.90 -0.83
CA GLY A 188 14.81 9.47 -2.13
C GLY A 188 14.98 8.43 -3.20
N ASN A 189 15.68 7.37 -2.84
CA ASN A 189 15.81 6.20 -3.70
C ASN A 189 14.71 5.22 -3.36
N VAL A 190 14.11 5.43 -2.18
CA VAL A 190 12.96 4.68 -1.72
C VAL A 190 11.93 4.57 -2.82
N VAL A 191 11.74 3.35 -3.25
CA VAL A 191 11.01 3.06 -4.48
C VAL A 191 9.68 2.39 -4.22
N LEU A 192 8.69 2.77 -4.99
CA LEU A 192 7.34 2.23 -4.85
C LEU A 192 7.19 0.97 -5.68
N LYS A 193 7.45 -0.18 -5.06
CA LYS A 193 7.25 -1.48 -5.70
C LYS A 193 5.75 -1.80 -5.80
N GLN A 194 5.22 -1.76 -7.01
CA GLN A 194 3.80 -1.95 -7.24
C GLN A 194 3.40 -3.41 -7.13
N VAL A 195 2.10 -3.64 -6.99
CA VAL A 195 1.57 -4.97 -6.73
C VAL A 195 0.53 -5.36 -7.78
N MET A 196 0.31 -6.65 -7.96
CA MET A 196 -0.76 -7.10 -8.82
C MET A 196 -2.01 -7.31 -7.99
N LYS A 197 -3.14 -6.89 -8.54
CA LYS A 197 -4.40 -6.94 -7.83
C LYS A 197 -5.41 -7.76 -8.61
N PRO A 198 -6.39 -8.35 -7.91
CA PRO A 198 -7.52 -9.03 -8.55
C PRO A 198 -8.37 -8.05 -9.36
N LEU A 199 -9.03 -8.55 -10.38
CA LEU A 199 -9.80 -7.70 -11.28
C LEU A 199 -11.28 -8.03 -11.16
N ARG A 200 -12.07 -7.52 -12.09
CA ARG A 200 -13.51 -7.72 -12.07
C ARG A 200 -13.91 -9.13 -12.51
N TRP A 201 -12.95 -10.06 -12.55
CA TRP A 201 -13.24 -11.43 -12.90
C TRP A 201 -13.05 -12.34 -11.68
N SER A 202 -14.00 -13.25 -11.47
CA SER A 202 -13.95 -14.16 -10.34
C SER A 202 -13.02 -15.35 -10.61
N ASN A 203 -12.27 -15.26 -11.72
CA ASN A 203 -11.26 -16.26 -12.11
C ASN A 203 -11.86 -17.46 -12.83
N MET A 204 -13.18 -17.53 -12.90
CA MET A 204 -13.84 -18.58 -13.69
C MET A 204 -15.24 -18.13 -14.12
N ALA A 205 -15.83 -18.90 -15.04
CA ALA A 205 -17.21 -18.67 -15.51
C ALA A 205 -17.30 -17.48 -16.45
N THR A 206 -16.15 -17.02 -16.91
CA THR A 206 -16.06 -15.88 -17.85
C THR A 206 -14.74 -15.99 -18.60
N MET A 207 -14.38 -14.99 -19.39
CA MET A 207 -13.11 -15.02 -20.13
C MET A 207 -12.64 -13.63 -20.54
N PRO A 208 -13.48 -12.82 -21.24
CA PRO A 208 -13.06 -11.51 -21.73
C PRO A 208 -12.94 -10.49 -20.60
N THR A 209 -11.72 -10.33 -20.09
CA THR A 209 -11.43 -9.36 -19.05
C THR A 209 -9.92 -9.12 -18.95
N LEU A 210 -9.15 -9.85 -19.75
CA LEU A 210 -7.70 -9.76 -19.71
C LEU A 210 -7.21 -8.74 -20.75
N PRO A 211 -6.02 -8.17 -20.55
CA PRO A 211 -5.42 -7.27 -21.53
C PRO A 211 -5.22 -7.98 -22.87
N GLU A 212 -5.70 -7.38 -23.95
CA GLU A 212 -5.59 -8.00 -25.27
C GLU A 212 -4.55 -7.28 -26.12
N THR A 213 -3.83 -6.36 -25.51
CA THR A 213 -2.76 -5.65 -26.20
C THR A 213 -1.42 -6.30 -25.90
N GLN A 214 -0.52 -6.31 -26.89
CA GLN A 214 0.78 -6.97 -26.76
C GLN A 214 1.51 -6.49 -25.49
N ALA A 215 1.48 -5.18 -25.26
CA ALA A 215 2.14 -4.60 -24.10
C ALA A 215 1.47 -5.05 -22.81
N GLY A 216 0.14 -5.07 -22.84
CA GLY A 216 -0.62 -5.46 -21.67
C GLY A 216 -0.37 -6.90 -21.27
N ILE A 217 -0.31 -7.78 -22.26
CA ILE A 217 -0.12 -9.20 -21.99
C ILE A 217 1.30 -9.46 -21.54
N LYS A 218 2.25 -8.85 -22.24
CA LYS A 218 3.68 -8.97 -21.91
C LYS A 218 3.96 -8.67 -20.45
N GLU A 219 3.48 -7.53 -19.97
CA GLU A 219 3.78 -7.10 -18.61
C GLU A 219 3.13 -8.00 -17.57
N GLU A 220 1.87 -8.33 -17.77
CA GLU A 220 1.15 -9.16 -16.81
C GLU A 220 1.74 -10.54 -16.71
N ILE A 221 2.12 -11.12 -17.84
CA ILE A 221 2.78 -12.43 -17.84
C ILE A 221 4.08 -12.35 -17.05
N ARG A 222 4.88 -11.32 -17.33
CA ARG A 222 6.14 -11.12 -16.63
C ARG A 222 5.90 -11.07 -15.12
N ARG A 223 4.94 -10.25 -14.71
CA ARG A 223 4.64 -10.06 -13.30
C ARG A 223 4.09 -11.34 -12.67
N GLN A 224 3.23 -12.05 -13.38
CA GLN A 224 2.59 -13.24 -12.83
C GLN A 224 3.55 -14.41 -12.74
N GLU A 225 4.51 -14.51 -13.66
CA GLU A 225 5.48 -15.59 -13.63
C GLU A 225 6.45 -15.39 -12.47
N PHE A 226 6.69 -14.13 -12.08
CA PHE A 226 7.47 -13.85 -10.89
C PHE A 226 6.71 -14.29 -9.64
N LEU A 227 5.39 -14.11 -9.65
CA LEU A 227 4.55 -14.58 -8.56
C LEU A 227 4.46 -16.11 -8.61
N LEU A 228 4.61 -16.63 -9.81
CA LEU A 228 4.46 -18.06 -10.05
C LEU A 228 5.65 -18.83 -9.46
N ASN A 229 6.85 -18.45 -9.89
CA ASN A 229 8.06 -19.16 -9.49
C ASN A 229 8.34 -18.95 -8.00
N CYS A 230 8.02 -17.76 -7.50
CA CYS A 230 8.26 -17.44 -6.10
C CYS A 230 7.45 -18.35 -5.20
N LEU A 231 6.14 -18.38 -5.45
CA LEU A 231 5.24 -19.18 -4.64
C LEU A 231 5.55 -20.66 -4.82
N HIS A 232 5.92 -21.04 -6.04
CA HIS A 232 6.40 -22.39 -6.30
C HIS A 232 7.54 -22.74 -5.36
N ARG A 233 8.49 -21.83 -5.22
CA ARG A 233 9.67 -22.04 -4.40
C ARG A 233 9.35 -21.99 -2.92
N ASP A 234 8.59 -20.97 -2.51
CA ASP A 234 8.30 -20.75 -1.09
C ASP A 234 7.60 -21.94 -0.44
N LEU A 235 6.87 -22.71 -1.23
CA LEU A 235 6.15 -23.87 -0.72
C LEU A 235 7.11 -24.90 -0.11
N GLN A 236 8.39 -24.83 -0.47
CA GLN A 236 9.37 -25.77 0.06
C GLN A 236 9.96 -25.26 1.37
N GLY A 237 9.58 -24.04 1.76
CA GLY A 237 10.08 -23.47 2.99
C GLY A 237 9.28 -23.91 4.21
N GLY A 238 8.87 -25.17 4.20
CA GLY A 238 8.07 -25.70 5.29
C GLY A 238 6.67 -25.11 5.31
N ILE A 239 6.24 -24.57 4.18
CA ILE A 239 4.95 -23.91 4.09
C ILE A 239 3.84 -24.91 3.78
N LYS A 240 2.93 -25.06 4.72
CA LYS A 240 1.76 -25.89 4.53
C LYS A 240 0.50 -25.02 4.55
N ASP A 241 0.16 -24.44 3.41
CA ASP A 241 -0.97 -23.52 3.32
C ASP A 241 -1.74 -23.74 2.03
N LEU A 242 -2.91 -24.35 2.16
CA LEU A 242 -3.72 -24.70 1.01
C LEU A 242 -4.32 -23.47 0.34
N SER A 243 -4.49 -22.38 1.09
CA SER A 243 -5.09 -21.17 0.53
C SER A 243 -4.14 -20.53 -0.47
N LYS A 244 -2.85 -20.61 -0.15
CA LYS A 244 -1.83 -20.10 -1.02
C LYS A 244 -1.71 -20.99 -2.25
N GLU A 245 -1.87 -22.29 -2.04
CA GLU A 245 -1.82 -23.25 -3.13
C GLU A 245 -2.94 -22.98 -4.12
N GLU A 246 -4.19 -23.03 -3.66
CA GLU A 246 -5.34 -22.75 -4.52
C GLU A 246 -5.17 -21.45 -5.29
N ARG A 247 -4.68 -20.42 -4.62
CA ARG A 247 -4.46 -19.12 -5.25
C ARG A 247 -3.40 -19.25 -6.36
N LEU A 248 -2.45 -20.14 -6.15
CA LEU A 248 -1.35 -20.34 -7.08
C LEU A 248 -1.82 -21.03 -8.38
N TRP A 249 -2.70 -22.03 -8.25
CA TRP A 249 -3.21 -22.74 -9.44
C TRP A 249 -3.97 -21.78 -10.31
N GLU A 250 -4.66 -20.88 -9.64
CA GLU A 250 -5.43 -19.83 -10.32
C GLU A 250 -4.49 -18.94 -11.13
N VAL A 251 -3.29 -18.69 -10.61
CA VAL A 251 -2.24 -17.98 -11.35
C VAL A 251 -1.99 -18.66 -12.69
N GLN A 252 -1.75 -19.96 -12.60
CA GLN A 252 -1.48 -20.78 -13.79
C GLN A 252 -2.64 -20.71 -14.78
N ARG A 253 -3.85 -20.74 -14.26
CA ARG A 253 -5.05 -20.64 -15.10
C ARG A 253 -5.11 -19.31 -15.85
N ILE A 254 -4.72 -18.24 -15.16
CA ILE A 254 -4.73 -16.91 -15.76
C ILE A 254 -3.58 -16.79 -16.76
N LEU A 255 -2.40 -17.25 -16.33
CA LEU A 255 -1.22 -17.25 -17.17
C LEU A 255 -1.44 -18.03 -18.45
N THR A 256 -2.14 -19.15 -18.36
CA THR A 256 -2.47 -19.94 -19.53
C THR A 256 -3.29 -19.13 -20.53
N ALA A 257 -4.35 -18.47 -20.05
CA ALA A 257 -5.13 -17.57 -20.89
C ALA A 257 -4.24 -16.50 -21.52
N LEU A 258 -3.33 -15.94 -20.72
CA LEU A 258 -2.41 -14.91 -21.21
C LEU A 258 -1.43 -15.48 -22.24
N LYS A 259 -0.95 -16.71 -22.02
CA LYS A 259 -0.02 -17.36 -22.95
C LYS A 259 -0.68 -17.56 -24.32
N ARG A 260 -1.96 -17.88 -24.30
CA ARG A 260 -2.74 -17.99 -25.53
C ARG A 260 -2.81 -16.63 -26.23
N LYS A 261 -3.19 -15.62 -25.47
CA LYS A 261 -3.41 -14.28 -26.02
C LYS A 261 -2.09 -13.61 -26.40
N LEU A 262 -1.00 -14.02 -25.78
CA LEU A 262 0.32 -13.46 -26.09
C LEU A 262 0.68 -13.74 -27.55
N ARG A 263 0.28 -14.92 -28.02
CA ARG A 263 0.49 -15.28 -29.42
C ARG A 263 -0.81 -15.11 -30.20
N GLU A 264 -1.77 -14.46 -29.57
CA GLU A 264 -3.04 -14.13 -30.21
C GLU A 264 -2.87 -12.82 -30.95
N ALA A 265 -2.05 -11.95 -30.37
CA ALA A 265 -1.72 -10.66 -30.94
C ALA A 265 -0.91 -10.84 -32.22
N HIS A 1 -17.00 -11.95 22.01
CA HIS A 1 -15.64 -12.39 21.68
C HIS A 1 -15.51 -12.65 20.19
N MET A 2 -14.29 -12.73 19.71
CA MET A 2 -14.03 -12.93 18.29
C MET A 2 -13.66 -14.39 18.01
N PRO A 3 -14.27 -14.96 16.96
CA PRO A 3 -13.96 -16.31 16.51
C PRO A 3 -12.65 -16.34 15.71
N ASN A 4 -12.19 -15.16 15.33
CA ASN A 4 -10.93 -15.01 14.63
C ASN A 4 -9.89 -14.47 15.60
N LEU A 5 -8.68 -14.99 15.53
CA LEU A 5 -7.62 -14.60 16.44
C LEU A 5 -6.97 -13.31 15.98
N LYS A 6 -7.49 -12.19 16.49
CA LYS A 6 -6.98 -10.85 16.19
C LYS A 6 -7.26 -10.46 14.74
N PRO A 7 -8.23 -9.55 14.53
CA PRO A 7 -8.54 -9.05 13.20
C PRO A 7 -7.58 -7.95 12.76
N ILE A 8 -7.05 -8.09 11.53
CA ILE A 8 -6.24 -7.06 10.84
C ILE A 8 -6.40 -5.63 11.37
N PHE A 9 -7.61 -5.14 11.44
CA PHE A 9 -7.83 -3.77 11.90
C PHE A 9 -7.79 -3.69 13.43
N GLY A 10 -6.57 -3.60 13.97
CA GLY A 10 -6.39 -3.55 15.39
C GLY A 10 -5.28 -4.46 15.90
N ILE A 11 -4.13 -4.42 15.23
CA ILE A 11 -2.99 -5.26 15.63
C ILE A 11 -1.68 -4.49 15.47
N PRO A 12 -0.58 -5.02 16.05
CA PRO A 12 0.77 -4.46 15.85
C PRO A 12 1.15 -4.44 14.37
N LEU A 13 2.02 -3.51 14.00
CA LEU A 13 2.38 -3.30 12.60
C LEU A 13 2.99 -4.57 12.01
N ALA A 14 4.06 -5.06 12.64
CA ALA A 14 4.74 -6.28 12.19
C ALA A 14 3.78 -7.47 12.08
N ASP A 15 2.96 -7.66 13.11
CA ASP A 15 1.99 -8.75 13.12
C ASP A 15 1.08 -8.69 11.89
N ALA A 16 0.59 -7.50 11.58
CA ALA A 16 -0.24 -7.28 10.39
C ALA A 16 0.54 -7.61 9.12
N VAL A 17 1.85 -7.34 9.17
CA VAL A 17 2.73 -7.60 8.03
C VAL A 17 2.88 -9.09 7.80
N GLU A 18 3.24 -9.82 8.86
CA GLU A 18 3.51 -11.24 8.76
C GLU A 18 2.29 -12.04 8.33
N ARG A 19 1.11 -11.49 8.58
CA ARG A 19 -0.11 -12.19 8.20
C ARG A 19 -0.52 -11.88 6.75
N THR A 20 -0.43 -10.63 6.33
CA THR A 20 -0.97 -10.26 5.03
C THR A 20 -0.06 -10.61 3.85
N MET A 21 1.21 -10.17 3.88
CA MET A 21 2.16 -10.33 2.75
C MET A 21 1.51 -10.10 1.36
N MET A 22 2.28 -10.31 0.29
CA MET A 22 1.73 -10.30 -1.07
C MET A 22 2.78 -10.64 -2.13
N TYR A 23 3.31 -9.61 -2.79
CA TYR A 23 4.20 -9.80 -3.93
C TYR A 23 5.53 -10.42 -3.51
N ASP A 24 6.44 -9.60 -3.01
CA ASP A 24 7.78 -10.07 -2.65
C ASP A 24 7.86 -10.38 -1.14
N GLY A 25 6.95 -9.80 -0.38
CA GLY A 25 6.99 -9.96 1.06
C GLY A 25 8.08 -9.13 1.71
N ILE A 26 8.20 -7.87 1.29
CA ILE A 26 9.24 -6.97 1.75
C ILE A 26 8.93 -6.39 3.13
N ARG A 27 8.30 -7.20 3.98
CA ARG A 27 7.87 -6.76 5.30
C ARG A 27 7.01 -5.50 5.20
N LEU A 28 5.86 -5.67 4.56
CA LEU A 28 4.89 -4.60 4.37
C LEU A 28 3.53 -5.23 4.17
N PRO A 29 2.47 -4.64 4.71
CA PRO A 29 1.11 -5.15 4.52
C PRO A 29 0.67 -4.96 3.07
N ALA A 30 -0.15 -5.88 2.54
CA ALA A 30 -0.59 -5.78 1.16
C ALA A 30 -1.40 -4.52 0.95
N VAL A 31 -2.28 -4.25 1.92
CA VAL A 31 -3.15 -3.06 1.93
C VAL A 31 -2.41 -1.81 1.48
N PHE A 32 -1.19 -1.64 1.98
CA PHE A 32 -0.41 -0.45 1.68
C PHE A 32 -0.09 -0.39 0.19
N ARG A 33 0.31 -1.52 -0.37
CA ARG A 33 0.69 -1.57 -1.77
C ARG A 33 -0.56 -1.59 -2.65
N GLU A 34 -1.63 -2.22 -2.17
CA GLU A 34 -2.91 -2.22 -2.86
C GLU A 34 -3.38 -0.79 -3.14
N CYS A 35 -3.26 0.08 -2.15
CA CYS A 35 -3.66 1.47 -2.33
C CYS A 35 -2.58 2.27 -3.07
N ILE A 36 -1.32 2.04 -2.72
CA ILE A 36 -0.21 2.76 -3.34
C ILE A 36 -0.15 2.48 -4.84
N ASP A 37 -0.50 1.25 -5.21
CA ASP A 37 -0.50 0.82 -6.59
C ASP A 37 -1.62 1.51 -7.35
N TYR A 38 -2.83 1.44 -6.79
CA TYR A 38 -4.01 1.98 -7.45
C TYR A 38 -3.88 3.49 -7.69
N VAL A 39 -3.51 4.22 -6.65
CA VAL A 39 -3.42 5.67 -6.75
C VAL A 39 -2.35 6.10 -7.74
N GLU A 40 -1.19 5.45 -7.69
CA GLU A 40 -0.07 5.88 -8.51
C GLU A 40 -0.29 5.52 -9.98
N LYS A 41 -1.09 4.49 -10.25
CA LYS A 41 -1.37 4.12 -11.64
C LYS A 41 -2.50 4.95 -12.24
N TYR A 42 -3.59 5.14 -11.50
CA TYR A 42 -4.80 5.72 -12.07
C TYR A 42 -5.14 7.07 -11.45
N GLY A 43 -4.87 7.21 -10.16
CA GLY A 43 -5.37 8.35 -9.40
C GLY A 43 -4.30 9.39 -9.13
N MET A 44 -3.49 9.65 -10.14
CA MET A 44 -2.41 10.63 -10.02
C MET A 44 -2.88 11.97 -10.56
N LYS A 45 -3.74 11.93 -11.57
CA LYS A 45 -4.25 13.14 -12.20
C LYS A 45 -5.61 13.54 -11.62
N CYS A 46 -5.89 13.14 -10.40
CA CYS A 46 -7.14 13.50 -9.75
C CYS A 46 -6.95 14.73 -8.87
N GLU A 47 -7.52 15.86 -9.26
CA GLU A 47 -7.43 17.06 -8.44
C GLU A 47 -8.15 16.83 -7.11
N GLY A 48 -7.36 16.69 -6.06
CA GLY A 48 -7.92 16.54 -4.73
C GLY A 48 -7.81 15.12 -4.23
N ILE A 49 -6.94 14.36 -4.87
CA ILE A 49 -6.67 12.98 -4.50
C ILE A 49 -6.16 12.90 -3.05
N TYR A 50 -6.58 11.87 -2.33
CA TYR A 50 -6.22 11.67 -0.92
C TYR A 50 -6.90 12.70 -0.02
N ARG A 51 -7.78 13.52 -0.59
CA ARG A 51 -8.46 14.56 0.16
C ARG A 51 -9.95 14.28 0.15
N VAL A 52 -10.46 13.90 -1.02
CA VAL A 52 -11.84 13.48 -1.17
C VAL A 52 -12.11 12.24 -0.32
N SER A 53 -13.30 12.14 0.22
CA SER A 53 -13.65 11.05 1.10
C SER A 53 -14.27 9.90 0.32
N GLY A 54 -13.99 8.67 0.75
CA GLY A 54 -14.55 7.51 0.09
C GLY A 54 -15.93 7.15 0.62
N ILE A 55 -16.57 6.22 -0.05
CA ILE A 55 -17.90 5.77 0.37
C ILE A 55 -17.77 4.85 1.57
N LYS A 56 -18.40 5.25 2.68
CA LYS A 56 -18.31 4.50 3.93
C LYS A 56 -18.81 3.07 3.73
N SER A 57 -19.81 2.93 2.87
CA SER A 57 -20.41 1.65 2.56
C SER A 57 -19.42 0.69 1.91
N LYS A 58 -18.39 1.22 1.25
CA LYS A 58 -17.38 0.39 0.61
C LYS A 58 -16.34 -0.06 1.63
N VAL A 59 -16.12 0.81 2.61
CA VAL A 59 -15.03 0.63 3.56
C VAL A 59 -15.27 -0.55 4.48
N ASP A 60 -16.48 -0.65 5.04
CA ASP A 60 -16.80 -1.75 5.95
C ASP A 60 -16.86 -3.06 5.19
N GLU A 61 -17.12 -2.98 3.89
CA GLU A 61 -17.12 -4.15 3.04
C GLU A 61 -15.68 -4.63 2.86
N LEU A 62 -14.80 -3.71 2.50
CA LEU A 62 -13.38 -4.00 2.35
C LEU A 62 -12.78 -4.52 3.66
N LYS A 63 -13.01 -3.81 4.75
CA LYS A 63 -12.49 -4.20 6.06
C LYS A 63 -12.84 -5.65 6.35
N ALA A 64 -14.06 -6.03 5.98
CA ALA A 64 -14.51 -7.39 6.14
C ALA A 64 -13.67 -8.35 5.31
N ALA A 65 -13.55 -8.04 4.02
CA ALA A 65 -12.83 -8.91 3.08
C ALA A 65 -11.35 -9.03 3.42
N TYR A 66 -10.77 -7.95 3.92
CA TYR A 66 -9.35 -7.94 4.26
C TYR A 66 -9.04 -8.89 5.41
N ASP A 67 -9.85 -8.85 6.46
CA ASP A 67 -9.59 -9.69 7.64
C ASP A 67 -10.02 -11.14 7.41
N ARG A 68 -10.90 -11.35 6.45
CA ARG A 68 -11.35 -12.71 6.11
C ARG A 68 -10.37 -13.36 5.15
N GLU A 69 -9.44 -12.56 4.63
CA GLU A 69 -8.49 -13.01 3.62
C GLU A 69 -9.23 -13.39 2.34
N GLU A 70 -9.90 -12.41 1.75
CA GLU A 70 -10.65 -12.60 0.51
C GLU A 70 -9.93 -11.88 -0.63
N SER A 71 -10.46 -11.97 -1.83
CA SER A 71 -9.85 -11.33 -2.98
C SER A 71 -10.34 -9.88 -3.08
N THR A 72 -9.40 -8.94 -3.05
CA THR A 72 -9.73 -7.52 -3.08
C THR A 72 -9.36 -6.91 -4.42
N ASN A 73 -10.36 -6.64 -5.22
CA ASN A 73 -10.14 -5.97 -6.49
C ASN A 73 -10.36 -4.47 -6.33
N LEU A 74 -9.27 -3.76 -6.02
CA LEU A 74 -9.34 -2.33 -5.75
C LEU A 74 -9.49 -1.54 -7.04
N GLU A 75 -9.29 -2.22 -8.16
CA GLU A 75 -9.28 -1.57 -9.47
C GLU A 75 -10.71 -1.20 -9.86
N ASP A 76 -11.68 -1.79 -9.18
CA ASP A 76 -13.10 -1.52 -9.45
C ASP A 76 -13.62 -0.43 -8.52
N TYR A 77 -13.02 -0.33 -7.33
CA TYR A 77 -13.45 0.62 -6.32
C TYR A 77 -12.95 2.03 -6.67
N GLU A 78 -13.54 3.02 -6.04
CA GLU A 78 -13.17 4.41 -6.24
C GLU A 78 -11.87 4.73 -5.51
N PRO A 79 -11.03 5.60 -6.08
CA PRO A 79 -9.74 5.96 -5.48
C PRO A 79 -9.89 6.50 -4.06
N ASN A 80 -10.85 7.40 -3.88
CA ASN A 80 -11.15 7.96 -2.57
C ASN A 80 -11.36 6.87 -1.51
N THR A 81 -12.12 5.83 -1.84
CA THR A 81 -12.38 4.74 -0.91
C THR A 81 -11.13 3.93 -0.63
N VAL A 82 -10.33 3.66 -1.66
CA VAL A 82 -9.09 2.91 -1.49
C VAL A 82 -8.15 3.61 -0.50
N ALA A 83 -8.00 4.92 -0.68
CA ALA A 83 -7.18 5.74 0.19
C ALA A 83 -7.75 5.78 1.62
N SER A 84 -9.06 5.70 1.68
CA SER A 84 -9.78 5.85 2.95
C SER A 84 -9.65 4.56 3.73
N LEU A 85 -9.64 3.47 3.00
CA LEU A 85 -9.41 2.16 3.57
C LEU A 85 -7.96 2.08 4.07
N LEU A 86 -7.03 2.63 3.30
CA LEU A 86 -5.61 2.60 3.66
C LEU A 86 -5.35 3.33 4.97
N LYS A 87 -5.78 4.59 5.04
CA LYS A 87 -5.51 5.39 6.22
C LYS A 87 -6.27 4.85 7.42
N GLN A 88 -7.46 4.31 7.18
CA GLN A 88 -8.23 3.66 8.23
C GLN A 88 -7.48 2.41 8.74
N TYR A 89 -7.10 1.54 7.81
CA TYR A 89 -6.29 0.37 8.15
C TYR A 89 -5.11 0.75 9.03
N LEU A 90 -4.48 1.87 8.74
CA LEU A 90 -3.33 2.34 9.51
C LEU A 90 -3.76 2.82 10.90
N ARG A 91 -4.81 3.63 10.93
CA ARG A 91 -5.26 4.28 12.16
C ARG A 91 -5.57 3.28 13.27
N ASP A 92 -6.45 2.30 13.00
CA ASP A 92 -6.86 1.33 14.01
C ASP A 92 -5.75 0.38 14.41
N LEU A 93 -4.54 0.60 13.92
CA LEU A 93 -3.41 -0.15 14.40
C LEU A 93 -2.81 0.56 15.62
N PRO A 94 -2.78 -0.11 16.78
CA PRO A 94 -2.30 0.48 18.03
C PRO A 94 -0.79 0.78 18.01
N GLU A 95 -0.15 0.39 16.93
CA GLU A 95 1.27 0.62 16.77
C GLU A 95 1.50 1.58 15.61
N ASN A 96 2.13 2.70 15.89
CA ASN A 96 2.37 3.71 14.87
C ASN A 96 3.60 3.37 14.05
N LEU A 97 3.85 4.15 13.01
CA LEU A 97 5.07 4.02 12.23
C LEU A 97 6.25 4.43 13.08
N LEU A 98 6.08 5.55 13.76
CA LEU A 98 7.09 6.08 14.67
C LEU A 98 6.82 5.58 16.07
N THR A 99 5.80 4.74 16.17
CA THR A 99 5.30 4.22 17.44
C THR A 99 5.05 5.32 18.47
N LYS A 100 4.68 4.94 19.68
CA LYS A 100 4.47 5.90 20.75
C LYS A 100 5.81 6.50 21.17
N GLU A 101 6.84 5.72 20.93
CA GLU A 101 8.19 6.04 21.34
C GLU A 101 8.74 7.28 20.60
N LEU A 102 8.88 7.19 19.29
CA LEU A 102 9.54 8.25 18.53
C LEU A 102 8.56 9.36 18.11
N MET A 103 7.29 8.99 17.96
CA MET A 103 6.25 9.93 17.46
C MET A 103 6.28 11.30 18.15
N PRO A 104 6.20 11.38 19.50
CA PRO A 104 6.18 12.66 20.23
C PRO A 104 7.44 13.48 20.00
N ARG A 105 8.53 12.82 19.60
CA ARG A 105 9.80 13.50 19.38
C ARG A 105 9.76 14.29 18.08
N PHE A 106 8.80 13.98 17.21
CA PHE A 106 8.71 14.64 15.91
C PHE A 106 8.23 16.07 16.03
N GLU A 107 7.32 16.34 16.95
CA GLU A 107 6.89 17.71 17.19
C GLU A 107 7.99 18.49 17.89
N GLU A 108 8.79 17.78 18.67
CA GLU A 108 9.98 18.35 19.29
C GLU A 108 10.98 18.73 18.19
N ALA A 109 11.26 17.76 17.33
CA ALA A 109 12.12 17.96 16.17
C ALA A 109 11.55 18.98 15.21
N CYS A 110 10.26 19.24 15.31
CA CYS A 110 9.60 20.17 14.40
C CYS A 110 9.86 21.60 14.87
N GLY A 111 10.03 21.76 16.17
CA GLY A 111 10.28 23.07 16.76
C GLY A 111 11.74 23.27 17.08
N ARG A 112 12.59 22.50 16.41
CA ARG A 112 14.04 22.65 16.55
C ARG A 112 14.47 24.02 16.07
N THR A 113 15.60 24.50 16.58
CA THR A 113 16.11 25.81 16.23
C THR A 113 16.43 25.96 14.74
N THR A 114 16.68 24.83 14.08
CA THR A 114 16.95 24.86 12.65
C THR A 114 16.59 23.53 12.02
N GLU A 115 16.32 23.56 10.71
CA GLU A 115 15.94 22.37 9.98
C GLU A 115 17.00 21.29 10.05
N THR A 116 18.24 21.68 10.26
CA THR A 116 19.32 20.73 10.45
C THR A 116 19.03 19.84 11.65
N GLU A 117 18.68 20.48 12.77
CA GLU A 117 18.31 19.77 13.98
C GLU A 117 17.10 18.87 13.72
N LYS A 118 16.21 19.33 12.84
CA LYS A 118 15.00 18.60 12.54
C LYS A 118 15.32 17.33 11.74
N VAL A 119 15.91 17.51 10.56
CA VAL A 119 16.29 16.39 9.71
C VAL A 119 17.16 15.36 10.44
N GLN A 120 18.11 15.82 11.26
CA GLN A 120 18.95 14.90 12.03
C GLN A 120 18.14 14.15 13.07
N GLU A 121 17.21 14.84 13.73
CA GLU A 121 16.39 14.21 14.75
C GLU A 121 15.48 13.16 14.11
N PHE A 122 14.80 13.52 13.02
CA PHE A 122 13.99 12.57 12.25
C PHE A 122 14.79 11.31 11.94
N GLN A 123 15.96 11.51 11.37
CA GLN A 123 16.92 10.43 11.10
C GLN A 123 17.11 9.56 12.34
N ARG A 124 17.36 10.19 13.48
CA ARG A 124 17.51 9.49 14.75
C ARG A 124 16.26 8.66 15.08
N LEU A 125 15.08 9.28 14.96
CA LEU A 125 13.83 8.60 15.27
C LEU A 125 13.66 7.37 14.38
N LEU A 126 13.88 7.56 13.08
CA LEU A 126 13.81 6.47 12.10
C LEU A 126 14.77 5.32 12.45
N LYS A 127 15.87 5.62 13.12
CA LYS A 127 16.79 4.59 13.57
C LYS A 127 16.10 3.69 14.58
N GLU A 128 15.41 4.33 15.50
CA GLU A 128 14.70 3.63 16.57
C GLU A 128 13.40 2.98 16.07
N LEU A 129 13.29 2.75 14.77
CA LEU A 129 12.11 2.09 14.21
C LEU A 129 12.44 0.65 13.83
N PRO A 130 11.46 -0.26 13.89
CA PRO A 130 11.61 -1.62 13.37
C PRO A 130 11.66 -1.63 11.84
N GLU A 131 12.18 -2.73 11.28
CA GLU A 131 12.35 -2.87 9.83
C GLU A 131 11.08 -2.52 9.07
N CYS A 132 9.98 -3.18 9.44
CA CYS A 132 8.70 -2.97 8.75
C CYS A 132 8.25 -1.51 8.81
N ASN A 133 8.46 -0.88 9.97
CA ASN A 133 8.07 0.51 10.15
C ASN A 133 8.91 1.42 9.28
N TYR A 134 10.20 1.14 9.22
CA TYR A 134 11.14 1.96 8.46
C TYR A 134 10.77 1.96 6.99
N LEU A 135 10.43 0.80 6.44
CA LEU A 135 10.08 0.73 5.03
C LEU A 135 8.70 1.36 4.78
N LEU A 136 7.80 1.17 5.75
CA LEU A 136 6.46 1.76 5.67
C LEU A 136 6.57 3.29 5.62
N ILE A 137 7.35 3.86 6.54
CA ILE A 137 7.51 5.30 6.62
C ILE A 137 8.18 5.84 5.34
N SER A 138 9.13 5.08 4.81
CA SER A 138 9.79 5.42 3.57
C SER A 138 8.77 5.61 2.45
N TRP A 139 7.92 4.61 2.26
CA TRP A 139 7.01 4.58 1.12
C TRP A 139 5.88 5.57 1.27
N LEU A 140 5.28 5.62 2.44
CA LEU A 140 4.13 6.48 2.68
C LEU A 140 4.47 7.93 2.36
N ILE A 141 5.63 8.36 2.83
CA ILE A 141 6.04 9.74 2.67
C ILE A 141 6.47 10.01 1.22
N VAL A 142 7.24 9.08 0.65
CA VAL A 142 7.73 9.24 -0.72
C VAL A 142 6.61 9.06 -1.74
N HIS A 143 5.62 8.23 -1.44
CA HIS A 143 4.47 8.07 -2.32
C HIS A 143 3.71 9.38 -2.40
N MET A 144 3.60 10.05 -1.26
CA MET A 144 2.89 11.32 -1.19
C MET A 144 3.76 12.42 -1.80
N ASP A 145 5.06 12.16 -1.87
CA ASP A 145 6.01 13.05 -2.53
C ASP A 145 5.76 13.05 -4.03
N HIS A 146 5.53 11.86 -4.56
CA HIS A 146 5.16 11.70 -5.95
C HIS A 146 3.83 12.41 -6.21
N VAL A 147 2.98 12.42 -5.18
CA VAL A 147 1.72 13.14 -5.25
C VAL A 147 1.96 14.65 -5.31
N ILE A 148 3.07 15.10 -4.75
CA ILE A 148 3.41 16.52 -4.78
C ILE A 148 3.76 16.96 -6.22
N ALA A 149 4.41 16.08 -6.97
CA ALA A 149 4.61 16.35 -8.40
C ALA A 149 3.25 16.44 -9.10
N LYS A 150 2.35 15.60 -8.63
CA LYS A 150 1.00 15.58 -9.14
C LYS A 150 0.22 16.79 -8.65
N GLU A 151 0.58 17.34 -7.50
CA GLU A 151 -0.04 18.58 -7.03
C GLU A 151 0.33 19.73 -7.95
N LEU A 152 1.49 19.61 -8.60
CA LEU A 152 1.91 20.60 -9.57
C LEU A 152 0.96 20.61 -10.75
N GLU A 153 0.55 19.42 -11.18
CA GLU A 153 -0.42 19.34 -12.28
C GLU A 153 -1.88 19.44 -11.79
N THR A 154 -2.22 18.76 -10.70
CA THR A 154 -3.61 18.76 -10.18
C THR A 154 -3.91 20.00 -9.36
N LYS A 155 -2.89 20.82 -9.14
CA LYS A 155 -3.02 22.17 -8.58
C LYS A 155 -3.20 22.16 -7.07
N MET A 156 -3.14 20.99 -6.48
CA MET A 156 -3.07 20.86 -5.03
C MET A 156 -1.74 21.41 -4.50
N ASN A 157 -1.56 21.36 -3.18
CA ASN A 157 -0.31 21.79 -2.57
C ASN A 157 -0.01 20.93 -1.35
N ILE A 158 1.25 20.89 -0.96
CA ILE A 158 1.72 20.11 0.19
C ILE A 158 0.88 20.38 1.43
N GLN A 159 0.38 21.61 1.53
CA GLN A 159 -0.47 21.99 2.65
C GLN A 159 -1.67 21.04 2.75
N ASN A 160 -2.31 20.77 1.61
CA ASN A 160 -3.48 19.88 1.58
C ASN A 160 -3.05 18.46 1.90
N ILE A 161 -1.92 18.06 1.36
CA ILE A 161 -1.37 16.74 1.60
C ILE A 161 -1.08 16.53 3.08
N SER A 162 -0.56 17.58 3.73
CA SER A 162 -0.26 17.53 5.15
C SER A 162 -1.54 17.47 5.97
N ILE A 163 -2.62 18.02 5.41
CA ILE A 163 -3.91 18.08 6.10
C ILE A 163 -4.51 16.68 6.20
N VAL A 164 -4.32 15.90 5.16
CA VAL A 164 -4.90 14.58 5.10
C VAL A 164 -3.98 13.52 5.70
N LEU A 165 -2.68 13.68 5.50
CA LEU A 165 -1.71 12.73 6.03
C LEU A 165 -1.54 12.89 7.55
N SER A 166 -1.90 14.06 8.07
CA SER A 166 -1.82 14.31 9.51
C SER A 166 -2.67 13.30 10.31
N PRO A 167 -4.00 13.22 10.07
CA PRO A 167 -4.87 12.25 10.74
C PRO A 167 -4.53 10.82 10.36
N THR A 168 -3.74 10.68 9.31
CA THR A 168 -3.35 9.38 8.82
C THR A 168 -2.32 8.72 9.74
N VAL A 169 -1.19 9.40 10.01
CA VAL A 169 -0.17 8.80 10.86
C VAL A 169 -0.22 9.31 12.30
N GLN A 170 -1.16 10.24 12.56
CA GLN A 170 -1.45 10.74 13.91
C GLN A 170 -0.40 11.77 14.34
N ILE A 171 0.11 12.51 13.36
CA ILE A 171 1.08 13.56 13.62
C ILE A 171 0.60 14.88 13.05
N SER A 172 0.78 15.96 13.82
CA SER A 172 0.32 17.30 13.45
C SER A 172 0.68 17.71 12.02
N ASN A 173 -0.22 18.49 11.42
CA ASN A 173 -0.15 18.92 10.02
C ASN A 173 1.25 19.38 9.60
N ARG A 174 1.79 20.37 10.30
CA ARG A 174 3.04 21.03 9.90
C ARG A 174 4.19 20.04 9.74
N VAL A 175 4.15 18.96 10.51
CA VAL A 175 5.22 17.97 10.50
C VAL A 175 5.31 17.23 9.17
N LEU A 176 4.18 17.06 8.48
CA LEU A 176 4.16 16.31 7.22
C LEU A 176 4.85 17.09 6.09
N TYR A 177 4.46 18.34 5.92
CA TYR A 177 5.18 19.23 5.00
C TYR A 177 6.70 19.12 5.15
N VAL A 178 7.20 19.28 6.38
CA VAL A 178 8.62 19.14 6.64
C VAL A 178 9.06 17.70 6.43
N PHE A 179 8.13 16.77 6.60
CA PHE A 179 8.44 15.36 6.48
C PHE A 179 8.91 15.06 5.06
N PHE A 180 8.18 15.52 4.04
CA PHE A 180 8.56 15.22 2.66
C PHE A 180 9.85 15.97 2.27
N THR A 181 9.78 17.30 2.35
CA THR A 181 10.99 18.13 2.19
C THR A 181 12.24 17.45 2.80
N HIS A 182 12.12 17.02 4.04
CA HIS A 182 13.25 16.45 4.75
C HIS A 182 13.43 14.97 4.39
N VAL A 183 12.34 14.31 3.98
CA VAL A 183 12.40 12.92 3.54
C VAL A 183 13.28 12.79 2.30
N GLN A 184 13.29 13.84 1.48
CA GLN A 184 14.16 13.85 0.32
C GLN A 184 15.60 14.09 0.74
N GLU A 185 15.79 14.81 1.84
CA GLU A 185 17.12 14.89 2.45
C GLU A 185 17.51 13.54 3.08
N LEU A 186 16.51 12.75 3.48
CA LEU A 186 16.73 11.55 4.28
C LEU A 186 16.72 10.25 3.45
N PHE A 187 16.35 10.33 2.18
CA PHE A 187 16.13 9.12 1.37
C PHE A 187 16.61 9.36 -0.05
N GLY A 188 15.68 9.72 -0.94
CA GLY A 188 16.04 10.00 -2.32
C GLY A 188 16.52 8.77 -3.07
N ASN A 189 15.66 7.76 -3.14
CA ASN A 189 15.98 6.46 -3.75
C ASN A 189 14.82 5.51 -3.52
N VAL A 190 14.01 5.84 -2.51
CA VAL A 190 12.81 5.11 -2.18
C VAL A 190 11.87 5.06 -3.37
N VAL A 191 11.54 3.87 -3.80
CA VAL A 191 10.77 3.70 -5.00
C VAL A 191 9.46 2.96 -4.72
N LEU A 192 8.39 3.44 -5.34
CA LEU A 192 7.07 2.86 -5.14
C LEU A 192 6.87 1.69 -6.10
N LYS A 193 7.16 0.49 -5.61
CA LYS A 193 6.98 -0.71 -6.40
C LYS A 193 5.51 -1.12 -6.42
N GLN A 194 4.89 -1.04 -7.60
CA GLN A 194 3.50 -1.43 -7.77
C GLN A 194 3.34 -2.95 -7.69
N VAL A 195 2.12 -3.40 -7.49
CA VAL A 195 1.86 -4.83 -7.29
C VAL A 195 0.84 -5.37 -8.30
N MET A 196 0.89 -6.68 -8.55
CA MET A 196 -0.07 -7.34 -9.41
C MET A 196 -1.46 -7.33 -8.75
N LYS A 197 -2.48 -7.05 -9.53
CA LYS A 197 -3.83 -6.87 -9.01
C LYS A 197 -4.80 -7.87 -9.63
N PRO A 198 -5.62 -8.53 -8.79
CA PRO A 198 -6.72 -9.37 -9.26
C PRO A 198 -7.78 -8.54 -9.97
N LEU A 199 -8.52 -9.17 -10.87
CA LEU A 199 -9.52 -8.46 -11.65
C LEU A 199 -10.92 -8.88 -11.24
N ARG A 200 -11.92 -8.11 -11.64
CA ARG A 200 -13.29 -8.39 -11.28
C ARG A 200 -13.86 -9.51 -12.14
N TRP A 201 -13.48 -10.73 -11.79
CA TRP A 201 -14.00 -11.91 -12.45
C TRP A 201 -14.35 -12.95 -11.39
N SER A 202 -15.44 -13.68 -11.62
CA SER A 202 -15.86 -14.72 -10.69
C SER A 202 -15.01 -15.98 -10.89
N ASN A 203 -14.05 -15.87 -11.80
CA ASN A 203 -12.99 -16.86 -12.00
C ASN A 203 -13.46 -18.09 -12.79
N MET A 204 -14.66 -18.02 -13.38
CA MET A 204 -15.13 -19.08 -14.28
C MET A 204 -16.37 -18.62 -15.04
N ALA A 205 -16.93 -19.54 -15.86
CA ALA A 205 -18.16 -19.29 -16.63
C ALA A 205 -17.91 -18.30 -17.78
N THR A 206 -17.64 -17.06 -17.42
CA THR A 206 -17.32 -16.03 -18.39
C THR A 206 -15.84 -16.12 -18.77
N MET A 207 -15.30 -15.05 -19.33
CA MET A 207 -13.92 -15.04 -19.78
C MET A 207 -13.39 -13.61 -19.93
N PRO A 208 -14.04 -12.75 -20.74
CA PRO A 208 -13.53 -11.40 -21.04
C PRO A 208 -13.53 -10.47 -19.83
N THR A 209 -12.43 -10.47 -19.11
CA THR A 209 -12.19 -9.53 -18.01
C THR A 209 -10.76 -9.02 -18.08
N LEU A 210 -10.04 -9.53 -19.08
CA LEU A 210 -8.61 -9.29 -19.20
C LEU A 210 -8.33 -8.05 -20.05
N PRO A 211 -7.19 -7.38 -19.83
CA PRO A 211 -6.78 -6.22 -20.63
C PRO A 211 -6.49 -6.60 -22.07
N GLU A 212 -6.69 -5.65 -22.99
CA GLU A 212 -6.56 -5.95 -24.42
C GLU A 212 -5.36 -5.24 -25.03
N THR A 213 -4.53 -4.62 -24.21
CA THR A 213 -3.38 -3.88 -24.70
C THR A 213 -2.09 -4.70 -24.60
N GLN A 214 -1.26 -4.64 -25.65
CA GLN A 214 0.00 -5.38 -25.66
C GLN A 214 0.95 -4.89 -24.58
N ALA A 215 1.09 -3.56 -24.46
CA ALA A 215 2.00 -2.98 -23.48
C ALA A 215 1.58 -3.39 -22.07
N GLY A 216 0.31 -3.19 -21.79
CA GLY A 216 -0.26 -3.57 -20.50
C GLY A 216 -0.07 -5.04 -20.18
N ILE A 217 -0.15 -5.90 -21.19
CA ILE A 217 -0.08 -7.34 -20.95
C ILE A 217 1.38 -7.77 -20.77
N LYS A 218 2.30 -7.15 -21.52
CA LYS A 218 3.73 -7.47 -21.39
C LYS A 218 4.20 -7.30 -19.95
N GLU A 219 3.93 -6.14 -19.36
CA GLU A 219 4.29 -5.89 -17.97
C GLU A 219 3.45 -6.76 -17.02
N GLU A 220 2.20 -7.00 -17.39
CA GLU A 220 1.30 -7.81 -16.57
C GLU A 220 1.83 -9.24 -16.46
N ILE A 221 2.28 -9.79 -17.58
CA ILE A 221 2.90 -11.11 -17.61
C ILE A 221 4.07 -11.17 -16.65
N ARG A 222 4.98 -10.20 -16.76
CA ARG A 222 6.16 -10.13 -15.91
C ARG A 222 5.79 -10.18 -14.44
N ARG A 223 4.87 -9.33 -14.02
CA ARG A 223 4.50 -9.24 -12.61
C ARG A 223 3.79 -10.52 -12.15
N GLN A 224 2.98 -11.07 -13.05
CA GLN A 224 2.21 -12.27 -12.73
C GLN A 224 3.14 -13.45 -12.53
N GLU A 225 4.15 -13.57 -13.39
CA GLU A 225 5.07 -14.70 -13.33
C GLU A 225 5.96 -14.63 -12.10
N PHE A 226 6.20 -13.42 -11.59
CA PHE A 226 7.00 -13.28 -10.38
C PHE A 226 6.22 -13.78 -9.17
N LEU A 227 4.91 -13.52 -9.19
CA LEU A 227 4.04 -14.00 -8.13
C LEU A 227 3.80 -15.50 -8.30
N LEU A 228 3.95 -15.97 -9.54
CA LEU A 228 3.69 -17.37 -9.85
C LEU A 228 4.79 -18.27 -9.29
N ASN A 229 6.02 -17.95 -9.67
CA ASN A 229 7.18 -18.76 -9.28
C ASN A 229 7.44 -18.68 -7.78
N CYS A 230 7.22 -17.49 -7.20
CA CYS A 230 7.50 -17.30 -5.79
C CYS A 230 6.52 -18.08 -4.94
N LEU A 231 5.24 -18.04 -5.30
CA LEU A 231 4.22 -18.75 -4.54
C LEU A 231 4.37 -20.26 -4.69
N HIS A 232 4.75 -20.70 -5.88
CA HIS A 232 5.06 -22.11 -6.09
C HIS A 232 6.11 -22.58 -5.08
N ARG A 233 7.17 -21.79 -4.94
CA ARG A 233 8.30 -22.16 -4.08
C ARG A 233 7.93 -22.05 -2.60
N ASP A 234 7.09 -21.08 -2.28
CA ASP A 234 6.60 -20.87 -0.93
C ASP A 234 5.92 -22.13 -0.40
N LEU A 235 5.25 -22.85 -1.30
CA LEU A 235 4.49 -24.03 -0.94
C LEU A 235 5.41 -25.17 -0.46
N GLN A 236 6.70 -25.05 -0.74
CA GLN A 236 7.66 -26.08 -0.34
C GLN A 236 8.17 -25.83 1.07
N GLY A 237 7.76 -24.72 1.66
CA GLY A 237 8.19 -24.40 3.02
C GLY A 237 7.40 -25.18 4.06
N GLY A 238 7.21 -26.47 3.81
CA GLY A 238 6.46 -27.31 4.73
C GLY A 238 4.99 -26.95 4.78
N ILE A 239 4.51 -26.33 3.71
CA ILE A 239 3.14 -25.86 3.66
C ILE A 239 2.26 -26.81 2.85
N LYS A 240 1.31 -27.44 3.51
CA LYS A 240 0.28 -28.18 2.83
C LYS A 240 -1.06 -27.54 3.15
N ASP A 241 -1.35 -26.45 2.44
CA ASP A 241 -2.56 -25.68 2.67
C ASP A 241 -3.40 -25.65 1.41
N LEU A 242 -4.62 -26.15 1.51
CA LEU A 242 -5.53 -26.26 0.38
C LEU A 242 -5.82 -24.89 -0.25
N SER A 243 -5.88 -23.85 0.58
CA SER A 243 -6.27 -22.53 0.11
C SER A 243 -5.16 -21.93 -0.76
N LYS A 244 -3.92 -22.12 -0.34
CA LYS A 244 -2.76 -21.64 -1.08
C LYS A 244 -2.64 -22.40 -2.39
N GLU A 245 -2.94 -23.69 -2.34
CA GLU A 245 -2.86 -24.54 -3.53
C GLU A 245 -3.94 -24.17 -4.54
N GLU A 246 -5.20 -24.21 -4.13
CA GLU A 246 -6.31 -23.84 -5.02
C GLU A 246 -6.05 -22.50 -5.71
N ARG A 247 -5.60 -21.50 -4.96
CA ARG A 247 -5.36 -20.18 -5.52
C ARG A 247 -4.16 -20.21 -6.47
N LEU A 248 -3.24 -21.14 -6.22
CA LEU A 248 -2.05 -21.27 -7.05
C LEU A 248 -2.40 -21.72 -8.47
N TRP A 249 -3.19 -22.80 -8.58
CA TRP A 249 -3.63 -23.29 -9.88
C TRP A 249 -4.46 -22.24 -10.57
N GLU A 250 -5.19 -21.51 -9.76
CA GLU A 250 -6.08 -20.47 -10.27
C GLU A 250 -5.27 -19.41 -11.03
N VAL A 251 -4.17 -18.98 -10.43
CA VAL A 251 -3.29 -18.01 -11.09
C VAL A 251 -2.70 -18.60 -12.37
N GLN A 252 -2.34 -19.88 -12.31
CA GLN A 252 -1.82 -20.60 -13.49
C GLN A 252 -2.79 -20.44 -14.66
N ARG A 253 -4.07 -20.67 -14.37
CA ARG A 253 -5.13 -20.59 -15.36
C ARG A 253 -5.33 -19.14 -15.84
N ILE A 254 -5.13 -18.19 -14.95
CA ILE A 254 -5.28 -16.78 -15.28
C ILE A 254 -4.14 -16.34 -16.19
N LEU A 255 -2.92 -16.67 -15.78
CA LEU A 255 -1.73 -16.37 -16.57
C LEU A 255 -1.83 -17.01 -17.95
N THR A 256 -2.46 -18.18 -18.02
CA THR A 256 -2.64 -18.88 -19.29
C THR A 256 -3.44 -18.01 -20.27
N ALA A 257 -4.58 -17.49 -19.82
CA ALA A 257 -5.37 -16.57 -20.61
C ALA A 257 -4.53 -15.40 -21.11
N LEU A 258 -3.73 -14.85 -20.21
CA LEU A 258 -2.86 -13.72 -20.54
C LEU A 258 -1.80 -14.12 -21.56
N LYS A 259 -1.30 -15.35 -21.46
CA LYS A 259 -0.30 -15.86 -22.40
C LYS A 259 -0.89 -16.01 -23.80
N ARG A 260 -2.17 -16.31 -23.86
CA ARG A 260 -2.86 -16.41 -25.15
C ARG A 260 -3.05 -15.01 -25.73
N LYS A 261 -3.56 -14.11 -24.91
CA LYS A 261 -3.77 -12.72 -25.29
C LYS A 261 -2.46 -12.02 -25.64
N LEU A 262 -1.34 -12.58 -25.17
CA LEU A 262 -0.02 -12.03 -25.47
C LEU A 262 0.22 -12.05 -26.98
N ARG A 263 -0.41 -13.01 -27.65
CA ARG A 263 -0.31 -13.12 -29.10
C ARG A 263 -1.64 -12.75 -29.74
N GLU A 264 -2.49 -12.11 -28.95
CA GLU A 264 -3.80 -11.66 -29.43
C GLU A 264 -3.69 -10.21 -29.86
N ALA A 265 -2.79 -9.50 -29.21
CA ALA A 265 -2.58 -8.09 -29.46
C ALA A 265 -1.40 -7.90 -30.41
N HIS A 1 -11.65 -20.44 21.31
CA HIS A 1 -11.67 -18.97 21.47
C HIS A 1 -11.21 -18.29 20.19
N MET A 2 -12.05 -17.40 19.67
CA MET A 2 -11.78 -16.66 18.44
C MET A 2 -11.71 -17.58 17.22
N PRO A 3 -12.78 -17.57 16.42
CA PRO A 3 -12.83 -18.30 15.14
C PRO A 3 -11.78 -17.79 14.17
N ASN A 4 -11.53 -16.48 14.24
CA ASN A 4 -10.48 -15.85 13.47
C ASN A 4 -9.31 -15.51 14.37
N LEU A 5 -8.12 -15.85 13.92
CA LEU A 5 -6.91 -15.59 14.69
C LEU A 5 -6.13 -14.44 14.06
N LYS A 6 -6.17 -13.29 14.73
CA LYS A 6 -5.45 -12.08 14.30
C LYS A 6 -6.03 -11.52 12.99
N PRO A 7 -6.99 -10.59 13.10
CA PRO A 7 -7.61 -9.94 11.95
C PRO A 7 -6.77 -8.75 11.47
N ILE A 8 -6.54 -8.68 10.16
CA ILE A 8 -5.85 -7.54 9.52
C ILE A 8 -6.09 -6.16 10.17
N PHE A 9 -7.27 -5.94 10.72
CA PHE A 9 -7.52 -4.68 11.40
C PHE A 9 -7.33 -4.84 12.91
N GLY A 10 -6.95 -3.76 13.57
CA GLY A 10 -6.53 -3.82 14.96
C GLY A 10 -5.35 -4.75 15.23
N ILE A 11 -4.28 -4.66 14.43
CA ILE A 11 -3.08 -5.47 14.67
C ILE A 11 -1.80 -4.72 14.31
N PRO A 12 -0.66 -5.21 14.80
CA PRO A 12 0.66 -4.67 14.44
C PRO A 12 1.05 -4.96 12.99
N LEU A 13 2.00 -4.19 12.47
CA LEU A 13 2.40 -4.26 11.06
C LEU A 13 2.83 -5.67 10.64
N ALA A 14 3.87 -6.22 11.28
CA ALA A 14 4.42 -7.52 10.89
C ALA A 14 3.35 -8.61 10.83
N ASP A 15 2.49 -8.64 11.84
CA ASP A 15 1.38 -9.59 11.88
C ASP A 15 0.54 -9.49 10.61
N ALA A 16 0.15 -8.27 10.25
CA ALA A 16 -0.58 -8.04 9.02
C ALA A 16 0.24 -8.47 7.81
N VAL A 17 1.54 -8.23 7.87
CA VAL A 17 2.46 -8.58 6.78
C VAL A 17 2.43 -10.08 6.50
N GLU A 18 2.60 -10.87 7.56
CA GLU A 18 2.68 -12.32 7.43
C GLU A 18 1.36 -12.89 6.91
N ARG A 19 0.28 -12.15 7.14
CA ARG A 19 -1.03 -12.54 6.65
C ARG A 19 -1.21 -12.11 5.19
N THR A 20 -0.91 -10.85 4.90
CA THR A 20 -1.20 -10.26 3.59
C THR A 20 -0.03 -10.37 2.59
N MET A 21 0.70 -11.48 2.64
CA MET A 21 1.80 -11.67 1.71
C MET A 21 1.29 -12.09 0.33
N MET A 22 1.62 -11.29 -0.68
CA MET A 22 1.23 -11.60 -2.05
C MET A 22 2.45 -11.66 -2.98
N TYR A 23 2.89 -10.52 -3.49
CA TYR A 23 4.06 -10.44 -4.39
C TYR A 23 5.26 -11.18 -3.81
N ASP A 24 6.01 -10.51 -2.93
CA ASP A 24 7.07 -11.16 -2.18
C ASP A 24 6.75 -11.12 -0.70
N GLY A 25 5.87 -10.19 -0.33
CA GLY A 25 5.61 -9.94 1.06
C GLY A 25 6.76 -9.18 1.67
N ILE A 26 7.11 -8.08 1.02
CA ILE A 26 8.29 -7.29 1.33
C ILE A 26 8.17 -6.54 2.66
N ARG A 27 7.78 -7.26 3.70
CA ARG A 27 7.67 -6.68 5.04
C ARG A 27 6.77 -5.45 5.04
N LEU A 28 5.57 -5.63 4.50
CA LEU A 28 4.60 -4.57 4.31
C LEU A 28 3.25 -5.20 4.05
N PRO A 29 2.17 -4.75 4.71
CA PRO A 29 0.83 -5.29 4.47
C PRO A 29 0.39 -5.06 3.02
N ALA A 30 -0.41 -5.97 2.46
CA ALA A 30 -0.78 -5.88 1.06
C ALA A 30 -1.67 -4.68 0.83
N VAL A 31 -2.65 -4.50 1.72
CA VAL A 31 -3.56 -3.37 1.66
C VAL A 31 -2.83 -2.03 1.50
N PHE A 32 -1.71 -1.85 2.22
CA PHE A 32 -0.94 -0.62 2.09
C PHE A 32 -0.45 -0.46 0.65
N ARG A 33 -0.02 -1.56 0.07
CA ARG A 33 0.50 -1.54 -1.29
C ARG A 33 -0.65 -1.39 -2.27
N GLU A 34 -1.78 -2.04 -1.98
CA GLU A 34 -2.97 -1.93 -2.82
C GLU A 34 -3.42 -0.48 -2.96
N CYS A 35 -3.30 0.30 -1.89
CA CYS A 35 -3.71 1.69 -1.93
C CYS A 35 -2.64 2.53 -2.62
N ILE A 36 -1.38 2.23 -2.33
CA ILE A 36 -0.25 2.92 -2.95
C ILE A 36 -0.22 2.62 -4.46
N ASP A 37 -0.54 1.39 -4.81
CA ASP A 37 -0.48 0.93 -6.19
C ASP A 37 -1.55 1.65 -7.02
N TYR A 38 -2.78 1.67 -6.53
CA TYR A 38 -3.89 2.28 -7.24
C TYR A 38 -3.62 3.74 -7.55
N VAL A 39 -3.24 4.50 -6.54
CA VAL A 39 -3.01 5.92 -6.70
C VAL A 39 -1.83 6.16 -7.65
N GLU A 40 -0.72 5.48 -7.39
CA GLU A 40 0.51 5.68 -8.16
C GLU A 40 0.28 5.42 -9.65
N LYS A 41 -0.62 4.49 -9.96
CA LYS A 41 -0.92 4.13 -11.34
C LYS A 41 -1.99 5.02 -11.96
N TYR A 42 -3.13 5.15 -11.30
CA TYR A 42 -4.31 5.72 -11.96
C TYR A 42 -4.90 6.89 -11.17
N GLY A 43 -4.82 6.83 -9.84
CA GLY A 43 -5.45 7.85 -9.03
C GLY A 43 -4.49 8.97 -8.70
N MET A 44 -3.67 9.30 -9.68
CA MET A 44 -2.58 10.22 -9.45
C MET A 44 -2.95 11.61 -9.91
N LYS A 45 -3.79 11.68 -10.94
CA LYS A 45 -4.18 12.95 -11.55
C LYS A 45 -5.54 13.41 -11.03
N CYS A 46 -5.97 12.85 -9.92
CA CYS A 46 -7.30 13.14 -9.41
C CYS A 46 -7.28 14.34 -8.47
N GLU A 47 -8.11 15.33 -8.75
CA GLU A 47 -8.32 16.43 -7.82
C GLU A 47 -8.99 15.89 -6.57
N GLY A 48 -8.88 16.64 -5.47
CA GLY A 48 -9.37 16.14 -4.18
C GLY A 48 -8.64 14.90 -3.69
N ILE A 49 -7.58 14.51 -4.39
CA ILE A 49 -6.83 13.30 -4.06
C ILE A 49 -6.41 13.27 -2.58
N TYR A 50 -6.87 12.24 -1.88
CA TYR A 50 -6.50 12.00 -0.48
C TYR A 50 -7.15 13.04 0.44
N ARG A 51 -7.96 13.91 -0.14
CA ARG A 51 -8.51 15.07 0.57
C ARG A 51 -9.99 14.86 0.82
N VAL A 52 -10.68 14.33 -0.18
CA VAL A 52 -12.08 13.99 -0.04
C VAL A 52 -12.19 12.67 0.72
N SER A 53 -13.31 12.45 1.39
CA SER A 53 -13.52 11.25 2.15
C SER A 53 -14.06 10.14 1.26
N GLY A 54 -13.70 8.91 1.56
CA GLY A 54 -14.19 7.79 0.78
C GLY A 54 -15.59 7.40 1.18
N ILE A 55 -16.29 6.71 0.30
CA ILE A 55 -17.64 6.25 0.62
C ILE A 55 -17.57 5.29 1.81
N LYS A 56 -18.14 5.72 2.93
CA LYS A 56 -18.10 4.94 4.17
C LYS A 56 -18.63 3.54 3.92
N SER A 57 -19.68 3.45 3.11
CA SER A 57 -20.32 2.19 2.81
C SER A 57 -19.37 1.20 2.13
N LYS A 58 -18.42 1.70 1.34
CA LYS A 58 -17.50 0.82 0.63
C LYS A 58 -16.35 0.44 1.55
N VAL A 59 -16.00 1.33 2.46
CA VAL A 59 -14.92 1.11 3.40
C VAL A 59 -15.26 -0.06 4.33
N ASP A 60 -16.51 -0.13 4.76
CA ASP A 60 -16.97 -1.24 5.58
C ASP A 60 -16.84 -2.54 4.80
N GLU A 61 -17.01 -2.46 3.48
CA GLU A 61 -16.90 -3.62 2.61
C GLU A 61 -15.44 -4.04 2.49
N LEU A 62 -14.58 -3.05 2.26
CA LEU A 62 -13.14 -3.28 2.14
C LEU A 62 -12.57 -3.88 3.42
N LYS A 63 -12.93 -3.30 4.58
CA LYS A 63 -12.48 -3.84 5.86
C LYS A 63 -12.88 -5.30 5.99
N ALA A 64 -14.09 -5.59 5.53
CA ALA A 64 -14.62 -6.95 5.58
C ALA A 64 -13.87 -7.87 4.63
N ALA A 65 -13.50 -7.36 3.45
CA ALA A 65 -12.80 -8.16 2.46
C ALA A 65 -11.41 -8.54 2.95
N TYR A 66 -10.63 -7.53 3.36
CA TYR A 66 -9.24 -7.76 3.75
C TYR A 66 -9.15 -8.71 4.93
N ASP A 67 -10.10 -8.58 5.84
CA ASP A 67 -10.19 -9.43 7.01
C ASP A 67 -10.34 -10.92 6.65
N ARG A 68 -11.02 -11.23 5.56
CA ARG A 68 -11.40 -12.61 5.30
C ARG A 68 -10.70 -13.23 4.09
N GLU A 69 -10.17 -12.41 3.19
CA GLU A 69 -9.54 -12.94 1.97
C GLU A 69 -9.16 -11.81 1.00
N GLU A 70 -8.96 -10.63 1.57
CA GLU A 70 -8.88 -9.36 0.83
C GLU A 70 -9.19 -9.46 -0.66
N SER A 71 -10.46 -9.68 -0.98
CA SER A 71 -10.88 -9.75 -2.35
C SER A 71 -11.66 -8.51 -2.73
N THR A 72 -11.07 -7.69 -3.59
CA THR A 72 -11.70 -6.45 -4.04
C THR A 72 -10.80 -5.79 -5.06
N ASN A 73 -11.37 -5.42 -6.19
CA ASN A 73 -10.57 -4.78 -7.22
C ASN A 73 -10.67 -3.26 -7.09
N LEU A 74 -9.59 -2.66 -6.62
CA LEU A 74 -9.57 -1.24 -6.30
C LEU A 74 -9.65 -0.38 -7.56
N GLU A 75 -9.52 -1.03 -8.71
CA GLU A 75 -9.50 -0.32 -9.99
C GLU A 75 -10.91 0.21 -10.30
N ASP A 76 -11.90 -0.36 -9.63
CA ASP A 76 -13.30 0.06 -9.78
C ASP A 76 -13.61 1.16 -8.78
N TYR A 77 -12.86 1.19 -7.69
CA TYR A 77 -13.12 2.11 -6.60
C TYR A 77 -12.54 3.49 -6.88
N GLU A 78 -12.95 4.46 -6.10
CA GLU A 78 -12.47 5.82 -6.26
C GLU A 78 -11.21 6.03 -5.44
N PRO A 79 -10.29 6.88 -5.92
CA PRO A 79 -9.07 7.22 -5.21
C PRO A 79 -9.35 7.69 -3.79
N ASN A 80 -10.36 8.56 -3.67
CA ASN A 80 -10.82 9.05 -2.36
C ASN A 80 -11.15 7.88 -1.43
N THR A 81 -11.83 6.87 -1.97
CA THR A 81 -12.24 5.71 -1.19
C THR A 81 -11.01 4.92 -0.74
N VAL A 82 -10.10 4.65 -1.67
CA VAL A 82 -8.89 3.91 -1.38
C VAL A 82 -8.00 4.69 -0.40
N ALA A 83 -7.93 6.00 -0.61
CA ALA A 83 -7.20 6.90 0.29
C ALA A 83 -7.78 6.85 1.69
N SER A 84 -9.07 6.59 1.78
CA SER A 84 -9.77 6.64 3.04
C SER A 84 -9.59 5.30 3.73
N LEU A 85 -9.55 4.24 2.93
CA LEU A 85 -9.21 2.91 3.41
C LEU A 85 -7.80 2.97 4.01
N LEU A 86 -6.86 3.47 3.23
CA LEU A 86 -5.46 3.54 3.64
C LEU A 86 -5.29 4.27 4.97
N LYS A 87 -5.82 5.49 5.06
CA LYS A 87 -5.64 6.28 6.28
C LYS A 87 -6.40 5.66 7.45
N GLN A 88 -7.54 5.05 7.15
CA GLN A 88 -8.33 4.41 8.18
C GLN A 88 -7.67 3.11 8.66
N TYR A 89 -7.36 2.22 7.73
CA TYR A 89 -6.64 1.00 8.06
C TYR A 89 -5.41 1.28 8.91
N LEU A 90 -4.66 2.32 8.58
CA LEU A 90 -3.46 2.65 9.32
C LEU A 90 -3.80 3.07 10.74
N ARG A 91 -4.84 3.88 10.89
CA ARG A 91 -5.30 4.32 12.20
C ARG A 91 -5.85 3.16 13.02
N ASP A 92 -6.61 2.27 12.37
CA ASP A 92 -7.10 1.05 13.00
C ASP A 92 -5.99 0.20 13.62
N LEU A 93 -4.76 0.46 13.23
CA LEU A 93 -3.64 -0.27 13.81
C LEU A 93 -3.26 0.34 15.16
N PRO A 94 -3.14 -0.51 16.20
CA PRO A 94 -2.91 -0.06 17.58
C PRO A 94 -1.56 0.61 17.81
N GLU A 95 -0.63 0.42 16.88
CA GLU A 95 0.67 1.03 17.01
C GLU A 95 1.06 1.70 15.70
N ASN A 96 1.78 2.81 15.81
CA ASN A 96 2.05 3.66 14.67
C ASN A 96 3.43 3.37 14.10
N LEU A 97 3.82 4.15 13.09
CA LEU A 97 5.10 3.97 12.44
C LEU A 97 6.20 4.53 13.30
N LEU A 98 5.94 5.73 13.83
CA LEU A 98 6.88 6.41 14.71
C LEU A 98 6.57 6.05 16.15
N THR A 99 5.56 5.20 16.31
CA THR A 99 5.06 4.76 17.62
C THR A 99 4.64 5.94 18.48
N LYS A 100 4.09 5.65 19.63
CA LYS A 100 3.77 6.67 20.61
C LYS A 100 5.08 7.25 21.16
N GLU A 101 6.06 6.36 21.28
CA GLU A 101 7.38 6.67 21.77
C GLU A 101 8.09 7.78 20.96
N LEU A 102 8.31 7.57 19.66
CA LEU A 102 9.12 8.52 18.88
C LEU A 102 8.29 9.70 18.38
N MET A 103 6.98 9.49 18.30
CA MET A 103 6.04 10.52 17.82
C MET A 103 6.32 11.93 18.39
N PRO A 104 6.42 12.12 19.72
CA PRO A 104 6.62 13.45 20.31
C PRO A 104 7.96 14.09 19.92
N ARG A 105 8.90 13.27 19.48
CA ARG A 105 10.20 13.77 19.06
C ARG A 105 10.08 14.50 17.73
N PHE A 106 9.01 14.24 17.01
CA PHE A 106 8.77 14.88 15.73
C PHE A 106 8.33 16.32 15.93
N GLU A 107 7.58 16.56 17.00
CA GLU A 107 7.24 17.93 17.39
C GLU A 107 8.53 18.73 17.62
N GLU A 108 9.50 18.06 18.24
CA GLU A 108 10.83 18.63 18.45
C GLU A 108 11.57 18.79 17.12
N ALA A 109 11.52 17.74 16.31
CA ALA A 109 12.18 17.70 15.00
C ALA A 109 11.64 18.76 14.06
N CYS A 110 10.40 19.17 14.26
CA CYS A 110 9.78 20.15 13.40
C CYS A 110 10.20 21.55 13.82
N GLY A 111 10.43 21.72 15.13
CA GLY A 111 10.79 23.01 15.67
C GLY A 111 12.30 23.17 15.88
N ARG A 112 13.08 22.31 15.22
CA ARG A 112 14.53 22.43 15.26
C ARG A 112 14.97 23.77 14.68
N THR A 113 16.04 24.31 15.24
CA THR A 113 16.54 25.60 14.81
C THR A 113 17.19 25.52 13.42
N THR A 114 17.47 24.32 12.97
CA THR A 114 18.06 24.15 11.64
C THR A 114 17.51 22.89 10.97
N GLU A 115 17.35 22.96 9.64
CA GLU A 115 16.89 21.83 8.84
C GLU A 115 17.79 20.62 9.04
N THR A 116 19.07 20.88 9.27
CA THR A 116 20.03 19.83 9.56
C THR A 116 19.57 19.00 10.75
N GLU A 117 19.29 19.70 11.85
CA GLU A 117 18.84 19.07 13.09
C GLU A 117 17.57 18.29 12.84
N LYS A 118 16.74 18.79 11.94
CA LYS A 118 15.46 18.18 11.65
C LYS A 118 15.66 16.84 10.97
N VAL A 119 16.29 16.86 9.80
CA VAL A 119 16.58 15.62 9.07
C VAL A 119 17.36 14.61 9.93
N GLN A 120 18.29 15.10 10.76
CA GLN A 120 19.03 14.22 11.68
C GLN A 120 18.08 13.58 12.71
N GLU A 121 17.18 14.38 13.26
CA GLU A 121 16.24 13.90 14.27
C GLU A 121 15.34 12.81 13.68
N PHE A 122 14.74 13.10 12.51
CA PHE A 122 13.95 12.11 11.80
C PHE A 122 14.72 10.81 11.63
N GLN A 123 15.96 10.92 11.17
CA GLN A 123 16.85 9.77 11.05
C GLN A 123 16.91 8.98 12.35
N ARG A 124 17.10 9.67 13.49
CA ARG A 124 17.16 9.02 14.79
C ARG A 124 15.87 8.26 15.10
N LEU A 125 14.74 8.92 14.91
CA LEU A 125 13.44 8.29 15.18
C LEU A 125 13.26 7.04 14.33
N LEU A 126 13.59 7.17 13.05
CA LEU A 126 13.52 6.06 12.10
C LEU A 126 14.39 4.87 12.52
N LYS A 127 15.47 5.12 13.26
CA LYS A 127 16.30 4.03 13.77
C LYS A 127 15.54 3.23 14.84
N GLU A 128 14.95 3.99 15.76
CA GLU A 128 14.26 3.43 16.91
C GLU A 128 12.97 2.67 16.55
N LEU A 129 12.65 2.51 15.26
CA LEU A 129 11.42 1.86 14.87
C LEU A 129 11.68 0.54 14.13
N PRO A 130 10.73 -0.41 14.20
CA PRO A 130 10.85 -1.76 13.58
C PRO A 130 11.03 -1.71 12.06
N GLU A 131 11.52 -2.82 11.50
CA GLU A 131 11.81 -2.95 10.08
C GLU A 131 10.59 -2.60 9.22
N CYS A 132 9.45 -3.24 9.52
CA CYS A 132 8.21 -3.01 8.78
C CYS A 132 7.82 -1.54 8.85
N ASN A 133 8.02 -0.93 10.01
CA ASN A 133 7.70 0.48 10.19
C ASN A 133 8.59 1.33 9.31
N TYR A 134 9.86 0.95 9.25
CA TYR A 134 10.85 1.69 8.49
C TYR A 134 10.52 1.71 7.00
N LEU A 135 10.14 0.56 6.46
CA LEU A 135 9.81 0.49 5.05
C LEU A 135 8.48 1.19 4.78
N LEU A 136 7.55 1.07 5.71
CA LEU A 136 6.25 1.71 5.55
C LEU A 136 6.38 3.23 5.63
N ILE A 137 7.16 3.72 6.60
CA ILE A 137 7.36 5.16 6.72
C ILE A 137 7.99 5.72 5.44
N SER A 138 8.94 4.97 4.89
CA SER A 138 9.51 5.30 3.60
C SER A 138 8.42 5.45 2.54
N TRP A 139 7.61 4.41 2.38
CA TRP A 139 6.68 4.36 1.26
C TRP A 139 5.54 5.34 1.44
N LEU A 140 4.99 5.42 2.64
CA LEU A 140 3.87 6.30 2.92
C LEU A 140 4.21 7.74 2.56
N ILE A 141 5.40 8.18 2.97
CA ILE A 141 5.79 9.57 2.79
C ILE A 141 6.29 9.80 1.36
N VAL A 142 7.08 8.87 0.82
CA VAL A 142 7.62 9.01 -0.53
C VAL A 142 6.52 8.87 -1.59
N HIS A 143 5.58 7.94 -1.38
CA HIS A 143 4.44 7.82 -2.28
C HIS A 143 3.62 9.09 -2.26
N MET A 144 3.47 9.66 -1.07
CA MET A 144 2.69 10.89 -0.94
C MET A 144 3.51 12.09 -1.45
N ASP A 145 4.84 11.92 -1.49
CA ASP A 145 5.72 12.92 -2.09
C ASP A 145 5.46 13.00 -3.59
N HIS A 146 5.30 11.83 -4.20
CA HIS A 146 4.92 11.74 -5.60
C HIS A 146 3.57 12.41 -5.81
N VAL A 147 2.71 12.31 -4.80
CA VAL A 147 1.42 12.97 -4.83
C VAL A 147 1.59 14.49 -4.81
N ILE A 148 2.67 14.97 -4.19
CA ILE A 148 2.92 16.41 -4.12
C ILE A 148 3.24 16.98 -5.52
N ALA A 149 4.00 16.24 -6.31
CA ALA A 149 4.22 16.63 -7.71
C ALA A 149 2.89 16.59 -8.46
N LYS A 150 2.06 15.66 -8.02
CA LYS A 150 0.74 15.52 -8.56
C LYS A 150 -0.13 16.68 -8.09
N GLU A 151 0.11 17.16 -6.88
CA GLU A 151 -0.53 18.38 -6.38
C GLU A 151 -0.21 19.55 -7.31
N LEU A 152 0.97 19.50 -7.93
CA LEU A 152 1.38 20.53 -8.87
C LEU A 152 0.50 20.52 -10.11
N GLU A 153 0.12 19.33 -10.57
CA GLU A 153 -0.82 19.26 -11.70
C GLU A 153 -2.29 19.28 -11.23
N THR A 154 -2.62 18.56 -10.15
CA THR A 154 -3.98 18.54 -9.60
C THR A 154 -4.37 19.86 -8.91
N LYS A 155 -3.47 20.84 -9.00
CA LYS A 155 -3.73 22.22 -8.52
C LYS A 155 -3.66 22.32 -6.99
N MET A 156 -3.76 21.17 -6.32
CA MET A 156 -3.69 21.11 -4.86
C MET A 156 -2.28 21.41 -4.34
N ASN A 157 -2.05 21.22 -3.04
CA ASN A 157 -0.81 21.67 -2.43
C ASN A 157 -0.37 20.75 -1.31
N ILE A 158 0.92 20.83 -0.96
CA ILE A 158 1.48 20.08 0.16
C ILE A 158 0.65 20.26 1.42
N GLN A 159 0.16 21.48 1.62
CA GLN A 159 -0.64 21.81 2.80
C GLN A 159 -1.87 20.93 2.89
N ASN A 160 -2.49 20.65 1.75
CA ASN A 160 -3.67 19.81 1.74
C ASN A 160 -3.32 18.39 2.15
N ILE A 161 -2.24 17.88 1.57
CA ILE A 161 -1.79 16.53 1.86
C ILE A 161 -1.38 16.38 3.32
N SER A 162 -0.75 17.39 3.88
CA SER A 162 -0.32 17.35 5.26
C SER A 162 -1.53 17.42 6.20
N ILE A 163 -2.63 18.01 5.72
CA ILE A 163 -3.84 18.13 6.51
C ILE A 163 -4.50 16.77 6.65
N VAL A 164 -4.43 15.99 5.59
CA VAL A 164 -5.07 14.69 5.59
C VAL A 164 -4.20 13.64 6.27
N LEU A 165 -2.88 13.77 6.13
CA LEU A 165 -1.95 12.84 6.77
C LEU A 165 -1.81 13.11 8.25
N SER A 166 -2.14 14.34 8.68
CA SER A 166 -2.06 14.70 10.09
C SER A 166 -2.82 13.68 10.97
N PRO A 167 -4.15 13.52 10.76
CA PRO A 167 -4.93 12.52 11.50
C PRO A 167 -4.53 11.10 11.14
N THR A 168 -3.93 10.94 9.96
CA THR A 168 -3.56 9.65 9.43
C THR A 168 -2.59 8.92 10.36
N VAL A 169 -1.46 9.53 10.71
CA VAL A 169 -0.55 8.93 11.68
C VAL A 169 -0.67 9.58 13.05
N GLN A 170 -1.52 10.61 13.14
CA GLN A 170 -1.83 11.28 14.41
C GLN A 170 -0.72 12.22 14.83
N ILE A 171 -0.21 12.97 13.86
CA ILE A 171 0.84 13.95 14.13
C ILE A 171 0.45 15.30 13.55
N SER A 172 0.84 16.37 14.25
CA SER A 172 0.58 17.75 13.84
C SER A 172 0.87 17.99 12.34
N ASN A 173 0.04 18.86 11.73
CA ASN A 173 0.09 19.15 10.29
C ASN A 173 1.50 19.48 9.81
N ARG A 174 2.17 20.34 10.56
CA ARG A 174 3.48 20.85 10.19
C ARG A 174 4.48 19.72 9.95
N VAL A 175 4.32 18.65 10.70
CA VAL A 175 5.26 17.53 10.64
C VAL A 175 5.17 16.77 9.31
N LEU A 176 4.01 16.76 8.68
CA LEU A 176 3.84 16.05 7.42
C LEU A 176 4.53 16.81 6.28
N TYR A 177 4.21 18.09 6.16
CA TYR A 177 4.94 18.98 5.27
C TYR A 177 6.46 18.80 5.40
N VAL A 178 6.96 18.85 6.63
CA VAL A 178 8.39 18.66 6.87
C VAL A 178 8.80 17.21 6.63
N PHE A 179 7.86 16.29 6.81
CA PHE A 179 8.10 14.88 6.51
C PHE A 179 8.58 14.70 5.09
N PHE A 180 7.87 15.26 4.11
CA PHE A 180 8.23 15.04 2.71
C PHE A 180 9.54 15.74 2.36
N THR A 181 9.52 17.06 2.53
CA THR A 181 10.73 17.87 2.35
C THR A 181 11.99 17.11 2.83
N HIS A 182 11.94 16.63 4.07
CA HIS A 182 13.09 15.98 4.65
C HIS A 182 13.15 14.50 4.32
N VAL A 183 12.03 13.91 3.94
CA VAL A 183 12.00 12.49 3.63
C VAL A 183 12.90 12.17 2.45
N GLN A 184 12.89 13.01 1.42
CA GLN A 184 13.82 12.82 0.32
C GLN A 184 15.20 13.35 0.68
N GLU A 185 15.28 14.33 1.59
CA GLU A 185 16.56 14.65 2.19
C GLU A 185 17.15 13.42 2.89
N LEU A 186 16.28 12.49 3.30
CA LEU A 186 16.74 11.25 3.93
C LEU A 186 16.88 10.13 2.90
N PHE A 187 15.85 9.88 2.08
CA PHE A 187 15.90 8.81 1.12
C PHE A 187 15.95 9.35 -0.32
N GLY A 188 15.45 8.56 -1.25
CA GLY A 188 15.41 8.94 -2.63
C GLY A 188 15.53 7.72 -3.51
N ASN A 189 16.12 6.69 -2.95
CA ASN A 189 16.21 5.38 -3.57
C ASN A 189 14.93 4.61 -3.29
N VAL A 190 14.14 5.17 -2.39
CA VAL A 190 12.86 4.60 -2.01
C VAL A 190 11.92 4.62 -3.20
N VAL A 191 11.63 3.44 -3.68
CA VAL A 191 10.86 3.27 -4.89
C VAL A 191 9.51 2.60 -4.61
N LEU A 192 8.47 3.10 -5.25
CA LEU A 192 7.13 2.53 -5.11
C LEU A 192 6.93 1.38 -6.09
N LYS A 193 7.27 0.17 -5.65
CA LYS A 193 7.10 -1.01 -6.48
C LYS A 193 5.64 -1.47 -6.48
N GLN A 194 5.02 -1.42 -7.66
CA GLN A 194 3.60 -1.73 -7.82
C GLN A 194 3.33 -3.24 -7.75
N VAL A 195 2.06 -3.59 -7.53
CA VAL A 195 1.64 -4.98 -7.42
C VAL A 195 0.49 -5.29 -8.38
N MET A 196 0.33 -6.56 -8.76
CA MET A 196 -0.82 -6.97 -9.56
C MET A 196 -2.05 -7.02 -8.68
N LYS A 197 -3.21 -6.79 -9.27
CA LYS A 197 -4.45 -6.76 -8.51
C LYS A 197 -5.45 -7.78 -9.05
N PRO A 198 -6.27 -8.37 -8.16
CA PRO A 198 -7.34 -9.30 -8.55
C PRO A 198 -8.46 -8.61 -9.33
N LEU A 199 -9.27 -9.38 -10.03
CA LEU A 199 -10.33 -8.82 -10.86
C LEU A 199 -11.63 -9.61 -10.67
N ARG A 200 -12.73 -9.03 -11.14
CA ARG A 200 -14.03 -9.64 -10.97
C ARG A 200 -14.38 -10.51 -12.18
N TRP A 201 -14.04 -11.79 -12.10
CA TRP A 201 -14.28 -12.72 -13.21
C TRP A 201 -14.52 -14.12 -12.67
N SER A 202 -14.47 -14.27 -11.33
CA SER A 202 -14.46 -15.59 -10.70
C SER A 202 -13.20 -16.36 -11.13
N ASN A 203 -12.31 -15.62 -11.80
CA ASN A 203 -11.05 -16.13 -12.34
C ASN A 203 -11.30 -17.17 -13.43
N MET A 204 -12.56 -17.29 -13.84
CA MET A 204 -12.95 -18.15 -14.95
C MET A 204 -14.47 -18.15 -15.07
N ALA A 205 -14.99 -17.36 -16.00
CA ALA A 205 -16.42 -17.36 -16.28
C ALA A 205 -16.68 -17.73 -17.73
N THR A 206 -15.91 -17.13 -18.64
CA THR A 206 -16.00 -17.44 -20.05
C THR A 206 -14.68 -17.06 -20.73
N MET A 207 -14.45 -15.76 -20.91
CA MET A 207 -13.22 -15.28 -21.56
C MET A 207 -13.11 -13.75 -21.54
N PRO A 208 -14.10 -13.00 -22.07
CA PRO A 208 -14.03 -11.52 -22.17
C PRO A 208 -13.74 -10.82 -20.84
N THR A 209 -12.53 -10.32 -20.71
CA THR A 209 -12.08 -9.57 -19.54
C THR A 209 -10.57 -9.39 -19.59
N LEU A 210 -9.92 -10.32 -20.28
CA LEU A 210 -8.47 -10.28 -20.45
C LEU A 210 -8.11 -9.25 -21.52
N PRO A 211 -7.15 -8.36 -21.21
CA PRO A 211 -6.74 -7.27 -22.11
C PRO A 211 -6.27 -7.78 -23.46
N GLU A 212 -6.45 -6.95 -24.48
CA GLU A 212 -6.05 -7.27 -25.83
C GLU A 212 -4.87 -6.40 -26.24
N THR A 213 -4.26 -5.78 -25.24
CA THR A 213 -3.11 -4.91 -25.46
C THR A 213 -1.80 -5.66 -25.15
N GLN A 214 -0.81 -5.46 -26.00
CA GLN A 214 0.48 -6.14 -25.86
C GLN A 214 1.24 -5.60 -24.65
N ALA A 215 1.31 -4.28 -24.56
CA ALA A 215 2.01 -3.63 -23.46
C ALA A 215 1.33 -3.91 -22.14
N GLY A 216 0.00 -3.96 -22.19
CA GLY A 216 -0.78 -4.20 -21.00
C GLY A 216 -0.47 -5.53 -20.39
N ILE A 217 -0.57 -6.59 -21.20
CA ILE A 217 -0.40 -7.95 -20.70
C ILE A 217 1.05 -8.20 -20.32
N LYS A 218 1.97 -7.62 -21.09
CA LYS A 218 3.40 -7.80 -20.86
C LYS A 218 3.79 -7.43 -19.43
N GLU A 219 3.37 -6.24 -18.99
CA GLU A 219 3.69 -5.76 -17.66
C GLU A 219 3.00 -6.60 -16.59
N GLU A 220 1.73 -6.93 -16.84
CA GLU A 220 0.96 -7.74 -15.90
C GLU A 220 1.61 -9.10 -15.70
N ILE A 221 1.95 -9.76 -16.81
CA ILE A 221 2.57 -11.08 -16.77
C ILE A 221 3.86 -11.07 -15.95
N ARG A 222 4.72 -10.08 -16.18
CA ARG A 222 5.99 -10.00 -15.47
C ARG A 222 5.76 -10.03 -13.97
N ARG A 223 4.88 -9.16 -13.50
CA ARG A 223 4.56 -9.07 -12.08
C ARG A 223 3.95 -10.38 -11.62
N GLN A 224 3.02 -10.87 -12.41
CA GLN A 224 2.25 -12.08 -12.09
C GLN A 224 3.17 -13.28 -11.93
N GLU A 225 4.18 -13.41 -12.79
CA GLU A 225 5.10 -14.53 -12.72
C GLU A 225 5.92 -14.49 -11.45
N PHE A 226 6.26 -13.29 -10.97
CA PHE A 226 7.01 -13.17 -9.74
C PHE A 226 6.19 -13.63 -8.54
N LEU A 227 4.90 -13.37 -8.57
CA LEU A 227 4.02 -13.86 -7.51
C LEU A 227 3.85 -15.36 -7.68
N LEU A 228 3.83 -15.81 -8.93
CA LEU A 228 3.56 -17.20 -9.25
C LEU A 228 4.73 -18.07 -8.84
N ASN A 229 5.94 -17.74 -9.31
CA ASN A 229 7.11 -18.58 -9.04
C ASN A 229 7.46 -18.60 -7.56
N CYS A 230 7.20 -17.50 -6.84
CA CYS A 230 7.53 -17.45 -5.43
C CYS A 230 6.67 -18.43 -4.64
N LEU A 231 5.35 -18.36 -4.83
CA LEU A 231 4.43 -19.20 -4.07
C LEU A 231 4.74 -20.66 -4.36
N HIS A 232 4.97 -20.97 -5.63
CA HIS A 232 5.31 -22.32 -6.05
C HIS A 232 6.62 -22.76 -5.43
N ARG A 233 7.56 -21.83 -5.29
CA ARG A 233 8.90 -22.12 -4.78
C ARG A 233 8.90 -22.40 -3.27
N ASP A 234 8.28 -21.50 -2.51
CA ASP A 234 8.30 -21.58 -1.05
C ASP A 234 7.69 -22.87 -0.51
N LEU A 235 6.80 -23.45 -1.30
CA LEU A 235 6.11 -24.68 -0.91
C LEU A 235 7.09 -25.82 -0.58
N GLN A 236 8.26 -25.80 -1.21
CA GLN A 236 9.25 -26.86 -1.03
C GLN A 236 9.95 -26.77 0.32
N GLY A 237 9.66 -25.70 1.06
CA GLY A 237 10.21 -25.54 2.39
C GLY A 237 9.40 -26.27 3.44
N GLY A 238 8.76 -27.37 3.03
CA GLY A 238 7.92 -28.11 3.93
C GLY A 238 6.63 -27.40 4.22
N ILE A 239 6.11 -26.73 3.21
CA ILE A 239 4.90 -25.94 3.37
C ILE A 239 3.73 -26.58 2.62
N LYS A 240 2.92 -27.32 3.34
CA LYS A 240 1.70 -27.87 2.78
C LYS A 240 0.53 -27.00 3.21
N ASP A 241 0.22 -26.01 2.39
CA ASP A 241 -0.76 -25.00 2.74
C ASP A 241 -1.78 -24.83 1.63
N LEU A 242 -3.02 -25.19 1.91
CA LEU A 242 -4.10 -25.12 0.93
C LEU A 242 -4.26 -23.72 0.37
N SER A 243 -4.16 -22.71 1.23
CA SER A 243 -4.39 -21.34 0.82
C SER A 243 -3.37 -20.90 -0.23
N LYS A 244 -2.13 -21.36 -0.06
CA LYS A 244 -1.08 -21.08 -1.03
C LYS A 244 -1.32 -21.85 -2.33
N GLU A 245 -1.70 -23.12 -2.19
CA GLU A 245 -1.92 -23.98 -3.34
C GLU A 245 -3.14 -23.54 -4.14
N GLU A 246 -4.27 -23.36 -3.47
CA GLU A 246 -5.47 -22.84 -4.12
C GLU A 246 -5.16 -21.56 -4.92
N ARG A 247 -4.45 -20.63 -4.29
CA ARG A 247 -4.02 -19.41 -4.97
C ARG A 247 -3.02 -19.72 -6.10
N LEU A 248 -2.29 -20.82 -5.94
CA LEU A 248 -1.28 -21.21 -6.91
C LEU A 248 -1.91 -21.69 -8.22
N TRP A 249 -2.96 -22.52 -8.14
CA TRP A 249 -3.66 -22.96 -9.36
C TRP A 249 -4.32 -21.74 -9.96
N GLU A 250 -4.74 -20.85 -9.07
CA GLU A 250 -5.45 -19.64 -9.45
C GLU A 250 -4.57 -18.76 -10.34
N VAL A 251 -3.37 -18.46 -9.87
CA VAL A 251 -2.44 -17.64 -10.64
C VAL A 251 -2.06 -18.32 -11.95
N GLN A 252 -1.88 -19.63 -11.89
CA GLN A 252 -1.51 -20.43 -13.06
C GLN A 252 -2.57 -20.34 -14.17
N ARG A 253 -3.83 -20.57 -13.81
CA ARG A 253 -4.92 -20.51 -14.79
C ARG A 253 -4.98 -19.14 -15.47
N ILE A 254 -4.75 -18.11 -14.67
CA ILE A 254 -4.85 -16.73 -15.15
C ILE A 254 -3.66 -16.40 -16.05
N LEU A 255 -2.47 -16.69 -15.55
CA LEU A 255 -1.24 -16.41 -16.29
C LEU A 255 -1.21 -17.19 -17.59
N THR A 256 -1.76 -18.40 -17.57
CA THR A 256 -1.78 -19.24 -18.77
C THR A 256 -2.58 -18.56 -19.88
N ALA A 257 -3.79 -18.09 -19.56
CA ALA A 257 -4.59 -17.34 -20.50
C ALA A 257 -3.80 -16.13 -21.01
N LEU A 258 -3.18 -15.41 -20.09
CA LEU A 258 -2.39 -14.23 -20.44
C LEU A 258 -1.24 -14.57 -21.38
N LYS A 259 -0.62 -15.73 -21.18
CA LYS A 259 0.46 -16.18 -22.06
C LYS A 259 -0.04 -16.35 -23.50
N ARG A 260 -1.24 -16.89 -23.65
CA ARG A 260 -1.84 -17.05 -24.97
C ARG A 260 -2.25 -15.69 -25.53
N LYS A 261 -2.94 -14.92 -24.70
CA LYS A 261 -3.36 -13.56 -25.01
C LYS A 261 -2.16 -12.67 -25.37
N LEU A 262 -1.00 -12.95 -24.81
CA LEU A 262 0.20 -12.17 -25.07
C LEU A 262 0.65 -12.35 -26.52
N ARG A 263 0.29 -13.49 -27.08
CA ARG A 263 0.60 -13.78 -28.48
C ARG A 263 -0.64 -13.54 -29.32
N GLU A 264 -1.66 -13.01 -28.67
CA GLU A 264 -2.93 -12.69 -29.31
C GLU A 264 -2.97 -11.20 -29.61
N ALA A 265 -2.32 -10.42 -28.75
CA ALA A 265 -2.31 -8.97 -28.85
C ALA A 265 -1.18 -8.47 -29.76
N HIS A 1 -17.29 -8.84 23.51
CA HIS A 1 -16.02 -9.53 23.19
C HIS A 1 -15.58 -9.21 21.78
N MET A 2 -14.34 -9.55 21.45
CA MET A 2 -13.82 -9.37 20.10
C MET A 2 -14.25 -10.55 19.23
N PRO A 3 -15.03 -10.28 18.18
CA PRO A 3 -15.64 -11.33 17.35
C PRO A 3 -14.69 -11.96 16.33
N ASN A 4 -13.38 -11.83 16.55
CA ASN A 4 -12.40 -12.45 15.68
C ASN A 4 -11.04 -12.50 16.36
N LEU A 5 -10.26 -13.52 16.04
CA LEU A 5 -8.94 -13.68 16.61
C LEU A 5 -7.92 -12.92 15.77
N LYS A 6 -7.47 -11.78 16.31
CA LYS A 6 -6.53 -10.90 15.62
C LYS A 6 -7.12 -10.36 14.32
N PRO A 7 -7.89 -9.27 14.41
CA PRO A 7 -8.40 -8.60 13.23
C PRO A 7 -7.44 -7.51 12.74
N ILE A 8 -7.15 -7.53 11.44
CA ILE A 8 -6.38 -6.48 10.75
C ILE A 8 -6.50 -5.09 11.39
N PHE A 9 -7.71 -4.65 11.70
CA PHE A 9 -7.90 -3.31 12.27
C PHE A 9 -7.70 -3.31 13.78
N GLY A 10 -6.44 -3.14 14.18
CA GLY A 10 -6.11 -3.02 15.58
C GLY A 10 -5.02 -3.97 16.01
N ILE A 11 -3.91 -3.99 15.27
CA ILE A 11 -2.82 -4.92 15.52
C ILE A 11 -1.47 -4.29 15.17
N PRO A 12 -0.35 -4.91 15.59
CA PRO A 12 0.98 -4.49 15.16
C PRO A 12 1.22 -4.78 13.67
N LEU A 13 2.11 -4.00 13.05
CA LEU A 13 2.40 -4.14 11.63
C LEU A 13 2.83 -5.57 11.26
N ALA A 14 3.78 -6.14 12.01
CA ALA A 14 4.25 -7.51 11.77
C ALA A 14 3.09 -8.50 11.62
N ASP A 15 2.21 -8.51 12.60
CA ASP A 15 1.00 -9.36 12.57
C ASP A 15 0.21 -9.14 11.29
N ALA A 16 0.00 -7.88 10.94
CA ALA A 16 -0.71 -7.55 9.72
C ALA A 16 0.05 -8.06 8.50
N VAL A 17 1.37 -7.92 8.54
CA VAL A 17 2.25 -8.37 7.46
C VAL A 17 2.13 -9.87 7.23
N GLU A 18 2.31 -10.64 8.29
CA GLU A 18 2.35 -12.09 8.19
C GLU A 18 1.01 -12.66 7.73
N ARG A 19 -0.04 -11.88 7.90
CA ARG A 19 -1.36 -12.27 7.39
C ARG A 19 -1.53 -11.85 5.93
N THR A 20 -1.14 -10.63 5.62
CA THR A 20 -1.37 -10.07 4.30
C THR A 20 -0.13 -10.16 3.39
N MET A 21 0.60 -11.25 3.50
CA MET A 21 1.79 -11.46 2.65
C MET A 21 1.39 -11.80 1.21
N MET A 22 1.86 -11.01 0.25
CA MET A 22 1.53 -11.22 -1.17
C MET A 22 2.73 -11.72 -1.96
N TYR A 23 3.68 -10.82 -2.24
CA TYR A 23 4.85 -11.16 -3.04
C TYR A 23 5.79 -12.11 -2.29
N ASP A 24 6.67 -11.53 -1.49
CA ASP A 24 7.69 -12.30 -0.78
C ASP A 24 7.50 -12.19 0.72
N GLY A 25 6.81 -11.15 1.13
CA GLY A 25 6.68 -10.87 2.55
C GLY A 25 7.72 -9.87 2.99
N ILE A 26 7.89 -8.82 2.18
CA ILE A 26 8.88 -7.76 2.42
C ILE A 26 8.58 -6.89 3.66
N ARG A 27 7.92 -7.49 4.65
CA ARG A 27 7.54 -6.80 5.88
C ARG A 27 6.77 -5.51 5.59
N LEU A 28 5.57 -5.69 5.04
CA LEU A 28 4.65 -4.60 4.72
C LEU A 28 3.28 -5.21 4.43
N PRO A 29 2.24 -4.80 5.15
CA PRO A 29 0.88 -5.31 4.94
C PRO A 29 0.44 -5.12 3.50
N ALA A 30 -0.46 -5.97 3.01
CA ALA A 30 -0.87 -5.90 1.61
C ALA A 30 -1.65 -4.63 1.36
N VAL A 31 -2.64 -4.40 2.21
CA VAL A 31 -3.51 -3.22 2.12
C VAL A 31 -2.75 -1.94 1.79
N PHE A 32 -1.62 -1.69 2.47
CA PHE A 32 -0.85 -0.48 2.22
C PHE A 32 -0.39 -0.42 0.77
N ARG A 33 0.10 -1.55 0.27
CA ARG A 33 0.65 -1.61 -1.07
C ARG A 33 -0.47 -1.70 -2.10
N GLU A 34 -1.54 -2.41 -1.75
CA GLU A 34 -2.73 -2.45 -2.58
C GLU A 34 -3.30 -1.06 -2.82
N CYS A 35 -3.28 -0.22 -1.78
CA CYS A 35 -3.79 1.14 -1.91
C CYS A 35 -2.80 1.97 -2.71
N ILE A 36 -1.51 1.80 -2.41
CA ILE A 36 -0.45 2.50 -3.12
C ILE A 36 -0.44 2.13 -4.59
N ASP A 37 -0.82 0.89 -4.90
CA ASP A 37 -0.80 0.38 -6.26
C ASP A 37 -1.88 1.05 -7.10
N TYR A 38 -3.09 1.08 -6.55
CA TYR A 38 -4.24 1.61 -7.27
C TYR A 38 -4.01 3.07 -7.67
N VAL A 39 -3.62 3.89 -6.71
CA VAL A 39 -3.42 5.31 -6.98
C VAL A 39 -2.19 5.54 -7.86
N GLU A 40 -1.15 4.75 -7.67
CA GLU A 40 0.08 4.91 -8.44
C GLU A 40 -0.17 4.67 -9.94
N LYS A 41 -1.08 3.76 -10.25
CA LYS A 41 -1.31 3.38 -11.65
C LYS A 41 -2.51 4.09 -12.25
N TYR A 42 -3.56 4.33 -11.47
CA TYR A 42 -4.78 4.90 -12.02
C TYR A 42 -5.10 6.27 -11.43
N GLY A 43 -4.81 6.44 -10.14
CA GLY A 43 -5.19 7.65 -9.44
C GLY A 43 -4.03 8.57 -9.18
N MET A 44 -3.29 8.90 -10.21
CA MET A 44 -2.16 9.81 -10.08
C MET A 44 -2.55 11.23 -10.46
N LYS A 45 -3.36 11.35 -11.50
CA LYS A 45 -3.72 12.66 -12.02
C LYS A 45 -5.15 13.03 -11.66
N CYS A 46 -5.67 12.38 -10.62
CA CYS A 46 -7.02 12.66 -10.17
C CYS A 46 -7.05 13.83 -9.18
N GLU A 47 -7.95 14.78 -9.40
CA GLU A 47 -8.20 15.82 -8.42
C GLU A 47 -8.78 15.20 -7.15
N GLY A 48 -8.64 15.89 -6.02
CA GLY A 48 -9.07 15.33 -4.76
C GLY A 48 -8.31 14.08 -4.35
N ILE A 49 -7.21 13.82 -5.04
CA ILE A 49 -6.38 12.65 -4.75
C ILE A 49 -5.93 12.65 -3.28
N TYR A 50 -6.48 11.69 -2.52
CA TYR A 50 -6.18 11.54 -1.09
C TYR A 50 -6.85 12.64 -0.29
N ARG A 51 -7.76 13.38 -0.92
CA ARG A 51 -8.37 14.56 -0.32
C ARG A 51 -9.89 14.37 -0.17
N VAL A 52 -10.51 13.86 -1.23
CA VAL A 52 -11.96 13.65 -1.25
C VAL A 52 -12.41 12.69 -0.14
N SER A 53 -13.54 13.00 0.47
CA SER A 53 -14.13 12.18 1.51
C SER A 53 -14.33 10.74 1.03
N GLY A 54 -13.73 9.80 1.74
CA GLY A 54 -13.85 8.40 1.39
C GLY A 54 -15.22 7.86 1.70
N ILE A 55 -15.86 7.27 0.71
CA ILE A 55 -17.18 6.67 0.86
C ILE A 55 -17.16 5.59 1.92
N LYS A 56 -17.70 5.91 3.10
CA LYS A 56 -17.75 4.98 4.23
C LYS A 56 -18.35 3.65 3.80
N SER A 57 -19.34 3.73 2.91
CA SER A 57 -20.07 2.57 2.45
C SER A 57 -19.13 1.51 1.87
N LYS A 58 -18.12 1.95 1.11
CA LYS A 58 -17.20 1.02 0.48
C LYS A 58 -16.10 0.62 1.46
N VAL A 59 -15.67 1.60 2.24
CA VAL A 59 -14.56 1.43 3.17
C VAL A 59 -14.89 0.34 4.20
N ASP A 60 -16.11 0.38 4.74
CA ASP A 60 -16.55 -0.63 5.70
C ASP A 60 -16.57 -2.01 5.09
N GLU A 61 -16.78 -2.07 3.78
CA GLU A 61 -16.76 -3.33 3.06
C GLU A 61 -15.34 -3.86 2.97
N LEU A 62 -14.42 -2.99 2.57
CA LEU A 62 -13.01 -3.33 2.48
C LEU A 62 -12.44 -3.81 3.82
N LYS A 63 -12.75 -3.06 4.90
CA LYS A 63 -12.35 -3.48 6.24
C LYS A 63 -12.80 -4.90 6.48
N ALA A 64 -14.03 -5.17 6.10
CA ALA A 64 -14.62 -6.49 6.23
C ALA A 64 -13.89 -7.50 5.36
N ALA A 65 -13.59 -7.12 4.13
CA ALA A 65 -12.95 -8.00 3.17
C ALA A 65 -11.56 -8.43 3.64
N TYR A 66 -10.82 -7.50 4.24
CA TYR A 66 -9.50 -7.81 4.77
C TYR A 66 -9.59 -8.73 5.99
N ASP A 67 -10.55 -8.45 6.87
CA ASP A 67 -10.74 -9.25 8.08
C ASP A 67 -11.22 -10.66 7.73
N ARG A 68 -12.08 -10.77 6.72
CA ARG A 68 -12.56 -12.07 6.27
C ARG A 68 -11.56 -12.76 5.36
N GLU A 69 -10.55 -11.99 4.94
CA GLU A 69 -9.51 -12.45 4.04
C GLU A 69 -10.13 -12.93 2.72
N GLU A 70 -10.50 -11.96 1.90
CA GLU A 70 -11.15 -12.23 0.62
C GLU A 70 -10.32 -11.64 -0.52
N SER A 71 -10.88 -11.66 -1.71
CA SER A 71 -10.21 -11.10 -2.87
C SER A 71 -10.49 -9.60 -2.96
N THR A 72 -9.48 -8.79 -2.68
CA THR A 72 -9.64 -7.35 -2.62
C THR A 72 -9.21 -6.68 -3.91
N ASN A 73 -10.18 -6.28 -4.71
CA ASN A 73 -9.89 -5.54 -5.90
C ASN A 73 -10.28 -4.08 -5.72
N LEU A 74 -9.27 -3.26 -5.53
CA LEU A 74 -9.44 -1.83 -5.27
C LEU A 74 -9.80 -1.08 -6.54
N GLU A 75 -9.71 -1.78 -7.67
CA GLU A 75 -9.82 -1.14 -8.97
C GLU A 75 -11.29 -0.85 -9.28
N ASP A 76 -12.16 -1.57 -8.58
CA ASP A 76 -13.61 -1.38 -8.71
C ASP A 76 -14.06 -0.21 -7.85
N TYR A 77 -13.20 0.22 -6.94
CA TYR A 77 -13.54 1.26 -5.99
C TYR A 77 -12.91 2.60 -6.39
N GLU A 78 -13.28 3.64 -5.65
CA GLU A 78 -12.80 4.99 -5.91
C GLU A 78 -11.49 5.26 -5.16
N PRO A 79 -10.63 6.14 -5.72
CA PRO A 79 -9.37 6.50 -5.09
C PRO A 79 -9.57 7.09 -3.70
N ASN A 80 -10.56 7.98 -3.58
CA ASN A 80 -10.95 8.52 -2.28
C ASN A 80 -11.25 7.40 -1.28
N THR A 81 -11.91 6.36 -1.74
CA THR A 81 -12.24 5.23 -0.88
C THR A 81 -10.98 4.51 -0.42
N VAL A 82 -10.12 4.19 -1.38
CA VAL A 82 -8.88 3.48 -1.11
C VAL A 82 -7.97 4.28 -0.18
N ALA A 83 -7.77 5.55 -0.52
CA ALA A 83 -6.96 6.47 0.28
C ALA A 83 -7.48 6.58 1.71
N SER A 84 -8.78 6.44 1.87
CA SER A 84 -9.41 6.64 3.17
C SER A 84 -9.39 5.36 3.97
N LEU A 85 -9.50 4.23 3.28
CA LEU A 85 -9.32 2.93 3.90
C LEU A 85 -7.90 2.81 4.43
N LEU A 86 -6.94 3.23 3.61
CA LEU A 86 -5.53 3.14 3.96
C LEU A 86 -5.20 3.91 5.23
N LYS A 87 -5.55 5.20 5.25
CA LYS A 87 -5.21 6.05 6.37
C LYS A 87 -6.00 5.64 7.62
N GLN A 88 -7.21 5.14 7.40
CA GLN A 88 -8.05 4.70 8.51
C GLN A 88 -7.45 3.44 9.15
N TYR A 89 -7.23 2.42 8.32
CA TYR A 89 -6.60 1.17 8.76
C TYR A 89 -5.34 1.41 9.58
N LEU A 90 -4.50 2.32 9.14
CA LEU A 90 -3.23 2.55 9.82
C LEU A 90 -3.46 3.18 11.20
N ARG A 91 -4.45 4.06 11.28
CA ARG A 91 -4.82 4.69 12.55
C ARG A 91 -5.13 3.68 13.64
N ASP A 92 -6.05 2.75 13.36
CA ASP A 92 -6.50 1.75 14.33
C ASP A 92 -5.40 0.83 14.82
N LEU A 93 -4.19 1.03 14.37
CA LEU A 93 -3.07 0.24 14.85
C LEU A 93 -2.51 0.87 16.12
N PRO A 94 -2.57 0.15 17.25
CA PRO A 94 -2.17 0.67 18.57
C PRO A 94 -0.77 1.27 18.56
N GLU A 95 0.15 0.63 17.86
CA GLU A 95 1.48 1.15 17.70
C GLU A 95 1.55 1.97 16.43
N ASN A 96 1.91 3.24 16.58
CA ASN A 96 1.94 4.15 15.45
C ASN A 96 3.30 4.09 14.76
N LEU A 97 3.50 4.92 13.75
CA LEU A 97 4.68 4.87 12.91
C LEU A 97 5.91 5.29 13.70
N LEU A 98 5.81 6.45 14.34
CA LEU A 98 6.90 7.00 15.12
C LEU A 98 6.74 6.57 16.58
N THR A 99 5.71 5.76 16.80
CA THR A 99 5.26 5.36 18.13
C THR A 99 5.02 6.57 19.04
N LYS A 100 4.56 6.32 20.24
CA LYS A 100 4.35 7.38 21.22
C LYS A 100 5.70 7.99 21.59
N GLU A 101 6.68 7.10 21.68
CA GLU A 101 8.02 7.43 22.14
C GLU A 101 8.72 8.51 21.30
N LEU A 102 8.84 8.33 19.99
CA LEU A 102 9.60 9.26 19.16
C LEU A 102 8.75 10.45 18.73
N MET A 103 7.43 10.27 18.72
CA MET A 103 6.48 11.30 18.25
C MET A 103 6.78 12.71 18.79
N PRO A 104 6.91 12.91 20.12
CA PRO A 104 7.12 14.25 20.70
C PRO A 104 8.41 14.93 20.24
N ARG A 105 9.40 14.13 19.85
CA ARG A 105 10.68 14.69 19.42
C ARG A 105 10.58 15.22 18.00
N PHE A 106 9.59 14.73 17.25
CA PHE A 106 9.30 15.26 15.93
C PHE A 106 8.82 16.69 16.06
N GLU A 107 8.08 16.97 17.13
CA GLU A 107 7.59 18.32 17.42
C GLU A 107 8.75 19.27 17.66
N GLU A 108 9.79 18.76 18.35
CA GLU A 108 10.98 19.55 18.62
C GLU A 108 11.71 19.87 17.32
N ALA A 109 11.98 18.83 16.53
CA ALA A 109 12.63 18.98 15.25
C ALA A 109 11.77 19.79 14.28
N CYS A 110 10.48 19.82 14.53
CA CYS A 110 9.55 20.55 13.68
C CYS A 110 9.80 22.06 13.77
N GLY A 111 10.52 22.48 14.81
CA GLY A 111 10.80 23.88 14.98
C GLY A 111 12.29 24.14 15.00
N ARG A 112 13.05 23.25 14.37
CA ARG A 112 14.49 23.39 14.29
C ARG A 112 14.86 24.63 13.48
N THR A 113 15.93 25.28 13.92
CA THR A 113 16.44 26.47 13.25
C THR A 113 16.91 26.18 11.83
N THR A 114 17.11 24.91 11.51
CA THR A 114 17.59 24.52 10.19
C THR A 114 16.84 23.28 9.70
N GLU A 115 16.60 23.20 8.40
CA GLU A 115 15.95 22.03 7.81
C GLU A 115 16.80 20.79 8.06
N THR A 116 18.11 20.94 7.84
CA THR A 116 19.06 19.87 8.12
C THR A 116 18.89 19.33 9.55
N GLU A 117 18.69 20.24 10.49
CA GLU A 117 18.45 19.87 11.90
C GLU A 117 17.28 18.90 12.00
N LYS A 118 16.19 19.23 11.29
CA LYS A 118 15.01 18.38 11.26
C LYS A 118 15.38 17.01 10.70
N VAL A 119 16.03 17.02 9.55
CA VAL A 119 16.52 15.82 8.90
C VAL A 119 17.29 14.91 9.88
N GLN A 120 18.30 15.46 10.51
CA GLN A 120 19.16 14.69 11.42
C GLN A 120 18.38 14.12 12.62
N GLU A 121 17.52 14.94 13.22
CA GLU A 121 16.77 14.51 14.39
C GLU A 121 15.75 13.44 14.02
N PHE A 122 14.99 13.68 12.95
CA PHE A 122 14.06 12.68 12.43
C PHE A 122 14.74 11.35 12.21
N GLN A 123 15.94 11.39 11.64
CA GLN A 123 16.76 10.18 11.47
C GLN A 123 16.85 9.40 12.77
N ARG A 124 17.28 10.07 13.83
CA ARG A 124 17.40 9.46 15.16
C ARG A 124 16.08 8.80 15.56
N LEU A 125 14.98 9.53 15.41
CA LEU A 125 13.67 9.00 15.78
C LEU A 125 13.34 7.76 14.96
N LEU A 126 13.49 7.86 13.64
CA LEU A 126 13.20 6.75 12.73
C LEU A 126 14.04 5.50 13.03
N LYS A 127 15.25 5.69 13.56
CA LYS A 127 16.09 4.54 13.92
C LYS A 127 15.44 3.75 15.04
N GLU A 128 14.90 4.48 16.00
CA GLU A 128 14.19 3.88 17.12
C GLU A 128 12.85 3.25 16.72
N LEU A 129 12.67 2.98 15.42
CA LEU A 129 11.44 2.35 14.96
C LEU A 129 11.70 0.89 14.59
N PRO A 130 10.67 0.03 14.71
CA PRO A 130 10.74 -1.35 14.22
C PRO A 130 10.88 -1.39 12.70
N GLU A 131 11.34 -2.53 12.17
CA GLU A 131 11.59 -2.68 10.74
C GLU A 131 10.37 -2.32 9.91
N CYS A 132 9.24 -2.93 10.25
CA CYS A 132 8.00 -2.70 9.52
C CYS A 132 7.60 -1.24 9.56
N ASN A 133 7.78 -0.59 10.70
CA ASN A 133 7.42 0.82 10.84
C ASN A 133 8.36 1.68 10.00
N TYR A 134 9.63 1.31 10.01
CA TYR A 134 10.66 2.03 9.27
C TYR A 134 10.37 2.00 7.77
N LEU A 135 10.03 0.83 7.26
CA LEU A 135 9.71 0.71 5.84
C LEU A 135 8.36 1.37 5.53
N LEU A 136 7.42 1.27 6.48
CA LEU A 136 6.09 1.85 6.31
C LEU A 136 6.20 3.37 6.21
N ILE A 137 6.84 3.99 7.20
CA ILE A 137 7.04 5.43 7.23
C ILE A 137 7.68 5.91 5.93
N SER A 138 8.65 5.15 5.43
CA SER A 138 9.31 5.44 4.17
C SER A 138 8.31 5.57 3.03
N TRP A 139 7.54 4.53 2.80
CA TRP A 139 6.68 4.47 1.63
C TRP A 139 5.55 5.47 1.68
N LEU A 140 4.96 5.61 2.86
CA LEU A 140 3.84 6.53 3.04
C LEU A 140 4.22 7.93 2.58
N ILE A 141 5.39 8.38 3.03
CA ILE A 141 5.81 9.74 2.76
C ILE A 141 6.35 9.86 1.32
N VAL A 142 7.14 8.88 0.89
CA VAL A 142 7.71 8.90 -0.45
C VAL A 142 6.62 8.78 -1.52
N HIS A 143 5.63 7.93 -1.28
CA HIS A 143 4.53 7.78 -2.23
C HIS A 143 3.77 9.08 -2.35
N MET A 144 3.56 9.74 -1.23
CA MET A 144 2.79 10.97 -1.21
C MET A 144 3.61 12.10 -1.84
N ASP A 145 4.93 11.91 -1.92
CA ASP A 145 5.82 12.86 -2.59
C ASP A 145 5.54 12.87 -4.08
N HIS A 146 5.40 11.67 -4.63
CA HIS A 146 5.01 11.51 -6.02
C HIS A 146 3.66 12.15 -6.26
N VAL A 147 2.80 12.07 -5.25
CA VAL A 147 1.50 12.71 -5.29
C VAL A 147 1.65 14.22 -5.33
N ILE A 148 2.72 14.76 -4.75
CA ILE A 148 2.93 16.21 -4.74
C ILE A 148 3.25 16.73 -6.14
N ALA A 149 3.97 15.94 -6.93
CA ALA A 149 4.19 16.32 -8.32
C ALA A 149 2.86 16.23 -9.08
N LYS A 150 2.08 15.25 -8.70
CA LYS A 150 0.79 15.02 -9.30
C LYS A 150 -0.23 16.08 -8.88
N GLU A 151 -0.21 16.48 -7.62
CA GLU A 151 -1.04 17.57 -7.15
C GLU A 151 -0.61 18.89 -7.80
N LEU A 152 0.63 18.90 -8.27
CA LEU A 152 1.12 20.05 -9.01
C LEU A 152 0.32 20.18 -10.30
N GLU A 153 -0.05 19.04 -10.89
CA GLU A 153 -0.96 19.07 -12.04
C GLU A 153 -2.45 19.00 -11.62
N THR A 154 -2.78 18.18 -10.61
CA THR A 154 -4.17 18.06 -10.10
C THR A 154 -4.59 19.27 -9.27
N LYS A 155 -3.80 20.33 -9.36
CA LYS A 155 -4.15 21.63 -8.76
C LYS A 155 -4.37 21.52 -7.25
N MET A 156 -3.42 20.92 -6.56
CA MET A 156 -3.51 20.77 -5.11
C MET A 156 -2.20 21.24 -4.47
N ASN A 157 -2.10 21.17 -3.15
CA ASN A 157 -0.89 21.60 -2.47
C ASN A 157 -0.63 20.74 -1.24
N ILE A 158 0.64 20.66 -0.85
CA ILE A 158 1.07 19.84 0.27
C ILE A 158 0.22 20.09 1.52
N GLN A 159 -0.30 21.31 1.66
CA GLN A 159 -1.17 21.65 2.77
C GLN A 159 -2.34 20.67 2.87
N ASN A 160 -3.00 20.40 1.75
CA ASN A 160 -4.15 19.48 1.72
C ASN A 160 -3.70 18.07 2.06
N ILE A 161 -2.62 17.65 1.42
CA ILE A 161 -2.07 16.32 1.65
C ILE A 161 -1.68 16.14 3.13
N SER A 162 -1.15 17.21 3.72
CA SER A 162 -0.75 17.20 5.12
C SER A 162 -1.98 17.12 6.03
N ILE A 163 -3.12 17.62 5.56
CA ILE A 163 -4.33 17.63 6.37
C ILE A 163 -4.89 16.22 6.50
N VAL A 164 -4.80 15.47 5.41
CA VAL A 164 -5.35 14.12 5.37
C VAL A 164 -4.40 13.10 5.98
N LEU A 165 -3.10 13.40 5.97
CA LEU A 165 -2.13 12.52 6.60
C LEU A 165 -2.02 12.78 8.08
N SER A 166 -2.32 14.02 8.48
CA SER A 166 -2.25 14.45 9.89
C SER A 166 -2.88 13.45 10.87
N PRO A 167 -4.14 12.98 10.66
CA PRO A 167 -4.78 12.03 11.58
C PRO A 167 -4.10 10.66 11.59
N THR A 168 -3.44 10.32 10.50
CA THR A 168 -2.78 9.03 10.38
C THR A 168 -1.39 9.05 11.00
N VAL A 169 -0.62 10.06 10.62
CA VAL A 169 0.71 10.24 11.19
C VAL A 169 0.60 10.66 12.65
N GLN A 170 -0.49 11.38 12.94
CA GLN A 170 -0.88 11.69 14.32
C GLN A 170 0.02 12.78 14.87
N ILE A 171 0.35 13.71 13.97
CA ILE A 171 1.18 14.85 14.28
C ILE A 171 0.61 16.07 13.54
N SER A 172 0.89 17.27 14.05
CA SER A 172 0.45 18.51 13.41
C SER A 172 0.71 18.55 11.89
N ASN A 173 -0.15 19.29 11.21
CA ASN A 173 -0.17 19.41 9.75
C ASN A 173 1.19 19.76 9.15
N ARG A 174 1.84 20.77 9.71
CA ARG A 174 3.10 21.29 9.15
C ARG A 174 4.19 20.23 9.08
N VAL A 175 4.09 19.21 9.93
CA VAL A 175 5.11 18.17 9.99
C VAL A 175 5.13 17.32 8.71
N LEU A 176 4.00 17.18 8.04
CA LEU A 176 3.94 16.39 6.81
C LEU A 176 4.71 17.09 5.69
N TYR A 177 4.48 18.39 5.56
CA TYR A 177 5.27 19.24 4.67
C TYR A 177 6.77 18.96 4.78
N VAL A 178 7.33 19.07 5.98
CA VAL A 178 8.74 18.79 6.18
C VAL A 178 9.02 17.29 6.04
N PHE A 179 8.02 16.47 6.31
CA PHE A 179 8.15 15.04 6.12
C PHE A 179 8.62 14.74 4.70
N PHE A 180 7.99 15.33 3.68
CA PHE A 180 8.36 15.05 2.30
C PHE A 180 9.74 15.63 1.98
N THR A 181 9.83 16.95 2.10
CA THR A 181 11.12 17.65 1.91
C THR A 181 12.32 16.83 2.41
N HIS A 182 12.26 16.42 3.68
CA HIS A 182 13.40 15.76 4.28
C HIS A 182 13.39 14.26 3.93
N VAL A 183 12.22 13.71 3.64
CA VAL A 183 12.11 12.27 3.32
C VAL A 183 12.87 11.93 2.06
N GLN A 184 12.83 12.82 1.06
CA GLN A 184 13.62 12.62 -0.14
C GLN A 184 15.08 12.87 0.16
N GLU A 185 15.36 13.77 1.09
CA GLU A 185 16.73 13.94 1.57
C GLU A 185 17.22 12.69 2.32
N LEU A 186 16.28 11.93 2.90
CA LEU A 186 16.64 10.76 3.71
C LEU A 186 16.82 9.49 2.86
N PHE A 187 15.86 9.19 2.00
CA PHE A 187 15.86 7.89 1.31
C PHE A 187 16.18 8.05 -0.18
N GLY A 188 15.15 8.37 -0.97
CA GLY A 188 15.34 8.57 -2.40
C GLY A 188 15.30 7.27 -3.19
N ASN A 189 15.85 6.21 -2.61
CA ASN A 189 15.88 4.91 -3.27
C ASN A 189 14.63 4.11 -2.91
N VAL A 190 13.88 4.63 -1.94
CA VAL A 190 12.61 4.04 -1.56
C VAL A 190 11.67 4.06 -2.74
N VAL A 191 11.24 2.88 -3.14
CA VAL A 191 10.48 2.73 -4.37
C VAL A 191 9.12 2.10 -4.09
N LEU A 192 8.10 2.66 -4.71
CA LEU A 192 6.74 2.15 -4.57
C LEU A 192 6.54 0.92 -5.46
N LYS A 193 6.76 -0.26 -4.88
CA LYS A 193 6.59 -1.51 -5.61
C LYS A 193 5.12 -1.93 -5.66
N GLN A 194 4.55 -1.86 -6.85
CA GLN A 194 3.14 -2.18 -7.06
C GLN A 194 2.89 -3.68 -6.98
N VAL A 195 1.63 -4.04 -6.79
CA VAL A 195 1.23 -5.43 -6.68
C VAL A 195 0.15 -5.76 -7.72
N MET A 196 0.18 -6.98 -8.25
CA MET A 196 -0.84 -7.43 -9.19
C MET A 196 -2.18 -7.54 -8.46
N LYS A 197 -3.26 -7.28 -9.16
CA LYS A 197 -4.57 -7.24 -8.53
C LYS A 197 -5.47 -8.35 -9.05
N PRO A 198 -6.12 -9.06 -8.12
CA PRO A 198 -7.07 -10.13 -8.45
C PRO A 198 -8.32 -9.57 -9.12
N LEU A 199 -9.16 -10.46 -9.65
CA LEU A 199 -10.35 -10.06 -10.42
C LEU A 199 -9.92 -9.31 -11.68
N ARG A 200 -9.41 -10.06 -12.63
CA ARG A 200 -9.00 -9.50 -13.91
C ARG A 200 -9.69 -10.20 -15.06
N TRP A 201 -10.05 -11.47 -14.86
CA TRP A 201 -10.83 -12.19 -15.84
C TRP A 201 -12.16 -12.61 -15.21
N SER A 202 -12.38 -12.14 -13.98
CA SER A 202 -13.59 -12.46 -13.22
C SER A 202 -13.72 -13.98 -13.03
N ASN A 203 -12.58 -14.67 -13.12
CA ASN A 203 -12.52 -16.14 -13.12
C ASN A 203 -13.12 -16.71 -14.40
N MET A 204 -14.27 -16.17 -14.80
CA MET A 204 -14.90 -16.55 -16.06
C MET A 204 -15.98 -15.52 -16.40
N ALA A 205 -15.63 -14.53 -17.21
CA ALA A 205 -16.61 -13.58 -17.72
C ALA A 205 -16.16 -13.04 -19.07
N THR A 206 -16.00 -13.96 -20.01
CA THR A 206 -15.52 -13.70 -21.37
C THR A 206 -14.11 -13.11 -21.40
N MET A 207 -13.34 -13.51 -22.41
CA MET A 207 -11.97 -13.04 -22.62
C MET A 207 -11.84 -11.49 -22.55
N PRO A 208 -12.74 -10.73 -23.22
CA PRO A 208 -12.71 -9.26 -23.16
C PRO A 208 -12.79 -8.71 -21.74
N THR A 209 -11.62 -8.43 -21.16
CA THR A 209 -11.50 -7.84 -19.84
C THR A 209 -10.03 -7.58 -19.55
N LEU A 210 -9.18 -8.45 -20.06
CA LEU A 210 -7.74 -8.28 -19.95
C LEU A 210 -7.28 -7.17 -20.88
N PRO A 211 -6.30 -6.35 -20.45
CA PRO A 211 -5.75 -5.26 -21.28
C PRO A 211 -5.29 -5.75 -22.64
N GLU A 212 -5.31 -4.85 -23.62
CA GLU A 212 -4.96 -5.21 -24.98
C GLU A 212 -3.74 -4.42 -25.45
N THR A 213 -3.06 -3.78 -24.50
CA THR A 213 -1.90 -2.97 -24.79
C THR A 213 -0.62 -3.75 -24.52
N GLN A 214 0.39 -3.54 -25.35
CA GLN A 214 1.66 -4.25 -25.24
C GLN A 214 2.31 -3.96 -23.88
N ALA A 215 2.27 -2.71 -23.49
CA ALA A 215 2.90 -2.26 -22.25
C ALA A 215 2.15 -2.81 -21.03
N GLY A 216 0.84 -2.62 -21.03
CA GLY A 216 0.01 -3.02 -19.89
C GLY A 216 0.13 -4.50 -19.58
N ILE A 217 0.13 -5.33 -20.61
CA ILE A 217 0.20 -6.77 -20.42
C ILE A 217 1.61 -7.17 -19.99
N LYS A 218 2.61 -6.57 -20.63
CA LYS A 218 4.01 -6.85 -20.31
C LYS A 218 4.28 -6.65 -18.82
N GLU A 219 3.83 -5.52 -18.29
CA GLU A 219 4.05 -5.17 -16.89
C GLU A 219 3.37 -6.15 -15.94
N GLU A 220 2.10 -6.42 -16.19
CA GLU A 220 1.31 -7.26 -15.30
C GLU A 220 1.84 -8.70 -15.31
N ILE A 221 2.24 -9.17 -16.49
CA ILE A 221 2.83 -10.51 -16.62
C ILE A 221 4.03 -10.66 -15.71
N ARG A 222 4.91 -9.65 -15.74
CA ARG A 222 6.11 -9.67 -14.93
C ARG A 222 5.74 -9.88 -13.46
N ARG A 223 4.79 -9.09 -12.98
CA ARG A 223 4.34 -9.16 -11.61
C ARG A 223 3.71 -10.53 -11.32
N GLN A 224 2.87 -10.97 -12.24
CA GLN A 224 2.13 -12.22 -12.09
C GLN A 224 3.08 -13.41 -11.97
N GLU A 225 4.16 -13.39 -12.75
CA GLU A 225 5.14 -14.47 -12.70
C GLU A 225 5.97 -14.40 -11.41
N PHE A 226 6.10 -13.22 -10.83
CA PHE A 226 6.74 -13.09 -9.52
C PHE A 226 5.89 -13.76 -8.45
N LEU A 227 4.59 -13.59 -8.56
CA LEU A 227 3.65 -14.23 -7.65
C LEU A 227 3.62 -15.73 -7.95
N LEU A 228 3.89 -16.06 -9.20
CA LEU A 228 3.86 -17.44 -9.65
C LEU A 228 4.97 -18.23 -8.98
N ASN A 229 6.20 -17.76 -9.14
CA ASN A 229 7.36 -18.52 -8.69
C ASN A 229 7.45 -18.60 -7.17
N CYS A 230 7.19 -17.50 -6.49
CA CYS A 230 7.33 -17.47 -5.03
C CYS A 230 6.28 -18.33 -4.35
N LEU A 231 5.02 -18.15 -4.74
CA LEU A 231 3.93 -18.93 -4.16
C LEU A 231 4.10 -20.41 -4.49
N HIS A 232 4.42 -20.69 -5.75
CA HIS A 232 4.68 -22.05 -6.19
C HIS A 232 5.79 -22.68 -5.36
N ARG A 233 6.87 -21.94 -5.15
CA ARG A 233 8.07 -22.47 -4.46
C ARG A 233 7.74 -22.86 -3.01
N ASP A 234 6.83 -22.13 -2.38
CA ASP A 234 6.37 -22.43 -1.03
C ASP A 234 5.88 -23.87 -0.95
N LEU A 235 5.18 -24.29 -1.98
CA LEU A 235 4.55 -25.61 -2.03
C LEU A 235 5.62 -26.72 -2.02
N GLN A 236 6.81 -26.44 -2.54
CA GLN A 236 7.85 -27.46 -2.68
C GLN A 236 8.58 -27.69 -1.36
N GLY A 237 8.28 -26.90 -0.35
CA GLY A 237 8.93 -27.05 0.93
C GLY A 237 8.31 -28.13 1.80
N GLY A 238 7.95 -29.26 1.19
CA GLY A 238 7.32 -30.34 1.91
C GLY A 238 5.93 -29.96 2.39
N ILE A 239 5.31 -29.04 1.67
CA ILE A 239 4.03 -28.47 2.07
C ILE A 239 2.89 -29.04 1.23
N LYS A 240 1.76 -29.28 1.87
CA LYS A 240 0.57 -29.75 1.17
C LYS A 240 -0.61 -28.89 1.57
N ASP A 241 -0.70 -27.73 0.95
CA ASP A 241 -1.86 -26.87 1.10
C ASP A 241 -2.60 -26.82 -0.22
N LEU A 242 -3.85 -27.25 -0.20
CA LEU A 242 -4.65 -27.27 -1.41
C LEU A 242 -5.02 -25.84 -1.79
N SER A 243 -5.00 -24.96 -0.79
CA SER A 243 -5.27 -23.55 -1.01
C SER A 243 -4.14 -22.91 -1.82
N LYS A 244 -2.90 -23.33 -1.54
CA LYS A 244 -1.74 -22.88 -2.30
C LYS A 244 -1.88 -23.33 -3.75
N GLU A 245 -2.25 -24.59 -3.91
CA GLU A 245 -2.42 -25.19 -5.23
C GLU A 245 -3.48 -24.45 -6.04
N GLU A 246 -4.67 -24.29 -5.47
CA GLU A 246 -5.75 -23.54 -6.14
C GLU A 246 -5.26 -22.20 -6.68
N ARG A 247 -4.56 -21.44 -5.84
CA ARG A 247 -4.02 -20.14 -6.25
C ARG A 247 -3.09 -20.29 -7.45
N LEU A 248 -2.33 -21.38 -7.48
CA LEU A 248 -1.37 -21.61 -8.54
C LEU A 248 -2.05 -21.76 -9.90
N TRP A 249 -3.11 -22.58 -9.96
CA TRP A 249 -3.81 -22.83 -11.23
C TRP A 249 -4.39 -21.54 -11.74
N GLU A 250 -4.78 -20.70 -10.80
CA GLU A 250 -5.34 -19.39 -11.13
C GLU A 250 -4.28 -18.56 -11.87
N VAL A 251 -3.07 -18.52 -11.31
CA VAL A 251 -1.97 -17.78 -11.92
C VAL A 251 -1.68 -18.31 -13.32
N GLN A 252 -1.49 -19.62 -13.39
CA GLN A 252 -1.14 -20.29 -14.66
C GLN A 252 -2.22 -20.08 -15.72
N ARG A 253 -3.49 -20.19 -15.34
CA ARG A 253 -4.58 -20.06 -16.29
C ARG A 253 -4.68 -18.61 -16.79
N ILE A 254 -4.41 -17.66 -15.91
CA ILE A 254 -4.45 -16.26 -16.27
C ILE A 254 -3.24 -15.89 -17.11
N LEU A 255 -2.07 -16.39 -16.71
CA LEU A 255 -0.84 -16.23 -17.47
C LEU A 255 -0.99 -16.83 -18.87
N THR A 256 -1.73 -17.94 -18.97
CA THR A 256 -2.01 -18.54 -20.26
C THR A 256 -2.69 -17.53 -21.17
N ALA A 257 -3.73 -16.88 -20.65
CA ALA A 257 -4.40 -15.82 -21.38
C ALA A 257 -3.46 -14.66 -21.63
N LEU A 258 -2.79 -14.20 -20.57
CA LEU A 258 -1.88 -13.06 -20.65
C LEU A 258 -0.80 -13.28 -21.71
N LYS A 259 -0.31 -14.51 -21.85
CA LYS A 259 0.73 -14.79 -22.81
C LYS A 259 0.21 -14.68 -24.25
N ARG A 260 -0.98 -15.22 -24.51
CA ARG A 260 -1.54 -15.12 -25.86
C ARG A 260 -2.01 -13.70 -26.13
N LYS A 261 -2.42 -13.00 -25.07
CA LYS A 261 -2.78 -11.58 -25.15
C LYS A 261 -1.53 -10.73 -25.39
N LEU A 262 -0.41 -11.16 -24.84
CA LEU A 262 0.86 -10.46 -25.04
C LEU A 262 1.28 -10.55 -26.50
N ARG A 263 0.91 -11.64 -27.15
CA ARG A 263 1.18 -11.85 -28.56
C ARG A 263 -0.04 -11.48 -29.40
N GLU A 264 -0.99 -10.81 -28.77
CA GLU A 264 -2.24 -10.43 -29.42
C GLU A 264 -2.15 -8.99 -29.91
N ALA A 265 -1.36 -8.20 -29.19
CA ALA A 265 -1.18 -6.79 -29.50
C ALA A 265 -0.20 -6.60 -30.65
N HIS A 1 -11.32 -18.28 23.78
CA HIS A 1 -11.60 -18.31 22.33
C HIS A 1 -11.69 -16.91 21.77
N MET A 2 -11.21 -16.72 20.55
CA MET A 2 -11.27 -15.43 19.90
C MET A 2 -12.59 -15.27 19.17
N PRO A 3 -13.37 -14.23 19.54
CA PRO A 3 -14.63 -13.90 18.89
C PRO A 3 -14.46 -13.65 17.39
N ASN A 4 -13.30 -13.12 17.01
CA ASN A 4 -13.00 -12.86 15.61
C ASN A 4 -12.00 -13.87 15.08
N LEU A 5 -12.06 -14.12 13.79
CA LEU A 5 -11.17 -15.09 13.16
C LEU A 5 -10.09 -14.38 12.35
N LYS A 6 -8.92 -14.21 12.96
CA LYS A 6 -7.78 -13.50 12.37
C LYS A 6 -8.07 -12.01 12.23
N PRO A 7 -7.39 -11.18 13.04
CA PRO A 7 -7.52 -9.74 12.95
C PRO A 7 -6.51 -9.13 11.97
N ILE A 8 -6.83 -7.95 11.47
CA ILE A 8 -5.99 -7.21 10.54
C ILE A 8 -6.05 -5.74 10.87
N PHE A 9 -7.26 -5.24 11.02
CA PHE A 9 -7.48 -3.86 11.43
C PHE A 9 -7.36 -3.75 12.94
N GLY A 10 -6.13 -3.64 13.41
CA GLY A 10 -5.87 -3.51 14.83
C GLY A 10 -4.75 -4.41 15.30
N ILE A 11 -3.66 -4.43 14.54
CA ILE A 11 -2.50 -5.27 14.86
C ILE A 11 -1.20 -4.55 14.53
N PRO A 12 -0.06 -5.05 15.04
CA PRO A 12 1.27 -4.52 14.73
C PRO A 12 1.65 -4.77 13.27
N LEU A 13 2.63 -4.01 12.77
CA LEU A 13 3.04 -4.08 11.37
C LEU A 13 3.44 -5.50 10.95
N ALA A 14 4.43 -6.09 11.64
CA ALA A 14 4.90 -7.43 11.30
C ALA A 14 3.75 -8.43 11.20
N ASP A 15 2.87 -8.41 12.20
CA ASP A 15 1.69 -9.27 12.21
C ASP A 15 0.88 -9.11 10.93
N ALA A 16 0.66 -7.86 10.55
CA ALA A 16 -0.05 -7.55 9.31
C ALA A 16 0.73 -8.04 8.08
N VAL A 17 2.05 -7.83 8.10
CA VAL A 17 2.90 -8.21 6.97
C VAL A 17 2.91 -9.72 6.76
N GLU A 18 3.12 -10.47 7.85
CA GLU A 18 3.20 -11.93 7.77
C GLU A 18 1.88 -12.52 7.28
N ARG A 19 0.79 -11.81 7.56
CA ARG A 19 -0.52 -12.23 7.10
C ARG A 19 -0.75 -11.85 5.64
N THR A 20 -0.47 -10.60 5.31
CA THR A 20 -0.78 -10.08 3.98
C THR A 20 0.45 -10.08 3.07
N MET A 21 1.28 -11.11 3.19
CA MET A 21 2.44 -11.24 2.32
C MET A 21 2.00 -11.57 0.90
N MET A 22 2.22 -10.62 0.00
CA MET A 22 1.70 -10.72 -1.35
C MET A 22 2.80 -11.03 -2.36
N TYR A 23 3.52 -9.99 -2.80
CA TYR A 23 4.47 -10.12 -3.92
C TYR A 23 5.59 -11.12 -3.64
N ASP A 24 6.65 -10.68 -2.95
CA ASP A 24 7.80 -11.53 -2.70
C ASP A 24 7.98 -11.75 -1.20
N GLY A 25 7.19 -11.03 -0.42
CA GLY A 25 7.31 -11.10 1.02
C GLY A 25 8.33 -10.12 1.57
N ILE A 26 8.22 -8.86 1.17
CA ILE A 26 9.03 -7.81 1.77
C ILE A 26 8.50 -7.46 3.17
N ARG A 27 8.49 -6.19 3.55
CA ARG A 27 8.10 -5.83 4.90
C ARG A 27 7.06 -4.71 4.83
N LEU A 28 5.86 -5.07 4.40
CA LEU A 28 4.80 -4.12 4.06
C LEU A 28 3.50 -4.89 3.86
N PRO A 29 2.41 -4.44 4.47
CA PRO A 29 1.10 -5.06 4.26
C PRO A 29 0.68 -4.95 2.78
N ALA A 30 -0.14 -5.89 2.31
CA ALA A 30 -0.53 -5.91 0.90
C ALA A 30 -1.42 -4.73 0.58
N VAL A 31 -2.39 -4.49 1.45
CA VAL A 31 -3.32 -3.37 1.31
C VAL A 31 -2.58 -2.05 1.11
N PHE A 32 -1.45 -1.90 1.79
CA PHE A 32 -0.66 -0.68 1.66
C PHE A 32 -0.17 -0.53 0.23
N ARG A 33 0.34 -1.62 -0.32
CA ARG A 33 0.87 -1.58 -1.67
C ARG A 33 -0.26 -1.50 -2.68
N GLU A 34 -1.41 -2.08 -2.35
CA GLU A 34 -2.58 -2.03 -3.24
C GLU A 34 -3.14 -0.61 -3.38
N CYS A 35 -2.99 0.22 -2.36
CA CYS A 35 -3.43 1.61 -2.47
C CYS A 35 -2.37 2.42 -3.19
N ILE A 36 -1.11 2.14 -2.90
CA ILE A 36 0.01 2.78 -3.59
C ILE A 36 -0.01 2.43 -5.07
N ASP A 37 -0.38 1.19 -5.35
CA ASP A 37 -0.42 0.67 -6.71
C ASP A 37 -1.54 1.34 -7.51
N TYR A 38 -2.73 1.36 -6.93
CA TYR A 38 -3.90 1.88 -7.63
C TYR A 38 -3.75 3.37 -7.93
N VAL A 39 -3.46 4.15 -6.91
CA VAL A 39 -3.36 5.60 -7.07
C VAL A 39 -2.31 5.97 -8.10
N GLU A 40 -1.13 5.37 -8.00
CA GLU A 40 -0.01 5.76 -8.83
C GLU A 40 -0.17 5.33 -10.28
N LYS A 41 -0.73 4.15 -10.50
CA LYS A 41 -0.85 3.60 -11.85
C LYS A 41 -2.03 4.18 -12.60
N TYR A 42 -3.17 4.23 -11.92
CA TYR A 42 -4.42 4.56 -12.59
C TYR A 42 -4.59 6.07 -12.79
N GLY A 43 -4.10 6.87 -11.86
CA GLY A 43 -4.14 8.31 -12.04
C GLY A 43 -4.04 9.07 -10.74
N MET A 44 -2.93 9.74 -10.53
CA MET A 44 -2.71 10.49 -9.31
C MET A 44 -3.09 11.96 -9.52
N LYS A 45 -3.69 12.28 -10.66
CA LYS A 45 -3.89 13.67 -11.05
C LYS A 45 -5.37 14.01 -11.04
N CYS A 46 -6.06 13.47 -10.06
CA CYS A 46 -7.47 13.77 -9.86
C CYS A 46 -7.58 14.85 -8.79
N GLU A 47 -8.41 15.86 -9.03
CA GLU A 47 -8.57 16.91 -8.04
C GLU A 47 -9.17 16.33 -6.77
N GLY A 48 -8.98 17.03 -5.65
CA GLY A 48 -9.37 16.49 -4.37
C GLY A 48 -8.59 15.25 -3.93
N ILE A 49 -7.67 14.78 -4.78
CA ILE A 49 -6.96 13.52 -4.53
C ILE A 49 -6.43 13.42 -3.09
N TYR A 50 -6.84 12.35 -2.40
CA TYR A 50 -6.41 12.03 -1.04
C TYR A 50 -7.11 12.90 0.00
N ARG A 51 -7.32 14.18 -0.32
CA ARG A 51 -7.98 15.10 0.59
C ARG A 51 -9.46 14.77 0.74
N VAL A 52 -10.12 14.46 -0.37
CA VAL A 52 -11.54 14.15 -0.35
C VAL A 52 -11.81 12.87 0.43
N SER A 53 -12.98 12.78 1.01
CA SER A 53 -13.32 11.64 1.85
C SER A 53 -13.91 10.52 1.02
N GLY A 54 -13.27 9.35 1.08
CA GLY A 54 -13.83 8.19 0.44
C GLY A 54 -15.13 7.79 1.09
N ILE A 55 -16.06 7.29 0.29
CA ILE A 55 -17.37 6.90 0.80
C ILE A 55 -17.24 5.86 1.90
N LYS A 56 -17.63 6.24 3.12
CA LYS A 56 -17.52 5.37 4.29
C LYS A 56 -18.25 4.05 4.05
N SER A 57 -19.30 4.12 3.24
CA SER A 57 -20.08 2.93 2.90
C SER A 57 -19.25 1.93 2.12
N LYS A 58 -18.31 2.42 1.30
CA LYS A 58 -17.46 1.55 0.50
C LYS A 58 -16.30 1.06 1.33
N VAL A 59 -15.73 1.98 2.10
CA VAL A 59 -14.54 1.71 2.91
C VAL A 59 -14.80 0.55 3.88
N ASP A 60 -16.01 0.49 4.42
CA ASP A 60 -16.36 -0.54 5.40
C ASP A 60 -16.38 -1.91 4.73
N GLU A 61 -16.67 -1.91 3.44
CA GLU A 61 -16.71 -3.14 2.65
C GLU A 61 -15.30 -3.69 2.47
N LEU A 62 -14.37 -2.80 2.11
CA LEU A 62 -12.98 -3.18 1.95
C LEU A 62 -12.41 -3.74 3.26
N LYS A 63 -12.71 -3.06 4.37
CA LYS A 63 -12.20 -3.47 5.67
C LYS A 63 -12.54 -4.92 5.95
N ALA A 64 -13.79 -5.27 5.73
CA ALA A 64 -14.28 -6.62 5.98
C ALA A 64 -13.54 -7.66 5.15
N ALA A 65 -13.38 -7.38 3.87
CA ALA A 65 -12.77 -8.35 2.96
C ALA A 65 -11.29 -8.51 3.20
N TYR A 66 -10.61 -7.41 3.54
CA TYR A 66 -9.19 -7.46 3.86
C TYR A 66 -8.94 -8.17 5.17
N ASP A 67 -9.71 -7.81 6.19
CA ASP A 67 -9.57 -8.37 7.53
C ASP A 67 -9.83 -9.88 7.54
N ARG A 68 -10.49 -10.36 6.49
CA ARG A 68 -10.84 -11.76 6.38
C ARG A 68 -10.09 -12.45 5.24
N GLU A 69 -9.29 -11.68 4.50
CA GLU A 69 -8.63 -12.16 3.28
C GLU A 69 -9.58 -12.93 2.37
N GLU A 70 -10.43 -12.21 1.65
CA GLU A 70 -11.39 -12.85 0.76
C GLU A 70 -11.16 -12.45 -0.69
N SER A 71 -11.72 -11.32 -1.10
CA SER A 71 -11.66 -10.89 -2.48
C SER A 71 -12.04 -9.42 -2.61
N THR A 72 -11.10 -8.62 -3.05
CA THR A 72 -11.31 -7.19 -3.22
C THR A 72 -10.47 -6.67 -4.39
N ASN A 73 -11.14 -6.08 -5.37
CA ASN A 73 -10.45 -5.44 -6.46
C ASN A 73 -10.74 -3.94 -6.43
N LEU A 74 -9.68 -3.16 -6.28
CA LEU A 74 -9.80 -1.71 -6.09
C LEU A 74 -10.10 -1.00 -7.40
N GLU A 75 -10.00 -1.75 -8.49
CA GLU A 75 -10.10 -1.20 -9.84
C GLU A 75 -11.43 -0.48 -10.07
N ASP A 76 -12.48 -0.96 -9.43
CA ASP A 76 -13.82 -0.40 -9.62
C ASP A 76 -14.13 0.66 -8.56
N TYR A 77 -13.26 0.79 -7.57
CA TYR A 77 -13.47 1.73 -6.49
C TYR A 77 -12.73 3.02 -6.75
N GLU A 78 -13.13 4.08 -6.06
CA GLU A 78 -12.50 5.39 -6.21
C GLU A 78 -11.11 5.39 -5.58
N PRO A 79 -10.17 6.13 -6.18
CA PRO A 79 -8.82 6.26 -5.64
C PRO A 79 -8.85 6.89 -4.26
N ASN A 80 -9.66 7.93 -4.12
CA ASN A 80 -9.90 8.57 -2.82
C ASN A 80 -10.45 7.58 -1.79
N THR A 81 -11.29 6.66 -2.23
CA THR A 81 -11.87 5.68 -1.32
C THR A 81 -10.81 4.65 -0.90
N VAL A 82 -9.97 4.24 -1.86
CA VAL A 82 -8.86 3.36 -1.56
C VAL A 82 -7.85 4.06 -0.63
N ALA A 83 -7.63 5.34 -0.90
CA ALA A 83 -6.75 6.19 -0.09
C ALA A 83 -7.27 6.32 1.34
N SER A 84 -8.58 6.25 1.46
CA SER A 84 -9.25 6.44 2.74
C SER A 84 -9.26 5.13 3.50
N LEU A 85 -9.38 4.05 2.75
CA LEU A 85 -9.23 2.72 3.29
C LEU A 85 -7.80 2.55 3.81
N LEU A 86 -6.84 3.10 3.07
CA LEU A 86 -5.42 3.05 3.46
C LEU A 86 -5.22 3.75 4.80
N LYS A 87 -5.64 5.01 4.90
CA LYS A 87 -5.48 5.76 6.14
C LYS A 87 -6.30 5.13 7.27
N GLN A 88 -7.44 4.56 6.90
CA GLN A 88 -8.33 3.90 7.85
C GLN A 88 -7.67 2.62 8.38
N TYR A 89 -6.81 2.05 7.55
CA TYR A 89 -6.20 0.76 7.84
C TYR A 89 -5.17 0.91 8.95
N LEU A 90 -4.23 1.83 8.72
CA LEU A 90 -3.14 2.03 9.66
C LEU A 90 -3.58 2.84 10.87
N ARG A 91 -4.75 3.46 10.79
CA ARG A 91 -5.34 4.08 11.95
C ARG A 91 -5.74 3.03 12.97
N ASP A 92 -6.55 2.07 12.52
CA ASP A 92 -6.95 0.94 13.36
C ASP A 92 -5.76 0.15 13.89
N LEU A 93 -4.60 0.33 13.30
CA LEU A 93 -3.40 -0.33 13.80
C LEU A 93 -2.89 0.44 15.02
N PRO A 94 -2.94 -0.18 16.21
CA PRO A 94 -2.59 0.50 17.48
C PRO A 94 -1.16 1.01 17.48
N GLU A 95 -0.31 0.39 16.68
CA GLU A 95 1.07 0.77 16.59
C GLU A 95 1.30 1.68 15.39
N ASN A 96 1.78 2.88 15.66
CA ASN A 96 2.10 3.84 14.61
C ASN A 96 3.43 3.47 13.99
N LEU A 97 3.80 4.17 12.91
CA LEU A 97 5.07 3.92 12.27
C LEU A 97 6.18 4.39 13.17
N LEU A 98 5.97 5.55 13.79
CA LEU A 98 6.91 6.11 14.72
C LEU A 98 6.57 5.65 16.13
N THR A 99 5.46 4.92 16.23
CA THR A 99 4.88 4.51 17.51
C THR A 99 4.55 5.74 18.35
N LYS A 100 3.97 5.51 19.51
CA LYS A 100 3.58 6.60 20.39
C LYS A 100 4.81 7.28 20.94
N GLU A 101 5.79 6.46 21.26
CA GLU A 101 7.00 6.90 21.95
C GLU A 101 7.84 7.91 21.15
N LEU A 102 8.12 7.63 19.88
CA LEU A 102 8.95 8.52 19.07
C LEU A 102 8.14 9.69 18.53
N MET A 103 6.85 9.41 18.27
CA MET A 103 5.90 10.41 17.72
C MET A 103 6.10 11.85 18.25
N PRO A 104 6.01 12.12 19.57
CA PRO A 104 6.09 13.49 20.10
C PRO A 104 7.47 14.13 19.93
N ARG A 105 8.47 13.31 19.64
CA ARG A 105 9.84 13.79 19.48
C ARG A 105 10.00 14.47 18.12
N PHE A 106 9.08 14.19 17.20
CA PHE A 106 9.12 14.81 15.88
C PHE A 106 8.86 16.31 15.97
N GLU A 107 7.97 16.71 16.87
CA GLU A 107 7.68 18.13 17.08
C GLU A 107 8.87 18.83 17.72
N GLU A 108 9.66 18.07 18.49
CA GLU A 108 10.89 18.58 19.06
C GLU A 108 11.89 18.87 17.94
N ALA A 109 12.05 17.89 17.07
CA ALA A 109 12.85 18.04 15.86
C ALA A 109 12.27 19.09 14.92
N CYS A 110 11.00 19.41 15.10
CA CYS A 110 10.32 20.35 14.22
C CYS A 110 10.67 21.78 14.62
N GLY A 111 10.87 21.98 15.92
CA GLY A 111 11.20 23.30 16.43
C GLY A 111 12.69 23.56 16.48
N ARG A 112 13.46 22.78 15.73
CA ARG A 112 14.90 23.00 15.66
C ARG A 112 15.20 24.28 14.90
N THR A 113 16.22 25.00 15.35
CA THR A 113 16.63 26.26 14.74
C THR A 113 17.23 26.04 13.35
N THR A 114 17.65 24.82 13.08
CA THR A 114 18.25 24.47 11.81
C THR A 114 17.54 23.24 11.24
N GLU A 115 17.40 23.18 9.91
CA GLU A 115 16.78 22.03 9.27
C GLU A 115 17.69 20.82 9.31
N THR A 116 18.98 21.10 9.44
CA THR A 116 19.98 20.07 9.66
C THR A 116 19.63 19.29 10.91
N GLU A 117 19.39 20.02 12.00
CA GLU A 117 19.03 19.43 13.27
C GLU A 117 17.75 18.61 13.15
N LYS A 118 16.80 19.14 12.37
CA LYS A 118 15.51 18.50 12.23
C LYS A 118 15.67 17.13 11.61
N VAL A 119 16.21 17.11 10.40
CA VAL A 119 16.44 15.86 9.69
C VAL A 119 17.27 14.87 10.51
N GLN A 120 18.21 15.36 11.33
CA GLN A 120 18.98 14.48 12.21
C GLN A 120 18.07 13.76 13.20
N GLU A 121 17.21 14.50 13.90
CA GLU A 121 16.37 13.89 14.92
C GLU A 121 15.31 12.99 14.31
N PHE A 122 14.68 13.44 13.21
CA PHE A 122 13.78 12.57 12.44
C PHE A 122 14.47 11.24 12.13
N GLN A 123 15.67 11.33 11.57
CA GLN A 123 16.51 10.15 11.34
C GLN A 123 16.59 9.29 12.60
N ARG A 124 16.89 9.91 13.74
CA ARG A 124 16.99 9.19 15.02
C ARG A 124 15.73 8.38 15.31
N LEU A 125 14.57 9.02 15.23
CA LEU A 125 13.31 8.34 15.51
C LEU A 125 13.12 7.16 14.56
N LEU A 126 13.34 7.40 13.28
CA LEU A 126 13.22 6.36 12.24
C LEU A 126 14.12 5.14 12.49
N LYS A 127 15.23 5.33 13.18
CA LYS A 127 16.12 4.21 13.48
C LYS A 127 15.53 3.37 14.61
N GLU A 128 15.02 4.06 15.63
CA GLU A 128 14.47 3.44 16.84
C GLU A 128 13.18 2.64 16.58
N LEU A 129 12.72 2.55 15.34
CA LEU A 129 11.46 1.89 15.05
C LEU A 129 11.67 0.61 14.25
N PRO A 130 10.76 -0.38 14.39
CA PRO A 130 10.90 -1.69 13.75
C PRO A 130 10.99 -1.63 12.21
N GLU A 131 11.56 -2.68 11.64
CA GLU A 131 11.86 -2.75 10.21
C GLU A 131 10.63 -2.53 9.32
N CYS A 132 9.51 -3.18 9.66
CA CYS A 132 8.30 -3.06 8.85
C CYS A 132 7.76 -1.64 8.87
N ASN A 133 7.95 -0.96 9.99
CA ASN A 133 7.52 0.42 10.12
C ASN A 133 8.43 1.32 9.31
N TYR A 134 9.73 1.02 9.36
CA TYR A 134 10.73 1.79 8.65
C TYR A 134 10.48 1.75 7.14
N LEU A 135 10.11 0.59 6.63
CA LEU A 135 9.85 0.46 5.21
C LEU A 135 8.54 1.17 4.84
N LEU A 136 7.57 1.12 5.75
CA LEU A 136 6.28 1.75 5.50
C LEU A 136 6.41 3.27 5.58
N ILE A 137 7.14 3.78 6.57
CA ILE A 137 7.34 5.22 6.70
C ILE A 137 8.00 5.77 5.44
N SER A 138 8.92 4.98 4.89
CA SER A 138 9.54 5.30 3.62
C SER A 138 8.49 5.49 2.52
N TRP A 139 7.66 4.47 2.30
CA TRP A 139 6.74 4.48 1.18
C TRP A 139 5.59 5.46 1.40
N LEU A 140 5.02 5.44 2.59
CA LEU A 140 3.87 6.28 2.90
C LEU A 140 4.18 7.73 2.60
N ILE A 141 5.33 8.19 3.07
CA ILE A 141 5.69 9.59 2.94
C ILE A 141 6.22 9.90 1.54
N VAL A 142 7.04 9.01 0.99
CA VAL A 142 7.62 9.22 -0.34
C VAL A 142 6.55 9.12 -1.44
N HIS A 143 5.60 8.21 -1.26
CA HIS A 143 4.50 8.08 -2.22
C HIS A 143 3.60 9.29 -2.14
N MET A 144 3.45 9.81 -0.93
CA MET A 144 2.61 11.00 -0.73
C MET A 144 3.36 12.24 -1.23
N ASP A 145 4.68 12.18 -1.20
CA ASP A 145 5.52 13.24 -1.75
C ASP A 145 5.29 13.35 -3.25
N HIS A 146 5.24 12.19 -3.90
CA HIS A 146 4.97 12.13 -5.32
C HIS A 146 3.56 12.63 -5.62
N VAL A 147 2.67 12.49 -4.64
CA VAL A 147 1.33 13.07 -4.75
C VAL A 147 1.43 14.58 -4.72
N ILE A 148 2.43 15.12 -4.03
CA ILE A 148 2.62 16.58 -3.97
C ILE A 148 2.98 17.13 -5.35
N ALA A 149 3.74 16.36 -6.13
CA ALA A 149 3.99 16.73 -7.52
C ALA A 149 2.68 16.69 -8.29
N LYS A 150 1.85 15.71 -7.93
CA LYS A 150 0.56 15.60 -8.53
C LYS A 150 -0.35 16.72 -8.04
N GLU A 151 -0.07 17.22 -6.84
CA GLU A 151 -0.73 18.40 -6.30
C GLU A 151 -0.42 19.61 -7.17
N LEU A 152 0.76 19.62 -7.76
CA LEU A 152 1.15 20.70 -8.65
C LEU A 152 0.23 20.74 -9.86
N GLU A 153 -0.18 19.56 -10.33
CA GLU A 153 -1.13 19.48 -11.43
C GLU A 153 -2.61 19.45 -10.96
N THR A 154 -2.88 18.81 -9.82
CA THR A 154 -4.24 18.78 -9.23
C THR A 154 -4.60 20.10 -8.58
N LYS A 155 -3.66 21.05 -8.64
CA LYS A 155 -3.86 22.43 -8.18
C LYS A 155 -3.80 22.56 -6.66
N MET A 156 -3.83 21.44 -5.95
CA MET A 156 -3.73 21.47 -4.48
C MET A 156 -2.28 21.61 -4.03
N ASN A 157 -2.04 21.53 -2.71
CA ASN A 157 -0.71 21.75 -2.19
C ASN A 157 -0.46 20.89 -0.95
N ILE A 158 0.80 20.84 -0.53
CA ILE A 158 1.20 20.08 0.65
C ILE A 158 0.33 20.38 1.86
N GLN A 159 -0.12 21.63 1.97
CA GLN A 159 -0.91 22.07 3.13
C GLN A 159 -2.17 21.21 3.28
N ASN A 160 -2.88 21.00 2.18
CA ASN A 160 -4.12 20.22 2.22
C ASN A 160 -3.81 18.77 2.59
N ILE A 161 -2.79 18.22 1.96
CA ILE A 161 -2.36 16.86 2.24
C ILE A 161 -1.96 16.71 3.71
N SER A 162 -1.29 17.74 4.24
CA SER A 162 -0.83 17.73 5.63
C SER A 162 -2.01 17.83 6.60
N ILE A 163 -3.10 18.44 6.16
CA ILE A 163 -4.27 18.61 7.03
C ILE A 163 -4.97 17.28 7.23
N VAL A 164 -4.99 16.48 6.17
CA VAL A 164 -5.64 15.18 6.22
C VAL A 164 -4.71 14.11 6.80
N LEU A 165 -3.41 14.25 6.57
CA LEU A 165 -2.43 13.32 7.13
C LEU A 165 -2.25 13.50 8.63
N SER A 166 -2.56 14.68 9.14
CA SER A 166 -2.42 14.96 10.56
C SER A 166 -3.20 13.91 11.37
N PRO A 167 -4.52 13.77 11.16
CA PRO A 167 -5.32 12.72 11.82
C PRO A 167 -4.92 11.32 11.34
N THR A 168 -4.33 11.25 10.14
CA THR A 168 -4.02 9.96 9.54
C THR A 168 -2.93 9.24 10.33
N VAL A 169 -1.76 9.84 10.50
CA VAL A 169 -0.71 9.22 11.30
C VAL A 169 -0.74 9.71 12.74
N GLN A 170 -1.58 10.72 13.01
CA GLN A 170 -1.81 11.23 14.36
C GLN A 170 -0.65 12.11 14.82
N ILE A 171 -0.15 12.93 13.91
CA ILE A 171 0.94 13.86 14.20
C ILE A 171 0.54 15.28 13.82
N SER A 172 1.07 16.27 14.54
CA SER A 172 0.84 17.68 14.26
C SER A 172 0.97 18.00 12.77
N ASN A 173 0.03 18.82 12.29
CA ASN A 173 -0.08 19.20 10.88
C ASN A 173 1.22 19.74 10.31
N ARG A 174 1.95 20.49 11.14
CA ARG A 174 3.18 21.14 10.72
C ARG A 174 4.21 20.11 10.23
N VAL A 175 4.27 18.99 10.94
CA VAL A 175 5.29 17.97 10.74
C VAL A 175 5.22 17.31 9.35
N LEU A 176 4.02 17.16 8.80
CA LEU A 176 3.84 16.45 7.53
C LEU A 176 4.53 17.18 6.37
N TYR A 177 4.21 18.46 6.22
CA TYR A 177 4.91 19.33 5.27
C TYR A 177 6.43 19.12 5.33
N VAL A 178 7.02 19.29 6.51
CA VAL A 178 8.46 19.11 6.66
C VAL A 178 8.83 17.65 6.46
N PHE A 179 7.90 16.74 6.74
CA PHE A 179 8.15 15.33 6.60
C PHE A 179 8.53 14.99 5.17
N PHE A 180 7.79 15.49 4.18
CA PHE A 180 8.11 15.18 2.78
C PHE A 180 9.41 15.86 2.34
N THR A 181 9.38 17.19 2.40
CA THR A 181 10.60 17.97 2.14
C THR A 181 11.87 17.29 2.71
N HIS A 182 11.81 16.91 3.97
CA HIS A 182 12.96 16.34 4.62
C HIS A 182 13.03 14.83 4.42
N VAL A 183 11.92 14.21 4.03
CA VAL A 183 11.90 12.77 3.77
C VAL A 183 12.84 12.43 2.62
N GLN A 184 12.89 13.27 1.58
CA GLN A 184 13.86 13.03 0.52
C GLN A 184 15.24 13.52 0.94
N GLU A 185 15.31 14.47 1.88
CA GLU A 185 16.57 14.72 2.54
C GLU A 185 17.08 13.43 3.22
N LEU A 186 16.15 12.54 3.57
CA LEU A 186 16.47 11.29 4.25
C LEU A 186 16.46 10.10 3.30
N PHE A 187 15.90 10.29 2.12
CA PHE A 187 15.51 9.18 1.27
C PHE A 187 15.53 9.61 -0.20
N GLY A 188 15.10 8.72 -1.06
CA GLY A 188 15.04 9.01 -2.47
C GLY A 188 15.25 7.75 -3.27
N ASN A 189 15.90 6.80 -2.61
CA ASN A 189 16.04 5.45 -3.13
C ASN A 189 14.75 4.68 -2.87
N VAL A 190 13.86 5.34 -2.13
CA VAL A 190 12.55 4.79 -1.82
C VAL A 190 11.69 4.76 -3.06
N VAL A 191 11.55 3.57 -3.59
CA VAL A 191 10.84 3.36 -4.84
C VAL A 191 9.49 2.70 -4.59
N LEU A 192 8.48 3.15 -5.32
CA LEU A 192 7.14 2.61 -5.17
C LEU A 192 6.93 1.43 -6.11
N LYS A 193 7.23 0.24 -5.64
CA LYS A 193 7.08 -0.96 -6.44
C LYS A 193 5.61 -1.41 -6.49
N GLN A 194 5.07 -1.46 -7.71
CA GLN A 194 3.66 -1.83 -7.92
C GLN A 194 3.47 -3.34 -7.87
N VAL A 195 2.23 -3.77 -7.72
CA VAL A 195 1.90 -5.19 -7.58
C VAL A 195 0.91 -5.66 -8.63
N MET A 196 0.92 -6.97 -8.87
CA MET A 196 -0.06 -7.63 -9.72
C MET A 196 -1.46 -7.47 -9.12
N LYS A 197 -2.43 -7.11 -9.95
CA LYS A 197 -3.78 -6.82 -9.48
C LYS A 197 -4.78 -7.84 -10.00
N PRO A 198 -5.64 -8.37 -9.11
CA PRO A 198 -6.75 -9.24 -9.51
C PRO A 198 -7.83 -8.45 -10.23
N LEU A 199 -8.62 -9.12 -11.06
CA LEU A 199 -9.63 -8.45 -11.86
C LEU A 199 -11.03 -8.80 -11.35
N ARG A 200 -12.04 -8.09 -11.86
CA ARG A 200 -13.42 -8.35 -11.49
C ARG A 200 -13.97 -9.53 -12.29
N TRP A 201 -13.29 -10.67 -12.16
CA TRP A 201 -13.65 -11.87 -12.88
C TRP A 201 -13.79 -13.02 -11.89
N SER A 202 -14.70 -13.95 -12.19
CA SER A 202 -14.93 -15.10 -11.33
C SER A 202 -13.80 -16.13 -11.49
N ASN A 203 -12.80 -15.78 -12.30
CA ASN A 203 -11.60 -16.60 -12.54
C ASN A 203 -11.85 -17.69 -13.58
N MET A 204 -13.11 -17.99 -13.82
CA MET A 204 -13.49 -18.89 -14.91
C MET A 204 -14.95 -18.68 -15.28
N ALA A 205 -15.45 -19.52 -16.20
CA ALA A 205 -16.85 -19.43 -16.69
C ALA A 205 -17.02 -18.22 -17.61
N THR A 206 -15.92 -17.56 -17.91
CA THR A 206 -15.88 -16.43 -18.84
C THR A 206 -14.48 -16.39 -19.46
N MET A 207 -14.16 -15.32 -20.17
CA MET A 207 -12.82 -15.19 -20.74
C MET A 207 -12.47 -13.73 -21.01
N PRO A 208 -13.22 -13.02 -21.88
CA PRO A 208 -12.89 -11.64 -22.27
C PRO A 208 -12.99 -10.64 -21.12
N THR A 209 -11.91 -10.50 -20.37
CA THR A 209 -11.82 -9.52 -19.30
C THR A 209 -10.39 -9.05 -19.13
N LEU A 210 -9.48 -9.63 -19.91
CA LEU A 210 -8.06 -9.31 -19.82
C LEU A 210 -7.73 -8.20 -20.82
N PRO A 211 -6.66 -7.43 -20.56
CA PRO A 211 -6.22 -6.36 -21.45
C PRO A 211 -6.14 -6.82 -22.91
N GLU A 212 -6.58 -5.96 -23.82
CA GLU A 212 -6.58 -6.28 -25.25
C GLU A 212 -5.42 -5.60 -25.95
N THR A 213 -4.47 -5.09 -25.15
CA THR A 213 -3.28 -4.45 -25.68
C THR A 213 -2.03 -5.25 -25.26
N GLN A 214 -1.09 -5.38 -26.18
CA GLN A 214 0.09 -6.22 -25.98
C GLN A 214 0.96 -5.71 -24.83
N ALA A 215 1.00 -4.40 -24.68
CA ALA A 215 1.80 -3.78 -23.62
C ALA A 215 1.32 -4.22 -22.25
N GLY A 216 0.01 -4.08 -22.04
CA GLY A 216 -0.61 -4.46 -20.80
C GLY A 216 -0.40 -5.93 -20.45
N ILE A 217 -0.40 -6.79 -21.47
CA ILE A 217 -0.30 -8.23 -21.25
C ILE A 217 1.12 -8.59 -20.84
N LYS A 218 2.10 -8.12 -21.62
CA LYS A 218 3.51 -8.41 -21.36
C LYS A 218 3.90 -8.08 -19.92
N GLU A 219 3.53 -6.89 -19.47
CA GLU A 219 3.88 -6.42 -18.14
C GLU A 219 3.27 -7.31 -17.06
N GLU A 220 1.96 -7.53 -17.14
CA GLU A 220 1.26 -8.26 -16.10
C GLU A 220 1.71 -9.72 -16.03
N ILE A 221 2.00 -10.32 -17.18
CA ILE A 221 2.50 -11.69 -17.19
C ILE A 221 3.77 -11.80 -16.36
N ARG A 222 4.68 -10.86 -16.55
CA ARG A 222 5.93 -10.83 -15.81
C ARG A 222 5.66 -10.77 -14.31
N ARG A 223 4.81 -9.83 -13.93
CA ARG A 223 4.50 -9.58 -12.53
C ARG A 223 3.78 -10.76 -11.90
N GLN A 224 2.96 -11.43 -12.69
CA GLN A 224 2.22 -12.59 -12.21
C GLN A 224 3.17 -13.77 -12.04
N GLU A 225 4.18 -13.86 -12.89
CA GLU A 225 5.18 -14.92 -12.78
C GLU A 225 6.00 -14.75 -11.51
N PHE A 226 6.17 -13.51 -11.06
CA PHE A 226 6.88 -13.26 -9.80
C PHE A 226 6.05 -13.78 -8.63
N LEU A 227 4.74 -13.57 -8.68
CA LEU A 227 3.84 -14.09 -7.66
C LEU A 227 3.75 -15.61 -7.79
N LEU A 228 3.90 -16.06 -9.03
CA LEU A 228 3.78 -17.48 -9.34
C LEU A 228 4.94 -18.27 -8.78
N ASN A 229 6.15 -17.89 -9.15
CA ASN A 229 7.35 -18.64 -8.79
C ASN A 229 7.60 -18.58 -7.27
N CYS A 230 7.30 -17.44 -6.67
CA CYS A 230 7.53 -17.25 -5.25
C CYS A 230 6.63 -18.17 -4.44
N LEU A 231 5.33 -18.11 -4.72
CA LEU A 231 4.35 -18.95 -4.04
C LEU A 231 4.62 -20.42 -4.33
N HIS A 232 4.89 -20.73 -5.60
CA HIS A 232 5.19 -22.10 -6.02
C HIS A 232 6.35 -22.68 -5.22
N ARG A 233 7.42 -21.90 -5.07
CA ARG A 233 8.60 -22.35 -4.32
C ARG A 233 8.30 -22.39 -2.82
N ASP A 234 7.49 -21.45 -2.36
CA ASP A 234 7.08 -21.39 -0.95
C ASP A 234 6.50 -22.71 -0.47
N LEU A 235 5.78 -23.38 -1.37
CA LEU A 235 5.13 -24.64 -1.06
C LEU A 235 6.14 -25.74 -0.71
N GLN A 236 7.40 -25.55 -1.10
CA GLN A 236 8.42 -26.55 -0.82
C GLN A 236 9.08 -26.30 0.53
N GLY A 237 8.70 -25.21 1.20
CA GLY A 237 9.28 -24.88 2.49
C GLY A 237 8.62 -25.63 3.63
N GLY A 238 8.41 -26.93 3.43
CA GLY A 238 7.73 -27.74 4.43
C GLY A 238 6.28 -27.35 4.59
N ILE A 239 5.69 -26.84 3.52
CA ILE A 239 4.32 -26.36 3.56
C ILE A 239 3.41 -27.31 2.80
N LYS A 240 2.25 -27.63 3.38
CA LYS A 240 1.28 -28.48 2.73
C LYS A 240 -0.12 -28.02 3.11
N ASP A 241 -0.59 -26.99 2.44
CA ASP A 241 -1.87 -26.38 2.75
C ASP A 241 -2.71 -26.25 1.48
N LEU A 242 -4.00 -26.57 1.60
CA LEU A 242 -4.92 -26.51 0.46
C LEU A 242 -5.03 -25.08 -0.06
N SER A 243 -4.87 -24.13 0.84
CA SER A 243 -5.02 -22.73 0.52
C SER A 243 -3.93 -22.28 -0.45
N LYS A 244 -2.69 -22.70 -0.18
CA LYS A 244 -1.57 -22.31 -1.01
C LYS A 244 -1.64 -23.00 -2.36
N GLU A 245 -2.04 -24.27 -2.35
CA GLU A 245 -2.13 -25.05 -3.58
C GLU A 245 -3.19 -24.48 -4.52
N GLU A 246 -4.43 -24.37 -4.04
CA GLU A 246 -5.51 -23.81 -4.84
C GLU A 246 -5.12 -22.46 -5.44
N ARG A 247 -4.48 -21.61 -4.64
CA ARG A 247 -4.07 -20.29 -5.09
C ARG A 247 -3.09 -20.39 -6.26
N LEU A 248 -2.26 -21.44 -6.26
CA LEU A 248 -1.30 -21.66 -7.33
C LEU A 248 -1.98 -21.96 -8.66
N TRP A 249 -2.87 -22.95 -8.68
CA TRP A 249 -3.52 -23.37 -9.93
C TRP A 249 -4.28 -22.18 -10.51
N GLU A 250 -4.85 -21.40 -9.62
CA GLU A 250 -5.68 -20.27 -10.01
C GLU A 250 -4.87 -19.22 -10.81
N VAL A 251 -3.74 -18.79 -10.26
CA VAL A 251 -2.90 -17.81 -10.97
C VAL A 251 -2.35 -18.40 -12.27
N GLN A 252 -2.02 -19.67 -12.22
CA GLN A 252 -1.61 -20.43 -13.42
C GLN A 252 -2.69 -20.38 -14.50
N ARG A 253 -3.95 -20.53 -14.08
CA ARG A 253 -5.09 -20.45 -14.99
C ARG A 253 -5.19 -19.07 -15.64
N ILE A 254 -4.84 -18.05 -14.87
CA ILE A 254 -4.92 -16.68 -15.34
C ILE A 254 -3.80 -16.41 -16.34
N LEU A 255 -2.60 -16.84 -15.96
CA LEU A 255 -1.44 -16.73 -16.83
C LEU A 255 -1.65 -17.48 -18.13
N THR A 256 -2.29 -18.65 -18.07
CA THR A 256 -2.56 -19.43 -19.27
C THR A 256 -3.35 -18.60 -20.28
N ALA A 257 -4.42 -17.97 -19.82
CA ALA A 257 -5.20 -17.07 -20.64
C ALA A 257 -4.32 -15.97 -21.23
N LEU A 258 -3.47 -15.39 -20.40
CA LEU A 258 -2.57 -14.31 -20.82
C LEU A 258 -1.56 -14.80 -21.85
N LYS A 259 -1.11 -16.04 -21.74
CA LYS A 259 -0.17 -16.61 -22.69
C LYS A 259 -0.79 -16.68 -24.08
N ARG A 260 -2.09 -16.97 -24.13
CA ARG A 260 -2.80 -16.99 -25.40
C ARG A 260 -2.96 -15.57 -25.93
N LYS A 261 -3.27 -14.65 -25.02
CA LYS A 261 -3.39 -13.24 -25.34
C LYS A 261 -2.12 -12.69 -25.99
N LEU A 262 -0.97 -13.31 -25.70
CA LEU A 262 0.30 -12.89 -26.31
C LEU A 262 0.25 -13.03 -27.83
N ARG A 263 -0.50 -14.00 -28.30
CA ARG A 263 -0.64 -14.21 -29.73
C ARG A 263 -2.00 -13.70 -30.22
N GLU A 264 -2.72 -13.08 -29.32
CA GLU A 264 -4.01 -12.49 -29.64
C GLU A 264 -3.81 -11.06 -30.14
N ALA A 265 -2.73 -10.46 -29.67
CA ALA A 265 -2.41 -9.09 -30.00
C ALA A 265 -1.29 -9.01 -31.03
N HIS A 1 -18.79 -13.17 20.07
CA HIS A 1 -17.34 -13.41 20.23
C HIS A 1 -16.68 -13.39 18.86
N MET A 2 -15.52 -12.75 18.78
CA MET A 2 -14.80 -12.63 17.51
C MET A 2 -14.28 -14.00 17.08
N PRO A 3 -14.55 -14.38 15.82
CA PRO A 3 -14.09 -15.65 15.25
C PRO A 3 -12.57 -15.65 15.07
N ASN A 4 -12.03 -14.47 14.87
CA ASN A 4 -10.59 -14.26 14.81
C ASN A 4 -10.22 -13.18 15.82
N LEU A 5 -9.46 -13.56 16.83
CA LEU A 5 -9.08 -12.65 17.88
C LEU A 5 -8.12 -11.59 17.36
N LYS A 6 -8.63 -10.37 17.27
CA LYS A 6 -7.87 -9.24 16.73
C LYS A 6 -7.61 -9.41 15.25
N PRO A 7 -8.50 -8.83 14.42
CA PRO A 7 -8.39 -8.89 12.97
C PRO A 7 -7.44 -7.83 12.41
N ILE A 8 -6.99 -8.04 11.17
CA ILE A 8 -6.16 -7.07 10.41
C ILE A 8 -6.29 -5.62 10.90
N PHE A 9 -7.51 -5.13 11.00
CA PHE A 9 -7.73 -3.77 11.45
C PHE A 9 -7.65 -3.68 12.97
N GLY A 10 -6.42 -3.63 13.46
CA GLY A 10 -6.18 -3.55 14.89
C GLY A 10 -5.18 -4.60 15.38
N ILE A 11 -4.07 -4.74 14.67
CA ILE A 11 -3.03 -5.72 15.03
C ILE A 11 -1.64 -5.16 14.80
N PRO A 12 -0.60 -5.83 15.35
CA PRO A 12 0.80 -5.50 15.06
C PRO A 12 1.10 -5.61 13.57
N LEU A 13 2.08 -4.84 13.10
CA LEU A 13 2.42 -4.81 11.69
C LEU A 13 2.86 -6.19 11.19
N ALA A 14 3.81 -6.81 11.88
CA ALA A 14 4.27 -8.16 11.53
C ALA A 14 3.12 -9.13 11.27
N ASP A 15 2.22 -9.23 12.25
CA ASP A 15 1.03 -10.09 12.11
C ASP A 15 0.25 -9.76 10.83
N ALA A 16 0.08 -8.47 10.55
CA ALA A 16 -0.58 -8.04 9.33
C ALA A 16 0.20 -8.49 8.10
N VAL A 17 1.52 -8.35 8.17
CA VAL A 17 2.41 -8.74 7.07
C VAL A 17 2.35 -10.24 6.80
N GLU A 18 2.48 -11.03 7.86
CA GLU A 18 2.48 -12.49 7.74
C GLU A 18 1.17 -12.98 7.11
N ARG A 19 0.12 -12.22 7.33
CA ARG A 19 -1.19 -12.58 6.82
C ARG A 19 -1.38 -12.06 5.41
N THR A 20 -0.88 -10.86 5.12
CA THR A 20 -1.07 -10.23 3.82
C THR A 20 0.21 -10.22 2.98
N MET A 21 0.99 -11.29 3.06
CA MET A 21 2.20 -11.40 2.24
C MET A 21 1.86 -11.56 0.76
N MET A 22 2.38 -10.64 -0.06
CA MET A 22 2.08 -10.60 -1.48
C MET A 22 3.27 -11.07 -2.33
N TYR A 23 4.12 -10.13 -2.77
CA TYR A 23 5.28 -10.48 -3.59
C TYR A 23 6.29 -11.32 -2.80
N ASP A 24 7.07 -10.66 -1.95
CA ASP A 24 8.06 -11.33 -1.11
C ASP A 24 7.59 -11.34 0.34
N GLY A 25 6.70 -10.41 0.64
CA GLY A 25 6.38 -10.15 2.02
C GLY A 25 7.46 -9.27 2.61
N ILE A 26 7.74 -8.16 1.92
CA ILE A 26 8.83 -7.25 2.25
C ILE A 26 8.61 -6.49 3.56
N ARG A 27 8.01 -7.16 4.53
CA ARG A 27 7.72 -6.57 5.84
C ARG A 27 6.87 -5.31 5.66
N LEU A 28 5.69 -5.52 5.11
CA LEU A 28 4.78 -4.45 4.73
C LEU A 28 3.47 -5.07 4.26
N PRO A 29 2.33 -4.71 4.89
CA PRO A 29 1.02 -5.29 4.58
C PRO A 29 0.64 -5.08 3.12
N ALA A 30 -0.21 -5.95 2.58
CA ALA A 30 -0.63 -5.84 1.19
C ALA A 30 -1.54 -4.63 1.00
N VAL A 31 -2.53 -4.52 1.88
CA VAL A 31 -3.53 -3.45 1.83
C VAL A 31 -2.90 -2.04 1.67
N PHE A 32 -1.80 -1.78 2.36
CA PHE A 32 -1.10 -0.50 2.22
C PHE A 32 -0.71 -0.27 0.76
N ARG A 33 -0.27 -1.34 0.12
CA ARG A 33 0.20 -1.27 -1.25
C ARG A 33 -0.98 -1.27 -2.22
N GLU A 34 -2.06 -1.94 -1.84
CA GLU A 34 -3.31 -1.88 -2.61
C GLU A 34 -3.75 -0.44 -2.83
N CYS A 35 -3.59 0.37 -1.79
CA CYS A 35 -3.98 1.78 -1.85
C CYS A 35 -2.91 2.60 -2.57
N ILE A 36 -1.64 2.27 -2.31
CA ILE A 36 -0.53 2.97 -2.95
C ILE A 36 -0.50 2.69 -4.45
N ASP A 37 -0.85 1.46 -4.81
CA ASP A 37 -0.82 1.00 -6.19
C ASP A 37 -1.89 1.68 -7.03
N TYR A 38 -3.12 1.66 -6.54
CA TYR A 38 -4.25 2.22 -7.29
C TYR A 38 -4.05 3.73 -7.51
N VAL A 39 -3.60 4.43 -6.48
CA VAL A 39 -3.35 5.87 -6.59
C VAL A 39 -2.25 6.15 -7.61
N GLU A 40 -1.13 5.45 -7.49
CA GLU A 40 0.04 5.71 -8.33
C GLU A 40 -0.27 5.44 -9.79
N LYS A 41 -1.13 4.46 -10.06
CA LYS A 41 -1.46 4.06 -11.42
C LYS A 41 -2.58 4.92 -12.01
N TYR A 42 -3.69 5.03 -11.29
CA TYR A 42 -4.91 5.59 -11.89
C TYR A 42 -5.40 6.82 -11.13
N GLY A 43 -5.24 6.84 -9.82
CA GLY A 43 -5.79 7.94 -9.03
C GLY A 43 -4.76 9.02 -8.79
N MET A 44 -4.02 9.35 -9.83
CA MET A 44 -2.94 10.31 -9.71
C MET A 44 -3.35 11.71 -10.18
N LYS A 45 -4.26 11.76 -11.15
CA LYS A 45 -4.71 13.03 -11.70
C LYS A 45 -6.05 13.42 -11.11
N CYS A 46 -6.43 12.76 -10.02
CA CYS A 46 -7.72 13.00 -9.39
C CYS A 46 -7.61 14.11 -8.36
N GLU A 47 -8.33 15.21 -8.60
CA GLU A 47 -8.37 16.30 -7.64
C GLU A 47 -9.04 15.83 -6.35
N GLY A 48 -8.83 16.56 -5.27
CA GLY A 48 -9.27 16.08 -3.96
C GLY A 48 -8.59 14.80 -3.52
N ILE A 49 -7.54 14.39 -4.23
CA ILE A 49 -6.85 13.15 -3.91
C ILE A 49 -6.33 13.16 -2.47
N TYR A 50 -6.79 12.17 -1.69
CA TYR A 50 -6.40 12.01 -0.29
C TYR A 50 -7.06 13.06 0.58
N ARG A 51 -7.95 13.86 0.01
CA ARG A 51 -8.56 14.97 0.74
C ARG A 51 -10.08 14.77 0.82
N VAL A 52 -10.68 14.30 -0.27
CA VAL A 52 -12.11 14.04 -0.32
C VAL A 52 -12.49 12.93 0.67
N SER A 53 -13.64 13.07 1.31
CA SER A 53 -14.09 12.09 2.29
C SER A 53 -14.52 10.81 1.59
N GLY A 54 -13.70 9.77 1.74
CA GLY A 54 -14.00 8.48 1.13
C GLY A 54 -15.34 7.95 1.57
N ILE A 55 -16.04 7.33 0.62
CA ILE A 55 -17.38 6.82 0.86
C ILE A 55 -17.40 5.80 1.99
N LYS A 56 -17.90 6.23 3.15
CA LYS A 56 -17.95 5.40 4.34
C LYS A 56 -18.62 4.05 4.07
N SER A 57 -19.67 4.07 3.28
CA SER A 57 -20.45 2.88 2.99
C SER A 57 -19.59 1.78 2.36
N LYS A 58 -18.61 2.15 1.54
CA LYS A 58 -17.77 1.15 0.87
C LYS A 58 -16.66 0.67 1.80
N VAL A 59 -16.28 1.53 2.73
CA VAL A 59 -15.23 1.19 3.68
C VAL A 59 -15.64 0.01 4.54
N ASP A 60 -16.93 -0.05 4.87
CA ASP A 60 -17.48 -1.20 5.57
C ASP A 60 -17.29 -2.48 4.75
N GLU A 61 -17.43 -2.33 3.43
CA GLU A 61 -17.33 -3.47 2.51
C GLU A 61 -15.88 -3.94 2.42
N LEU A 62 -14.99 -2.97 2.18
CA LEU A 62 -13.58 -3.26 2.00
C LEU A 62 -12.94 -3.85 3.25
N LYS A 63 -13.15 -3.20 4.40
CA LYS A 63 -12.59 -3.71 5.65
C LYS A 63 -13.07 -5.13 5.89
N ALA A 64 -14.34 -5.35 5.57
CA ALA A 64 -14.94 -6.67 5.72
C ALA A 64 -14.29 -7.66 4.75
N ALA A 65 -13.99 -7.17 3.55
CA ALA A 65 -13.33 -7.97 2.52
C ALA A 65 -11.93 -8.38 2.97
N TYR A 66 -11.13 -7.41 3.41
CA TYR A 66 -9.73 -7.66 3.72
C TYR A 66 -9.55 -8.73 4.78
N ASP A 67 -10.32 -8.65 5.86
CA ASP A 67 -10.12 -9.59 6.97
C ASP A 67 -10.70 -10.96 6.62
N ARG A 68 -11.65 -10.98 5.72
CA ARG A 68 -12.39 -12.21 5.41
C ARG A 68 -12.00 -12.79 4.06
N GLU A 69 -10.72 -12.63 3.71
CA GLU A 69 -10.16 -13.14 2.45
C GLU A 69 -10.33 -12.09 1.35
N GLU A 70 -9.67 -10.95 1.60
CA GLU A 70 -9.57 -9.83 0.68
C GLU A 70 -9.57 -10.24 -0.78
N SER A 71 -10.75 -10.28 -1.35
CA SER A 71 -10.90 -10.47 -2.76
C SER A 71 -11.83 -9.37 -3.27
N THR A 72 -11.22 -8.29 -3.72
CA THR A 72 -11.95 -7.13 -4.18
C THR A 72 -11.15 -6.45 -5.27
N ASN A 73 -11.83 -5.93 -6.25
CA ASN A 73 -11.19 -5.25 -7.35
C ASN A 73 -11.22 -3.74 -7.13
N LEU A 74 -10.15 -3.23 -6.55
CA LEU A 74 -10.06 -1.82 -6.15
C LEU A 74 -9.91 -0.91 -7.35
N GLU A 75 -9.69 -1.50 -8.51
CA GLU A 75 -9.47 -0.73 -9.73
C GLU A 75 -10.80 -0.12 -10.20
N ASP A 76 -11.88 -0.60 -9.60
CA ASP A 76 -13.23 -0.13 -9.92
C ASP A 76 -13.77 0.78 -8.81
N TYR A 77 -13.02 0.85 -7.71
CA TYR A 77 -13.44 1.64 -6.56
C TYR A 77 -12.92 3.07 -6.65
N GLU A 78 -13.33 3.89 -5.69
CA GLU A 78 -12.92 5.28 -5.62
C GLU A 78 -11.56 5.41 -4.94
N PRO A 79 -10.65 6.19 -5.55
CA PRO A 79 -9.32 6.45 -4.97
C PRO A 79 -9.44 7.11 -3.61
N ASN A 80 -10.33 8.10 -3.52
CA ASN A 80 -10.65 8.74 -2.24
C ASN A 80 -11.06 7.71 -1.19
N THR A 81 -11.74 6.65 -1.62
CA THR A 81 -12.23 5.64 -0.70
C THR A 81 -11.11 4.73 -0.20
N VAL A 82 -10.27 4.26 -1.13
CA VAL A 82 -9.14 3.42 -0.75
C VAL A 82 -8.13 4.20 0.11
N ALA A 83 -7.93 5.47 -0.24
CA ALA A 83 -7.07 6.34 0.54
C ALA A 83 -7.63 6.59 1.94
N SER A 84 -8.95 6.59 2.05
CA SER A 84 -9.62 6.86 3.30
C SER A 84 -9.48 5.64 4.18
N LEU A 85 -9.58 4.47 3.55
CA LEU A 85 -9.36 3.22 4.24
C LEU A 85 -7.89 3.07 4.60
N LEU A 86 -7.01 3.57 3.74
CA LEU A 86 -5.58 3.50 3.98
C LEU A 86 -5.20 4.21 5.28
N LYS A 87 -5.58 5.49 5.40
CA LYS A 87 -5.27 6.24 6.61
C LYS A 87 -6.01 5.66 7.81
N GLN A 88 -7.20 5.13 7.54
CA GLN A 88 -8.00 4.50 8.56
C GLN A 88 -7.32 3.22 9.06
N TYR A 89 -7.00 2.32 8.13
CA TYR A 89 -6.26 1.10 8.46
C TYR A 89 -5.05 1.37 9.35
N LEU A 90 -4.32 2.44 9.05
CA LEU A 90 -3.14 2.80 9.84
C LEU A 90 -3.53 3.17 11.26
N ARG A 91 -4.63 3.89 11.39
CA ARG A 91 -5.15 4.25 12.70
C ARG A 91 -5.65 3.02 13.45
N ASP A 92 -6.33 2.10 12.74
CA ASP A 92 -6.72 0.82 13.33
C ASP A 92 -5.53 0.10 13.94
N LEU A 93 -4.34 0.37 13.45
CA LEU A 93 -3.17 -0.30 13.99
C LEU A 93 -2.69 0.41 15.25
N PRO A 94 -2.68 -0.29 16.39
CA PRO A 94 -2.36 0.29 17.71
C PRO A 94 -0.91 0.79 17.79
N GLU A 95 -0.08 0.35 16.87
CA GLU A 95 1.31 0.76 16.84
C GLU A 95 1.52 1.77 15.73
N ASN A 96 2.00 2.95 16.10
CA ASN A 96 2.18 4.04 15.14
C ASN A 96 3.37 3.78 14.24
N LEU A 97 3.51 4.62 13.21
CA LEU A 97 4.66 4.53 12.31
C LEU A 97 5.92 4.92 13.06
N LEU A 98 5.85 6.08 13.71
CA LEU A 98 6.95 6.60 14.52
C LEU A 98 6.76 6.18 15.96
N THR A 99 5.73 5.34 16.17
CA THR A 99 5.31 4.87 17.50
C THR A 99 5.09 6.04 18.47
N LYS A 100 4.66 5.73 19.69
CA LYS A 100 4.47 6.75 20.73
C LYS A 100 5.83 7.32 21.11
N GLU A 101 6.77 6.40 21.15
CA GLU A 101 8.12 6.66 21.59
C GLU A 101 8.84 7.76 20.78
N LEU A 102 8.91 7.64 19.45
CA LEU A 102 9.65 8.61 18.64
C LEU A 102 8.79 9.83 18.31
N MET A 103 7.47 9.60 18.16
CA MET A 103 6.51 10.65 17.72
C MET A 103 6.73 12.04 18.36
N PRO A 104 6.81 12.16 19.72
CA PRO A 104 6.91 13.47 20.38
C PRO A 104 8.25 14.16 20.11
N ARG A 105 9.22 13.40 19.65
CA ARG A 105 10.55 13.95 19.38
C ARG A 105 10.57 14.62 18.02
N PHE A 106 9.58 14.29 17.19
CA PHE A 106 9.42 14.95 15.90
C PHE A 106 8.98 16.39 16.09
N GLU A 107 8.15 16.62 17.11
CA GLU A 107 7.71 17.97 17.45
C GLU A 107 8.93 18.83 17.80
N GLU A 108 9.89 18.21 18.48
CA GLU A 108 11.14 18.86 18.85
C GLU A 108 11.91 19.25 17.60
N ALA A 109 12.13 18.28 16.73
CA ALA A 109 12.83 18.47 15.47
C ALA A 109 12.10 19.45 14.56
N CYS A 110 10.82 19.66 14.80
CA CYS A 110 10.04 20.55 13.96
C CYS A 110 10.35 22.00 14.35
N GLY A 111 10.59 22.21 15.64
CA GLY A 111 10.95 23.52 16.13
C GLY A 111 12.44 23.74 16.19
N ARG A 112 13.19 22.88 15.52
CA ARG A 112 14.64 23.03 15.48
C ARG A 112 15.02 24.34 14.81
N THR A 113 16.06 24.98 15.31
CA THR A 113 16.50 26.25 14.80
C THR A 113 17.11 26.12 13.41
N THR A 114 17.43 24.90 13.01
CA THR A 114 18.03 24.67 11.70
C THR A 114 17.36 23.49 11.00
N GLU A 115 17.22 23.56 9.67
CA GLU A 115 16.59 22.49 8.90
C GLU A 115 17.46 21.23 8.96
N THR A 116 18.77 21.46 9.05
CA THR A 116 19.74 20.39 9.17
C THR A 116 19.52 19.62 10.47
N GLU A 117 19.27 20.37 11.54
CA GLU A 117 18.92 19.77 12.83
C GLU A 117 17.73 18.84 12.67
N LYS A 118 16.74 19.30 11.90
CA LYS A 118 15.51 18.55 11.72
C LYS A 118 15.79 17.24 10.99
N VAL A 119 16.32 17.34 9.78
CA VAL A 119 16.62 16.17 8.97
C VAL A 119 17.45 15.13 9.73
N GLN A 120 18.55 15.55 10.37
CA GLN A 120 19.41 14.63 11.11
C GLN A 120 18.70 14.01 12.31
N GLU A 121 17.92 14.80 13.03
CA GLU A 121 17.19 14.29 14.19
C GLU A 121 16.11 13.33 13.73
N PHE A 122 15.35 13.73 12.71
CA PHE A 122 14.36 12.85 12.08
C PHE A 122 14.98 11.51 11.72
N GLN A 123 16.17 11.58 11.13
CA GLN A 123 16.93 10.37 10.80
C GLN A 123 16.99 9.45 12.01
N ARG A 124 17.48 9.95 13.13
CA ARG A 124 17.60 9.15 14.35
C ARG A 124 16.28 8.50 14.70
N LEU A 125 15.21 9.30 14.74
CA LEU A 125 13.89 8.79 15.10
C LEU A 125 13.50 7.63 14.18
N LEU A 126 13.62 7.84 12.88
CA LEU A 126 13.31 6.80 11.89
C LEU A 126 14.17 5.54 12.05
N LYS A 127 15.43 5.69 12.46
CA LYS A 127 16.30 4.51 12.60
C LYS A 127 15.83 3.65 13.76
N GLU A 128 15.40 4.32 14.81
CA GLU A 128 14.85 3.67 16.00
C GLU A 128 13.52 2.95 15.72
N LEU A 129 13.10 2.88 14.46
CA LEU A 129 11.82 2.26 14.12
C LEU A 129 12.03 0.81 13.70
N PRO A 130 11.12 -0.08 14.10
CA PRO A 130 11.14 -1.48 13.65
C PRO A 130 11.02 -1.57 12.11
N GLU A 131 11.41 -2.72 11.57
CA GLU A 131 11.56 -2.91 10.12
C GLU A 131 10.29 -2.51 9.36
N CYS A 132 9.16 -3.13 9.69
CA CYS A 132 7.91 -2.88 8.98
C CYS A 132 7.52 -1.40 9.05
N ASN A 133 7.74 -0.79 10.21
CA ASN A 133 7.41 0.61 10.42
C ASN A 133 8.37 1.51 9.64
N TYR A 134 9.63 1.12 9.61
CA TYR A 134 10.66 1.87 8.91
C TYR A 134 10.34 1.96 7.42
N LEU A 135 9.93 0.84 6.84
CA LEU A 135 9.57 0.81 5.44
C LEU A 135 8.24 1.53 5.19
N LEU A 136 7.31 1.38 6.14
CA LEU A 136 5.98 1.98 6.01
C LEU A 136 6.09 3.49 5.98
N ILE A 137 6.78 4.07 6.96
CA ILE A 137 6.97 5.52 7.01
C ILE A 137 7.63 6.02 5.72
N SER A 138 8.66 5.32 5.26
CA SER A 138 9.31 5.63 3.99
C SER A 138 8.29 5.73 2.85
N TRP A 139 7.49 4.69 2.67
CA TRP A 139 6.61 4.60 1.51
C TRP A 139 5.49 5.62 1.58
N LEU A 140 4.89 5.77 2.75
CA LEU A 140 3.76 6.67 2.92
C LEU A 140 4.14 8.08 2.49
N ILE A 141 5.32 8.52 2.90
CA ILE A 141 5.75 9.88 2.65
C ILE A 141 6.33 10.04 1.24
N VAL A 142 7.11 9.07 0.78
CA VAL A 142 7.72 9.15 -0.54
C VAL A 142 6.68 8.91 -1.64
N HIS A 143 5.70 8.05 -1.38
CA HIS A 143 4.58 7.88 -2.30
C HIS A 143 3.78 9.17 -2.36
N MET A 144 3.64 9.81 -1.21
CA MET A 144 2.86 11.02 -1.14
C MET A 144 3.64 12.18 -1.77
N ASP A 145 4.96 12.02 -1.90
CA ASP A 145 5.81 13.00 -2.59
C ASP A 145 5.45 13.02 -4.07
N HIS A 146 5.31 11.82 -4.63
CA HIS A 146 4.85 11.67 -6.00
C HIS A 146 3.48 12.32 -6.17
N VAL A 147 2.67 12.20 -5.13
CA VAL A 147 1.38 12.85 -5.09
C VAL A 147 1.53 14.37 -5.13
N ILE A 148 2.62 14.90 -4.58
CA ILE A 148 2.83 16.36 -4.52
C ILE A 148 3.06 16.95 -5.91
N ALA A 149 3.77 16.23 -6.77
CA ALA A 149 3.89 16.66 -8.17
C ALA A 149 2.50 16.61 -8.82
N LYS A 150 1.76 15.60 -8.42
CA LYS A 150 0.41 15.43 -8.89
C LYS A 150 -0.49 16.52 -8.34
N GLU A 151 -0.20 16.95 -7.11
CA GLU A 151 -0.83 18.13 -6.50
C GLU A 151 -0.62 19.35 -7.37
N LEU A 152 0.53 19.43 -8.01
CA LEU A 152 0.83 20.55 -8.88
C LEU A 152 -0.16 20.62 -10.02
N GLU A 153 -0.63 19.45 -10.48
CA GLU A 153 -1.70 19.44 -11.48
C GLU A 153 -3.10 19.32 -10.86
N THR A 154 -3.25 18.54 -9.79
CA THR A 154 -4.53 18.42 -9.07
C THR A 154 -4.87 19.70 -8.27
N LYS A 155 -4.08 20.75 -8.48
CA LYS A 155 -4.39 22.10 -7.99
C LYS A 155 -4.15 22.25 -6.48
N MET A 156 -4.07 21.13 -5.80
CA MET A 156 -3.77 21.11 -4.36
C MET A 156 -2.27 21.28 -4.10
N ASN A 157 -1.86 21.22 -2.84
CA ASN A 157 -0.47 21.46 -2.48
C ASN A 157 -0.08 20.64 -1.24
N ILE A 158 1.22 20.67 -0.89
CA ILE A 158 1.74 19.96 0.29
C ILE A 158 0.92 20.28 1.53
N GLN A 159 0.49 21.53 1.67
CA GLN A 159 -0.29 21.98 2.81
C GLN A 159 -1.54 21.12 2.97
N ASN A 160 -2.20 20.83 1.86
CA ASN A 160 -3.42 20.02 1.88
C ASN A 160 -3.10 18.62 2.36
N ILE A 161 -2.07 18.03 1.78
CA ILE A 161 -1.62 16.69 2.16
C ILE A 161 -1.19 16.65 3.63
N SER A 162 -0.56 17.72 4.09
CA SER A 162 -0.15 17.82 5.48
C SER A 162 -1.36 17.77 6.40
N ILE A 163 -2.48 18.34 5.94
CA ILE A 163 -3.69 18.41 6.74
C ILE A 163 -4.34 17.04 6.86
N VAL A 164 -4.27 16.27 5.78
CA VAL A 164 -4.91 14.97 5.76
C VAL A 164 -4.01 13.89 6.37
N LEU A 165 -2.70 14.04 6.21
CA LEU A 165 -1.76 13.09 6.78
C LEU A 165 -1.59 13.30 8.28
N SER A 166 -1.96 14.48 8.77
CA SER A 166 -1.89 14.77 10.21
C SER A 166 -2.68 13.73 11.01
N PRO A 167 -3.99 13.54 10.75
CA PRO A 167 -4.80 12.51 11.41
C PRO A 167 -4.38 11.10 11.00
N THR A 168 -3.60 11.00 9.94
CA THR A 168 -3.22 9.70 9.39
C THR A 168 -2.22 8.99 10.30
N VAL A 169 -1.08 9.60 10.60
CA VAL A 169 -0.14 9.03 11.57
C VAL A 169 -0.31 9.69 12.93
N GLN A 170 -1.27 10.60 13.00
CA GLN A 170 -1.68 11.29 14.22
C GLN A 170 -0.53 12.03 14.87
N ILE A 171 -0.04 13.02 14.12
CA ILE A 171 0.99 13.94 14.58
C ILE A 171 0.61 15.35 14.13
N SER A 172 1.11 16.36 14.84
CA SER A 172 0.88 17.77 14.49
C SER A 172 1.06 18.04 12.99
N ASN A 173 0.14 18.85 12.45
CA ASN A 173 0.03 19.11 11.01
C ASN A 173 1.34 19.57 10.38
N ARG A 174 2.08 20.43 11.09
CA ARG A 174 3.33 21.00 10.56
C ARG A 174 4.35 19.92 10.21
N VAL A 175 4.31 18.83 10.96
CA VAL A 175 5.30 17.77 10.83
C VAL A 175 5.24 17.08 9.47
N LEU A 176 4.07 17.06 8.84
CA LEU A 176 3.93 16.37 7.56
C LEU A 176 4.65 17.13 6.45
N TYR A 177 4.39 18.43 6.38
CA TYR A 177 5.16 19.31 5.49
C TYR A 177 6.68 19.05 5.57
N VAL A 178 7.22 19.05 6.79
CA VAL A 178 8.64 18.78 6.97
C VAL A 178 8.94 17.29 6.71
N PHE A 179 7.93 16.45 6.86
CA PHE A 179 8.08 15.03 6.53
C PHE A 179 8.56 14.85 5.10
N PHE A 180 7.98 15.57 4.14
CA PHE A 180 8.41 15.43 2.75
C PHE A 180 9.77 16.09 2.52
N THR A 181 9.82 17.38 2.80
CA THR A 181 11.08 18.14 2.72
C THR A 181 12.28 17.27 3.19
N HIS A 182 12.16 16.69 4.37
CA HIS A 182 13.25 15.89 4.93
C HIS A 182 13.26 14.48 4.32
N VAL A 183 12.10 14.00 3.85
CA VAL A 183 12.00 12.65 3.30
C VAL A 183 12.85 12.53 2.03
N GLN A 184 12.96 13.61 1.28
CA GLN A 184 13.83 13.62 0.13
C GLN A 184 15.28 13.73 0.57
N GLU A 185 15.51 14.51 1.63
CA GLU A 185 16.84 14.57 2.24
C GLU A 185 17.26 13.22 2.82
N LEU A 186 16.28 12.41 3.21
CA LEU A 186 16.55 11.19 3.97
C LEU A 186 16.40 9.92 3.15
N PHE A 187 15.94 10.03 1.92
CA PHE A 187 15.57 8.84 1.15
C PHE A 187 15.83 9.04 -0.34
N GLY A 188 14.80 9.41 -1.08
CA GLY A 188 14.94 9.63 -2.52
C GLY A 188 14.85 8.35 -3.35
N ASN A 189 15.36 7.26 -2.81
CA ASN A 189 15.41 5.99 -3.54
C ASN A 189 14.19 5.13 -3.24
N VAL A 190 13.51 5.45 -2.14
CA VAL A 190 12.28 4.77 -1.75
C VAL A 190 11.35 4.65 -2.93
N VAL A 191 11.17 3.43 -3.37
CA VAL A 191 10.50 3.15 -4.62
C VAL A 191 9.11 2.59 -4.38
N LEU A 192 8.15 3.06 -5.16
CA LEU A 192 6.79 2.59 -5.03
C LEU A 192 6.53 1.43 -5.98
N LYS A 193 6.84 0.24 -5.50
CA LYS A 193 6.58 -0.99 -6.25
C LYS A 193 5.09 -1.24 -6.34
N GLN A 194 4.54 -1.13 -7.55
CA GLN A 194 3.11 -1.35 -7.77
C GLN A 194 2.81 -2.85 -7.79
N VAL A 195 1.56 -3.19 -7.56
CA VAL A 195 1.19 -4.58 -7.34
C VAL A 195 0.13 -5.06 -8.33
N MET A 196 0.10 -6.37 -8.55
CA MET A 196 -0.89 -6.99 -9.41
C MET A 196 -2.25 -6.98 -8.72
N LYS A 197 -3.32 -6.91 -9.49
CA LYS A 197 -4.65 -6.85 -8.92
C LYS A 197 -5.53 -7.99 -9.41
N PRO A 198 -6.34 -8.56 -8.51
CA PRO A 198 -7.36 -9.54 -8.87
C PRO A 198 -8.45 -8.89 -9.72
N LEU A 199 -9.14 -9.69 -10.52
CA LEU A 199 -10.12 -9.14 -11.45
C LEU A 199 -11.50 -9.68 -11.13
N ARG A 200 -12.52 -8.96 -11.58
CA ARG A 200 -13.90 -9.37 -11.36
C ARG A 200 -14.33 -10.39 -12.42
N TRP A 201 -13.34 -11.02 -13.03
CA TRP A 201 -13.57 -12.03 -14.07
C TRP A 201 -14.11 -13.31 -13.44
N SER A 202 -14.10 -13.35 -12.10
CA SER A 202 -14.55 -14.52 -11.35
C SER A 202 -13.66 -15.71 -11.65
N ASN A 203 -12.47 -15.43 -12.17
CA ASN A 203 -11.48 -16.44 -12.54
C ASN A 203 -11.96 -17.28 -13.72
N MET A 204 -13.09 -16.91 -14.31
CA MET A 204 -13.63 -17.57 -15.50
C MET A 204 -14.93 -16.91 -15.93
N ALA A 205 -15.06 -16.66 -17.23
CA ALA A 205 -16.30 -16.17 -17.82
C ALA A 205 -16.33 -16.50 -19.30
N THR A 206 -15.25 -16.11 -19.98
CA THR A 206 -15.09 -16.39 -21.40
C THR A 206 -13.60 -16.29 -21.77
N MET A 207 -13.11 -15.07 -21.96
CA MET A 207 -11.71 -14.84 -22.29
C MET A 207 -11.34 -13.34 -22.20
N PRO A 208 -12.02 -12.45 -22.94
CA PRO A 208 -11.65 -11.03 -23.00
C PRO A 208 -11.86 -10.29 -21.69
N THR A 209 -10.78 -10.12 -20.94
CA THR A 209 -10.79 -9.32 -19.71
C THR A 209 -9.38 -8.88 -19.35
N LEU A 210 -8.42 -9.33 -20.14
CA LEU A 210 -7.02 -9.09 -19.87
C LEU A 210 -6.51 -7.96 -20.77
N PRO A 211 -5.38 -7.34 -20.42
CA PRO A 211 -4.70 -6.42 -21.33
C PRO A 211 -4.35 -7.15 -22.62
N GLU A 212 -4.73 -6.57 -23.75
CA GLU A 212 -4.56 -7.24 -25.02
C GLU A 212 -3.55 -6.53 -25.93
N THR A 213 -2.86 -5.56 -25.36
CA THR A 213 -1.77 -4.91 -26.06
C THR A 213 -0.44 -5.54 -25.67
N GLN A 214 0.56 -5.46 -26.54
CA GLN A 214 1.86 -6.04 -26.25
C GLN A 214 2.41 -5.52 -24.93
N ALA A 215 2.29 -4.22 -24.71
CA ALA A 215 2.81 -3.61 -23.50
C ALA A 215 2.07 -4.12 -22.28
N GLY A 216 0.74 -4.15 -22.37
CA GLY A 216 -0.08 -4.57 -21.27
C GLY A 216 0.16 -6.01 -20.86
N ILE A 217 0.31 -6.89 -21.85
CA ILE A 217 0.51 -8.30 -21.58
C ILE A 217 1.87 -8.53 -20.94
N LYS A 218 2.90 -7.94 -21.54
CA LYS A 218 4.27 -8.06 -21.01
C LYS A 218 4.37 -7.61 -19.56
N GLU A 219 3.70 -6.50 -19.24
CA GLU A 219 3.68 -5.98 -17.87
C GLU A 219 3.12 -7.01 -16.89
N GLU A 220 1.95 -7.52 -17.21
CA GLU A 220 1.24 -8.39 -16.28
C GLU A 220 1.91 -9.75 -16.19
N ILE A 221 2.42 -10.25 -17.31
CA ILE A 221 3.14 -11.52 -17.33
C ILE A 221 4.28 -11.49 -16.31
N ARG A 222 5.06 -10.42 -16.34
CA ARG A 222 6.18 -10.25 -15.45
C ARG A 222 5.72 -10.36 -13.99
N ARG A 223 4.66 -9.62 -13.67
CA ARG A 223 4.13 -9.62 -12.31
C ARG A 223 3.66 -11.01 -11.90
N GLN A 224 2.88 -11.64 -12.78
CA GLN A 224 2.25 -12.91 -12.48
C GLN A 224 3.28 -14.02 -12.29
N GLU A 225 4.34 -13.99 -13.08
CA GLU A 225 5.37 -15.02 -12.98
C GLU A 225 6.10 -14.93 -11.65
N PHE A 226 6.29 -13.72 -11.14
CA PHE A 226 6.95 -13.54 -9.86
C PHE A 226 6.11 -14.14 -8.73
N LEU A 227 4.80 -13.92 -8.77
CA LEU A 227 3.93 -14.49 -7.77
C LEU A 227 3.85 -16.00 -7.98
N LEU A 228 3.94 -16.39 -9.24
CA LEU A 228 3.75 -17.78 -9.63
C LEU A 228 4.94 -18.63 -9.20
N ASN A 229 6.14 -18.25 -9.61
CA ASN A 229 7.34 -19.05 -9.32
C ASN A 229 7.63 -19.09 -7.82
N CYS A 230 7.31 -18.00 -7.10
CA CYS A 230 7.63 -17.93 -5.68
C CYS A 230 6.72 -18.87 -4.88
N LEU A 231 5.42 -18.74 -5.08
CA LEU A 231 4.47 -19.52 -4.29
C LEU A 231 4.61 -20.99 -4.62
N HIS A 232 4.74 -21.29 -5.92
CA HIS A 232 4.95 -22.65 -6.39
C HIS A 232 6.14 -23.28 -5.69
N ARG A 233 7.23 -22.53 -5.59
CA ARG A 233 8.47 -23.00 -5.00
C ARG A 233 8.40 -23.08 -3.48
N ASP A 234 7.84 -22.06 -2.85
CA ASP A 234 7.79 -21.96 -1.39
C ASP A 234 6.98 -23.10 -0.78
N LEU A 235 6.03 -23.65 -1.54
CA LEU A 235 5.23 -24.77 -1.08
C LEU A 235 6.10 -25.96 -0.65
N GLN A 236 7.25 -26.10 -1.28
CA GLN A 236 8.14 -27.21 -0.98
C GLN A 236 8.86 -26.99 0.34
N GLY A 237 8.66 -25.82 0.95
CA GLY A 237 9.26 -25.53 2.23
C GLY A 237 8.42 -26.05 3.38
N GLY A 238 7.84 -27.23 3.20
CA GLY A 238 7.02 -27.83 4.22
C GLY A 238 5.68 -27.13 4.40
N ILE A 239 5.21 -26.49 3.35
CA ILE A 239 3.95 -25.77 3.39
C ILE A 239 2.86 -26.60 2.73
N LYS A 240 1.80 -26.87 3.47
CA LYS A 240 0.68 -27.64 2.95
C LYS A 240 -0.63 -26.95 3.23
N ASP A 241 -0.96 -25.97 2.41
CA ASP A 241 -2.25 -25.31 2.47
C ASP A 241 -3.00 -25.56 1.19
N LEU A 242 -4.18 -26.17 1.31
CA LEU A 242 -5.03 -26.41 0.16
C LEU A 242 -5.40 -25.08 -0.47
N SER A 243 -5.41 -24.03 0.35
CA SER A 243 -5.77 -22.71 -0.11
C SER A 243 -4.65 -22.15 -0.99
N LYS A 244 -3.40 -22.39 -0.58
CA LYS A 244 -2.24 -21.97 -1.37
C LYS A 244 -2.28 -22.64 -2.73
N GLU A 245 -2.62 -23.93 -2.73
CA GLU A 245 -2.67 -24.71 -3.96
C GLU A 245 -3.74 -24.18 -4.91
N GLU A 246 -4.95 -23.95 -4.41
CA GLU A 246 -6.03 -23.34 -5.21
C GLU A 246 -5.53 -22.09 -5.95
N ARG A 247 -4.79 -21.24 -5.24
CA ARG A 247 -4.26 -20.02 -5.84
C ARG A 247 -3.14 -20.34 -6.83
N LEU A 248 -2.48 -21.46 -6.62
CA LEU A 248 -1.36 -21.87 -7.46
C LEU A 248 -1.84 -22.25 -8.86
N TRP A 249 -2.85 -23.11 -8.93
CA TRP A 249 -3.38 -23.51 -10.24
C TRP A 249 -4.00 -22.30 -10.88
N GLU A 250 -4.55 -21.44 -10.03
CA GLU A 250 -5.25 -20.25 -10.48
C GLU A 250 -4.33 -19.32 -11.26
N VAL A 251 -3.16 -19.01 -10.69
CA VAL A 251 -2.20 -18.14 -11.38
C VAL A 251 -1.78 -18.77 -12.71
N GLN A 252 -1.60 -20.07 -12.69
CA GLN A 252 -1.25 -20.83 -13.90
C GLN A 252 -2.31 -20.67 -14.98
N ARG A 253 -3.59 -20.70 -14.59
CA ARG A 253 -4.69 -20.54 -15.55
C ARG A 253 -4.66 -19.14 -16.17
N ILE A 254 -4.36 -18.15 -15.34
CA ILE A 254 -4.35 -16.77 -15.78
C ILE A 254 -3.14 -16.50 -16.65
N LEU A 255 -1.97 -16.94 -16.17
CA LEU A 255 -0.73 -16.76 -16.90
C LEU A 255 -0.74 -17.53 -18.21
N THR A 256 -1.44 -18.67 -18.25
CA THR A 256 -1.59 -19.42 -19.49
C THR A 256 -2.28 -18.57 -20.55
N ALA A 257 -3.40 -17.94 -20.19
CA ALA A 257 -4.05 -17.00 -21.07
C ALA A 257 -3.08 -15.94 -21.54
N LEU A 258 -2.39 -15.32 -20.58
CA LEU A 258 -1.43 -14.27 -20.89
C LEU A 258 -0.35 -14.74 -21.86
N LYS A 259 0.14 -15.96 -21.67
CA LYS A 259 1.16 -16.51 -22.54
C LYS A 259 0.61 -16.77 -23.94
N ARG A 260 -0.65 -17.17 -24.02
CA ARG A 260 -1.31 -17.36 -25.31
C ARG A 260 -1.53 -16.00 -25.98
N LYS A 261 -2.12 -15.08 -25.22
CA LYS A 261 -2.41 -13.73 -25.67
C LYS A 261 -1.14 -12.99 -26.08
N LEU A 262 -0.02 -13.32 -25.45
CA LEU A 262 1.26 -12.70 -25.78
C LEU A 262 1.62 -12.95 -27.24
N ARG A 263 1.31 -14.14 -27.73
CA ARG A 263 1.56 -14.48 -29.12
C ARG A 263 0.32 -14.27 -29.96
N GLU A 264 -0.76 -13.85 -29.31
CA GLU A 264 -2.00 -13.55 -29.98
C GLU A 264 -1.96 -12.12 -30.49
N ALA A 265 -1.22 -11.30 -29.76
CA ALA A 265 -1.03 -9.91 -30.12
C ALA A 265 0.24 -9.74 -30.95
N HIS A 1 -16.83 -14.51 23.30
CA HIS A 1 -16.25 -13.15 23.42
C HIS A 1 -16.21 -12.49 22.05
N MET A 2 -15.23 -12.88 21.24
CA MET A 2 -15.10 -12.36 19.89
C MET A 2 -15.24 -13.51 18.90
N PRO A 3 -16.23 -13.43 18.00
CA PRO A 3 -16.48 -14.47 17.02
C PRO A 3 -15.37 -14.57 15.97
N ASN A 4 -14.60 -13.51 15.86
CA ASN A 4 -13.45 -13.49 14.99
C ASN A 4 -12.18 -13.25 15.81
N LEU A 5 -11.10 -13.86 15.39
CA LEU A 5 -9.85 -13.81 16.13
C LEU A 5 -8.88 -12.82 15.51
N LYS A 6 -8.91 -11.59 16.00
CA LYS A 6 -7.98 -10.53 15.61
C LYS A 6 -8.07 -10.21 14.11
N PRO A 7 -8.92 -9.24 13.75
CA PRO A 7 -9.06 -8.79 12.37
C PRO A 7 -7.96 -7.80 11.99
N ILE A 8 -7.50 -7.87 10.74
CA ILE A 8 -6.56 -6.90 10.15
C ILE A 8 -6.68 -5.49 10.73
N PHE A 9 -7.90 -4.97 10.83
CA PHE A 9 -8.08 -3.63 11.33
C PHE A 9 -7.97 -3.59 12.85
N GLY A 10 -6.72 -3.56 13.31
CA GLY A 10 -6.45 -3.49 14.73
C GLY A 10 -5.35 -4.45 15.16
N ILE A 11 -4.28 -4.52 14.38
CA ILE A 11 -3.17 -5.41 14.69
C ILE A 11 -1.84 -4.72 14.36
N PRO A 12 -0.71 -5.24 14.88
CA PRO A 12 0.62 -4.73 14.53
C PRO A 12 0.90 -4.89 13.04
N LEU A 13 1.84 -4.09 12.53
CA LEU A 13 2.13 -4.06 11.10
C LEU A 13 2.62 -5.42 10.60
N ALA A 14 3.60 -5.99 11.29
CA ALA A 14 4.10 -7.33 10.96
C ALA A 14 2.96 -8.34 10.86
N ASP A 15 2.17 -8.45 11.90
CA ASP A 15 1.03 -9.37 11.91
C ASP A 15 0.12 -9.14 10.70
N ALA A 16 -0.10 -7.88 10.36
CA ALA A 16 -0.90 -7.53 9.20
C ALA A 16 -0.31 -8.09 7.91
N VAL A 17 0.99 -7.90 7.71
CA VAL A 17 1.64 -8.35 6.50
C VAL A 17 1.78 -9.87 6.48
N GLU A 18 2.10 -10.48 7.63
CA GLU A 18 2.26 -11.94 7.71
C GLU A 18 0.97 -12.64 7.27
N ARG A 19 -0.13 -11.92 7.36
CA ARG A 19 -1.41 -12.43 6.87
C ARG A 19 -1.67 -12.02 5.42
N THR A 20 -1.26 -10.81 5.05
CA THR A 20 -1.54 -10.28 3.72
C THR A 20 -0.30 -10.30 2.82
N MET A 21 0.53 -11.33 2.95
CA MET A 21 1.71 -11.44 2.08
C MET A 21 1.34 -12.06 0.74
N MET A 22 1.63 -11.36 -0.35
CA MET A 22 1.18 -11.76 -1.68
C MET A 22 2.32 -11.86 -2.69
N TYR A 23 3.39 -11.13 -2.47
CA TYR A 23 4.47 -11.07 -3.43
C TYR A 23 5.80 -11.43 -2.77
N ASP A 24 6.38 -10.42 -2.16
CA ASP A 24 7.72 -10.53 -1.61
C ASP A 24 7.72 -10.55 -0.10
N GLY A 25 6.71 -9.96 0.50
CA GLY A 25 6.59 -10.00 1.94
C GLY A 25 7.58 -9.08 2.61
N ILE A 26 7.66 -7.85 2.09
CA ILE A 26 8.60 -6.86 2.60
C ILE A 26 8.06 -6.13 3.83
N ARG A 27 7.27 -6.85 4.64
CA ARG A 27 6.73 -6.32 5.90
C ARG A 27 5.55 -5.39 5.65
N LEU A 28 5.54 -4.77 4.49
CA LEU A 28 4.40 -3.99 4.04
C LEU A 28 3.21 -4.88 3.70
N PRO A 29 2.09 -4.73 4.43
CA PRO A 29 0.88 -5.53 4.18
C PRO A 29 0.32 -5.29 2.79
N ALA A 30 -0.51 -6.19 2.29
CA ALA A 30 -0.99 -6.10 0.92
C ALA A 30 -1.77 -4.82 0.72
N VAL A 31 -2.68 -4.55 1.65
CA VAL A 31 -3.51 -3.35 1.62
C VAL A 31 -2.70 -2.07 1.37
N PHE A 32 -1.48 -2.01 1.91
CA PHE A 32 -0.65 -0.83 1.71
C PHE A 32 -0.20 -0.74 0.26
N ARG A 33 0.13 -1.87 -0.33
CA ARG A 33 0.56 -1.90 -1.72
C ARG A 33 -0.64 -1.76 -2.63
N GLU A 34 -1.74 -2.42 -2.27
CA GLU A 34 -3.00 -2.33 -3.02
C GLU A 34 -3.41 -0.88 -3.28
N CYS A 35 -3.33 -0.05 -2.25
CA CYS A 35 -3.81 1.32 -2.36
C CYS A 35 -2.76 2.18 -3.03
N ILE A 36 -1.48 1.93 -2.73
CA ILE A 36 -0.39 2.66 -3.34
C ILE A 36 -0.30 2.33 -4.83
N ASP A 37 -0.60 1.09 -5.17
CA ASP A 37 -0.55 0.61 -6.54
C ASP A 37 -1.64 1.23 -7.39
N TYR A 38 -2.88 1.15 -6.90
CA TYR A 38 -4.01 1.71 -7.62
C TYR A 38 -3.83 3.21 -7.84
N VAL A 39 -3.43 3.93 -6.79
CA VAL A 39 -3.19 5.36 -6.90
C VAL A 39 -2.06 5.64 -7.88
N GLU A 40 -0.99 4.86 -7.79
CA GLU A 40 0.17 5.06 -8.65
C GLU A 40 -0.18 4.76 -10.11
N LYS A 41 -1.06 3.80 -10.33
CA LYS A 41 -1.45 3.41 -11.68
C LYS A 41 -2.48 4.34 -12.28
N TYR A 42 -3.59 4.54 -11.59
CA TYR A 42 -4.74 5.20 -12.20
C TYR A 42 -5.22 6.38 -11.35
N GLY A 43 -5.00 6.32 -10.05
CA GLY A 43 -5.56 7.33 -9.17
C GLY A 43 -4.56 8.43 -8.85
N MET A 44 -3.91 8.93 -9.88
CA MET A 44 -2.85 9.91 -9.70
C MET A 44 -3.38 11.32 -9.92
N LYS A 45 -4.28 11.49 -10.87
CA LYS A 45 -4.71 12.82 -11.30
C LYS A 45 -6.12 13.13 -10.80
N CYS A 46 -6.51 12.50 -9.69
CA CYS A 46 -7.81 12.75 -9.10
C CYS A 46 -7.74 13.95 -8.16
N GLU A 47 -8.58 14.95 -8.39
CA GLU A 47 -8.71 16.05 -7.45
C GLU A 47 -9.19 15.50 -6.11
N GLY A 48 -8.91 16.23 -5.04
CA GLY A 48 -9.21 15.73 -3.70
C GLY A 48 -8.44 14.49 -3.33
N ILE A 49 -7.44 14.12 -4.14
CA ILE A 49 -6.65 12.93 -3.89
C ILE A 49 -5.99 12.97 -2.52
N TYR A 50 -6.36 12.00 -1.67
CA TYR A 50 -5.83 11.90 -0.31
C TYR A 50 -6.37 13.03 0.56
N ARG A 51 -7.38 13.75 0.08
CA ARG A 51 -7.97 14.83 0.85
C ARG A 51 -9.38 14.45 1.28
N VAL A 52 -10.15 13.95 0.32
CA VAL A 52 -11.50 13.49 0.60
C VAL A 52 -11.45 12.26 1.49
N SER A 53 -12.39 12.15 2.42
CA SER A 53 -12.40 11.05 3.38
C SER A 53 -13.09 9.82 2.78
N GLY A 54 -13.12 9.77 1.45
CA GLY A 54 -13.71 8.66 0.74
C GLY A 54 -15.20 8.58 0.92
N ILE A 55 -15.80 7.55 0.33
CA ILE A 55 -17.21 7.28 0.53
C ILE A 55 -17.35 6.31 1.69
N LYS A 56 -17.97 6.77 2.78
CA LYS A 56 -18.12 5.97 3.99
C LYS A 56 -18.84 4.66 3.69
N SER A 57 -19.75 4.70 2.73
CA SER A 57 -20.49 3.53 2.31
C SER A 57 -19.55 2.42 1.81
N LYS A 58 -18.46 2.82 1.15
CA LYS A 58 -17.52 1.85 0.58
C LYS A 58 -16.58 1.33 1.64
N VAL A 59 -16.24 2.20 2.58
CA VAL A 59 -15.27 1.90 3.62
C VAL A 59 -15.65 0.66 4.41
N ASP A 60 -16.92 0.59 4.81
CA ASP A 60 -17.43 -0.56 5.56
C ASP A 60 -17.33 -1.84 4.73
N GLU A 61 -17.49 -1.69 3.42
CA GLU A 61 -17.47 -2.82 2.51
C GLU A 61 -16.05 -3.36 2.40
N LEU A 62 -15.10 -2.45 2.20
CA LEU A 62 -13.69 -2.78 2.08
C LEU A 62 -13.16 -3.46 3.33
N LYS A 63 -13.37 -2.82 4.49
CA LYS A 63 -12.88 -3.35 5.76
C LYS A 63 -13.34 -4.79 5.94
N ALA A 64 -14.60 -5.04 5.61
CA ALA A 64 -15.18 -6.37 5.74
C ALA A 64 -14.48 -7.38 4.84
N ALA A 65 -14.22 -6.99 3.59
CA ALA A 65 -13.63 -7.89 2.61
C ALA A 65 -12.14 -8.13 2.88
N TYR A 66 -11.47 -7.10 3.38
CA TYR A 66 -10.04 -7.18 3.64
C TYR A 66 -9.70 -8.20 4.71
N ASP A 67 -10.41 -8.18 5.82
CA ASP A 67 -10.08 -9.10 6.91
C ASP A 67 -10.37 -10.55 6.54
N ARG A 68 -11.46 -10.78 5.82
CA ARG A 68 -11.87 -12.14 5.48
C ARG A 68 -11.14 -12.65 4.24
N GLU A 69 -10.28 -11.80 3.69
CA GLU A 69 -9.53 -12.12 2.47
C GLU A 69 -10.49 -12.42 1.32
N GLU A 70 -11.09 -11.37 0.79
CA GLU A 70 -12.04 -11.50 -0.30
C GLU A 70 -11.60 -10.62 -1.47
N SER A 71 -12.43 -10.54 -2.49
CA SER A 71 -12.08 -9.82 -3.71
C SER A 71 -12.16 -8.30 -3.50
N THR A 72 -11.02 -7.69 -3.20
CA THR A 72 -10.95 -6.25 -3.10
C THR A 72 -10.54 -5.64 -4.42
N ASN A 73 -11.48 -5.56 -5.33
CA ASN A 73 -11.23 -4.98 -6.63
C ASN A 73 -11.21 -3.46 -6.55
N LEU A 74 -10.05 -2.92 -6.21
CA LEU A 74 -9.90 -1.48 -6.02
C LEU A 74 -9.94 -0.74 -7.33
N GLU A 75 -9.83 -1.50 -8.42
CA GLU A 75 -9.83 -0.95 -9.77
C GLU A 75 -11.23 -0.47 -10.13
N ASP A 76 -12.19 -0.76 -9.25
CA ASP A 76 -13.58 -0.38 -9.45
C ASP A 76 -13.98 0.71 -8.47
N TYR A 77 -13.18 0.90 -7.43
CA TYR A 77 -13.48 1.90 -6.41
C TYR A 77 -12.80 3.22 -6.72
N GLU A 78 -13.11 4.22 -5.90
CA GLU A 78 -12.55 5.55 -6.06
C GLU A 78 -11.19 5.66 -5.38
N PRO A 79 -10.26 6.45 -5.93
CA PRO A 79 -8.90 6.59 -5.38
C PRO A 79 -8.91 7.18 -3.98
N ASN A 80 -9.68 8.24 -3.80
CA ASN A 80 -9.87 8.86 -2.49
C ASN A 80 -10.46 7.85 -1.49
N THR A 81 -11.26 6.92 -1.99
CA THR A 81 -11.88 5.92 -1.13
C THR A 81 -10.86 4.90 -0.63
N VAL A 82 -10.05 4.35 -1.54
CA VAL A 82 -9.01 3.38 -1.15
C VAL A 82 -7.96 4.05 -0.26
N ALA A 83 -7.66 5.32 -0.54
CA ALA A 83 -6.72 6.09 0.27
C ALA A 83 -7.24 6.27 1.69
N SER A 84 -8.56 6.36 1.82
CA SER A 84 -9.19 6.59 3.10
C SER A 84 -9.33 5.30 3.85
N LEU A 85 -9.51 4.22 3.09
CA LEU A 85 -9.43 2.89 3.64
C LEU A 85 -8.04 2.67 4.23
N LEU A 86 -7.03 3.13 3.50
CA LEU A 86 -5.64 3.04 3.94
C LEU A 86 -5.40 3.86 5.21
N LYS A 87 -5.75 5.14 5.16
CA LYS A 87 -5.48 6.03 6.28
C LYS A 87 -6.26 5.58 7.52
N GLN A 88 -7.44 5.02 7.31
CA GLN A 88 -8.22 4.50 8.42
C GLN A 88 -7.61 3.19 8.93
N TYR A 89 -7.36 2.27 8.01
CA TYR A 89 -6.66 1.03 8.32
C TYR A 89 -5.42 1.27 9.16
N LEU A 90 -4.68 2.32 8.85
CA LEU A 90 -3.48 2.64 9.59
C LEU A 90 -3.82 3.08 11.01
N ARG A 91 -4.91 3.84 11.14
CA ARG A 91 -5.36 4.29 12.46
C ARG A 91 -5.76 3.13 13.34
N ASP A 92 -6.52 2.18 12.78
CA ASP A 92 -6.93 0.98 13.51
C ASP A 92 -5.76 0.22 14.13
N LEU A 93 -4.57 0.43 13.61
CA LEU A 93 -3.40 -0.30 14.10
C LEU A 93 -2.93 0.29 15.43
N PRO A 94 -2.87 -0.54 16.48
CA PRO A 94 -2.54 -0.10 17.85
C PRO A 94 -1.12 0.43 17.98
N GLU A 95 -0.25 0.00 17.10
CA GLU A 95 1.13 0.45 17.11
C GLU A 95 1.37 1.48 16.00
N ASN A 96 1.82 2.66 16.39
CA ASN A 96 2.08 3.73 15.44
C ASN A 96 3.30 3.42 14.59
N LEU A 97 3.49 4.21 13.55
CA LEU A 97 4.63 4.05 12.67
C LEU A 97 5.89 4.50 13.39
N LEU A 98 5.80 5.66 14.01
CA LEU A 98 6.90 6.23 14.78
C LEU A 98 6.74 5.84 16.24
N THR A 99 5.77 4.96 16.50
CA THR A 99 5.44 4.50 17.85
C THR A 99 5.10 5.66 18.79
N LYS A 100 4.71 5.34 20.01
CA LYS A 100 4.53 6.36 21.05
C LYS A 100 5.90 6.93 21.42
N GLU A 101 6.88 6.05 21.34
CA GLU A 101 8.27 6.36 21.67
C GLU A 101 8.84 7.50 20.82
N LEU A 102 8.90 7.34 19.50
CA LEU A 102 9.60 8.31 18.66
C LEU A 102 8.68 9.48 18.26
N MET A 103 7.39 9.18 18.12
CA MET A 103 6.40 10.15 17.59
C MET A 103 6.53 11.58 18.14
N PRO A 104 6.43 11.79 19.47
CA PRO A 104 6.43 13.14 20.06
C PRO A 104 7.74 13.89 19.85
N ARG A 105 8.78 13.14 19.49
CA ARG A 105 10.10 13.72 19.34
C ARG A 105 10.28 14.27 17.93
N PHE A 106 9.36 13.91 17.05
CA PHE A 106 9.34 14.42 15.69
C PHE A 106 9.07 15.92 15.66
N GLU A 107 8.22 16.37 16.57
CA GLU A 107 7.95 17.80 16.72
C GLU A 107 9.22 18.54 17.14
N GLU A 108 10.02 17.89 17.97
CA GLU A 108 11.30 18.44 18.41
C GLU A 108 12.21 18.64 17.19
N ALA A 109 12.29 17.61 16.36
CA ALA A 109 13.04 17.66 15.12
C ALA A 109 12.40 18.61 14.12
N CYS A 110 11.12 18.88 14.30
CA CYS A 110 10.38 19.73 13.39
C CYS A 110 10.67 21.19 13.70
N GLY A 111 10.82 21.47 14.99
CA GLY A 111 11.15 22.82 15.44
C GLY A 111 12.64 23.07 15.45
N ARG A 112 13.38 22.31 14.67
CA ARG A 112 14.82 22.49 14.59
C ARG A 112 15.16 23.79 13.88
N THR A 113 16.21 24.43 14.37
CA THR A 113 16.66 25.71 13.85
C THR A 113 17.05 25.64 12.37
N THR A 114 17.35 24.44 11.90
CA THR A 114 17.75 24.26 10.51
C THR A 114 17.18 22.95 9.99
N GLU A 115 16.87 22.91 8.69
CA GLU A 115 16.37 21.70 8.06
C GLU A 115 17.36 20.56 8.20
N THR A 116 18.63 20.89 8.18
CA THR A 116 19.69 19.92 8.45
C THR A 116 19.48 19.28 9.83
N GLU A 117 19.26 20.11 10.84
CA GLU A 117 18.96 19.63 12.18
C GLU A 117 17.75 18.73 12.16
N LYS A 118 16.75 19.10 11.35
CA LYS A 118 15.51 18.35 11.29
C LYS A 118 15.77 16.96 10.71
N VAL A 119 16.25 16.94 9.47
CA VAL A 119 16.51 15.68 8.75
C VAL A 119 17.39 14.72 9.55
N GLN A 120 18.48 15.22 10.12
CA GLN A 120 19.39 14.38 10.92
C GLN A 120 18.67 13.78 12.12
N GLU A 121 17.86 14.58 12.80
CA GLU A 121 17.13 14.13 13.96
C GLU A 121 16.18 13.00 13.58
N PHE A 122 15.38 13.22 12.54
CA PHE A 122 14.44 12.20 12.05
C PHE A 122 15.16 10.89 11.77
N GLN A 123 16.35 10.99 11.21
CA GLN A 123 17.20 9.81 10.97
C GLN A 123 17.30 8.97 12.23
N ARG A 124 17.64 9.59 13.36
CA ARG A 124 17.82 8.85 14.61
C ARG A 124 16.50 8.19 15.04
N LEU A 125 15.39 8.90 14.85
CA LEU A 125 14.08 8.35 15.21
C LEU A 125 13.78 7.10 14.39
N LEU A 126 13.94 7.21 13.06
CA LEU A 126 13.70 6.09 12.14
C LEU A 126 14.58 4.87 12.46
N LYS A 127 15.74 5.09 13.06
CA LYS A 127 16.59 3.97 13.47
C LYS A 127 15.95 3.21 14.61
N GLU A 128 15.44 3.97 15.57
CA GLU A 128 14.85 3.44 16.79
C GLU A 128 13.54 2.65 16.55
N LEU A 129 13.02 2.64 15.33
CA LEU A 129 11.75 1.99 15.10
C LEU A 129 11.92 0.68 14.32
N PRO A 130 10.94 -0.24 14.43
CA PRO A 130 11.01 -1.58 13.82
C PRO A 130 11.16 -1.56 12.30
N GLU A 131 11.71 -2.65 11.77
CA GLU A 131 11.93 -2.83 10.33
C GLU A 131 10.68 -2.52 9.52
N CYS A 132 9.59 -3.20 9.86
CA CYS A 132 8.31 -3.03 9.18
C CYS A 132 7.92 -1.57 9.10
N ASN A 133 8.09 -0.86 10.21
CA ASN A 133 7.71 0.54 10.30
C ASN A 133 8.60 1.39 9.41
N TYR A 134 9.88 1.06 9.40
CA TYR A 134 10.86 1.82 8.61
C TYR A 134 10.53 1.75 7.12
N LEU A 135 10.17 0.59 6.63
CA LEU A 135 9.85 0.46 5.22
C LEU A 135 8.49 1.11 4.92
N LEU A 136 7.58 1.01 5.88
CA LEU A 136 6.26 1.61 5.74
C LEU A 136 6.40 3.14 5.67
N ILE A 137 7.13 3.71 6.62
CA ILE A 137 7.31 5.16 6.68
C ILE A 137 7.93 5.67 5.38
N SER A 138 8.89 4.92 4.86
CA SER A 138 9.49 5.24 3.57
C SER A 138 8.43 5.43 2.50
N TRP A 139 7.61 4.41 2.30
CA TRP A 139 6.69 4.38 1.16
C TRP A 139 5.54 5.35 1.33
N LEU A 140 4.98 5.39 2.53
CA LEU A 140 3.83 6.24 2.80
C LEU A 140 4.15 7.69 2.45
N ILE A 141 5.32 8.14 2.87
CA ILE A 141 5.68 9.53 2.70
C ILE A 141 6.21 9.78 1.28
N VAL A 142 7.00 8.84 0.75
CA VAL A 142 7.55 8.98 -0.59
C VAL A 142 6.46 8.86 -1.66
N HIS A 143 5.49 7.99 -1.45
CA HIS A 143 4.37 7.88 -2.38
C HIS A 143 3.53 9.13 -2.32
N MET A 144 3.41 9.69 -1.12
CA MET A 144 2.65 10.90 -0.94
C MET A 144 3.39 12.08 -1.59
N ASP A 145 4.70 11.94 -1.74
CA ASP A 145 5.53 12.94 -2.42
C ASP A 145 5.15 13.02 -3.89
N HIS A 146 5.00 11.85 -4.50
CA HIS A 146 4.55 11.77 -5.89
C HIS A 146 3.16 12.38 -6.01
N VAL A 147 2.39 12.27 -4.93
CA VAL A 147 1.08 12.90 -4.86
C VAL A 147 1.22 14.43 -4.82
N ILE A 148 2.34 14.93 -4.32
CA ILE A 148 2.58 16.37 -4.29
C ILE A 148 2.80 16.92 -5.70
N ALA A 149 3.41 16.11 -6.55
CA ALA A 149 3.45 16.46 -7.97
C ALA A 149 2.03 16.46 -8.53
N LYS A 150 1.25 15.53 -8.03
CA LYS A 150 -0.14 15.40 -8.43
C LYS A 150 -0.94 16.60 -7.94
N GLU A 151 -0.71 17.02 -6.70
CA GLU A 151 -1.39 18.20 -6.14
C GLU A 151 -1.09 19.42 -6.97
N LEU A 152 0.07 19.44 -7.62
CA LEU A 152 0.45 20.57 -8.44
C LEU A 152 -0.48 20.64 -9.64
N GLU A 153 -0.90 19.49 -10.15
CA GLU A 153 -1.86 19.48 -11.26
C GLU A 153 -3.33 19.34 -10.78
N THR A 154 -3.56 18.58 -9.71
CA THR A 154 -4.91 18.46 -9.11
C THR A 154 -5.27 19.65 -8.25
N LYS A 155 -4.44 20.68 -8.34
CA LYS A 155 -4.69 21.97 -7.69
C LYS A 155 -4.88 21.81 -6.18
N MET A 156 -3.89 21.20 -5.54
CA MET A 156 -3.88 21.00 -4.10
C MET A 156 -2.53 21.42 -3.54
N ASN A 157 -2.36 21.35 -2.23
CA ASN A 157 -1.09 21.75 -1.63
C ASN A 157 -0.77 20.88 -0.42
N ILE A 158 0.51 20.79 -0.11
CA ILE A 158 1.00 20.03 1.03
C ILE A 158 0.24 20.37 2.31
N GLN A 159 -0.22 21.61 2.41
CA GLN A 159 -0.99 22.05 3.56
C GLN A 159 -2.21 21.14 3.74
N ASN A 160 -2.90 20.87 2.63
CA ASN A 160 -4.07 19.99 2.66
C ASN A 160 -3.65 18.58 3.05
N ILE A 161 -2.57 18.12 2.42
CA ILE A 161 -2.04 16.79 2.64
C ILE A 161 -1.65 16.60 4.11
N SER A 162 -1.07 17.65 4.70
CA SER A 162 -0.65 17.62 6.09
C SER A 162 -1.85 17.63 7.04
N ILE A 163 -2.95 18.25 6.61
CA ILE A 163 -4.15 18.35 7.44
C ILE A 163 -4.79 16.99 7.61
N VAL A 164 -4.75 16.20 6.55
CA VAL A 164 -5.40 14.90 6.55
C VAL A 164 -4.49 13.80 7.11
N LEU A 165 -3.19 13.92 6.87
CA LEU A 165 -2.23 12.95 7.41
C LEU A 165 -2.04 13.13 8.91
N SER A 166 -2.26 14.35 9.40
CA SER A 166 -2.10 14.65 10.82
C SER A 166 -2.92 13.70 11.70
N PRO A 167 -4.26 13.67 11.57
CA PRO A 167 -5.11 12.77 12.36
C PRO A 167 -4.88 11.31 11.99
N THR A 168 -4.25 11.07 10.85
CA THR A 168 -4.04 9.72 10.37
C THR A 168 -3.09 8.93 11.27
N VAL A 169 -1.88 9.43 11.48
CA VAL A 169 -0.94 8.74 12.33
C VAL A 169 -0.82 9.43 13.69
N GLN A 170 -1.59 10.52 13.85
CA GLN A 170 -1.73 11.22 15.13
C GLN A 170 -0.53 12.13 15.41
N ILE A 171 -0.02 12.78 14.38
CA ILE A 171 1.12 13.67 14.51
C ILE A 171 0.76 15.09 14.09
N SER A 172 1.33 16.06 14.78
CA SER A 172 1.18 17.48 14.48
C SER A 172 1.32 17.78 12.97
N ASN A 173 0.43 18.65 12.48
CA ASN A 173 0.34 19.04 11.07
C ASN A 173 1.68 19.44 10.48
N ARG A 174 2.40 20.27 11.23
CA ARG A 174 3.66 20.83 10.76
C ARG A 174 4.66 19.74 10.35
N VAL A 175 4.59 18.61 11.05
CA VAL A 175 5.52 17.52 10.83
C VAL A 175 5.33 16.83 9.49
N LEU A 176 4.12 16.83 8.95
CA LEU A 176 3.85 16.14 7.68
C LEU A 176 4.49 16.88 6.51
N TYR A 177 4.24 18.18 6.41
CA TYR A 177 4.96 19.03 5.47
C TYR A 177 6.48 18.73 5.49
N VAL A 178 7.10 18.80 6.65
CA VAL A 178 8.53 18.51 6.75
C VAL A 178 8.80 17.03 6.49
N PHE A 179 7.81 16.17 6.76
CA PHE A 179 7.95 14.75 6.50
C PHE A 179 8.41 14.49 5.08
N PHE A 180 7.77 15.14 4.11
CA PHE A 180 8.12 14.95 2.70
C PHE A 180 9.45 15.62 2.39
N THR A 181 9.50 16.91 2.64
CA THR A 181 10.75 17.66 2.48
C THR A 181 11.95 16.82 2.97
N HIS A 182 11.86 16.30 4.19
CA HIS A 182 12.97 15.54 4.76
C HIS A 182 12.98 14.10 4.23
N VAL A 183 11.84 13.62 3.75
CA VAL A 183 11.74 12.22 3.33
C VAL A 183 12.69 11.93 2.18
N GLN A 184 12.72 12.77 1.15
CA GLN A 184 13.68 12.57 0.08
C GLN A 184 15.04 13.10 0.46
N GLU A 185 15.09 14.08 1.37
CA GLU A 185 16.37 14.48 1.92
C GLU A 185 17.05 13.28 2.59
N LEU A 186 16.25 12.35 3.09
CA LEU A 186 16.78 11.14 3.71
C LEU A 186 16.84 9.98 2.73
N PHE A 187 15.74 9.72 2.02
CA PHE A 187 15.68 8.62 1.10
C PHE A 187 15.77 9.10 -0.34
N GLY A 188 15.27 8.27 -1.23
CA GLY A 188 15.26 8.56 -2.65
C GLY A 188 15.46 7.28 -3.42
N ASN A 189 16.10 6.35 -2.73
CA ASN A 189 16.20 4.97 -3.16
C ASN A 189 14.88 4.25 -2.86
N VAL A 190 13.87 5.05 -2.59
CA VAL A 190 12.55 4.53 -2.27
C VAL A 190 11.70 4.47 -3.52
N VAL A 191 11.41 3.25 -3.90
CA VAL A 191 10.69 2.98 -5.14
C VAL A 191 9.34 2.32 -4.87
N LEU A 192 8.31 2.79 -5.54
CA LEU A 192 6.99 2.23 -5.39
C LEU A 192 6.84 0.97 -6.24
N LYS A 193 7.06 -0.18 -5.63
CA LYS A 193 6.90 -1.47 -6.31
C LYS A 193 5.42 -1.83 -6.42
N GLN A 194 4.91 -1.80 -7.65
CA GLN A 194 3.50 -2.03 -7.90
C GLN A 194 3.12 -3.50 -7.79
N VAL A 195 1.82 -3.76 -7.67
CA VAL A 195 1.30 -5.13 -7.54
C VAL A 195 0.41 -5.49 -8.74
N MET A 196 0.26 -6.79 -8.99
CA MET A 196 -0.63 -7.29 -10.02
C MET A 196 -2.07 -6.90 -9.72
N LYS A 197 -2.79 -6.45 -10.74
CA LYS A 197 -4.16 -5.97 -10.57
C LYS A 197 -5.17 -7.08 -10.85
N PRO A 198 -6.27 -7.15 -10.07
CA PRO A 198 -7.37 -8.07 -10.33
C PRO A 198 -8.10 -7.72 -11.63
N LEU A 199 -8.23 -8.69 -12.52
CA LEU A 199 -8.85 -8.46 -13.84
C LEU A 199 -10.38 -8.45 -13.73
N ARG A 200 -10.90 -8.26 -12.52
CA ARG A 200 -12.34 -8.24 -12.27
C ARG A 200 -12.98 -9.56 -12.68
N TRP A 201 -12.21 -10.63 -12.54
CA TRP A 201 -12.65 -11.96 -12.93
C TRP A 201 -12.57 -12.91 -11.73
N SER A 202 -13.61 -13.71 -11.57
CA SER A 202 -13.68 -14.68 -10.47
C SER A 202 -12.87 -15.95 -10.80
N ASN A 203 -12.11 -15.88 -11.89
CA ASN A 203 -11.08 -16.88 -12.22
C ASN A 203 -11.63 -18.13 -12.92
N MET A 204 -12.92 -18.16 -13.22
CA MET A 204 -13.49 -19.27 -14.00
C MET A 204 -14.77 -18.82 -14.70
N ALA A 205 -15.42 -19.76 -15.38
CA ALA A 205 -16.68 -19.52 -16.10
C ALA A 205 -16.49 -18.68 -17.35
N THR A 206 -16.18 -17.41 -17.16
CA THR A 206 -15.96 -16.49 -18.27
C THR A 206 -14.53 -16.62 -18.80
N MET A 207 -14.13 -15.68 -19.66
CA MET A 207 -12.83 -15.76 -20.34
C MET A 207 -12.41 -14.39 -20.91
N PRO A 208 -13.27 -13.74 -21.75
CA PRO A 208 -12.92 -12.45 -22.39
C PRO A 208 -12.97 -11.27 -21.41
N THR A 209 -12.04 -11.27 -20.47
CA THR A 209 -11.90 -10.17 -19.53
C THR A 209 -10.45 -9.66 -19.54
N LEU A 210 -9.62 -10.33 -20.34
CA LEU A 210 -8.21 -10.00 -20.42
C LEU A 210 -7.95 -9.03 -21.57
N PRO A 211 -6.94 -8.15 -21.45
CA PRO A 211 -6.55 -7.21 -22.51
C PRO A 211 -6.02 -7.92 -23.75
N GLU A 212 -6.00 -7.21 -24.87
CA GLU A 212 -5.55 -7.78 -26.14
C GLU A 212 -4.34 -7.02 -26.69
N THR A 213 -3.73 -6.20 -25.84
CA THR A 213 -2.61 -5.37 -26.26
C THR A 213 -1.27 -6.05 -25.90
N GLN A 214 -0.31 -5.94 -26.81
CA GLN A 214 1.00 -6.56 -26.65
C GLN A 214 1.74 -6.02 -25.43
N ALA A 215 1.79 -4.69 -25.31
CA ALA A 215 2.51 -4.05 -24.22
C ALA A 215 1.87 -4.37 -22.88
N GLY A 216 0.54 -4.26 -22.84
CA GLY A 216 -0.20 -4.50 -21.62
C GLY A 216 0.04 -5.89 -21.05
N ILE A 217 -0.06 -6.90 -21.92
CA ILE A 217 0.10 -8.29 -21.48
C ILE A 217 1.56 -8.60 -21.17
N LYS A 218 2.47 -7.98 -21.91
CA LYS A 218 3.90 -8.22 -21.72
C LYS A 218 4.33 -7.86 -20.29
N GLU A 219 4.04 -6.64 -19.87
CA GLU A 219 4.41 -6.18 -18.53
C GLU A 219 3.57 -6.88 -17.46
N GLU A 220 2.31 -7.17 -17.78
CA GLU A 220 1.43 -7.89 -16.88
C GLU A 220 2.07 -9.21 -16.50
N ILE A 221 2.40 -10.01 -17.51
CA ILE A 221 3.02 -11.30 -17.31
C ILE A 221 4.32 -11.19 -16.54
N ARG A 222 5.14 -10.21 -16.88
CA ARG A 222 6.42 -10.00 -16.22
C ARG A 222 6.24 -9.92 -14.69
N ARG A 223 5.33 -9.05 -14.27
CA ARG A 223 5.05 -8.88 -12.85
C ARG A 223 4.41 -10.14 -12.26
N GLN A 224 3.60 -10.81 -13.06
CA GLN A 224 2.89 -12.01 -12.61
C GLN A 224 3.86 -13.17 -12.41
N GLU A 225 4.91 -13.24 -13.23
CA GLU A 225 5.87 -14.33 -13.12
C GLU A 225 6.73 -14.16 -11.87
N PHE A 226 6.94 -12.92 -11.43
CA PHE A 226 7.61 -12.68 -10.16
C PHE A 226 6.73 -13.13 -9.00
N LEU A 227 5.43 -12.91 -9.12
CA LEU A 227 4.48 -13.42 -8.15
C LEU A 227 4.48 -14.95 -8.23
N LEU A 228 4.66 -15.45 -9.44
CA LEU A 228 4.56 -16.88 -9.70
C LEU A 228 5.69 -17.64 -9.04
N ASN A 229 6.92 -17.25 -9.35
CA ASN A 229 8.10 -17.97 -8.87
C ASN A 229 8.23 -17.89 -7.35
N CYS A 230 7.86 -16.75 -6.76
CA CYS A 230 8.04 -16.59 -5.33
C CYS A 230 7.01 -17.40 -4.55
N LEU A 231 5.77 -17.42 -5.03
CA LEU A 231 4.74 -18.19 -4.35
C LEU A 231 5.05 -19.67 -4.47
N HIS A 232 5.52 -20.09 -5.65
CA HIS A 232 5.99 -21.46 -5.84
C HIS A 232 7.11 -21.78 -4.85
N ARG A 233 7.92 -20.78 -4.55
CA ARG A 233 9.02 -20.94 -3.61
C ARG A 233 8.50 -21.11 -2.18
N ASP A 234 7.48 -20.35 -1.81
CA ASP A 234 6.91 -20.37 -0.44
C ASP A 234 6.58 -21.79 0.03
N LEU A 235 6.13 -22.62 -0.92
CA LEU A 235 5.78 -24.02 -0.63
C LEU A 235 6.96 -24.79 -0.01
N GLN A 236 8.18 -24.30 -0.22
CA GLN A 236 9.39 -25.00 0.23
C GLN A 236 9.51 -25.07 1.76
N GLY A 237 8.74 -24.25 2.47
CA GLY A 237 8.83 -24.22 3.91
C GLY A 237 8.03 -25.33 4.58
N GLY A 238 7.74 -26.38 3.81
CA GLY A 238 6.92 -27.46 4.32
C GLY A 238 5.46 -27.04 4.37
N ILE A 239 5.16 -25.93 3.73
CA ILE A 239 3.83 -25.37 3.76
C ILE A 239 2.93 -26.04 2.75
N LYS A 240 2.11 -26.96 3.22
CA LYS A 240 1.12 -27.58 2.37
C LYS A 240 -0.27 -27.21 2.86
N ASP A 241 -0.78 -26.10 2.38
CA ASP A 241 -2.08 -25.62 2.79
C ASP A 241 -2.92 -25.26 1.57
N LEU A 242 -4.21 -25.49 1.66
CA LEU A 242 -5.13 -25.30 0.55
C LEU A 242 -5.16 -23.86 0.08
N SER A 243 -4.99 -22.94 1.01
CA SER A 243 -5.09 -21.53 0.69
C SER A 243 -3.98 -21.13 -0.28
N LYS A 244 -2.76 -21.52 0.06
CA LYS A 244 -1.58 -21.23 -0.76
C LYS A 244 -1.64 -22.00 -2.07
N GLU A 245 -1.94 -23.29 -1.99
CA GLU A 245 -1.88 -24.15 -3.16
C GLU A 245 -2.98 -23.82 -4.17
N GLU A 246 -4.24 -23.84 -3.75
CA GLU A 246 -5.34 -23.45 -4.65
C GLU A 246 -5.07 -22.10 -5.32
N ARG A 247 -4.51 -21.15 -4.55
CA ARG A 247 -4.22 -19.82 -5.10
C ARG A 247 -3.04 -19.89 -6.08
N LEU A 248 -2.18 -20.89 -5.87
CA LEU A 248 -1.01 -21.08 -6.71
C LEU A 248 -1.43 -21.49 -8.13
N TRP A 249 -2.21 -22.58 -8.25
CA TRP A 249 -2.68 -23.06 -9.55
C TRP A 249 -3.55 -22.00 -10.19
N GLU A 250 -4.16 -21.19 -9.34
CA GLU A 250 -5.01 -20.10 -9.78
C GLU A 250 -4.20 -19.12 -10.61
N VAL A 251 -3.05 -18.69 -10.09
CA VAL A 251 -2.16 -17.81 -10.83
C VAL A 251 -1.64 -18.49 -12.10
N GLN A 252 -1.23 -19.76 -11.97
CA GLN A 252 -0.75 -20.54 -13.11
C GLN A 252 -1.77 -20.56 -14.26
N ARG A 253 -3.04 -20.74 -13.93
CA ARG A 253 -4.10 -20.76 -14.93
C ARG A 253 -4.28 -19.40 -15.60
N ILE A 254 -4.09 -18.35 -14.81
CA ILE A 254 -4.28 -16.98 -15.31
C ILE A 254 -3.12 -16.61 -16.21
N LEU A 255 -1.92 -16.92 -15.75
CA LEU A 255 -0.70 -16.66 -16.52
C LEU A 255 -0.73 -17.43 -17.84
N THR A 256 -1.27 -18.63 -17.82
CA THR A 256 -1.36 -19.46 -19.02
C THR A 256 -2.21 -18.74 -20.09
N ALA A 257 -3.38 -18.28 -19.69
CA ALA A 257 -4.25 -17.50 -20.58
C ALA A 257 -3.50 -16.33 -21.18
N LEU A 258 -2.79 -15.57 -20.35
CA LEU A 258 -2.05 -14.41 -20.81
C LEU A 258 -0.89 -14.82 -21.71
N LYS A 259 -0.28 -15.97 -21.45
CA LYS A 259 0.79 -16.47 -22.31
C LYS A 259 0.28 -16.74 -23.71
N ARG A 260 -0.93 -17.28 -23.80
CA ARG A 260 -1.56 -17.51 -25.09
C ARG A 260 -1.87 -16.19 -25.77
N LYS A 261 -2.40 -15.24 -25.01
CA LYS A 261 -2.78 -13.94 -25.54
C LYS A 261 -1.56 -13.07 -25.87
N LEU A 262 -0.43 -13.38 -25.27
CA LEU A 262 0.79 -12.62 -25.52
C LEU A 262 1.19 -12.75 -26.98
N ARG A 263 0.98 -13.94 -27.55
CA ARG A 263 1.20 -14.15 -28.98
C ARG A 263 -0.11 -14.17 -29.75
N GLU A 264 -1.17 -13.72 -29.10
CA GLU A 264 -2.47 -13.60 -29.72
C GLU A 264 -2.61 -12.23 -30.36
N ALA A 265 -2.04 -11.24 -29.67
CA ALA A 265 -2.05 -9.87 -30.14
C ALA A 265 -1.24 -9.70 -31.41
N HIS A 1 -14.23 -13.69 23.75
CA HIS A 1 -14.79 -12.33 23.91
C HIS A 1 -14.82 -11.59 22.59
N MET A 2 -13.65 -11.39 22.00
CA MET A 2 -13.53 -10.66 20.75
C MET A 2 -14.04 -11.52 19.59
N PRO A 3 -14.91 -10.93 18.74
CA PRO A 3 -15.49 -11.60 17.57
C PRO A 3 -14.45 -12.36 16.73
N ASN A 4 -13.34 -11.69 16.42
CA ASN A 4 -12.28 -12.33 15.64
C ASN A 4 -10.94 -12.19 16.36
N LEU A 5 -10.14 -13.23 16.31
CA LEU A 5 -8.83 -13.21 16.92
C LEU A 5 -7.79 -12.66 15.96
N LYS A 6 -7.11 -11.60 16.39
CA LYS A 6 -6.14 -10.89 15.55
C LYS A 6 -6.75 -10.41 14.24
N PRO A 7 -7.71 -9.47 14.30
CA PRO A 7 -8.31 -8.90 13.10
C PRO A 7 -7.51 -7.71 12.58
N ILE A 8 -7.23 -7.71 11.27
CA ILE A 8 -6.58 -6.59 10.55
C ILE A 8 -6.71 -5.24 11.25
N PHE A 9 -7.91 -4.81 11.55
CA PHE A 9 -8.11 -3.50 12.15
C PHE A 9 -7.98 -3.55 13.66
N GLY A 10 -6.74 -3.50 14.12
CA GLY A 10 -6.46 -3.48 15.54
C GLY A 10 -5.31 -4.39 15.91
N ILE A 11 -4.25 -4.38 15.11
CA ILE A 11 -3.10 -5.26 15.32
C ILE A 11 -1.81 -4.56 14.92
N PRO A 12 -0.66 -5.02 15.43
CA PRO A 12 0.66 -4.50 15.05
C PRO A 12 0.97 -4.77 13.58
N LEU A 13 1.92 -4.00 13.04
CA LEU A 13 2.28 -4.12 11.64
C LEU A 13 2.74 -5.53 11.27
N ALA A 14 3.74 -6.05 11.98
CA ALA A 14 4.26 -7.39 11.72
C ALA A 14 3.13 -8.44 11.62
N ASP A 15 2.29 -8.47 12.65
CA ASP A 15 1.13 -9.38 12.68
C ASP A 15 0.27 -9.21 11.43
N ALA A 16 -0.02 -7.96 11.08
CA ALA A 16 -0.82 -7.68 9.89
C ALA A 16 -0.08 -8.12 8.63
N VAL A 17 1.22 -7.88 8.62
CA VAL A 17 2.06 -8.25 7.48
C VAL A 17 2.03 -9.74 7.21
N GLU A 18 2.30 -10.52 8.25
CA GLU A 18 2.42 -11.97 8.10
C GLU A 18 1.08 -12.60 7.76
N ARG A 19 -0.01 -11.90 8.02
CA ARG A 19 -1.32 -12.36 7.58
C ARG A 19 -1.58 -11.94 6.12
N THR A 20 -1.24 -10.70 5.79
CA THR A 20 -1.53 -10.15 4.46
C THR A 20 -0.32 -10.18 3.53
N MET A 21 0.48 -11.23 3.64
CA MET A 21 1.63 -11.38 2.75
C MET A 21 1.19 -11.94 1.39
N MET A 22 1.55 -11.23 0.32
CA MET A 22 1.24 -11.71 -1.02
C MET A 22 2.47 -11.75 -1.92
N TYR A 23 2.87 -10.60 -2.46
CA TYR A 23 3.96 -10.51 -3.44
C TYR A 23 5.26 -11.20 -2.95
N ASP A 24 6.13 -10.47 -2.28
CA ASP A 24 7.43 -11.02 -1.87
C ASP A 24 7.52 -11.15 -0.35
N GLY A 25 6.70 -10.38 0.35
CA GLY A 25 6.72 -10.40 1.79
C GLY A 25 7.83 -9.51 2.34
N ILE A 26 7.95 -8.32 1.76
CA ILE A 26 8.97 -7.33 2.15
C ILE A 26 8.68 -6.67 3.49
N ARG A 27 8.03 -7.41 4.38
CA ARG A 27 7.60 -6.89 5.68
C ARG A 27 6.80 -5.61 5.55
N LEU A 28 5.62 -5.74 4.95
CA LEU A 28 4.74 -4.61 4.69
C LEU A 28 3.34 -5.16 4.38
N PRO A 29 2.29 -4.64 5.01
CA PRO A 29 0.92 -5.15 4.81
C PRO A 29 0.50 -5.05 3.34
N ALA A 30 -0.37 -5.94 2.88
CA ALA A 30 -0.81 -5.90 1.49
C ALA A 30 -1.67 -4.67 1.24
N VAL A 31 -2.67 -4.51 2.09
CA VAL A 31 -3.63 -3.41 1.99
C VAL A 31 -2.95 -2.05 1.72
N PHE A 32 -1.82 -1.80 2.36
CA PHE A 32 -1.08 -0.55 2.14
C PHE A 32 -0.70 -0.43 0.66
N ARG A 33 -0.26 -1.51 0.09
CA ARG A 33 0.20 -1.52 -1.28
C ARG A 33 -0.97 -1.55 -2.25
N GLU A 34 -2.01 -2.30 -1.90
CA GLU A 34 -3.26 -2.33 -2.70
C GLU A 34 -3.77 -0.92 -2.98
N CYS A 35 -3.75 -0.06 -1.95
CA CYS A 35 -4.27 1.28 -2.11
C CYS A 35 -3.24 2.18 -2.78
N ILE A 36 -1.95 1.91 -2.51
CA ILE A 36 -0.86 2.65 -3.12
C ILE A 36 -0.76 2.34 -4.61
N ASP A 37 -1.01 1.08 -4.98
CA ASP A 37 -0.92 0.64 -6.37
C ASP A 37 -2.02 1.31 -7.21
N TYR A 38 -3.24 1.27 -6.68
CA TYR A 38 -4.40 1.86 -7.35
C TYR A 38 -4.17 3.34 -7.67
N VAL A 39 -3.86 4.15 -6.65
CA VAL A 39 -3.75 5.58 -6.83
C VAL A 39 -2.57 5.94 -7.75
N GLU A 40 -1.47 5.21 -7.59
CA GLU A 40 -0.24 5.50 -8.32
C GLU A 40 -0.41 5.26 -9.83
N LYS A 41 -1.13 4.20 -10.17
CA LYS A 41 -1.24 3.77 -11.56
C LYS A 41 -2.48 4.34 -12.25
N TYR A 42 -3.59 4.39 -11.54
CA TYR A 42 -4.86 4.76 -12.15
C TYR A 42 -5.00 6.27 -12.34
N GLY A 43 -4.47 7.04 -11.41
CA GLY A 43 -4.49 8.48 -11.58
C GLY A 43 -4.56 9.22 -10.26
N MET A 44 -3.41 9.67 -9.81
CA MET A 44 -3.31 10.46 -8.59
C MET A 44 -3.35 11.94 -8.95
N LYS A 45 -3.76 12.21 -10.18
CA LYS A 45 -3.79 13.57 -10.71
C LYS A 45 -5.24 14.05 -10.74
N CYS A 46 -6.04 13.53 -9.83
CA CYS A 46 -7.43 13.93 -9.71
C CYS A 46 -7.49 15.23 -8.89
N GLU A 47 -8.21 16.23 -9.38
CA GLU A 47 -8.17 17.54 -8.73
C GLU A 47 -8.81 17.47 -7.34
N GLY A 48 -7.94 17.47 -6.34
CA GLY A 48 -8.41 17.49 -4.96
C GLY A 48 -8.17 16.14 -4.31
N ILE A 49 -7.30 15.36 -4.93
CA ILE A 49 -6.98 14.00 -4.51
C ILE A 49 -6.53 13.97 -3.04
N TYR A 50 -7.08 12.99 -2.30
CA TYR A 50 -6.78 12.80 -0.88
C TYR A 50 -7.47 13.84 0.00
N ARG A 51 -7.51 15.08 -0.47
CA ARG A 51 -8.27 16.13 0.21
C ARG A 51 -9.75 15.74 0.26
N VAL A 52 -10.20 15.04 -0.76
CA VAL A 52 -11.56 14.50 -0.78
C VAL A 52 -11.62 13.24 0.08
N SER A 53 -12.69 13.11 0.85
CA SER A 53 -12.86 11.97 1.73
C SER A 53 -13.64 10.88 1.02
N GLY A 54 -13.38 9.63 1.37
CA GLY A 54 -14.00 8.51 0.70
C GLY A 54 -15.39 8.21 1.24
N ILE A 55 -16.16 7.49 0.43
CA ILE A 55 -17.50 7.07 0.80
C ILE A 55 -17.43 6.09 1.97
N LYS A 56 -17.86 6.55 3.14
CA LYS A 56 -17.75 5.77 4.38
C LYS A 56 -18.43 4.42 4.25
N SER A 57 -19.54 4.39 3.52
CA SER A 57 -20.29 3.16 3.30
C SER A 57 -19.42 2.10 2.63
N LYS A 58 -18.59 2.52 1.68
CA LYS A 58 -17.74 1.59 0.96
C LYS A 58 -16.49 1.25 1.76
N VAL A 59 -16.02 2.22 2.52
CA VAL A 59 -14.83 2.04 3.33
C VAL A 59 -15.06 0.93 4.34
N ASP A 60 -16.26 0.89 4.90
CA ASP A 60 -16.64 -0.15 5.86
C ASP A 60 -16.75 -1.49 5.14
N GLU A 61 -17.11 -1.45 3.87
CA GLU A 61 -17.21 -2.65 3.04
C GLU A 61 -15.83 -3.25 2.81
N LEU A 62 -14.87 -2.37 2.54
CA LEU A 62 -13.49 -2.77 2.31
C LEU A 62 -12.90 -3.41 3.55
N LYS A 63 -13.05 -2.73 4.69
CA LYS A 63 -12.56 -3.25 5.97
C LYS A 63 -13.03 -4.68 6.18
N ALA A 64 -14.29 -4.91 5.86
CA ALA A 64 -14.91 -6.21 6.05
C ALA A 64 -14.27 -7.26 5.15
N ALA A 65 -14.07 -6.90 3.89
CA ALA A 65 -13.51 -7.81 2.90
C ALA A 65 -12.07 -8.21 3.24
N TYR A 66 -11.29 -7.25 3.71
CA TYR A 66 -9.89 -7.53 4.02
C TYR A 66 -9.75 -8.50 5.19
N ASP A 67 -10.61 -8.35 6.20
CA ASP A 67 -10.58 -9.24 7.38
C ASP A 67 -11.22 -10.60 7.07
N ARG A 68 -11.97 -10.67 5.98
CA ARG A 68 -12.55 -11.93 5.55
C ARG A 68 -11.64 -12.64 4.53
N GLU A 69 -10.48 -12.03 4.25
CA GLU A 69 -9.59 -12.48 3.19
C GLU A 69 -10.34 -12.60 1.87
N GLU A 70 -10.80 -11.47 1.35
CA GLU A 70 -11.54 -11.45 0.11
C GLU A 70 -10.94 -10.44 -0.85
N SER A 71 -10.80 -10.86 -2.10
CA SER A 71 -10.23 -10.02 -3.14
C SER A 71 -11.10 -8.78 -3.37
N THR A 72 -10.45 -7.64 -3.50
CA THR A 72 -11.14 -6.38 -3.62
C THR A 72 -10.86 -5.73 -4.97
N ASN A 73 -11.87 -5.68 -5.81
CA ASN A 73 -11.75 -5.03 -7.09
C ASN A 73 -11.86 -3.53 -6.92
N LEU A 74 -10.72 -2.87 -6.95
CA LEU A 74 -10.64 -1.45 -6.69
C LEU A 74 -11.15 -0.64 -7.87
N GLU A 75 -11.37 -1.29 -8.99
CA GLU A 75 -11.77 -0.61 -10.22
C GLU A 75 -13.20 -0.09 -10.10
N ASP A 76 -13.92 -0.58 -9.10
CA ASP A 76 -15.30 -0.15 -8.87
C ASP A 76 -15.33 0.86 -7.73
N TYR A 77 -14.16 1.13 -7.17
CA TYR A 77 -14.04 2.04 -6.04
C TYR A 77 -13.30 3.31 -6.46
N GLU A 78 -13.22 4.26 -5.54
CA GLU A 78 -12.66 5.57 -5.82
C GLU A 78 -11.34 5.77 -5.08
N PRO A 79 -10.45 6.63 -5.61
CA PRO A 79 -9.16 6.92 -4.97
C PRO A 79 -9.34 7.47 -3.56
N ASN A 80 -10.26 8.39 -3.39
CA ASN A 80 -10.60 8.92 -2.07
C ASN A 80 -11.03 7.81 -1.12
N THR A 81 -11.73 6.81 -1.64
CA THR A 81 -12.24 5.73 -0.82
C THR A 81 -11.09 4.86 -0.30
N VAL A 82 -10.20 4.44 -1.18
CA VAL A 82 -9.05 3.62 -0.78
C VAL A 82 -8.12 4.41 0.14
N ALA A 83 -7.98 5.71 -0.12
CA ALA A 83 -7.16 6.59 0.71
C ALA A 83 -7.70 6.67 2.14
N SER A 84 -9.01 6.56 2.27
CA SER A 84 -9.67 6.69 3.56
C SER A 84 -9.60 5.36 4.28
N LEU A 85 -9.68 4.29 3.49
CA LEU A 85 -9.48 2.96 4.00
C LEU A 85 -8.07 2.82 4.55
N LEU A 86 -7.09 3.38 3.83
CA LEU A 86 -5.70 3.33 4.24
C LEU A 86 -5.48 4.03 5.58
N LYS A 87 -5.91 5.29 5.65
CA LYS A 87 -5.72 6.10 6.84
C LYS A 87 -6.47 5.51 8.03
N GLN A 88 -7.61 4.91 7.75
CA GLN A 88 -8.43 4.30 8.79
C GLN A 88 -7.73 3.04 9.32
N TYR A 89 -7.40 2.14 8.39
CA TYR A 89 -6.62 0.94 8.70
C TYR A 89 -5.40 1.26 9.55
N LEU A 90 -4.68 2.31 9.20
CA LEU A 90 -3.48 2.65 9.93
C LEU A 90 -3.81 3.14 11.34
N ARG A 91 -4.87 3.93 11.46
CA ARG A 91 -5.27 4.50 12.75
C ARG A 91 -5.47 3.44 13.83
N ASP A 92 -6.33 2.45 13.56
CA ASP A 92 -6.65 1.43 14.56
C ASP A 92 -5.52 0.47 14.85
N LEU A 93 -4.35 0.71 14.29
CA LEU A 93 -3.19 -0.11 14.61
C LEU A 93 -2.53 0.42 15.88
N PRO A 94 -2.46 -0.42 16.93
CA PRO A 94 -2.02 -0.01 18.27
C PRO A 94 -0.60 0.53 18.32
N GLU A 95 0.17 0.31 17.27
CA GLU A 95 1.52 0.82 17.22
C GLU A 95 1.69 1.78 16.05
N ASN A 96 2.10 3.00 16.38
CA ASN A 96 2.35 4.02 15.37
C ASN A 96 3.57 3.67 14.56
N LEU A 97 3.79 4.41 13.49
CA LEU A 97 4.95 4.20 12.65
C LEU A 97 6.18 4.73 13.37
N LEU A 98 6.02 5.88 13.99
CA LEU A 98 7.10 6.51 14.76
C LEU A 98 6.98 6.08 16.21
N THR A 99 5.95 5.27 16.47
CA THR A 99 5.55 4.87 17.82
C THR A 99 5.40 6.07 18.76
N LYS A 100 5.09 5.78 20.02
CA LYS A 100 4.96 6.83 21.04
C LYS A 100 6.32 7.46 21.31
N GLU A 101 7.34 6.64 21.13
CA GLU A 101 8.71 7.03 21.43
C GLU A 101 9.22 8.19 20.57
N LEU A 102 9.28 8.00 19.25
CA LEU A 102 9.88 8.99 18.37
C LEU A 102 8.90 10.11 18.02
N MET A 103 7.61 9.81 18.12
CA MET A 103 6.54 10.75 17.72
C MET A 103 6.73 12.18 18.28
N PRO A 104 6.83 12.36 19.63
CA PRO A 104 6.94 13.69 20.23
C PRO A 104 8.28 14.36 19.92
N ARG A 105 9.19 13.60 19.32
CA ARG A 105 10.48 14.15 18.93
C ARG A 105 10.35 14.90 17.62
N PHE A 106 9.33 14.52 16.84
CA PHE A 106 9.11 15.14 15.54
C PHE A 106 8.61 16.57 15.68
N GLU A 107 7.77 16.83 16.68
CA GLU A 107 7.28 18.18 16.90
C GLU A 107 8.41 19.08 17.40
N GLU A 108 9.29 18.51 18.24
CA GLU A 108 10.54 19.19 18.62
C GLU A 108 11.37 19.45 17.38
N ALA A 109 11.56 18.40 16.58
CA ALA A 109 12.35 18.47 15.37
C ALA A 109 11.75 19.43 14.35
N CYS A 110 10.46 19.74 14.50
CA CYS A 110 9.81 20.64 13.57
C CYS A 110 10.11 22.08 13.97
N GLY A 111 10.31 22.28 15.27
CA GLY A 111 10.62 23.61 15.77
C GLY A 111 12.10 23.80 16.03
N ARG A 112 12.92 22.92 15.46
CA ARG A 112 14.36 23.07 15.57
C ARG A 112 14.81 24.39 14.97
N THR A 113 15.88 24.95 15.51
CA THR A 113 16.33 26.29 15.14
C THR A 113 16.88 26.34 13.72
N THR A 114 17.25 25.20 13.18
CA THR A 114 17.77 25.11 11.83
C THR A 114 17.15 23.93 11.10
N GLU A 115 16.94 24.07 9.79
CA GLU A 115 16.34 23.01 8.98
C GLU A 115 17.23 21.77 8.98
N THR A 116 18.52 21.99 9.20
CA THR A 116 19.49 20.92 9.29
C THR A 116 19.27 20.11 10.57
N GLU A 117 18.99 20.81 11.66
CA GLU A 117 18.68 20.20 12.94
C GLU A 117 17.52 19.21 12.78
N LYS A 118 16.56 19.61 11.96
CA LYS A 118 15.34 18.85 11.78
C LYS A 118 15.62 17.53 11.08
N VAL A 119 16.15 17.61 9.87
CA VAL A 119 16.48 16.40 9.09
C VAL A 119 17.35 15.41 9.88
N GLN A 120 18.31 15.91 10.66
CA GLN A 120 19.13 15.03 11.49
C GLN A 120 18.29 14.33 12.56
N GLU A 121 17.39 15.09 13.18
CA GLU A 121 16.56 14.56 14.24
C GLU A 121 15.62 13.48 13.69
N PHE A 122 14.91 13.82 12.61
CA PHE A 122 14.06 12.85 11.89
C PHE A 122 14.83 11.58 11.57
N GLN A 123 16.02 11.77 11.02
CA GLN A 123 16.90 10.66 10.68
C GLN A 123 17.08 9.70 11.85
N ARG A 124 17.51 10.21 13.00
CA ARG A 124 17.77 9.35 14.16
C ARG A 124 16.46 8.71 14.67
N LEU A 125 15.38 9.47 14.61
CA LEU A 125 14.05 8.96 14.95
C LEU A 125 13.71 7.73 14.10
N LEU A 126 13.77 7.90 12.79
CA LEU A 126 13.46 6.83 11.85
C LEU A 126 14.36 5.60 12.03
N LYS A 127 15.58 5.78 12.50
CA LYS A 127 16.47 4.64 12.69
C LYS A 127 15.96 3.79 13.85
N GLU A 128 15.37 4.46 14.83
CA GLU A 128 14.76 3.81 15.98
C GLU A 128 13.42 3.13 15.63
N LEU A 129 13.14 2.96 14.34
CA LEU A 129 11.86 2.36 13.93
C LEU A 129 12.07 0.90 13.51
N PRO A 130 11.07 0.04 13.76
CA PRO A 130 11.09 -1.35 13.31
C PRO A 130 11.08 -1.43 11.78
N GLU A 131 11.50 -2.58 11.25
CA GLU A 131 11.64 -2.77 9.80
C GLU A 131 10.36 -2.39 9.05
N CYS A 132 9.24 -2.99 9.44
CA CYS A 132 7.95 -2.73 8.79
C CYS A 132 7.56 -1.25 8.84
N ASN A 133 7.81 -0.61 9.98
CA ASN A 133 7.44 0.79 10.16
C ASN A 133 8.34 1.66 9.31
N TYR A 134 9.61 1.28 9.27
CA TYR A 134 10.64 1.99 8.52
C TYR A 134 10.30 2.01 7.04
N LEU A 135 9.94 0.86 6.49
CA LEU A 135 9.61 0.77 5.08
C LEU A 135 8.28 1.45 4.79
N LEU A 136 7.32 1.28 5.70
CA LEU A 136 5.99 1.86 5.52
C LEU A 136 6.08 3.38 5.52
N ILE A 137 6.81 3.95 6.49
CA ILE A 137 6.96 5.39 6.58
C ILE A 137 7.63 5.94 5.31
N SER A 138 8.55 5.16 4.77
CA SER A 138 9.22 5.52 3.53
C SER A 138 8.21 5.66 2.40
N TRP A 139 7.34 4.67 2.24
CA TRP A 139 6.42 4.63 1.12
C TRP A 139 5.29 5.63 1.28
N LEU A 140 4.72 5.66 2.48
CA LEU A 140 3.59 6.54 2.76
C LEU A 140 3.92 7.97 2.37
N ILE A 141 5.11 8.40 2.75
CA ILE A 141 5.54 9.75 2.51
C ILE A 141 5.94 9.97 1.04
N VAL A 142 6.66 9.00 0.45
CA VAL A 142 7.14 9.13 -0.92
C VAL A 142 6.01 8.96 -1.95
N HIS A 143 5.05 8.10 -1.64
CA HIS A 143 3.86 7.97 -2.49
C HIS A 143 3.03 9.26 -2.40
N MET A 144 3.00 9.84 -1.21
CA MET A 144 2.26 11.07 -1.00
C MET A 144 3.05 12.24 -1.59
N ASP A 145 4.36 12.02 -1.75
CA ASP A 145 5.25 12.99 -2.41
C ASP A 145 4.90 13.10 -3.89
N HIS A 146 4.61 11.95 -4.49
CA HIS A 146 4.15 11.92 -5.88
C HIS A 146 2.85 12.69 -6.01
N VAL A 147 2.01 12.59 -4.98
CA VAL A 147 0.78 13.38 -4.93
C VAL A 147 1.11 14.88 -4.88
N ILE A 148 2.22 15.23 -4.23
CA ILE A 148 2.61 16.64 -4.12
C ILE A 148 2.84 17.26 -5.50
N ALA A 149 3.51 16.53 -6.38
CA ALA A 149 3.70 16.99 -7.75
C ALA A 149 2.35 17.02 -8.49
N LYS A 150 1.52 16.05 -8.19
CA LYS A 150 0.22 15.96 -8.82
C LYS A 150 -0.72 17.04 -8.30
N GLU A 151 -0.53 17.45 -7.07
CA GLU A 151 -1.32 18.53 -6.51
C GLU A 151 -0.83 19.87 -7.04
N LEU A 152 0.42 19.90 -7.52
CA LEU A 152 0.92 21.09 -8.19
C LEU A 152 0.13 21.33 -9.46
N GLU A 153 -0.23 20.24 -10.14
CA GLU A 153 -1.10 20.35 -11.31
C GLU A 153 -2.57 20.38 -10.91
N THR A 154 -2.95 19.67 -9.85
CA THR A 154 -4.33 19.69 -9.36
C THR A 154 -4.58 20.85 -8.39
N LYS A 155 -3.70 21.85 -8.43
CA LYS A 155 -3.93 23.17 -7.81
C LYS A 155 -3.69 23.16 -6.29
N MET A 156 -3.67 21.99 -5.69
CA MET A 156 -3.46 21.85 -4.24
C MET A 156 -2.01 22.14 -3.85
N ASN A 157 -1.72 22.08 -2.55
CA ASN A 157 -0.37 22.34 -2.06
C ASN A 157 -0.14 21.46 -0.84
N ILE A 158 1.13 21.26 -0.49
CA ILE A 158 1.53 20.33 0.56
C ILE A 158 0.74 20.53 1.85
N GLN A 159 0.28 21.75 2.09
CA GLN A 159 -0.48 22.08 3.30
C GLN A 159 -1.72 21.20 3.39
N ASN A 160 -2.45 21.05 2.28
CA ASN A 160 -3.69 20.29 2.26
C ASN A 160 -3.41 18.82 2.53
N ILE A 161 -2.38 18.30 1.84
CA ILE A 161 -1.98 16.91 2.03
C ILE A 161 -1.54 16.68 3.47
N SER A 162 -0.79 17.64 4.01
CA SER A 162 -0.32 17.56 5.38
C SER A 162 -1.47 17.55 6.38
N ILE A 163 -2.52 18.32 6.10
CA ILE A 163 -3.68 18.35 6.99
C ILE A 163 -4.39 17.01 6.98
N VAL A 164 -4.46 16.40 5.82
CA VAL A 164 -5.10 15.11 5.65
C VAL A 164 -4.30 13.99 6.31
N LEU A 165 -3.00 13.97 6.02
CA LEU A 165 -2.10 12.93 6.50
C LEU A 165 -1.77 13.10 7.99
N SER A 166 -2.02 14.29 8.53
CA SER A 166 -1.76 14.57 9.95
C SER A 166 -2.41 13.53 10.87
N PRO A 167 -3.77 13.38 10.84
CA PRO A 167 -4.46 12.40 11.69
C PRO A 167 -4.12 10.96 11.32
N THR A 168 -3.52 10.79 10.15
CA THR A 168 -3.22 9.47 9.63
C THR A 168 -2.19 8.76 10.50
N VAL A 169 -1.04 9.40 10.79
CA VAL A 169 -0.07 8.81 11.70
C VAL A 169 -0.21 9.39 13.11
N GLN A 170 -1.04 10.42 13.22
CA GLN A 170 -1.33 11.10 14.49
C GLN A 170 -0.19 12.04 14.90
N ILE A 171 0.22 12.90 13.98
CA ILE A 171 1.24 13.91 14.24
C ILE A 171 0.79 15.25 13.68
N SER A 172 1.06 16.33 14.42
CA SER A 172 0.61 17.67 14.07
C SER A 172 0.88 18.03 12.60
N ASN A 173 0.01 18.89 12.07
CA ASN A 173 -0.03 19.28 10.65
C ASN A 173 1.34 19.62 10.05
N ARG A 174 2.09 20.47 10.73
CA ARG A 174 3.27 21.09 10.14
C ARG A 174 4.38 20.08 9.88
N VAL A 175 4.39 18.99 10.63
CA VAL A 175 5.43 17.99 10.54
C VAL A 175 5.43 17.26 9.19
N LEU A 176 4.23 17.02 8.63
CA LEU A 176 4.11 16.26 7.38
C LEU A 176 4.82 16.96 6.21
N TYR A 177 4.49 18.24 6.01
CA TYR A 177 5.17 19.08 5.02
C TYR A 177 6.71 18.88 5.06
N VAL A 178 7.31 19.09 6.22
CA VAL A 178 8.74 18.93 6.34
C VAL A 178 9.12 17.45 6.22
N PHE A 179 8.19 16.58 6.57
CA PHE A 179 8.42 15.15 6.48
C PHE A 179 8.70 14.74 5.04
N PHE A 180 7.91 15.22 4.08
CA PHE A 180 8.16 14.86 2.68
C PHE A 180 9.49 15.44 2.20
N THR A 181 9.57 16.77 2.21
CA THR A 181 10.84 17.47 1.92
C THR A 181 12.06 16.72 2.49
N HIS A 182 11.98 16.34 3.75
CA HIS A 182 13.11 15.73 4.40
C HIS A 182 13.16 14.23 4.16
N VAL A 183 12.03 13.62 3.82
CA VAL A 183 11.99 12.21 3.45
C VAL A 183 12.87 11.97 2.23
N GLN A 184 12.95 12.96 1.35
CA GLN A 184 13.84 12.89 0.19
C GLN A 184 15.27 13.10 0.62
N GLU A 185 15.50 13.98 1.59
CA GLU A 185 16.84 14.12 2.16
C GLU A 185 17.26 12.88 2.94
N LEU A 186 16.29 12.18 3.52
CA LEU A 186 16.56 11.04 4.39
C LEU A 186 16.76 9.75 3.60
N PHE A 187 15.87 9.44 2.67
CA PHE A 187 15.98 8.22 1.89
C PHE A 187 16.39 8.51 0.45
N GLY A 188 15.42 8.93 -0.36
CA GLY A 188 15.69 9.23 -1.76
C GLY A 188 15.54 8.01 -2.64
N ASN A 189 16.07 6.88 -2.18
CA ASN A 189 16.03 5.64 -2.95
C ASN A 189 14.83 4.83 -2.51
N VAL A 190 13.70 5.49 -2.49
CA VAL A 190 12.47 4.89 -2.11
C VAL A 190 11.72 4.45 -3.34
N VAL A 191 11.71 3.16 -3.58
CA VAL A 191 11.15 2.64 -4.81
C VAL A 191 9.82 1.95 -4.54
N LEU A 192 8.79 2.43 -5.21
CA LEU A 192 7.44 1.89 -5.03
C LEU A 192 7.27 0.57 -5.75
N LYS A 193 7.56 -0.51 -5.05
CA LYS A 193 7.38 -1.87 -5.57
C LYS A 193 5.89 -2.18 -5.70
N GLN A 194 5.37 -2.02 -6.91
CA GLN A 194 3.94 -2.20 -7.16
C GLN A 194 3.60 -3.68 -7.38
N VAL A 195 2.31 -4.00 -7.26
CA VAL A 195 1.86 -5.38 -7.27
C VAL A 195 0.87 -5.62 -8.40
N MET A 196 0.72 -6.88 -8.80
CA MET A 196 -0.25 -7.25 -9.82
C MET A 196 -1.67 -7.05 -9.30
N LYS A 197 -2.52 -6.46 -10.12
CA LYS A 197 -3.89 -6.15 -9.70
C LYS A 197 -4.85 -7.27 -10.08
N PRO A 198 -5.61 -7.78 -9.10
CA PRO A 198 -6.65 -8.79 -9.34
C PRO A 198 -7.82 -8.23 -10.15
N LEU A 199 -8.55 -9.10 -10.83
CA LEU A 199 -9.67 -8.66 -11.65
C LEU A 199 -10.84 -9.62 -11.49
N ARG A 200 -12.05 -9.07 -11.37
CA ARG A 200 -13.23 -9.89 -11.19
C ARG A 200 -13.67 -10.54 -12.49
N TRP A 201 -12.99 -11.62 -12.82
CA TRP A 201 -13.37 -12.47 -13.94
C TRP A 201 -13.90 -13.77 -13.38
N SER A 202 -13.98 -13.82 -12.05
CA SER A 202 -14.19 -15.06 -11.30
C SER A 202 -12.99 -15.97 -11.54
N ASN A 203 -11.98 -15.37 -12.18
CA ASN A 203 -10.77 -16.04 -12.62
C ASN A 203 -11.08 -17.17 -13.60
N MET A 204 -12.29 -17.10 -14.19
CA MET A 204 -12.75 -18.01 -15.24
C MET A 204 -14.21 -17.70 -15.57
N ALA A 205 -14.52 -17.67 -16.87
CA ALA A 205 -15.90 -17.49 -17.31
C ALA A 205 -16.03 -17.90 -18.77
N THR A 206 -15.29 -17.21 -19.62
CA THR A 206 -15.29 -17.48 -21.04
C THR A 206 -13.91 -17.21 -21.63
N MET A 207 -13.57 -15.93 -21.76
CA MET A 207 -12.29 -15.52 -22.33
C MET A 207 -12.15 -13.98 -22.37
N PRO A 208 -13.11 -13.26 -23.03
CA PRO A 208 -13.02 -11.80 -23.19
C PRO A 208 -12.95 -11.04 -21.87
N THR A 209 -11.77 -10.49 -21.57
CA THR A 209 -11.54 -9.75 -20.34
C THR A 209 -10.05 -9.45 -20.21
N LEU A 210 -9.23 -10.28 -20.85
CA LEU A 210 -7.79 -10.11 -20.84
C LEU A 210 -7.40 -9.03 -21.85
N PRO A 211 -6.55 -8.08 -21.42
CA PRO A 211 -6.16 -6.92 -22.24
C PRO A 211 -5.56 -7.31 -23.59
N GLU A 212 -5.82 -6.48 -24.59
CA GLU A 212 -5.33 -6.71 -25.94
C GLU A 212 -4.06 -5.91 -26.20
N THR A 213 -3.48 -5.39 -25.12
CA THR A 213 -2.30 -4.56 -25.22
C THR A 213 -1.04 -5.32 -24.80
N GLN A 214 0.03 -5.12 -25.56
CA GLN A 214 1.31 -5.80 -25.30
C GLN A 214 1.89 -5.40 -23.94
N ALA A 215 2.04 -4.10 -23.72
CA ALA A 215 2.72 -3.59 -22.54
C ALA A 215 2.03 -4.05 -21.25
N GLY A 216 0.71 -3.98 -21.25
CA GLY A 216 -0.07 -4.42 -20.10
C GLY A 216 0.15 -5.88 -19.78
N ILE A 217 0.19 -6.72 -20.80
CA ILE A 217 0.38 -8.14 -20.61
C ILE A 217 1.84 -8.43 -20.22
N LYS A 218 2.77 -7.82 -20.94
CA LYS A 218 4.20 -7.97 -20.67
C LYS A 218 4.52 -7.71 -19.20
N GLU A 219 4.12 -6.56 -18.70
CA GLU A 219 4.42 -6.15 -17.33
C GLU A 219 3.76 -7.06 -16.31
N GLU A 220 2.46 -7.29 -16.47
CA GLU A 220 1.70 -8.01 -15.45
C GLU A 220 2.12 -9.47 -15.38
N ILE A 221 2.40 -10.09 -16.52
CA ILE A 221 2.89 -11.46 -16.53
C ILE A 221 4.20 -11.55 -15.75
N ARG A 222 5.09 -10.59 -15.98
CA ARG A 222 6.38 -10.56 -15.31
C ARG A 222 6.21 -10.59 -13.80
N ARG A 223 5.35 -9.70 -13.31
CA ARG A 223 5.11 -9.58 -11.88
C ARG A 223 4.37 -10.80 -11.34
N GLN A 224 3.39 -11.28 -12.11
CA GLN A 224 2.59 -12.42 -11.68
C GLN A 224 3.43 -13.69 -11.65
N GLU A 225 4.43 -13.78 -12.53
CA GLU A 225 5.33 -14.92 -12.53
C GLU A 225 6.30 -14.85 -11.36
N PHE A 226 6.52 -13.64 -10.82
CA PHE A 226 7.26 -13.51 -9.57
C PHE A 226 6.49 -14.13 -8.43
N LEU A 227 5.18 -13.93 -8.43
CA LEU A 227 4.30 -14.55 -7.44
C LEU A 227 4.22 -16.04 -7.73
N LEU A 228 4.32 -16.37 -9.00
CA LEU A 228 4.20 -17.74 -9.47
C LEU A 228 5.36 -18.59 -8.96
N ASN A 229 6.58 -18.16 -9.28
CA ASN A 229 7.78 -18.93 -8.97
C ASN A 229 7.99 -19.03 -7.46
N CYS A 230 7.69 -17.97 -6.73
CA CYS A 230 7.92 -17.96 -5.29
C CYS A 230 7.03 -18.99 -4.61
N LEU A 231 5.73 -18.92 -4.88
CA LEU A 231 4.76 -19.81 -4.26
C LEU A 231 4.99 -21.24 -4.73
N HIS A 232 5.10 -21.41 -6.05
CA HIS A 232 5.35 -22.71 -6.64
C HIS A 232 6.58 -23.38 -6.04
N ARG A 233 7.67 -22.64 -5.90
CA ARG A 233 8.92 -23.19 -5.39
C ARG A 233 8.86 -23.45 -3.89
N ASP A 234 8.34 -22.49 -3.13
CA ASP A 234 8.26 -22.63 -1.66
C ASP A 234 7.44 -23.86 -1.28
N LEU A 235 6.49 -24.23 -2.13
CA LEU A 235 5.61 -25.37 -1.89
C LEU A 235 6.40 -26.67 -1.67
N GLN A 236 7.59 -26.77 -2.28
CA GLN A 236 8.40 -27.98 -2.19
C GLN A 236 9.07 -28.11 -0.82
N GLY A 237 8.89 -27.12 0.04
CA GLY A 237 9.48 -27.17 1.37
C GLY A 237 8.67 -28.00 2.34
N GLY A 238 8.16 -29.13 1.86
CA GLY A 238 7.39 -30.02 2.69
C GLY A 238 6.02 -29.45 3.01
N ILE A 239 5.48 -28.68 2.08
CA ILE A 239 4.20 -28.01 2.29
C ILE A 239 3.07 -28.70 1.54
N LYS A 240 2.03 -29.07 2.27
CA LYS A 240 0.85 -29.68 1.68
C LYS A 240 -0.37 -28.86 2.05
N ASP A 241 -0.55 -27.77 1.32
CA ASP A 241 -1.70 -26.90 1.51
C ASP A 241 -2.58 -26.96 0.28
N LEU A 242 -3.74 -27.59 0.42
CA LEU A 242 -4.66 -27.74 -0.70
C LEU A 242 -5.15 -26.37 -1.16
N SER A 243 -5.14 -25.41 -0.25
CA SER A 243 -5.53 -24.04 -0.56
C SER A 243 -4.49 -23.40 -1.47
N LYS A 244 -3.22 -23.66 -1.14
CA LYS A 244 -2.11 -23.13 -1.90
C LYS A 244 -2.01 -23.84 -3.24
N GLU A 245 -2.28 -25.14 -3.23
CA GLU A 245 -2.20 -25.94 -4.45
C GLU A 245 -3.26 -25.52 -5.45
N GLU A 246 -4.53 -25.61 -5.08
CA GLU A 246 -5.62 -25.20 -5.97
C GLU A 246 -5.41 -23.79 -6.51
N ARG A 247 -4.95 -22.87 -5.66
CA ARG A 247 -4.71 -21.50 -6.10
C ARG A 247 -3.52 -21.46 -7.06
N LEU A 248 -2.56 -22.36 -6.83
CA LEU A 248 -1.38 -22.47 -7.66
C LEU A 248 -1.77 -22.79 -9.11
N TRP A 249 -2.70 -23.75 -9.30
CA TRP A 249 -3.15 -24.12 -10.65
C TRP A 249 -3.87 -22.96 -11.28
N GLU A 250 -4.58 -22.23 -10.44
CA GLU A 250 -5.35 -21.08 -10.89
C GLU A 250 -4.43 -20.02 -11.49
N VAL A 251 -3.35 -19.70 -10.77
CA VAL A 251 -2.36 -18.76 -11.28
C VAL A 251 -1.80 -19.24 -12.61
N GLN A 252 -1.34 -20.49 -12.64
CA GLN A 252 -0.80 -21.11 -13.86
C GLN A 252 -1.80 -21.04 -15.02
N ARG A 253 -3.05 -21.38 -14.76
CA ARG A 253 -4.08 -21.37 -15.79
C ARG A 253 -4.27 -19.97 -16.37
N ILE A 254 -4.12 -18.97 -15.51
CA ILE A 254 -4.34 -17.58 -15.91
C ILE A 254 -3.16 -17.13 -16.77
N LEU A 255 -1.95 -17.41 -16.27
CA LEU A 255 -0.73 -17.06 -16.98
C LEU A 255 -0.61 -17.81 -18.29
N THR A 256 -1.19 -19.00 -18.35
CA THR A 256 -1.22 -19.77 -19.58
C THR A 256 -2.03 -19.04 -20.66
N ALA A 257 -3.23 -18.58 -20.30
CA ALA A 257 -4.02 -17.77 -21.20
C ALA A 257 -3.24 -16.52 -21.62
N LEU A 258 -2.62 -15.88 -20.64
CA LEU A 258 -1.86 -14.66 -20.87
C LEU A 258 -0.68 -14.90 -21.81
N LYS A 259 -0.10 -16.11 -21.76
CA LYS A 259 0.99 -16.46 -22.68
C LYS A 259 0.50 -16.49 -24.12
N ARG A 260 -0.64 -17.14 -24.34
CA ARG A 260 -1.23 -17.21 -25.66
C ARG A 260 -1.71 -15.83 -26.09
N LYS A 261 -2.39 -15.16 -25.18
CA LYS A 261 -2.83 -13.77 -25.36
C LYS A 261 -1.65 -12.85 -25.69
N LEU A 262 -0.48 -13.14 -25.14
CA LEU A 262 0.72 -12.35 -25.38
C LEU A 262 1.10 -12.36 -26.86
N ARG A 263 0.78 -13.46 -27.52
CA ARG A 263 1.01 -13.58 -28.96
C ARG A 263 -0.30 -13.42 -29.73
N GLU A 264 -1.35 -13.15 -29.00
CA GLU A 264 -2.68 -12.97 -29.57
C GLU A 264 -2.95 -11.48 -29.73
N ALA A 265 -2.25 -10.69 -28.93
CA ALA A 265 -2.39 -9.25 -28.96
C ALA A 265 -1.39 -8.63 -29.92
N HIS A 1 -23.02 -16.29 16.13
CA HIS A 1 -21.68 -16.91 16.23
C HIS A 1 -20.62 -15.86 16.52
N MET A 2 -19.42 -16.33 16.87
CA MET A 2 -18.31 -15.46 17.21
C MET A 2 -17.80 -14.71 15.98
N PRO A 3 -17.29 -13.49 16.18
CA PRO A 3 -16.66 -12.71 15.12
C PRO A 3 -15.31 -13.29 14.72
N ASN A 4 -14.58 -12.57 13.88
CA ASN A 4 -13.29 -13.05 13.42
C ASN A 4 -12.25 -12.85 14.52
N LEU A 5 -11.33 -13.79 14.61
CA LEU A 5 -10.35 -13.82 15.68
C LEU A 5 -9.17 -12.93 15.32
N LYS A 6 -9.08 -11.79 16.03
CA LYS A 6 -8.11 -10.74 15.72
C LYS A 6 -8.29 -10.23 14.28
N PRO A 7 -9.22 -9.31 14.07
CA PRO A 7 -9.43 -8.69 12.75
C PRO A 7 -8.31 -7.71 12.41
N ILE A 8 -7.79 -7.81 11.19
CA ILE A 8 -6.72 -6.94 10.69
C ILE A 8 -6.81 -5.48 11.13
N PHE A 9 -8.02 -4.96 11.30
CA PHE A 9 -8.18 -3.57 11.76
C PHE A 9 -8.03 -3.50 13.27
N GLY A 10 -6.78 -3.47 13.71
CA GLY A 10 -6.46 -3.40 15.12
C GLY A 10 -5.37 -4.36 15.52
N ILE A 11 -4.32 -4.43 14.71
CA ILE A 11 -3.19 -5.32 14.97
C ILE A 11 -1.90 -4.65 14.51
N PRO A 12 -0.74 -5.10 15.01
CA PRO A 12 0.56 -4.59 14.56
C PRO A 12 0.82 -4.89 13.08
N LEU A 13 1.74 -4.13 12.48
CA LEU A 13 2.01 -4.24 11.05
C LEU A 13 2.44 -5.66 10.65
N ALA A 14 3.42 -6.22 11.35
CA ALA A 14 3.89 -7.59 11.08
C ALA A 14 2.73 -8.58 11.00
N ASP A 15 1.91 -8.62 12.03
CA ASP A 15 0.72 -9.48 12.04
C ASP A 15 -0.12 -9.24 10.79
N ALA A 16 -0.37 -7.98 10.49
CA ALA A 16 -1.19 -7.61 9.36
C ALA A 16 -0.58 -8.09 8.04
N VAL A 17 0.71 -7.86 7.85
CA VAL A 17 1.38 -8.22 6.60
C VAL A 17 1.58 -9.73 6.45
N GLU A 18 1.92 -10.41 7.54
CA GLU A 18 2.13 -11.85 7.48
C GLU A 18 0.83 -12.58 7.13
N ARG A 19 -0.28 -11.87 7.27
CA ARG A 19 -1.56 -12.36 6.77
C ARG A 19 -1.78 -11.93 5.32
N THR A 20 -1.39 -10.70 5.00
CA THR A 20 -1.70 -10.10 3.70
C THR A 20 -0.47 -10.03 2.78
N MET A 21 0.38 -11.03 2.83
CA MET A 21 1.53 -11.07 1.94
C MET A 21 1.14 -11.65 0.59
N MET A 22 1.58 -11.00 -0.49
CA MET A 22 1.29 -11.50 -1.83
C MET A 22 2.53 -11.52 -2.71
N TYR A 23 2.93 -10.35 -3.22
CA TYR A 23 4.04 -10.27 -4.18
C TYR A 23 5.36 -10.80 -3.61
N ASP A 24 6.15 -9.91 -3.01
CA ASP A 24 7.50 -10.27 -2.55
C ASP A 24 7.54 -10.36 -1.02
N GLY A 25 6.62 -9.66 -0.38
CA GLY A 25 6.55 -9.72 1.07
C GLY A 25 7.57 -8.81 1.72
N ILE A 26 7.63 -7.56 1.26
CA ILE A 26 8.59 -6.58 1.76
C ILE A 26 8.18 -6.00 3.11
N ARG A 27 7.43 -6.78 3.90
CA ARG A 27 6.97 -6.39 5.23
C ARG A 27 5.76 -5.46 5.16
N LEU A 28 5.67 -4.70 4.08
CA LEU A 28 4.47 -3.91 3.83
C LEU A 28 3.30 -4.80 3.45
N PRO A 29 2.18 -4.66 4.20
CA PRO A 29 0.94 -5.40 3.93
C PRO A 29 0.43 -5.16 2.51
N ALA A 30 -0.45 -6.04 2.02
CA ALA A 30 -0.95 -5.90 0.67
C ALA A 30 -1.81 -4.65 0.56
N VAL A 31 -2.67 -4.48 1.56
CA VAL A 31 -3.57 -3.34 1.65
C VAL A 31 -2.87 -2.02 1.29
N PHE A 32 -1.78 -1.74 1.99
CA PHE A 32 -1.04 -0.50 1.79
C PHE A 32 -0.63 -0.36 0.33
N ARG A 33 -0.15 -1.45 -0.25
CA ARG A 33 0.37 -1.40 -1.60
C ARG A 33 -0.75 -1.43 -2.63
N GLU A 34 -1.87 -2.09 -2.31
CA GLU A 34 -3.05 -2.01 -3.16
C GLU A 34 -3.53 -0.56 -3.31
N CYS A 35 -3.42 0.20 -2.22
CA CYS A 35 -3.91 1.55 -2.20
C CYS A 35 -2.89 2.48 -2.87
N ILE A 36 -1.61 2.23 -2.60
CA ILE A 36 -0.54 2.98 -3.23
C ILE A 36 -0.52 2.71 -4.73
N ASP A 37 -0.84 1.48 -5.10
CA ASP A 37 -0.86 1.08 -6.50
C ASP A 37 -1.92 1.83 -7.28
N TYR A 38 -3.14 1.86 -6.75
CA TYR A 38 -4.26 2.49 -7.45
C TYR A 38 -4.01 3.99 -7.63
N VAL A 39 -3.58 4.65 -6.57
CA VAL A 39 -3.37 6.10 -6.63
C VAL A 39 -2.26 6.44 -7.61
N GLU A 40 -1.14 5.71 -7.51
CA GLU A 40 0.03 5.99 -8.34
C GLU A 40 -0.27 5.75 -9.81
N LYS A 41 -1.10 4.76 -10.10
CA LYS A 41 -1.44 4.39 -11.47
C LYS A 41 -2.51 5.30 -12.06
N TYR A 42 -3.63 5.45 -11.35
CA TYR A 42 -4.80 6.11 -11.94
C TYR A 42 -5.34 7.21 -11.02
N GLY A 43 -5.21 6.98 -9.71
CA GLY A 43 -5.96 7.76 -8.75
C GLY A 43 -5.56 9.21 -8.65
N MET A 44 -4.28 9.46 -8.35
CA MET A 44 -3.79 10.80 -8.02
C MET A 44 -3.88 11.82 -9.17
N LYS A 45 -4.52 11.46 -10.27
CA LYS A 45 -4.75 12.41 -11.34
C LYS A 45 -6.12 13.07 -11.19
N CYS A 46 -6.71 12.91 -10.01
CA CYS A 46 -8.02 13.48 -9.71
C CYS A 46 -7.92 14.61 -8.70
N GLU A 47 -8.68 15.68 -8.91
CA GLU A 47 -8.76 16.76 -7.93
C GLU A 47 -9.41 16.21 -6.66
N GLY A 48 -9.25 16.91 -5.55
CA GLY A 48 -9.70 16.38 -4.27
C GLY A 48 -8.93 15.15 -3.82
N ILE A 49 -7.87 14.79 -4.55
CA ILE A 49 -7.06 13.63 -4.21
C ILE A 49 -6.45 13.77 -2.81
N TYR A 50 -6.88 12.90 -1.91
CA TYR A 50 -6.41 12.91 -0.52
C TYR A 50 -6.95 14.13 0.22
N ARG A 51 -8.07 14.65 -0.25
CA ARG A 51 -8.78 15.71 0.44
C ARG A 51 -10.17 15.22 0.81
N VAL A 52 -10.76 14.48 -0.12
CA VAL A 52 -12.06 13.87 0.09
C VAL A 52 -11.84 12.45 0.62
N SER A 53 -12.75 11.98 1.46
CA SER A 53 -12.66 10.64 2.00
C SER A 53 -13.58 9.71 1.21
N GLY A 54 -14.65 10.28 0.67
CA GLY A 54 -15.54 9.53 -0.17
C GLY A 54 -16.74 8.98 0.57
N ILE A 55 -17.21 7.83 0.14
CA ILE A 55 -18.38 7.21 0.73
C ILE A 55 -17.96 6.28 1.87
N LYS A 56 -18.33 6.65 3.10
CA LYS A 56 -17.94 5.92 4.30
C LYS A 56 -18.28 4.44 4.19
N SER A 57 -19.50 4.17 3.74
CA SER A 57 -20.02 2.82 3.63
C SER A 57 -19.06 1.91 2.86
N LYS A 58 -18.84 2.21 1.59
CA LYS A 58 -17.91 1.44 0.77
C LYS A 58 -16.52 1.33 1.42
N VAL A 59 -16.10 2.35 2.14
CA VAL A 59 -14.82 2.29 2.84
C VAL A 59 -14.84 1.17 3.88
N ASP A 60 -15.93 1.11 4.62
CA ASP A 60 -16.13 0.05 5.62
C ASP A 60 -16.44 -1.29 4.95
N GLU A 61 -16.91 -1.24 3.72
CA GLU A 61 -17.20 -2.43 2.95
C GLU A 61 -15.89 -3.11 2.54
N LEU A 62 -14.95 -2.29 2.07
CA LEU A 62 -13.61 -2.78 1.74
C LEU A 62 -12.93 -3.36 2.97
N LYS A 63 -13.10 -2.68 4.10
CA LYS A 63 -12.58 -3.17 5.38
C LYS A 63 -13.04 -4.60 5.60
N ALA A 64 -14.31 -4.86 5.28
CA ALA A 64 -14.90 -6.18 5.43
C ALA A 64 -14.22 -7.19 4.50
N ALA A 65 -13.95 -6.76 3.27
CA ALA A 65 -13.26 -7.60 2.30
C ALA A 65 -11.87 -8.00 2.79
N TYR A 66 -11.12 -7.01 3.24
CA TYR A 66 -9.72 -7.22 3.64
C TYR A 66 -9.57 -8.25 4.76
N ASP A 67 -10.40 -8.16 5.79
CA ASP A 67 -10.30 -9.08 6.92
C ASP A 67 -10.86 -10.46 6.55
N ARG A 68 -11.65 -10.52 5.50
CA ARG A 68 -12.23 -11.78 5.03
C ARG A 68 -11.48 -12.30 3.79
N GLU A 69 -10.19 -11.98 3.74
CA GLU A 69 -9.30 -12.33 2.61
C GLU A 69 -9.59 -11.43 1.41
N GLU A 70 -9.13 -10.21 1.56
CA GLU A 70 -9.24 -9.13 0.58
C GLU A 70 -9.12 -9.54 -0.88
N SER A 71 -7.89 -9.49 -1.40
CA SER A 71 -7.65 -9.37 -2.82
C SER A 71 -8.73 -8.50 -3.48
N THR A 72 -8.46 -7.21 -3.57
CA THR A 72 -9.50 -6.25 -3.81
C THR A 72 -9.32 -5.53 -5.13
N ASN A 73 -10.34 -5.60 -5.95
CA ASN A 73 -10.35 -4.88 -7.20
C ASN A 73 -10.70 -3.42 -6.93
N LEU A 74 -9.68 -2.67 -6.53
CA LEU A 74 -9.83 -1.25 -6.19
C LEU A 74 -9.96 -0.41 -7.44
N GLU A 75 -9.73 -1.03 -8.58
CA GLU A 75 -9.62 -0.33 -9.84
C GLU A 75 -11.00 0.13 -10.32
N ASP A 76 -12.03 -0.43 -9.68
CA ASP A 76 -13.41 -0.03 -9.98
C ASP A 76 -13.85 1.10 -9.04
N TYR A 77 -13.26 1.16 -7.86
CA TYR A 77 -13.67 2.12 -6.83
C TYR A 77 -13.03 3.49 -7.06
N GLU A 78 -13.26 4.40 -6.12
CA GLU A 78 -12.75 5.77 -6.24
C GLU A 78 -11.39 5.91 -5.56
N PRO A 79 -10.53 6.82 -6.05
CA PRO A 79 -9.24 7.10 -5.41
C PRO A 79 -9.42 7.61 -3.99
N ASN A 80 -10.35 8.55 -3.83
CA ASN A 80 -10.71 9.07 -2.52
C ASN A 80 -11.11 7.95 -1.55
N THR A 81 -11.92 7.02 -2.03
CA THR A 81 -12.38 5.92 -1.20
C THR A 81 -11.24 4.95 -0.89
N VAL A 82 -10.43 4.62 -1.88
CA VAL A 82 -9.28 3.74 -1.67
C VAL A 82 -8.27 4.39 -0.72
N ALA A 83 -8.08 5.70 -0.88
CA ALA A 83 -7.17 6.45 -0.03
C ALA A 83 -7.67 6.48 1.41
N SER A 84 -8.98 6.50 1.55
CA SER A 84 -9.60 6.60 2.86
C SER A 84 -9.51 5.27 3.54
N LEU A 85 -9.64 4.22 2.75
CA LEU A 85 -9.44 2.87 3.22
C LEU A 85 -7.98 2.73 3.71
N LEU A 86 -7.05 3.28 2.93
CA LEU A 86 -5.64 3.23 3.28
C LEU A 86 -5.35 3.90 4.61
N LYS A 87 -5.78 5.16 4.75
CA LYS A 87 -5.53 5.91 5.97
C LYS A 87 -6.25 5.29 7.15
N GLN A 88 -7.46 4.78 6.90
CA GLN A 88 -8.25 4.11 7.93
C GLN A 88 -7.64 2.77 8.32
N TYR A 89 -6.88 2.19 7.40
CA TYR A 89 -6.34 0.86 7.60
C TYR A 89 -5.25 0.92 8.66
N LEU A 90 -4.29 1.80 8.45
CA LEU A 90 -3.16 1.91 9.35
C LEU A 90 -3.50 2.71 10.60
N ARG A 91 -4.60 3.46 10.58
CA ARG A 91 -5.04 4.16 11.77
C ARG A 91 -5.49 3.17 12.83
N ASP A 92 -6.40 2.26 12.46
CA ASP A 92 -6.85 1.21 13.36
C ASP A 92 -5.73 0.28 13.81
N LEU A 93 -4.56 0.43 13.22
CA LEU A 93 -3.41 -0.35 13.64
C LEU A 93 -2.76 0.36 14.83
N PRO A 94 -2.76 -0.28 16.02
CA PRO A 94 -2.35 0.35 17.28
C PRO A 94 -0.89 0.80 17.32
N GLU A 95 -0.09 0.28 16.40
CA GLU A 95 1.31 0.64 16.35
C GLU A 95 1.54 1.65 15.24
N ASN A 96 2.05 2.81 15.61
CA ASN A 96 2.32 3.86 14.65
C ASN A 96 3.57 3.54 13.85
N LEU A 97 3.82 4.33 12.82
CA LEU A 97 5.02 4.14 12.02
C LEU A 97 6.22 4.65 12.79
N LEU A 98 6.00 5.74 13.51
CA LEU A 98 7.03 6.32 14.36
C LEU A 98 6.90 5.75 15.76
N THR A 99 5.87 4.92 15.95
CA THR A 99 5.48 4.36 17.25
C THR A 99 5.29 5.47 18.30
N LYS A 100 4.84 5.09 19.49
CA LYS A 100 4.67 6.04 20.57
C LYS A 100 6.05 6.53 21.01
N GLU A 101 7.00 5.61 20.87
CA GLU A 101 8.39 5.84 21.21
C GLU A 101 8.98 7.11 20.56
N LEU A 102 8.99 7.17 19.22
CA LEU A 102 9.69 8.26 18.52
C LEU A 102 8.76 9.43 18.20
N MET A 103 7.45 9.19 18.23
CA MET A 103 6.45 10.21 17.88
C MET A 103 6.65 11.55 18.63
N PRO A 104 6.81 11.55 19.98
CA PRO A 104 6.96 12.80 20.75
C PRO A 104 8.30 13.50 20.51
N ARG A 105 9.16 12.89 19.70
CA ARG A 105 10.43 13.50 19.36
C ARG A 105 10.28 14.40 18.15
N PHE A 106 9.16 14.28 17.45
CA PHE A 106 8.95 15.00 16.20
C PHE A 106 8.67 16.48 16.42
N GLU A 107 7.96 16.82 17.51
CA GLU A 107 7.79 18.22 17.88
C GLU A 107 9.17 18.88 17.98
N GLU A 108 10.11 18.16 18.58
CA GLU A 108 11.48 18.60 18.73
C GLU A 108 12.15 18.71 17.36
N ALA A 109 12.03 17.63 16.59
CA ALA A 109 12.63 17.53 15.26
C ALA A 109 12.09 18.60 14.32
N CYS A 110 10.90 19.11 14.57
CA CYS A 110 10.30 20.12 13.72
C CYS A 110 10.70 21.51 14.20
N GLY A 111 10.97 21.63 15.50
CA GLY A 111 11.34 22.91 16.06
C GLY A 111 12.85 23.09 16.14
N ARG A 112 13.58 22.23 15.46
CA ARG A 112 15.03 22.33 15.43
C ARG A 112 15.48 23.66 14.84
N THR A 113 16.63 24.14 15.31
CA THR A 113 17.17 25.42 14.88
C THR A 113 17.54 25.41 13.39
N THR A 114 17.86 24.24 12.86
CA THR A 114 18.26 24.13 11.47
C THR A 114 17.63 22.89 10.86
N GLU A 115 17.43 22.89 9.54
CA GLU A 115 16.85 21.73 8.88
C GLU A 115 17.82 20.56 8.90
N THR A 116 19.09 20.87 9.08
CA THR A 116 20.10 19.85 9.30
C THR A 116 19.78 19.06 10.56
N GLU A 117 19.61 19.76 11.69
CA GLU A 117 19.27 19.12 12.95
C GLU A 117 17.92 18.41 12.83
N LYS A 118 17.07 18.90 11.95
CA LYS A 118 15.75 18.32 11.76
C LYS A 118 15.87 16.97 11.09
N VAL A 119 16.39 16.95 9.87
CA VAL A 119 16.58 15.71 9.14
C VAL A 119 17.42 14.69 9.90
N GLN A 120 18.45 15.15 10.63
CA GLN A 120 19.25 14.25 11.46
C GLN A 120 18.39 13.60 12.55
N GLU A 121 17.44 14.35 13.08
CA GLU A 121 16.57 13.83 14.13
C GLU A 121 15.62 12.79 13.55
N PHE A 122 14.98 13.13 12.43
CA PHE A 122 14.15 12.17 11.69
C PHE A 122 14.94 10.89 11.41
N GLN A 123 16.17 11.08 10.97
CA GLN A 123 17.08 9.96 10.70
C GLN A 123 17.15 9.02 11.89
N ARG A 124 17.50 9.55 13.06
CA ARG A 124 17.68 8.71 14.25
C ARG A 124 16.34 8.12 14.69
N LEU A 125 15.27 8.90 14.60
CA LEU A 125 13.93 8.42 14.95
C LEU A 125 13.60 7.18 14.13
N LEU A 126 13.72 7.31 12.82
CA LEU A 126 13.42 6.22 11.89
C LEU A 126 14.30 4.98 12.12
N LYS A 127 15.51 5.15 12.64
CA LYS A 127 16.38 4.00 12.90
C LYS A 127 15.83 3.20 14.07
N GLU A 128 15.32 3.93 15.05
CA GLU A 128 14.68 3.34 16.23
C GLU A 128 13.30 2.74 15.91
N LEU A 129 13.01 2.52 14.63
CA LEU A 129 11.72 1.96 14.23
C LEU A 129 11.87 0.48 13.89
N PRO A 130 10.77 -0.29 13.98
CA PRO A 130 10.75 -1.68 13.52
C PRO A 130 10.98 -1.79 12.01
N GLU A 131 11.43 -2.97 11.59
CA GLU A 131 11.76 -3.24 10.18
C GLU A 131 10.62 -2.84 9.24
N CYS A 132 9.43 -3.38 9.49
CA CYS A 132 8.26 -3.11 8.66
C CYS A 132 7.94 -1.61 8.64
N ASN A 133 8.04 -0.98 9.80
CA ASN A 133 7.64 0.41 9.95
C ASN A 133 8.60 1.31 9.19
N TYR A 134 9.87 0.93 9.20
CA TYR A 134 10.91 1.69 8.52
C TYR A 134 10.65 1.74 7.02
N LEU A 135 10.34 0.61 6.43
CA LEU A 135 10.08 0.56 5.01
C LEU A 135 8.73 1.19 4.68
N LEU A 136 7.74 0.99 5.56
CA LEU A 136 6.41 1.52 5.33
C LEU A 136 6.41 3.05 5.43
N ILE A 137 7.09 3.59 6.44
CA ILE A 137 7.20 5.03 6.60
C ILE A 137 7.83 5.66 5.34
N SER A 138 8.87 5.02 4.81
CA SER A 138 9.46 5.43 3.54
C SER A 138 8.39 5.60 2.47
N TRP A 139 7.56 4.57 2.28
CA TRP A 139 6.62 4.56 1.17
C TRP A 139 5.47 5.54 1.40
N LEU A 140 4.92 5.56 2.61
CA LEU A 140 3.77 6.40 2.92
C LEU A 140 4.11 7.86 2.62
N ILE A 141 5.29 8.30 3.04
CA ILE A 141 5.69 9.69 2.91
C ILE A 141 6.16 9.98 1.49
N VAL A 142 6.95 9.07 0.90
CA VAL A 142 7.48 9.26 -0.44
C VAL A 142 6.36 9.19 -1.48
N HIS A 143 5.42 8.28 -1.28
CA HIS A 143 4.25 8.19 -2.15
C HIS A 143 3.42 9.46 -2.03
N MET A 144 3.34 10.01 -0.82
CA MET A 144 2.57 11.23 -0.61
C MET A 144 3.33 12.43 -1.18
N ASP A 145 4.65 12.29 -1.31
CA ASP A 145 5.49 13.30 -1.96
C ASP A 145 5.17 13.33 -3.45
N HIS A 146 5.04 12.15 -4.04
CA HIS A 146 4.63 12.03 -5.42
C HIS A 146 3.21 12.57 -5.58
N VAL A 147 2.43 12.48 -4.50
CA VAL A 147 1.11 13.09 -4.47
C VAL A 147 1.21 14.61 -4.53
N ILE A 148 2.29 15.17 -3.98
CA ILE A 148 2.50 16.61 -4.02
C ILE A 148 2.72 17.11 -5.46
N ALA A 149 3.48 16.37 -6.26
CA ALA A 149 3.61 16.71 -7.68
C ALA A 149 2.24 16.63 -8.37
N LYS A 150 1.48 15.63 -7.95
CA LYS A 150 0.12 15.48 -8.43
C LYS A 150 -0.75 16.61 -7.91
N GLU A 151 -0.47 17.03 -6.68
CA GLU A 151 -1.10 18.19 -6.07
C GLU A 151 -0.84 19.44 -6.90
N LEU A 152 0.29 19.43 -7.61
CA LEU A 152 0.65 20.54 -8.46
C LEU A 152 -0.29 20.59 -9.66
N GLU A 153 -0.73 19.42 -10.14
CA GLU A 153 -1.75 19.40 -11.20
C GLU A 153 -3.18 19.42 -10.63
N THR A 154 -3.43 18.68 -9.54
CA THR A 154 -4.76 18.66 -8.90
C THR A 154 -5.08 19.97 -8.16
N LYS A 155 -4.21 20.95 -8.32
CA LYS A 155 -4.45 22.33 -7.86
C LYS A 155 -4.65 22.37 -6.35
N MET A 156 -3.70 21.81 -5.64
CA MET A 156 -3.77 21.73 -4.18
C MET A 156 -2.47 22.24 -3.57
N ASN A 157 -2.26 21.97 -2.28
CA ASN A 157 -0.97 22.28 -1.66
C ASN A 157 -0.63 21.25 -0.58
N ILE A 158 0.66 21.15 -0.27
CA ILE A 158 1.15 20.29 0.81
C ILE A 158 0.37 20.52 2.10
N GLN A 159 -0.06 21.76 2.30
CA GLN A 159 -0.83 22.14 3.48
C GLN A 159 -2.09 21.29 3.58
N ASN A 160 -2.78 21.15 2.43
CA ASN A 160 -4.04 20.40 2.38
C ASN A 160 -3.78 18.95 2.74
N ILE A 161 -2.71 18.41 2.15
CA ILE A 161 -2.30 17.04 2.41
C ILE A 161 -1.94 16.88 3.89
N SER A 162 -1.23 17.85 4.42
CA SER A 162 -0.81 17.82 5.82
C SER A 162 -2.01 17.86 6.77
N ILE A 163 -3.12 18.46 6.32
CA ILE A 163 -4.31 18.58 7.15
C ILE A 163 -4.96 17.22 7.31
N VAL A 164 -5.02 16.48 6.21
CA VAL A 164 -5.66 15.18 6.20
C VAL A 164 -4.72 14.08 6.70
N LEU A 165 -3.44 14.25 6.43
CA LEU A 165 -2.45 13.24 6.79
C LEU A 165 -2.06 13.36 8.26
N SER A 166 -2.33 14.51 8.86
CA SER A 166 -2.06 14.73 10.28
C SER A 166 -2.72 13.64 11.14
N PRO A 167 -4.08 13.49 11.10
CA PRO A 167 -4.77 12.44 11.85
C PRO A 167 -4.44 11.04 11.33
N THR A 168 -3.87 10.98 10.13
CA THR A 168 -3.58 9.71 9.48
C THR A 168 -2.52 8.93 10.24
N VAL A 169 -1.35 9.50 10.49
CA VAL A 169 -0.34 8.83 11.32
C VAL A 169 -0.36 9.35 12.75
N GLN A 170 -1.17 10.39 13.00
CA GLN A 170 -1.35 10.98 14.34
C GLN A 170 -0.18 11.88 14.71
N ILE A 171 0.16 12.79 13.81
CA ILE A 171 1.18 13.80 14.06
C ILE A 171 0.72 15.14 13.50
N SER A 172 1.00 16.21 14.23
CA SER A 172 0.52 17.55 13.88
C SER A 172 0.83 17.94 12.42
N ASN A 173 -0.02 18.83 11.91
CA ASN A 173 -0.05 19.26 10.50
C ASN A 173 1.33 19.53 9.91
N ARG A 174 2.08 20.45 10.51
CA ARG A 174 3.31 20.95 9.93
C ARG A 174 4.35 19.85 9.74
N VAL A 175 4.26 18.79 10.54
CA VAL A 175 5.23 17.71 10.48
C VAL A 175 5.16 16.95 9.15
N LEU A 176 3.97 16.86 8.56
CA LEU A 176 3.82 16.16 7.28
C LEU A 176 4.50 16.94 6.16
N TYR A 177 4.22 18.23 6.12
CA TYR A 177 4.91 19.17 5.23
C TYR A 177 6.44 18.95 5.26
N VAL A 178 7.01 18.99 6.47
CA VAL A 178 8.45 18.79 6.60
C VAL A 178 8.82 17.33 6.35
N PHE A 179 7.88 16.42 6.60
CA PHE A 179 8.08 15.01 6.32
C PHE A 179 8.47 14.82 4.87
N PHE A 180 7.67 15.35 3.94
CA PHE A 180 7.91 15.06 2.52
C PHE A 180 9.18 15.74 2.04
N THR A 181 9.18 17.07 2.16
CA THR A 181 10.37 17.86 1.85
C THR A 181 11.68 17.15 2.25
N HIS A 182 11.75 16.73 3.50
CA HIS A 182 13.00 16.20 4.01
C HIS A 182 13.02 14.67 3.99
N VAL A 183 11.89 14.07 3.70
CA VAL A 183 11.87 12.62 3.44
C VAL A 183 12.75 12.30 2.25
N GLN A 184 12.73 13.15 1.22
CA GLN A 184 13.68 12.99 0.12
C GLN A 184 15.03 13.54 0.49
N GLU A 185 15.09 14.50 1.41
CA GLU A 185 16.39 14.85 2.00
C GLU A 185 17.03 13.61 2.64
N LEU A 186 16.19 12.64 3.04
CA LEU A 186 16.69 11.41 3.64
C LEU A 186 16.82 10.29 2.62
N PHE A 187 15.76 10.05 1.86
CA PHE A 187 15.76 8.99 0.87
C PHE A 187 15.79 9.58 -0.54
N GLY A 188 15.24 8.84 -1.47
CA GLY A 188 15.14 9.28 -2.84
C GLY A 188 15.24 8.09 -3.76
N ASN A 189 15.88 7.05 -3.24
CA ASN A 189 15.91 5.76 -3.91
C ASN A 189 14.64 4.98 -3.59
N VAL A 190 13.96 5.44 -2.53
CA VAL A 190 12.67 4.88 -2.15
C VAL A 190 11.68 5.03 -3.28
N VAL A 191 11.30 3.92 -3.85
CA VAL A 191 10.45 3.89 -5.03
C VAL A 191 9.16 3.12 -4.74
N LEU A 192 8.07 3.56 -5.34
CA LEU A 192 6.78 2.94 -5.13
C LEU A 192 6.53 1.83 -6.14
N LYS A 193 6.89 0.61 -5.76
CA LYS A 193 6.73 -0.55 -6.61
C LYS A 193 5.29 -1.08 -6.55
N GLN A 194 4.61 -1.00 -7.68
CA GLN A 194 3.19 -1.38 -7.76
C GLN A 194 3.01 -2.89 -7.73
N VAL A 195 1.78 -3.31 -7.44
CA VAL A 195 1.43 -4.72 -7.42
C VAL A 195 0.25 -4.98 -8.35
N MET A 196 0.12 -6.20 -8.84
CA MET A 196 -0.99 -6.55 -9.70
C MET A 196 -2.30 -6.61 -8.91
N LYS A 197 -3.36 -6.13 -9.54
CA LYS A 197 -4.67 -6.09 -8.93
C LYS A 197 -5.54 -7.24 -9.38
N PRO A 198 -6.34 -7.79 -8.47
CA PRO A 198 -7.33 -8.82 -8.80
C PRO A 198 -8.36 -8.29 -9.78
N LEU A 199 -8.85 -9.18 -10.64
CA LEU A 199 -9.78 -8.79 -11.68
C LEU A 199 -11.19 -9.19 -11.29
N ARG A 200 -12.17 -8.66 -11.98
CA ARG A 200 -13.56 -8.93 -11.66
C ARG A 200 -14.02 -10.25 -12.29
N TRP A 201 -13.07 -11.15 -12.54
CA TRP A 201 -13.35 -12.42 -13.18
C TRP A 201 -13.30 -13.54 -12.14
N SER A 202 -14.19 -14.52 -12.28
CA SER A 202 -14.27 -15.64 -11.35
C SER A 202 -13.16 -16.66 -11.60
N ASN A 203 -12.31 -16.34 -12.58
CA ASN A 203 -11.08 -17.11 -12.88
C ASN A 203 -11.35 -18.38 -13.68
N MET A 204 -12.59 -18.59 -14.13
CA MET A 204 -12.90 -19.78 -14.91
C MET A 204 -13.94 -19.48 -15.99
N ALA A 205 -14.19 -20.47 -16.85
CA ALA A 205 -15.25 -20.44 -17.85
C ALA A 205 -14.97 -19.45 -18.98
N THR A 206 -15.09 -18.16 -18.69
CA THR A 206 -14.95 -17.13 -19.70
C THR A 206 -13.49 -16.73 -19.91
N MET A 207 -13.26 -15.51 -20.39
CA MET A 207 -11.91 -15.05 -20.73
C MET A 207 -11.79 -13.52 -20.68
N PRO A 208 -12.70 -12.75 -21.34
CA PRO A 208 -12.60 -11.28 -21.41
C PRO A 208 -12.50 -10.62 -20.03
N THR A 209 -11.33 -10.03 -19.76
CA THR A 209 -11.08 -9.35 -18.50
C THR A 209 -9.59 -8.99 -18.38
N LEU A 210 -8.74 -9.87 -18.91
CA LEU A 210 -7.29 -9.67 -18.87
C LEU A 210 -6.88 -8.55 -19.81
N PRO A 211 -5.78 -7.84 -19.49
CA PRO A 211 -5.25 -6.79 -20.37
C PRO A 211 -4.88 -7.35 -21.74
N GLU A 212 -5.18 -6.59 -22.78
CA GLU A 212 -4.94 -7.05 -24.14
C GLU A 212 -3.91 -6.16 -24.84
N THR A 213 -3.27 -5.28 -24.07
CA THR A 213 -2.18 -4.48 -24.59
C THR A 213 -0.87 -5.21 -24.36
N GLN A 214 0.01 -5.18 -25.35
CA GLN A 214 1.26 -5.92 -25.29
C GLN A 214 2.13 -5.41 -24.14
N ALA A 215 2.22 -4.10 -24.01
CA ALA A 215 3.00 -3.50 -22.93
C ALA A 215 2.39 -3.85 -21.56
N GLY A 216 1.07 -3.98 -21.55
CA GLY A 216 0.36 -4.30 -20.33
C GLY A 216 0.58 -5.75 -19.91
N ILE A 217 0.54 -6.66 -20.88
CA ILE A 217 0.70 -8.08 -20.61
C ILE A 217 2.14 -8.39 -20.21
N LYS A 218 3.09 -7.79 -20.93
CA LYS A 218 4.51 -7.93 -20.59
C LYS A 218 4.76 -7.59 -19.13
N GLU A 219 4.25 -6.43 -18.69
CA GLU A 219 4.39 -6.01 -17.31
C GLU A 219 3.77 -7.02 -16.36
N GLU A 220 2.54 -7.41 -16.66
CA GLU A 220 1.75 -8.22 -15.75
C GLU A 220 2.33 -9.62 -15.61
N ILE A 221 2.77 -10.21 -16.71
CA ILE A 221 3.35 -11.54 -16.67
C ILE A 221 4.64 -11.55 -15.86
N ARG A 222 5.45 -10.50 -16.01
CA ARG A 222 6.67 -10.36 -15.24
C ARG A 222 6.34 -10.40 -13.75
N ARG A 223 5.37 -9.57 -13.37
CA ARG A 223 4.94 -9.50 -11.98
C ARG A 223 4.31 -10.81 -11.53
N GLN A 224 3.54 -11.43 -12.42
CA GLN A 224 2.84 -12.67 -12.12
C GLN A 224 3.82 -13.79 -11.80
N GLU A 225 4.83 -13.96 -12.64
CA GLU A 225 5.77 -15.05 -12.50
C GLU A 225 6.65 -14.87 -11.26
N PHE A 226 6.89 -13.63 -10.85
CA PHE A 226 7.65 -13.38 -9.63
C PHE A 226 6.86 -13.83 -8.40
N LEU A 227 5.58 -13.48 -8.36
CA LEU A 227 4.73 -13.93 -7.27
C LEU A 227 4.58 -15.44 -7.38
N LEU A 228 4.51 -15.90 -8.63
CA LEU A 228 4.23 -17.30 -8.96
C LEU A 228 5.33 -18.21 -8.43
N ASN A 229 6.56 -17.92 -8.82
CA ASN A 229 7.69 -18.77 -8.44
C ASN A 229 7.91 -18.72 -6.94
N CYS A 230 7.55 -17.61 -6.30
CA CYS A 230 7.77 -17.48 -4.87
C CYS A 230 6.95 -18.50 -4.08
N LEU A 231 5.62 -18.50 -4.27
CA LEU A 231 4.77 -19.43 -3.51
C LEU A 231 4.98 -20.86 -4.00
N HIS A 232 5.12 -21.00 -5.30
CA HIS A 232 5.40 -22.29 -5.94
C HIS A 232 6.63 -22.94 -5.32
N ARG A 233 7.71 -22.16 -5.18
CA ARG A 233 8.95 -22.66 -4.62
C ARG A 233 8.86 -22.85 -3.11
N ASP A 234 8.30 -21.85 -2.42
CA ASP A 234 8.17 -21.89 -0.96
C ASP A 234 7.37 -23.09 -0.50
N LEU A 235 6.48 -23.56 -1.36
CA LEU A 235 5.63 -24.73 -1.05
C LEU A 235 6.50 -25.96 -0.74
N GLN A 236 7.68 -26.02 -1.35
CA GLN A 236 8.58 -27.16 -1.16
C GLN A 236 9.30 -27.09 0.19
N GLY A 237 9.07 -26.00 0.93
CA GLY A 237 9.70 -25.84 2.24
C GLY A 237 9.09 -26.74 3.30
N GLY A 238 8.33 -27.74 2.87
CA GLY A 238 7.71 -28.67 3.79
C GLY A 238 6.28 -28.29 4.07
N ILE A 239 5.72 -27.43 3.23
CA ILE A 239 4.36 -26.96 3.40
C ILE A 239 3.36 -27.98 2.86
N LYS A 240 2.59 -28.58 3.74
CA LYS A 240 1.54 -29.49 3.33
C LYS A 240 0.19 -28.83 3.55
N ASP A 241 -0.26 -28.10 2.56
CA ASP A 241 -1.48 -27.30 2.69
C ASP A 241 -2.26 -27.34 1.38
N LEU A 242 -3.46 -27.90 1.45
CA LEU A 242 -4.30 -28.07 0.27
C LEU A 242 -4.75 -26.71 -0.28
N SER A 243 -4.92 -25.76 0.63
CA SER A 243 -5.46 -24.46 0.28
C SER A 243 -4.43 -23.62 -0.45
N LYS A 244 -3.18 -23.72 -0.04
CA LYS A 244 -2.09 -23.01 -0.70
C LYS A 244 -1.92 -23.57 -2.10
N GLU A 245 -2.10 -24.87 -2.24
CA GLU A 245 -2.07 -25.54 -3.52
C GLU A 245 -3.21 -25.06 -4.41
N GLU A 246 -4.44 -25.05 -3.87
CA GLU A 246 -5.61 -24.57 -4.62
C GLU A 246 -5.34 -23.24 -5.30
N ARG A 247 -4.81 -22.29 -4.54
CA ARG A 247 -4.55 -20.96 -5.06
C ARG A 247 -3.42 -21.02 -6.09
N LEU A 248 -2.53 -21.97 -5.90
CA LEU A 248 -1.39 -22.15 -6.79
C LEU A 248 -1.83 -22.58 -8.19
N TRP A 249 -2.55 -23.69 -8.30
CA TRP A 249 -2.95 -24.22 -9.62
C TRP A 249 -3.73 -23.17 -10.37
N GLU A 250 -4.62 -22.49 -9.65
CA GLU A 250 -5.49 -21.48 -10.25
C GLU A 250 -4.67 -20.33 -10.87
N VAL A 251 -3.59 -19.93 -10.21
CA VAL A 251 -2.72 -18.88 -10.75
C VAL A 251 -2.11 -19.33 -12.07
N GLN A 252 -1.63 -20.58 -12.11
CA GLN A 252 -1.11 -21.18 -13.33
C GLN A 252 -2.12 -21.05 -14.48
N ARG A 253 -3.39 -21.31 -14.19
CA ARG A 253 -4.45 -21.20 -15.22
C ARG A 253 -4.61 -19.76 -15.70
N ILE A 254 -4.39 -18.82 -14.79
CA ILE A 254 -4.53 -17.40 -15.11
C ILE A 254 -3.36 -16.97 -15.99
N LEU A 255 -2.15 -17.28 -15.55
CA LEU A 255 -0.94 -16.98 -16.29
C LEU A 255 -0.96 -17.63 -17.66
N THR A 256 -1.40 -18.89 -17.73
CA THR A 256 -1.52 -19.60 -19.00
C THR A 256 -2.36 -18.79 -20.00
N ALA A 257 -3.52 -18.32 -19.56
CA ALA A 257 -4.37 -17.50 -20.40
C ALA A 257 -3.65 -16.21 -20.79
N LEU A 258 -2.95 -15.61 -19.82
CA LEU A 258 -2.26 -14.36 -20.07
C LEU A 258 -1.12 -14.58 -21.07
N LYS A 259 -0.44 -15.73 -20.96
CA LYS A 259 0.59 -16.11 -21.92
C LYS A 259 0.02 -16.24 -23.33
N ARG A 260 -1.17 -16.83 -23.42
CA ARG A 260 -1.86 -16.98 -24.69
C ARG A 260 -2.16 -15.60 -25.29
N LYS A 261 -2.65 -14.70 -24.44
CA LYS A 261 -3.00 -13.36 -24.86
C LYS A 261 -1.75 -12.52 -25.18
N LEU A 262 -0.63 -12.84 -24.55
CA LEU A 262 0.63 -12.17 -24.86
C LEU A 262 1.03 -12.47 -26.30
N ARG A 263 0.71 -13.68 -26.75
CA ARG A 263 0.98 -14.07 -28.13
C ARG A 263 -0.27 -13.86 -28.98
N GLU A 264 -1.26 -13.22 -28.38
CA GLU A 264 -2.53 -12.94 -29.04
C GLU A 264 -2.51 -11.52 -29.58
N ALA A 265 -1.84 -10.64 -28.85
CA ALA A 265 -1.72 -9.24 -29.22
C ALA A 265 -0.74 -9.05 -30.37
N HIS A 1 -10.09 -21.67 21.64
CA HIS A 1 -8.84 -20.88 21.66
C HIS A 1 -8.54 -20.32 20.28
N MET A 2 -8.75 -19.03 20.11
CA MET A 2 -8.42 -18.36 18.86
C MET A 2 -6.99 -17.87 18.90
N PRO A 3 -6.22 -18.20 17.85
CA PRO A 3 -4.78 -17.91 17.80
C PRO A 3 -4.49 -16.41 17.86
N ASN A 4 -5.28 -15.62 17.15
CA ASN A 4 -5.18 -14.18 17.22
C ASN A 4 -6.56 -13.56 17.29
N LEU A 5 -6.68 -12.49 18.05
CA LEU A 5 -7.95 -11.82 18.25
C LEU A 5 -8.19 -10.74 17.20
N LYS A 6 -8.91 -11.12 16.15
CA LYS A 6 -9.32 -10.20 15.08
C LYS A 6 -8.11 -9.60 14.34
N PRO A 7 -7.58 -10.34 13.36
CA PRO A 7 -6.45 -9.91 12.52
C PRO A 7 -6.76 -8.67 11.66
N ILE A 8 -5.78 -8.33 10.82
CA ILE A 8 -5.79 -7.13 9.98
C ILE A 8 -5.74 -5.82 10.78
N PHE A 9 -6.63 -5.68 11.75
CA PHE A 9 -6.69 -4.47 12.56
C PHE A 9 -6.51 -4.84 14.02
N GLY A 10 -6.34 -3.84 14.88
CA GLY A 10 -6.11 -4.09 16.30
C GLY A 10 -5.00 -5.08 16.58
N ILE A 11 -4.05 -5.20 15.66
CA ILE A 11 -2.99 -6.20 15.79
C ILE A 11 -1.63 -5.57 15.49
N PRO A 12 -0.53 -6.25 15.86
CA PRO A 12 0.83 -5.82 15.50
C PRO A 12 1.05 -5.86 13.99
N LEU A 13 2.00 -5.07 13.50
CA LEU A 13 2.26 -4.96 12.08
C LEU A 13 2.64 -6.31 11.48
N ALA A 14 3.60 -7.01 12.08
CA ALA A 14 4.02 -8.34 11.62
C ALA A 14 2.84 -9.27 11.35
N ASP A 15 1.97 -9.41 12.34
CA ASP A 15 0.77 -10.25 12.20
C ASP A 15 -0.02 -9.85 10.96
N ALA A 16 -0.13 -8.56 10.71
CA ALA A 16 -0.83 -8.07 9.53
C ALA A 16 -0.03 -8.40 8.26
N VAL A 17 1.29 -8.30 8.35
CA VAL A 17 2.18 -8.56 7.23
C VAL A 17 2.13 -10.02 6.80
N GLU A 18 2.30 -10.93 7.75
CA GLU A 18 2.32 -12.37 7.45
C GLU A 18 0.94 -12.83 6.98
N ARG A 19 -0.07 -12.11 7.41
CA ARG A 19 -1.43 -12.33 6.96
C ARG A 19 -1.57 -11.96 5.49
N THR A 20 -1.07 -10.78 5.13
CA THR A 20 -1.26 -10.26 3.79
C THR A 20 0.03 -10.33 2.97
N MET A 21 0.81 -11.38 3.16
CA MET A 21 2.01 -11.58 2.37
C MET A 21 1.67 -12.14 0.99
N MET A 22 2.11 -11.43 -0.03
CA MET A 22 1.79 -11.82 -1.41
C MET A 22 3.03 -11.83 -2.30
N TYR A 23 3.38 -10.66 -2.84
CA TYR A 23 4.48 -10.52 -3.80
C TYR A 23 5.73 -11.33 -3.39
N ASP A 24 6.60 -10.71 -2.62
CA ASP A 24 7.76 -11.41 -2.08
C ASP A 24 7.70 -11.45 -0.56
N GLY A 25 6.93 -10.53 0.02
CA GLY A 25 6.91 -10.40 1.45
C GLY A 25 8.06 -9.57 1.96
N ILE A 26 8.30 -8.45 1.29
CA ILE A 26 9.42 -7.56 1.61
C ILE A 26 9.17 -6.72 2.87
N ARG A 27 8.60 -7.36 3.89
CA ARG A 27 8.30 -6.71 5.18
C ARG A 27 7.37 -5.51 4.99
N LEU A 28 6.08 -5.79 4.80
CA LEU A 28 5.07 -4.79 4.50
C LEU A 28 3.76 -5.52 4.17
N PRO A 29 2.62 -5.03 4.67
CA PRO A 29 1.30 -5.65 4.40
C PRO A 29 0.87 -5.46 2.95
N ALA A 30 -0.05 -6.30 2.48
CA ALA A 30 -0.53 -6.20 1.10
C ALA A 30 -1.36 -4.94 0.92
N VAL A 31 -2.22 -4.69 1.90
CA VAL A 31 -3.09 -3.52 1.92
C VAL A 31 -2.35 -2.24 1.54
N PHE A 32 -1.17 -2.05 2.12
CA PHE A 32 -0.37 -0.87 1.85
C PHE A 32 0.01 -0.80 0.36
N ARG A 33 0.38 -1.94 -0.21
CA ARG A 33 0.78 -2.00 -1.61
C ARG A 33 -0.43 -1.82 -2.50
N GLU A 34 -1.54 -2.45 -2.13
CA GLU A 34 -2.79 -2.34 -2.87
C GLU A 34 -3.25 -0.89 -3.00
N CYS A 35 -3.07 -0.13 -1.93
CA CYS A 35 -3.47 1.27 -1.95
C CYS A 35 -2.41 2.11 -2.69
N ILE A 36 -1.15 1.73 -2.55
CA ILE A 36 -0.06 2.40 -3.25
C ILE A 36 -0.15 2.17 -4.76
N ASP A 37 -0.50 0.95 -5.14
CA ASP A 37 -0.54 0.55 -6.53
C ASP A 37 -1.65 1.28 -7.27
N TYR A 38 -2.86 1.25 -6.71
CA TYR A 38 -4.01 1.87 -7.37
C TYR A 38 -3.82 3.37 -7.51
N VAL A 39 -3.46 4.03 -6.43
CA VAL A 39 -3.34 5.48 -6.43
C VAL A 39 -2.28 5.97 -7.40
N GLU A 40 -1.11 5.34 -7.42
CA GLU A 40 -0.02 5.84 -8.26
C GLU A 40 -0.26 5.54 -9.74
N LYS A 41 -0.97 4.45 -10.02
CA LYS A 41 -1.22 4.04 -11.40
C LYS A 41 -2.43 4.71 -12.00
N TYR A 42 -3.49 4.89 -11.21
CA TYR A 42 -4.74 5.42 -11.75
C TYR A 42 -5.27 6.59 -10.91
N GLY A 43 -5.04 6.52 -9.60
CA GLY A 43 -5.74 7.38 -8.65
C GLY A 43 -5.31 8.84 -8.65
N MET A 44 -4.05 9.10 -8.27
CA MET A 44 -3.53 10.45 -8.02
C MET A 44 -3.64 11.44 -9.21
N LYS A 45 -4.23 11.04 -10.31
CA LYS A 45 -4.40 11.95 -11.43
C LYS A 45 -5.76 12.65 -11.36
N CYS A 46 -6.38 12.60 -10.17
CA CYS A 46 -7.68 13.21 -9.94
C CYS A 46 -7.57 14.37 -8.96
N GLU A 47 -8.31 15.44 -9.21
CA GLU A 47 -8.37 16.57 -8.31
C GLU A 47 -9.11 16.16 -7.03
N GLY A 48 -8.98 16.94 -5.97
CA GLY A 48 -9.52 16.54 -4.68
C GLY A 48 -8.85 15.31 -4.09
N ILE A 49 -7.89 14.74 -4.80
CA ILE A 49 -7.26 13.48 -4.40
C ILE A 49 -6.85 13.48 -2.92
N TYR A 50 -7.31 12.45 -2.21
CA TYR A 50 -6.96 12.22 -0.80
C TYR A 50 -7.75 13.12 0.15
N ARG A 51 -8.06 14.35 -0.25
CA ARG A 51 -8.83 15.25 0.61
C ARG A 51 -10.34 15.05 0.45
N VAL A 52 -10.72 14.17 -0.46
CA VAL A 52 -12.14 13.83 -0.65
C VAL A 52 -12.45 12.48 -0.02
N SER A 53 -13.73 12.27 0.26
CA SER A 53 -14.20 10.99 0.78
C SER A 53 -15.66 10.78 0.39
N GLY A 54 -15.94 9.70 -0.30
CA GLY A 54 -17.28 9.46 -0.80
C GLY A 54 -18.12 8.62 0.14
N ILE A 55 -18.46 7.42 -0.30
CA ILE A 55 -19.33 6.53 0.47
C ILE A 55 -18.53 5.80 1.56
N LYS A 56 -18.93 6.00 2.82
CA LYS A 56 -18.23 5.38 3.94
C LYS A 56 -18.48 3.86 3.97
N SER A 57 -19.73 3.47 3.72
CA SER A 57 -20.14 2.07 3.78
C SER A 57 -19.18 1.13 3.02
N LYS A 58 -19.09 1.28 1.71
CA LYS A 58 -18.15 0.47 0.91
C LYS A 58 -16.69 0.61 1.35
N VAL A 59 -16.33 1.73 1.99
CA VAL A 59 -14.99 1.85 2.56
C VAL A 59 -14.82 0.86 3.71
N ASP A 60 -15.80 0.85 4.60
CA ASP A 60 -15.85 -0.11 5.71
C ASP A 60 -16.04 -1.52 5.19
N GLU A 61 -16.52 -1.62 3.95
CA GLU A 61 -16.72 -2.91 3.30
C GLU A 61 -15.37 -3.51 2.95
N LEU A 62 -14.46 -2.65 2.50
CA LEU A 62 -13.12 -3.07 2.10
C LEU A 62 -12.33 -3.56 3.30
N LYS A 63 -12.36 -2.80 4.39
CA LYS A 63 -11.64 -3.20 5.60
C LYS A 63 -12.22 -4.51 6.12
N ALA A 64 -13.54 -4.66 5.97
CA ALA A 64 -14.23 -5.87 6.37
C ALA A 64 -13.82 -7.02 5.45
N ALA A 65 -13.59 -6.70 4.18
CA ALA A 65 -13.13 -7.69 3.23
C ALA A 65 -11.77 -8.20 3.64
N TYR A 66 -10.82 -7.30 3.86
CA TYR A 66 -9.45 -7.71 4.11
C TYR A 66 -9.35 -8.62 5.33
N ASP A 67 -10.22 -8.43 6.32
CA ASP A 67 -10.13 -9.24 7.54
C ASP A 67 -10.67 -10.67 7.35
N ARG A 68 -11.73 -10.84 6.57
CA ARG A 68 -12.38 -12.16 6.49
C ARG A 68 -12.35 -12.77 5.08
N GLU A 69 -12.06 -11.95 4.08
CA GLU A 69 -12.10 -12.38 2.68
C GLU A 69 -11.79 -11.19 1.79
N GLU A 70 -10.50 -10.99 1.55
CA GLU A 70 -10.03 -9.76 0.93
C GLU A 70 -10.08 -9.83 -0.59
N SER A 71 -11.04 -10.56 -1.11
CA SER A 71 -11.27 -10.60 -2.54
C SER A 71 -12.14 -9.41 -2.94
N THR A 72 -11.50 -8.37 -3.45
CA THR A 72 -12.18 -7.17 -3.86
C THR A 72 -11.37 -6.51 -4.96
N ASN A 73 -12.05 -5.91 -5.91
CA ASN A 73 -11.41 -5.27 -7.03
C ASN A 73 -11.25 -3.77 -6.75
N LEU A 74 -10.08 -3.40 -6.24
CA LEU A 74 -9.83 -2.05 -5.77
C LEU A 74 -9.72 -1.04 -6.91
N GLU A 75 -9.67 -1.52 -8.15
CA GLU A 75 -9.51 -0.63 -9.29
C GLU A 75 -10.86 -0.01 -9.64
N ASP A 76 -11.93 -0.66 -9.22
CA ASP A 76 -13.28 -0.23 -9.56
C ASP A 76 -13.82 0.70 -8.50
N TYR A 77 -13.10 0.79 -7.39
CA TYR A 77 -13.46 1.68 -6.31
C TYR A 77 -12.86 3.06 -6.50
N GLU A 78 -13.24 3.99 -5.65
CA GLU A 78 -12.77 5.36 -5.75
C GLU A 78 -11.39 5.50 -5.14
N PRO A 79 -10.58 6.42 -5.66
CA PRO A 79 -9.27 6.71 -5.07
C PRO A 79 -9.40 7.19 -3.62
N ASN A 80 -10.36 8.08 -3.37
CA ASN A 80 -10.66 8.50 -2.00
C ASN A 80 -10.96 7.30 -1.12
N THR A 81 -11.61 6.29 -1.69
CA THR A 81 -11.97 5.08 -0.95
C THR A 81 -10.73 4.30 -0.56
N VAL A 82 -9.87 4.03 -1.53
CA VAL A 82 -8.64 3.30 -1.30
C VAL A 82 -7.72 4.07 -0.35
N ALA A 83 -7.65 5.37 -0.56
CA ALA A 83 -6.85 6.25 0.29
C ALA A 83 -7.32 6.22 1.74
N SER A 84 -8.62 6.05 1.92
CA SER A 84 -9.22 6.10 3.25
C SER A 84 -9.05 4.75 3.91
N LEU A 85 -9.10 3.72 3.10
CA LEU A 85 -8.84 2.38 3.54
C LEU A 85 -7.40 2.27 4.02
N LEU A 86 -6.49 2.92 3.31
CA LEU A 86 -5.07 2.90 3.67
C LEU A 86 -4.83 3.59 5.01
N LYS A 87 -5.28 4.83 5.15
CA LYS A 87 -5.07 5.59 6.37
C LYS A 87 -5.76 4.93 7.55
N GLN A 88 -6.93 4.37 7.29
CA GLN A 88 -7.69 3.68 8.33
C GLN A 88 -7.06 2.34 8.68
N TYR A 89 -6.30 1.78 7.76
CA TYR A 89 -5.73 0.46 7.95
C TYR A 89 -4.64 0.52 9.01
N LEU A 90 -3.71 1.44 8.82
CA LEU A 90 -2.58 1.56 9.72
C LEU A 90 -2.93 2.30 11.00
N ARG A 91 -4.03 3.06 10.98
CA ARG A 91 -4.48 3.72 12.19
C ARG A 91 -5.07 2.72 13.18
N ASP A 92 -6.00 1.89 12.71
CA ASP A 92 -6.55 0.80 13.54
C ASP A 92 -5.49 -0.15 14.08
N LEU A 93 -4.25 0.02 13.65
CA LEU A 93 -3.16 -0.71 14.26
C LEU A 93 -2.73 0.03 15.53
N PRO A 94 -2.74 -0.66 16.67
CA PRO A 94 -2.48 -0.04 17.99
C PRO A 94 -1.07 0.55 18.11
N GLU A 95 -0.20 0.18 17.19
CA GLU A 95 1.12 0.74 17.17
C GLU A 95 1.26 1.62 15.93
N ASN A 96 1.57 2.90 16.15
CA ASN A 96 1.65 3.86 15.04
C ASN A 96 2.91 3.67 14.24
N LEU A 97 3.08 4.50 13.24
CA LEU A 97 4.26 4.42 12.38
C LEU A 97 5.44 5.02 13.12
N LEU A 98 5.16 6.09 13.87
CA LEU A 98 6.17 6.72 14.70
C LEU A 98 6.07 6.18 16.12
N THR A 99 5.09 5.31 16.32
CA THR A 99 4.70 4.79 17.64
C THR A 99 4.35 5.94 18.59
N LYS A 100 3.83 5.61 19.77
CA LYS A 100 3.57 6.62 20.79
C LYS A 100 4.90 7.17 21.28
N GLU A 101 5.84 6.24 21.39
CA GLU A 101 7.21 6.52 21.82
C GLU A 101 7.86 7.69 21.06
N LEU A 102 7.98 7.60 19.74
CA LEU A 102 8.78 8.58 18.99
C LEU A 102 7.93 9.78 18.55
N MET A 103 6.61 9.59 18.48
CA MET A 103 5.68 10.66 18.05
C MET A 103 6.02 12.04 18.64
N PRO A 104 6.16 12.19 19.98
CA PRO A 104 6.48 13.49 20.59
C PRO A 104 7.84 14.06 20.16
N ARG A 105 8.75 13.17 19.75
CA ARG A 105 10.07 13.57 19.29
C ARG A 105 9.97 14.25 17.93
N PHE A 106 8.97 13.86 17.15
CA PHE A 106 8.73 14.47 15.84
C PHE A 106 8.25 15.89 15.99
N GLU A 107 7.44 16.14 17.01
CA GLU A 107 6.99 17.49 17.33
C GLU A 107 8.20 18.36 17.66
N GLU A 108 9.12 17.80 18.43
CA GLU A 108 10.39 18.46 18.72
C GLU A 108 11.16 18.74 17.44
N ALA A 109 11.32 17.69 16.63
CA ALA A 109 12.03 17.76 15.37
C ALA A 109 11.41 18.78 14.42
N CYS A 110 10.15 19.12 14.66
CA CYS A 110 9.44 20.04 13.79
C CYS A 110 9.78 21.47 14.17
N GLY A 111 10.00 21.69 15.47
CA GLY A 111 10.33 23.02 15.97
C GLY A 111 11.82 23.27 15.99
N ARG A 112 12.56 22.41 15.31
CA ARG A 112 14.00 22.58 15.20
C ARG A 112 14.33 23.87 14.46
N THR A 113 15.39 24.53 14.91
CA THR A 113 15.81 25.80 14.34
C THR A 113 16.40 25.62 12.94
N THR A 114 16.74 24.39 12.58
CA THR A 114 17.33 24.12 11.28
C THR A 114 16.81 22.80 10.72
N GLU A 115 16.63 22.75 9.40
CA GLU A 115 16.14 21.55 8.73
C GLU A 115 17.07 20.36 8.97
N THR A 116 18.36 20.66 9.10
CA THR A 116 19.35 19.64 9.42
C THR A 116 18.99 18.94 10.73
N GLU A 117 18.73 19.73 11.76
CA GLU A 117 18.32 19.21 13.05
C GLU A 117 17.08 18.34 12.92
N LYS A 118 16.21 18.72 11.99
CA LYS A 118 14.97 18.01 11.78
C LYS A 118 15.23 16.63 11.20
N VAL A 119 15.87 16.60 10.03
CA VAL A 119 16.22 15.32 9.40
C VAL A 119 17.02 14.42 10.35
N GLN A 120 17.99 14.98 11.07
CA GLN A 120 18.78 14.21 12.03
C GLN A 120 17.92 13.63 13.16
N GLU A 121 17.03 14.44 13.72
CA GLU A 121 16.15 13.98 14.79
C GLU A 121 15.26 12.85 14.28
N PHE A 122 14.62 13.07 13.13
CA PHE A 122 13.81 12.06 12.46
C PHE A 122 14.59 10.75 12.28
N GLN A 123 15.87 10.89 11.94
CA GLN A 123 16.73 9.73 11.70
C GLN A 123 16.80 8.85 12.94
N ARG A 124 17.01 9.44 14.11
CA ARG A 124 17.03 8.67 15.36
C ARG A 124 15.71 7.95 15.56
N LEU A 125 14.62 8.66 15.30
CA LEU A 125 13.28 8.09 15.46
C LEU A 125 13.11 6.86 14.58
N LEU A 126 13.46 7.01 13.30
CA LEU A 126 13.40 5.91 12.33
C LEU A 126 14.21 4.69 12.78
N LYS A 127 15.27 4.89 13.56
CA LYS A 127 16.10 3.78 14.03
C LYS A 127 15.33 2.96 15.05
N GLU A 128 14.61 3.66 15.89
CA GLU A 128 13.76 3.04 16.90
C GLU A 128 12.66 2.21 16.23
N LEU A 129 12.12 2.73 15.12
CA LEU A 129 11.15 1.99 14.32
C LEU A 129 11.70 0.63 13.87
N PRO A 130 10.83 -0.41 13.84
CA PRO A 130 11.19 -1.72 13.28
C PRO A 130 11.41 -1.66 11.78
N GLU A 131 12.11 -2.66 11.24
CA GLU A 131 12.50 -2.66 9.83
C GLU A 131 11.28 -2.61 8.91
N CYS A 132 10.25 -3.39 9.23
CA CYS A 132 9.04 -3.42 8.42
C CYS A 132 8.36 -2.05 8.41
N ASN A 133 8.37 -1.39 9.55
CA ASN A 133 7.77 -0.06 9.68
C ASN A 133 8.64 0.96 8.97
N TYR A 134 9.95 0.75 9.05
CA TYR A 134 10.92 1.62 8.41
C TYR A 134 10.67 1.68 6.90
N LEU A 135 10.36 0.54 6.30
CA LEU A 135 10.05 0.52 4.89
C LEU A 135 8.69 1.15 4.63
N LEU A 136 7.75 0.90 5.53
CA LEU A 136 6.40 1.41 5.41
C LEU A 136 6.42 2.95 5.42
N ILE A 137 7.11 3.52 6.40
CA ILE A 137 7.23 4.98 6.49
C ILE A 137 7.94 5.54 5.25
N SER A 138 9.02 4.88 4.82
CA SER A 138 9.69 5.25 3.58
C SER A 138 8.70 5.35 2.43
N TRP A 139 7.89 4.32 2.25
CA TRP A 139 7.02 4.22 1.10
C TRP A 139 5.86 5.20 1.18
N LEU A 140 5.25 5.28 2.35
CA LEU A 140 4.09 6.15 2.54
C LEU A 140 4.41 7.58 2.14
N ILE A 141 5.58 8.05 2.54
CA ILE A 141 5.95 9.43 2.31
C ILE A 141 6.46 9.63 0.88
N VAL A 142 7.28 8.69 0.40
CA VAL A 142 7.82 8.79 -0.96
C VAL A 142 6.71 8.60 -2.00
N HIS A 143 5.75 7.74 -1.70
CA HIS A 143 4.59 7.56 -2.58
C HIS A 143 3.74 8.83 -2.56
N MET A 144 3.64 9.44 -1.39
CA MET A 144 2.86 10.65 -1.23
C MET A 144 3.59 11.85 -1.85
N ASP A 145 4.90 11.71 -1.98
CA ASP A 145 5.71 12.71 -2.67
C ASP A 145 5.39 12.68 -4.16
N HIS A 146 5.22 11.48 -4.68
CA HIS A 146 4.77 11.28 -6.05
C HIS A 146 3.39 11.93 -6.24
N VAL A 147 2.60 11.92 -5.17
CA VAL A 147 1.32 12.59 -5.18
C VAL A 147 1.51 14.09 -5.33
N ILE A 148 2.55 14.64 -4.71
CA ILE A 148 2.82 16.07 -4.79
C ILE A 148 3.05 16.52 -6.24
N ALA A 149 3.73 15.68 -7.02
CA ALA A 149 3.87 15.96 -8.45
C ALA A 149 2.50 15.92 -9.13
N LYS A 150 1.67 15.01 -8.67
CA LYS A 150 0.32 14.91 -9.17
C LYS A 150 -0.49 16.11 -8.69
N GLU A 151 -0.20 16.59 -7.49
CA GLU A 151 -0.77 17.83 -6.98
C GLU A 151 -0.47 18.98 -7.95
N LEU A 152 0.69 18.90 -8.59
CA LEU A 152 1.11 19.93 -9.52
C LEU A 152 0.18 19.94 -10.73
N GLU A 153 -0.32 18.77 -11.12
CA GLU A 153 -1.34 18.72 -12.18
C GLU A 153 -2.77 18.86 -11.62
N THR A 154 -3.06 18.23 -10.48
CA THR A 154 -4.39 18.30 -9.86
C THR A 154 -4.68 19.69 -9.26
N LYS A 155 -3.69 20.57 -9.35
CA LYS A 155 -3.80 21.97 -8.91
C LYS A 155 -3.73 22.11 -7.39
N MET A 156 -3.77 20.99 -6.70
CA MET A 156 -3.57 20.97 -5.26
C MET A 156 -2.08 21.11 -4.92
N ASN A 157 -1.73 21.07 -3.64
CA ASN A 157 -0.35 21.29 -3.24
C ASN A 157 0.00 20.49 -1.98
N ILE A 158 1.27 20.51 -1.59
CA ILE A 158 1.76 19.86 -0.37
C ILE A 158 0.89 20.24 0.83
N GLN A 159 0.40 21.47 0.83
CA GLN A 159 -0.44 21.97 1.91
C GLN A 159 -1.68 21.08 2.08
N ASN A 160 -2.33 20.76 0.96
CA ASN A 160 -3.53 19.92 1.00
C ASN A 160 -3.19 18.53 1.52
N ILE A 161 -2.18 17.92 0.92
CA ILE A 161 -1.77 16.58 1.31
C ILE A 161 -1.35 16.52 2.78
N SER A 162 -0.58 17.51 3.23
CA SER A 162 -0.12 17.53 4.61
C SER A 162 -1.29 17.70 5.58
N ILE A 163 -2.37 18.33 5.14
CA ILE A 163 -3.53 18.54 5.99
C ILE A 163 -4.27 17.22 6.21
N VAL A 164 -4.33 16.41 5.17
CA VAL A 164 -5.04 15.13 5.25
C VAL A 164 -4.14 14.04 5.81
N LEU A 165 -2.83 14.19 5.61
CA LEU A 165 -1.86 13.23 6.13
C LEU A 165 -1.63 13.47 7.62
N SER A 166 -1.95 14.68 8.09
CA SER A 166 -1.82 15.05 9.49
C SER A 166 -2.58 14.07 10.41
N PRO A 167 -3.92 13.92 10.24
CA PRO A 167 -4.72 12.99 11.06
C PRO A 167 -4.37 11.53 10.79
N THR A 168 -3.66 11.30 9.69
CA THR A 168 -3.29 9.96 9.29
C THR A 168 -2.25 9.37 10.25
N VAL A 169 -1.12 10.04 10.44
CA VAL A 169 -0.14 9.57 11.41
C VAL A 169 -0.43 10.12 12.81
N GLN A 170 -1.32 11.12 12.86
CA GLN A 170 -1.75 11.74 14.11
C GLN A 170 -0.69 12.69 14.66
N ILE A 171 -0.23 13.60 13.80
CA ILE A 171 0.80 14.56 14.16
C ILE A 171 0.56 15.88 13.43
N SER A 172 1.06 16.98 14.00
CA SER A 172 0.89 18.33 13.44
C SER A 172 1.19 18.38 11.93
N ASN A 173 0.42 19.21 11.23
CA ASN A 173 0.50 19.37 9.78
C ASN A 173 1.92 19.67 9.31
N ARG A 174 2.63 20.49 10.07
CA ARG A 174 3.97 20.94 9.68
C ARG A 174 4.92 19.76 9.53
N VAL A 175 4.69 18.71 10.31
CA VAL A 175 5.54 17.53 10.29
C VAL A 175 5.45 16.80 8.96
N LEU A 176 4.28 16.81 8.34
CA LEU A 176 4.09 16.11 7.07
C LEU A 176 4.79 16.85 5.93
N TYR A 177 4.54 18.14 5.83
CA TYR A 177 5.29 19.00 4.91
C TYR A 177 6.80 18.74 4.99
N VAL A 178 7.35 18.75 6.22
CA VAL A 178 8.77 18.47 6.38
C VAL A 178 9.05 16.97 6.17
N PHE A 179 8.04 16.13 6.38
CA PHE A 179 8.18 14.71 6.09
C PHE A 179 8.65 14.50 4.66
N PHE A 180 8.01 15.14 3.69
CA PHE A 180 8.39 14.95 2.28
C PHE A 180 9.74 15.59 1.99
N THR A 181 9.80 16.90 2.19
CA THR A 181 11.07 17.63 2.06
C THR A 181 12.25 16.84 2.65
N HIS A 182 12.12 16.40 3.88
CA HIS A 182 13.18 15.65 4.54
C HIS A 182 13.26 14.20 4.02
N VAL A 183 12.15 13.68 3.53
CA VAL A 183 12.09 12.27 3.12
C VAL A 183 13.04 11.99 1.97
N GLN A 184 13.13 12.88 1.01
CA GLN A 184 14.12 12.73 -0.05
C GLN A 184 15.50 13.18 0.42
N GLU A 185 15.55 14.08 1.40
CA GLU A 185 16.83 14.37 2.05
C GLU A 185 17.35 13.10 2.72
N LEU A 186 16.41 12.22 3.08
CA LEU A 186 16.74 10.96 3.74
C LEU A 186 16.90 9.82 2.74
N PHE A 187 15.93 9.64 1.85
CA PHE A 187 15.99 8.59 0.85
C PHE A 187 15.98 9.20 -0.55
N GLY A 188 15.41 8.47 -1.50
CA GLY A 188 15.30 8.94 -2.86
C GLY A 188 15.45 7.80 -3.83
N ASN A 189 16.21 6.81 -3.37
CA ASN A 189 16.37 5.56 -4.08
C ASN A 189 15.18 4.66 -3.78
N VAL A 190 14.56 4.92 -2.63
CA VAL A 190 13.32 4.26 -2.25
C VAL A 190 12.32 4.30 -3.38
N VAL A 191 11.87 3.13 -3.76
CA VAL A 191 11.06 2.96 -4.94
C VAL A 191 9.77 2.21 -4.62
N LEU A 192 8.71 2.60 -5.30
CA LEU A 192 7.40 2.01 -5.07
C LEU A 192 7.17 0.82 -6.01
N LYS A 193 7.47 -0.37 -5.52
CA LYS A 193 7.19 -1.59 -6.26
C LYS A 193 5.69 -1.83 -6.33
N GLN A 194 5.12 -1.79 -7.51
CA GLN A 194 3.69 -2.02 -7.68
C GLN A 194 3.38 -3.51 -7.58
N VAL A 195 2.14 -3.82 -7.27
CA VAL A 195 1.71 -5.19 -7.08
C VAL A 195 0.53 -5.51 -7.97
N MET A 196 0.32 -6.79 -8.25
CA MET A 196 -0.78 -7.22 -9.09
C MET A 196 -2.11 -6.84 -8.47
N LYS A 197 -3.08 -6.51 -9.31
CA LYS A 197 -4.39 -6.12 -8.84
C LYS A 197 -5.37 -7.27 -8.99
N PRO A 198 -6.07 -7.65 -7.91
CA PRO A 198 -7.22 -8.56 -8.02
C PRO A 198 -8.22 -7.96 -8.98
N LEU A 199 -8.61 -8.71 -9.99
CA LEU A 199 -9.24 -8.11 -11.16
C LEU A 199 -10.76 -8.16 -11.10
N ARG A 200 -11.38 -7.34 -11.95
CA ARG A 200 -12.83 -7.19 -11.99
C ARG A 200 -13.51 -8.36 -12.70
N TRP A 201 -12.94 -9.54 -12.56
CA TRP A 201 -13.43 -10.71 -13.26
C TRP A 201 -13.59 -11.87 -12.28
N SER A 202 -14.49 -12.79 -12.59
CA SER A 202 -14.66 -14.02 -11.83
C SER A 202 -13.47 -14.95 -12.02
N ASN A 203 -12.46 -14.48 -12.78
CA ASN A 203 -11.27 -15.27 -13.13
C ASN A 203 -11.64 -16.39 -14.12
N MET A 204 -12.93 -16.67 -14.21
CA MET A 204 -13.48 -17.55 -15.21
C MET A 204 -15.00 -17.43 -15.24
N ALA A 205 -15.50 -16.61 -16.15
CA ALA A 205 -16.94 -16.50 -16.38
C ALA A 205 -17.22 -15.96 -17.77
N THR A 206 -16.18 -15.42 -18.40
CA THR A 206 -16.29 -14.69 -19.66
C THR A 206 -14.92 -14.56 -20.30
N MET A 207 -14.67 -13.43 -20.95
CA MET A 207 -13.38 -13.17 -21.59
C MET A 207 -13.10 -11.65 -21.73
N PRO A 208 -14.07 -10.84 -22.23
CA PRO A 208 -13.90 -9.38 -22.31
C PRO A 208 -13.67 -8.77 -20.92
N THR A 209 -12.41 -8.48 -20.62
CA THR A 209 -12.03 -7.96 -19.32
C THR A 209 -10.50 -7.91 -19.21
N LEU A 210 -9.84 -8.72 -20.01
CA LEU A 210 -8.39 -8.80 -20.00
C LEU A 210 -7.80 -7.71 -20.88
N PRO A 211 -6.60 -7.22 -20.55
CA PRO A 211 -5.89 -6.22 -21.37
C PRO A 211 -5.58 -6.76 -22.76
N GLU A 212 -5.63 -5.88 -23.75
CA GLU A 212 -5.39 -6.28 -25.14
C GLU A 212 -4.25 -5.48 -25.74
N THR A 213 -3.47 -4.82 -24.88
CA THR A 213 -2.31 -4.09 -25.32
C THR A 213 -1.03 -4.72 -24.78
N GLN A 214 0.01 -4.76 -25.61
CA GLN A 214 1.30 -5.30 -25.22
C GLN A 214 1.81 -4.66 -23.92
N ALA A 215 1.69 -3.34 -23.84
CA ALA A 215 2.20 -2.59 -22.70
C ALA A 215 1.56 -3.05 -21.39
N GLY A 216 0.23 -3.09 -21.40
CA GLY A 216 -0.51 -3.49 -20.22
C GLY A 216 -0.22 -4.92 -19.81
N ILE A 217 -0.24 -5.83 -20.79
CA ILE A 217 -0.08 -7.25 -20.52
C ILE A 217 1.35 -7.55 -20.08
N LYS A 218 2.32 -7.09 -20.87
CA LYS A 218 3.73 -7.41 -20.65
C LYS A 218 4.19 -6.99 -19.24
N GLU A 219 3.86 -5.77 -18.84
CA GLU A 219 4.30 -5.25 -17.55
C GLU A 219 3.65 -5.99 -16.39
N GLU A 220 2.34 -6.20 -16.45
CA GLU A 220 1.66 -6.85 -15.34
C GLU A 220 2.00 -8.35 -15.34
N ILE A 221 2.34 -8.90 -16.51
CA ILE A 221 2.87 -10.27 -16.59
C ILE A 221 4.19 -10.37 -15.84
N ARG A 222 5.01 -9.35 -15.98
CA ARG A 222 6.28 -9.28 -15.28
C ARG A 222 6.04 -9.51 -13.78
N ARG A 223 5.10 -8.75 -13.25
CA ARG A 223 4.74 -8.86 -11.84
C ARG A 223 4.11 -10.23 -11.55
N GLN A 224 3.37 -10.76 -12.52
CA GLN A 224 2.70 -12.04 -12.38
C GLN A 224 3.68 -13.16 -12.07
N GLU A 225 4.72 -13.27 -12.90
CA GLU A 225 5.70 -14.34 -12.72
C GLU A 225 6.55 -14.12 -11.48
N PHE A 226 6.63 -12.89 -10.99
CA PHE A 226 7.25 -12.64 -9.70
C PHE A 226 6.43 -13.29 -8.60
N LEU A 227 5.12 -13.10 -8.66
CA LEU A 227 4.22 -13.70 -7.72
C LEU A 227 4.19 -15.21 -7.92
N LEU A 228 4.37 -15.60 -9.17
CA LEU A 228 4.30 -17.00 -9.55
C LEU A 228 5.49 -17.77 -9.00
N ASN A 229 6.70 -17.32 -9.35
CA ASN A 229 7.91 -18.06 -9.04
C ASN A 229 8.12 -18.15 -7.54
N CYS A 230 7.83 -17.06 -6.83
CA CYS A 230 8.11 -17.01 -5.41
C CYS A 230 7.16 -17.91 -4.63
N LEU A 231 5.87 -17.75 -4.85
CA LEU A 231 4.88 -18.48 -4.07
C LEU A 231 4.94 -19.96 -4.41
N HIS A 232 5.09 -20.24 -5.70
CA HIS A 232 5.22 -21.61 -6.17
C HIS A 232 6.36 -22.32 -5.46
N ARG A 233 7.51 -21.66 -5.35
CA ARG A 233 8.68 -22.26 -4.70
C ARG A 233 8.48 -22.35 -3.19
N ASP A 234 7.79 -21.38 -2.62
CA ASP A 234 7.52 -21.35 -1.17
C ASP A 234 6.88 -22.66 -0.72
N LEU A 235 6.02 -23.20 -1.58
CA LEU A 235 5.29 -24.42 -1.28
C LEU A 235 6.23 -25.61 -1.04
N GLN A 236 7.41 -25.57 -1.66
CA GLN A 236 8.36 -26.68 -1.56
C GLN A 236 9.13 -26.64 -0.23
N GLY A 237 8.93 -25.60 0.55
CA GLY A 237 9.61 -25.48 1.83
C GLY A 237 8.95 -26.29 2.92
N GLY A 238 8.54 -27.51 2.57
CA GLY A 238 7.85 -28.37 3.51
C GLY A 238 6.50 -27.82 3.91
N ILE A 239 5.85 -27.13 2.97
CA ILE A 239 4.60 -26.46 3.26
C ILE A 239 3.45 -27.15 2.54
N LYS A 240 2.38 -27.44 3.27
CA LYS A 240 1.19 -27.98 2.66
C LYS A 240 -0.03 -27.21 3.17
N ASP A 241 -0.27 -26.06 2.56
CA ASP A 241 -1.44 -25.26 2.87
C ASP A 241 -2.36 -25.22 1.66
N LEU A 242 -3.63 -25.44 1.88
CA LEU A 242 -4.62 -25.37 0.81
C LEU A 242 -4.65 -23.95 0.25
N SER A 243 -4.33 -22.99 1.11
CA SER A 243 -4.32 -21.58 0.74
C SER A 243 -3.19 -21.32 -0.25
N LYS A 244 -2.03 -21.93 0.00
CA LYS A 244 -0.89 -21.80 -0.89
C LYS A 244 -1.25 -22.35 -2.27
N GLU A 245 -1.83 -23.55 -2.26
CA GLU A 245 -2.16 -24.27 -3.48
C GLU A 245 -3.17 -23.48 -4.32
N GLU A 246 -4.33 -23.17 -3.72
CA GLU A 246 -5.38 -22.44 -4.43
C GLU A 246 -4.83 -21.19 -5.13
N ARG A 247 -4.04 -20.40 -4.41
CA ARG A 247 -3.49 -19.16 -4.96
C ARG A 247 -2.51 -19.45 -6.10
N LEU A 248 -1.89 -20.62 -6.07
CA LEU A 248 -0.96 -21.00 -7.13
C LEU A 248 -1.68 -21.22 -8.46
N TRP A 249 -2.67 -22.11 -8.48
CA TRP A 249 -3.39 -22.39 -9.74
C TRP A 249 -4.12 -21.14 -10.18
N GLU A 250 -4.50 -20.32 -9.21
CA GLU A 250 -5.22 -19.09 -9.48
C GLU A 250 -4.39 -18.14 -10.34
N VAL A 251 -3.15 -17.87 -9.89
CA VAL A 251 -2.27 -16.97 -10.64
C VAL A 251 -1.92 -17.59 -11.99
N GLN A 252 -1.71 -18.90 -11.99
CA GLN A 252 -1.43 -19.66 -13.20
C GLN A 252 -2.57 -19.52 -14.21
N ARG A 253 -3.81 -19.53 -13.71
CA ARG A 253 -4.98 -19.36 -14.57
C ARG A 253 -4.96 -17.99 -15.25
N ILE A 254 -4.57 -16.99 -14.48
CA ILE A 254 -4.57 -15.62 -14.96
C ILE A 254 -3.43 -15.41 -15.94
N LEU A 255 -2.25 -15.88 -15.55
CA LEU A 255 -1.07 -15.81 -16.39
C LEU A 255 -1.30 -16.54 -17.72
N THR A 256 -2.04 -17.64 -17.67
CA THR A 256 -2.36 -18.38 -18.89
C THR A 256 -3.13 -17.49 -19.87
N ALA A 257 -4.17 -16.82 -19.38
CA ALA A 257 -4.90 -15.86 -20.17
C ALA A 257 -3.97 -14.80 -20.71
N LEU A 258 -3.18 -14.20 -19.83
CA LEU A 258 -2.27 -13.13 -20.21
C LEU A 258 -1.25 -13.60 -21.25
N LYS A 259 -0.84 -14.87 -21.17
CA LYS A 259 0.12 -15.41 -22.14
C LYS A 259 -0.52 -15.63 -23.50
N ARG A 260 -1.77 -16.09 -23.50
CA ARG A 260 -2.53 -16.20 -24.74
C ARG A 260 -2.77 -14.82 -25.33
N LYS A 261 -3.27 -13.92 -24.50
CA LYS A 261 -3.51 -12.53 -24.89
C LYS A 261 -2.21 -11.84 -25.29
N LEU A 262 -1.09 -12.32 -24.76
CA LEU A 262 0.23 -11.77 -25.07
C LEU A 262 0.56 -11.93 -26.54
N ARG A 263 0.12 -13.04 -27.12
CA ARG A 263 0.33 -13.31 -28.54
C ARG A 263 -0.95 -13.02 -29.31
N GLU A 264 -1.91 -12.46 -28.60
CA GLU A 264 -3.20 -12.12 -29.17
C GLU A 264 -3.27 -10.62 -29.45
N ALA A 265 -2.54 -9.88 -28.65
CA ALA A 265 -2.52 -8.43 -28.72
C ALA A 265 -1.51 -7.95 -29.74
N HIS A 1 -18.70 -12.22 22.09
CA HIS A 1 -17.23 -12.25 21.96
C HIS A 1 -16.82 -11.71 20.60
N MET A 2 -15.53 -11.75 20.31
CA MET A 2 -15.04 -11.28 19.03
C MET A 2 -14.87 -12.45 18.06
N PRO A 3 -15.67 -12.46 16.98
CA PRO A 3 -15.68 -13.51 15.97
C PRO A 3 -14.28 -13.86 15.46
N ASN A 4 -13.59 -12.85 14.95
CA ASN A 4 -12.21 -13.01 14.52
C ASN A 4 -11.29 -12.37 15.53
N LEU A 5 -10.31 -13.14 15.99
CA LEU A 5 -9.39 -12.67 17.01
C LEU A 5 -8.39 -11.69 16.44
N LYS A 6 -8.60 -10.40 16.74
CA LYS A 6 -7.76 -9.31 16.25
C LYS A 6 -7.75 -9.25 14.73
N PRO A 7 -8.70 -8.52 14.14
CA PRO A 7 -8.79 -8.31 12.70
C PRO A 7 -7.77 -7.30 12.21
N ILE A 8 -7.29 -7.49 10.97
CA ILE A 8 -6.41 -6.54 10.26
C ILE A 8 -6.50 -5.09 10.76
N PHE A 9 -7.72 -4.57 10.90
CA PHE A 9 -7.88 -3.20 11.35
C PHE A 9 -7.81 -3.11 12.88
N GLY A 10 -6.59 -3.11 13.39
CA GLY A 10 -6.37 -2.98 14.81
C GLY A 10 -5.30 -3.93 15.33
N ILE A 11 -4.21 -4.06 14.58
CA ILE A 11 -3.15 -5.02 14.91
C ILE A 11 -1.77 -4.46 14.55
N PRO A 12 -0.69 -5.09 15.05
CA PRO A 12 0.67 -4.73 14.64
C PRO A 12 0.92 -5.01 13.17
N LEU A 13 1.85 -4.28 12.58
CA LEU A 13 2.15 -4.42 11.16
C LEU A 13 2.51 -5.85 10.80
N ALA A 14 3.48 -6.42 11.51
CA ALA A 14 3.95 -7.79 11.25
C ALA A 14 2.80 -8.80 11.10
N ASP A 15 1.93 -8.82 12.08
CA ASP A 15 0.76 -9.72 12.05
C ASP A 15 -0.03 -9.53 10.76
N ALA A 16 -0.35 -8.28 10.43
CA ALA A 16 -1.05 -7.97 9.19
C ALA A 16 -0.23 -8.40 7.98
N VAL A 17 1.09 -8.29 8.09
CA VAL A 17 2.00 -8.68 7.02
C VAL A 17 1.94 -10.18 6.77
N GLU A 18 2.10 -10.95 7.83
CA GLU A 18 2.11 -12.41 7.72
C GLU A 18 0.77 -12.95 7.23
N ARG A 19 -0.28 -12.14 7.36
CA ARG A 19 -1.59 -12.49 6.80
C ARG A 19 -1.68 -12.10 5.33
N THR A 20 -1.22 -10.90 5.00
CA THR A 20 -1.37 -10.37 3.66
C THR A 20 -0.05 -10.42 2.89
N MET A 21 0.71 -11.48 3.11
CA MET A 21 1.95 -11.66 2.35
C MET A 21 1.64 -11.94 0.88
N MET A 22 2.08 -11.02 0.02
CA MET A 22 1.71 -11.04 -1.39
C MET A 22 2.89 -11.45 -2.28
N TYR A 23 3.74 -10.49 -2.65
CA TYR A 23 4.91 -10.78 -3.48
C TYR A 23 5.98 -11.55 -2.68
N ASP A 24 6.75 -10.81 -1.88
CA ASP A 24 7.81 -11.41 -1.06
C ASP A 24 7.42 -11.41 0.40
N GLY A 25 6.49 -10.53 0.75
CA GLY A 25 6.21 -10.27 2.13
C GLY A 25 7.28 -9.41 2.72
N ILE A 26 7.56 -8.30 2.04
CA ILE A 26 8.66 -7.39 2.36
C ILE A 26 8.45 -6.65 3.68
N ARG A 27 7.76 -7.31 4.63
CA ARG A 27 7.39 -6.69 5.89
C ARG A 27 6.54 -5.45 5.63
N LEU A 28 5.38 -5.68 5.05
CA LEU A 28 4.49 -4.62 4.63
C LEU A 28 3.19 -5.26 4.11
N PRO A 29 2.04 -4.90 4.70
CA PRO A 29 0.74 -5.49 4.33
C PRO A 29 0.44 -5.34 2.85
N ALA A 30 -0.33 -6.26 2.29
CA ALA A 30 -0.66 -6.21 0.88
C ALA A 30 -1.60 -5.05 0.60
N VAL A 31 -2.65 -4.95 1.41
CA VAL A 31 -3.66 -3.91 1.29
C VAL A 31 -3.06 -2.51 1.10
N PHE A 32 -2.03 -2.18 1.88
CA PHE A 32 -1.37 -0.88 1.76
C PHE A 32 -0.84 -0.70 0.35
N ARG A 33 -0.31 -1.76 -0.20
CA ARG A 33 0.30 -1.72 -1.52
C ARG A 33 -0.78 -1.80 -2.60
N GLU A 34 -1.80 -2.62 -2.37
CA GLU A 34 -2.94 -2.70 -3.26
C GLU A 34 -3.61 -1.34 -3.46
N CYS A 35 -3.71 -0.58 -2.38
CA CYS A 35 -4.40 0.71 -2.43
C CYS A 35 -3.45 1.76 -2.98
N ILE A 36 -2.16 1.62 -2.64
CA ILE A 36 -1.13 2.48 -3.20
C ILE A 36 -1.01 2.25 -4.70
N ASP A 37 -1.29 1.03 -5.12
CA ASP A 37 -1.17 0.63 -6.52
C ASP A 37 -2.23 1.32 -7.36
N TYR A 38 -3.47 1.25 -6.92
CA TYR A 38 -4.58 1.86 -7.64
C TYR A 38 -4.37 3.35 -7.80
N VAL A 39 -4.06 4.05 -6.72
CA VAL A 39 -3.88 5.49 -6.80
C VAL A 39 -2.64 5.87 -7.59
N GLU A 40 -1.58 5.07 -7.49
CA GLU A 40 -0.35 5.32 -8.24
C GLU A 40 -0.59 5.13 -9.74
N LYS A 41 -1.56 4.27 -10.06
CA LYS A 41 -1.89 3.96 -11.45
C LYS A 41 -2.89 4.95 -12.04
N TYR A 42 -3.99 5.18 -11.33
CA TYR A 42 -5.11 5.91 -11.90
C TYR A 42 -5.57 7.07 -11.02
N GLY A 43 -5.36 6.96 -9.71
CA GLY A 43 -5.87 7.97 -8.80
C GLY A 43 -4.80 8.93 -8.36
N MET A 44 -4.04 9.42 -9.32
CA MET A 44 -2.87 10.23 -9.05
C MET A 44 -3.18 11.71 -9.14
N LYS A 45 -3.90 12.11 -10.19
CA LYS A 45 -4.06 13.53 -10.50
C LYS A 45 -5.52 13.96 -10.46
N CYS A 46 -6.24 13.50 -9.45
CA CYS A 46 -7.61 13.95 -9.23
C CYS A 46 -7.63 15.04 -8.18
N GLU A 47 -8.39 16.09 -8.40
CA GLU A 47 -8.54 17.15 -7.41
C GLU A 47 -9.32 16.63 -6.21
N GLY A 48 -9.24 17.33 -5.09
CA GLY A 48 -9.84 16.83 -3.86
C GLY A 48 -9.20 15.57 -3.31
N ILE A 49 -8.16 15.07 -3.99
CA ILE A 49 -7.52 13.82 -3.61
C ILE A 49 -7.13 13.81 -2.12
N TYR A 50 -7.57 12.76 -1.42
CA TYR A 50 -7.22 12.51 0.00
C TYR A 50 -8.04 13.39 0.95
N ARG A 51 -8.35 14.62 0.55
CA ARG A 51 -9.22 15.47 1.35
C ARG A 51 -10.67 15.00 1.27
N VAL A 52 -11.06 14.51 0.10
CA VAL A 52 -12.41 14.00 -0.11
C VAL A 52 -12.49 12.53 0.28
N SER A 53 -13.66 12.10 0.71
CA SER A 53 -13.90 10.72 1.05
C SER A 53 -15.34 10.36 0.66
N GLY A 54 -15.50 9.27 -0.10
CA GLY A 54 -16.81 8.90 -0.60
C GLY A 54 -17.68 8.19 0.42
N ILE A 55 -18.46 7.23 -0.05
CA ILE A 55 -19.43 6.54 0.78
C ILE A 55 -18.75 5.69 1.85
N LYS A 56 -19.06 6.00 3.10
CA LYS A 56 -18.48 5.30 4.26
C LYS A 56 -18.75 3.80 4.19
N SER A 57 -19.94 3.44 3.72
CA SER A 57 -20.31 2.05 3.53
C SER A 57 -19.22 1.28 2.76
N LYS A 58 -18.98 1.68 1.51
CA LYS A 58 -17.93 1.06 0.69
C LYS A 58 -16.57 1.05 1.38
N VAL A 59 -16.30 2.05 2.21
CA VAL A 59 -15.04 2.09 2.94
C VAL A 59 -14.95 0.91 3.90
N ASP A 60 -16.05 0.64 4.60
CA ASP A 60 -16.11 -0.50 5.50
C ASP A 60 -16.31 -1.80 4.73
N GLU A 61 -16.75 -1.69 3.48
CA GLU A 61 -16.95 -2.86 2.63
C GLU A 61 -15.60 -3.50 2.33
N LEU A 62 -14.66 -2.64 1.94
CA LEU A 62 -13.29 -3.06 1.68
C LEU A 62 -12.66 -3.62 2.94
N LYS A 63 -12.83 -2.89 4.05
CA LYS A 63 -12.34 -3.32 5.36
C LYS A 63 -12.79 -4.75 5.65
N ALA A 64 -14.06 -4.99 5.42
CA ALA A 64 -14.66 -6.30 5.69
C ALA A 64 -14.03 -7.38 4.82
N ALA A 65 -13.91 -7.10 3.53
CA ALA A 65 -13.40 -8.08 2.57
C ALA A 65 -11.93 -8.41 2.83
N TYR A 66 -11.16 -7.42 3.26
CA TYR A 66 -9.74 -7.62 3.48
C TYR A 66 -9.47 -8.52 4.70
N ASP A 67 -10.21 -8.32 5.78
CA ASP A 67 -9.99 -9.13 6.98
C ASP A 67 -10.49 -10.56 6.79
N ARG A 68 -11.46 -10.73 5.89
CA ARG A 68 -11.94 -12.06 5.55
C ARG A 68 -11.11 -12.64 4.41
N GLU A 69 -10.26 -11.79 3.85
CA GLU A 69 -9.41 -12.16 2.72
C GLU A 69 -10.26 -12.61 1.53
N GLU A 70 -10.86 -11.64 0.87
CA GLU A 70 -11.74 -11.88 -0.27
C GLU A 70 -11.23 -11.12 -1.49
N SER A 71 -12.00 -11.15 -2.56
CA SER A 71 -11.62 -10.46 -3.78
C SER A 71 -12.11 -9.01 -3.74
N THR A 72 -11.19 -8.07 -3.93
CA THR A 72 -11.52 -6.66 -3.92
C THR A 72 -11.09 -6.03 -5.23
N ASN A 73 -11.98 -5.28 -5.84
CA ASN A 73 -11.67 -4.60 -7.07
C ASN A 73 -11.58 -3.11 -6.83
N LEU A 74 -10.37 -2.64 -6.60
CA LEU A 74 -10.12 -1.25 -6.27
C LEU A 74 -10.23 -0.35 -7.49
N GLU A 75 -10.26 -0.99 -8.66
CA GLU A 75 -10.30 -0.26 -9.93
C GLU A 75 -11.71 0.28 -10.17
N ASP A 76 -12.67 -0.28 -9.44
CA ASP A 76 -14.08 0.10 -9.55
C ASP A 76 -14.41 1.23 -8.60
N TYR A 77 -13.73 1.25 -7.46
CA TYR A 77 -14.01 2.22 -6.41
C TYR A 77 -13.30 3.54 -6.69
N GLU A 78 -13.43 4.47 -5.75
CA GLU A 78 -12.83 5.79 -5.87
C GLU A 78 -11.43 5.80 -5.25
N PRO A 79 -10.54 6.65 -5.79
CA PRO A 79 -9.21 6.84 -5.21
C PRO A 79 -9.30 7.28 -3.74
N ASN A 80 -10.19 8.23 -3.48
CA ASN A 80 -10.48 8.65 -2.11
C ASN A 80 -10.99 7.51 -1.24
N THR A 81 -11.62 6.51 -1.85
CA THR A 81 -12.17 5.39 -1.09
C THR A 81 -11.03 4.50 -0.56
N VAL A 82 -10.12 4.09 -1.45
CA VAL A 82 -8.97 3.28 -1.05
C VAL A 82 -8.04 4.09 -0.14
N ALA A 83 -7.90 5.37 -0.44
CA ALA A 83 -7.12 6.28 0.38
C ALA A 83 -7.70 6.38 1.80
N SER A 84 -9.01 6.25 1.90
CA SER A 84 -9.70 6.41 3.17
C SER A 84 -9.51 5.14 3.97
N LEU A 85 -9.46 4.02 3.25
CA LEU A 85 -9.10 2.75 3.81
C LEU A 85 -7.69 2.87 4.41
N LEU A 86 -6.77 3.44 3.63
CA LEU A 86 -5.39 3.58 4.06
C LEU A 86 -5.28 4.40 5.34
N LYS A 87 -5.85 5.61 5.33
CA LYS A 87 -5.76 6.49 6.47
C LYS A 87 -6.43 5.88 7.70
N GLN A 88 -7.51 5.14 7.49
CA GLN A 88 -8.23 4.52 8.58
C GLN A 88 -7.47 3.30 9.10
N TYR A 89 -7.14 2.39 8.19
CA TYR A 89 -6.35 1.21 8.52
C TYR A 89 -5.11 1.55 9.33
N LEU A 90 -4.42 2.61 8.95
CA LEU A 90 -3.21 3.00 9.67
C LEU A 90 -3.55 3.51 11.08
N ARG A 91 -4.63 4.27 11.19
CA ARG A 91 -5.08 4.78 12.48
C ARG A 91 -5.29 3.67 13.50
N ASP A 92 -6.13 2.69 13.16
CA ASP A 92 -6.53 1.62 14.08
C ASP A 92 -5.38 0.74 14.55
N LEU A 93 -4.20 0.94 14.01
CA LEU A 93 -3.07 0.12 14.43
C LEU A 93 -2.53 0.64 15.75
N PRO A 94 -2.38 -0.26 16.74
CA PRO A 94 -2.01 0.10 18.12
C PRO A 94 -0.70 0.87 18.17
N GLU A 95 0.31 0.35 17.52
CA GLU A 95 1.60 1.00 17.48
C GLU A 95 1.71 1.89 16.26
N ASN A 96 1.99 3.16 16.48
CA ASN A 96 2.23 4.10 15.40
C ASN A 96 3.50 3.73 14.66
N LEU A 97 3.78 4.48 13.61
CA LEU A 97 4.97 4.25 12.82
C LEU A 97 6.17 4.78 13.59
N LEU A 98 5.99 5.96 14.16
CA LEU A 98 7.01 6.59 14.98
C LEU A 98 6.78 6.24 16.44
N THR A 99 5.74 5.45 16.69
CA THR A 99 5.28 5.09 18.04
C THR A 99 4.89 6.35 18.83
N LYS A 100 4.30 6.14 20.00
CA LYS A 100 3.98 7.27 20.88
C LYS A 100 5.28 7.84 21.41
N GLU A 101 6.21 6.95 21.64
CA GLU A 101 7.53 7.26 22.19
C GLU A 101 8.30 8.28 21.35
N LEU A 102 8.48 8.03 20.05
CA LEU A 102 9.28 8.94 19.22
C LEU A 102 8.42 10.09 18.70
N MET A 103 7.11 9.90 18.74
CA MET A 103 6.15 10.88 18.19
C MET A 103 6.39 12.33 18.68
N PRO A 104 6.49 12.59 20.00
CA PRO A 104 6.68 13.95 20.53
C PRO A 104 8.02 14.54 20.12
N ARG A 105 8.99 13.67 19.85
CA ARG A 105 10.33 14.12 19.48
C ARG A 105 10.33 14.68 18.06
N PHE A 106 9.27 14.44 17.32
CA PHE A 106 9.10 15.03 16.01
C PHE A 106 8.80 16.51 16.12
N GLU A 107 8.06 16.91 17.16
CA GLU A 107 7.88 18.32 17.47
C GLU A 107 9.24 18.95 17.76
N GLU A 108 10.04 18.22 18.53
CA GLU A 108 11.40 18.64 18.86
C GLU A 108 12.23 18.85 17.59
N ALA A 109 12.22 17.83 16.73
CA ALA A 109 12.93 17.87 15.46
C ALA A 109 12.33 18.90 14.50
N CYS A 110 11.09 19.25 14.71
CA CYS A 110 10.41 20.20 13.84
C CYS A 110 10.90 21.61 14.15
N GLY A 111 11.09 21.87 15.43
CA GLY A 111 11.57 23.18 15.85
C GLY A 111 13.08 23.25 15.94
N ARG A 112 13.76 22.47 15.10
CA ARG A 112 15.22 22.49 15.08
C ARG A 112 15.72 23.81 14.50
N THR A 113 16.95 24.16 14.85
CA THR A 113 17.58 25.37 14.36
C THR A 113 17.87 25.31 12.86
N THR A 114 17.96 24.10 12.33
CA THR A 114 18.28 23.92 10.92
C THR A 114 17.46 22.77 10.34
N GLU A 115 17.11 22.88 9.06
CA GLU A 115 16.45 21.79 8.34
C GLU A 115 17.32 20.53 8.43
N THR A 116 18.62 20.74 8.41
CA THR A 116 19.59 19.67 8.53
C THR A 116 19.41 18.94 9.86
N GLU A 117 19.31 19.71 10.95
CA GLU A 117 19.11 19.15 12.28
C GLU A 117 17.86 18.26 12.32
N LYS A 118 16.85 18.65 11.56
CA LYS A 118 15.58 17.93 11.57
C LYS A 118 15.76 16.53 11.03
N VAL A 119 16.23 16.43 9.79
CA VAL A 119 16.48 15.13 9.18
C VAL A 119 17.38 14.23 10.05
N GLN A 120 18.39 14.82 10.69
CA GLN A 120 19.26 14.06 11.61
C GLN A 120 18.45 13.43 12.73
N GLU A 121 17.57 14.21 13.36
CA GLU A 121 16.75 13.72 14.45
C GLU A 121 15.80 12.64 13.94
N PHE A 122 15.13 12.94 12.83
CA PHE A 122 14.25 11.98 12.17
C PHE A 122 14.96 10.66 11.92
N GLN A 123 16.20 10.76 11.45
CA GLN A 123 17.05 9.58 11.27
C GLN A 123 17.04 8.72 12.53
N ARG A 124 17.29 9.35 13.68
CA ARG A 124 17.31 8.64 14.96
C ARG A 124 15.96 7.98 15.25
N LEU A 125 14.87 8.71 15.05
CA LEU A 125 13.54 8.18 15.33
C LEU A 125 13.30 6.92 14.49
N LEU A 126 13.63 7.02 13.20
CA LEU A 126 13.52 5.88 12.28
C LEU A 126 14.37 4.68 12.71
N LYS A 127 15.46 4.91 13.43
CA LYS A 127 16.29 3.81 13.91
C LYS A 127 15.57 3.05 15.02
N GLU A 128 14.88 3.80 15.85
CA GLU A 128 14.13 3.23 16.96
C GLU A 128 13.01 2.31 16.47
N LEU A 129 12.25 2.77 15.46
CA LEU A 129 11.15 1.99 14.92
C LEU A 129 11.62 0.75 14.16
N PRO A 130 10.80 -0.33 14.19
CA PRO A 130 11.08 -1.59 13.48
C PRO A 130 11.06 -1.44 11.96
N GLU A 131 11.65 -2.41 11.26
CA GLU A 131 11.76 -2.36 9.80
C GLU A 131 10.37 -2.27 9.14
N CYS A 132 9.41 -2.98 9.71
CA CYS A 132 8.04 -2.91 9.22
C CYS A 132 7.51 -1.47 9.23
N ASN A 133 7.73 -0.78 10.35
CA ASN A 133 7.35 0.63 10.47
C ASN A 133 8.17 1.47 9.51
N TYR A 134 9.44 1.13 9.40
CA TYR A 134 10.37 1.81 8.53
C TYR A 134 9.93 1.77 7.07
N LEU A 135 9.49 0.62 6.62
CA LEU A 135 9.04 0.48 5.23
C LEU A 135 7.72 1.19 5.02
N LEU A 136 6.86 1.16 6.03
CA LEU A 136 5.60 1.87 5.97
C LEU A 136 5.86 3.37 5.88
N ILE A 137 6.67 3.89 6.80
CA ILE A 137 6.97 5.32 6.85
C ILE A 137 7.60 5.80 5.54
N SER A 138 8.50 5.01 4.98
CA SER A 138 9.15 5.35 3.72
C SER A 138 8.15 5.37 2.57
N TRP A 139 7.36 4.31 2.42
CA TRP A 139 6.44 4.21 1.29
C TRP A 139 5.31 5.22 1.41
N LEU A 140 4.74 5.33 2.60
CA LEU A 140 3.63 6.23 2.84
C LEU A 140 3.99 7.65 2.43
N ILE A 141 5.18 8.08 2.82
CA ILE A 141 5.59 9.45 2.59
C ILE A 141 6.10 9.66 1.17
N VAL A 142 6.86 8.69 0.64
CA VAL A 142 7.38 8.79 -0.71
C VAL A 142 6.26 8.67 -1.75
N HIS A 143 5.28 7.80 -1.49
CA HIS A 143 4.11 7.71 -2.36
C HIS A 143 3.32 9.01 -2.31
N MET A 144 3.24 9.58 -1.12
CA MET A 144 2.51 10.82 -0.95
C MET A 144 3.30 11.97 -1.57
N ASP A 145 4.61 11.77 -1.68
CA ASP A 145 5.50 12.74 -2.34
C ASP A 145 5.19 12.78 -3.84
N HIS A 146 4.90 11.62 -4.39
CA HIS A 146 4.50 11.53 -5.79
C HIS A 146 3.18 12.22 -5.99
N VAL A 147 2.35 12.20 -4.95
CA VAL A 147 1.10 12.96 -4.98
C VAL A 147 1.39 14.46 -4.99
N ILE A 148 2.50 14.87 -4.37
CA ILE A 148 2.87 16.28 -4.33
C ILE A 148 3.15 16.81 -5.74
N ALA A 149 3.78 15.98 -6.56
CA ALA A 149 3.98 16.33 -7.97
C ALA A 149 2.62 16.38 -8.69
N LYS A 150 1.76 15.47 -8.32
CA LYS A 150 0.43 15.40 -8.91
C LYS A 150 -0.41 16.58 -8.46
N GLU A 151 -0.26 16.99 -7.21
CA GLU A 151 -0.97 18.16 -6.71
C GLU A 151 -0.34 19.43 -7.26
N LEU A 152 0.91 19.31 -7.72
CA LEU A 152 1.56 20.40 -8.43
C LEU A 152 0.75 20.73 -9.68
N GLU A 153 0.17 19.70 -10.31
CA GLU A 153 -0.76 19.95 -11.42
C GLU A 153 -2.22 20.04 -10.94
N THR A 154 -2.61 19.26 -9.93
CA THR A 154 -3.99 19.30 -9.42
C THR A 154 -4.23 20.47 -8.47
N LYS A 155 -3.32 21.44 -8.52
CA LYS A 155 -3.51 22.77 -7.90
C LYS A 155 -3.32 22.74 -6.38
N MET A 156 -3.40 21.56 -5.80
CA MET A 156 -3.24 21.39 -4.35
C MET A 156 -1.82 21.69 -3.89
N ASN A 157 -1.58 21.60 -2.58
CA ASN A 157 -0.29 21.94 -2.00
C ASN A 157 0.03 21.03 -0.83
N ILE A 158 1.31 20.90 -0.50
CA ILE A 158 1.78 20.06 0.60
C ILE A 158 1.01 20.33 1.88
N GLN A 159 0.58 21.57 2.06
CA GLN A 159 -0.21 21.95 3.22
C GLN A 159 -1.49 21.12 3.30
N ASN A 160 -2.12 20.92 2.14
CA ASN A 160 -3.36 20.14 2.05
C ASN A 160 -3.11 18.71 2.47
N ILE A 161 -2.08 18.13 1.90
CA ILE A 161 -1.69 16.75 2.19
C ILE A 161 -1.28 16.61 3.66
N SER A 162 -0.66 17.64 4.20
CA SER A 162 -0.27 17.65 5.61
C SER A 162 -1.51 17.70 6.50
N ILE A 163 -2.61 18.24 5.97
CA ILE A 163 -3.85 18.36 6.71
C ILE A 163 -4.51 17.00 6.86
N VAL A 164 -4.42 16.20 5.81
CA VAL A 164 -5.03 14.89 5.81
C VAL A 164 -4.16 13.86 6.54
N LEU A 165 -2.85 13.99 6.42
CA LEU A 165 -1.92 13.06 7.06
C LEU A 165 -1.79 13.31 8.55
N SER A 166 -2.01 14.56 8.97
CA SER A 166 -1.90 14.93 10.38
C SER A 166 -2.75 14.00 11.27
N PRO A 167 -4.08 13.94 11.07
CA PRO A 167 -4.95 13.04 11.86
C PRO A 167 -4.69 11.57 11.55
N THR A 168 -4.05 11.31 10.42
CA THR A 168 -3.82 9.94 9.98
C THR A 168 -2.83 9.21 10.89
N VAL A 169 -1.62 9.74 11.08
CA VAL A 169 -0.66 9.09 11.95
C VAL A 169 -0.58 9.80 13.30
N GLN A 170 -1.35 10.88 13.43
CA GLN A 170 -1.52 11.60 14.70
C GLN A 170 -0.31 12.49 15.01
N ILE A 171 0.17 13.18 13.98
CA ILE A 171 1.29 14.11 14.13
C ILE A 171 0.90 15.50 13.61
N SER A 172 1.38 16.54 14.29
CA SER A 172 1.13 17.92 13.90
C SER A 172 1.36 18.16 12.40
N ASN A 173 0.51 19.02 11.84
CA ASN A 173 0.46 19.31 10.40
C ASN A 173 1.83 19.60 9.80
N ARG A 174 2.55 20.55 10.40
CA ARG A 174 3.80 21.06 9.83
C ARG A 174 4.86 19.96 9.68
N VAL A 175 4.75 18.90 10.47
CA VAL A 175 5.70 17.82 10.42
C VAL A 175 5.59 17.02 9.11
N LEU A 176 4.40 16.96 8.52
CA LEU A 176 4.22 16.22 7.28
C LEU A 176 4.95 16.90 6.12
N TYR A 177 4.75 18.21 6.00
CA TYR A 177 5.55 19.02 5.07
C TYR A 177 7.04 18.64 5.09
N VAL A 178 7.65 18.67 6.28
CA VAL A 178 9.05 18.29 6.39
C VAL A 178 9.23 16.79 6.18
N PHE A 179 8.17 16.03 6.46
CA PHE A 179 8.21 14.59 6.21
C PHE A 179 8.58 14.32 4.75
N PHE A 180 7.97 15.01 3.79
CA PHE A 180 8.31 14.76 2.38
C PHE A 180 9.68 15.33 2.02
N THR A 181 9.81 16.64 2.18
CA THR A 181 11.12 17.32 2.00
C THR A 181 12.29 16.44 2.53
N HIS A 182 12.14 15.97 3.76
CA HIS A 182 13.20 15.19 4.38
C HIS A 182 13.20 13.75 3.86
N VAL A 183 12.03 13.27 3.42
CA VAL A 183 11.91 11.89 2.94
C VAL A 183 12.76 11.68 1.69
N GLN A 184 12.85 12.69 0.85
CA GLN A 184 13.73 12.61 -0.31
C GLN A 184 15.18 12.71 0.13
N GLU A 185 15.46 13.54 1.13
CA GLU A 185 16.82 13.65 1.64
C GLU A 185 17.27 12.37 2.37
N LEU A 186 16.33 11.63 2.94
CA LEU A 186 16.67 10.43 3.73
C LEU A 186 16.49 9.13 2.94
N PHE A 187 16.00 9.20 1.72
CA PHE A 187 15.61 8.00 0.99
C PHE A 187 15.95 8.11 -0.49
N GLY A 188 14.99 8.50 -1.30
CA GLY A 188 15.23 8.70 -2.72
C GLY A 188 15.06 7.45 -3.54
N ASN A 189 15.60 6.35 -3.05
CA ASN A 189 15.55 5.08 -3.77
C ASN A 189 14.30 4.29 -3.40
N VAL A 190 13.58 4.79 -2.40
CA VAL A 190 12.27 4.24 -2.06
C VAL A 190 11.38 4.31 -3.29
N VAL A 191 10.75 3.19 -3.59
CA VAL A 191 10.06 3.03 -4.84
C VAL A 191 8.74 2.29 -4.65
N LEU A 192 7.72 2.77 -5.32
CA LEU A 192 6.40 2.16 -5.22
C LEU A 192 6.29 0.99 -6.19
N LYS A 193 6.50 -0.20 -5.65
CA LYS A 193 6.42 -1.44 -6.43
C LYS A 193 4.97 -1.87 -6.60
N GLN A 194 4.49 -1.80 -7.83
CA GLN A 194 3.08 -2.03 -8.12
C GLN A 194 2.71 -3.52 -8.04
N VAL A 195 1.42 -3.76 -7.93
CA VAL A 195 0.89 -5.12 -7.87
C VAL A 195 -0.02 -5.36 -9.08
N MET A 196 -0.19 -6.62 -9.47
CA MET A 196 -1.10 -6.94 -10.56
C MET A 196 -2.50 -6.45 -10.22
N LYS A 197 -3.17 -5.88 -11.21
CA LYS A 197 -4.47 -5.24 -10.98
C LYS A 197 -5.47 -6.21 -10.37
N PRO A 198 -6.24 -5.74 -9.37
CA PRO A 198 -7.25 -6.53 -8.68
C PRO A 198 -8.26 -7.16 -9.64
N LEU A 199 -8.98 -8.17 -9.13
CA LEU A 199 -9.88 -9.00 -9.94
C LEU A 199 -9.11 -9.90 -10.90
N ARG A 200 -8.35 -9.29 -11.83
CA ARG A 200 -7.59 -10.03 -12.84
C ARG A 200 -8.54 -10.70 -13.84
N TRP A 201 -9.31 -11.65 -13.34
CA TRP A 201 -10.30 -12.37 -14.14
C TRP A 201 -11.68 -11.79 -13.89
N SER A 202 -11.73 -10.73 -13.08
CA SER A 202 -13.00 -10.12 -12.65
C SER A 202 -13.81 -11.11 -11.82
N ASN A 203 -13.12 -12.14 -11.33
CA ASN A 203 -13.75 -13.27 -10.62
C ASN A 203 -14.60 -14.09 -11.60
N MET A 204 -15.45 -13.42 -12.35
CA MET A 204 -16.29 -14.08 -13.35
C MET A 204 -16.47 -13.19 -14.57
N ALA A 205 -15.55 -13.30 -15.54
CA ALA A 205 -15.67 -12.59 -16.81
C ALA A 205 -15.56 -13.55 -18.00
N THR A 206 -15.30 -14.83 -17.71
CA THR A 206 -15.26 -15.89 -18.72
C THR A 206 -13.96 -15.88 -19.53
N MET A 207 -13.52 -14.69 -19.93
CA MET A 207 -12.31 -14.53 -20.73
C MET A 207 -12.05 -13.03 -20.98
N PRO A 208 -13.03 -12.26 -21.50
CA PRO A 208 -12.86 -10.81 -21.68
C PRO A 208 -12.58 -10.10 -20.36
N THR A 209 -11.31 -9.93 -20.07
CA THR A 209 -10.87 -9.29 -18.84
C THR A 209 -9.35 -9.08 -18.89
N LEU A 210 -8.67 -9.95 -19.63
CA LEU A 210 -7.25 -9.77 -19.87
C LEU A 210 -7.03 -8.72 -20.96
N PRO A 211 -5.91 -7.99 -20.91
CA PRO A 211 -5.61 -6.93 -21.88
C PRO A 211 -5.50 -7.46 -23.31
N GLU A 212 -5.90 -6.63 -24.27
CA GLU A 212 -5.83 -6.99 -25.68
C GLU A 212 -4.65 -6.27 -26.32
N THR A 213 -3.91 -5.56 -25.49
CA THR A 213 -2.77 -4.78 -25.95
C THR A 213 -1.46 -5.37 -25.43
N GLN A 214 -0.45 -5.37 -26.30
CA GLN A 214 0.85 -5.99 -26.00
C GLN A 214 1.46 -5.49 -24.68
N ALA A 215 1.44 -4.19 -24.47
CA ALA A 215 2.09 -3.59 -23.31
C ALA A 215 1.38 -3.97 -22.02
N GLY A 216 0.07 -4.06 -22.08
CA GLY A 216 -0.72 -4.44 -20.92
C GLY A 216 -0.45 -5.87 -20.52
N ILE A 217 -0.34 -6.74 -21.51
CA ILE A 217 -0.09 -8.16 -21.26
C ILE A 217 1.32 -8.35 -20.71
N LYS A 218 2.29 -7.66 -21.32
CA LYS A 218 3.69 -7.75 -20.88
C LYS A 218 3.83 -7.44 -19.39
N GLU A 219 3.15 -6.39 -18.94
CA GLU A 219 3.18 -6.01 -17.52
C GLU A 219 2.66 -7.14 -16.65
N GLU A 220 1.49 -7.66 -16.97
CA GLU A 220 0.88 -8.71 -16.14
C GLU A 220 1.67 -10.01 -16.23
N ILE A 221 2.30 -10.28 -17.37
CA ILE A 221 3.21 -11.42 -17.48
C ILE A 221 4.29 -11.32 -16.42
N ARG A 222 4.94 -10.16 -16.37
CA ARG A 222 5.98 -9.88 -15.39
C ARG A 222 5.43 -10.08 -13.98
N ARG A 223 4.27 -9.49 -13.71
CA ARG A 223 3.67 -9.53 -12.39
C ARG A 223 3.33 -10.97 -11.98
N GLN A 224 2.75 -11.71 -12.91
CA GLN A 224 2.28 -13.06 -12.61
C GLN A 224 3.44 -14.03 -12.41
N GLU A 225 4.50 -13.90 -13.21
CA GLU A 225 5.63 -14.84 -13.12
C GLU A 225 6.41 -14.66 -11.82
N PHE A 226 6.59 -13.42 -11.38
CA PHE A 226 7.27 -13.16 -10.11
C PHE A 226 6.46 -13.70 -8.94
N LEU A 227 5.15 -13.51 -8.98
CA LEU A 227 4.27 -14.06 -7.96
C LEU A 227 4.26 -15.58 -8.06
N LEU A 228 4.39 -16.07 -9.30
CA LEU A 228 4.26 -17.48 -9.56
C LEU A 228 5.43 -18.26 -9.01
N ASN A 229 6.63 -17.86 -9.42
CA ASN A 229 7.85 -18.59 -9.07
C ASN A 229 8.12 -18.50 -7.57
N CYS A 230 7.78 -17.34 -6.97
CA CYS A 230 8.07 -17.12 -5.57
C CYS A 230 7.27 -18.08 -4.70
N LEU A 231 5.96 -18.11 -4.89
CA LEU A 231 5.11 -18.95 -4.05
C LEU A 231 5.37 -20.41 -4.36
N HIS A 232 5.59 -20.68 -5.64
CA HIS A 232 5.90 -22.01 -6.14
C HIS A 232 7.17 -22.56 -5.49
N ARG A 233 8.21 -21.75 -5.46
CA ARG A 233 9.49 -22.12 -4.87
C ARG A 233 9.44 -22.12 -3.34
N ASP A 234 8.93 -21.04 -2.75
CA ASP A 234 8.86 -20.89 -1.30
C ASP A 234 8.01 -21.96 -0.65
N LEU A 235 7.07 -22.51 -1.41
CA LEU A 235 6.19 -23.56 -0.93
C LEU A 235 7.00 -24.73 -0.33
N GLN A 236 8.16 -24.98 -0.90
CA GLN A 236 9.01 -26.08 -0.45
C GLN A 236 9.63 -25.80 0.90
N GLY A 237 9.43 -24.60 1.42
CA GLY A 237 9.97 -24.24 2.72
C GLY A 237 9.15 -24.79 3.87
N GLY A 238 8.82 -26.07 3.79
CA GLY A 238 8.02 -26.72 4.83
C GLY A 238 6.58 -26.29 4.79
N ILE A 239 6.16 -25.71 3.68
CA ILE A 239 4.81 -25.21 3.55
C ILE A 239 3.94 -26.20 2.79
N LYS A 240 3.07 -26.87 3.50
CA LYS A 240 2.12 -27.77 2.87
C LYS A 240 0.71 -27.30 3.16
N ASP A 241 0.27 -26.32 2.41
CA ASP A 241 -1.05 -25.76 2.57
C ASP A 241 -1.83 -25.92 1.28
N LEU A 242 -2.92 -26.66 1.34
CA LEU A 242 -3.73 -26.97 0.16
C LEU A 242 -4.29 -25.67 -0.42
N SER A 243 -4.50 -24.71 0.46
CA SER A 243 -5.06 -23.43 0.07
C SER A 243 -4.04 -22.63 -0.74
N LYS A 244 -2.79 -22.66 -0.29
CA LYS A 244 -1.70 -21.97 -0.98
C LYS A 244 -1.44 -22.64 -2.32
N GLU A 245 -1.55 -23.96 -2.33
CA GLU A 245 -1.40 -24.72 -3.56
C GLU A 245 -2.46 -24.29 -4.58
N GLU A 246 -3.73 -24.24 -4.15
CA GLU A 246 -4.81 -23.74 -5.00
C GLU A 246 -4.46 -22.38 -5.63
N ARG A 247 -3.84 -21.51 -4.85
CA ARG A 247 -3.45 -20.19 -5.33
C ARG A 247 -2.47 -20.32 -6.49
N LEU A 248 -1.61 -21.33 -6.40
CA LEU A 248 -0.61 -21.60 -7.44
C LEU A 248 -1.26 -22.02 -8.75
N TRP A 249 -2.25 -22.90 -8.69
CA TRP A 249 -2.91 -23.39 -9.90
C TRP A 249 -3.57 -22.23 -10.59
N GLU A 250 -4.11 -21.35 -9.77
CA GLU A 250 -4.83 -20.19 -10.26
C GLU A 250 -3.92 -19.27 -11.06
N VAL A 251 -2.78 -18.88 -10.49
CA VAL A 251 -1.85 -17.99 -11.18
C VAL A 251 -1.31 -18.65 -12.45
N GLN A 252 -1.05 -19.94 -12.36
CA GLN A 252 -0.59 -20.73 -13.51
C GLN A 252 -1.63 -20.73 -14.64
N ARG A 253 -2.91 -20.83 -14.30
CA ARG A 253 -3.97 -20.80 -15.31
C ARG A 253 -4.10 -19.41 -15.94
N ILE A 254 -3.87 -18.39 -15.12
CA ILE A 254 -4.00 -17.01 -15.57
C ILE A 254 -2.82 -16.64 -16.46
N LEU A 255 -1.63 -16.99 -15.99
CA LEU A 255 -0.40 -16.75 -16.73
C LEU A 255 -0.45 -17.45 -18.09
N THR A 256 -1.04 -18.64 -18.13
CA THR A 256 -1.14 -19.41 -19.36
C THR A 256 -1.99 -18.66 -20.40
N ALA A 257 -3.15 -18.18 -19.99
CA ALA A 257 -3.97 -17.35 -20.85
C ALA A 257 -3.22 -16.11 -21.31
N LEU A 258 -2.49 -15.50 -20.38
CA LEU A 258 -1.68 -14.32 -20.68
C LEU A 258 -0.57 -14.66 -21.68
N LYS A 259 -0.02 -15.87 -21.58
CA LYS A 259 1.01 -16.33 -22.51
C LYS A 259 0.41 -16.52 -23.91
N ARG A 260 -0.80 -17.04 -23.96
CA ARG A 260 -1.51 -17.17 -25.23
C ARG A 260 -1.71 -15.81 -25.86
N LYS A 261 -2.25 -14.88 -25.08
CA LYS A 261 -2.55 -13.54 -25.57
C LYS A 261 -1.27 -12.74 -25.81
N LEU A 262 -0.17 -13.15 -25.17
CA LEU A 262 1.12 -12.48 -25.32
C LEU A 262 1.57 -12.49 -26.78
N ARG A 263 1.22 -13.57 -27.49
CA ARG A 263 1.53 -13.69 -28.91
C ARG A 263 0.24 -13.64 -29.73
N GLU A 264 -0.80 -13.12 -29.11
CA GLU A 264 -2.10 -12.99 -29.75
C GLU A 264 -2.29 -11.56 -30.24
N ALA A 265 -1.49 -10.66 -29.69
CA ALA A 265 -1.55 -9.25 -30.06
C ALA A 265 -0.90 -9.00 -31.41
N HIS A 1 -15.47 -15.58 24.16
CA HIS A 1 -14.86 -16.14 22.94
C HIS A 1 -14.68 -15.03 21.91
N MET A 2 -13.59 -15.09 21.14
CA MET A 2 -13.36 -14.10 20.10
C MET A 2 -14.36 -14.29 18.98
N PRO A 3 -15.10 -13.22 18.61
CA PRO A 3 -16.15 -13.28 17.60
C PRO A 3 -15.62 -13.50 16.19
N ASN A 4 -14.31 -13.33 16.03
CA ASN A 4 -13.67 -13.51 14.75
C ASN A 4 -12.35 -14.22 14.92
N LEU A 5 -11.99 -15.03 13.94
CA LEU A 5 -10.78 -15.84 14.01
C LEU A 5 -9.68 -15.23 13.16
N LYS A 6 -8.66 -14.71 13.83
CA LYS A 6 -7.51 -14.08 13.17
C LYS A 6 -7.95 -12.82 12.40
N PRO A 7 -8.15 -11.71 13.12
CA PRO A 7 -8.58 -10.44 12.53
C PRO A 7 -7.51 -9.79 11.64
N ILE A 8 -7.82 -8.60 11.15
CA ILE A 8 -6.95 -7.88 10.24
C ILE A 8 -6.86 -6.40 10.65
N PHE A 9 -8.01 -5.82 10.96
CA PHE A 9 -8.05 -4.43 11.37
C PHE A 9 -7.85 -4.29 12.87
N GLY A 10 -6.61 -4.00 13.25
CA GLY A 10 -6.28 -3.80 14.64
C GLY A 10 -5.17 -4.73 15.12
N ILE A 11 -4.04 -4.70 14.44
CA ILE A 11 -2.89 -5.54 14.80
C ILE A 11 -1.59 -4.78 14.55
N PRO A 12 -0.47 -5.29 15.07
CA PRO A 12 0.86 -4.73 14.78
C PRO A 12 1.15 -4.72 13.27
N LEU A 13 2.01 -3.83 12.83
CA LEU A 13 2.28 -3.67 11.41
C LEU A 13 2.82 -4.97 10.80
N ALA A 14 3.91 -5.50 11.35
CA ALA A 14 4.49 -6.74 10.86
C ALA A 14 3.48 -7.89 10.87
N ASP A 15 2.74 -7.99 11.96
CA ASP A 15 1.68 -9.00 12.08
C ASP A 15 0.69 -8.88 10.93
N ALA A 16 0.24 -7.65 10.68
CA ALA A 16 -0.67 -7.38 9.56
C ALA A 16 -0.03 -7.78 8.24
N VAL A 17 1.26 -7.51 8.13
CA VAL A 17 2.03 -7.85 6.94
C VAL A 17 1.98 -9.34 6.62
N GLU A 18 2.29 -10.17 7.60
CA GLU A 18 2.41 -11.60 7.38
C GLU A 18 1.06 -12.23 7.09
N ARG A 19 0.00 -11.58 7.53
CA ARG A 19 -1.35 -12.01 7.19
C ARG A 19 -1.74 -11.56 5.78
N THR A 20 -1.42 -10.30 5.45
CA THR A 20 -1.76 -9.75 4.13
C THR A 20 -0.59 -9.87 3.15
N MET A 21 0.15 -10.96 3.23
CA MET A 21 1.25 -11.20 2.29
C MET A 21 0.70 -11.75 0.98
N MET A 22 0.78 -10.93 -0.06
CA MET A 22 0.18 -11.28 -1.34
C MET A 22 1.21 -11.44 -2.43
N TYR A 23 2.04 -10.42 -2.60
CA TYR A 23 2.95 -10.36 -3.70
C TYR A 23 4.37 -10.70 -3.26
N ASP A 24 5.10 -9.67 -2.86
CA ASP A 24 6.54 -9.80 -2.63
C ASP A 24 6.90 -10.10 -1.19
N GLY A 25 6.05 -9.69 -0.26
CA GLY A 25 6.32 -9.91 1.15
C GLY A 25 7.50 -9.09 1.64
N ILE A 26 7.68 -7.89 1.09
CA ILE A 26 8.78 -7.00 1.50
C ILE A 26 8.47 -6.28 2.81
N ARG A 27 7.84 -6.99 3.74
CA ARG A 27 7.43 -6.46 5.04
C ARG A 27 6.57 -5.20 4.89
N LEU A 28 5.39 -5.36 4.30
CA LEU A 28 4.44 -4.27 4.06
C LEU A 28 3.04 -4.87 3.91
N PRO A 29 2.00 -4.25 4.52
CA PRO A 29 0.62 -4.73 4.37
C PRO A 29 0.15 -4.64 2.92
N ALA A 30 -0.80 -5.47 2.52
CA ALA A 30 -1.29 -5.45 1.15
C ALA A 30 -2.04 -4.16 0.85
N VAL A 31 -3.03 -3.88 1.68
CA VAL A 31 -3.90 -2.70 1.54
C VAL A 31 -3.12 -1.41 1.27
N PHE A 32 -1.96 -1.26 1.91
CA PHE A 32 -1.14 -0.06 1.72
C PHE A 32 -0.79 0.10 0.24
N ARG A 33 -0.39 -0.99 -0.39
CA ARG A 33 0.03 -0.96 -1.77
C ARG A 33 -1.15 -0.96 -2.72
N GLU A 34 -2.24 -1.62 -2.32
CA GLU A 34 -3.48 -1.58 -3.09
C GLU A 34 -3.98 -0.14 -3.22
N CYS A 35 -3.74 0.67 -2.20
CA CYS A 35 -4.10 2.08 -2.29
C CYS A 35 -3.00 2.83 -3.05
N ILE A 36 -1.74 2.49 -2.78
CA ILE A 36 -0.60 3.13 -3.42
C ILE A 36 -0.64 2.93 -4.94
N ASP A 37 -0.99 1.73 -5.37
CA ASP A 37 -1.08 1.41 -6.80
C ASP A 37 -2.26 2.13 -7.42
N TYR A 38 -3.43 2.03 -6.79
CA TYR A 38 -4.65 2.61 -7.34
C TYR A 38 -4.51 4.12 -7.55
N VAL A 39 -3.94 4.83 -6.58
CA VAL A 39 -3.74 6.26 -6.73
C VAL A 39 -2.72 6.53 -7.82
N GLU A 40 -1.66 5.73 -7.84
CA GLU A 40 -0.57 5.89 -8.80
C GLU A 40 -1.10 5.75 -10.22
N LYS A 41 -2.00 4.80 -10.45
CA LYS A 41 -2.53 4.53 -11.78
C LYS A 41 -3.64 5.52 -12.15
N TYR A 42 -4.62 5.71 -11.27
CA TYR A 42 -5.86 6.40 -11.66
C TYR A 42 -6.10 7.67 -10.85
N GLY A 43 -5.60 7.71 -9.61
CA GLY A 43 -5.94 8.80 -8.71
C GLY A 43 -4.93 9.92 -8.76
N MET A 44 -4.25 9.99 -9.90
CA MET A 44 -3.23 11.01 -10.11
C MET A 44 -3.83 12.18 -10.89
N LYS A 45 -4.90 11.89 -11.63
CA LYS A 45 -5.63 12.93 -12.33
C LYS A 45 -6.82 13.40 -11.49
N CYS A 46 -6.89 12.92 -10.26
CA CYS A 46 -7.98 13.29 -9.37
C CYS A 46 -7.61 14.56 -8.59
N GLU A 47 -8.13 15.69 -9.06
CA GLU A 47 -7.85 16.96 -8.44
C GLU A 47 -8.47 17.02 -7.05
N GLY A 48 -7.62 16.95 -6.03
CA GLY A 48 -8.07 17.02 -4.66
C GLY A 48 -7.98 15.66 -3.99
N ILE A 49 -7.20 14.78 -4.60
CA ILE A 49 -7.06 13.40 -4.15
C ILE A 49 -6.54 13.32 -2.71
N TYR A 50 -6.94 12.25 -2.00
CA TYR A 50 -6.46 11.96 -0.64
C TYR A 50 -7.10 12.89 0.39
N ARG A 51 -8.00 13.77 -0.05
CA ARG A 51 -8.61 14.72 0.85
C ARG A 51 -10.12 14.49 0.87
N VAL A 52 -10.63 14.05 -0.28
CA VAL A 52 -12.06 13.82 -0.48
C VAL A 52 -12.58 12.74 0.47
N SER A 53 -13.82 12.90 0.90
CA SER A 53 -14.48 11.97 1.77
C SER A 53 -14.81 10.67 1.03
N GLY A 54 -14.43 9.54 1.61
CA GLY A 54 -14.72 8.25 1.02
C GLY A 54 -16.10 7.75 1.39
N ILE A 55 -16.63 6.84 0.60
CA ILE A 55 -17.95 6.28 0.84
C ILE A 55 -17.93 5.39 2.08
N LYS A 56 -18.50 5.90 3.18
CA LYS A 56 -18.53 5.16 4.44
C LYS A 56 -19.12 3.77 4.26
N SER A 57 -20.21 3.70 3.50
CA SER A 57 -20.91 2.45 3.25
C SER A 57 -19.97 1.40 2.64
N LYS A 58 -19.07 1.83 1.76
CA LYS A 58 -18.18 0.88 1.10
C LYS A 58 -16.99 0.53 1.99
N VAL A 59 -16.63 1.44 2.89
CA VAL A 59 -15.52 1.19 3.82
C VAL A 59 -15.81 -0.04 4.67
N ASP A 60 -17.06 -0.14 5.15
CA ASP A 60 -17.51 -1.31 5.90
C ASP A 60 -17.47 -2.57 5.04
N GLU A 61 -17.65 -2.40 3.74
CA GLU A 61 -17.63 -3.52 2.81
C GLU A 61 -16.20 -4.02 2.65
N LEU A 62 -15.30 -3.08 2.44
CA LEU A 62 -13.88 -3.36 2.27
C LEU A 62 -13.29 -3.96 3.56
N LYS A 63 -13.61 -3.36 4.69
CA LYS A 63 -13.18 -3.87 5.98
C LYS A 63 -13.61 -5.31 6.15
N ALA A 64 -14.84 -5.59 5.76
CA ALA A 64 -15.39 -6.94 5.84
C ALA A 64 -14.67 -7.87 4.86
N ALA A 65 -14.34 -7.35 3.69
CA ALA A 65 -13.68 -8.14 2.68
C ALA A 65 -12.25 -8.50 3.09
N TYR A 66 -11.48 -7.49 3.46
CA TYR A 66 -10.05 -7.66 3.76
C TYR A 66 -9.84 -8.65 4.90
N ASP A 67 -10.66 -8.55 5.92
CA ASP A 67 -10.54 -9.41 7.10
C ASP A 67 -10.83 -10.87 6.74
N ARG A 68 -11.57 -11.08 5.66
CA ARG A 68 -12.12 -12.41 5.35
C ARG A 68 -11.51 -12.95 4.06
N GLU A 69 -10.26 -12.56 3.82
CA GLU A 69 -9.55 -12.85 2.58
C GLU A 69 -9.99 -11.85 1.51
N GLU A 70 -9.62 -10.61 1.78
CA GLU A 70 -9.78 -9.46 0.90
C GLU A 70 -10.01 -9.84 -0.55
N SER A 71 -11.26 -9.77 -0.95
CA SER A 71 -11.61 -9.99 -2.32
C SER A 71 -12.47 -8.83 -2.83
N THR A 72 -11.79 -7.87 -3.44
CA THR A 72 -12.46 -6.68 -3.94
C THR A 72 -11.54 -5.96 -4.92
N ASN A 73 -12.12 -5.43 -5.98
CA ASN A 73 -11.36 -4.69 -6.96
C ASN A 73 -11.45 -3.20 -6.66
N LEU A 74 -10.32 -2.63 -6.23
CA LEU A 74 -10.28 -1.26 -5.75
C LEU A 74 -10.33 -0.23 -6.87
N GLU A 75 -10.16 -0.66 -8.12
CA GLU A 75 -10.13 0.29 -9.23
C GLU A 75 -11.55 0.66 -9.64
N ASP A 76 -12.49 -0.24 -9.34
CA ASP A 76 -13.91 0.01 -9.57
C ASP A 76 -14.42 1.00 -8.54
N TYR A 77 -13.79 0.96 -7.37
CA TYR A 77 -14.14 1.86 -6.27
C TYR A 77 -13.61 3.26 -6.53
N GLU A 78 -13.62 4.09 -5.49
CA GLU A 78 -13.13 5.47 -5.61
C GLU A 78 -11.78 5.60 -4.92
N PRO A 79 -10.87 6.39 -5.52
CA PRO A 79 -9.55 6.64 -4.94
C PRO A 79 -9.65 7.25 -3.54
N ASN A 80 -10.54 8.21 -3.40
CA ASN A 80 -10.86 8.82 -2.10
C ASN A 80 -11.29 7.75 -1.08
N THR A 81 -12.06 6.78 -1.53
CA THR A 81 -12.57 5.73 -0.65
C THR A 81 -11.46 4.73 -0.29
N VAL A 82 -10.57 4.45 -1.21
CA VAL A 82 -9.43 3.58 -0.94
C VAL A 82 -8.41 4.29 -0.05
N ALA A 83 -8.22 5.58 -0.30
CA ALA A 83 -7.30 6.41 0.48
C ALA A 83 -7.77 6.55 1.93
N SER A 84 -9.07 6.51 2.10
CA SER A 84 -9.67 6.71 3.41
C SER A 84 -9.67 5.38 4.15
N LEU A 85 -9.87 4.31 3.39
CA LEU A 85 -9.71 2.97 3.91
C LEU A 85 -8.26 2.75 4.33
N LEU A 86 -7.33 3.30 3.55
CA LEU A 86 -5.91 3.21 3.85
C LEU A 86 -5.58 3.85 5.19
N LYS A 87 -5.95 5.11 5.36
CA LYS A 87 -5.65 5.82 6.61
C LYS A 87 -6.39 5.17 7.78
N GLN A 88 -7.57 4.65 7.51
CA GLN A 88 -8.34 3.95 8.53
C GLN A 88 -7.72 2.59 8.86
N TYR A 89 -6.99 2.02 7.92
CA TYR A 89 -6.43 0.69 8.15
C TYR A 89 -5.30 0.82 9.14
N LEU A 90 -4.50 1.87 8.93
CA LEU A 90 -3.36 2.15 9.79
C LEU A 90 -3.81 2.65 11.16
N ARG A 91 -4.94 3.35 11.21
CA ARG A 91 -5.44 3.89 12.46
C ARG A 91 -5.87 2.78 13.41
N ASP A 92 -6.67 1.83 12.91
CA ASP A 92 -7.06 0.65 13.69
C ASP A 92 -5.86 -0.12 14.21
N LEU A 93 -4.69 0.14 13.66
CA LEU A 93 -3.49 -0.55 14.13
C LEU A 93 -2.99 0.15 15.39
N PRO A 94 -2.92 -0.57 16.52
CA PRO A 94 -2.55 0.01 17.82
C PRO A 94 -1.10 0.50 17.88
N GLU A 95 -0.32 0.14 16.88
CA GLU A 95 1.07 0.53 16.83
C GLU A 95 1.30 1.52 15.71
N ASN A 96 1.85 2.68 16.05
CA ASN A 96 2.15 3.70 15.06
C ASN A 96 3.40 3.33 14.29
N LEU A 97 3.67 4.08 13.25
CA LEU A 97 4.87 3.86 12.46
C LEU A 97 6.08 4.30 13.26
N LEU A 98 5.92 5.43 13.93
CA LEU A 98 6.97 5.97 14.78
C LEU A 98 6.77 5.47 16.21
N THR A 99 5.68 4.73 16.39
CA THR A 99 5.20 4.29 17.71
C THR A 99 5.04 5.49 18.66
N LYS A 100 4.64 5.19 19.88
CA LYS A 100 4.45 6.22 20.89
C LYS A 100 5.79 6.79 21.30
N GLU A 101 6.79 5.94 21.20
CA GLU A 101 8.14 6.23 21.66
C GLU A 101 8.80 7.39 20.90
N LEU A 102 8.91 7.27 19.57
CA LEU A 102 9.60 8.29 18.78
C LEU A 102 8.67 9.46 18.45
N MET A 103 7.37 9.15 18.33
CA MET A 103 6.35 10.13 17.90
C MET A 103 6.53 11.56 18.46
N PRO A 104 6.55 11.76 19.81
CA PRO A 104 6.63 13.10 20.39
C PRO A 104 7.92 13.84 20.04
N ARG A 105 8.92 13.09 19.64
CA ARG A 105 10.23 13.66 19.34
C ARG A 105 10.21 14.32 17.97
N PHE A 106 9.25 13.92 17.13
CA PHE A 106 9.11 14.50 15.81
C PHE A 106 8.66 15.94 15.90
N GLU A 107 7.81 16.24 16.88
CA GLU A 107 7.35 17.60 17.12
C GLU A 107 8.50 18.51 17.56
N GLU A 108 9.49 17.91 18.19
CA GLU A 108 10.71 18.62 18.55
C GLU A 108 11.57 18.85 17.30
N ALA A 109 11.66 17.81 16.48
CA ALA A 109 12.52 17.81 15.31
C ALA A 109 11.96 18.67 14.20
N CYS A 110 10.65 18.92 14.23
CA CYS A 110 10.03 19.72 13.18
C CYS A 110 10.13 21.19 13.52
N GLY A 111 10.22 21.47 14.82
CA GLY A 111 10.39 22.84 15.28
C GLY A 111 11.84 23.27 15.29
N ARG A 112 12.72 22.38 14.82
CA ARG A 112 14.14 22.67 14.75
C ARG A 112 14.39 23.95 13.95
N THR A 113 15.34 24.74 14.40
CA THR A 113 15.63 26.04 13.80
C THR A 113 16.24 25.91 12.40
N THR A 114 16.63 24.69 12.04
CA THR A 114 17.18 24.43 10.72
C THR A 114 16.75 23.04 10.26
N GLU A 115 16.50 22.87 8.97
CA GLU A 115 16.11 21.57 8.44
C GLU A 115 17.23 20.54 8.59
N THR A 116 18.47 21.01 8.67
CA THR A 116 19.58 20.15 9.01
C THR A 116 19.31 19.44 10.34
N GLU A 117 18.96 20.23 11.36
CA GLU A 117 18.62 19.69 12.67
C GLU A 117 17.43 18.75 12.55
N LYS A 118 16.49 19.09 11.67
CA LYS A 118 15.30 18.30 11.50
C LYS A 118 15.66 16.93 10.96
N VAL A 119 16.26 16.90 9.77
CA VAL A 119 16.69 15.65 9.16
C VAL A 119 17.55 14.79 10.08
N GLN A 120 18.49 15.40 10.81
CA GLN A 120 19.35 14.65 11.75
C GLN A 120 18.53 13.96 12.85
N GLU A 121 17.56 14.68 13.42
CA GLU A 121 16.74 14.12 14.49
C GLU A 121 15.83 13.03 13.94
N PHE A 122 15.13 13.34 12.84
CA PHE A 122 14.32 12.36 12.13
C PHE A 122 15.11 11.10 11.81
N GLN A 123 16.35 11.30 11.36
CA GLN A 123 17.27 10.19 11.11
C GLN A 123 17.29 9.25 12.30
N ARG A 124 17.57 9.80 13.48
CA ARG A 124 17.64 9.01 14.71
C ARG A 124 16.33 8.31 15.00
N LEU A 125 15.24 9.06 14.95
CA LEU A 125 13.93 8.50 15.26
C LEU A 125 13.63 7.31 14.36
N LEU A 126 13.80 7.49 13.07
CA LEU A 126 13.60 6.42 12.08
C LEU A 126 14.48 5.19 12.35
N LYS A 127 15.64 5.37 12.95
CA LYS A 127 16.51 4.22 13.25
C LYS A 127 15.89 3.38 14.35
N GLU A 128 15.27 4.06 15.30
CA GLU A 128 14.60 3.41 16.42
C GLU A 128 13.28 2.73 16.00
N LEU A 129 13.10 2.50 14.70
CA LEU A 129 11.85 1.92 14.19
C LEU A 129 12.08 0.46 13.78
N PRO A 130 11.06 -0.39 13.93
CA PRO A 130 11.08 -1.76 13.41
C PRO A 130 11.20 -1.79 11.89
N GLU A 131 11.71 -2.89 11.36
CA GLU A 131 11.96 -3.06 9.93
C GLU A 131 10.73 -2.64 9.10
N CYS A 132 9.57 -3.23 9.40
CA CYS A 132 8.35 -2.96 8.65
C CYS A 132 7.95 -1.50 8.73
N ASN A 133 8.16 -0.89 9.89
CA ASN A 133 7.77 0.50 10.11
C ASN A 133 8.68 1.43 9.31
N TYR A 134 9.96 1.08 9.28
CA TYR A 134 10.96 1.88 8.58
C TYR A 134 10.65 1.93 7.08
N LEU A 135 10.29 0.79 6.51
CA LEU A 135 9.97 0.75 5.10
C LEU A 135 8.61 1.41 4.82
N LEU A 136 7.66 1.23 5.73
CA LEU A 136 6.34 1.82 5.56
C LEU A 136 6.42 3.35 5.65
N ILE A 137 7.17 3.85 6.63
CA ILE A 137 7.30 5.29 6.81
C ILE A 137 7.92 5.93 5.58
N SER A 138 8.99 5.34 5.07
CA SER A 138 9.63 5.83 3.86
C SER A 138 8.65 5.82 2.68
N TRP A 139 7.89 4.74 2.53
CA TRP A 139 6.98 4.59 1.41
C TRP A 139 5.83 5.57 1.45
N LEU A 140 5.17 5.65 2.61
CA LEU A 140 4.03 6.53 2.80
C LEU A 140 4.39 7.95 2.39
N ILE A 141 5.55 8.39 2.81
CA ILE A 141 5.95 9.77 2.61
C ILE A 141 6.41 10.00 1.17
N VAL A 142 7.22 9.10 0.64
CA VAL A 142 7.72 9.25 -0.73
C VAL A 142 6.59 9.10 -1.75
N HIS A 143 5.61 8.25 -1.45
CA HIS A 143 4.44 8.11 -2.31
C HIS A 143 3.68 9.42 -2.34
N MET A 144 3.56 10.05 -1.19
CA MET A 144 2.81 11.27 -1.08
C MET A 144 3.64 12.45 -1.59
N ASP A 145 4.95 12.24 -1.63
CA ASP A 145 5.88 13.23 -2.20
C ASP A 145 5.66 13.33 -3.71
N HIS A 146 5.58 12.19 -4.35
CA HIS A 146 5.26 12.15 -5.78
C HIS A 146 3.83 12.61 -6.00
N VAL A 147 3.02 12.52 -4.95
CA VAL A 147 1.70 13.11 -4.98
C VAL A 147 1.79 14.63 -5.02
N ILE A 148 2.85 15.19 -4.42
CA ILE A 148 3.06 16.64 -4.43
C ILE A 148 3.38 17.12 -5.85
N ALA A 149 4.19 16.35 -6.57
CA ALA A 149 4.47 16.63 -7.98
C ALA A 149 3.18 16.55 -8.78
N LYS A 150 2.39 15.58 -8.40
CA LYS A 150 1.08 15.39 -8.98
C LYS A 150 0.18 16.55 -8.55
N GLU A 151 0.41 17.08 -7.36
CA GLU A 151 -0.28 18.28 -6.91
C GLU A 151 0.11 19.48 -7.75
N LEU A 152 1.25 19.40 -8.41
CA LEU A 152 1.65 20.44 -9.33
C LEU A 152 0.71 20.43 -10.52
N GLU A 153 0.33 19.24 -10.96
CA GLU A 153 -0.65 19.14 -12.05
C GLU A 153 -2.09 19.29 -11.54
N THR A 154 -2.40 18.71 -10.38
CA THR A 154 -3.74 18.79 -9.80
C THR A 154 -3.95 20.07 -8.99
N LYS A 155 -2.96 20.95 -9.00
CA LYS A 155 -3.08 22.31 -8.44
C LYS A 155 -3.13 22.32 -6.92
N MET A 156 -3.20 21.13 -6.32
CA MET A 156 -3.20 20.97 -4.87
C MET A 156 -1.92 21.50 -4.23
N ASN A 157 -1.80 21.36 -2.91
CA ASN A 157 -0.67 21.92 -2.19
C ASN A 157 -0.28 21.03 -1.02
N ILE A 158 1.01 21.02 -0.69
CA ILE A 158 1.55 20.20 0.38
C ILE A 158 0.76 20.38 1.67
N GLN A 159 0.20 21.57 1.85
CA GLN A 159 -0.60 21.87 3.02
C GLN A 159 -1.78 20.91 3.12
N ASN A 160 -2.42 20.62 1.98
CA ASN A 160 -3.58 19.72 1.95
C ASN A 160 -3.18 18.32 2.40
N ILE A 161 -2.12 17.82 1.79
CA ILE A 161 -1.61 16.50 2.10
C ILE A 161 -1.20 16.41 3.57
N SER A 162 -0.61 17.48 4.07
CA SER A 162 -0.18 17.54 5.47
C SER A 162 -1.38 17.47 6.41
N ILE A 163 -2.53 17.96 5.96
CA ILE A 163 -3.73 17.98 6.78
C ILE A 163 -4.30 16.58 6.91
N VAL A 164 -4.27 15.83 5.81
CA VAL A 164 -4.86 14.50 5.78
C VAL A 164 -3.90 13.46 6.36
N LEU A 165 -2.61 13.65 6.16
CA LEU A 165 -1.62 12.73 6.71
C LEU A 165 -1.42 12.94 8.21
N SER A 166 -1.78 14.14 8.70
CA SER A 166 -1.67 14.45 10.12
C SER A 166 -2.38 13.38 10.98
N PRO A 167 -3.70 13.17 10.83
CA PRO A 167 -4.43 12.14 11.58
C PRO A 167 -4.01 10.72 11.18
N THR A 168 -3.35 10.60 10.02
CA THR A 168 -2.98 9.29 9.50
C THR A 168 -1.94 8.61 10.38
N VAL A 169 -0.81 9.26 10.62
CA VAL A 169 0.19 8.71 11.53
C VAL A 169 -0.03 9.22 12.95
N GLN A 170 -0.89 10.23 13.08
CA GLN A 170 -1.26 10.84 14.36
C GLN A 170 -0.15 11.76 14.86
N ILE A 171 0.23 12.73 14.01
CA ILE A 171 1.23 13.72 14.35
C ILE A 171 0.82 15.08 13.79
N SER A 172 1.26 16.15 14.46
CA SER A 172 0.96 17.52 14.06
C SER A 172 1.18 17.77 12.55
N ASN A 173 0.41 18.71 12.01
CA ASN A 173 0.37 19.02 10.57
C ASN A 173 1.75 19.32 9.98
N ARG A 174 2.50 20.19 10.65
CA ARG A 174 3.76 20.70 10.11
C ARG A 174 4.78 19.59 9.86
N VAL A 175 4.65 18.48 10.59
CA VAL A 175 5.60 17.38 10.49
C VAL A 175 5.53 16.70 9.12
N LEU A 176 4.36 16.70 8.50
CA LEU A 176 4.17 16.04 7.20
C LEU A 176 4.86 16.82 6.08
N TYR A 177 4.58 18.11 6.00
CA TYR A 177 5.32 19.01 5.11
C TYR A 177 6.84 18.75 5.17
N VAL A 178 7.42 18.80 6.36
CA VAL A 178 8.84 18.53 6.51
C VAL A 178 9.14 17.04 6.25
N PHE A 179 8.14 16.19 6.46
CA PHE A 179 8.29 14.77 6.17
C PHE A 179 8.77 14.56 4.74
N PHE A 180 8.18 15.24 3.78
CA PHE A 180 8.60 15.06 2.39
C PHE A 180 9.94 15.72 2.14
N THR A 181 9.98 17.02 2.37
CA THR A 181 11.25 17.78 2.25
C THR A 181 12.44 16.97 2.79
N HIS A 182 12.31 16.46 4.01
CA HIS A 182 13.41 15.72 4.62
C HIS A 182 13.45 14.28 4.09
N VAL A 183 12.33 13.77 3.59
CA VAL A 183 12.27 12.39 3.11
C VAL A 183 13.18 12.20 1.90
N GLN A 184 13.27 13.22 1.05
CA GLN A 184 14.22 13.17 -0.05
C GLN A 184 15.62 13.33 0.48
N GLU A 185 15.78 14.16 1.52
CA GLU A 185 17.07 14.29 2.18
C GLU A 185 17.55 12.97 2.81
N LEU A 186 16.61 12.16 3.31
CA LEU A 186 16.98 10.97 4.09
C LEU A 186 16.93 9.68 3.25
N PHE A 187 16.41 9.76 2.03
CA PHE A 187 16.10 8.56 1.28
C PHE A 187 16.50 8.70 -0.20
N GLY A 188 15.52 9.02 -1.04
CA GLY A 188 15.78 9.18 -2.46
C GLY A 188 15.71 7.88 -3.24
N ASN A 189 16.28 6.82 -2.67
CA ASN A 189 16.30 5.51 -3.32
C ASN A 189 14.98 4.78 -3.11
N VAL A 190 14.15 5.34 -2.24
CA VAL A 190 12.84 4.79 -1.99
C VAL A 190 11.98 4.91 -3.24
N VAL A 191 11.21 3.88 -3.52
CA VAL A 191 10.46 3.80 -4.75
C VAL A 191 9.15 3.06 -4.50
N LEU A 192 8.09 3.52 -5.14
CA LEU A 192 6.78 2.94 -4.96
C LEU A 192 6.57 1.81 -5.95
N LYS A 193 6.71 0.58 -5.48
CA LYS A 193 6.50 -0.58 -6.31
C LYS A 193 5.05 -1.03 -6.23
N GLN A 194 4.35 -0.88 -7.33
CA GLN A 194 2.92 -1.17 -7.42
C GLN A 194 2.63 -2.67 -7.29
N VAL A 195 1.36 -2.96 -7.03
CA VAL A 195 0.89 -4.32 -6.90
C VAL A 195 0.13 -4.70 -8.17
N MET A 196 0.02 -6.00 -8.44
CA MET A 196 -0.73 -6.50 -9.58
C MET A 196 -2.20 -6.11 -9.44
N LYS A 197 -2.93 -6.17 -10.55
CA LYS A 197 -4.31 -5.72 -10.58
C LYS A 197 -5.24 -6.63 -9.77
N PRO A 198 -6.03 -6.05 -8.87
CA PRO A 198 -7.08 -6.77 -8.15
C PRO A 198 -8.17 -7.26 -9.11
N LEU A 199 -8.91 -8.29 -8.70
CA LEU A 199 -9.84 -8.99 -9.57
C LEU A 199 -9.10 -9.60 -10.76
N ARG A 200 -8.88 -8.81 -11.82
CA ARG A 200 -8.18 -9.26 -13.02
C ARG A 200 -8.78 -10.56 -13.53
N TRP A 201 -9.99 -10.44 -14.10
CA TRP A 201 -10.84 -11.58 -14.42
C TRP A 201 -11.28 -12.30 -13.14
N SER A 202 -12.45 -12.90 -13.18
CA SER A 202 -12.96 -13.67 -12.06
C SER A 202 -12.13 -14.92 -11.84
N ASN A 203 -11.17 -15.15 -12.74
CA ASN A 203 -10.21 -16.26 -12.67
C ASN A 203 -10.83 -17.57 -13.14
N MET A 204 -12.09 -17.50 -13.61
CA MET A 204 -12.76 -18.64 -14.25
C MET A 204 -14.13 -18.19 -14.78
N ALA A 205 -14.87 -19.14 -15.37
CA ALA A 205 -16.23 -18.91 -15.86
C ALA A 205 -16.24 -18.13 -17.18
N THR A 206 -15.70 -16.92 -17.15
CA THR A 206 -15.65 -16.08 -18.33
C THR A 206 -14.41 -16.40 -19.17
N MET A 207 -13.96 -15.43 -19.96
CA MET A 207 -12.79 -15.59 -20.81
C MET A 207 -12.39 -14.24 -21.41
N PRO A 208 -13.29 -13.56 -22.16
CA PRO A 208 -12.99 -12.26 -22.76
C PRO A 208 -13.13 -11.13 -21.75
N THR A 209 -12.00 -10.71 -21.20
CA THR A 209 -11.97 -9.62 -20.22
C THR A 209 -10.53 -9.19 -19.92
N LEU A 210 -9.58 -9.83 -20.60
CA LEU A 210 -8.16 -9.56 -20.37
C LEU A 210 -7.69 -8.35 -21.16
N PRO A 211 -6.66 -7.63 -20.68
CA PRO A 211 -6.09 -6.48 -21.37
C PRO A 211 -5.62 -6.83 -22.77
N GLU A 212 -5.72 -5.88 -23.69
CA GLU A 212 -5.38 -6.12 -25.08
C GLU A 212 -4.07 -5.44 -25.45
N THR A 213 -3.35 -4.94 -24.45
CA THR A 213 -2.12 -4.23 -24.70
C THR A 213 -0.89 -5.11 -24.47
N GLN A 214 0.10 -4.96 -25.33
CA GLN A 214 1.33 -5.74 -25.25
C GLN A 214 2.11 -5.38 -24.00
N ALA A 215 2.09 -4.09 -23.67
CA ALA A 215 2.80 -3.58 -22.51
C ALA A 215 2.13 -4.06 -21.22
N GLY A 216 0.81 -3.92 -21.16
CA GLY A 216 0.06 -4.23 -19.96
C GLY A 216 0.13 -5.71 -19.60
N ILE A 217 0.01 -6.57 -20.60
CA ILE A 217 0.07 -8.01 -20.36
C ILE A 217 1.46 -8.43 -19.94
N LYS A 218 2.47 -7.86 -20.61
CA LYS A 218 3.85 -8.18 -20.32
C LYS A 218 4.20 -7.87 -18.87
N GLU A 219 3.86 -6.66 -18.43
CA GLU A 219 4.11 -6.24 -17.05
C GLU A 219 3.41 -7.15 -16.06
N GLU A 220 2.13 -7.44 -16.31
CA GLU A 220 1.35 -8.30 -15.44
C GLU A 220 2.02 -9.67 -15.33
N ILE A 221 2.40 -10.25 -16.46
CA ILE A 221 3.02 -11.58 -16.50
C ILE A 221 4.30 -11.63 -15.68
N ARG A 222 5.17 -10.64 -15.87
CA ARG A 222 6.47 -10.60 -15.19
C ARG A 222 6.27 -10.75 -13.68
N ARG A 223 5.40 -9.91 -13.16
CA ARG A 223 5.16 -9.83 -11.73
C ARG A 223 4.39 -11.06 -11.25
N GLN A 224 3.51 -11.56 -12.11
CA GLN A 224 2.71 -12.74 -11.81
C GLN A 224 3.61 -13.95 -11.56
N GLU A 225 4.61 -14.12 -12.41
CA GLU A 225 5.52 -15.24 -12.30
C GLU A 225 6.41 -15.11 -11.06
N PHE A 226 6.67 -13.87 -10.64
CA PHE A 226 7.48 -13.63 -9.44
C PHE A 226 6.79 -14.14 -8.18
N LEU A 227 5.51 -13.91 -8.05
CA LEU A 227 4.80 -14.47 -6.92
C LEU A 227 4.56 -15.95 -7.16
N LEU A 228 4.45 -16.34 -8.43
CA LEU A 228 4.17 -17.73 -8.80
C LEU A 228 5.30 -18.64 -8.36
N ASN A 229 6.51 -18.35 -8.82
CA ASN A 229 7.67 -19.17 -8.47
C ASN A 229 7.96 -19.09 -6.97
N CYS A 230 7.62 -17.96 -6.34
CA CYS A 230 7.81 -17.82 -4.91
C CYS A 230 6.88 -18.75 -4.14
N LEU A 231 5.62 -18.83 -4.56
CA LEU A 231 4.66 -19.69 -3.88
C LEU A 231 5.03 -21.15 -4.08
N HIS A 232 5.47 -21.46 -5.30
CA HIS A 232 6.00 -22.79 -5.62
C HIS A 232 7.10 -23.17 -4.64
N ARG A 233 8.01 -22.23 -4.41
CA ARG A 233 9.19 -22.45 -3.59
C ARG A 233 8.86 -22.57 -2.10
N ASP A 234 7.83 -21.82 -1.68
CA ASP A 234 7.43 -21.77 -0.28
C ASP A 234 7.06 -23.17 0.24
N LEU A 235 6.46 -23.97 -0.62
CA LEU A 235 6.00 -25.31 -0.27
C LEU A 235 7.16 -26.18 0.22
N GLN A 236 8.35 -25.92 -0.31
CA GLN A 236 9.53 -26.74 0.00
C GLN A 236 10.04 -26.48 1.40
N GLY A 237 9.44 -25.51 2.08
CA GLY A 237 9.79 -25.24 3.46
C GLY A 237 9.01 -26.12 4.42
N GLY A 238 8.66 -27.32 3.95
CA GLY A 238 7.85 -28.22 4.74
C GLY A 238 6.42 -27.74 4.84
N ILE A 239 5.94 -27.13 3.76
CA ILE A 239 4.64 -26.51 3.73
C ILE A 239 3.73 -27.19 2.71
N LYS A 240 2.55 -27.59 3.15
CA LYS A 240 1.58 -28.21 2.28
C LYS A 240 0.18 -27.71 2.61
N ASP A 241 -0.18 -26.58 1.99
CA ASP A 241 -1.50 -25.99 2.19
C ASP A 241 -2.33 -26.12 0.93
N LEU A 242 -3.59 -26.53 1.08
CA LEU A 242 -4.53 -26.53 -0.03
C LEU A 242 -4.66 -25.15 -0.62
N SER A 243 -4.51 -24.14 0.22
CA SER A 243 -4.70 -22.77 -0.20
C SER A 243 -3.53 -22.35 -1.10
N LYS A 244 -2.35 -22.87 -0.78
CA LYS A 244 -1.17 -22.62 -1.59
C LYS A 244 -1.35 -23.23 -2.98
N GLU A 245 -1.79 -24.49 -2.99
CA GLU A 245 -1.95 -25.23 -4.22
C GLU A 245 -3.05 -24.63 -5.10
N GLU A 246 -4.23 -24.43 -4.54
CA GLU A 246 -5.34 -23.81 -5.26
C GLU A 246 -4.89 -22.53 -5.98
N ARG A 247 -4.10 -21.71 -5.30
CA ARG A 247 -3.64 -20.46 -5.90
C ARG A 247 -2.59 -20.72 -6.98
N LEU A 248 -1.87 -21.83 -6.87
CA LEU A 248 -0.87 -22.21 -7.87
C LEU A 248 -1.51 -22.51 -9.21
N TRP A 249 -2.52 -23.38 -9.24
CA TRP A 249 -3.19 -23.73 -10.49
C TRP A 249 -3.86 -22.50 -11.05
N GLU A 250 -4.32 -21.65 -10.14
CA GLU A 250 -5.02 -20.42 -10.50
C GLU A 250 -4.10 -19.48 -11.28
N VAL A 251 -2.92 -19.18 -10.74
CA VAL A 251 -1.98 -18.28 -11.40
C VAL A 251 -1.46 -18.87 -12.72
N GLN A 252 -1.22 -20.17 -12.71
CA GLN A 252 -0.80 -20.89 -13.90
C GLN A 252 -1.87 -20.85 -15.01
N ARG A 253 -3.13 -20.84 -14.60
CA ARG A 253 -4.25 -20.80 -15.55
C ARG A 253 -4.35 -19.42 -16.20
N ILE A 254 -4.16 -18.37 -15.42
CA ILE A 254 -4.33 -17.00 -15.91
C ILE A 254 -3.14 -16.64 -16.79
N LEU A 255 -1.96 -17.10 -16.39
CA LEU A 255 -0.76 -16.91 -17.20
C LEU A 255 -0.90 -17.60 -18.54
N THR A 256 -1.53 -18.77 -18.55
CA THR A 256 -1.76 -19.50 -19.80
C THR A 256 -2.51 -18.62 -20.80
N ALA A 257 -3.61 -18.02 -20.36
CA ALA A 257 -4.34 -17.08 -21.17
C ALA A 257 -3.45 -15.93 -21.62
N LEU A 258 -2.77 -15.31 -20.66
CA LEU A 258 -1.93 -14.15 -20.94
C LEU A 258 -0.79 -14.49 -21.92
N LYS A 259 -0.28 -15.72 -21.84
CA LYS A 259 0.78 -16.14 -22.76
C LYS A 259 0.26 -16.22 -24.19
N ARG A 260 -1.01 -16.60 -24.35
CA ARG A 260 -1.64 -16.58 -25.66
C ARG A 260 -1.90 -15.14 -26.08
N LYS A 261 -2.40 -14.37 -25.12
CA LYS A 261 -2.68 -12.95 -25.27
C LYS A 261 -1.47 -12.15 -25.75
N LEU A 262 -0.27 -12.64 -25.46
CA LEU A 262 0.96 -11.98 -25.89
C LEU A 262 1.02 -11.86 -27.41
N ARG A 263 0.72 -12.95 -28.11
CA ARG A 263 0.68 -12.94 -29.56
C ARG A 263 -0.73 -12.64 -30.06
N GLU A 264 -1.58 -12.19 -29.15
CA GLU A 264 -2.93 -11.79 -29.51
C GLU A 264 -2.95 -10.29 -29.74
N ALA A 265 -1.98 -9.61 -29.13
CA ALA A 265 -1.85 -8.18 -29.25
C ALA A 265 -0.76 -7.80 -30.24
N HIS A 1 -17.57 -17.65 20.22
CA HIS A 1 -16.18 -17.15 20.24
C HIS A 1 -15.88 -16.40 18.93
N MET A 2 -14.84 -15.59 18.95
CA MET A 2 -14.45 -14.81 17.79
C MET A 2 -13.63 -15.66 16.82
N PRO A 3 -14.00 -15.67 15.54
CA PRO A 3 -13.25 -16.40 14.52
C PRO A 3 -11.99 -15.67 14.07
N ASN A 4 -10.96 -16.44 13.74
CA ASN A 4 -9.68 -15.94 13.22
C ASN A 4 -8.84 -15.27 14.31
N LEU A 5 -7.57 -15.65 14.36
CA LEU A 5 -6.63 -15.02 15.28
C LEU A 5 -6.01 -13.79 14.63
N LYS A 6 -6.21 -12.65 15.28
CA LYS A 6 -5.65 -11.37 14.82
C LYS A 6 -6.26 -10.92 13.50
N PRO A 7 -7.39 -10.20 13.57
CA PRO A 7 -7.98 -9.55 12.40
C PRO A 7 -7.15 -8.35 11.95
N ILE A 8 -6.90 -8.27 10.64
CA ILE A 8 -6.26 -7.09 9.99
C ILE A 8 -6.36 -5.77 10.77
N PHE A 9 -7.53 -5.48 11.32
CA PHE A 9 -7.68 -4.23 12.08
C PHE A 9 -7.44 -4.48 13.57
N GLY A 10 -7.03 -3.43 14.28
CA GLY A 10 -6.61 -3.58 15.66
C GLY A 10 -5.40 -4.50 15.87
N ILE A 11 -4.42 -4.47 14.98
CA ILE A 11 -3.20 -5.29 15.16
C ILE A 11 -1.93 -4.52 14.79
N PRO A 12 -0.75 -5.06 15.16
CA PRO A 12 0.55 -4.48 14.79
C PRO A 12 0.87 -4.66 13.31
N LEU A 13 1.82 -3.86 12.82
CA LEU A 13 2.20 -3.87 11.41
C LEU A 13 2.58 -5.26 10.91
N ALA A 14 3.61 -5.86 11.53
CA ALA A 14 4.14 -7.15 11.08
C ALA A 14 3.07 -8.23 11.04
N ASP A 15 2.22 -8.26 12.06
CA ASP A 15 1.13 -9.23 12.12
C ASP A 15 0.25 -9.15 10.87
N ALA A 16 -0.17 -7.96 10.51
CA ALA A 16 -0.96 -7.75 9.31
C ALA A 16 -0.15 -8.12 8.07
N VAL A 17 1.15 -7.87 8.12
CA VAL A 17 2.04 -8.21 7.03
C VAL A 17 2.07 -9.72 6.79
N GLU A 18 2.27 -10.47 7.88
CA GLU A 18 2.35 -11.92 7.80
C GLU A 18 1.06 -12.53 7.26
N ARG A 19 -0.06 -11.85 7.51
CA ARG A 19 -1.36 -12.28 7.00
C ARG A 19 -1.52 -11.94 5.53
N THR A 20 -1.14 -10.72 5.16
CA THR A 20 -1.34 -10.25 3.79
C THR A 20 -0.07 -10.34 2.96
N MET A 21 0.71 -11.39 3.19
CA MET A 21 1.88 -11.63 2.37
C MET A 21 1.48 -12.21 1.03
N MET A 22 1.80 -11.48 -0.04
CA MET A 22 1.47 -11.92 -1.39
C MET A 22 2.71 -11.99 -2.28
N TYR A 23 3.07 -10.87 -2.91
CA TYR A 23 4.20 -10.81 -3.86
C TYR A 23 5.47 -11.45 -3.29
N ASP A 24 6.27 -10.68 -2.54
CA ASP A 24 7.47 -11.23 -1.91
C ASP A 24 7.36 -11.16 -0.39
N GLY A 25 6.49 -10.27 0.08
CA GLY A 25 6.35 -10.06 1.51
C GLY A 25 7.44 -9.15 2.04
N ILE A 26 7.62 -8.02 1.37
CA ILE A 26 8.67 -7.06 1.70
C ILE A 26 8.36 -6.25 2.97
N ARG A 27 7.87 -6.94 4.00
CA ARG A 27 7.56 -6.34 5.31
C ARG A 27 6.59 -5.17 5.13
N LEU A 28 5.44 -5.45 4.51
CA LEU A 28 4.48 -4.43 4.11
C LEU A 28 3.14 -5.12 3.84
N PRO A 29 2.05 -4.61 4.43
CA PRO A 29 0.71 -5.20 4.26
C PRO A 29 0.21 -5.07 2.83
N ALA A 30 -0.76 -5.89 2.43
CA ALA A 30 -1.29 -5.83 1.08
C ALA A 30 -2.07 -4.53 0.87
N VAL A 31 -2.90 -4.17 1.84
CA VAL A 31 -3.70 -2.95 1.79
C VAL A 31 -2.86 -1.74 1.40
N PHE A 32 -1.63 -1.72 1.89
CA PHE A 32 -0.71 -0.63 1.59
C PHE A 32 -0.36 -0.64 0.12
N ARG A 33 0.08 -1.80 -0.35
CA ARG A 33 0.55 -1.94 -1.71
C ARG A 33 -0.58 -1.83 -2.73
N GLU A 34 -1.76 -2.33 -2.38
CA GLU A 34 -2.92 -2.18 -3.25
C GLU A 34 -3.34 -0.72 -3.37
N CYS A 35 -3.11 0.06 -2.33
CA CYS A 35 -3.43 1.48 -2.37
C CYS A 35 -2.32 2.24 -3.09
N ILE A 36 -1.08 1.83 -2.83
CA ILE A 36 0.08 2.43 -3.48
C ILE A 36 0.01 2.22 -5.01
N ASP A 37 -0.30 0.98 -5.41
CA ASP A 37 -0.31 0.62 -6.82
C ASP A 37 -1.47 1.29 -7.56
N TYR A 38 -2.68 1.20 -6.99
CA TYR A 38 -3.87 1.69 -7.66
C TYR A 38 -3.82 3.20 -7.86
N VAL A 39 -3.40 3.93 -6.83
CA VAL A 39 -3.33 5.39 -6.91
C VAL A 39 -2.36 5.81 -8.01
N GLU A 40 -1.18 5.21 -8.06
CA GLU A 40 -0.21 5.58 -9.06
C GLU A 40 -0.60 5.07 -10.45
N LYS A 41 -1.38 4.00 -10.50
CA LYS A 41 -1.86 3.46 -11.78
C LYS A 41 -2.88 4.37 -12.44
N TYR A 42 -3.95 4.68 -11.72
CA TYR A 42 -5.09 5.36 -12.35
C TYR A 42 -5.41 6.70 -11.66
N GLY A 43 -5.23 6.78 -10.36
CA GLY A 43 -5.81 7.87 -9.60
C GLY A 43 -4.81 8.96 -9.27
N MET A 44 -4.05 9.37 -10.27
CA MET A 44 -3.03 10.39 -10.06
C MET A 44 -3.51 11.77 -10.50
N LYS A 45 -4.45 11.79 -11.43
CA LYS A 45 -5.00 13.05 -11.93
C LYS A 45 -6.36 13.33 -11.30
N CYS A 46 -6.60 12.72 -10.15
CA CYS A 46 -7.86 12.87 -9.45
C CYS A 46 -7.82 14.08 -8.52
N GLU A 47 -8.58 15.12 -8.86
CA GLU A 47 -8.60 16.32 -8.04
C GLU A 47 -9.16 16.05 -6.65
N GLY A 48 -8.27 16.03 -5.70
CA GLY A 48 -8.65 15.92 -4.30
C GLY A 48 -8.24 14.59 -3.75
N ILE A 49 -7.42 13.90 -4.54
CA ILE A 49 -6.92 12.58 -4.20
C ILE A 49 -6.36 12.54 -2.77
N TYR A 50 -6.77 11.50 -2.03
CA TYR A 50 -6.35 11.29 -0.62
C TYR A 50 -7.10 12.23 0.34
N ARG A 51 -7.33 13.47 -0.08
CA ARG A 51 -8.07 14.42 0.74
C ARG A 51 -9.55 14.09 0.78
N VAL A 52 -10.11 13.71 -0.37
CA VAL A 52 -11.51 13.33 -0.47
C VAL A 52 -11.77 12.08 0.39
N SER A 53 -12.96 12.01 0.98
CA SER A 53 -13.30 10.91 1.86
C SER A 53 -13.91 9.78 1.04
N GLY A 54 -14.74 10.15 0.08
CA GLY A 54 -15.41 9.19 -0.76
C GLY A 54 -16.67 8.67 -0.14
N ILE A 55 -17.35 7.78 -0.83
CA ILE A 55 -18.55 7.16 -0.31
C ILE A 55 -18.20 6.24 0.85
N LYS A 56 -18.49 6.69 2.06
CA LYS A 56 -18.16 5.95 3.28
C LYS A 56 -18.80 4.57 3.26
N SER A 57 -19.92 4.46 2.56
CA SER A 57 -20.66 3.21 2.47
C SER A 57 -19.80 2.13 1.82
N LYS A 58 -18.86 2.54 0.95
CA LYS A 58 -17.99 1.60 0.27
C LYS A 58 -16.82 1.22 1.18
N VAL A 59 -16.42 2.15 2.03
CA VAL A 59 -15.24 1.99 2.86
C VAL A 59 -15.43 0.87 3.87
N ASP A 60 -16.66 0.74 4.37
CA ASP A 60 -17.00 -0.34 5.29
C ASP A 60 -16.90 -1.68 4.60
N GLU A 61 -17.09 -1.67 3.29
CA GLU A 61 -17.05 -2.88 2.47
C GLU A 61 -15.62 -3.36 2.35
N LEU A 62 -14.72 -2.45 1.99
CA LEU A 62 -13.29 -2.77 1.87
C LEU A 62 -12.75 -3.34 3.17
N LYS A 63 -13.04 -2.65 4.28
CA LYS A 63 -12.56 -3.07 5.60
C LYS A 63 -12.98 -4.50 5.90
N ALA A 64 -14.24 -4.80 5.66
CA ALA A 64 -14.78 -6.12 5.96
C ALA A 64 -14.14 -7.19 5.09
N ALA A 65 -13.87 -6.83 3.84
CA ALA A 65 -13.34 -7.79 2.88
C ALA A 65 -11.86 -8.09 3.16
N TYR A 66 -11.06 -7.05 3.38
CA TYR A 66 -9.64 -7.22 3.66
C TYR A 66 -9.39 -7.98 4.94
N ASP A 67 -10.17 -7.67 5.98
CA ASP A 67 -9.97 -8.28 7.29
C ASP A 67 -10.16 -9.80 7.25
N ARG A 68 -11.10 -10.23 6.42
CA ARG A 68 -11.44 -11.65 6.33
C ARG A 68 -10.77 -12.31 5.12
N GLU A 69 -9.92 -11.56 4.43
CA GLU A 69 -9.24 -12.06 3.23
C GLU A 69 -10.24 -12.50 2.16
N GLU A 70 -10.98 -11.53 1.65
CA GLU A 70 -11.97 -11.75 0.60
C GLU A 70 -11.47 -11.21 -0.74
N SER A 71 -12.31 -11.27 -1.75
CA SER A 71 -11.96 -10.76 -3.07
C SER A 71 -12.31 -9.28 -3.17
N THR A 72 -11.30 -8.44 -3.22
CA THR A 72 -11.48 -7.00 -3.36
C THR A 72 -11.03 -6.50 -4.72
N ASN A 73 -11.97 -5.97 -5.47
CA ASN A 73 -11.65 -5.36 -6.76
C ASN A 73 -11.79 -3.84 -6.66
N LEU A 74 -10.67 -3.19 -6.44
CA LEU A 74 -10.64 -1.74 -6.25
C LEU A 74 -10.77 -1.00 -7.57
N GLU A 75 -10.65 -1.75 -8.66
CA GLU A 75 -10.60 -1.15 -9.99
C GLU A 75 -11.91 -0.44 -10.34
N ASP A 76 -13.01 -0.89 -9.73
CA ASP A 76 -14.32 -0.29 -9.98
C ASP A 76 -14.72 0.62 -8.82
N TYR A 77 -13.79 0.90 -7.93
CA TYR A 77 -14.02 1.84 -6.85
C TYR A 77 -13.31 3.16 -7.15
N GLU A 78 -13.39 4.09 -6.22
CA GLU A 78 -12.72 5.37 -6.35
C GLU A 78 -11.30 5.24 -5.80
N PRO A 79 -10.36 6.02 -6.32
CA PRO A 79 -8.99 6.03 -5.80
C PRO A 79 -8.97 6.44 -4.33
N ASN A 80 -9.77 7.45 -4.01
CA ASN A 80 -9.91 7.92 -2.64
C ASN A 80 -10.42 6.84 -1.67
N THR A 81 -11.27 5.92 -2.14
CA THR A 81 -11.77 4.86 -1.26
C THR A 81 -10.67 3.85 -0.92
N VAL A 82 -9.75 3.64 -1.84
CA VAL A 82 -8.61 2.77 -1.58
C VAL A 82 -7.68 3.47 -0.60
N ALA A 83 -7.55 4.78 -0.79
CA ALA A 83 -6.74 5.62 0.08
C ALA A 83 -7.33 5.73 1.49
N SER A 84 -8.66 5.67 1.57
CA SER A 84 -9.36 5.87 2.83
C SER A 84 -9.33 4.58 3.64
N LEU A 85 -9.39 3.47 2.93
CA LEU A 85 -9.16 2.17 3.53
C LEU A 85 -7.78 2.16 4.18
N LEU A 86 -6.80 2.67 3.43
CA LEU A 86 -5.42 2.70 3.91
C LEU A 86 -5.27 3.61 5.12
N LYS A 87 -5.70 4.87 5.00
CA LYS A 87 -5.52 5.85 6.06
C LYS A 87 -6.28 5.43 7.32
N GLN A 88 -7.41 4.78 7.14
CA GLN A 88 -8.19 4.29 8.26
C GLN A 88 -7.50 3.08 8.88
N TYR A 89 -7.12 2.15 8.02
CA TYR A 89 -6.33 1.00 8.45
C TYR A 89 -5.16 1.41 9.35
N LEU A 90 -4.49 2.51 9.01
CA LEU A 90 -3.36 2.99 9.79
C LEU A 90 -3.82 3.53 11.14
N ARG A 91 -5.00 4.11 11.16
CA ARG A 91 -5.62 4.56 12.39
C ARG A 91 -6.03 3.37 13.25
N ASP A 92 -6.76 2.42 12.63
CA ASP A 92 -7.17 1.18 13.31
C ASP A 92 -6.01 0.41 13.92
N LEU A 93 -4.81 0.69 13.49
CA LEU A 93 -3.65 0.02 14.08
C LEU A 93 -3.30 0.67 15.41
N PRO A 94 -3.33 -0.12 16.51
CA PRO A 94 -3.14 0.39 17.86
C PRO A 94 -1.67 0.68 18.17
N GLU A 95 -0.81 0.44 17.20
CA GLU A 95 0.59 0.74 17.35
C GLU A 95 1.00 1.74 16.28
N ASN A 96 1.51 2.88 16.72
CA ASN A 96 1.93 3.92 15.80
C ASN A 96 3.12 3.48 14.99
N LEU A 97 3.24 4.03 13.79
CA LEU A 97 4.31 3.66 12.88
C LEU A 97 5.67 3.94 13.52
N LEU A 98 5.80 5.09 14.14
CA LEU A 98 7.03 5.47 14.83
C LEU A 98 6.96 5.06 16.30
N THR A 99 5.72 4.97 16.79
CA THR A 99 5.37 4.42 18.12
C THR A 99 5.43 5.50 19.18
N LYS A 100 5.22 5.11 20.43
CA LYS A 100 5.24 6.05 21.55
C LYS A 100 6.65 6.63 21.70
N GLU A 101 7.61 5.85 21.23
CA GLU A 101 9.02 6.15 21.40
C GLU A 101 9.42 7.40 20.60
N LEU A 102 9.36 7.33 19.29
CA LEU A 102 9.91 8.41 18.45
C LEU A 102 8.88 9.48 18.11
N MET A 103 7.60 9.12 18.13
CA MET A 103 6.53 10.03 17.68
C MET A 103 6.60 11.42 18.35
N PRO A 104 6.67 11.51 19.70
CA PRO A 104 6.75 12.80 20.39
C PRO A 104 8.00 13.59 20.03
N ARG A 105 9.06 12.88 19.66
CA ARG A 105 10.35 13.50 19.35
C ARG A 105 10.30 14.20 17.99
N PHE A 106 9.35 13.80 17.16
CA PHE A 106 9.16 14.46 15.87
C PHE A 106 8.69 15.90 16.05
N GLU A 107 7.89 16.13 17.08
CA GLU A 107 7.44 17.48 17.41
C GLU A 107 8.65 18.35 17.79
N GLU A 108 9.60 17.74 18.53
CA GLU A 108 10.87 18.41 18.85
C GLU A 108 11.61 18.78 17.56
N ALA A 109 11.70 17.79 16.66
CA ALA A 109 12.32 17.97 15.36
C ALA A 109 11.58 19.00 14.50
N CYS A 110 10.34 19.27 14.85
CA CYS A 110 9.53 20.20 14.07
C CYS A 110 9.87 21.62 14.51
N GLY A 111 10.07 21.80 15.80
CA GLY A 111 10.37 23.11 16.35
C GLY A 111 11.86 23.42 16.36
N ARG A 112 12.58 22.91 15.38
CA ARG A 112 14.01 23.18 15.27
C ARG A 112 14.26 24.46 14.48
N THR A 113 15.24 25.22 14.92
CA THR A 113 15.59 26.47 14.26
C THR A 113 16.37 26.20 12.96
N THR A 114 16.92 24.99 12.83
CA THR A 114 17.70 24.65 11.65
C THR A 114 17.17 23.36 11.01
N GLU A 115 17.20 23.29 9.67
CA GLU A 115 16.77 22.10 8.96
C GLU A 115 17.69 20.93 9.24
N THR A 116 18.95 21.24 9.54
CA THR A 116 19.92 20.24 9.90
C THR A 116 19.44 19.48 11.12
N GLU A 117 19.05 20.22 12.16
CA GLU A 117 18.54 19.63 13.39
C GLU A 117 17.32 18.77 13.09
N LYS A 118 16.53 19.19 12.12
CA LYS A 118 15.31 18.48 11.79
C LYS A 118 15.63 17.16 11.10
N VAL A 119 16.27 17.24 9.93
CA VAL A 119 16.64 16.03 9.20
C VAL A 119 17.43 15.04 10.06
N GLN A 120 18.36 15.53 10.89
CA GLN A 120 19.11 14.66 11.80
C GLN A 120 18.20 13.99 12.84
N GLU A 121 17.28 14.77 13.41
CA GLU A 121 16.37 14.23 14.41
C GLU A 121 15.50 13.13 13.81
N PHE A 122 14.87 13.45 12.69
CA PHE A 122 14.09 12.46 11.95
C PHE A 122 14.92 11.20 11.68
N GLN A 123 16.12 11.40 11.14
CA GLN A 123 17.04 10.28 10.87
C GLN A 123 17.24 9.41 12.11
N ARG A 124 17.59 10.01 13.25
CA ARG A 124 17.85 9.22 14.44
C ARG A 124 16.59 8.53 14.93
N LEU A 125 15.45 9.20 14.79
CA LEU A 125 14.15 8.61 15.11
C LEU A 125 13.92 7.36 14.26
N LEU A 126 14.06 7.52 12.95
CA LEU A 126 13.86 6.42 12.01
C LEU A 126 14.81 5.25 12.26
N LYS A 127 15.98 5.51 12.80
CA LYS A 127 16.91 4.45 13.15
C LYS A 127 16.33 3.56 14.24
N GLU A 128 15.76 4.21 15.22
CA GLU A 128 15.12 3.55 16.35
C GLU A 128 13.82 2.83 15.94
N LEU A 129 13.65 2.54 14.65
CA LEU A 129 12.44 1.90 14.18
C LEU A 129 12.72 0.44 13.80
N PRO A 130 11.76 -0.46 14.10
CA PRO A 130 11.82 -1.86 13.64
C PRO A 130 11.75 -1.97 12.12
N GLU A 131 12.15 -3.13 11.60
CA GLU A 131 12.27 -3.36 10.17
C GLU A 131 11.02 -2.93 9.39
N CYS A 132 9.88 -3.52 9.71
CA CYS A 132 8.64 -3.24 9.01
C CYS A 132 8.24 -1.78 9.15
N ASN A 133 8.49 -1.22 10.33
CA ASN A 133 8.17 0.18 10.61
C ASN A 133 9.01 1.10 9.75
N TYR A 134 10.29 0.76 9.62
CA TYR A 134 11.23 1.56 8.86
C TYR A 134 10.83 1.62 7.39
N LEU A 135 10.53 0.49 6.79
CA LEU A 135 10.21 0.45 5.37
C LEU A 135 8.84 1.06 5.12
N LEU A 136 7.91 0.84 6.04
CA LEU A 136 6.55 1.34 5.87
C LEU A 136 6.53 2.86 5.92
N ILE A 137 7.23 3.44 6.90
CA ILE A 137 7.28 4.90 7.02
C ILE A 137 7.91 5.49 5.76
N SER A 138 8.99 4.87 5.29
CA SER A 138 9.62 5.25 4.02
C SER A 138 8.59 5.35 2.89
N TRP A 139 7.81 4.30 2.71
CA TRP A 139 6.93 4.20 1.56
C TRP A 139 5.76 5.15 1.67
N LEU A 140 5.16 5.22 2.85
CA LEU A 140 3.99 6.06 3.06
C LEU A 140 4.29 7.50 2.67
N ILE A 141 5.46 7.97 3.07
CA ILE A 141 5.84 9.34 2.84
C ILE A 141 6.31 9.54 1.39
N VAL A 142 7.05 8.58 0.86
CA VAL A 142 7.56 8.68 -0.52
C VAL A 142 6.44 8.47 -1.55
N HIS A 143 5.48 7.63 -1.24
CA HIS A 143 4.33 7.45 -2.13
C HIS A 143 3.47 8.70 -2.14
N MET A 144 3.38 9.33 -0.98
CA MET A 144 2.59 10.54 -0.85
C MET A 144 3.32 11.68 -1.52
N ASP A 145 4.65 11.58 -1.55
CA ASP A 145 5.51 12.55 -2.23
C ASP A 145 5.23 12.52 -3.73
N HIS A 146 5.02 11.32 -4.25
CA HIS A 146 4.65 11.16 -5.65
C HIS A 146 3.32 11.83 -5.94
N VAL A 147 2.40 11.76 -4.98
CA VAL A 147 1.14 12.47 -5.11
C VAL A 147 1.39 13.98 -5.11
N ILE A 148 2.39 14.43 -4.35
CA ILE A 148 2.72 15.85 -4.29
C ILE A 148 3.05 16.37 -5.69
N ALA A 149 3.86 15.62 -6.43
CA ALA A 149 4.20 15.97 -7.79
C ALA A 149 2.95 15.98 -8.67
N LYS A 150 2.04 15.07 -8.39
CA LYS A 150 0.81 14.97 -9.15
C LYS A 150 -0.19 16.01 -8.67
N GLU A 151 -0.03 16.47 -7.43
CA GLU A 151 -0.79 17.60 -6.93
C GLU A 151 -0.38 18.83 -7.69
N LEU A 152 0.90 18.90 -8.02
CA LEU A 152 1.43 20.03 -8.75
C LEU A 152 0.81 20.09 -10.13
N GLU A 153 0.56 18.93 -10.71
CA GLU A 153 -0.09 18.89 -12.02
C GLU A 153 -1.62 18.96 -11.90
N THR A 154 -2.22 18.50 -10.80
CA THR A 154 -3.67 18.52 -10.71
C THR A 154 -4.19 19.86 -10.22
N LYS A 155 -3.64 20.33 -9.08
CA LYS A 155 -3.97 21.64 -8.46
C LYS A 155 -3.61 21.70 -6.97
N MET A 156 -3.57 20.55 -6.29
CA MET A 156 -3.34 20.52 -4.84
C MET A 156 -1.88 20.75 -4.48
N ASN A 157 -1.57 20.77 -3.18
CA ASN A 157 -0.20 21.01 -2.72
C ASN A 157 0.04 20.24 -1.43
N ILE A 158 1.31 20.14 -1.02
CA ILE A 158 1.68 19.40 0.20
C ILE A 158 0.83 19.79 1.39
N GLN A 159 0.40 21.05 1.43
CA GLN A 159 -0.40 21.57 2.53
C GLN A 159 -1.67 20.74 2.73
N ASN A 160 -2.32 20.40 1.62
CA ASN A 160 -3.58 19.66 1.66
C ASN A 160 -3.32 18.27 2.19
N ILE A 161 -2.31 17.61 1.62
CA ILE A 161 -1.92 16.30 2.06
C ILE A 161 -1.56 16.29 3.55
N SER A 162 -0.84 17.33 3.98
CA SER A 162 -0.42 17.44 5.37
C SER A 162 -1.61 17.48 6.32
N ILE A 163 -2.70 18.13 5.88
CA ILE A 163 -3.88 18.30 6.73
C ILE A 163 -4.58 16.97 6.93
N VAL A 164 -4.60 16.17 5.88
CA VAL A 164 -5.33 14.91 5.91
C VAL A 164 -4.44 13.75 6.36
N LEU A 165 -3.16 13.81 6.05
CA LEU A 165 -2.21 12.80 6.49
C LEU A 165 -1.89 12.95 7.98
N SER A 166 -2.20 14.13 8.52
CA SER A 166 -1.98 14.39 9.94
C SER A 166 -2.76 13.37 10.80
N PRO A 167 -4.10 13.28 10.69
CA PRO A 167 -4.90 12.30 11.42
C PRO A 167 -4.59 10.87 10.98
N THR A 168 -3.92 10.76 9.84
CA THR A 168 -3.61 9.45 9.28
C THR A 168 -2.56 8.72 10.11
N VAL A 169 -1.39 9.31 10.29
CA VAL A 169 -0.34 8.67 11.08
C VAL A 169 -0.38 9.12 12.54
N GLN A 170 -1.25 10.09 12.83
CA GLN A 170 -1.50 10.55 14.20
C GLN A 170 -0.38 11.46 14.68
N ILE A 171 0.05 12.35 13.78
CA ILE A 171 1.03 13.36 14.12
C ILE A 171 0.52 14.72 13.66
N SER A 172 0.74 15.76 14.46
CA SER A 172 0.29 17.11 14.15
C SER A 172 0.64 17.53 12.71
N ASN A 173 -0.26 18.33 12.14
CA ASN A 173 -0.24 18.76 10.73
C ASN A 173 1.16 19.06 10.20
N ARG A 174 1.83 19.99 10.85
CA ARG A 174 3.07 20.58 10.34
C ARG A 174 4.18 19.55 10.15
N VAL A 175 4.14 18.49 10.94
CA VAL A 175 5.16 17.45 10.90
C VAL A 175 5.14 16.67 9.58
N LEU A 176 3.97 16.58 8.94
CA LEU A 176 3.85 15.83 7.68
C LEU A 176 4.54 16.55 6.52
N TYR A 177 4.17 17.81 6.29
CA TYR A 177 4.86 18.66 5.31
C TYR A 177 6.39 18.55 5.44
N VAL A 178 6.90 18.77 6.64
CA VAL A 178 8.33 18.67 6.88
C VAL A 178 8.81 17.24 6.70
N PHE A 179 7.91 16.29 6.94
CA PHE A 179 8.25 14.89 6.76
C PHE A 179 8.65 14.61 5.33
N PHE A 180 7.86 15.05 4.35
CA PHE A 180 8.18 14.75 2.94
C PHE A 180 9.44 15.46 2.48
N THR A 181 9.37 16.78 2.52
CA THR A 181 10.56 17.61 2.26
C THR A 181 11.85 16.96 2.81
N HIS A 182 11.80 16.55 4.06
CA HIS A 182 12.97 16.02 4.72
C HIS A 182 13.14 14.51 4.45
N VAL A 183 12.05 13.83 4.12
CA VAL A 183 12.12 12.42 3.73
C VAL A 183 12.95 12.26 2.46
N GLN A 184 12.87 13.24 1.57
CA GLN A 184 13.69 13.25 0.37
C GLN A 184 15.14 13.55 0.72
N GLU A 185 15.34 14.40 1.73
CA GLU A 185 16.67 14.63 2.27
C GLU A 185 17.21 13.33 2.91
N LEU A 186 16.30 12.48 3.38
CA LEU A 186 16.69 11.29 4.14
C LEU A 186 16.93 10.06 3.27
N PHE A 187 16.02 9.71 2.35
CA PHE A 187 16.21 8.51 1.53
C PHE A 187 16.67 8.84 0.12
N GLY A 188 15.72 9.20 -0.72
CA GLY A 188 16.02 9.55 -2.10
C GLY A 188 16.54 8.37 -2.91
N ASN A 189 15.86 7.24 -2.79
CA ASN A 189 16.20 6.00 -3.51
C ASN A 189 15.21 4.91 -3.14
N VAL A 190 14.57 5.10 -1.99
CA VAL A 190 13.43 4.28 -1.59
C VAL A 190 12.43 4.20 -2.73
N VAL A 191 12.12 3.00 -3.14
CA VAL A 191 11.39 2.80 -4.38
C VAL A 191 10.08 2.09 -4.12
N LEU A 192 9.04 2.56 -4.78
CA LEU A 192 7.72 1.98 -4.64
C LEU A 192 7.53 0.81 -5.60
N LYS A 193 7.76 -0.39 -5.10
CA LYS A 193 7.49 -1.61 -5.86
C LYS A 193 5.99 -1.90 -5.89
N GLN A 194 5.39 -1.79 -7.06
CA GLN A 194 3.96 -2.04 -7.22
C GLN A 194 3.68 -3.53 -7.18
N VAL A 195 2.42 -3.88 -6.97
CA VAL A 195 2.02 -5.26 -6.85
C VAL A 195 0.91 -5.57 -7.84
N MET A 196 0.77 -6.84 -8.21
CA MET A 196 -0.31 -7.26 -9.07
C MET A 196 -1.60 -7.41 -8.26
N LYS A 197 -2.62 -6.67 -8.68
CA LYS A 197 -3.90 -6.65 -7.97
C LYS A 197 -4.91 -7.58 -8.66
N PRO A 198 -5.96 -8.01 -7.94
CA PRO A 198 -7.04 -8.81 -8.53
C PRO A 198 -7.89 -7.97 -9.49
N LEU A 199 -8.52 -8.64 -10.46
CA LEU A 199 -9.35 -7.94 -11.44
C LEU A 199 -10.81 -8.04 -11.07
N ARG A 200 -11.65 -7.34 -11.84
CA ARG A 200 -13.10 -7.37 -11.60
C ARG A 200 -13.73 -8.60 -12.25
N TRP A 201 -12.89 -9.48 -12.76
CA TRP A 201 -13.38 -10.72 -13.33
C TRP A 201 -13.43 -11.81 -12.28
N SER A 202 -14.59 -12.42 -12.13
CA SER A 202 -14.75 -13.57 -11.27
C SER A 202 -13.77 -14.66 -11.72
N ASN A 203 -13.21 -15.41 -10.78
CA ASN A 203 -12.11 -16.33 -11.08
C ASN A 203 -12.53 -17.56 -11.91
N MET A 204 -13.67 -17.46 -12.60
CA MET A 204 -14.18 -18.54 -13.46
C MET A 204 -15.46 -18.11 -14.17
N ALA A 205 -16.07 -19.06 -14.87
CA ALA A 205 -17.36 -18.86 -15.57
C ALA A 205 -17.19 -18.06 -16.86
N THR A 206 -16.60 -16.88 -16.76
CA THR A 206 -16.39 -16.03 -17.92
C THR A 206 -14.98 -16.26 -18.49
N MET A 207 -14.59 -15.49 -19.49
CA MET A 207 -13.27 -15.61 -20.09
C MET A 207 -12.91 -14.30 -20.81
N PRO A 208 -13.72 -13.84 -21.81
CA PRO A 208 -13.47 -12.56 -22.47
C PRO A 208 -13.65 -11.38 -21.53
N THR A 209 -12.54 -10.75 -21.15
CA THR A 209 -12.57 -9.64 -20.21
C THR A 209 -11.16 -9.07 -20.03
N LEU A 210 -10.15 -9.92 -20.24
CA LEU A 210 -8.76 -9.51 -20.11
C LEU A 210 -8.40 -8.45 -21.17
N PRO A 211 -7.44 -7.56 -20.85
CA PRO A 211 -7.02 -6.50 -21.77
C PRO A 211 -6.53 -7.03 -23.11
N GLU A 212 -6.82 -6.30 -24.17
CA GLU A 212 -6.46 -6.71 -25.52
C GLU A 212 -5.28 -5.89 -26.03
N THR A 213 -4.62 -5.18 -25.12
CA THR A 213 -3.48 -4.36 -25.49
C THR A 213 -2.17 -5.07 -25.18
N GLN A 214 -1.21 -4.94 -26.09
CA GLN A 214 0.07 -5.63 -26.01
C GLN A 214 0.91 -5.09 -24.86
N ALA A 215 0.98 -3.77 -24.76
CA ALA A 215 1.79 -3.11 -23.73
C ALA A 215 1.28 -3.49 -22.34
N GLY A 216 -0.04 -3.39 -22.17
CA GLY A 216 -0.67 -3.74 -20.92
C GLY A 216 -0.38 -5.16 -20.47
N ILE A 217 -0.35 -6.10 -21.40
CA ILE A 217 -0.14 -7.49 -21.04
C ILE A 217 1.33 -7.75 -20.70
N LYS A 218 2.23 -7.16 -21.48
CA LYS A 218 3.67 -7.29 -21.23
C LYS A 218 4.03 -6.97 -19.78
N GLU A 219 3.57 -5.80 -19.32
CA GLU A 219 3.84 -5.35 -17.97
C GLU A 219 3.31 -6.35 -16.95
N GLU A 220 2.05 -6.73 -17.11
CA GLU A 220 1.41 -7.63 -16.18
C GLU A 220 2.01 -9.04 -16.23
N ILE A 221 2.48 -9.46 -17.40
CA ILE A 221 3.14 -10.76 -17.53
C ILE A 221 4.32 -10.86 -16.57
N ARG A 222 5.15 -9.83 -16.56
CA ARG A 222 6.31 -9.80 -15.69
C ARG A 222 5.88 -9.90 -14.23
N ARG A 223 4.92 -9.07 -13.86
CA ARG A 223 4.45 -8.99 -12.47
C ARG A 223 3.78 -10.30 -12.05
N GLN A 224 3.05 -10.92 -12.96
CA GLN A 224 2.33 -12.15 -12.68
C GLN A 224 3.30 -13.28 -12.33
N GLU A 225 4.30 -13.46 -13.18
CA GLU A 225 5.21 -14.58 -13.03
C GLU A 225 6.07 -14.43 -11.77
N PHE A 226 6.34 -13.19 -11.35
CA PHE A 226 7.11 -12.97 -10.13
C PHE A 226 6.32 -13.38 -8.89
N LEU A 227 5.03 -13.09 -8.89
CA LEU A 227 4.18 -13.51 -7.79
C LEU A 227 4.01 -15.02 -7.86
N LEU A 228 4.00 -15.52 -9.08
CA LEU A 228 3.73 -16.92 -9.33
C LEU A 228 4.91 -17.80 -8.90
N ASN A 229 6.09 -17.50 -9.40
CA ASN A 229 7.26 -18.33 -9.12
C ASN A 229 7.66 -18.27 -7.65
N CYS A 230 7.44 -17.13 -6.98
CA CYS A 230 7.81 -17.01 -5.58
C CYS A 230 6.93 -17.91 -4.72
N LEU A 231 5.61 -17.76 -4.87
CA LEU A 231 4.67 -18.60 -4.13
C LEU A 231 4.96 -20.07 -4.40
N HIS A 232 5.20 -20.39 -5.67
CA HIS A 232 5.54 -21.75 -6.08
C HIS A 232 6.79 -22.25 -5.34
N ARG A 233 7.81 -21.40 -5.21
CA ARG A 233 9.08 -21.79 -4.60
C ARG A 233 8.95 -21.99 -3.10
N ASP A 234 8.38 -21.00 -2.43
CA ASP A 234 8.30 -21.01 -0.96
C ASP A 234 7.54 -22.21 -0.43
N LEU A 235 6.64 -22.76 -1.24
CA LEU A 235 5.88 -23.94 -0.86
C LEU A 235 6.79 -25.11 -0.47
N GLN A 236 7.98 -25.17 -1.07
CA GLN A 236 8.92 -26.26 -0.81
C GLN A 236 9.63 -26.05 0.53
N GLY A 237 9.37 -24.91 1.18
CA GLY A 237 9.93 -24.64 2.48
C GLY A 237 9.11 -25.25 3.60
N GLY A 238 8.55 -26.42 3.34
CA GLY A 238 7.71 -27.09 4.32
C GLY A 238 6.34 -26.48 4.39
N ILE A 239 6.02 -25.63 3.42
CA ILE A 239 4.74 -24.94 3.41
C ILE A 239 3.68 -25.73 2.66
N LYS A 240 2.90 -26.50 3.40
CA LYS A 240 1.71 -27.12 2.83
C LYS A 240 0.49 -26.38 3.31
N ASP A 241 0.22 -25.27 2.65
CA ASP A 241 -0.93 -24.43 2.97
C ASP A 241 -1.91 -24.47 1.82
N LEU A 242 -3.08 -25.03 2.06
CA LEU A 242 -4.07 -25.23 1.02
C LEU A 242 -4.49 -23.90 0.40
N SER A 243 -4.48 -22.85 1.22
CA SER A 243 -4.87 -21.51 0.78
C SER A 243 -3.86 -21.00 -0.24
N LYS A 244 -2.58 -21.23 0.05
CA LYS A 244 -1.51 -20.78 -0.82
C LYS A 244 -1.50 -21.62 -2.10
N GLU A 245 -1.78 -22.91 -1.95
CA GLU A 245 -1.83 -23.83 -3.09
C GLU A 245 -2.91 -23.41 -4.08
N GLU A 246 -4.14 -23.26 -3.59
CA GLU A 246 -5.24 -22.77 -4.44
C GLU A 246 -4.85 -21.49 -5.17
N ARG A 247 -4.15 -20.59 -4.49
CA ARG A 247 -3.69 -19.35 -5.10
C ARG A 247 -2.72 -19.64 -6.27
N LEU A 248 -1.94 -20.71 -6.12
CA LEU A 248 -0.92 -21.06 -7.09
C LEU A 248 -1.54 -21.48 -8.42
N TRP A 249 -2.53 -22.36 -8.39
CA TRP A 249 -3.18 -22.79 -9.63
C TRP A 249 -3.97 -21.64 -10.22
N GLU A 250 -4.49 -20.82 -9.32
CA GLU A 250 -5.33 -19.68 -9.70
C GLU A 250 -4.53 -18.70 -10.58
N VAL A 251 -3.35 -18.30 -10.11
CA VAL A 251 -2.50 -17.39 -10.88
C VAL A 251 -2.09 -18.02 -12.21
N GLN A 252 -1.83 -19.31 -12.16
CA GLN A 252 -1.47 -20.08 -13.36
C GLN A 252 -2.56 -20.07 -14.41
N ARG A 253 -3.82 -20.26 -14.00
CA ARG A 253 -4.94 -20.22 -14.96
C ARG A 253 -5.01 -18.85 -15.62
N ILE A 254 -4.73 -17.81 -14.84
CA ILE A 254 -4.76 -16.44 -15.33
C ILE A 254 -3.60 -16.22 -16.29
N LEU A 255 -2.41 -16.63 -15.87
CA LEU A 255 -1.21 -16.52 -16.69
C LEU A 255 -1.38 -17.27 -18.01
N THR A 256 -2.04 -18.43 -17.97
CA THR A 256 -2.31 -19.19 -19.17
C THR A 256 -3.07 -18.32 -20.19
N ALA A 257 -4.15 -17.69 -19.73
CA ALA A 257 -4.92 -16.79 -20.56
C ALA A 257 -4.07 -15.61 -21.03
N LEU A 258 -3.25 -15.08 -20.13
CA LEU A 258 -2.42 -13.93 -20.45
C LEU A 258 -1.42 -14.26 -21.56
N LYS A 259 -0.77 -15.41 -21.45
CA LYS A 259 0.20 -15.84 -22.46
C LYS A 259 -0.46 -16.01 -23.83
N ARG A 260 -1.70 -16.49 -23.83
CA ARG A 260 -2.44 -16.65 -25.06
C ARG A 260 -2.76 -15.29 -25.68
N LYS A 261 -3.36 -14.41 -24.87
CA LYS A 261 -3.74 -13.09 -25.34
C LYS A 261 -2.52 -12.22 -25.65
N LEU A 262 -1.37 -12.56 -25.08
CA LEU A 262 -0.14 -11.86 -25.39
C LEU A 262 0.23 -12.05 -26.86
N ARG A 263 -0.07 -13.23 -27.40
CA ARG A 263 0.12 -13.49 -28.82
C ARG A 263 -1.19 -13.30 -29.57
N GLU A 264 -2.16 -12.69 -28.89
CA GLU A 264 -3.46 -12.42 -29.47
C GLU A 264 -3.56 -10.95 -29.85
N ALA A 265 -2.83 -10.11 -29.12
CA ALA A 265 -2.82 -8.68 -29.33
C ALA A 265 -1.83 -8.32 -30.44
N HIS A 1 -17.50 -15.97 23.44
CA HIS A 1 -16.33 -16.57 22.76
C HIS A 1 -16.28 -16.13 21.30
N MET A 2 -15.20 -15.47 20.92
CA MET A 2 -15.02 -14.97 19.56
C MET A 2 -14.39 -16.04 18.68
N PRO A 3 -14.96 -16.26 17.48
CA PRO A 3 -14.44 -17.24 16.52
C PRO A 3 -13.15 -16.79 15.84
N ASN A 4 -12.95 -15.48 15.78
CA ASN A 4 -11.76 -14.92 15.16
C ASN A 4 -10.94 -14.17 16.19
N LEU A 5 -9.64 -14.31 16.12
CA LEU A 5 -8.75 -13.70 17.08
C LEU A 5 -7.88 -12.64 16.40
N LYS A 6 -8.07 -11.39 16.81
CA LYS A 6 -7.34 -10.25 16.26
C LYS A 6 -7.66 -10.04 14.78
N PRO A 7 -8.53 -9.07 14.47
CA PRO A 7 -8.85 -8.73 13.09
C PRO A 7 -7.83 -7.77 12.49
N ILE A 8 -7.47 -7.98 11.22
CA ILE A 8 -6.60 -7.08 10.44
C ILE A 8 -6.68 -5.61 10.87
N PHE A 9 -7.87 -5.09 11.07
CA PHE A 9 -8.02 -3.70 11.49
C PHE A 9 -7.71 -3.54 12.97
N GLY A 10 -6.43 -3.34 13.25
CA GLY A 10 -5.98 -3.10 14.60
C GLY A 10 -5.05 -4.18 15.11
N ILE A 11 -3.96 -4.39 14.38
CA ILE A 11 -2.96 -5.39 14.76
C ILE A 11 -1.56 -4.88 14.42
N PRO A 12 -0.51 -5.48 15.00
CA PRO A 12 0.88 -5.15 14.66
C PRO A 12 1.18 -5.39 13.18
N LEU A 13 2.20 -4.73 12.66
CA LEU A 13 2.55 -4.84 11.25
C LEU A 13 2.81 -6.29 10.85
N ALA A 14 3.78 -6.93 11.49
CA ALA A 14 4.16 -8.32 11.19
C ALA A 14 2.94 -9.24 11.11
N ASP A 15 2.10 -9.17 12.14
CA ASP A 15 0.86 -9.95 12.18
C ASP A 15 0.06 -9.73 10.89
N ALA A 16 -0.17 -8.47 10.54
CA ALA A 16 -0.91 -8.13 9.34
C ALA A 16 -0.21 -8.67 8.09
N VAL A 17 1.10 -8.58 8.08
CA VAL A 17 1.90 -8.98 6.92
C VAL A 17 1.92 -10.49 6.75
N GLU A 18 2.11 -11.22 7.85
CA GLU A 18 2.14 -12.67 7.80
C GLU A 18 0.77 -13.24 7.40
N ARG A 19 -0.25 -12.42 7.52
CA ARG A 19 -1.58 -12.81 7.07
C ARG A 19 -1.82 -12.34 5.63
N THR A 20 -1.41 -11.12 5.32
CA THR A 20 -1.70 -10.54 4.02
C THR A 20 -0.45 -10.47 3.15
N MET A 21 0.42 -11.46 3.27
CA MET A 21 1.64 -11.46 2.47
C MET A 21 1.35 -11.82 1.02
N MET A 22 1.97 -11.08 0.11
CA MET A 22 1.75 -11.30 -1.32
C MET A 22 3.02 -11.80 -1.99
N TYR A 23 3.93 -10.91 -2.38
CA TYR A 23 5.12 -11.34 -3.11
C TYR A 23 6.18 -10.26 -3.21
N ASP A 24 6.14 -9.24 -2.37
CA ASP A 24 6.96 -8.05 -2.61
C ASP A 24 8.13 -7.99 -1.65
N GLY A 25 8.36 -9.10 -0.94
CA GLY A 25 9.38 -9.16 0.11
C GLY A 25 9.41 -8.04 1.14
N ILE A 26 8.56 -7.04 0.99
CA ILE A 26 8.53 -5.93 1.95
C ILE A 26 7.86 -6.38 3.25
N ARG A 27 7.69 -5.49 4.20
CA ARG A 27 7.13 -5.87 5.49
C ARG A 27 5.85 -5.09 5.77
N LEU A 28 5.38 -4.37 4.76
CA LEU A 28 4.07 -3.73 4.82
C LEU A 28 2.95 -4.72 4.45
N PRO A 29 1.76 -4.52 5.03
CA PRO A 29 0.56 -5.34 4.74
C PRO A 29 0.12 -5.24 3.28
N ALA A 30 -0.71 -6.17 2.83
CA ALA A 30 -1.15 -6.18 1.43
C ALA A 30 -2.00 -4.98 1.12
N VAL A 31 -2.95 -4.70 2.01
CA VAL A 31 -3.84 -3.55 1.87
C VAL A 31 -3.07 -2.26 1.57
N PHE A 32 -1.93 -2.07 2.24
CA PHE A 32 -1.10 -0.90 1.98
C PHE A 32 -0.68 -0.88 0.51
N ARG A 33 -0.26 -2.04 0.04
CA ARG A 33 0.18 -2.19 -1.34
C ARG A 33 -0.99 -2.01 -2.30
N GLU A 34 -2.12 -2.65 -2.00
CA GLU A 34 -3.34 -2.55 -2.81
C GLU A 34 -3.78 -1.09 -2.97
N CYS A 35 -3.65 -0.31 -1.91
CA CYS A 35 -4.11 1.08 -1.94
C CYS A 35 -3.06 1.95 -2.63
N ILE A 36 -1.79 1.67 -2.35
CA ILE A 36 -0.68 2.40 -2.95
C ILE A 36 -0.63 2.16 -4.45
N ASP A 37 -0.88 0.93 -4.86
CA ASP A 37 -0.82 0.54 -6.26
C ASP A 37 -1.87 1.26 -7.07
N TYR A 38 -3.12 1.19 -6.62
CA TYR A 38 -4.23 1.82 -7.33
C TYR A 38 -3.98 3.31 -7.54
N VAL A 39 -3.59 4.00 -6.47
CA VAL A 39 -3.37 5.43 -6.55
C VAL A 39 -2.22 5.77 -7.48
N GLU A 40 -1.15 4.98 -7.42
CA GLU A 40 0.04 5.23 -8.24
C GLU A 40 -0.30 5.08 -9.73
N LYS A 41 -1.33 4.28 -10.01
CA LYS A 41 -1.73 4.00 -11.38
C LYS A 41 -2.72 5.03 -11.93
N TYR A 42 -3.74 5.38 -11.16
CA TYR A 42 -4.81 6.23 -11.70
C TYR A 42 -5.15 7.37 -10.73
N GLY A 43 -4.54 7.35 -9.56
CA GLY A 43 -4.97 8.19 -8.46
C GLY A 43 -4.61 9.66 -8.60
N MET A 44 -3.34 9.98 -8.37
CA MET A 44 -2.88 11.39 -8.25
C MET A 44 -2.94 12.18 -9.57
N LYS A 45 -3.58 11.63 -10.58
CA LYS A 45 -3.83 12.36 -11.82
C LYS A 45 -5.19 13.04 -11.72
N CYS A 46 -5.86 12.80 -10.61
CA CYS A 46 -7.23 13.26 -10.41
C CYS A 46 -7.29 14.28 -9.29
N GLU A 47 -8.17 15.26 -9.44
CA GLU A 47 -8.35 16.30 -8.44
C GLU A 47 -9.11 15.73 -7.24
N GLY A 48 -9.03 16.40 -6.09
CA GLY A 48 -9.64 15.88 -4.88
C GLY A 48 -8.91 14.67 -4.31
N ILE A 49 -7.88 14.21 -4.99
CA ILE A 49 -7.13 13.04 -4.55
C ILE A 49 -6.54 13.25 -3.15
N TYR A 50 -6.98 12.42 -2.20
CA TYR A 50 -6.50 12.47 -0.81
C TYR A 50 -6.98 13.75 -0.12
N ARG A 51 -7.97 14.41 -0.69
CA ARG A 51 -8.50 15.63 -0.09
C ARG A 51 -9.94 15.43 0.35
N VAL A 52 -10.68 14.62 -0.42
CA VAL A 52 -12.05 14.28 -0.06
C VAL A 52 -12.07 13.00 0.76
N SER A 53 -13.10 12.86 1.60
CA SER A 53 -13.18 11.73 2.53
C SER A 53 -13.43 10.42 1.77
N GLY A 54 -14.49 10.38 0.99
CA GLY A 54 -14.81 9.17 0.26
C GLY A 54 -16.13 8.57 0.70
N ILE A 55 -16.51 7.47 0.07
CA ILE A 55 -17.76 6.80 0.41
C ILE A 55 -17.54 5.82 1.57
N LYS A 56 -17.93 6.23 2.77
CA LYS A 56 -17.76 5.39 3.95
C LYS A 56 -18.52 4.08 3.82
N SER A 57 -19.56 4.08 3.00
CA SER A 57 -20.35 2.90 2.74
C SER A 57 -19.48 1.76 2.19
N LYS A 58 -18.50 2.09 1.34
CA LYS A 58 -17.67 1.06 0.72
C LYS A 58 -16.56 0.66 1.66
N VAL A 59 -16.20 1.57 2.55
CA VAL A 59 -15.09 1.34 3.46
C VAL A 59 -15.38 0.17 4.37
N ASP A 60 -16.60 0.10 4.90
CA ASP A 60 -16.98 -1.00 5.77
C ASP A 60 -17.13 -2.30 4.98
N GLU A 61 -17.37 -2.15 3.68
CA GLU A 61 -17.48 -3.30 2.79
C GLU A 61 -16.09 -3.92 2.59
N LEU A 62 -15.12 -3.05 2.33
CA LEU A 62 -13.72 -3.44 2.21
C LEU A 62 -13.22 -4.08 3.50
N LYS A 63 -13.55 -3.43 4.63
CA LYS A 63 -13.20 -3.93 5.96
C LYS A 63 -13.57 -5.40 6.08
N ALA A 64 -14.77 -5.70 5.61
CA ALA A 64 -15.29 -7.07 5.65
C ALA A 64 -14.44 -8.00 4.80
N ALA A 65 -14.09 -7.57 3.60
CA ALA A 65 -13.32 -8.40 2.68
C ALA A 65 -11.92 -8.70 3.19
N TYR A 66 -11.23 -7.68 3.68
CA TYR A 66 -9.84 -7.83 4.14
C TYR A 66 -9.76 -8.86 5.27
N ASP A 67 -10.63 -8.72 6.25
CA ASP A 67 -10.63 -9.60 7.42
C ASP A 67 -10.97 -11.06 7.03
N ARG A 68 -11.58 -11.22 5.87
CA ARG A 68 -11.95 -12.55 5.36
C ARG A 68 -10.82 -13.20 4.57
N GLU A 69 -9.62 -12.61 4.64
CA GLU A 69 -8.44 -13.11 3.90
C GLU A 69 -8.51 -12.78 2.41
N GLU A 70 -9.64 -12.21 1.98
CA GLU A 70 -9.85 -11.86 0.58
C GLU A 70 -9.04 -10.63 0.17
N SER A 71 -8.94 -10.44 -1.14
CA SER A 71 -8.26 -9.29 -1.71
C SER A 71 -9.30 -8.31 -2.25
N THR A 72 -8.85 -7.12 -2.59
CA THR A 72 -9.75 -6.07 -3.01
C THR A 72 -9.38 -5.56 -4.39
N ASN A 73 -10.36 -5.54 -5.25
CA ASN A 73 -10.22 -4.97 -6.56
C ASN A 73 -10.57 -3.48 -6.50
N LEU A 74 -9.56 -2.66 -6.25
CA LEU A 74 -9.77 -1.22 -6.10
C LEU A 74 -10.01 -0.57 -7.45
N GLU A 75 -9.60 -1.29 -8.50
CA GLU A 75 -9.80 -0.86 -9.88
C GLU A 75 -11.25 -0.42 -10.17
N ASP A 76 -12.19 -0.91 -9.37
CA ASP A 76 -13.61 -0.58 -9.56
C ASP A 76 -14.07 0.53 -8.61
N TYR A 77 -13.37 0.68 -7.48
CA TYR A 77 -13.77 1.64 -6.44
C TYR A 77 -13.14 3.02 -6.71
N GLU A 78 -13.50 3.98 -5.86
CA GLU A 78 -12.95 5.32 -5.95
C GLU A 78 -11.59 5.38 -5.26
N PRO A 79 -10.63 6.12 -5.84
CA PRO A 79 -9.29 6.25 -5.26
C PRO A 79 -9.33 6.82 -3.85
N ASN A 80 -10.13 7.87 -3.69
CA ASN A 80 -10.32 8.49 -2.39
C ASN A 80 -10.91 7.52 -1.37
N THR A 81 -11.82 6.66 -1.81
CA THR A 81 -12.40 5.66 -0.92
C THR A 81 -11.35 4.66 -0.47
N VAL A 82 -10.56 4.20 -1.44
CA VAL A 82 -9.45 3.30 -1.16
C VAL A 82 -8.44 3.97 -0.22
N ALA A 83 -8.21 5.26 -0.46
CA ALA A 83 -7.30 6.05 0.35
C ALA A 83 -7.79 6.14 1.79
N SER A 84 -9.10 6.13 1.96
CA SER A 84 -9.72 6.36 3.25
C SER A 84 -9.63 5.08 4.05
N LEU A 85 -9.80 3.97 3.35
CA LEU A 85 -9.61 2.65 3.93
C LEU A 85 -8.15 2.54 4.41
N LEU A 86 -7.23 2.98 3.56
CA LEU A 86 -5.81 2.91 3.87
C LEU A 86 -5.46 3.73 5.11
N LYS A 87 -5.83 5.01 5.10
CA LYS A 87 -5.50 5.89 6.22
C LYS A 87 -6.20 5.43 7.50
N GLN A 88 -7.38 4.86 7.36
CA GLN A 88 -8.11 4.37 8.52
C GLN A 88 -7.47 3.11 9.09
N TYR A 89 -7.29 2.11 8.24
CA TYR A 89 -6.59 0.88 8.64
C TYR A 89 -5.29 1.19 9.39
N LEU A 90 -4.56 2.17 8.87
CA LEU A 90 -3.30 2.57 9.49
C LEU A 90 -3.51 3.08 10.92
N ARG A 91 -4.54 3.90 11.10
CA ARG A 91 -4.85 4.45 12.41
C ARG A 91 -5.22 3.36 13.42
N ASP A 92 -6.12 2.43 13.02
CA ASP A 92 -6.54 1.32 13.87
C ASP A 92 -5.42 0.47 14.40
N LEU A 93 -4.22 0.64 13.89
CA LEU A 93 -3.08 -0.11 14.38
C LEU A 93 -2.83 0.23 15.84
N PRO A 94 -2.53 -0.78 16.68
CA PRO A 94 -2.42 -0.61 18.13
C PRO A 94 -1.33 0.35 18.53
N GLU A 95 -0.15 0.17 17.98
CA GLU A 95 0.96 1.06 18.27
C GLU A 95 1.26 1.92 17.06
N ASN A 96 1.54 3.21 17.31
CA ASN A 96 1.81 4.16 16.24
C ASN A 96 3.02 3.74 15.41
N LEU A 97 3.22 4.43 14.30
CA LEU A 97 4.33 4.15 13.41
C LEU A 97 5.63 4.57 14.07
N LEU A 98 5.64 5.81 14.56
CA LEU A 98 6.78 6.36 15.27
C LEU A 98 6.60 6.17 16.77
N THR A 99 5.49 5.51 17.10
CA THR A 99 5.05 5.31 18.49
C THR A 99 4.93 6.63 19.25
N LYS A 100 4.51 6.56 20.50
CA LYS A 100 4.37 7.76 21.33
C LYS A 100 5.75 8.32 21.65
N GLU A 101 6.69 7.42 21.77
CA GLU A 101 8.05 7.75 22.18
C GLU A 101 8.74 8.73 21.22
N LEU A 102 8.77 8.41 19.93
CA LEU A 102 9.45 9.25 18.95
C LEU A 102 8.56 10.38 18.43
N MET A 103 7.24 10.20 18.55
CA MET A 103 6.25 11.12 17.96
C MET A 103 6.48 12.59 18.36
N PRO A 104 6.41 12.96 19.66
CA PRO A 104 6.59 14.36 20.08
C PRO A 104 8.02 14.85 19.91
N ARG A 105 8.94 13.92 19.64
CA ARG A 105 10.32 14.30 19.45
C ARG A 105 10.48 14.97 18.09
N PHE A 106 9.53 14.68 17.19
CA PHE A 106 9.47 15.37 15.89
C PHE A 106 9.17 16.84 16.08
N GLU A 107 8.38 17.15 17.10
CA GLU A 107 8.08 18.53 17.46
C GLU A 107 9.37 19.29 17.75
N GLU A 108 10.28 18.64 18.48
CA GLU A 108 11.60 19.20 18.74
C GLU A 108 12.35 19.41 17.43
N ALA A 109 12.27 18.40 16.57
CA ALA A 109 12.89 18.45 15.26
C ALA A 109 12.28 19.54 14.38
N CYS A 110 11.09 19.97 14.73
CA CYS A 110 10.40 20.99 13.96
C CYS A 110 10.79 22.37 14.47
N GLY A 111 11.09 22.43 15.77
CA GLY A 111 11.49 23.68 16.39
C GLY A 111 12.98 23.91 16.33
N ARG A 112 13.67 23.07 15.57
CA ARG A 112 15.10 23.21 15.36
C ARG A 112 15.41 24.52 14.65
N THR A 113 16.47 25.16 15.10
CA THR A 113 16.88 26.44 14.54
C THR A 113 17.49 26.26 13.16
N THR A 114 17.97 25.06 12.88
CA THR A 114 18.61 24.77 11.61
C THR A 114 17.88 23.63 10.91
N GLU A 115 17.80 23.70 9.58
CA GLU A 115 17.09 22.72 8.78
C GLU A 115 17.79 21.35 8.88
N THR A 116 19.09 21.41 9.08
CA THR A 116 19.90 20.20 9.13
C THR A 116 19.63 19.43 10.42
N GLU A 117 19.54 20.16 11.54
CA GLU A 117 19.23 19.55 12.84
C GLU A 117 17.92 18.79 12.76
N LYS A 118 17.00 19.30 11.95
CA LYS A 118 15.69 18.69 11.79
C LYS A 118 15.83 17.33 11.14
N VAL A 119 16.37 17.32 9.92
CA VAL A 119 16.56 16.06 9.20
C VAL A 119 17.35 15.04 10.03
N GLN A 120 18.37 15.49 10.76
CA GLN A 120 19.14 14.60 11.63
C GLN A 120 18.26 13.99 12.74
N GLU A 121 17.39 14.80 13.31
CA GLU A 121 16.51 14.33 14.38
C GLU A 121 15.53 13.28 13.85
N PHE A 122 14.87 13.60 12.73
CA PHE A 122 14.00 12.65 12.05
C PHE A 122 14.73 11.33 11.78
N GLN A 123 16.00 11.45 11.43
CA GLN A 123 16.81 10.28 11.14
C GLN A 123 16.91 9.39 12.36
N ARG A 124 17.32 9.94 13.50
CA ARG A 124 17.49 9.14 14.70
C ARG A 124 16.15 8.58 15.17
N LEU A 125 15.08 9.37 15.02
CA LEU A 125 13.74 8.94 15.37
C LEU A 125 13.36 7.67 14.60
N LEU A 126 13.48 7.72 13.28
CA LEU A 126 13.12 6.58 12.43
C LEU A 126 13.97 5.34 12.72
N LYS A 127 15.21 5.53 13.16
CA LYS A 127 16.08 4.39 13.46
C LYS A 127 15.55 3.61 14.64
N GLU A 128 15.05 4.37 15.61
CA GLU A 128 14.44 3.82 16.81
C GLU A 128 13.12 3.08 16.52
N LEU A 129 12.85 2.77 15.27
CA LEU A 129 11.62 2.08 14.90
C LEU A 129 11.94 0.67 14.43
N PRO A 130 10.97 -0.25 14.53
CA PRO A 130 11.11 -1.60 13.97
C PRO A 130 11.16 -1.58 12.45
N GLU A 131 11.75 -2.60 11.85
CA GLU A 131 11.93 -2.67 10.40
C GLU A 131 10.61 -2.44 9.67
N CYS A 132 9.56 -3.11 10.13
CA CYS A 132 8.24 -2.98 9.53
C CYS A 132 7.78 -1.52 9.53
N ASN A 133 7.92 -0.86 10.67
CA ASN A 133 7.50 0.55 10.81
C ASN A 133 8.41 1.46 10.01
N TYR A 134 9.68 1.12 9.99
CA TYR A 134 10.69 1.88 9.28
C TYR A 134 10.35 1.97 7.79
N LEU A 135 10.07 0.83 7.19
CA LEU A 135 9.70 0.78 5.79
C LEU A 135 8.28 1.34 5.57
N LEU A 136 7.41 1.10 6.56
CA LEU A 136 6.04 1.59 6.51
C LEU A 136 6.03 3.12 6.41
N ILE A 137 6.71 3.77 7.36
CA ILE A 137 6.80 5.23 7.37
C ILE A 137 7.40 5.75 6.06
N SER A 138 8.41 5.04 5.57
CA SER A 138 9.03 5.36 4.29
C SER A 138 7.99 5.45 3.18
N TRP A 139 7.16 4.42 3.04
CA TRP A 139 6.26 4.32 1.91
C TRP A 139 5.10 5.29 2.03
N LEU A 140 4.56 5.42 3.23
CA LEU A 140 3.43 6.28 3.47
C LEU A 140 3.76 7.70 3.02
N ILE A 141 4.93 8.18 3.40
CA ILE A 141 5.31 9.54 3.10
C ILE A 141 5.73 9.69 1.64
N VAL A 142 6.54 8.76 1.15
CA VAL A 142 7.06 8.84 -0.21
C VAL A 142 5.95 8.64 -1.25
N HIS A 143 5.00 7.76 -0.96
CA HIS A 143 3.87 7.58 -1.87
C HIS A 143 3.00 8.82 -1.85
N MET A 144 2.90 9.41 -0.68
CA MET A 144 2.11 10.62 -0.52
C MET A 144 2.82 11.79 -1.20
N ASP A 145 4.14 11.66 -1.31
CA ASP A 145 4.96 12.65 -2.02
C ASP A 145 4.74 12.53 -3.52
N HIS A 146 4.49 11.31 -3.97
CA HIS A 146 4.15 11.08 -5.37
C HIS A 146 2.87 11.82 -5.72
N VAL A 147 1.92 11.84 -4.79
CA VAL A 147 0.71 12.63 -4.98
C VAL A 147 1.06 14.11 -4.99
N ILE A 148 2.02 14.50 -4.18
CA ILE A 148 2.46 15.90 -4.13
C ILE A 148 2.93 16.35 -5.50
N ALA A 149 3.83 15.58 -6.10
CA ALA A 149 4.40 15.94 -7.41
C ALA A 149 3.30 16.01 -8.46
N LYS A 150 2.33 15.12 -8.36
CA LYS A 150 1.25 15.08 -9.34
C LYS A 150 0.16 16.08 -8.96
N GLU A 151 0.12 16.49 -7.70
CA GLU A 151 -0.74 17.60 -7.29
C GLU A 151 -0.14 18.90 -7.76
N LEU A 152 1.15 18.87 -8.02
CA LEU A 152 1.81 19.99 -8.64
C LEU A 152 1.35 20.08 -10.09
N GLU A 153 1.09 18.91 -10.70
CA GLU A 153 0.54 18.90 -12.05
C GLU A 153 -0.99 18.97 -12.07
N THR A 154 -1.68 18.74 -10.94
CA THR A 154 -3.12 18.80 -10.99
C THR A 154 -3.64 20.12 -10.44
N LYS A 155 -3.12 20.54 -9.26
CA LYS A 155 -3.38 21.88 -8.69
C LYS A 155 -2.94 22.05 -7.22
N MET A 156 -2.98 21.00 -6.40
CA MET A 156 -2.72 21.15 -4.95
C MET A 156 -1.21 21.16 -4.64
N ASN A 157 -0.90 21.14 -3.35
CA ASN A 157 0.47 21.28 -2.88
C ASN A 157 0.66 20.44 -1.61
N ILE A 158 1.87 20.41 -1.06
CA ILE A 158 2.16 19.65 0.15
C ILE A 158 1.24 20.08 1.31
N GLN A 159 0.89 21.35 1.33
CA GLN A 159 0.09 21.91 2.43
C GLN A 159 -1.27 21.20 2.54
N ASN A 160 -1.93 21.04 1.41
CA ASN A 160 -3.23 20.39 1.35
C ASN A 160 -3.15 18.97 1.91
N ILE A 161 -2.18 18.23 1.41
CA ILE A 161 -1.99 16.85 1.80
C ILE A 161 -1.50 16.76 3.26
N SER A 162 -0.77 17.76 3.71
CA SER A 162 -0.32 17.80 5.10
C SER A 162 -1.51 17.92 6.04
N ILE A 163 -2.58 18.56 5.57
CA ILE A 163 -3.76 18.75 6.39
C ILE A 163 -4.47 17.42 6.56
N VAL A 164 -4.55 16.66 5.48
CA VAL A 164 -5.22 15.37 5.50
C VAL A 164 -4.33 14.28 6.11
N LEU A 165 -3.03 14.54 6.17
CA LEU A 165 -2.08 13.55 6.66
C LEU A 165 -1.84 13.72 8.16
N SER A 166 -2.11 14.92 8.67
CA SER A 166 -1.93 15.23 10.08
C SER A 166 -2.69 14.24 10.99
N PRO A 167 -4.03 14.12 10.86
CA PRO A 167 -4.81 13.18 11.67
C PRO A 167 -4.47 11.72 11.36
N THR A 168 -3.86 11.50 10.19
CA THR A 168 -3.58 10.16 9.71
C THR A 168 -2.56 9.43 10.59
N VAL A 169 -1.40 10.03 10.84
CA VAL A 169 -0.43 9.41 11.75
C VAL A 169 -0.54 9.99 13.16
N GLN A 170 -1.39 11.01 13.31
CA GLN A 170 -1.66 11.65 14.61
C GLN A 170 -0.54 12.62 14.99
N ILE A 171 -0.11 13.43 14.04
CA ILE A 171 0.96 14.39 14.28
C ILE A 171 0.56 15.76 13.73
N SER A 172 0.93 16.82 14.44
CA SER A 172 0.60 18.19 14.06
C SER A 172 0.92 18.51 12.60
N ASN A 173 0.04 19.30 12.00
CA ASN A 173 0.05 19.60 10.55
C ASN A 173 1.43 19.93 10.00
N ARG A 174 2.10 20.90 10.61
CA ARG A 174 3.37 21.42 10.08
C ARG A 174 4.42 20.34 9.92
N VAL A 175 4.39 19.34 10.79
CA VAL A 175 5.40 18.29 10.79
C VAL A 175 5.32 17.44 9.51
N LEU A 176 4.13 17.30 8.94
CA LEU A 176 3.94 16.46 7.75
C LEU A 176 4.66 17.06 6.53
N TYR A 177 4.42 18.34 6.28
CA TYR A 177 5.21 19.09 5.29
C TYR A 177 6.72 18.84 5.48
N VAL A 178 7.15 18.87 6.73
CA VAL A 178 8.53 18.60 7.10
C VAL A 178 8.89 17.15 6.80
N PHE A 179 7.92 16.26 6.96
CA PHE A 179 8.10 14.85 6.68
C PHE A 179 8.49 14.60 5.22
N PHE A 180 7.75 15.17 4.28
CA PHE A 180 8.04 14.92 2.86
C PHE A 180 9.40 15.49 2.46
N THR A 181 9.52 16.80 2.63
CA THR A 181 10.79 17.50 2.43
C THR A 181 11.98 16.65 2.93
N HIS A 182 11.90 16.20 4.17
CA HIS A 182 13.00 15.46 4.78
C HIS A 182 13.01 14.00 4.37
N VAL A 183 11.85 13.44 4.03
CA VAL A 183 11.76 12.05 3.62
C VAL A 183 12.62 11.80 2.37
N GLN A 184 12.70 12.80 1.51
CA GLN A 184 13.58 12.70 0.35
C GLN A 184 15.04 12.94 0.76
N GLU A 185 15.27 13.86 1.70
CA GLU A 185 16.62 14.07 2.22
C GLU A 185 17.14 12.80 2.93
N LEU A 186 16.23 12.07 3.57
CA LEU A 186 16.61 10.92 4.39
C LEU A 186 16.69 9.62 3.58
N PHE A 187 15.68 9.31 2.78
CA PHE A 187 15.67 8.03 2.07
C PHE A 187 16.05 8.20 0.61
N GLY A 188 15.11 8.65 -0.21
CA GLY A 188 15.37 8.85 -1.62
C GLY A 188 15.27 7.59 -2.44
N ASN A 189 15.88 6.51 -1.95
CA ASN A 189 15.88 5.24 -2.66
C ASN A 189 14.56 4.51 -2.47
N VAL A 190 13.88 4.85 -1.38
CA VAL A 190 12.55 4.30 -1.08
C VAL A 190 11.63 4.42 -2.28
N VAL A 191 11.18 3.27 -2.76
CA VAL A 191 10.39 3.20 -3.96
C VAL A 191 9.11 2.41 -3.70
N LEU A 192 8.05 2.80 -4.39
CA LEU A 192 6.75 2.18 -4.21
C LEU A 192 6.58 1.02 -5.19
N LYS A 193 6.82 -0.20 -4.72
CA LYS A 193 6.55 -1.40 -5.52
C LYS A 193 5.05 -1.59 -5.72
N GLN A 194 4.65 -1.75 -6.96
CA GLN A 194 3.25 -1.98 -7.28
C GLN A 194 2.91 -3.47 -7.24
N VAL A 195 1.62 -3.74 -7.10
CA VAL A 195 1.12 -5.10 -6.99
C VAL A 195 0.31 -5.48 -8.24
N MET A 196 0.20 -6.77 -8.51
CA MET A 196 -0.63 -7.28 -9.58
C MET A 196 -2.05 -6.75 -9.44
N LYS A 197 -2.56 -6.15 -10.51
CA LYS A 197 -3.89 -5.56 -10.49
C LYS A 197 -4.96 -6.62 -10.76
N PRO A 198 -5.99 -6.68 -9.91
CA PRO A 198 -7.08 -7.65 -10.07
C PRO A 198 -7.95 -7.32 -11.29
N LEU A 199 -8.36 -8.36 -12.00
CA LEU A 199 -9.29 -8.19 -13.12
C LEU A 199 -10.70 -8.50 -12.65
N ARG A 200 -11.70 -8.01 -13.38
CA ARG A 200 -13.08 -8.24 -13.02
C ARG A 200 -13.54 -9.61 -13.51
N TRP A 201 -12.90 -10.65 -12.99
CA TRP A 201 -13.25 -12.01 -13.33
C TRP A 201 -12.97 -12.90 -12.12
N SER A 202 -13.87 -13.85 -11.86
CA SER A 202 -13.73 -14.74 -10.71
C SER A 202 -12.70 -15.84 -11.01
N ASN A 203 -11.97 -15.67 -12.11
CA ASN A 203 -10.87 -16.57 -12.50
C ASN A 203 -11.41 -17.96 -12.85
N MET A 204 -12.69 -18.01 -13.19
CA MET A 204 -13.37 -19.28 -13.40
C MET A 204 -14.57 -19.12 -14.32
N ALA A 205 -14.92 -20.20 -15.02
CA ALA A 205 -16.15 -20.29 -15.83
C ALA A 205 -16.01 -19.54 -17.15
N THR A 206 -15.91 -18.22 -17.07
CA THR A 206 -15.86 -17.38 -18.26
C THR A 206 -14.47 -17.39 -18.90
N MET A 207 -14.22 -16.43 -19.80
CA MET A 207 -12.94 -16.35 -20.51
C MET A 207 -12.75 -14.95 -21.11
N PRO A 208 -13.73 -14.42 -21.88
CA PRO A 208 -13.65 -13.05 -22.41
C PRO A 208 -13.61 -12.00 -21.31
N THR A 209 -12.46 -11.33 -21.19
CA THR A 209 -12.22 -10.35 -20.14
C THR A 209 -10.76 -9.92 -20.16
N LEU A 210 -9.93 -10.77 -20.74
CA LEU A 210 -8.49 -10.51 -20.84
C LEU A 210 -8.22 -9.47 -21.92
N PRO A 211 -7.29 -8.53 -21.67
CA PRO A 211 -6.98 -7.44 -22.61
C PRO A 211 -6.56 -7.95 -23.98
N GLU A 212 -6.83 -7.16 -25.00
CA GLU A 212 -6.44 -7.50 -26.37
C GLU A 212 -5.24 -6.68 -26.81
N THR A 213 -4.67 -5.94 -25.88
CA THR A 213 -3.52 -5.11 -26.16
C THR A 213 -2.22 -5.81 -25.77
N GLN A 214 -1.20 -5.68 -26.60
CA GLN A 214 0.07 -6.36 -26.39
C GLN A 214 0.80 -5.79 -25.18
N ALA A 215 0.79 -4.47 -25.06
CA ALA A 215 1.50 -3.79 -23.96
C ALA A 215 0.86 -4.12 -22.62
N GLY A 216 -0.48 -4.09 -22.59
CA GLY A 216 -1.21 -4.37 -21.37
C GLY A 216 -0.94 -5.75 -20.83
N ILE A 217 -0.92 -6.73 -21.72
CA ILE A 217 -0.67 -8.11 -21.33
C ILE A 217 0.79 -8.29 -20.92
N LYS A 218 1.70 -7.67 -21.66
CA LYS A 218 3.13 -7.76 -21.37
C LYS A 218 3.43 -7.29 -19.94
N GLU A 219 2.83 -6.18 -19.55
CA GLU A 219 2.97 -5.65 -18.19
C GLU A 219 2.47 -6.66 -17.17
N GLU A 220 1.27 -7.15 -17.41
CA GLU A 220 0.58 -8.01 -16.46
C GLU A 220 1.34 -9.32 -16.27
N ILE A 221 1.75 -9.94 -17.37
CA ILE A 221 2.46 -11.20 -17.33
C ILE A 221 3.76 -11.09 -16.53
N ARG A 222 4.52 -10.02 -16.76
CA ARG A 222 5.78 -9.81 -16.05
C ARG A 222 5.55 -9.85 -14.55
N ARG A 223 4.56 -9.07 -14.10
CA ARG A 223 4.22 -9.00 -12.68
C ARG A 223 3.80 -10.37 -12.16
N GLN A 224 3.05 -11.08 -12.99
CA GLN A 224 2.44 -12.34 -12.60
C GLN A 224 3.47 -13.46 -12.50
N GLU A 225 4.46 -13.45 -13.37
CA GLU A 225 5.48 -14.50 -13.37
C GLU A 225 6.40 -14.37 -12.16
N PHE A 226 6.64 -13.15 -11.70
CA PHE A 226 7.41 -12.96 -10.47
C PHE A 226 6.61 -13.46 -9.27
N LEU A 227 5.32 -13.23 -9.29
CA LEU A 227 4.44 -13.75 -8.26
C LEU A 227 4.35 -15.27 -8.40
N LEU A 228 4.46 -15.74 -9.64
CA LEU A 228 4.32 -17.16 -9.94
C LEU A 228 5.48 -17.97 -9.38
N ASN A 229 6.69 -17.61 -9.80
CA ASN A 229 7.89 -18.37 -9.42
C ASN A 229 8.08 -18.35 -7.92
N CYS A 230 7.74 -17.22 -7.28
CA CYS A 230 7.91 -17.10 -5.84
C CYS A 230 7.01 -18.08 -5.11
N LEU A 231 5.71 -18.04 -5.41
CA LEU A 231 4.75 -18.86 -4.67
C LEU A 231 4.86 -20.33 -5.08
N HIS A 232 4.87 -20.58 -6.38
CA HIS A 232 4.95 -21.93 -6.91
C HIS A 232 6.13 -22.71 -6.33
N ARG A 233 7.30 -22.07 -6.30
CA ARG A 233 8.50 -22.69 -5.74
C ARG A 233 8.44 -22.73 -4.22
N ASP A 234 7.81 -21.72 -3.62
CA ASP A 234 7.64 -21.63 -2.16
C ASP A 234 7.03 -22.91 -1.58
N LEU A 235 6.08 -23.47 -2.31
CA LEU A 235 5.36 -24.67 -1.87
C LEU A 235 6.31 -25.84 -1.59
N GLN A 236 7.43 -25.87 -2.30
CA GLN A 236 8.38 -26.97 -2.16
C GLN A 236 9.22 -26.84 -0.90
N GLY A 237 9.07 -25.72 -0.19
CA GLY A 237 9.83 -25.50 1.04
C GLY A 237 9.21 -26.18 2.24
N GLY A 238 8.90 -27.47 2.08
CA GLY A 238 8.28 -28.23 3.14
C GLY A 238 6.89 -27.74 3.46
N ILE A 239 6.22 -27.17 2.48
CA ILE A 239 4.90 -26.58 2.67
C ILE A 239 3.83 -27.44 2.02
N LYS A 240 2.78 -27.75 2.78
CA LYS A 240 1.65 -28.49 2.25
C LYS A 240 0.36 -27.83 2.71
N ASP A 241 -0.07 -26.83 1.97
CA ASP A 241 -1.30 -26.11 2.30
C ASP A 241 -2.21 -26.09 1.09
N LEU A 242 -3.41 -26.62 1.25
CA LEU A 242 -4.34 -26.77 0.14
C LEU A 242 -4.78 -25.40 -0.37
N SER A 243 -4.75 -24.42 0.52
CA SER A 243 -5.13 -23.06 0.19
C SER A 243 -4.05 -22.45 -0.71
N LYS A 244 -2.80 -22.78 -0.40
CA LYS A 244 -1.66 -22.34 -1.20
C LYS A 244 -1.66 -23.06 -2.54
N GLU A 245 -2.02 -24.34 -2.52
CA GLU A 245 -2.03 -25.16 -3.73
C GLU A 245 -3.06 -24.66 -4.74
N GLU A 246 -4.32 -24.59 -4.33
CA GLU A 246 -5.39 -24.09 -5.22
C GLU A 246 -5.05 -22.70 -5.73
N ARG A 247 -4.46 -21.88 -4.85
CA ARG A 247 -4.05 -20.53 -5.21
C ARG A 247 -3.07 -20.56 -6.38
N LEU A 248 -2.21 -21.56 -6.40
CA LEU A 248 -1.21 -21.70 -7.45
C LEU A 248 -1.86 -22.00 -8.80
N TRP A 249 -2.70 -23.05 -8.84
CA TRP A 249 -3.32 -23.49 -10.09
C TRP A 249 -4.09 -22.35 -10.71
N GLU A 250 -4.76 -21.59 -9.86
CA GLU A 250 -5.59 -20.49 -10.32
C GLU A 250 -4.74 -19.43 -11.01
N VAL A 251 -3.58 -19.11 -10.42
CA VAL A 251 -2.65 -18.15 -11.03
C VAL A 251 -2.12 -18.72 -12.35
N GLN A 252 -1.66 -19.96 -12.30
CA GLN A 252 -1.21 -20.67 -13.51
C GLN A 252 -2.28 -20.64 -14.60
N ARG A 253 -3.52 -20.83 -14.19
CA ARG A 253 -4.69 -20.79 -15.08
C ARG A 253 -4.78 -19.45 -15.82
N ILE A 254 -4.54 -18.38 -15.07
CA ILE A 254 -4.67 -17.02 -15.60
C ILE A 254 -3.51 -16.71 -16.53
N LEU A 255 -2.30 -16.96 -16.04
CA LEU A 255 -1.09 -16.70 -16.81
C LEU A 255 -1.07 -17.53 -18.09
N THR A 256 -1.56 -18.76 -18.03
CA THR A 256 -1.63 -19.62 -19.21
C THR A 256 -2.46 -18.96 -20.31
N ALA A 257 -3.65 -18.47 -19.93
CA ALA A 257 -4.47 -17.72 -20.87
C ALA A 257 -3.71 -16.53 -21.45
N LEU A 258 -3.03 -15.79 -20.59
CA LEU A 258 -2.30 -14.60 -21.01
C LEU A 258 -1.13 -14.95 -21.92
N LYS A 259 -0.49 -16.09 -21.67
CA LYS A 259 0.60 -16.55 -22.52
C LYS A 259 0.13 -16.81 -23.94
N ARG A 260 -1.10 -17.28 -24.07
CA ARG A 260 -1.70 -17.47 -25.39
C ARG A 260 -2.03 -16.10 -26.00
N LYS A 261 -2.59 -15.23 -25.17
CA LYS A 261 -2.88 -13.84 -25.54
C LYS A 261 -1.67 -13.12 -26.12
N LEU A 262 -0.46 -13.49 -25.68
CA LEU A 262 0.76 -12.88 -26.20
C LEU A 262 0.84 -13.01 -27.72
N ARG A 263 0.29 -14.10 -28.24
CA ARG A 263 0.27 -14.35 -29.68
C ARG A 263 -1.12 -14.12 -30.24
N GLU A 264 -1.97 -13.52 -29.44
CA GLU A 264 -3.32 -13.16 -29.86
C GLU A 264 -3.36 -11.68 -30.18
N ALA A 265 -2.57 -10.91 -29.44
CA ALA A 265 -2.54 -9.46 -29.56
C ALA A 265 -1.44 -9.01 -30.52
N HIS A 1 -9.33 -19.75 23.48
CA HIS A 1 -9.60 -19.77 22.03
C HIS A 1 -9.83 -18.37 21.48
N MET A 2 -9.20 -18.07 20.36
CA MET A 2 -9.37 -16.78 19.71
C MET A 2 -10.57 -16.83 18.76
N PRO A 3 -11.47 -15.84 18.88
CA PRO A 3 -12.73 -15.82 18.12
C PRO A 3 -12.55 -15.60 16.61
N ASN A 4 -11.67 -14.69 16.22
CA ASN A 4 -11.51 -14.35 14.80
C ASN A 4 -10.27 -15.05 14.24
N LEU A 5 -10.43 -15.66 13.09
CA LEU A 5 -9.35 -16.39 12.45
C LEU A 5 -8.44 -15.47 11.65
N LYS A 6 -7.26 -15.19 12.21
CA LYS A 6 -6.27 -14.31 11.59
C LYS A 6 -6.80 -12.89 11.43
N PRO A 7 -6.68 -12.08 12.48
CA PRO A 7 -7.12 -10.68 12.45
C PRO A 7 -6.19 -9.82 11.62
N ILE A 8 -6.66 -8.61 11.30
CA ILE A 8 -5.91 -7.70 10.44
C ILE A 8 -5.84 -6.33 11.10
N PHE A 9 -6.88 -6.00 11.85
CA PHE A 9 -6.92 -4.74 12.59
C PHE A 9 -6.73 -5.01 14.08
N GLY A 10 -6.60 -3.95 14.87
CA GLY A 10 -6.33 -4.09 16.30
C GLY A 10 -5.10 -4.95 16.59
N ILE A 11 -4.04 -4.79 15.79
CA ILE A 11 -2.82 -5.56 15.97
C ILE A 11 -1.59 -4.70 15.69
N PRO A 12 -0.42 -5.13 16.16
CA PRO A 12 0.85 -4.47 15.83
C PRO A 12 1.18 -4.60 14.34
N LEU A 13 2.07 -3.75 13.85
CA LEU A 13 2.35 -3.69 12.41
C LEU A 13 2.92 -5.01 11.88
N ALA A 14 3.99 -5.52 12.51
CA ALA A 14 4.60 -6.78 12.08
C ALA A 14 3.58 -7.91 12.01
N ASP A 15 2.68 -7.94 13.00
CA ASP A 15 1.58 -8.90 13.00
C ASP A 15 0.80 -8.83 11.69
N ALA A 16 0.43 -7.64 11.29
CA ALA A 16 -0.30 -7.44 10.04
C ALA A 16 0.56 -7.86 8.84
N VAL A 17 1.85 -7.59 8.93
CA VAL A 17 2.80 -7.90 7.85
C VAL A 17 2.92 -9.39 7.62
N GLU A 18 3.23 -10.12 8.69
CA GLU A 18 3.48 -11.55 8.61
C GLU A 18 2.22 -12.34 8.31
N ARG A 19 1.07 -11.71 8.54
CA ARG A 19 -0.20 -12.35 8.25
C ARG A 19 -0.65 -12.10 6.81
N THR A 20 -0.49 -10.89 6.32
CA THR A 20 -0.99 -10.58 4.97
C THR A 20 -0.03 -10.99 3.86
N MET A 21 1.25 -10.57 3.93
CA MET A 21 2.22 -10.77 2.83
C MET A 21 1.65 -10.54 1.43
N MET A 22 2.48 -10.81 0.42
CA MET A 22 2.04 -10.78 -0.97
C MET A 22 3.18 -11.13 -1.94
N TYR A 23 3.81 -10.09 -2.47
CA TYR A 23 4.76 -10.22 -3.56
C TYR A 23 6.08 -10.86 -3.12
N ASP A 24 7.02 -10.03 -2.68
CA ASP A 24 8.39 -10.48 -2.43
C ASP A 24 8.62 -10.84 -0.97
N GLY A 25 7.77 -10.34 -0.09
CA GLY A 25 7.95 -10.60 1.32
C GLY A 25 8.93 -9.64 1.96
N ILE A 26 8.99 -8.42 1.46
CA ILE A 26 9.91 -7.40 1.95
C ILE A 26 9.46 -6.78 3.28
N ARG A 27 8.70 -7.53 4.07
CA ARG A 27 8.17 -7.02 5.35
C ARG A 27 7.29 -5.79 5.12
N LEU A 28 6.08 -6.02 4.64
CA LEU A 28 5.15 -4.95 4.34
C LEU A 28 3.78 -5.55 4.03
N PRO A 29 2.68 -5.00 4.59
CA PRO A 29 1.34 -5.55 4.38
C PRO A 29 0.90 -5.44 2.92
N ALA A 30 0.00 -6.32 2.48
CA ALA A 30 -0.48 -6.27 1.11
C ALA A 30 -1.35 -5.04 0.89
N VAL A 31 -2.26 -4.81 1.84
CA VAL A 31 -3.17 -3.66 1.82
C VAL A 31 -2.47 -2.39 1.37
N PHE A 32 -1.38 -2.07 2.06
CA PHE A 32 -0.63 -0.85 1.79
C PHE A 32 -0.16 -0.80 0.35
N ARG A 33 0.37 -1.91 -0.13
CA ARG A 33 0.93 -1.95 -1.47
C ARG A 33 -0.15 -1.97 -2.55
N GLU A 34 -1.25 -2.68 -2.29
CA GLU A 34 -2.37 -2.69 -3.23
C GLU A 34 -2.96 -1.29 -3.41
N CYS A 35 -2.92 -0.51 -2.34
CA CYS A 35 -3.47 0.85 -2.39
C CYS A 35 -2.44 1.78 -3.03
N ILE A 36 -1.17 1.56 -2.73
CA ILE A 36 -0.08 2.34 -3.32
C ILE A 36 0.00 2.09 -4.82
N ASP A 37 -0.23 0.85 -5.22
CA ASP A 37 -0.13 0.44 -6.61
C ASP A 37 -1.24 1.08 -7.44
N TYR A 38 -2.47 0.99 -6.94
CA TYR A 38 -3.62 1.50 -7.67
C TYR A 38 -3.47 3.01 -7.94
N VAL A 39 -3.09 3.75 -6.91
CA VAL A 39 -2.91 5.19 -7.05
C VAL A 39 -1.83 5.50 -8.09
N GLU A 40 -0.73 4.76 -8.03
CA GLU A 40 0.41 5.01 -8.90
C GLU A 40 0.07 4.77 -10.36
N LYS A 41 -0.88 3.87 -10.63
CA LYS A 41 -1.24 3.52 -12.00
C LYS A 41 -2.40 4.36 -12.53
N TYR A 42 -3.41 4.62 -11.71
CA TYR A 42 -4.65 5.21 -12.23
C TYR A 42 -4.93 6.58 -11.63
N GLY A 43 -4.46 6.81 -10.41
CA GLY A 43 -4.85 8.02 -9.70
C GLY A 43 -3.65 8.85 -9.29
N MET A 44 -2.80 9.13 -10.25
CA MET A 44 -1.58 9.89 -9.97
C MET A 44 -1.82 11.36 -10.24
N LYS A 45 -2.46 11.66 -11.36
CA LYS A 45 -2.74 13.03 -11.74
C LYS A 45 -4.23 13.29 -11.59
N CYS A 46 -4.81 12.61 -10.60
CA CYS A 46 -6.22 12.73 -10.30
C CYS A 46 -6.44 13.87 -9.32
N GLU A 47 -7.31 14.80 -9.68
CA GLU A 47 -7.58 15.95 -8.82
C GLU A 47 -8.27 15.51 -7.53
N GLY A 48 -8.22 16.37 -6.52
CA GLY A 48 -8.74 16.01 -5.21
C GLY A 48 -8.03 14.87 -4.51
N ILE A 49 -7.06 14.26 -5.19
CA ILE A 49 -6.46 13.00 -4.76
C ILE A 49 -6.00 13.05 -3.30
N TYR A 50 -6.45 12.05 -2.54
CA TYR A 50 -6.11 11.88 -1.11
C TYR A 50 -6.86 12.85 -0.22
N ARG A 51 -7.00 14.10 -0.64
CA ARG A 51 -7.80 15.06 0.11
C ARG A 51 -9.26 14.65 0.10
N VAL A 52 -9.69 14.04 -1.00
CA VAL A 52 -11.03 13.47 -1.09
C VAL A 52 -11.02 12.06 -0.49
N SER A 53 -12.13 11.66 0.07
CA SER A 53 -12.24 10.35 0.68
C SER A 53 -13.32 9.56 -0.02
N GLY A 54 -13.19 8.24 -0.01
CA GLY A 54 -14.11 7.41 -0.76
C GLY A 54 -15.39 7.10 -0.03
N ILE A 55 -16.16 6.17 -0.57
CA ILE A 55 -17.42 5.78 0.02
C ILE A 55 -17.20 5.12 1.37
N LYS A 56 -17.75 5.73 2.42
CA LYS A 56 -17.59 5.22 3.77
C LYS A 56 -18.15 3.81 3.87
N SER A 57 -19.24 3.58 3.16
CA SER A 57 -19.89 2.28 3.09
C SER A 57 -18.94 1.21 2.54
N LYS A 58 -18.04 1.59 1.64
CA LYS A 58 -17.15 0.63 1.01
C LYS A 58 -15.94 0.34 1.89
N VAL A 59 -15.58 1.30 2.75
CA VAL A 59 -14.49 1.11 3.69
C VAL A 59 -14.77 -0.10 4.57
N ASP A 60 -16.01 -0.18 5.06
CA ASP A 60 -16.44 -1.29 5.89
C ASP A 60 -16.38 -2.60 5.10
N GLU A 61 -16.60 -2.49 3.79
CA GLU A 61 -16.62 -3.64 2.90
C GLU A 61 -15.21 -4.19 2.73
N LEU A 62 -14.29 -3.29 2.42
CA LEU A 62 -12.89 -3.64 2.19
C LEU A 62 -12.24 -4.19 3.45
N LYS A 63 -12.50 -3.55 4.60
CA LYS A 63 -11.98 -4.03 5.88
C LYS A 63 -12.46 -5.45 6.13
N ALA A 64 -13.69 -5.72 5.75
CA ALA A 64 -14.30 -7.02 5.97
C ALA A 64 -13.65 -8.09 5.11
N ALA A 65 -13.22 -7.71 3.91
CA ALA A 65 -12.62 -8.65 2.97
C ALA A 65 -11.19 -9.03 3.39
N TYR A 66 -10.38 -8.02 3.69
CA TYR A 66 -8.98 -8.24 4.06
C TYR A 66 -8.85 -9.12 5.30
N ASP A 67 -9.72 -8.89 6.29
CA ASP A 67 -9.65 -9.62 7.56
C ASP A 67 -9.98 -11.11 7.35
N ARG A 68 -10.62 -11.41 6.22
CA ARG A 68 -11.00 -12.78 5.90
C ARG A 68 -10.03 -13.41 4.88
N GLU A 69 -8.85 -12.80 4.75
CA GLU A 69 -7.78 -13.28 3.85
C GLU A 69 -8.08 -12.96 2.38
N GLU A 70 -9.37 -12.83 2.05
CA GLU A 70 -9.81 -12.56 0.68
C GLU A 70 -9.16 -11.31 0.12
N SER A 71 -8.88 -11.36 -1.17
CA SER A 71 -8.31 -10.22 -1.87
C SER A 71 -9.42 -9.31 -2.38
N THR A 72 -9.05 -8.13 -2.84
CA THR A 72 -10.01 -7.13 -3.25
C THR A 72 -9.56 -6.46 -4.53
N ASN A 73 -10.40 -6.56 -5.54
CA ASN A 73 -10.16 -5.88 -6.79
C ASN A 73 -10.31 -4.37 -6.61
N LEU A 74 -9.21 -3.73 -6.25
CA LEU A 74 -9.20 -2.30 -5.97
C LEU A 74 -9.26 -1.50 -7.26
N GLU A 75 -9.09 -2.18 -8.38
CA GLU A 75 -9.01 -1.55 -9.68
C GLU A 75 -10.41 -1.16 -10.15
N ASP A 76 -11.42 -1.55 -9.36
CA ASP A 76 -12.81 -1.25 -9.66
C ASP A 76 -13.30 -0.10 -8.80
N TYR A 77 -12.69 0.05 -7.63
CA TYR A 77 -13.08 1.09 -6.68
C TYR A 77 -12.41 2.41 -7.06
N GLU A 78 -12.82 3.49 -6.39
CA GLU A 78 -12.24 4.81 -6.61
C GLU A 78 -10.91 4.95 -5.89
N PRO A 79 -10.01 5.81 -6.40
CA PRO A 79 -8.72 6.07 -5.75
C PRO A 79 -8.92 6.63 -4.35
N ASN A 80 -9.85 7.58 -4.24
CA ASN A 80 -10.23 8.14 -2.95
C ASN A 80 -10.69 7.06 -1.97
N THR A 81 -11.28 5.99 -2.49
CA THR A 81 -11.81 4.93 -1.66
C THR A 81 -10.69 4.06 -1.11
N VAL A 82 -9.80 3.61 -1.98
CA VAL A 82 -8.68 2.76 -1.58
C VAL A 82 -7.73 3.53 -0.65
N ALA A 83 -7.53 4.82 -0.94
CA ALA A 83 -6.68 5.67 -0.12
C ALA A 83 -7.30 5.89 1.26
N SER A 84 -8.62 5.93 1.30
CA SER A 84 -9.34 6.19 2.53
C SER A 84 -9.37 4.91 3.35
N LEU A 85 -9.50 3.80 2.66
CA LEU A 85 -9.41 2.50 3.28
C LEU A 85 -8.01 2.31 3.85
N LEU A 86 -7.00 2.76 3.12
CA LEU A 86 -5.62 2.63 3.55
C LEU A 86 -5.36 3.43 4.81
N LYS A 87 -5.69 4.72 4.79
CA LYS A 87 -5.48 5.58 5.95
C LYS A 87 -6.30 5.08 7.13
N GLN A 88 -7.45 4.50 6.85
CA GLN A 88 -8.29 3.94 7.90
C GLN A 88 -7.65 2.66 8.44
N TYR A 89 -7.33 1.74 7.54
CA TYR A 89 -6.59 0.52 7.89
C TYR A 89 -5.37 0.85 8.75
N LEU A 90 -4.70 1.95 8.44
CA LEU A 90 -3.55 2.37 9.20
C LEU A 90 -3.96 2.81 10.61
N ARG A 91 -5.04 3.58 10.70
CA ARG A 91 -5.52 4.08 11.99
C ARG A 91 -5.92 2.95 12.93
N ASP A 92 -6.76 2.03 12.44
CA ASP A 92 -7.21 0.86 13.21
C ASP A 92 -6.07 -0.01 13.73
N LEU A 93 -4.85 0.31 13.34
CA LEU A 93 -3.70 -0.32 13.93
C LEU A 93 -3.30 0.48 15.18
N PRO A 94 -3.46 -0.12 16.36
CA PRO A 94 -3.29 0.58 17.64
C PRO A 94 -1.83 0.88 17.97
N GLU A 95 -0.96 0.62 17.02
CA GLU A 95 0.45 0.90 17.15
C GLU A 95 0.87 1.86 16.05
N ASN A 96 1.37 3.02 16.44
CA ASN A 96 1.73 4.07 15.49
C ASN A 96 2.99 3.70 14.74
N LEU A 97 3.25 4.41 13.66
CA LEU A 97 4.47 4.21 12.89
C LEU A 97 5.64 4.77 13.70
N LEU A 98 5.40 5.89 14.35
CA LEU A 98 6.42 6.52 15.17
C LEU A 98 6.25 6.04 16.61
N THR A 99 5.24 5.18 16.79
CA THR A 99 4.79 4.69 18.10
C THR A 99 4.59 5.85 19.09
N LYS A 100 4.25 5.50 20.31
CA LYS A 100 4.11 6.49 21.38
C LYS A 100 5.49 7.07 21.72
N GLU A 101 6.48 6.24 21.46
CA GLU A 101 7.86 6.55 21.81
C GLU A 101 8.44 7.72 20.99
N LEU A 102 8.50 7.58 19.67
CA LEU A 102 9.16 8.59 18.83
C LEU A 102 8.21 9.75 18.50
N MET A 103 6.92 9.44 18.38
CA MET A 103 5.90 10.42 17.93
C MET A 103 6.03 11.81 18.57
N PRO A 104 6.06 11.92 19.92
CA PRO A 104 6.10 13.22 20.59
C PRO A 104 7.38 14.00 20.30
N ARG A 105 8.41 13.30 19.81
CA ARG A 105 9.69 13.91 19.54
C ARG A 105 9.78 14.38 18.10
N PHE A 106 8.78 14.06 17.30
CA PHE A 106 8.73 14.53 15.93
C PHE A 106 8.40 16.02 15.90
N GLU A 107 7.55 16.45 16.82
CA GLU A 107 7.26 17.87 16.96
C GLU A 107 8.50 18.61 17.47
N GLU A 108 9.34 17.90 18.23
CA GLU A 108 10.61 18.46 18.72
C GLU A 108 11.54 18.76 17.55
N ALA A 109 11.72 17.75 16.70
CA ALA A 109 12.47 17.88 15.47
C ALA A 109 11.79 18.85 14.51
N CYS A 110 10.51 19.09 14.71
CA CYS A 110 9.76 19.96 13.83
C CYS A 110 10.00 21.41 14.25
N GLY A 111 10.19 21.61 15.55
CA GLY A 111 10.47 22.93 16.08
C GLY A 111 11.95 23.23 16.15
N ARG A 112 12.69 22.79 15.14
CA ARG A 112 14.11 23.11 15.05
C ARG A 112 14.33 24.44 14.36
N THR A 113 15.54 24.97 14.44
CA THR A 113 15.86 26.25 13.81
C THR A 113 16.21 26.08 12.33
N THR A 114 16.47 24.85 11.92
CA THR A 114 16.84 24.55 10.55
C THR A 114 16.39 23.13 10.21
N GLU A 115 16.04 22.89 8.95
CA GLU A 115 15.57 21.57 8.54
C GLU A 115 16.67 20.52 8.70
N THR A 116 17.92 20.93 8.60
CA THR A 116 19.03 20.03 8.88
C THR A 116 18.88 19.41 10.26
N GLU A 117 18.68 20.27 11.27
CA GLU A 117 18.47 19.83 12.64
C GLU A 117 17.27 18.89 12.72
N LYS A 118 16.23 19.22 11.95
CA LYS A 118 15.04 18.41 11.87
C LYS A 118 15.38 17.03 11.35
N VAL A 119 15.94 17.02 10.15
CA VAL A 119 16.41 15.83 9.48
C VAL A 119 17.22 14.92 10.41
N GLN A 120 18.24 15.48 11.06
CA GLN A 120 19.09 14.71 11.97
C GLN A 120 18.30 14.02 13.08
N GLU A 121 17.31 14.71 13.64
CA GLU A 121 16.50 14.12 14.70
C GLU A 121 15.59 13.03 14.13
N PHE A 122 14.88 13.34 13.04
CA PHE A 122 14.02 12.36 12.38
C PHE A 122 14.81 11.11 12.02
N GLN A 123 16.04 11.31 11.54
CA GLN A 123 16.95 10.19 11.27
C GLN A 123 17.02 9.28 12.49
N ARG A 124 17.31 9.86 13.65
CA ARG A 124 17.39 9.11 14.90
C ARG A 124 16.09 8.34 15.18
N LEU A 125 14.96 9.03 15.11
CA LEU A 125 13.67 8.40 15.40
C LEU A 125 13.45 7.18 14.50
N LEU A 126 13.62 7.37 13.20
CA LEU A 126 13.43 6.29 12.23
C LEU A 126 14.33 5.07 12.51
N LYS A 127 15.48 5.29 13.14
CA LYS A 127 16.35 4.18 13.51
C LYS A 127 15.67 3.33 14.57
N GLU A 128 15.03 4.01 15.51
CA GLU A 128 14.33 3.36 16.61
C GLU A 128 13.01 2.72 16.16
N LEU A 129 12.90 2.39 14.87
CA LEU A 129 11.68 1.78 14.34
C LEU A 129 11.94 0.32 13.94
N PRO A 130 10.90 -0.54 14.05
CA PRO A 130 10.96 -1.92 13.55
C PRO A 130 11.16 -1.97 12.03
N GLU A 131 11.71 -3.07 11.54
CA GLU A 131 12.03 -3.22 10.12
C GLU A 131 10.81 -2.99 9.22
N CYS A 132 9.71 -3.67 9.54
CA CYS A 132 8.47 -3.54 8.79
C CYS A 132 7.99 -2.09 8.81
N ASN A 133 8.13 -1.46 9.96
CA ASN A 133 7.67 -0.11 10.16
C ASN A 133 8.52 0.88 9.39
N TYR A 134 9.83 0.64 9.40
CA TYR A 134 10.78 1.50 8.73
C TYR A 134 10.42 1.64 7.25
N LEU A 135 10.07 0.53 6.62
CA LEU A 135 9.68 0.55 5.22
C LEU A 135 8.31 1.17 5.03
N LEU A 136 7.42 0.93 5.99
CA LEU A 136 6.06 1.46 5.93
C LEU A 136 6.11 2.98 5.90
N ILE A 137 6.79 3.57 6.89
CA ILE A 137 6.88 5.02 7.01
C ILE A 137 7.58 5.62 5.78
N SER A 138 8.65 4.99 5.34
CA SER A 138 9.32 5.36 4.09
C SER A 138 8.32 5.48 2.93
N TRP A 139 7.55 4.43 2.70
CA TRP A 139 6.70 4.37 1.52
C TRP A 139 5.50 5.29 1.63
N LEU A 140 4.92 5.34 2.82
CA LEU A 140 3.73 6.15 3.05
C LEU A 140 4.00 7.61 2.69
N ILE A 141 5.14 8.11 3.13
CA ILE A 141 5.47 9.51 2.95
C ILE A 141 5.98 9.76 1.53
N VAL A 142 6.80 8.86 1.00
CA VAL A 142 7.33 9.02 -0.35
C VAL A 142 6.23 8.83 -1.40
N HIS A 143 5.26 7.99 -1.10
CA HIS A 143 4.12 7.81 -2.00
C HIS A 143 3.29 9.09 -2.02
N MET A 144 3.17 9.71 -0.86
CA MET A 144 2.41 10.93 -0.74
C MET A 144 3.18 12.07 -1.38
N ASP A 145 4.50 11.94 -1.38
CA ASP A 145 5.39 12.91 -2.00
C ASP A 145 5.20 12.89 -3.51
N HIS A 146 5.02 11.69 -4.06
CA HIS A 146 4.68 11.53 -5.46
C HIS A 146 3.43 12.34 -5.79
N VAL A 147 2.43 12.25 -4.92
CA VAL A 147 1.21 13.02 -5.10
C VAL A 147 1.47 14.51 -5.01
N ILE A 148 2.47 14.91 -4.23
CA ILE A 148 2.77 16.34 -4.09
C ILE A 148 3.12 16.94 -5.44
N ALA A 149 4.04 16.28 -6.16
CA ALA A 149 4.41 16.73 -7.49
C ALA A 149 3.21 16.68 -8.43
N LYS A 150 2.38 15.68 -8.21
CA LYS A 150 1.20 15.49 -9.03
C LYS A 150 0.15 16.55 -8.73
N GLU A 151 0.01 16.94 -7.47
CA GLU A 151 -0.92 17.99 -7.09
C GLU A 151 -0.40 19.33 -7.58
N LEU A 152 0.90 19.40 -7.76
CA LEU A 152 1.51 20.59 -8.33
C LEU A 152 1.08 20.76 -9.77
N GLU A 153 0.85 19.65 -10.47
CA GLU A 153 0.33 19.73 -11.83
C GLU A 153 -1.19 19.69 -11.88
N THR A 154 -1.89 19.31 -10.81
CA THR A 154 -3.33 19.21 -10.88
C THR A 154 -3.99 20.48 -10.33
N LYS A 155 -3.51 20.91 -9.14
CA LYS A 155 -3.87 22.22 -8.54
C LYS A 155 -3.42 22.41 -7.08
N MET A 156 -3.34 21.34 -6.28
CA MET A 156 -3.09 21.51 -4.85
C MET A 156 -1.60 21.54 -4.52
N ASN A 157 -1.29 21.50 -3.23
CA ASN A 157 0.06 21.67 -2.76
C ASN A 157 0.29 20.81 -1.51
N ILE A 158 1.51 20.82 -0.99
CA ILE A 158 1.90 20.05 0.19
C ILE A 158 0.96 20.32 1.37
N GLN A 159 0.50 21.57 1.49
CA GLN A 159 -0.28 22.01 2.64
C GLN A 159 -1.54 21.17 2.83
N ASN A 160 -2.37 21.11 1.79
CA ASN A 160 -3.64 20.37 1.88
C ASN A 160 -3.38 18.90 2.19
N ILE A 161 -2.40 18.32 1.49
CA ILE A 161 -2.07 16.92 1.69
C ILE A 161 -1.65 16.67 3.14
N SER A 162 -0.91 17.62 3.71
CA SER A 162 -0.42 17.49 5.06
C SER A 162 -1.56 17.55 6.07
N ILE A 163 -2.63 18.26 5.74
CA ILE A 163 -3.75 18.44 6.66
C ILE A 163 -4.55 17.16 6.76
N VAL A 164 -4.71 16.48 5.63
CA VAL A 164 -5.44 15.22 5.59
C VAL A 164 -4.56 14.05 6.00
N LEU A 165 -3.26 14.29 6.01
CA LEU A 165 -2.30 13.27 6.40
C LEU A 165 -2.01 13.36 7.90
N SER A 166 -2.33 14.51 8.48
CA SER A 166 -2.14 14.74 9.91
C SER A 166 -2.92 13.71 10.76
N PRO A 167 -4.26 13.61 10.61
CA PRO A 167 -5.06 12.63 11.35
C PRO A 167 -4.74 11.20 10.93
N THR A 168 -4.08 11.07 9.78
CA THR A 168 -3.76 9.76 9.25
C THR A 168 -2.69 9.05 10.08
N VAL A 169 -1.52 9.67 10.28
CA VAL A 169 -0.50 9.09 11.14
C VAL A 169 -0.66 9.52 12.58
N GLN A 170 -1.57 10.48 12.82
CA GLN A 170 -1.93 10.92 14.17
C GLN A 170 -0.85 11.81 14.77
N ILE A 171 -0.36 12.73 13.95
CA ILE A 171 0.68 13.67 14.35
C ILE A 171 0.30 15.10 13.94
N SER A 172 0.83 16.06 14.69
CA SER A 172 0.63 17.49 14.43
C SER A 172 0.81 17.83 12.95
N ASN A 173 -0.10 18.68 12.46
CA ASN A 173 -0.23 19.00 11.03
C ASN A 173 1.09 19.48 10.42
N ARG A 174 1.78 20.36 11.12
CA ARG A 174 3.03 20.95 10.62
C ARG A 174 4.10 19.90 10.33
N VAL A 175 4.03 18.78 11.05
CA VAL A 175 5.03 17.73 10.94
C VAL A 175 4.94 16.99 9.59
N LEU A 176 3.75 16.93 9.01
CA LEU A 176 3.56 16.20 7.75
C LEU A 176 4.21 16.92 6.57
N TYR A 177 3.90 18.22 6.43
CA TYR A 177 4.63 19.06 5.47
C TYR A 177 6.14 18.82 5.51
N VAL A 178 6.74 18.92 6.70
CA VAL A 178 8.16 18.67 6.83
C VAL A 178 8.47 17.18 6.64
N PHE A 179 7.48 16.33 6.91
CA PHE A 179 7.65 14.89 6.72
C PHE A 179 8.16 14.59 5.32
N PHE A 180 7.51 15.17 4.31
CA PHE A 180 7.92 14.93 2.93
C PHE A 180 9.25 15.62 2.64
N THR A 181 9.25 16.94 2.81
CA THR A 181 10.49 17.74 2.66
C THR A 181 11.70 16.96 3.20
N HIS A 182 11.59 16.44 4.43
CA HIS A 182 12.70 15.73 5.03
C HIS A 182 12.78 14.28 4.51
N VAL A 183 11.65 13.68 4.13
CA VAL A 183 11.65 12.28 3.69
C VAL A 183 12.50 12.10 2.44
N GLN A 184 12.44 13.06 1.52
CA GLN A 184 13.28 13.02 0.34
C GLN A 184 14.71 13.32 0.70
N GLU A 185 14.91 14.21 1.67
CA GLU A 185 16.24 14.47 2.19
C GLU A 185 16.83 13.23 2.88
N LEU A 186 15.95 12.36 3.41
CA LEU A 186 16.41 11.19 4.17
C LEU A 186 16.65 9.97 3.28
N PHE A 187 15.70 9.61 2.43
CA PHE A 187 15.81 8.39 1.65
C PHE A 187 16.16 8.68 0.19
N GLY A 188 15.15 9.04 -0.60
CA GLY A 188 15.36 9.35 -2.00
C GLY A 188 15.40 8.11 -2.88
N ASN A 189 15.99 7.04 -2.35
CA ASN A 189 16.10 5.79 -3.10
C ASN A 189 14.88 4.91 -2.86
N VAL A 190 14.09 5.29 -1.84
CA VAL A 190 12.83 4.63 -1.55
C VAL A 190 11.92 4.68 -2.76
N VAL A 191 11.55 3.51 -3.24
CA VAL A 191 10.83 3.40 -4.49
C VAL A 191 9.56 2.58 -4.31
N LEU A 192 8.49 3.06 -4.92
CA LEU A 192 7.18 2.40 -4.82
C LEU A 192 7.11 1.26 -5.83
N LYS A 193 7.41 0.05 -5.37
CA LYS A 193 7.40 -1.14 -6.22
C LYS A 193 5.98 -1.70 -6.36
N GLN A 194 5.54 -1.84 -7.61
CA GLN A 194 4.19 -2.34 -7.90
C GLN A 194 4.00 -3.79 -7.53
N VAL A 195 2.75 -4.13 -7.30
CA VAL A 195 2.36 -5.48 -6.99
C VAL A 195 1.27 -5.94 -7.96
N MET A 196 1.14 -7.25 -8.14
CA MET A 196 0.12 -7.79 -9.03
C MET A 196 -1.25 -7.69 -8.36
N LYS A 197 -2.24 -7.27 -9.14
CA LYS A 197 -3.55 -6.96 -8.61
C LYS A 197 -4.62 -7.81 -9.29
N PRO A 198 -5.57 -8.36 -8.52
CA PRO A 198 -6.74 -9.01 -9.08
C PRO A 198 -7.54 -8.03 -9.93
N LEU A 199 -8.04 -8.49 -11.07
CA LEU A 199 -8.67 -7.59 -12.02
C LEU A 199 -10.20 -7.74 -11.99
N ARG A 200 -10.88 -7.03 -12.90
CA ARG A 200 -12.34 -7.01 -12.90
C ARG A 200 -12.91 -8.27 -13.54
N TRP A 201 -12.89 -9.37 -12.78
CA TRP A 201 -13.48 -10.62 -13.20
C TRP A 201 -13.54 -11.59 -12.03
N SER A 202 -14.52 -12.48 -12.06
CA SER A 202 -14.65 -13.53 -11.06
C SER A 202 -13.69 -14.68 -11.36
N ASN A 203 -13.02 -14.58 -12.49
CA ASN A 203 -11.94 -15.50 -12.90
C ASN A 203 -12.47 -16.86 -13.37
N MET A 204 -13.77 -16.94 -13.62
CA MET A 204 -14.35 -18.06 -14.36
C MET A 204 -15.78 -17.71 -14.76
N ALA A 205 -16.38 -18.56 -15.60
CA ALA A 205 -17.77 -18.41 -16.02
C ALA A 205 -17.92 -17.25 -17.01
N THR A 206 -16.80 -16.74 -17.49
CA THR A 206 -16.82 -15.64 -18.46
C THR A 206 -15.53 -15.65 -19.28
N MET A 207 -15.40 -14.70 -20.20
CA MET A 207 -14.21 -14.56 -21.03
C MET A 207 -14.04 -13.12 -21.54
N PRO A 208 -15.09 -12.50 -22.14
CA PRO A 208 -15.00 -11.14 -22.68
C PRO A 208 -14.95 -10.09 -21.58
N THR A 209 -13.77 -9.94 -20.97
CA THR A 209 -13.56 -8.96 -19.93
C THR A 209 -12.07 -8.71 -19.73
N LEU A 210 -11.25 -9.42 -20.50
CA LEU A 210 -9.80 -9.33 -20.36
C LEU A 210 -9.25 -8.29 -21.33
N PRO A 211 -8.34 -7.42 -20.85
CA PRO A 211 -7.69 -6.41 -21.69
C PRO A 211 -7.10 -7.02 -22.95
N GLU A 212 -7.45 -6.45 -24.10
CA GLU A 212 -7.00 -6.98 -25.39
C GLU A 212 -5.81 -6.18 -25.92
N THR A 213 -5.31 -5.25 -25.12
CA THR A 213 -4.18 -4.45 -25.52
C THR A 213 -2.88 -5.18 -25.20
N GLN A 214 -1.94 -5.16 -26.15
CA GLN A 214 -0.72 -5.94 -26.04
C GLN A 214 0.21 -5.35 -24.96
N ALA A 215 0.35 -4.04 -24.95
CA ALA A 215 1.19 -3.38 -23.96
C ALA A 215 0.68 -3.67 -22.55
N GLY A 216 -0.61 -3.46 -22.35
CA GLY A 216 -1.23 -3.75 -21.07
C GLY A 216 -1.05 -5.19 -20.62
N ILE A 217 -1.07 -6.13 -21.56
CA ILE A 217 -0.93 -7.54 -21.24
C ILE A 217 0.53 -7.85 -20.89
N LYS A 218 1.44 -7.41 -21.75
CA LYS A 218 2.86 -7.65 -21.57
C LYS A 218 3.35 -7.17 -20.21
N GLU A 219 2.98 -5.96 -19.84
CA GLU A 219 3.41 -5.38 -18.57
C GLU A 219 2.79 -6.13 -17.40
N GLU A 220 1.52 -6.48 -17.53
CA GLU A 220 0.82 -7.16 -16.46
C GLU A 220 1.37 -8.56 -16.26
N ILE A 221 1.72 -9.23 -17.35
CA ILE A 221 2.33 -10.55 -17.26
C ILE A 221 3.66 -10.50 -16.51
N ARG A 222 4.41 -9.42 -16.70
CA ARG A 222 5.65 -9.24 -15.97
C ARG A 222 5.39 -9.29 -14.46
N ARG A 223 4.42 -8.50 -14.03
CA ARG A 223 4.03 -8.45 -12.63
C ARG A 223 3.55 -9.83 -12.17
N GLN A 224 2.73 -10.45 -13.01
CA GLN A 224 2.10 -11.72 -12.69
C GLN A 224 3.11 -12.84 -12.54
N GLU A 225 4.07 -12.92 -13.47
CA GLU A 225 5.03 -14.02 -13.46
C GLU A 225 5.97 -13.93 -12.27
N PHE A 226 6.26 -12.72 -11.80
CA PHE A 226 7.09 -12.57 -10.61
C PHE A 226 6.32 -13.03 -9.38
N LEU A 227 5.02 -12.78 -9.37
CA LEU A 227 4.17 -13.24 -8.29
C LEU A 227 3.96 -14.75 -8.45
N LEU A 228 3.97 -15.20 -9.70
CA LEU A 228 3.73 -16.60 -10.01
C LEU A 228 4.89 -17.47 -9.57
N ASN A 229 6.09 -17.16 -10.05
CA ASN A 229 7.24 -18.01 -9.78
C ASN A 229 7.60 -17.99 -8.30
N CYS A 230 7.34 -16.87 -7.63
CA CYS A 230 7.64 -16.77 -6.22
C CYS A 230 6.64 -17.60 -5.42
N LEU A 231 5.36 -17.39 -5.68
CA LEU A 231 4.30 -18.10 -4.95
C LEU A 231 4.32 -19.60 -5.24
N HIS A 232 4.43 -19.95 -6.50
CA HIS A 232 4.52 -21.36 -6.90
C HIS A 232 5.65 -22.07 -6.15
N ARG A 233 6.82 -21.43 -6.11
CA ARG A 233 7.98 -22.02 -5.45
C ARG A 233 7.82 -22.00 -3.93
N ASP A 234 7.15 -20.96 -3.46
CA ASP A 234 6.88 -20.77 -2.02
C ASP A 234 6.28 -22.02 -1.38
N LEU A 235 5.38 -22.66 -2.11
CA LEU A 235 4.64 -23.81 -1.58
C LEU A 235 5.56 -24.99 -1.25
N GLN A 236 6.73 -25.03 -1.87
CA GLN A 236 7.66 -26.14 -1.70
C GLN A 236 8.42 -26.04 -0.37
N GLY A 237 8.22 -24.94 0.35
CA GLY A 237 8.90 -24.76 1.61
C GLY A 237 8.25 -25.49 2.77
N GLY A 238 7.72 -26.69 2.51
CA GLY A 238 7.07 -27.46 3.55
C GLY A 238 5.72 -26.88 3.92
N ILE A 239 5.15 -26.12 3.00
CA ILE A 239 3.90 -25.42 3.25
C ILE A 239 2.72 -26.20 2.70
N LYS A 240 1.70 -26.39 3.52
CA LYS A 240 0.49 -27.07 3.09
C LYS A 240 -0.74 -26.35 3.65
N ASP A 241 -1.11 -25.27 2.99
CA ASP A 241 -2.35 -24.57 3.30
C ASP A 241 -3.21 -24.58 2.05
N LEU A 242 -4.46 -25.00 2.18
CA LEU A 242 -5.35 -25.11 1.04
C LEU A 242 -5.54 -23.75 0.37
N SER A 243 -5.46 -22.67 1.15
CA SER A 243 -5.67 -21.33 0.61
C SER A 243 -4.48 -20.92 -0.24
N LYS A 244 -3.30 -21.39 0.13
CA LYS A 244 -2.08 -21.10 -0.63
C LYS A 244 -2.12 -21.84 -1.95
N GLU A 245 -2.68 -23.04 -1.91
CA GLU A 245 -2.79 -23.86 -3.11
C GLU A 245 -3.81 -23.27 -4.07
N GLU A 246 -5.02 -23.01 -3.59
CA GLU A 246 -6.03 -22.31 -4.37
C GLU A 246 -5.47 -21.01 -4.96
N ARG A 247 -4.61 -20.35 -4.18
CA ARG A 247 -3.90 -19.15 -4.61
C ARG A 247 -3.11 -19.42 -5.89
N LEU A 248 -2.44 -20.57 -5.93
CA LEU A 248 -1.64 -20.96 -7.07
C LEU A 248 -2.47 -21.10 -8.34
N TRP A 249 -3.59 -21.83 -8.25
CA TRP A 249 -4.42 -22.11 -9.42
C TRP A 249 -5.00 -20.82 -9.95
N GLU A 250 -5.27 -19.92 -9.02
CA GLU A 250 -5.88 -18.63 -9.34
C GLU A 250 -4.98 -17.83 -10.29
N VAL A 251 -3.73 -17.65 -9.90
CA VAL A 251 -2.78 -16.88 -10.71
C VAL A 251 -2.47 -17.61 -12.02
N GLN A 252 -2.39 -18.92 -11.94
CA GLN A 252 -2.09 -19.75 -13.10
C GLN A 252 -3.21 -19.68 -14.15
N ARG A 253 -4.47 -19.78 -13.73
CA ARG A 253 -5.61 -19.75 -14.64
C ARG A 253 -5.70 -18.42 -15.39
N ILE A 254 -5.56 -17.33 -14.65
CA ILE A 254 -5.72 -16.00 -15.23
C ILE A 254 -4.52 -15.66 -16.11
N LEU A 255 -3.34 -16.11 -15.67
CA LEU A 255 -2.14 -15.96 -16.47
C LEU A 255 -2.23 -16.76 -17.75
N THR A 256 -2.92 -17.90 -17.70
CA THR A 256 -3.11 -18.71 -18.89
C THR A 256 -3.80 -17.90 -19.98
N ALA A 257 -4.89 -17.23 -19.63
CA ALA A 257 -5.54 -16.29 -20.52
C ALA A 257 -4.53 -15.30 -21.07
N LEU A 258 -3.80 -14.65 -20.17
CA LEU A 258 -2.82 -13.65 -20.57
C LEU A 258 -1.74 -14.23 -21.48
N LYS A 259 -1.37 -15.48 -21.24
CA LYS A 259 -0.32 -16.14 -22.02
C LYS A 259 -0.82 -16.51 -23.41
N ARG A 260 -2.09 -16.86 -23.53
CA ARG A 260 -2.70 -17.05 -24.83
C ARG A 260 -2.75 -15.71 -25.56
N LYS A 261 -3.39 -14.76 -24.90
CA LYS A 261 -3.55 -13.39 -25.38
C LYS A 261 -2.21 -12.75 -25.75
N LEU A 262 -1.15 -13.17 -25.06
CA LEU A 262 0.18 -12.68 -25.32
C LEU A 262 0.57 -12.85 -26.78
N ARG A 263 0.25 -14.01 -27.34
CA ARG A 263 0.59 -14.32 -28.72
C ARG A 263 -0.66 -14.23 -29.59
N GLU A 264 -1.77 -13.88 -28.95
CA GLU A 264 -3.05 -13.77 -29.64
C GLU A 264 -3.21 -12.35 -30.18
N ALA A 265 -2.47 -11.43 -29.60
CA ALA A 265 -2.52 -10.04 -29.98
C ALA A 265 -1.39 -9.67 -30.94
N HIS A 1 -14.62 -17.48 24.89
CA HIS A 1 -13.38 -17.01 24.23
C HIS A 1 -13.72 -16.13 23.04
N MET A 2 -12.72 -15.76 22.27
CA MET A 2 -12.91 -14.94 21.08
C MET A 2 -12.65 -15.78 19.84
N PRO A 3 -13.43 -15.53 18.78
CA PRO A 3 -13.32 -16.29 17.53
C PRO A 3 -11.96 -16.11 16.87
N ASN A 4 -11.44 -14.90 16.99
CA ASN A 4 -10.10 -14.60 16.52
C ASN A 4 -9.42 -13.67 17.50
N LEU A 5 -8.11 -13.68 17.52
CA LEU A 5 -7.36 -12.82 18.41
C LEU A 5 -6.91 -11.56 17.69
N LYS A 6 -7.66 -10.48 17.91
CA LYS A 6 -7.37 -9.17 17.35
C LYS A 6 -7.54 -9.15 15.83
N PRO A 7 -8.62 -8.50 15.35
CA PRO A 7 -8.89 -8.34 13.92
C PRO A 7 -8.10 -7.19 13.31
N ILE A 8 -7.79 -7.33 12.01
CA ILE A 8 -7.14 -6.29 11.18
C ILE A 8 -7.16 -4.88 11.78
N PHE A 9 -8.34 -4.34 12.04
CA PHE A 9 -8.43 -3.00 12.60
C PHE A 9 -8.19 -3.02 14.10
N GLY A 10 -6.92 -2.93 14.48
CA GLY A 10 -6.56 -2.91 15.88
C GLY A 10 -5.46 -3.89 16.19
N ILE A 11 -4.43 -3.93 15.34
CA ILE A 11 -3.33 -4.88 15.50
C ILE A 11 -2.01 -4.25 15.10
N PRO A 12 -0.89 -4.83 15.58
CA PRO A 12 0.45 -4.41 15.15
C PRO A 12 0.72 -4.76 13.68
N LEU A 13 1.65 -4.04 13.07
CA LEU A 13 1.98 -4.23 11.66
C LEU A 13 2.44 -5.66 11.37
N ALA A 14 3.37 -6.18 12.18
CA ALA A 14 3.85 -7.57 12.01
C ALA A 14 2.68 -8.55 11.90
N ASP A 15 1.81 -8.53 12.89
CA ASP A 15 0.62 -9.39 12.87
C ASP A 15 -0.20 -9.16 11.61
N ALA A 16 -0.41 -7.89 11.26
CA ALA A 16 -1.21 -7.52 10.09
C ALA A 16 -0.62 -8.11 8.81
N VAL A 17 0.69 -7.97 8.63
CA VAL A 17 1.32 -8.44 7.40
C VAL A 17 1.38 -9.95 7.32
N GLU A 18 1.76 -10.60 8.41
CA GLU A 18 1.96 -12.05 8.40
C GLU A 18 0.64 -12.81 8.21
N ARG A 19 -0.48 -12.13 8.44
CA ARG A 19 -1.77 -12.75 8.16
C ARG A 19 -2.26 -12.41 6.75
N THR A 20 -2.10 -11.16 6.32
CA THR A 20 -2.63 -10.75 5.03
C THR A 20 -1.71 -11.08 3.85
N MET A 21 -0.43 -10.67 3.91
CA MET A 21 0.50 -10.74 2.76
C MET A 21 -0.12 -10.43 1.39
N MET A 22 0.70 -10.60 0.34
CA MET A 22 0.22 -10.45 -1.04
C MET A 22 1.33 -10.81 -2.04
N TYR A 23 2.30 -9.94 -2.17
CA TYR A 23 3.35 -10.15 -3.16
C TYR A 23 4.72 -10.38 -2.53
N ASP A 24 5.41 -9.27 -2.27
CA ASP A 24 6.85 -9.30 -2.02
C ASP A 24 7.20 -9.85 -0.64
N GLY A 25 6.28 -9.74 0.30
CA GLY A 25 6.53 -10.29 1.62
C GLY A 25 7.58 -9.50 2.36
N ILE A 26 7.78 -8.25 1.94
CA ILE A 26 8.81 -7.37 2.49
C ILE A 26 8.38 -6.74 3.82
N ARG A 27 7.47 -7.42 4.52
CA ARG A 27 6.88 -6.91 5.76
C ARG A 27 6.11 -5.62 5.53
N LEU A 28 4.91 -5.76 4.98
CA LEU A 28 4.04 -4.64 4.70
C LEU A 28 2.66 -5.20 4.30
N PRO A 29 1.62 -4.89 5.09
CA PRO A 29 0.27 -5.42 4.83
C PRO A 29 -0.23 -5.08 3.43
N ALA A 30 -1.10 -5.92 2.89
CA ALA A 30 -1.54 -5.76 1.51
C ALA A 30 -2.38 -4.50 1.35
N VAL A 31 -3.28 -4.29 2.30
CA VAL A 31 -4.17 -3.12 2.31
C VAL A 31 -3.40 -1.81 2.07
N PHE A 32 -2.22 -1.67 2.66
CA PHE A 32 -1.42 -0.47 2.47
C PHE A 32 -1.07 -0.33 0.99
N ARG A 33 -0.71 -1.44 0.38
CA ARG A 33 -0.30 -1.42 -1.00
C ARG A 33 -1.49 -1.29 -1.93
N GLU A 34 -2.61 -1.90 -1.55
CA GLU A 34 -3.86 -1.76 -2.30
C GLU A 34 -4.24 -0.30 -2.50
N CYS A 35 -4.01 0.50 -1.47
CA CYS A 35 -4.32 1.93 -1.56
C CYS A 35 -3.25 2.65 -2.37
N ILE A 36 -1.99 2.33 -2.09
CA ILE A 36 -0.87 2.98 -2.75
C ILE A 36 -0.83 2.62 -4.24
N ASP A 37 -1.22 1.39 -4.56
CA ASP A 37 -1.21 0.88 -5.93
C ASP A 37 -2.30 1.56 -6.76
N TYR A 38 -3.53 1.56 -6.24
CA TYR A 38 -4.67 2.08 -6.96
C TYR A 38 -4.54 3.59 -7.19
N VAL A 39 -4.09 4.30 -6.16
CA VAL A 39 -3.91 5.73 -6.26
C VAL A 39 -2.90 6.09 -7.34
N GLU A 40 -1.73 5.45 -7.29
CA GLU A 40 -0.67 5.79 -8.23
C GLU A 40 -1.02 5.40 -9.66
N LYS A 41 -1.89 4.40 -9.83
CA LYS A 41 -2.29 3.99 -11.17
C LYS A 41 -3.39 4.86 -11.74
N TYR A 42 -4.48 5.04 -10.99
CA TYR A 42 -5.68 5.68 -11.53
C TYR A 42 -6.09 6.91 -10.72
N GLY A 43 -5.77 6.93 -9.43
CA GLY A 43 -6.25 7.98 -8.55
C GLY A 43 -5.26 9.13 -8.45
N MET A 44 -4.55 9.37 -9.53
CA MET A 44 -3.51 10.39 -9.54
C MET A 44 -3.99 11.69 -10.15
N LYS A 45 -5.00 11.61 -11.02
CA LYS A 45 -5.57 12.80 -11.64
C LYS A 45 -6.89 13.17 -10.96
N CYS A 46 -7.13 12.57 -9.80
CA CYS A 46 -8.33 12.84 -9.03
C CYS A 46 -8.14 14.08 -8.16
N GLU A 47 -8.73 15.19 -8.58
CA GLU A 47 -8.57 16.45 -7.85
C GLU A 47 -9.14 16.31 -6.44
N GLY A 48 -8.24 16.25 -5.48
CA GLY A 48 -8.62 16.22 -4.09
C GLY A 48 -8.34 14.87 -3.48
N ILE A 49 -7.45 14.13 -4.13
CA ILE A 49 -7.07 12.80 -3.71
C ILE A 49 -6.54 12.80 -2.28
N TYR A 50 -6.98 11.82 -1.50
CA TYR A 50 -6.58 11.65 -0.10
C TYR A 50 -7.22 12.69 0.81
N ARG A 51 -8.11 13.50 0.24
CA ARG A 51 -8.72 14.60 0.98
C ARG A 51 -10.23 14.37 1.10
N VAL A 52 -10.82 13.91 0.00
CA VAL A 52 -12.24 13.59 -0.03
C VAL A 52 -12.54 12.38 0.84
N SER A 53 -13.74 12.36 1.42
CA SER A 53 -14.19 11.26 2.24
C SER A 53 -15.48 10.67 1.68
N GLY A 54 -15.44 9.38 1.36
CA GLY A 54 -16.54 8.76 0.67
C GLY A 54 -17.65 8.25 1.59
N ILE A 55 -18.28 7.16 1.18
CA ILE A 55 -19.43 6.61 1.89
C ILE A 55 -18.98 5.71 3.04
N LYS A 56 -19.52 5.97 4.22
CA LYS A 56 -19.20 5.19 5.43
C LYS A 56 -19.38 3.69 5.19
N SER A 57 -20.50 3.34 4.57
CA SER A 57 -20.82 1.96 4.27
C SER A 57 -19.65 1.25 3.58
N LYS A 58 -19.21 1.79 2.45
CA LYS A 58 -18.06 1.26 1.72
C LYS A 58 -16.84 1.07 2.64
N VAL A 59 -16.64 1.99 3.56
CA VAL A 59 -15.48 1.93 4.44
C VAL A 59 -15.55 0.71 5.36
N ASP A 60 -16.67 0.56 6.06
CA ASP A 60 -16.86 -0.56 6.98
C ASP A 60 -17.04 -1.87 6.21
N GLU A 61 -17.42 -1.74 4.93
CA GLU A 61 -17.63 -2.90 4.07
C GLU A 61 -16.29 -3.54 3.73
N LEU A 62 -15.36 -2.71 3.28
CA LEU A 62 -14.02 -3.16 2.92
C LEU A 62 -13.33 -3.83 4.10
N LYS A 63 -13.30 -3.11 5.22
CA LYS A 63 -12.58 -3.59 6.40
C LYS A 63 -13.15 -4.92 6.88
N ALA A 64 -14.45 -5.10 6.68
CA ALA A 64 -15.11 -6.34 7.04
C ALA A 64 -14.60 -7.49 6.18
N ALA A 65 -14.54 -7.26 4.88
CA ALA A 65 -14.10 -8.27 3.93
C ALA A 65 -12.60 -8.57 4.09
N TYR A 66 -11.82 -7.54 4.41
CA TYR A 66 -10.39 -7.70 4.63
C TYR A 66 -10.09 -8.67 5.76
N ASP A 67 -10.83 -8.56 6.85
CA ASP A 67 -10.59 -9.40 8.02
C ASP A 67 -11.11 -10.82 7.82
N ARG A 68 -12.14 -10.96 6.99
CA ARG A 68 -12.76 -12.27 6.78
C ARG A 68 -12.08 -13.04 5.65
N GLU A 69 -11.09 -12.42 4.99
CA GLU A 69 -10.47 -13.00 3.80
C GLU A 69 -11.49 -13.12 2.66
N GLU A 70 -12.16 -12.01 2.37
CA GLU A 70 -13.16 -11.97 1.32
C GLU A 70 -12.71 -11.08 0.16
N SER A 71 -13.47 -11.09 -0.93
CA SER A 71 -13.13 -10.35 -2.12
C SER A 71 -13.32 -8.85 -1.92
N THR A 72 -12.26 -8.10 -2.17
CA THR A 72 -12.31 -6.65 -2.12
C THR A 72 -11.65 -6.04 -3.36
N ASN A 73 -12.46 -5.53 -4.28
CA ASN A 73 -11.94 -4.92 -5.48
C ASN A 73 -11.82 -3.41 -5.32
N LEU A 74 -10.61 -2.94 -5.06
CA LEU A 74 -10.36 -1.53 -4.83
C LEU A 74 -10.39 -0.73 -6.13
N GLU A 75 -10.36 -1.43 -7.26
CA GLU A 75 -10.35 -0.77 -8.56
C GLU A 75 -11.75 -0.24 -8.87
N ASP A 76 -12.74 -0.80 -8.20
CA ASP A 76 -14.15 -0.46 -8.42
C ASP A 76 -14.57 0.72 -7.54
N TYR A 77 -13.97 0.80 -6.36
CA TYR A 77 -14.29 1.85 -5.40
C TYR A 77 -13.59 3.16 -5.78
N GLU A 78 -13.89 4.21 -5.03
CA GLU A 78 -13.29 5.52 -5.28
C GLU A 78 -11.91 5.60 -4.65
N PRO A 79 -10.95 6.24 -5.34
CA PRO A 79 -9.60 6.42 -4.82
C PRO A 79 -9.61 7.12 -3.45
N ASN A 80 -10.40 8.19 -3.34
CA ASN A 80 -10.59 8.87 -2.05
C ASN A 80 -11.08 7.89 -0.97
N THR A 81 -11.96 6.97 -1.35
CA THR A 81 -12.50 6.01 -0.42
C THR A 81 -11.43 5.02 0.05
N VAL A 82 -10.61 4.54 -0.88
CA VAL A 82 -9.51 3.64 -0.55
C VAL A 82 -8.48 4.37 0.31
N ALA A 83 -8.24 5.64 -0.01
CA ALA A 83 -7.36 6.50 0.78
C ALA A 83 -7.88 6.67 2.21
N SER A 84 -9.19 6.60 2.34
CA SER A 84 -9.86 6.84 3.61
C SER A 84 -9.79 5.56 4.42
N LEU A 85 -10.00 4.44 3.74
CA LEU A 85 -9.85 3.13 4.33
C LEU A 85 -8.42 2.93 4.82
N LEU A 86 -7.46 3.38 4.01
CA LEU A 86 -6.05 3.23 4.33
C LEU A 86 -5.67 4.02 5.59
N LYS A 87 -5.97 5.32 5.60
CA LYS A 87 -5.61 6.15 6.75
C LYS A 87 -6.35 5.69 7.99
N GLN A 88 -7.57 5.23 7.79
CA GLN A 88 -8.38 4.71 8.88
C GLN A 88 -7.77 3.40 9.41
N TYR A 89 -7.54 2.45 8.52
CA TYR A 89 -6.86 1.20 8.88
C TYR A 89 -5.60 1.46 9.70
N LEU A 90 -4.82 2.46 9.32
CA LEU A 90 -3.58 2.76 10.01
C LEU A 90 -3.87 3.26 11.44
N ARG A 91 -4.84 4.16 11.56
CA ARG A 91 -5.18 4.76 12.85
C ARG A 91 -5.57 3.72 13.90
N ASP A 92 -6.52 2.84 13.57
CA ASP A 92 -7.00 1.81 14.50
C ASP A 92 -5.90 0.89 15.02
N LEU A 93 -4.69 1.04 14.53
CA LEU A 93 -3.59 0.24 15.02
C LEU A 93 -3.10 0.82 16.35
N PRO A 94 -2.99 -0.02 17.39
CA PRO A 94 -2.70 0.43 18.77
C PRO A 94 -1.42 1.24 18.89
N GLU A 95 -0.45 0.97 18.03
CA GLU A 95 0.81 1.67 18.10
C GLU A 95 1.12 2.34 16.77
N ASN A 96 1.78 3.49 16.85
CA ASN A 96 2.04 4.32 15.68
C ASN A 96 3.24 3.84 14.90
N LEU A 97 3.55 4.54 13.82
CA LEU A 97 4.73 4.25 13.02
C LEU A 97 5.96 4.75 13.76
N LEU A 98 5.84 5.98 14.27
CA LEU A 98 6.90 6.60 15.05
C LEU A 98 6.67 6.31 16.52
N THR A 99 5.59 5.56 16.77
CA THR A 99 5.09 5.27 18.12
C THR A 99 4.94 6.54 18.95
N LYS A 100 4.56 6.37 20.21
CA LYS A 100 4.44 7.48 21.15
C LYS A 100 5.81 8.02 21.48
N GLU A 101 6.78 7.14 21.34
CA GLU A 101 8.16 7.42 21.71
C GLU A 101 8.82 8.47 20.81
N LEU A 102 8.94 8.20 19.51
CA LEU A 102 9.67 9.08 18.61
C LEU A 102 8.78 10.24 18.10
N MET A 103 7.47 10.04 18.19
CA MET A 103 6.50 11.03 17.68
C MET A 103 6.78 12.46 18.18
N PRO A 104 6.87 12.71 19.51
CA PRO A 104 7.09 14.06 20.04
C PRO A 104 8.48 14.59 19.71
N ARG A 105 9.37 13.70 19.29
CA ARG A 105 10.73 14.08 18.98
C ARG A 105 10.80 14.74 17.61
N PHE A 106 9.83 14.43 16.76
CA PHE A 106 9.71 15.05 15.45
C PHE A 106 9.41 16.54 15.58
N GLU A 107 8.63 16.89 16.60
CA GLU A 107 8.33 18.29 16.87
C GLU A 107 9.63 19.05 17.18
N GLU A 108 10.48 18.43 18.00
CA GLU A 108 11.78 18.98 18.32
C GLU A 108 12.62 19.11 17.06
N ALA A 109 12.57 18.07 16.23
CA ALA A 109 13.29 18.03 14.97
C ALA A 109 12.76 19.08 14.00
N CYS A 110 11.50 19.45 14.15
CA CYS A 110 10.87 20.40 13.25
C CYS A 110 11.28 21.82 13.64
N GLY A 111 11.51 22.01 14.94
CA GLY A 111 11.92 23.30 15.44
C GLY A 111 13.42 23.44 15.58
N ARG A 112 14.17 22.61 14.87
CA ARG A 112 15.63 22.72 14.84
C ARG A 112 16.05 24.03 14.21
N THR A 113 17.17 24.57 14.67
CA THR A 113 17.67 25.85 14.18
C THR A 113 18.07 25.77 12.70
N THR A 114 18.33 24.56 12.21
CA THR A 114 18.76 24.39 10.83
C THR A 114 18.04 23.21 10.18
N GLU A 115 17.73 23.34 8.90
CA GLU A 115 17.13 22.25 8.11
C GLU A 115 17.95 20.97 8.23
N THR A 116 19.26 21.14 8.25
CA THR A 116 20.22 20.05 8.39
C THR A 116 19.95 19.27 9.67
N GLU A 117 19.87 19.98 10.79
CA GLU A 117 19.62 19.36 12.09
C GLU A 117 18.29 18.61 12.08
N LYS A 118 17.36 19.11 11.27
CA LYS A 118 16.03 18.52 11.18
C LYS A 118 16.13 17.14 10.55
N VAL A 119 16.66 17.08 9.32
CA VAL A 119 16.86 15.79 8.67
C VAL A 119 17.70 14.84 9.53
N GLN A 120 18.69 15.39 10.24
CA GLN A 120 19.50 14.60 11.18
C GLN A 120 18.64 13.90 12.24
N GLU A 121 17.78 14.66 12.92
CA GLU A 121 16.96 14.11 13.99
C GLU A 121 15.98 13.09 13.41
N PHE A 122 15.33 13.46 12.30
CA PHE A 122 14.45 12.53 11.58
C PHE A 122 15.15 11.20 11.31
N GLN A 123 16.38 11.29 10.80
CA GLN A 123 17.22 10.10 10.62
C GLN A 123 17.25 9.27 11.89
N ARG A 124 17.58 9.91 13.01
CA ARG A 124 17.65 9.23 14.31
C ARG A 124 16.32 8.57 14.65
N LEU A 125 15.24 9.34 14.56
CA LEU A 125 13.92 8.81 14.92
C LEU A 125 13.60 7.56 14.12
N LEU A 126 13.78 7.64 12.80
CA LEU A 126 13.54 6.51 11.91
C LEU A 126 14.42 5.29 12.24
N LYS A 127 15.60 5.51 12.81
CA LYS A 127 16.44 4.40 13.26
C LYS A 127 15.75 3.61 14.35
N GLU A 128 15.17 4.35 15.28
CA GLU A 128 14.46 3.80 16.43
C GLU A 128 13.15 3.10 16.02
N LEU A 129 12.99 2.76 14.75
CA LEU A 129 11.75 2.15 14.27
C LEU A 129 11.93 0.66 14.00
N PRO A 130 10.87 -0.13 14.22
CA PRO A 130 10.82 -1.55 13.82
C PRO A 130 10.73 -1.69 12.30
N GLU A 131 11.06 -2.90 11.81
CA GLU A 131 11.12 -3.18 10.36
C GLU A 131 9.87 -2.67 9.63
N CYS A 132 8.72 -3.23 9.97
CA CYS A 132 7.46 -2.87 9.29
C CYS A 132 7.18 -1.38 9.37
N ASN A 133 7.48 -0.76 10.51
CA ASN A 133 7.24 0.66 10.68
C ASN A 133 8.14 1.46 9.75
N TYR A 134 9.40 1.05 9.70
CA TYR A 134 10.40 1.73 8.88
C TYR A 134 10.02 1.68 7.40
N LEU A 135 9.51 0.54 6.95
CA LEU A 135 9.12 0.39 5.56
C LEU A 135 7.84 1.17 5.27
N LEU A 136 6.89 1.11 6.18
CA LEU A 136 5.62 1.80 5.99
C LEU A 136 5.85 3.30 5.97
N ILE A 137 6.66 3.80 6.90
CA ILE A 137 6.92 5.23 6.98
C ILE A 137 7.62 5.72 5.71
N SER A 138 8.60 4.97 5.23
CA SER A 138 9.29 5.32 3.99
C SER A 138 8.34 5.30 2.80
N TRP A 139 7.53 4.26 2.66
CA TRP A 139 6.62 4.14 1.53
C TRP A 139 5.53 5.20 1.57
N LEU A 140 4.91 5.35 2.73
CA LEU A 140 3.77 6.25 2.88
C LEU A 140 4.15 7.68 2.50
N ILE A 141 5.35 8.08 2.89
CA ILE A 141 5.77 9.47 2.69
C ILE A 141 6.33 9.66 1.27
N VAL A 142 7.09 8.68 0.78
CA VAL A 142 7.63 8.74 -0.59
C VAL A 142 6.51 8.60 -1.62
N HIS A 143 5.53 7.75 -1.32
CA HIS A 143 4.35 7.61 -2.16
C HIS A 143 3.57 8.91 -2.22
N MET A 144 3.45 9.57 -1.07
CA MET A 144 2.71 10.81 -0.99
C MET A 144 3.49 11.93 -1.67
N ASP A 145 4.80 11.73 -1.80
CA ASP A 145 5.66 12.67 -2.51
C ASP A 145 5.32 12.66 -4.00
N HIS A 146 5.09 11.47 -4.53
CA HIS A 146 4.68 11.32 -5.92
C HIS A 146 3.29 11.91 -6.12
N VAL A 147 2.49 11.92 -5.06
CA VAL A 147 1.21 12.59 -5.08
C VAL A 147 1.42 14.10 -5.19
N ILE A 148 2.54 14.59 -4.67
CA ILE A 148 2.87 16.02 -4.75
C ILE A 148 3.13 16.42 -6.21
N ALA A 149 3.78 15.56 -6.97
CA ALA A 149 3.93 15.83 -8.40
C ALA A 149 2.53 15.87 -9.06
N LYS A 150 1.67 15.01 -8.56
CA LYS A 150 0.32 14.94 -9.04
C LYS A 150 -0.49 16.13 -8.57
N GLU A 151 -0.19 16.64 -7.38
CA GLU A 151 -0.81 17.87 -6.90
C GLU A 151 -0.46 19.02 -7.84
N LEU A 152 0.69 18.91 -8.49
CA LEU A 152 1.13 19.95 -9.40
C LEU A 152 0.20 19.98 -10.60
N GLU A 153 -0.21 18.81 -11.08
CA GLU A 153 -1.18 18.76 -12.17
C GLU A 153 -2.63 18.87 -11.67
N THR A 154 -2.97 18.20 -10.56
CA THR A 154 -4.32 18.26 -9.99
C THR A 154 -4.61 19.57 -9.26
N LYS A 155 -3.64 20.49 -9.31
CA LYS A 155 -3.78 21.85 -8.76
C LYS A 155 -3.72 21.87 -7.23
N MET A 156 -3.77 20.69 -6.61
CA MET A 156 -3.64 20.57 -5.16
C MET A 156 -2.27 21.07 -4.68
N ASN A 157 -2.07 21.09 -3.37
CA ASN A 157 -0.81 21.51 -2.79
C ASN A 157 -0.54 20.71 -1.52
N ILE A 158 0.73 20.62 -1.14
CA ILE A 158 1.15 19.89 0.05
C ILE A 158 0.38 20.31 1.28
N GLN A 159 -0.07 21.57 1.32
CA GLN A 159 -0.89 22.05 2.42
C GLN A 159 -2.09 21.13 2.63
N ASN A 160 -2.79 20.81 1.54
CA ASN A 160 -3.93 19.90 1.61
C ASN A 160 -3.46 18.51 1.99
N ILE A 161 -2.35 18.11 1.40
CA ILE A 161 -1.79 16.78 1.61
C ILE A 161 -1.40 16.57 3.07
N SER A 162 -0.77 17.58 3.67
CA SER A 162 -0.33 17.47 5.05
C SER A 162 -1.51 17.56 6.01
N ILE A 163 -2.60 18.22 5.59
CA ILE A 163 -3.80 18.32 6.43
C ILE A 163 -4.47 16.96 6.53
N VAL A 164 -4.44 16.22 5.44
CA VAL A 164 -5.10 14.94 5.38
C VAL A 164 -4.17 13.82 5.86
N LEU A 165 -2.88 14.06 5.80
CA LEU A 165 -1.90 13.08 6.21
C LEU A 165 -1.60 13.21 7.70
N SER A 166 -1.83 14.41 8.24
CA SER A 166 -1.63 14.69 9.65
C SER A 166 -2.36 13.66 10.53
N PRO A 167 -3.68 13.50 10.41
CA PRO A 167 -4.43 12.55 11.23
C PRO A 167 -4.07 11.11 10.90
N THR A 168 -3.41 10.91 9.77
CA THR A 168 -3.09 9.58 9.29
C THR A 168 -2.10 8.88 10.23
N VAL A 169 -0.96 9.49 10.53
CA VAL A 169 -0.03 8.92 11.51
C VAL A 169 -0.19 9.60 12.87
N GLN A 170 -0.98 10.68 12.88
CA GLN A 170 -1.28 11.46 14.09
C GLN A 170 -0.11 12.36 14.48
N ILE A 171 0.32 13.17 13.51
CA ILE A 171 1.35 14.16 13.75
C ILE A 171 0.96 15.47 13.08
N SER A 172 1.26 16.58 13.75
CA SER A 172 0.89 17.92 13.29
C SER A 172 1.21 18.16 11.81
N ASN A 173 0.42 19.07 11.23
CA ASN A 173 0.39 19.33 9.79
C ASN A 173 1.76 19.53 9.17
N ARG A 174 2.53 20.48 9.71
CA ARG A 174 3.77 20.92 9.07
C ARG A 174 4.80 19.80 8.96
N VAL A 175 4.68 18.81 9.84
CA VAL A 175 5.65 17.73 9.90
C VAL A 175 5.59 16.86 8.64
N LEU A 176 4.42 16.73 8.04
CA LEU A 176 4.27 15.93 6.84
C LEU A 176 4.95 16.60 5.64
N TYR A 177 4.65 17.87 5.43
CA TYR A 177 5.36 18.70 4.46
C TYR A 177 6.88 18.52 4.57
N VAL A 178 7.42 18.72 5.76
CA VAL A 178 8.85 18.56 5.98
C VAL A 178 9.27 17.09 5.87
N PHE A 179 8.34 16.19 6.13
CA PHE A 179 8.58 14.78 5.91
C PHE A 179 8.96 14.52 4.46
N PHE A 180 8.14 14.98 3.50
CA PHE A 180 8.36 14.66 2.10
C PHE A 180 9.68 15.24 1.60
N THR A 181 9.77 16.56 1.67
CA THR A 181 11.05 17.24 1.43
C THR A 181 12.26 16.42 1.95
N HIS A 182 12.18 15.94 3.18
CA HIS A 182 13.32 15.29 3.79
C HIS A 182 13.42 13.80 3.46
N VAL A 183 12.30 13.10 3.27
CA VAL A 183 12.37 11.69 2.89
C VAL A 183 13.15 11.50 1.60
N GLN A 184 13.09 12.47 0.70
CA GLN A 184 13.88 12.38 -0.52
C GLN A 184 15.33 12.76 -0.24
N GLU A 185 15.55 13.61 0.76
CA GLU A 185 16.91 13.81 1.28
C GLU A 185 17.43 12.56 2.01
N LEU A 186 16.51 11.80 2.62
CA LEU A 186 16.91 10.69 3.48
C LEU A 186 16.97 9.36 2.73
N PHE A 187 15.93 9.02 1.96
CA PHE A 187 15.85 7.72 1.32
C PHE A 187 16.23 7.82 -0.15
N GLY A 188 15.25 8.13 -1.01
CA GLY A 188 15.50 8.28 -2.43
C GLY A 188 15.47 6.97 -3.17
N ASN A 189 16.02 5.94 -2.55
CA ASN A 189 16.05 4.59 -3.14
C ASN A 189 14.72 3.88 -2.89
N VAL A 190 13.93 4.42 -1.97
CA VAL A 190 12.60 3.90 -1.70
C VAL A 190 11.72 4.02 -2.95
N VAL A 191 10.94 3.00 -3.21
CA VAL A 191 10.20 2.89 -4.45
C VAL A 191 8.88 2.17 -4.23
N LEU A 192 7.84 2.64 -4.89
CA LEU A 192 6.51 2.09 -4.71
C LEU A 192 6.28 0.94 -5.68
N LYS A 193 6.37 -0.27 -5.13
CA LYS A 193 6.18 -1.50 -5.91
C LYS A 193 4.68 -1.80 -6.05
N GLN A 194 4.18 -1.72 -7.27
CA GLN A 194 2.77 -1.94 -7.55
C GLN A 194 2.46 -3.44 -7.67
N VAL A 195 1.18 -3.79 -7.63
CA VAL A 195 0.74 -5.17 -7.76
C VAL A 195 -0.27 -5.30 -8.91
N MET A 196 -0.39 -6.49 -9.49
CA MET A 196 -1.38 -6.72 -10.52
C MET A 196 -2.71 -7.08 -9.88
N LYS A 197 -3.81 -6.75 -10.55
CA LYS A 197 -5.12 -6.97 -9.96
C LYS A 197 -5.96 -7.87 -10.86
N PRO A 198 -5.87 -9.19 -10.66
CA PRO A 198 -6.64 -10.15 -11.43
C PRO A 198 -8.06 -10.31 -10.87
N LEU A 199 -9.04 -10.07 -11.74
CA LEU A 199 -10.46 -10.15 -11.37
C LEU A 199 -11.31 -9.65 -12.54
N ARG A 200 -12.62 -9.55 -12.31
CA ARG A 200 -13.57 -9.02 -13.29
C ARG A 200 -13.79 -10.03 -14.44
N TRP A 201 -13.12 -11.17 -14.35
CA TRP A 201 -13.23 -12.21 -15.36
C TRP A 201 -13.30 -13.57 -14.68
N SER A 202 -13.97 -14.51 -15.34
CA SER A 202 -14.13 -15.86 -14.80
C SER A 202 -12.86 -16.69 -15.07
N ASN A 203 -11.83 -16.02 -15.58
CA ASN A 203 -10.52 -16.62 -15.80
C ASN A 203 -10.58 -17.74 -16.84
N MET A 204 -11.60 -17.69 -17.71
CA MET A 204 -11.82 -18.76 -18.69
C MET A 204 -12.65 -18.27 -19.88
N ALA A 205 -12.41 -18.90 -21.05
CA ALA A 205 -13.22 -18.72 -22.26
C ALA A 205 -13.00 -17.35 -22.92
N THR A 206 -13.53 -16.32 -22.30
CA THR A 206 -13.48 -14.97 -22.86
C THR A 206 -12.14 -14.31 -22.55
N MET A 207 -12.12 -12.98 -22.50
CA MET A 207 -10.95 -12.23 -22.08
C MET A 207 -11.25 -10.72 -22.06
N PRO A 208 -12.10 -10.27 -21.12
CA PRO A 208 -12.38 -8.85 -20.92
C PRO A 208 -11.63 -8.29 -19.70
N THR A 209 -10.32 -8.16 -19.81
CA THR A 209 -9.50 -7.70 -18.69
C THR A 209 -8.04 -7.54 -19.09
N LEU A 210 -7.55 -8.38 -20.00
CA LEU A 210 -6.15 -8.34 -20.39
C LEU A 210 -5.90 -7.25 -21.43
N PRO A 211 -4.88 -6.40 -21.22
CA PRO A 211 -4.50 -5.34 -22.17
C PRO A 211 -4.07 -5.90 -23.52
N GLU A 212 -4.11 -5.06 -24.54
CA GLU A 212 -3.76 -5.47 -25.90
C GLU A 212 -2.41 -4.92 -26.31
N THR A 213 -1.77 -4.15 -25.43
CA THR A 213 -0.48 -3.55 -25.73
C THR A 213 0.66 -4.45 -25.26
N GLN A 214 1.70 -4.53 -26.08
CA GLN A 214 2.86 -5.37 -25.80
C GLN A 214 3.59 -4.92 -24.54
N ALA A 215 3.65 -3.61 -24.34
CA ALA A 215 4.33 -3.05 -23.18
C ALA A 215 3.61 -3.46 -21.90
N GLY A 216 2.29 -3.43 -21.95
CA GLY A 216 1.49 -3.80 -20.81
C GLY A 216 1.68 -5.25 -20.41
N ILE A 217 1.65 -6.14 -21.39
CA ILE A 217 1.74 -7.56 -21.15
C ILE A 217 3.11 -7.91 -20.56
N LYS A 218 4.15 -7.27 -21.07
CA LYS A 218 5.50 -7.47 -20.55
C LYS A 218 5.56 -7.20 -19.03
N GLU A 219 5.02 -6.07 -18.62
CA GLU A 219 5.04 -5.70 -17.21
C GLU A 219 4.20 -6.66 -16.36
N GLU A 220 3.09 -7.14 -16.93
CA GLU A 220 2.22 -8.06 -16.23
C GLU A 220 2.90 -9.42 -16.01
N ILE A 221 3.43 -10.01 -17.09
CA ILE A 221 4.14 -11.28 -17.00
C ILE A 221 5.27 -11.18 -15.98
N ARG A 222 6.01 -10.08 -16.05
CA ARG A 222 7.07 -9.79 -15.11
C ARG A 222 6.56 -9.93 -13.67
N ARG A 223 5.45 -9.27 -13.38
CA ARG A 223 4.91 -9.26 -12.04
C ARG A 223 4.36 -10.62 -11.64
N GLN A 224 3.68 -11.28 -12.56
CA GLN A 224 3.02 -12.54 -12.24
C GLN A 224 4.04 -13.65 -12.05
N GLU A 225 5.14 -13.61 -12.79
CA GLU A 225 6.17 -14.62 -12.64
C GLU A 225 6.97 -14.40 -11.36
N PHE A 226 6.95 -13.17 -10.83
CA PHE A 226 7.51 -12.94 -9.50
C PHE A 226 6.67 -13.64 -8.46
N LEU A 227 5.35 -13.53 -8.60
CA LEU A 227 4.44 -14.21 -7.70
C LEU A 227 4.50 -15.71 -7.97
N LEU A 228 4.83 -16.06 -9.21
CA LEU A 228 4.90 -17.44 -9.64
C LEU A 228 6.09 -18.13 -9.02
N ASN A 229 7.29 -17.61 -9.24
CA ASN A 229 8.51 -18.26 -8.79
C ASN A 229 8.59 -18.30 -7.27
N CYS A 230 7.97 -17.32 -6.60
CA CYS A 230 7.97 -17.29 -5.15
C CYS A 230 7.08 -18.38 -4.58
N LEU A 231 5.84 -18.42 -5.04
CA LEU A 231 4.87 -19.40 -4.57
C LEU A 231 5.28 -20.81 -4.99
N HIS A 232 5.61 -20.97 -6.27
CA HIS A 232 6.00 -22.27 -6.80
C HIS A 232 7.14 -22.90 -6.00
N ARG A 233 8.17 -22.11 -5.70
CA ARG A 233 9.32 -22.62 -4.96
C ARG A 233 9.00 -22.82 -3.48
N ASP A 234 8.27 -21.87 -2.91
CA ASP A 234 7.94 -21.89 -1.49
C ASP A 234 7.18 -23.16 -1.14
N LEU A 235 6.39 -23.63 -2.10
CA LEU A 235 5.54 -24.81 -1.94
C LEU A 235 6.35 -26.05 -1.57
N GLN A 236 7.61 -26.10 -1.98
CA GLN A 236 8.46 -27.27 -1.71
C GLN A 236 8.99 -27.27 -0.28
N GLY A 237 8.71 -26.21 0.46
CA GLY A 237 9.19 -26.09 1.82
C GLY A 237 8.33 -26.86 2.82
N GLY A 238 8.02 -28.10 2.48
CA GLY A 238 7.20 -28.93 3.36
C GLY A 238 5.79 -28.43 3.44
N ILE A 239 5.26 -27.97 2.32
CA ILE A 239 3.96 -27.35 2.28
C ILE A 239 2.98 -28.15 1.44
N LYS A 240 1.82 -28.43 2.01
CA LYS A 240 0.75 -29.08 1.28
C LYS A 240 -0.58 -28.41 1.64
N ASP A 241 -0.82 -27.26 1.03
CA ASP A 241 -2.07 -26.54 1.21
C ASP A 241 -2.82 -26.47 -0.10
N LEU A 242 -4.11 -26.75 -0.04
CA LEU A 242 -4.96 -26.67 -1.22
C LEU A 242 -5.01 -25.22 -1.70
N SER A 243 -4.84 -24.29 -0.77
CA SER A 243 -4.92 -22.88 -1.07
C SER A 243 -3.71 -22.45 -1.90
N LYS A 244 -2.54 -22.93 -1.51
CA LYS A 244 -1.30 -22.59 -2.22
C LYS A 244 -1.34 -23.14 -3.63
N GLU A 245 -1.89 -24.35 -3.75
CA GLU A 245 -2.02 -25.00 -5.04
C GLU A 245 -2.97 -24.23 -5.95
N GLU A 246 -4.19 -23.99 -5.47
CA GLU A 246 -5.18 -23.21 -6.23
C GLU A 246 -4.60 -21.88 -6.73
N ARG A 247 -3.81 -21.21 -5.89
CA ARG A 247 -3.14 -19.96 -6.30
C ARG A 247 -2.20 -20.23 -7.47
N LEU A 248 -1.52 -21.36 -7.40
CA LEU A 248 -0.48 -21.70 -8.35
C LEU A 248 -1.03 -21.90 -9.77
N TRP A 249 -2.09 -22.70 -9.92
CA TRP A 249 -2.63 -22.98 -11.25
C TRP A 249 -3.31 -21.73 -11.79
N GLU A 250 -3.88 -20.96 -10.88
CA GLU A 250 -4.64 -19.77 -11.26
C GLU A 250 -3.74 -18.75 -11.97
N VAL A 251 -2.59 -18.48 -11.38
CA VAL A 251 -1.65 -17.54 -11.99
C VAL A 251 -1.16 -18.09 -13.34
N GLN A 252 -0.87 -19.38 -13.36
CA GLN A 252 -0.44 -20.06 -14.58
C GLN A 252 -1.52 -20.03 -15.67
N ARG A 253 -2.79 -20.04 -15.27
CA ARG A 253 -3.90 -19.85 -16.22
C ARG A 253 -3.78 -18.50 -16.91
N ILE A 254 -3.48 -17.49 -16.11
CA ILE A 254 -3.42 -16.12 -16.61
C ILE A 254 -2.14 -15.93 -17.42
N LEU A 255 -1.04 -16.45 -16.88
CA LEU A 255 0.25 -16.42 -17.57
C LEU A 255 0.15 -17.10 -18.92
N THR A 256 -0.58 -18.20 -18.99
CA THR A 256 -0.78 -18.90 -20.25
C THR A 256 -1.41 -17.97 -21.29
N ALA A 257 -2.49 -17.30 -20.89
CA ALA A 257 -3.11 -16.29 -21.73
C ALA A 257 -2.12 -15.18 -22.09
N LEU A 258 -1.40 -14.70 -21.09
CA LEU A 258 -0.42 -13.64 -21.29
C LEU A 258 0.68 -14.08 -22.27
N LYS A 259 1.12 -15.33 -22.15
CA LYS A 259 2.16 -15.85 -23.02
C LYS A 259 1.69 -15.94 -24.46
N ARG A 260 0.41 -16.20 -24.64
CA ARG A 260 -0.17 -16.22 -25.99
C ARG A 260 -0.25 -14.80 -26.54
N LYS A 261 -0.74 -13.89 -25.70
CA LYS A 261 -0.83 -12.47 -26.08
C LYS A 261 0.55 -11.84 -26.22
N LEU A 262 1.53 -12.42 -25.53
CA LEU A 262 2.91 -11.96 -25.63
C LEU A 262 3.41 -12.06 -27.06
N ARG A 263 2.99 -13.10 -27.76
CA ARG A 263 3.36 -13.28 -29.14
C ARG A 263 2.17 -12.97 -30.05
N GLU A 264 1.21 -12.27 -29.48
CA GLU A 264 0.04 -11.81 -30.19
C GLU A 264 0.29 -10.40 -30.69
N ALA A 265 0.93 -9.61 -29.84
CA ALA A 265 1.29 -8.24 -30.18
C ALA A 265 2.65 -8.19 -30.86
N HIS A 1 -15.55 -14.50 22.95
CA HIS A 1 -14.93 -13.16 22.79
C HIS A 1 -14.72 -12.83 21.33
N MET A 2 -13.61 -13.31 20.77
CA MET A 2 -13.25 -12.98 19.40
C MET A 2 -12.96 -14.25 18.60
N PRO A 3 -13.68 -14.45 17.49
CA PRO A 3 -13.41 -15.55 16.57
C PRO A 3 -11.95 -15.55 16.11
N ASN A 4 -11.48 -14.37 15.75
CA ASN A 4 -10.07 -14.16 15.42
C ASN A 4 -9.51 -13.06 16.30
N LEU A 5 -8.38 -13.33 16.95
CA LEU A 5 -7.77 -12.37 17.85
C LEU A 5 -7.12 -11.23 17.07
N LYS A 6 -7.86 -10.13 16.94
CA LYS A 6 -7.41 -8.93 16.21
C LYS A 6 -7.28 -9.18 14.71
N PRO A 7 -8.26 -8.69 13.94
CA PRO A 7 -8.20 -8.71 12.48
C PRO A 7 -7.30 -7.60 11.93
N ILE A 8 -6.89 -7.73 10.66
CA ILE A 8 -6.08 -6.72 9.95
C ILE A 8 -6.29 -5.28 10.45
N PHE A 9 -7.53 -4.86 10.58
CA PHE A 9 -7.82 -3.49 11.03
C PHE A 9 -7.72 -3.37 12.55
N GLY A 10 -6.49 -3.34 13.03
CA GLY A 10 -6.23 -3.17 14.44
C GLY A 10 -5.14 -4.09 14.96
N ILE A 11 -4.05 -4.19 14.21
CA ILE A 11 -2.92 -5.07 14.56
C ILE A 11 -1.59 -4.38 14.28
N PRO A 12 -0.49 -4.94 14.80
CA PRO A 12 0.87 -4.50 14.44
C PRO A 12 1.16 -4.77 12.97
N LEU A 13 2.08 -4.01 12.37
CA LEU A 13 2.37 -4.15 10.95
C LEU A 13 2.87 -5.55 10.59
N ALA A 14 3.88 -6.04 11.30
CA ALA A 14 4.40 -7.40 11.05
C ALA A 14 3.29 -8.44 10.93
N ASP A 15 2.42 -8.46 11.92
CA ASP A 15 1.25 -9.36 11.89
C ASP A 15 0.49 -9.22 10.58
N ALA A 16 0.24 -7.98 10.16
CA ALA A 16 -0.40 -7.71 8.88
C ALA A 16 0.45 -8.22 7.72
N VAL A 17 1.75 -7.97 7.80
CA VAL A 17 2.71 -8.40 6.77
C VAL A 17 2.69 -9.91 6.59
N GLU A 18 2.84 -10.64 7.69
CA GLU A 18 2.92 -12.09 7.66
C GLU A 18 1.62 -12.70 7.13
N ARG A 19 0.54 -11.94 7.20
CA ARG A 19 -0.73 -12.43 6.69
C ARG A 19 -0.98 -11.98 5.25
N THR A 20 -0.63 -10.72 4.94
CA THR A 20 -0.96 -10.14 3.63
C THR A 20 0.23 -10.19 2.67
N MET A 21 1.02 -11.25 2.73
CA MET A 21 2.12 -11.42 1.80
C MET A 21 1.62 -11.85 0.43
N MET A 22 2.00 -11.11 -0.61
CA MET A 22 1.63 -11.48 -1.97
C MET A 22 2.85 -11.51 -2.89
N TYR A 23 3.30 -10.34 -3.35
CA TYR A 23 4.47 -10.24 -4.21
C TYR A 23 5.71 -10.94 -3.61
N ASP A 24 6.49 -10.22 -2.83
CA ASP A 24 7.69 -10.79 -2.20
C ASP A 24 7.53 -10.82 -0.68
N GLY A 25 6.66 -9.97 -0.17
CA GLY A 25 6.54 -9.82 1.27
C GLY A 25 7.70 -9.01 1.81
N ILE A 26 7.92 -7.85 1.19
CA ILE A 26 9.08 -7.00 1.50
C ILE A 26 8.89 -6.25 2.82
N ARG A 27 8.43 -6.96 3.84
CA ARG A 27 8.24 -6.39 5.18
C ARG A 27 7.35 -5.16 5.10
N LEU A 28 6.13 -5.36 4.60
CA LEU A 28 5.22 -4.29 4.30
C LEU A 28 3.88 -4.89 3.86
N PRO A 29 2.78 -4.52 4.51
CA PRO A 29 1.46 -5.12 4.25
C PRO A 29 1.02 -4.94 2.80
N ALA A 30 0.13 -5.82 2.33
CA ALA A 30 -0.34 -5.75 0.96
C ALA A 30 -1.21 -4.53 0.76
N VAL A 31 -2.20 -4.39 1.62
CA VAL A 31 -3.19 -3.31 1.53
C VAL A 31 -2.57 -1.94 1.28
N PHE A 32 -1.47 -1.64 1.96
CA PHE A 32 -0.78 -0.37 1.79
C PHE A 32 -0.35 -0.20 0.33
N ARG A 33 0.17 -1.27 -0.24
CA ARG A 33 0.70 -1.23 -1.58
C ARG A 33 -0.42 -1.34 -2.61
N GLU A 34 -1.50 -2.06 -2.28
CA GLU A 34 -2.69 -2.11 -3.12
C GLU A 34 -3.19 -0.70 -3.40
N CYS A 35 -3.11 0.16 -2.39
CA CYS A 35 -3.63 1.52 -2.50
C CYS A 35 -2.62 2.42 -3.21
N ILE A 36 -1.34 2.21 -2.90
CA ILE A 36 -0.26 2.97 -3.53
C ILE A 36 -0.14 2.62 -5.01
N ASP A 37 -0.36 1.35 -5.34
CA ASP A 37 -0.23 0.88 -6.71
C ASP A 37 -1.34 1.48 -7.57
N TYR A 38 -2.57 1.38 -7.09
CA TYR A 38 -3.73 1.85 -7.84
C TYR A 38 -3.61 3.33 -8.20
N VAL A 39 -3.31 4.16 -7.21
CA VAL A 39 -3.24 5.60 -7.42
C VAL A 39 -2.12 5.98 -8.40
N GLU A 40 -0.98 5.31 -8.30
CA GLU A 40 0.16 5.67 -9.13
C GLU A 40 -0.05 5.25 -10.58
N LYS A 41 -0.72 4.12 -10.80
CA LYS A 41 -0.96 3.62 -12.15
C LYS A 41 -1.88 4.54 -12.93
N TYR A 42 -3.03 4.85 -12.34
CA TYR A 42 -4.10 5.49 -13.07
C TYR A 42 -4.03 7.01 -13.02
N GLY A 43 -3.51 7.58 -11.95
CA GLY A 43 -3.41 9.02 -11.89
C GLY A 43 -3.29 9.54 -10.49
N MET A 44 -2.12 10.04 -10.15
CA MET A 44 -1.91 10.67 -8.86
C MET A 44 -2.51 12.07 -8.89
N LYS A 45 -2.20 12.81 -9.95
CA LYS A 45 -2.88 14.07 -10.23
C LYS A 45 -4.35 13.91 -10.62
N CYS A 46 -5.03 13.04 -9.92
CA CYS A 46 -6.47 12.96 -9.94
C CYS A 46 -7.00 13.99 -8.94
N GLU A 47 -8.14 14.60 -9.21
CA GLU A 47 -8.62 15.64 -8.30
C GLU A 47 -9.20 15.01 -7.04
N GLY A 48 -9.18 15.75 -5.93
CA GLY A 48 -9.64 15.21 -4.66
C GLY A 48 -8.66 14.20 -4.07
N ILE A 49 -7.58 13.95 -4.79
CA ILE A 49 -6.62 12.92 -4.44
C ILE A 49 -6.09 13.08 -2.99
N TYR A 50 -6.48 12.14 -2.14
CA TYR A 50 -6.01 12.07 -0.74
C TYR A 50 -6.54 13.23 0.10
N ARG A 51 -7.47 14.01 -0.42
CA ARG A 51 -7.95 15.20 0.28
C ARG A 51 -9.38 15.01 0.78
N VAL A 52 -10.20 14.37 -0.04
CA VAL A 52 -11.58 14.10 0.34
C VAL A 52 -11.71 12.74 1.00
N SER A 53 -12.86 12.49 1.60
CA SER A 53 -13.10 11.23 2.28
C SER A 53 -13.88 10.28 1.37
N GLY A 54 -13.39 9.06 1.27
CA GLY A 54 -14.04 8.09 0.41
C GLY A 54 -15.38 7.65 0.95
N ILE A 55 -16.17 7.01 0.10
CA ILE A 55 -17.49 6.54 0.49
C ILE A 55 -17.38 5.57 1.67
N LYS A 56 -17.75 6.04 2.86
CA LYS A 56 -17.66 5.24 4.07
C LYS A 56 -18.49 3.97 3.92
N SER A 57 -19.58 4.09 3.19
CA SER A 57 -20.44 2.97 2.86
C SER A 57 -19.65 1.86 2.18
N LYS A 58 -18.72 2.23 1.30
CA LYS A 58 -17.91 1.26 0.59
C LYS A 58 -16.73 0.81 1.44
N VAL A 59 -16.28 1.68 2.34
CA VAL A 59 -15.13 1.39 3.19
C VAL A 59 -15.40 0.14 4.05
N ASP A 60 -16.63 0.00 4.52
CA ASP A 60 -17.02 -1.14 5.34
C ASP A 60 -16.96 -2.42 4.52
N GLU A 61 -17.21 -2.28 3.23
CA GLU A 61 -17.20 -3.41 2.32
C GLU A 61 -15.76 -3.87 2.10
N LEU A 62 -14.89 -2.88 1.88
CA LEU A 62 -13.48 -3.12 1.65
C LEU A 62 -12.81 -3.74 2.86
N LYS A 63 -13.03 -3.13 4.04
CA LYS A 63 -12.49 -3.66 5.29
C LYS A 63 -12.86 -5.13 5.44
N ALA A 64 -14.09 -5.43 5.10
CA ALA A 64 -14.60 -6.79 5.19
C ALA A 64 -13.93 -7.72 4.18
N ALA A 65 -13.77 -7.24 2.95
CA ALA A 65 -13.23 -8.07 1.88
C ALA A 65 -11.74 -8.35 2.09
N TYR A 66 -11.01 -7.36 2.62
CA TYR A 66 -9.59 -7.53 2.87
C TYR A 66 -9.33 -8.54 3.99
N ASP A 67 -10.05 -8.37 5.09
CA ASP A 67 -9.83 -9.22 6.26
C ASP A 67 -10.45 -10.61 6.08
N ARG A 68 -11.36 -10.73 5.13
CA ARG A 68 -11.96 -12.01 4.82
C ARG A 68 -11.08 -12.80 3.86
N GLU A 69 -10.07 -12.12 3.30
CA GLU A 69 -9.19 -12.72 2.30
C GLU A 69 -10.01 -13.18 1.09
N GLU A 70 -10.67 -12.23 0.46
CA GLU A 70 -11.59 -12.52 -0.63
C GLU A 70 -11.07 -11.96 -1.95
N SER A 71 -11.38 -10.68 -2.18
CA SER A 71 -10.99 -9.99 -3.40
C SER A 71 -11.53 -8.56 -3.33
N THR A 72 -10.75 -7.61 -3.79
CA THR A 72 -11.16 -6.23 -3.79
C THR A 72 -10.94 -5.61 -5.15
N ASN A 73 -12.02 -5.25 -5.81
CA ASN A 73 -11.96 -4.67 -7.14
C ASN A 73 -11.76 -3.15 -7.04
N LEU A 74 -10.51 -2.73 -6.93
CA LEU A 74 -10.17 -1.31 -6.77
C LEU A 74 -10.40 -0.53 -8.05
N GLU A 75 -10.49 -1.25 -9.15
CA GLU A 75 -10.64 -0.66 -10.48
C GLU A 75 -12.03 -0.01 -10.61
N ASP A 76 -12.88 -0.25 -9.63
CA ASP A 76 -14.25 0.28 -9.63
C ASP A 76 -14.39 1.43 -8.64
N TYR A 77 -13.75 1.29 -7.47
CA TYR A 77 -13.91 2.25 -6.39
C TYR A 77 -13.26 3.58 -6.73
N GLU A 78 -13.63 4.59 -5.96
CA GLU A 78 -13.10 5.94 -6.13
C GLU A 78 -11.69 5.98 -5.53
N PRO A 79 -10.77 6.73 -6.15
CA PRO A 79 -9.41 6.91 -5.62
C PRO A 79 -9.44 7.37 -4.17
N ASN A 80 -10.31 8.35 -3.86
CA ASN A 80 -10.49 8.83 -2.49
C ASN A 80 -10.89 7.70 -1.54
N THR A 81 -11.60 6.71 -2.05
CA THR A 81 -12.10 5.63 -1.22
C THR A 81 -11.00 4.64 -0.89
N VAL A 82 -10.20 4.30 -1.90
CA VAL A 82 -9.05 3.44 -1.70
C VAL A 82 -8.05 4.11 -0.77
N ALA A 83 -7.89 5.41 -0.95
CA ALA A 83 -7.01 6.23 -0.11
C ALA A 83 -7.53 6.29 1.32
N SER A 84 -8.84 6.25 1.47
CA SER A 84 -9.48 6.43 2.77
C SER A 84 -9.40 5.12 3.53
N LEU A 85 -9.54 4.03 2.80
CA LEU A 85 -9.34 2.71 3.35
C LEU A 85 -7.90 2.61 3.87
N LEU A 86 -6.97 3.07 3.05
CA LEU A 86 -5.54 3.06 3.38
C LEU A 86 -5.24 3.82 4.67
N LYS A 87 -5.67 5.07 4.73
CA LYS A 87 -5.35 5.93 5.86
C LYS A 87 -6.08 5.45 7.12
N GLN A 88 -7.28 4.89 6.94
CA GLN A 88 -8.04 4.40 8.07
C GLN A 88 -7.41 3.13 8.62
N TYR A 89 -7.15 2.17 7.73
CA TYR A 89 -6.42 0.96 8.09
C TYR A 89 -5.17 1.26 8.92
N LEU A 90 -4.47 2.33 8.58
CA LEU A 90 -3.26 2.69 9.30
C LEU A 90 -3.60 3.15 10.73
N ARG A 91 -4.67 3.92 10.86
CA ARG A 91 -5.07 4.47 12.15
C ARG A 91 -5.38 3.37 13.17
N ASP A 92 -6.24 2.42 12.80
CA ASP A 92 -6.63 1.32 13.69
C ASP A 92 -5.45 0.51 14.21
N LEU A 93 -4.29 0.67 13.61
CA LEU A 93 -3.13 -0.09 14.04
C LEU A 93 -2.64 0.46 15.38
N PRO A 94 -2.60 -0.40 16.43
CA PRO A 94 -2.24 0.02 17.79
C PRO A 94 -0.78 0.48 17.90
N GLU A 95 0.03 0.12 16.93
CA GLU A 95 1.43 0.53 16.94
C GLU A 95 1.63 1.71 16.00
N ASN A 96 2.09 2.81 16.55
CA ASN A 96 2.37 4.00 15.75
C ASN A 96 3.54 3.72 14.83
N LEU A 97 3.63 4.46 13.74
CA LEU A 97 4.72 4.28 12.79
C LEU A 97 6.03 4.70 13.45
N LEU A 98 5.96 5.81 14.16
CA LEU A 98 7.10 6.33 14.91
C LEU A 98 7.04 5.82 16.34
N THR A 99 6.09 4.91 16.56
CA THR A 99 5.76 4.38 17.88
C THR A 99 5.40 5.50 18.86
N LYS A 100 4.94 5.12 20.04
CA LYS A 100 4.67 6.09 21.09
C LYS A 100 5.97 6.73 21.49
N GLU A 101 6.95 5.85 21.65
CA GLU A 101 8.26 6.18 22.16
C GLU A 101 8.97 7.30 21.37
N LEU A 102 8.98 7.25 20.04
CA LEU A 102 9.71 8.26 19.27
C LEU A 102 8.83 9.47 18.94
N MET A 103 7.52 9.22 18.82
CA MET A 103 6.54 10.27 18.45
C MET A 103 6.76 11.64 19.13
N PRO A 104 6.95 11.72 20.48
CA PRO A 104 7.15 13.01 21.17
C PRO A 104 8.39 13.76 20.72
N ARG A 105 9.38 13.03 20.21
CA ARG A 105 10.64 13.64 19.77
C ARG A 105 10.43 14.44 18.49
N PHE A 106 9.36 14.12 17.78
CA PHE A 106 9.05 14.79 16.52
C PHE A 106 8.63 16.23 16.74
N GLU A 107 7.93 16.49 17.84
CA GLU A 107 7.53 17.86 18.17
C GLU A 107 8.77 18.67 18.56
N GLU A 108 9.75 18.01 19.18
CA GLU A 108 11.05 18.60 19.44
C GLU A 108 11.75 18.91 18.12
N ALA A 109 11.76 17.91 17.24
CA ALA A 109 12.34 18.04 15.90
C ALA A 109 11.58 19.07 15.07
N CYS A 110 10.36 19.38 15.47
CA CYS A 110 9.55 20.35 14.77
C CYS A 110 10.01 21.76 15.13
N GLY A 111 10.35 21.95 16.40
CA GLY A 111 10.77 23.25 16.88
C GLY A 111 12.27 23.44 16.88
N ARG A 112 12.98 22.68 16.04
CA ARG A 112 14.41 22.82 15.91
C ARG A 112 14.75 24.15 15.24
N THR A 113 15.89 24.72 15.62
CA THR A 113 16.34 26.01 15.09
C THR A 113 16.67 25.91 13.60
N THR A 114 17.09 24.72 13.20
CA THR A 114 17.52 24.48 11.83
C THR A 114 16.84 23.22 11.32
N GLU A 115 16.55 23.15 10.03
CA GLU A 115 15.95 21.94 9.46
C GLU A 115 16.96 20.80 9.53
N THR A 116 18.24 21.16 9.56
CA THR A 116 19.30 20.19 9.79
C THR A 116 19.08 19.50 11.14
N GLU A 117 18.85 20.29 12.18
CA GLU A 117 18.57 19.77 13.51
C GLU A 117 17.36 18.84 13.47
N LYS A 118 16.43 19.14 12.58
CA LYS A 118 15.22 18.35 12.43
C LYS A 118 15.55 17.00 11.83
N VAL A 119 16.11 17.01 10.61
CA VAL A 119 16.49 15.78 9.94
C VAL A 119 17.41 14.91 10.81
N GLN A 120 18.32 15.52 11.57
CA GLN A 120 19.12 14.76 12.53
C GLN A 120 18.25 13.96 13.50
N GLU A 121 17.31 14.65 14.13
CA GLU A 121 16.42 14.01 15.11
C GLU A 121 15.56 12.95 14.42
N PHE A 122 14.88 13.34 13.35
CA PHE A 122 14.06 12.43 12.55
C PHE A 122 14.83 11.18 12.14
N GLN A 123 16.09 11.38 11.78
CA GLN A 123 16.95 10.26 11.40
C GLN A 123 17.01 9.23 12.51
N ARG A 124 17.37 9.65 13.72
CA ARG A 124 17.47 8.74 14.87
C ARG A 124 16.14 8.06 15.16
N LEU A 125 15.06 8.83 15.15
CA LEU A 125 13.73 8.30 15.43
C LEU A 125 13.41 7.16 14.46
N LEU A 126 13.54 7.45 13.18
CA LEU A 126 13.29 6.47 12.12
C LEU A 126 14.14 5.20 12.28
N LYS A 127 15.32 5.32 12.88
CA LYS A 127 16.17 4.16 13.12
C LYS A 127 15.53 3.24 14.16
N GLU A 128 15.01 3.90 15.18
CA GLU A 128 14.34 3.23 16.29
C GLU A 128 12.97 2.67 15.90
N LEU A 129 12.75 2.46 14.60
CA LEU A 129 11.47 1.96 14.12
C LEU A 129 11.60 0.53 13.62
N PRO A 130 10.57 -0.31 13.78
CA PRO A 130 10.54 -1.66 13.23
C PRO A 130 10.64 -1.65 11.71
N GLU A 131 11.11 -2.76 11.14
CA GLU A 131 11.32 -2.90 9.70
C GLU A 131 10.11 -2.43 8.89
N CYS A 132 8.93 -2.90 9.29
CA CYS A 132 7.69 -2.57 8.61
C CYS A 132 7.40 -1.08 8.69
N ASN A 133 7.74 -0.49 9.83
CA ASN A 133 7.47 0.93 10.05
C ASN A 133 8.45 1.77 9.26
N TYR A 134 9.67 1.28 9.18
CA TYR A 134 10.73 1.97 8.47
C TYR A 134 10.40 2.11 7.00
N LEU A 135 9.96 1.02 6.39
CA LEU A 135 9.58 1.04 4.98
C LEU A 135 8.25 1.78 4.80
N LEU A 136 7.36 1.63 5.78
CA LEU A 136 6.08 2.31 5.75
C LEU A 136 6.28 3.82 5.72
N ILE A 137 7.09 4.33 6.66
CA ILE A 137 7.32 5.76 6.76
C ILE A 137 8.01 6.29 5.49
N SER A 138 8.86 5.46 4.91
CA SER A 138 9.53 5.81 3.66
C SER A 138 8.52 5.97 2.54
N TRP A 139 7.67 4.97 2.35
CA TRP A 139 6.74 4.96 1.23
C TRP A 139 5.61 5.95 1.42
N LEU A 140 5.02 5.93 2.61
CA LEU A 140 3.87 6.79 2.89
C LEU A 140 4.19 8.26 2.66
N ILE A 141 5.35 8.69 3.15
CA ILE A 141 5.71 10.10 3.06
C ILE A 141 6.23 10.44 1.66
N VAL A 142 7.07 9.57 1.10
CA VAL A 142 7.65 9.82 -0.22
C VAL A 142 6.57 9.75 -1.31
N HIS A 143 5.63 8.82 -1.18
CA HIS A 143 4.54 8.70 -2.16
C HIS A 143 3.59 9.88 -2.04
N MET A 144 3.39 10.34 -0.82
CA MET A 144 2.51 11.47 -0.57
C MET A 144 3.19 12.75 -1.05
N ASP A 145 4.52 12.75 -0.98
CA ASP A 145 5.34 13.86 -1.45
C ASP A 145 5.20 14.01 -2.96
N HIS A 146 5.09 12.89 -3.65
CA HIS A 146 4.94 12.92 -5.09
C HIS A 146 3.54 13.38 -5.49
N VAL A 147 2.54 13.14 -4.64
CA VAL A 147 1.23 13.74 -4.85
C VAL A 147 1.34 15.25 -4.74
N ILE A 148 2.21 15.72 -3.83
CA ILE A 148 2.44 17.14 -3.66
C ILE A 148 2.86 17.78 -4.98
N ALA A 149 3.82 17.14 -5.65
CA ALA A 149 4.28 17.61 -6.95
C ALA A 149 3.14 17.60 -7.97
N LYS A 150 2.28 16.59 -7.89
CA LYS A 150 1.17 16.48 -8.81
C LYS A 150 0.07 17.46 -8.43
N GLU A 151 -0.01 17.78 -7.14
CA GLU A 151 -0.96 18.78 -6.66
C GLU A 151 -0.49 20.17 -7.02
N LEU A 152 0.82 20.30 -7.21
CA LEU A 152 1.37 21.56 -7.67
C LEU A 152 0.92 21.81 -9.09
N GLU A 153 0.76 20.72 -9.85
CA GLU A 153 0.28 20.85 -11.21
C GLU A 153 -1.24 20.69 -11.34
N THR A 154 -1.94 20.19 -10.30
CA THR A 154 -3.39 20.03 -10.39
C THR A 154 -4.13 21.21 -9.76
N LYS A 155 -3.75 21.55 -8.52
CA LYS A 155 -4.29 22.76 -7.86
C LYS A 155 -3.78 22.95 -6.42
N MET A 156 -3.74 21.89 -5.62
CA MET A 156 -3.50 22.05 -4.18
C MET A 156 -2.03 22.11 -3.82
N ASN A 157 -1.74 22.00 -2.53
CA ASN A 157 -0.40 22.20 -2.00
C ASN A 157 -0.16 21.28 -0.81
N ILE A 158 1.04 21.37 -0.22
CA ILE A 158 1.40 20.57 0.95
C ILE A 158 0.41 20.80 2.09
N GLN A 159 -0.11 22.01 2.19
CA GLN A 159 -0.95 22.41 3.31
C GLN A 159 -2.16 21.47 3.43
N ASN A 160 -2.91 21.36 2.34
CA ASN A 160 -4.11 20.51 2.31
C ASN A 160 -3.75 19.08 2.65
N ILE A 161 -2.70 18.58 2.00
CA ILE A 161 -2.29 17.20 2.17
C ILE A 161 -1.76 16.94 3.59
N SER A 162 -1.04 17.90 4.13
CA SER A 162 -0.46 17.75 5.46
C SER A 162 -1.56 17.76 6.53
N ILE A 163 -2.68 18.40 6.22
CA ILE A 163 -3.79 18.48 7.17
C ILE A 163 -4.50 17.13 7.25
N VAL A 164 -4.68 16.51 6.10
CA VAL A 164 -5.32 15.20 6.05
C VAL A 164 -4.35 14.09 6.44
N LEU A 165 -3.06 14.41 6.43
CA LEU A 165 -2.01 13.44 6.75
C LEU A 165 -1.66 13.50 8.23
N SER A 166 -2.03 14.59 8.88
CA SER A 166 -1.81 14.76 10.32
C SER A 166 -2.47 13.62 11.11
N PRO A 167 -3.79 13.37 10.94
CA PRO A 167 -4.49 12.25 11.58
C PRO A 167 -3.98 10.90 11.10
N THR A 168 -3.21 10.92 10.01
CA THR A 168 -2.75 9.69 9.40
C THR A 168 -1.63 9.03 10.20
N VAL A 169 -0.53 9.73 10.50
CA VAL A 169 0.52 9.15 11.33
C VAL A 169 0.37 9.54 12.81
N GLN A 170 -0.65 10.33 13.11
CA GLN A 170 -1.02 10.68 14.50
C GLN A 170 -0.08 11.74 15.05
N ILE A 171 0.25 12.73 14.22
CA ILE A 171 1.20 13.76 14.61
C ILE A 171 0.73 15.13 14.12
N SER A 172 1.14 16.17 14.85
CA SER A 172 0.78 17.56 14.55
C SER A 172 0.95 17.91 13.06
N ASN A 173 0.04 18.77 12.58
CA ASN A 173 -0.09 19.11 11.17
C ASN A 173 1.23 19.57 10.54
N ARG A 174 1.92 20.49 11.22
CA ARG A 174 3.11 21.12 10.66
C ARG A 174 4.26 20.13 10.50
N VAL A 175 4.24 19.07 11.30
CA VAL A 175 5.25 18.02 11.22
C VAL A 175 5.19 17.28 9.88
N LEU A 176 4.00 17.17 9.30
CA LEU A 176 3.85 16.50 8.01
C LEU A 176 4.48 17.32 6.88
N TYR A 177 4.21 18.62 6.88
CA TYR A 177 4.91 19.56 6.00
C TYR A 177 6.43 19.30 6.01
N VAL A 178 7.04 19.33 7.19
CA VAL A 178 8.46 19.06 7.30
C VAL A 178 8.77 17.59 6.99
N PHE A 179 7.79 16.71 7.19
CA PHE A 179 7.96 15.31 6.85
C PHE A 179 8.41 15.13 5.41
N PHE A 180 7.79 15.84 4.48
CA PHE A 180 8.19 15.70 3.08
C PHE A 180 9.53 16.39 2.83
N THR A 181 9.56 17.69 3.14
CA THR A 181 10.80 18.48 3.01
C THR A 181 12.02 17.66 3.49
N HIS A 182 11.93 17.11 4.69
CA HIS A 182 13.04 16.36 5.27
C HIS A 182 13.06 14.91 4.74
N VAL A 183 11.94 14.43 4.20
CA VAL A 183 11.88 13.02 3.78
C VAL A 183 12.86 12.76 2.65
N GLN A 184 12.93 13.66 1.68
CA GLN A 184 13.94 13.54 0.64
C GLN A 184 15.28 14.03 1.15
N GLU A 185 15.28 14.93 2.14
CA GLU A 185 16.53 15.23 2.83
C GLU A 185 17.12 13.96 3.46
N LEU A 186 16.26 12.99 3.77
CA LEU A 186 16.75 11.72 4.31
C LEU A 186 16.90 10.66 3.23
N PHE A 187 15.86 10.45 2.43
CA PHE A 187 15.89 9.45 1.38
C PHE A 187 15.92 10.11 0.01
N GLY A 188 15.38 9.41 -0.97
CA GLY A 188 15.24 9.95 -2.30
C GLY A 188 15.43 8.86 -3.32
N ASN A 189 16.20 7.86 -2.93
CA ASN A 189 16.36 6.65 -3.70
C ASN A 189 15.26 5.67 -3.37
N VAL A 190 14.64 5.88 -2.19
CA VAL A 190 13.44 5.15 -1.80
C VAL A 190 12.46 5.14 -2.96
N VAL A 191 12.16 3.94 -3.40
CA VAL A 191 11.42 3.74 -4.62
C VAL A 191 10.16 2.91 -4.35
N LEU A 192 9.11 3.22 -5.10
CA LEU A 192 7.82 2.58 -4.90
C LEU A 192 7.69 1.35 -5.81
N LYS A 193 7.96 0.18 -5.25
CA LYS A 193 7.76 -1.08 -5.95
C LYS A 193 6.27 -1.37 -6.09
N GLN A 194 5.75 -1.29 -7.32
CA GLN A 194 4.31 -1.49 -7.54
C GLN A 194 3.96 -2.98 -7.63
N VAL A 195 2.68 -3.29 -7.45
CA VAL A 195 2.23 -4.66 -7.32
C VAL A 195 1.21 -5.03 -8.40
N MET A 196 1.06 -6.33 -8.65
CA MET A 196 0.04 -6.82 -9.58
C MET A 196 -1.32 -6.24 -9.21
N LYS A 197 -2.06 -5.82 -10.21
CA LYS A 197 -3.29 -5.09 -9.97
C LYS A 197 -4.48 -6.03 -9.76
N PRO A 198 -5.50 -5.57 -8.99
CA PRO A 198 -6.71 -6.35 -8.71
C PRO A 198 -7.60 -6.55 -9.93
N LEU A 199 -8.66 -7.33 -9.74
CA LEU A 199 -9.55 -7.74 -10.82
C LEU A 199 -8.79 -8.35 -12.00
N ARG A 200 -8.32 -9.58 -11.83
CA ARG A 200 -7.68 -10.30 -12.93
C ARG A 200 -8.65 -11.28 -13.54
N TRP A 201 -9.84 -11.34 -12.94
CA TRP A 201 -10.91 -12.21 -13.38
C TRP A 201 -12.22 -11.68 -12.79
N SER A 202 -13.33 -11.97 -13.44
CA SER A 202 -14.65 -11.53 -12.99
C SER A 202 -15.10 -12.26 -11.72
N ASN A 203 -14.25 -12.30 -10.71
CA ASN A 203 -14.55 -12.96 -9.42
C ASN A 203 -14.98 -14.41 -9.65
N MET A 204 -14.49 -14.99 -10.74
CA MET A 204 -14.93 -16.29 -11.23
C MET A 204 -16.45 -16.31 -11.39
N ALA A 205 -16.91 -15.70 -12.48
CA ALA A 205 -18.34 -15.66 -12.78
C ALA A 205 -18.65 -16.44 -14.06
N THR A 206 -17.68 -16.49 -14.97
CA THR A 206 -17.88 -17.17 -16.24
C THR A 206 -16.52 -17.57 -16.83
N MET A 207 -15.93 -16.68 -17.62
CA MET A 207 -14.66 -16.95 -18.28
C MET A 207 -14.14 -15.72 -19.04
N PRO A 208 -14.91 -15.19 -20.03
CA PRO A 208 -14.47 -14.02 -20.80
C PRO A 208 -14.33 -12.77 -19.94
N THR A 209 -13.09 -12.47 -19.57
CA THR A 209 -12.81 -11.28 -18.76
C THR A 209 -11.35 -10.86 -18.91
N LEU A 210 -10.56 -11.68 -19.60
CA LEU A 210 -9.12 -11.45 -19.73
C LEU A 210 -8.84 -10.41 -20.82
N PRO A 211 -7.82 -9.57 -20.62
CA PRO A 211 -7.36 -8.63 -21.64
C PRO A 211 -6.92 -9.36 -22.91
N GLU A 212 -7.16 -8.75 -24.05
CA GLU A 212 -6.88 -9.37 -25.33
C GLU A 212 -5.87 -8.53 -26.12
N THR A 213 -5.25 -7.59 -25.44
CA THR A 213 -4.22 -6.76 -26.05
C THR A 213 -2.83 -7.29 -25.71
N GLN A 214 -1.91 -7.23 -26.66
CA GLN A 214 -0.54 -7.71 -26.44
C GLN A 214 0.06 -7.05 -25.20
N ALA A 215 -0.09 -5.73 -25.10
CA ALA A 215 0.49 -4.97 -23.99
C ALA A 215 -0.12 -5.40 -22.66
N GLY A 216 -1.45 -5.42 -22.61
CA GLY A 216 -2.16 -5.78 -21.39
C GLY A 216 -1.76 -7.15 -20.87
N ILE A 217 -1.71 -8.12 -21.77
CA ILE A 217 -1.35 -9.49 -21.41
C ILE A 217 0.11 -9.54 -20.95
N LYS A 218 1.00 -8.97 -21.75
CA LYS A 218 2.44 -8.98 -21.46
C LYS A 218 2.76 -8.46 -20.06
N GLU A 219 2.26 -7.28 -19.74
CA GLU A 219 2.60 -6.62 -18.48
C GLU A 219 2.10 -7.44 -17.29
N GLU A 220 0.84 -7.87 -17.36
CA GLU A 220 0.25 -8.61 -16.25
C GLU A 220 0.89 -9.98 -16.12
N ILE A 221 1.31 -10.56 -17.24
CA ILE A 221 2.01 -11.83 -17.23
C ILE A 221 3.27 -11.76 -16.38
N ARG A 222 4.05 -10.69 -16.56
CA ARG A 222 5.29 -10.52 -15.80
C ARG A 222 4.97 -10.53 -14.31
N ARG A 223 4.00 -9.72 -13.92
CA ARG A 223 3.59 -9.65 -12.52
C ARG A 223 3.01 -10.97 -12.04
N GLN A 224 2.21 -11.60 -12.89
CA GLN A 224 1.56 -12.86 -12.58
C GLN A 224 2.59 -13.95 -12.29
N GLU A 225 3.64 -14.00 -13.11
CA GLU A 225 4.67 -15.00 -12.95
C GLU A 225 5.42 -14.80 -11.63
N PHE A 226 5.58 -13.56 -11.22
CA PHE A 226 6.24 -13.26 -9.95
C PHE A 226 5.43 -13.82 -8.77
N LEU A 227 4.13 -13.62 -8.79
CA LEU A 227 3.27 -14.17 -7.73
C LEU A 227 3.25 -15.69 -7.86
N LEU A 228 3.36 -16.15 -9.08
CA LEU A 228 3.25 -17.58 -9.37
C LEU A 228 4.49 -18.33 -8.91
N ASN A 229 5.66 -17.91 -9.40
CA ASN A 229 6.90 -18.63 -9.12
C ASN A 229 7.26 -18.58 -7.63
N CYS A 230 6.88 -17.50 -6.95
CA CYS A 230 7.16 -17.38 -5.52
C CYS A 230 6.32 -18.38 -4.72
N LEU A 231 5.00 -18.33 -4.91
CA LEU A 231 4.10 -19.26 -4.24
C LEU A 231 4.50 -20.70 -4.54
N HIS A 232 4.73 -20.97 -5.82
CA HIS A 232 5.11 -22.31 -6.27
C HIS A 232 6.38 -22.79 -5.57
N ARG A 233 7.37 -21.92 -5.49
CA ARG A 233 8.66 -22.27 -4.91
C ARG A 233 8.60 -22.44 -3.40
N ASP A 234 8.11 -21.40 -2.72
CA ASP A 234 8.13 -21.34 -1.25
C ASP A 234 7.39 -22.52 -0.64
N LEU A 235 6.45 -23.09 -1.39
CA LEU A 235 5.67 -24.24 -0.94
C LEU A 235 6.59 -25.38 -0.47
N GLN A 236 7.74 -25.52 -1.11
CA GLN A 236 8.68 -26.59 -0.77
C GLN A 236 9.40 -26.32 0.54
N GLY A 237 9.18 -25.12 1.10
CA GLY A 237 9.82 -24.75 2.34
C GLY A 237 9.13 -25.32 3.56
N GLY A 238 8.69 -26.57 3.45
CA GLY A 238 7.98 -27.22 4.54
C GLY A 238 6.57 -26.71 4.69
N ILE A 239 6.02 -26.15 3.62
CA ILE A 239 4.69 -25.59 3.66
C ILE A 239 3.68 -26.59 3.12
N LYS A 240 2.85 -27.12 3.99
CA LYS A 240 1.80 -28.02 3.58
C LYS A 240 0.44 -27.43 3.94
N ASP A 241 -0.23 -26.87 2.95
CA ASP A 241 -1.54 -26.27 3.14
C ASP A 241 -2.29 -26.28 1.81
N LEU A 242 -3.51 -26.80 1.83
CA LEU A 242 -4.28 -27.01 0.60
C LEU A 242 -4.72 -25.68 0.01
N SER A 243 -4.74 -24.63 0.81
CA SER A 243 -5.16 -23.32 0.33
C SER A 243 -4.07 -22.74 -0.56
N LYS A 244 -2.83 -22.99 -0.13
CA LYS A 244 -1.64 -22.56 -0.87
C LYS A 244 -1.50 -23.39 -2.14
N GLU A 245 -1.83 -24.67 -2.03
CA GLU A 245 -1.71 -25.59 -3.16
C GLU A 245 -2.69 -25.22 -4.27
N GLU A 246 -3.98 -25.18 -3.96
CA GLU A 246 -4.98 -24.73 -4.95
C GLU A 246 -4.63 -23.35 -5.50
N ARG A 247 -4.00 -22.54 -4.67
CA ARG A 247 -3.56 -21.20 -5.07
C ARG A 247 -2.58 -21.30 -6.26
N LEU A 248 -1.73 -22.32 -6.23
CA LEU A 248 -0.79 -22.60 -7.32
C LEU A 248 -1.55 -22.93 -8.61
N TRP A 249 -2.49 -23.86 -8.53
CA TRP A 249 -3.21 -24.32 -9.72
C TRP A 249 -3.97 -23.16 -10.33
N GLU A 250 -4.47 -22.30 -9.46
CA GLU A 250 -5.25 -21.15 -9.88
C GLU A 250 -4.42 -20.20 -10.75
N VAL A 251 -3.27 -19.77 -10.24
CA VAL A 251 -2.43 -18.84 -10.98
C VAL A 251 -1.90 -19.46 -12.26
N GLN A 252 -1.47 -20.70 -12.17
CA GLN A 252 -0.97 -21.44 -13.33
C GLN A 252 -2.03 -21.54 -14.42
N ARG A 253 -3.26 -21.83 -14.03
CA ARG A 253 -4.36 -21.97 -14.99
C ARG A 253 -4.68 -20.62 -15.67
N ILE A 254 -4.56 -19.56 -14.91
CA ILE A 254 -4.88 -18.21 -15.39
C ILE A 254 -3.79 -17.75 -16.34
N LEU A 255 -2.54 -17.93 -15.90
CA LEU A 255 -1.39 -17.55 -16.70
C LEU A 255 -1.35 -18.34 -18.00
N THR A 256 -1.78 -19.59 -17.96
CA THR A 256 -1.84 -20.41 -19.15
C THR A 256 -2.76 -19.81 -20.21
N ALA A 257 -3.97 -19.42 -19.80
CA ALA A 257 -4.90 -18.74 -20.68
C ALA A 257 -4.26 -17.50 -21.28
N LEU A 258 -3.56 -16.74 -20.44
CA LEU A 258 -2.87 -15.54 -20.89
C LEU A 258 -1.80 -15.87 -21.90
N LYS A 259 -1.06 -16.95 -21.66
CA LYS A 259 0.00 -17.39 -22.57
C LYS A 259 -0.58 -17.78 -23.93
N ARG A 260 -1.77 -18.37 -23.92
CA ARG A 260 -2.47 -18.71 -25.16
C ARG A 260 -2.91 -17.45 -25.89
N LYS A 261 -3.60 -16.57 -25.15
CA LYS A 261 -4.06 -15.31 -25.71
C LYS A 261 -2.89 -14.44 -26.17
N LEU A 262 -1.70 -14.71 -25.66
CA LEU A 262 -0.50 -13.99 -26.07
C LEU A 262 -0.23 -14.25 -27.57
N ARG A 263 -0.59 -15.46 -28.01
CA ARG A 263 -0.46 -15.82 -29.41
C ARG A 263 -1.81 -15.69 -30.11
N GLU A 264 -2.78 -15.21 -29.35
CA GLU A 264 -4.15 -15.08 -29.83
C GLU A 264 -4.41 -13.63 -30.21
N ALA A 265 -3.61 -12.74 -29.67
CA ALA A 265 -3.71 -11.32 -29.93
C ALA A 265 -3.18 -11.00 -31.32
N HIS A 1 -11.82 -21.08 20.99
CA HIS A 1 -11.24 -20.79 19.67
C HIS A 1 -11.52 -19.34 19.28
N MET A 2 -11.03 -18.94 18.12
CA MET A 2 -11.21 -17.57 17.66
C MET A 2 -12.55 -17.39 16.95
N PRO A 3 -13.32 -16.35 17.34
CA PRO A 3 -14.60 -16.04 16.71
C PRO A 3 -14.42 -15.42 15.32
N ASN A 4 -13.30 -14.74 15.14
CA ASN A 4 -12.95 -14.16 13.85
C ASN A 4 -11.70 -14.85 13.32
N LEU A 5 -11.78 -15.32 12.10
CA LEU A 5 -10.76 -16.19 11.55
C LEU A 5 -9.79 -15.41 10.66
N LYS A 6 -8.53 -15.38 11.09
CA LYS A 6 -7.46 -14.70 10.34
C LYS A 6 -7.78 -13.23 10.10
N PRO A 7 -7.80 -12.42 11.17
CA PRO A 7 -8.09 -10.99 11.09
C PRO A 7 -6.96 -10.20 10.42
N ILE A 8 -7.23 -8.92 10.18
CA ILE A 8 -6.32 -8.04 9.45
C ILE A 8 -6.16 -6.74 10.20
N PHE A 9 -7.23 -6.33 10.86
CA PHE A 9 -7.23 -5.13 11.66
C PHE A 9 -7.14 -5.50 13.15
N GLY A 10 -7.08 -4.49 14.02
CA GLY A 10 -6.93 -4.76 15.44
C GLY A 10 -5.70 -5.56 15.82
N ILE A 11 -4.62 -5.42 15.05
CA ILE A 11 -3.39 -6.15 15.31
C ILE A 11 -2.17 -5.28 15.00
N PRO A 12 -0.98 -5.67 15.49
CA PRO A 12 0.27 -4.98 15.15
C PRO A 12 0.56 -5.03 13.66
N LEU A 13 1.42 -4.13 13.19
CA LEU A 13 1.70 -3.99 11.77
C LEU A 13 2.25 -5.28 11.17
N ALA A 14 3.37 -5.78 11.71
CA ALA A 14 4.00 -7.00 11.22
C ALA A 14 3.00 -8.15 11.09
N ASP A 15 2.22 -8.35 12.14
CA ASP A 15 1.15 -9.37 12.13
C ASP A 15 0.22 -9.18 10.95
N ALA A 16 -0.24 -7.96 10.73
CA ALA A 16 -1.10 -7.65 9.60
C ALA A 16 -0.38 -7.87 8.27
N VAL A 17 0.93 -7.61 8.28
CA VAL A 17 1.77 -7.82 7.11
C VAL A 17 1.83 -9.30 6.73
N GLU A 18 2.16 -10.14 7.72
CA GLU A 18 2.28 -11.58 7.49
C GLU A 18 0.94 -12.17 7.03
N ARG A 19 -0.14 -11.47 7.37
CA ARG A 19 -1.47 -11.84 6.90
C ARG A 19 -1.62 -11.55 5.41
N THR A 20 -1.29 -10.32 5.03
CA THR A 20 -1.55 -9.84 3.67
C THR A 20 -0.30 -9.95 2.80
N MET A 21 0.47 -11.00 3.01
CA MET A 21 1.65 -11.25 2.20
C MET A 21 1.29 -11.80 0.83
N MET A 22 1.68 -11.08 -0.22
CA MET A 22 1.40 -11.53 -1.58
C MET A 22 2.63 -11.48 -2.48
N TYR A 23 2.89 -10.33 -3.11
CA TYR A 23 3.92 -10.20 -4.14
C TYR A 23 5.29 -10.80 -3.74
N ASP A 24 6.18 -9.96 -3.20
CA ASP A 24 7.54 -10.40 -2.89
C ASP A 24 7.75 -10.60 -1.39
N GLY A 25 6.92 -9.95 -0.59
CA GLY A 25 7.03 -10.07 0.85
C GLY A 25 8.13 -9.20 1.43
N ILE A 26 8.24 -7.97 0.92
CA ILE A 26 9.26 -7.01 1.37
C ILE A 26 8.92 -6.38 2.74
N ARG A 27 8.18 -7.13 3.57
CA ARG A 27 7.71 -6.64 4.87
C ARG A 27 6.86 -5.37 4.70
N LEU A 28 5.63 -5.57 4.27
CA LEU A 28 4.68 -4.49 4.04
C LEU A 28 3.32 -5.11 3.76
N PRO A 29 2.22 -4.55 4.27
CA PRO A 29 0.88 -5.11 4.06
C PRO A 29 0.42 -4.99 2.61
N ALA A 30 -0.51 -5.83 2.18
CA ALA A 30 -0.99 -5.80 0.79
C ALA A 30 -1.77 -4.53 0.52
N VAL A 31 -2.71 -4.25 1.41
CA VAL A 31 -3.57 -3.07 1.30
C VAL A 31 -2.77 -1.80 1.04
N PHE A 32 -1.65 -1.62 1.72
CA PHE A 32 -0.80 -0.45 1.51
C PHE A 32 -0.28 -0.45 0.08
N ARG A 33 0.19 -1.59 -0.37
CA ARG A 33 0.76 -1.72 -1.69
C ARG A 33 -0.33 -1.55 -2.76
N GLU A 34 -1.49 -2.16 -2.53
CA GLU A 34 -2.59 -2.10 -3.49
C GLU A 34 -3.18 -0.70 -3.62
N CYS A 35 -3.18 0.08 -2.54
CA CYS A 35 -3.73 1.43 -2.60
C CYS A 35 -2.67 2.39 -3.18
N ILE A 36 -1.41 2.11 -2.87
CA ILE A 36 -0.30 2.86 -3.44
C ILE A 36 -0.19 2.58 -4.93
N ASP A 37 -0.43 1.33 -5.31
CA ASP A 37 -0.39 0.91 -6.70
C ASP A 37 -1.45 1.63 -7.51
N TYR A 38 -2.67 1.64 -6.99
CA TYR A 38 -3.79 2.25 -7.67
C TYR A 38 -3.57 3.74 -7.91
N VAL A 39 -3.09 4.43 -6.89
CA VAL A 39 -2.84 5.87 -6.99
C VAL A 39 -1.66 6.16 -7.92
N GLU A 40 -0.58 5.41 -7.77
CA GLU A 40 0.64 5.64 -8.56
C GLU A 40 0.34 5.41 -10.05
N LYS A 41 -0.60 4.51 -10.33
CA LYS A 41 -1.00 4.19 -11.71
C LYS A 41 -2.06 5.14 -12.25
N TYR A 42 -3.18 5.26 -11.53
CA TYR A 42 -4.35 5.89 -12.10
C TYR A 42 -4.67 7.22 -11.41
N GLY A 43 -4.41 7.31 -10.12
CA GLY A 43 -4.86 8.45 -9.36
C GLY A 43 -3.73 9.39 -9.00
N MET A 44 -2.98 9.78 -10.02
CA MET A 44 -1.81 10.63 -9.81
C MET A 44 -2.16 12.10 -10.00
N LYS A 45 -2.89 12.40 -11.06
CA LYS A 45 -3.17 13.78 -11.43
C LYS A 45 -4.67 14.07 -11.36
N CYS A 46 -5.31 13.52 -10.34
CA CYS A 46 -6.73 13.73 -10.12
C CYS A 46 -6.96 14.67 -8.94
N GLU A 47 -7.99 15.51 -9.05
CA GLU A 47 -8.35 16.41 -7.97
C GLU A 47 -8.96 15.64 -6.80
N GLY A 48 -8.99 16.27 -5.63
CA GLY A 48 -9.50 15.61 -4.43
C GLY A 48 -8.62 14.49 -3.93
N ILE A 49 -7.56 14.19 -4.67
CA ILE A 49 -6.67 13.08 -4.35
C ILE A 49 -6.12 13.17 -2.93
N TYR A 50 -6.46 12.16 -2.12
CA TYR A 50 -5.97 12.03 -0.75
C TYR A 50 -6.51 13.12 0.17
N ARG A 51 -7.50 13.87 -0.29
CA ARG A 51 -8.12 14.89 0.54
C ARG A 51 -9.58 14.56 0.76
N VAL A 52 -10.21 14.05 -0.29
CA VAL A 52 -11.60 13.63 -0.22
C VAL A 52 -11.70 12.27 0.48
N SER A 53 -12.85 12.02 1.09
CA SER A 53 -13.08 10.77 1.76
C SER A 53 -14.24 10.06 1.06
N GLY A 54 -13.96 8.90 0.50
CA GLY A 54 -14.94 8.20 -0.31
C GLY A 54 -16.08 7.62 0.51
N ILE A 55 -17.00 6.95 -0.19
CA ILE A 55 -18.16 6.34 0.45
C ILE A 55 -17.69 5.40 1.57
N LYS A 56 -17.96 5.77 2.81
CA LYS A 56 -17.48 5.00 3.96
C LYS A 56 -18.11 3.62 3.97
N SER A 57 -19.27 3.50 3.34
CA SER A 57 -19.95 2.23 3.21
C SER A 57 -19.12 1.24 2.39
N LYS A 58 -18.25 1.76 1.52
CA LYS A 58 -17.39 0.92 0.71
C LYS A 58 -16.18 0.51 1.54
N VAL A 59 -15.80 1.41 2.43
CA VAL A 59 -14.63 1.22 3.28
C VAL A 59 -14.84 0.05 4.22
N ASP A 60 -16.03 -0.03 4.81
CA ASP A 60 -16.40 -1.16 5.66
C ASP A 60 -16.42 -2.45 4.85
N GLU A 61 -16.70 -2.32 3.56
CA GLU A 61 -16.73 -3.45 2.64
C GLU A 61 -15.31 -3.93 2.38
N LEU A 62 -14.42 -2.98 2.18
CA LEU A 62 -13.01 -3.27 1.94
C LEU A 62 -12.38 -3.93 3.16
N LYS A 63 -12.70 -3.40 4.34
CA LYS A 63 -12.23 -4.00 5.58
C LYS A 63 -12.71 -5.44 5.65
N ALA A 64 -13.90 -5.67 5.13
CA ALA A 64 -14.51 -6.99 5.11
C ALA A 64 -13.77 -7.91 4.15
N ALA A 65 -13.37 -7.38 2.98
CA ALA A 65 -12.66 -8.18 2.00
C ALA A 65 -11.36 -8.71 2.57
N TYR A 66 -10.54 -7.82 3.09
CA TYR A 66 -9.20 -8.20 3.55
C TYR A 66 -9.26 -9.17 4.71
N ASP A 67 -10.18 -8.92 5.63
CA ASP A 67 -10.28 -9.72 6.85
C ASP A 67 -10.90 -11.09 6.56
N ARG A 68 -11.59 -11.21 5.42
CA ARG A 68 -12.24 -12.45 5.03
C ARG A 68 -11.55 -13.05 3.81
N GLU A 69 -10.24 -12.81 3.72
CA GLU A 69 -9.41 -13.20 2.60
C GLU A 69 -9.67 -12.31 1.39
N GLU A 70 -9.10 -11.10 1.52
CA GLU A 70 -8.95 -10.11 0.46
C GLU A 70 -9.57 -10.51 -0.86
N SER A 71 -10.75 -10.01 -1.13
CA SER A 71 -11.39 -10.26 -2.38
C SER A 71 -12.18 -9.03 -2.82
N THR A 72 -11.53 -8.20 -3.62
CA THR A 72 -12.11 -6.98 -4.10
C THR A 72 -11.22 -6.40 -5.20
N ASN A 73 -11.83 -5.75 -6.16
CA ASN A 73 -11.09 -5.07 -7.21
C ASN A 73 -10.90 -3.61 -6.85
N LEU A 74 -9.74 -3.29 -6.29
CA LEU A 74 -9.45 -1.95 -5.81
C LEU A 74 -9.39 -0.94 -6.95
N GLU A 75 -9.35 -1.44 -8.18
CA GLU A 75 -9.26 -0.58 -9.35
C GLU A 75 -10.60 0.09 -9.63
N ASP A 76 -11.67 -0.54 -9.17
CA ASP A 76 -13.03 -0.02 -9.39
C ASP A 76 -13.39 1.00 -8.31
N TYR A 77 -12.87 0.78 -7.11
CA TYR A 77 -13.15 1.66 -5.98
C TYR A 77 -12.45 2.99 -6.13
N GLU A 78 -13.03 4.01 -5.53
CA GLU A 78 -12.49 5.36 -5.59
C GLU A 78 -11.09 5.43 -4.99
N PRO A 79 -10.19 6.21 -5.59
CA PRO A 79 -8.85 6.44 -5.03
C PRO A 79 -8.94 7.05 -3.63
N ASN A 80 -9.83 8.02 -3.48
CA ASN A 80 -10.14 8.60 -2.18
C ASN A 80 -10.70 7.56 -1.20
N THR A 81 -11.38 6.56 -1.71
CA THR A 81 -11.96 5.53 -0.86
C THR A 81 -10.90 4.53 -0.41
N VAL A 82 -10.06 4.07 -1.35
CA VAL A 82 -8.95 3.17 -0.99
C VAL A 82 -7.97 3.89 -0.06
N ALA A 83 -7.77 5.19 -0.31
CA ALA A 83 -6.94 6.03 0.55
C ALA A 83 -7.54 6.14 1.95
N SER A 84 -8.86 6.12 2.02
CA SER A 84 -9.58 6.29 3.27
C SER A 84 -9.52 4.98 4.04
N LEU A 85 -9.57 3.89 3.29
CA LEU A 85 -9.36 2.58 3.85
C LEU A 85 -7.93 2.49 4.38
N LEU A 86 -6.99 3.05 3.62
CA LEU A 86 -5.58 3.05 4.01
C LEU A 86 -5.36 3.80 5.32
N LYS A 87 -5.81 5.05 5.39
CA LYS A 87 -5.63 5.86 6.59
C LYS A 87 -6.32 5.21 7.78
N GLN A 88 -7.42 4.54 7.50
CA GLN A 88 -8.15 3.84 8.54
C GLN A 88 -7.42 2.58 8.98
N TYR A 89 -7.06 1.76 8.01
CA TYR A 89 -6.25 0.57 8.26
C TYR A 89 -5.04 0.88 9.15
N LEU A 90 -4.44 2.05 9.00
CA LEU A 90 -3.32 2.45 9.84
C LEU A 90 -3.78 2.71 11.25
N ARG A 91 -4.90 3.41 11.38
CA ARG A 91 -5.45 3.74 12.68
C ARG A 91 -5.98 2.49 13.38
N ASP A 92 -6.64 1.60 12.62
CA ASP A 92 -7.03 0.29 13.16
C ASP A 92 -5.86 -0.47 13.76
N LEU A 93 -4.66 -0.13 13.34
CA LEU A 93 -3.48 -0.76 13.93
C LEU A 93 -3.03 0.04 15.15
N PRO A 94 -2.90 -0.62 16.32
CA PRO A 94 -2.57 0.04 17.60
C PRO A 94 -1.11 0.48 17.70
N GLU A 95 -0.36 0.26 16.64
CA GLU A 95 1.03 0.68 16.62
C GLU A 95 1.26 1.73 15.55
N ASN A 96 1.75 2.88 15.98
CA ASN A 96 2.09 3.96 15.05
C ASN A 96 3.31 3.59 14.22
N LEU A 97 3.50 4.31 13.13
CA LEU A 97 4.65 4.09 12.27
C LEU A 97 5.91 4.52 13.01
N LEU A 98 5.79 5.64 13.70
CA LEU A 98 6.88 6.18 14.53
C LEU A 98 6.74 5.66 15.95
N THR A 99 5.71 4.85 16.15
CA THR A 99 5.31 4.35 17.47
C THR A 99 5.18 5.48 18.50
N LYS A 100 4.85 5.10 19.73
CA LYS A 100 4.74 6.08 20.82
C LYS A 100 6.13 6.61 21.16
N GLU A 101 7.11 5.76 20.89
CA GLU A 101 8.50 6.04 21.24
C GLU A 101 9.09 7.25 20.50
N LEU A 102 9.12 7.21 19.17
CA LEU A 102 9.76 8.29 18.40
C LEU A 102 8.81 9.46 18.17
N MET A 103 7.51 9.17 18.12
CA MET A 103 6.48 10.18 17.79
C MET A 103 6.66 11.52 18.52
N PRO A 104 6.74 11.55 19.86
CA PRO A 104 6.84 12.81 20.62
C PRO A 104 8.15 13.56 20.36
N ARG A 105 9.14 12.87 19.81
CA ARG A 105 10.43 13.47 19.55
C ARG A 105 10.40 14.26 18.24
N PHE A 106 9.39 13.96 17.41
CA PHE A 106 9.20 14.67 16.16
C PHE A 106 8.84 16.12 16.42
N GLU A 107 8.11 16.37 17.49
CA GLU A 107 7.78 17.74 17.91
C GLU A 107 9.08 18.52 18.14
N GLU A 108 10.02 17.90 18.85
CA GLU A 108 11.33 18.48 19.08
C GLU A 108 12.06 18.67 17.75
N ALA A 109 12.06 17.61 16.95
CA ALA A 109 12.68 17.63 15.63
C ALA A 109 12.06 18.69 14.72
N CYS A 110 10.85 19.11 15.03
CA CYS A 110 10.15 20.10 14.23
C CYS A 110 10.51 21.51 14.73
N GLY A 111 10.75 21.60 16.04
CA GLY A 111 11.07 22.87 16.65
C GLY A 111 12.57 23.11 16.71
N ARG A 112 13.34 22.35 15.93
CA ARG A 112 14.78 22.55 15.85
C ARG A 112 15.11 23.90 15.25
N THR A 113 16.23 24.46 15.68
CA THR A 113 16.66 25.78 15.22
C THR A 113 17.08 25.77 13.76
N THR A 114 17.32 24.59 13.21
CA THR A 114 17.73 24.49 11.81
C THR A 114 17.17 23.20 11.19
N GLU A 115 16.83 23.28 9.90
CA GLU A 115 16.31 22.13 9.15
C GLU A 115 17.27 20.94 9.21
N THR A 116 18.56 21.24 9.32
CA THR A 116 19.57 20.20 9.45
C THR A 116 19.32 19.38 10.72
N GLU A 117 19.16 20.07 11.84
CA GLU A 117 18.89 19.42 13.12
C GLU A 117 17.59 18.65 13.05
N LYS A 118 16.67 19.15 12.22
CA LYS A 118 15.38 18.51 12.04
C LYS A 118 15.54 17.18 11.32
N VAL A 119 16.05 17.24 10.09
CA VAL A 119 16.32 16.04 9.32
C VAL A 119 17.24 15.05 10.05
N GLN A 120 18.26 15.55 10.75
CA GLN A 120 19.12 14.68 11.56
C GLN A 120 18.32 13.89 12.59
N GLU A 121 17.41 14.58 13.28
CA GLU A 121 16.60 13.95 14.32
C GLU A 121 15.64 12.93 13.70
N PHE A 122 14.95 13.34 12.64
CA PHE A 122 14.07 12.44 11.88
C PHE A 122 14.83 11.17 11.50
N GLN A 123 16.03 11.36 10.98
CA GLN A 123 16.90 10.24 10.61
C GLN A 123 17.02 9.25 11.77
N ARG A 124 17.42 9.73 12.95
CA ARG A 124 17.65 8.85 14.08
C ARG A 124 16.34 8.24 14.57
N LEU A 125 15.27 9.02 14.52
CA LEU A 125 13.95 8.55 14.89
C LEU A 125 13.55 7.35 14.03
N LEU A 126 13.58 7.54 12.72
CA LEU A 126 13.22 6.49 11.76
C LEU A 126 14.07 5.23 11.91
N LYS A 127 15.31 5.37 12.38
CA LYS A 127 16.17 4.20 12.55
C LYS A 127 15.65 3.32 13.67
N GLU A 128 15.17 3.95 14.74
CA GLU A 128 14.59 3.24 15.87
C GLU A 128 13.25 2.59 15.53
N LEU A 129 12.94 2.46 14.25
CA LEU A 129 11.68 1.87 13.84
C LEU A 129 11.89 0.45 13.35
N PRO A 130 10.95 -0.46 13.62
CA PRO A 130 10.97 -1.80 13.07
C PRO A 130 10.97 -1.78 11.54
N GLU A 131 11.53 -2.82 10.94
CA GLU A 131 11.75 -2.88 9.49
C GLU A 131 10.53 -2.47 8.66
N CYS A 132 9.38 -3.06 8.94
CA CYS A 132 8.19 -2.79 8.15
C CYS A 132 7.72 -1.35 8.30
N ASN A 133 7.83 -0.81 9.52
CA ASN A 133 7.40 0.56 9.77
C ASN A 133 8.31 1.52 9.02
N TYR A 134 9.59 1.18 9.03
CA TYR A 134 10.61 1.95 8.34
C TYR A 134 10.31 2.02 6.85
N LEU A 135 9.91 0.90 6.27
CA LEU A 135 9.58 0.87 4.86
C LEU A 135 8.27 1.60 4.59
N LEU A 136 7.29 1.37 5.46
CA LEU A 136 5.97 1.98 5.30
C LEU A 136 6.08 3.50 5.37
N ILE A 137 6.83 4.01 6.34
CA ILE A 137 7.00 5.45 6.48
C ILE A 137 7.68 6.04 5.24
N SER A 138 8.66 5.30 4.72
CA SER A 138 9.34 5.68 3.48
C SER A 138 8.34 5.82 2.34
N TRP A 139 7.52 4.79 2.14
CA TRP A 139 6.62 4.75 1.01
C TRP A 139 5.45 5.71 1.18
N LEU A 140 4.86 5.74 2.38
CA LEU A 140 3.71 6.58 2.63
C LEU A 140 4.02 8.02 2.29
N ILE A 141 5.19 8.50 2.72
CA ILE A 141 5.54 9.89 2.54
C ILE A 141 6.07 10.14 1.12
N VAL A 142 6.89 9.23 0.61
CA VAL A 142 7.47 9.40 -0.73
C VAL A 142 6.41 9.24 -1.82
N HIS A 143 5.52 8.27 -1.65
CA HIS A 143 4.41 8.09 -2.60
C HIS A 143 3.49 9.29 -2.52
N MET A 144 3.33 9.83 -1.32
CA MET A 144 2.49 11.01 -1.13
C MET A 144 3.20 12.24 -1.69
N ASP A 145 4.53 12.19 -1.70
CA ASP A 145 5.35 13.27 -2.26
C ASP A 145 5.25 13.24 -3.78
N HIS A 146 5.15 12.04 -4.33
CA HIS A 146 4.85 11.87 -5.75
C HIS A 146 3.55 12.60 -6.09
N VAL A 147 2.56 12.44 -5.23
CA VAL A 147 1.30 13.15 -5.41
C VAL A 147 1.54 14.65 -5.34
N ILE A 148 2.43 15.09 -4.44
CA ILE A 148 2.69 16.52 -4.28
C ILE A 148 3.21 17.15 -5.57
N ALA A 149 4.01 16.39 -6.31
CA ALA A 149 4.47 16.84 -7.61
C ALA A 149 3.28 16.98 -8.55
N LYS A 150 2.34 16.07 -8.42
CA LYS A 150 1.14 16.10 -9.24
C LYS A 150 0.14 17.10 -8.67
N GLU A 151 0.28 17.42 -7.39
CA GLU A 151 -0.47 18.49 -6.75
C GLU A 151 -0.10 19.80 -7.40
N LEU A 152 1.18 19.93 -7.71
CA LEU A 152 1.70 21.12 -8.34
C LEU A 152 1.12 21.25 -9.74
N GLU A 153 0.89 20.11 -10.37
CA GLU A 153 0.30 20.13 -11.70
C GLU A 153 -1.23 20.09 -11.70
N THR A 154 -1.89 19.77 -10.58
CA THR A 154 -3.34 19.74 -10.60
C THR A 154 -3.91 21.04 -10.05
N LYS A 155 -3.42 21.43 -8.85
CA LYS A 155 -3.74 22.72 -8.19
C LYS A 155 -3.49 22.66 -6.68
N MET A 156 -3.58 21.46 -6.10
CA MET A 156 -3.46 21.30 -4.66
C MET A 156 -2.01 21.38 -4.18
N ASN A 157 -1.78 21.29 -2.87
CA ASN A 157 -0.46 21.53 -2.31
C ASN A 157 -0.22 20.63 -1.09
N ILE A 158 1.03 20.64 -0.60
CA ILE A 158 1.41 19.90 0.60
C ILE A 158 0.50 20.24 1.77
N GLN A 159 0.05 21.49 1.83
CA GLN A 159 -0.79 21.97 2.92
C GLN A 159 -2.01 21.07 3.11
N ASN A 160 -2.72 20.80 2.01
CA ASN A 160 -3.93 19.98 2.06
C ASN A 160 -3.60 18.59 2.57
N ILE A 161 -2.58 18.00 1.96
CA ILE A 161 -2.17 16.65 2.27
C ILE A 161 -1.69 16.54 3.72
N SER A 162 -1.03 17.58 4.21
CA SER A 162 -0.50 17.59 5.56
C SER A 162 -1.62 17.63 6.60
N ILE A 163 -2.73 18.25 6.25
CA ILE A 163 -3.85 18.37 7.17
C ILE A 163 -4.53 17.02 7.34
N VAL A 164 -4.65 16.30 6.24
CA VAL A 164 -5.31 15.00 6.26
C VAL A 164 -4.40 13.91 6.82
N LEU A 165 -3.10 14.03 6.57
CA LEU A 165 -2.13 13.06 7.06
C LEU A 165 -1.87 13.22 8.55
N SER A 166 -2.14 14.41 9.09
CA SER A 166 -1.95 14.66 10.50
C SER A 166 -2.65 13.59 11.36
N PRO A 167 -3.99 13.43 11.25
CA PRO A 167 -4.72 12.38 11.97
C PRO A 167 -4.38 10.97 11.48
N THR A 168 -3.82 10.91 10.28
CA THR A 168 -3.54 9.62 9.64
C THR A 168 -2.46 8.85 10.39
N VAL A 169 -1.32 9.46 10.70
CA VAL A 169 -0.33 8.81 11.56
C VAL A 169 -0.38 9.30 13.00
N GLN A 170 -1.22 10.32 13.24
CA GLN A 170 -1.46 10.86 14.59
C GLN A 170 -0.31 11.76 15.03
N ILE A 171 0.12 12.64 14.12
CA ILE A 171 1.14 13.64 14.43
C ILE A 171 0.66 15.02 13.98
N SER A 172 0.98 16.03 14.78
CA SER A 172 0.58 17.41 14.53
C SER A 172 0.84 17.84 13.08
N ASN A 173 -0.10 18.62 12.55
CA ASN A 173 -0.15 19.01 11.14
C ASN A 173 1.18 19.53 10.58
N ARG A 174 1.83 20.41 11.35
CA ARG A 174 3.05 21.07 10.89
C ARG A 174 4.14 20.07 10.50
N VAL A 175 4.19 18.95 11.22
CA VAL A 175 5.25 17.96 11.00
C VAL A 175 5.14 17.30 9.63
N LEU A 176 3.93 17.17 9.09
CA LEU A 176 3.73 16.49 7.81
C LEU A 176 4.36 17.27 6.66
N TYR A 177 4.02 18.55 6.56
CA TYR A 177 4.70 19.45 5.62
C TYR A 177 6.23 19.27 5.66
N VAL A 178 6.82 19.27 6.85
CA VAL A 178 8.25 19.07 6.95
C VAL A 178 8.61 17.62 6.62
N PHE A 179 7.66 16.71 6.83
CA PHE A 179 7.88 15.30 6.53
C PHE A 179 8.26 15.12 5.07
N PHE A 180 7.51 15.72 4.14
CA PHE A 180 7.83 15.59 2.72
C PHE A 180 9.11 16.31 2.36
N THR A 181 9.10 17.63 2.59
CA THR A 181 10.32 18.43 2.44
C THR A 181 11.57 17.65 2.90
N HIS A 182 11.50 17.11 4.11
CA HIS A 182 12.63 16.40 4.69
C HIS A 182 12.74 14.99 4.14
N VAL A 183 11.63 14.39 3.73
CA VAL A 183 11.64 13.01 3.23
C VAL A 183 12.49 12.90 1.96
N GLN A 184 12.46 13.94 1.14
CA GLN A 184 13.33 13.97 -0.03
C GLN A 184 14.76 14.27 0.40
N GLU A 185 14.91 15.04 1.48
CA GLU A 185 16.23 15.22 2.08
C GLU A 185 16.74 13.91 2.71
N LEU A 186 15.82 13.04 3.13
CA LEU A 186 16.20 11.84 3.86
C LEU A 186 16.42 10.64 2.94
N PHE A 187 15.48 10.33 2.05
CA PHE A 187 15.59 9.13 1.23
C PHE A 187 15.91 9.45 -0.22
N GLY A 188 14.90 9.87 -0.97
CA GLY A 188 15.12 10.23 -2.37
C GLY A 188 14.97 9.07 -3.33
N ASN A 189 15.60 7.95 -2.98
CA ASN A 189 15.67 6.80 -3.87
C ASN A 189 14.53 5.82 -3.62
N VAL A 190 13.86 6.01 -2.48
CA VAL A 190 12.69 5.22 -2.13
C VAL A 190 11.69 5.19 -3.28
N VAL A 191 11.41 3.99 -3.76
CA VAL A 191 10.63 3.83 -4.97
C VAL A 191 9.38 2.99 -4.70
N LEU A 192 8.31 3.33 -5.40
CA LEU A 192 7.04 2.65 -5.24
C LEU A 192 6.92 1.47 -6.20
N LYS A 193 7.27 0.28 -5.71
CA LYS A 193 7.08 -0.95 -6.48
C LYS A 193 5.61 -1.38 -6.48
N GLN A 194 4.99 -1.37 -7.65
CA GLN A 194 3.59 -1.76 -7.78
C GLN A 194 3.42 -3.28 -7.69
N VAL A 195 2.19 -3.71 -7.44
CA VAL A 195 1.88 -5.12 -7.24
C VAL A 195 0.79 -5.60 -8.20
N MET A 196 0.76 -6.91 -8.44
CA MET A 196 -0.32 -7.53 -9.20
C MET A 196 -1.66 -7.32 -8.49
N LYS A 197 -2.69 -7.01 -9.26
CA LYS A 197 -3.98 -6.63 -8.69
C LYS A 197 -5.10 -7.56 -9.14
N PRO A 198 -5.91 -8.09 -8.20
CA PRO A 198 -7.08 -8.91 -8.52
C PRO A 198 -8.09 -8.15 -9.36
N LEU A 199 -8.78 -8.84 -10.26
CA LEU A 199 -9.71 -8.21 -11.19
C LEU A 199 -11.13 -8.66 -10.90
N ARG A 200 -12.07 -8.26 -11.74
CA ARG A 200 -13.49 -8.52 -11.48
C ARG A 200 -13.94 -9.81 -12.16
N TRP A 201 -13.04 -10.77 -12.25
CA TRP A 201 -13.36 -12.05 -12.88
C TRP A 201 -13.44 -13.15 -11.82
N SER A 202 -14.41 -14.03 -11.97
CA SER A 202 -14.63 -15.11 -11.03
C SER A 202 -13.62 -16.26 -11.25
N ASN A 203 -12.71 -16.06 -12.22
CA ASN A 203 -11.57 -16.97 -12.45
C ASN A 203 -11.96 -18.24 -13.20
N MET A 204 -13.15 -18.28 -13.80
CA MET A 204 -13.58 -19.47 -14.54
C MET A 204 -14.58 -19.10 -15.62
N ALA A 205 -14.92 -20.10 -16.46
CA ALA A 205 -16.02 -20.02 -17.43
C ALA A 205 -15.73 -19.05 -18.57
N THR A 206 -15.76 -17.76 -18.27
CA THR A 206 -15.62 -16.73 -19.28
C THR A 206 -14.16 -16.52 -19.69
N MET A 207 -13.91 -15.43 -20.39
CA MET A 207 -12.60 -15.14 -20.96
C MET A 207 -12.44 -13.64 -21.24
N PRO A 208 -13.38 -13.01 -22.00
CA PRO A 208 -13.34 -11.55 -22.23
C PRO A 208 -13.30 -10.76 -20.92
N THR A 209 -12.10 -10.28 -20.59
CA THR A 209 -11.86 -9.54 -19.36
C THR A 209 -10.37 -9.26 -19.22
N LEU A 210 -9.57 -10.04 -19.96
CA LEU A 210 -8.13 -9.83 -20.00
C LEU A 210 -7.79 -8.83 -21.11
N PRO A 211 -6.73 -8.03 -20.92
CA PRO A 211 -6.28 -7.06 -21.93
C PRO A 211 -5.85 -7.75 -23.23
N GLU A 212 -6.20 -7.15 -24.36
CA GLU A 212 -5.87 -7.71 -25.66
C GLU A 212 -4.68 -6.99 -26.28
N THR A 213 -4.01 -6.16 -25.49
CA THR A 213 -2.86 -5.42 -25.97
C THR A 213 -1.56 -6.05 -25.45
N GLN A 214 -0.55 -6.10 -26.33
CA GLN A 214 0.74 -6.72 -26.01
C GLN A 214 1.37 -6.10 -24.77
N ALA A 215 1.29 -4.78 -24.65
CA ALA A 215 1.93 -4.08 -23.55
C ALA A 215 1.32 -4.46 -22.20
N GLY A 216 0.00 -4.37 -22.12
CA GLY A 216 -0.71 -4.71 -20.90
C GLY A 216 -0.44 -6.13 -20.44
N ILE A 217 -0.38 -7.05 -21.39
CA ILE A 217 -0.16 -8.45 -21.09
C ILE A 217 1.28 -8.67 -20.61
N LYS A 218 2.22 -8.07 -21.34
CA LYS A 218 3.64 -8.22 -21.03
C LYS A 218 3.93 -7.78 -19.60
N GLU A 219 3.44 -6.60 -19.24
CA GLU A 219 3.70 -6.03 -17.93
C GLU A 219 3.15 -6.91 -16.81
N GLU A 220 1.90 -7.35 -16.94
CA GLU A 220 1.27 -8.12 -15.88
C GLU A 220 1.76 -9.57 -15.85
N ILE A 221 2.26 -10.08 -16.98
CA ILE A 221 2.90 -11.39 -16.97
C ILE A 221 4.11 -11.37 -16.06
N ARG A 222 4.89 -10.29 -16.13
CA ARG A 222 6.01 -10.08 -15.24
C ARG A 222 5.55 -10.18 -13.79
N ARG A 223 4.48 -9.44 -13.47
CA ARG A 223 3.96 -9.40 -12.11
C ARG A 223 3.50 -10.79 -11.67
N GLN A 224 2.77 -11.45 -12.56
CA GLN A 224 2.17 -12.75 -12.25
C GLN A 224 3.25 -13.78 -11.94
N GLU A 225 4.23 -13.90 -12.83
CA GLU A 225 5.24 -14.95 -12.71
C GLU A 225 6.12 -14.75 -11.48
N PHE A 226 6.27 -13.52 -11.01
CA PHE A 226 6.99 -13.27 -9.77
C PHE A 226 6.22 -13.83 -8.59
N LEU A 227 4.90 -13.63 -8.61
CA LEU A 227 4.04 -14.18 -7.58
C LEU A 227 3.96 -15.70 -7.76
N LEU A 228 4.11 -16.13 -8.99
CA LEU A 228 3.96 -17.53 -9.33
C LEU A 228 5.14 -18.34 -8.82
N ASN A 229 6.35 -17.94 -9.22
CA ASN A 229 7.55 -18.71 -8.90
C ASN A 229 7.83 -18.69 -7.40
N CYS A 230 7.57 -17.56 -6.75
CA CYS A 230 7.84 -17.46 -5.32
C CYS A 230 6.92 -18.38 -4.55
N LEU A 231 5.62 -18.29 -4.81
CA LEU A 231 4.64 -19.13 -4.13
C LEU A 231 4.92 -20.61 -4.39
N HIS A 232 5.14 -20.93 -5.66
CA HIS A 232 5.45 -22.29 -6.08
C HIS A 232 6.64 -22.84 -5.30
N ARG A 233 7.69 -22.04 -5.20
CA ARG A 233 8.92 -22.43 -4.49
C ARG A 233 8.72 -22.44 -2.97
N ASP A 234 7.97 -21.47 -2.47
CA ASP A 234 7.82 -21.25 -1.03
C ASP A 234 7.18 -22.44 -0.32
N LEU A 235 6.30 -23.15 -1.03
CA LEU A 235 5.58 -24.30 -0.47
C LEU A 235 6.53 -25.40 0.04
N GLN A 236 7.78 -25.31 -0.37
CA GLN A 236 8.76 -26.35 -0.07
C GLN A 236 9.39 -26.10 1.30
N GLY A 237 9.02 -24.99 1.92
CA GLY A 237 9.50 -24.69 3.25
C GLY A 237 8.63 -25.31 4.33
N GLY A 238 8.14 -26.53 4.07
CA GLY A 238 7.24 -27.19 4.99
C GLY A 238 5.86 -26.57 4.98
N ILE A 239 5.40 -26.19 3.80
CA ILE A 239 4.13 -25.52 3.67
C ILE A 239 3.13 -26.36 2.88
N LYS A 240 2.13 -26.86 3.57
CA LYS A 240 1.07 -27.63 2.94
C LYS A 240 -0.28 -27.02 3.25
N ASP A 241 -0.65 -26.04 2.47
CA ASP A 241 -1.92 -25.36 2.63
C ASP A 241 -2.71 -25.42 1.34
N LEU A 242 -3.95 -25.89 1.43
CA LEU A 242 -4.83 -25.94 0.28
C LEU A 242 -5.17 -24.52 -0.15
N SER A 243 -5.17 -23.63 0.83
CA SER A 243 -5.41 -22.22 0.59
C SER A 243 -4.35 -21.68 -0.37
N LYS A 244 -3.09 -22.00 -0.08
CA LYS A 244 -1.98 -21.58 -0.92
C LYS A 244 -2.06 -22.27 -2.27
N GLU A 245 -2.25 -23.59 -2.24
CA GLU A 245 -2.27 -24.40 -3.46
C GLU A 245 -3.39 -24.00 -4.40
N GLU A 246 -4.64 -24.07 -3.94
CA GLU A 246 -5.79 -23.70 -4.78
C GLU A 246 -5.63 -22.31 -5.39
N ARG A 247 -5.16 -21.34 -4.60
CA ARG A 247 -4.94 -19.99 -5.15
C ARG A 247 -3.78 -19.99 -6.15
N LEU A 248 -2.87 -20.96 -5.99
CA LEU A 248 -1.73 -21.10 -6.89
C LEU A 248 -2.17 -21.66 -8.26
N TRP A 249 -3.09 -22.62 -8.27
CA TRP A 249 -3.59 -23.17 -9.54
C TRP A 249 -4.43 -22.11 -10.22
N GLU A 250 -5.04 -21.30 -9.39
CA GLU A 250 -5.91 -20.23 -9.85
C GLU A 250 -5.11 -19.23 -10.69
N VAL A 251 -4.00 -18.74 -10.14
CA VAL A 251 -3.14 -17.80 -10.86
C VAL A 251 -2.56 -18.46 -12.12
N GLN A 252 -2.25 -19.74 -12.01
CA GLN A 252 -1.75 -20.51 -13.14
C GLN A 252 -2.76 -20.56 -14.28
N ARG A 253 -4.04 -20.74 -13.94
CA ARG A 253 -5.10 -20.70 -14.96
C ARG A 253 -5.14 -19.33 -15.63
N ILE A 254 -4.85 -18.31 -14.84
CA ILE A 254 -4.90 -16.94 -15.33
C ILE A 254 -3.71 -16.68 -16.24
N LEU A 255 -2.53 -17.08 -15.77
CA LEU A 255 -1.31 -16.91 -16.54
C LEU A 255 -1.37 -17.68 -17.84
N THR A 256 -2.00 -18.85 -17.82
CA THR A 256 -2.14 -19.66 -19.02
C THR A 256 -2.89 -18.90 -20.11
N ALA A 257 -4.04 -18.34 -19.77
CA ALA A 257 -4.78 -17.48 -20.68
C ALA A 257 -3.95 -16.29 -21.11
N LEU A 258 -3.23 -15.71 -20.15
CA LEU A 258 -2.42 -14.53 -20.42
C LEU A 258 -1.28 -14.86 -21.38
N LYS A 259 -0.72 -16.06 -21.27
CA LYS A 259 0.31 -16.53 -22.18
C LYS A 259 -0.26 -16.77 -23.57
N ARG A 260 -1.49 -17.27 -23.63
CA ARG A 260 -2.17 -17.44 -24.90
C ARG A 260 -2.32 -16.11 -25.61
N LYS A 261 -2.83 -15.11 -24.88
CA LYS A 261 -3.04 -13.80 -25.43
C LYS A 261 -1.71 -13.05 -25.66
N LEU A 262 -0.66 -13.49 -24.98
CA LEU A 262 0.68 -12.91 -25.17
C LEU A 262 1.12 -13.08 -26.61
N ARG A 263 0.79 -14.22 -27.20
CA ARG A 263 1.12 -14.49 -28.59
C ARG A 263 -0.10 -14.30 -29.46
N GLU A 264 -1.08 -13.61 -28.90
CA GLU A 264 -2.32 -13.30 -29.59
C GLU A 264 -2.26 -11.85 -30.08
N ALA A 265 -1.60 -11.01 -29.29
CA ALA A 265 -1.52 -9.59 -29.55
C ALA A 265 -0.22 -9.24 -30.27
N HIS A 1 -11.43 -20.02 22.55
CA HIS A 1 -10.26 -19.66 21.71
C HIS A 1 -10.70 -18.79 20.55
N MET A 2 -9.74 -18.17 19.89
CA MET A 2 -10.04 -17.27 18.78
C MET A 2 -10.18 -18.04 17.49
N PRO A 3 -11.17 -17.68 16.66
CA PRO A 3 -11.40 -18.33 15.37
C PRO A 3 -10.28 -18.07 14.37
N ASN A 4 -9.56 -16.99 14.58
CA ASN A 4 -8.43 -16.64 13.71
C ASN A 4 -7.37 -15.91 14.51
N LEU A 5 -6.12 -16.13 14.15
CA LEU A 5 -4.99 -15.55 14.86
C LEU A 5 -4.56 -14.24 14.21
N LYS A 6 -4.60 -13.17 15.01
CA LYS A 6 -4.25 -11.82 14.55
C LYS A 6 -5.08 -11.39 13.34
N PRO A 7 -6.26 -10.81 13.59
CA PRO A 7 -7.08 -10.25 12.52
C PRO A 7 -6.48 -8.94 12.00
N ILE A 8 -6.39 -8.83 10.68
CA ILE A 8 -5.93 -7.63 9.97
C ILE A 8 -6.09 -6.31 10.74
N PHE A 9 -7.24 -6.10 11.38
CA PHE A 9 -7.46 -4.86 12.12
C PHE A 9 -7.34 -5.08 13.62
N GLY A 10 -7.07 -4.01 14.36
CA GLY A 10 -6.77 -4.13 15.78
C GLY A 10 -5.48 -4.88 16.07
N ILE A 11 -4.46 -4.72 15.24
CA ILE A 11 -3.16 -5.37 15.47
C ILE A 11 -1.99 -4.46 15.14
N PRO A 12 -0.80 -4.76 15.69
CA PRO A 12 0.45 -4.04 15.37
C PRO A 12 0.82 -4.16 13.89
N LEU A 13 1.71 -3.27 13.45
CA LEU A 13 2.05 -3.16 12.04
C LEU A 13 2.68 -4.46 11.53
N ALA A 14 3.73 -4.91 12.19
CA ALA A 14 4.38 -6.19 11.84
C ALA A 14 3.38 -7.35 11.74
N ASP A 15 2.55 -7.48 12.78
CA ASP A 15 1.49 -8.50 12.77
C ASP A 15 0.60 -8.39 11.53
N ALA A 16 0.27 -7.17 11.14
CA ALA A 16 -0.50 -6.95 9.92
C ALA A 16 0.31 -7.35 8.69
N VAL A 17 1.60 -7.10 8.73
CA VAL A 17 2.51 -7.45 7.65
C VAL A 17 2.56 -8.95 7.41
N GLU A 18 2.84 -9.68 8.48
CA GLU A 18 3.01 -11.13 8.42
C GLU A 18 1.72 -11.80 8.05
N ARG A 19 0.62 -11.17 8.41
CA ARG A 19 -0.70 -11.71 8.16
C ARG A 19 -1.13 -11.47 6.72
N THR A 20 -0.91 -10.26 6.20
CA THR A 20 -1.42 -9.95 4.87
C THR A 20 -0.54 -10.49 3.74
N MET A 21 0.77 -10.17 3.76
CA MET A 21 1.69 -10.52 2.65
C MET A 21 1.10 -10.25 1.25
N MET A 22 1.93 -10.49 0.23
CA MET A 22 1.46 -10.43 -1.16
C MET A 22 2.56 -10.77 -2.15
N TYR A 23 3.33 -9.79 -2.56
CA TYR A 23 4.29 -9.99 -3.62
C TYR A 23 5.69 -10.24 -3.06
N ASP A 24 6.40 -9.18 -2.76
CA ASP A 24 7.83 -9.28 -2.43
C ASP A 24 8.08 -9.79 -1.02
N GLY A 25 7.13 -9.62 -0.12
CA GLY A 25 7.32 -10.08 1.25
C GLY A 25 8.36 -9.24 1.98
N ILE A 26 8.48 -8.00 1.54
CA ILE A 26 9.49 -7.07 2.05
C ILE A 26 9.05 -6.40 3.35
N ARG A 27 8.28 -7.12 4.16
CA ARG A 27 7.77 -6.60 5.42
C ARG A 27 6.89 -5.36 5.17
N LEU A 28 5.73 -5.58 4.55
CA LEU A 28 4.81 -4.50 4.21
C LEU A 28 3.42 -5.10 4.07
N PRO A 29 2.39 -4.49 4.67
CA PRO A 29 1.01 -4.97 4.54
C PRO A 29 0.53 -4.85 3.10
N ALA A 30 -0.29 -5.79 2.64
CA ALA A 30 -0.74 -5.79 1.25
C ALA A 30 -1.65 -4.60 1.00
N VAL A 31 -2.58 -4.39 1.92
CA VAL A 31 -3.50 -3.26 1.87
C VAL A 31 -2.78 -1.96 1.52
N PHE A 32 -1.65 -1.73 2.18
CA PHE A 32 -0.87 -0.53 1.95
C PHE A 32 -0.42 -0.44 0.50
N ARG A 33 0.10 -1.53 -0.04
CA ARG A 33 0.65 -1.51 -1.39
C ARG A 33 -0.48 -1.45 -2.42
N GLU A 34 -1.60 -2.11 -2.12
CA GLU A 34 -2.75 -2.10 -3.02
C GLU A 34 -3.37 -0.70 -3.14
N CYS A 35 -3.35 0.05 -2.05
CA CYS A 35 -3.88 1.40 -2.08
C CYS A 35 -2.86 2.34 -2.70
N ILE A 36 -1.57 2.06 -2.46
CA ILE A 36 -0.49 2.86 -3.02
C ILE A 36 -0.44 2.73 -4.54
N ASP A 37 -0.59 1.51 -5.06
CA ASP A 37 -0.48 1.28 -6.49
C ASP A 37 -1.66 1.93 -7.21
N TYR A 38 -2.88 1.74 -6.68
CA TYR A 38 -4.07 2.23 -7.37
C TYR A 38 -4.01 3.74 -7.57
N VAL A 39 -3.69 4.47 -6.49
CA VAL A 39 -3.56 5.91 -6.58
C VAL A 39 -2.44 6.30 -7.53
N GLU A 40 -1.31 5.59 -7.42
CA GLU A 40 -0.14 5.87 -8.23
C GLU A 40 -0.44 5.66 -9.72
N LYS A 41 -1.36 4.74 -10.00
CA LYS A 41 -1.74 4.40 -11.36
C LYS A 41 -2.73 5.39 -11.95
N TYR A 42 -3.83 5.64 -11.24
CA TYR A 42 -4.96 6.34 -11.85
C TYR A 42 -5.46 7.51 -10.99
N GLY A 43 -4.97 7.62 -9.75
CA GLY A 43 -5.50 8.63 -8.85
C GLY A 43 -4.54 9.81 -8.70
N MET A 44 -3.80 10.05 -9.75
CA MET A 44 -2.75 11.07 -9.72
C MET A 44 -3.20 12.37 -10.37
N LYS A 45 -4.12 12.27 -11.33
CA LYS A 45 -4.65 13.44 -12.01
C LYS A 45 -5.97 13.89 -11.39
N CYS A 46 -6.22 13.45 -10.17
CA CYS A 46 -7.43 13.79 -9.46
C CYS A 46 -7.21 15.06 -8.66
N GLU A 47 -7.73 16.18 -9.17
CA GLU A 47 -7.54 17.48 -8.53
C GLU A 47 -8.12 17.49 -7.13
N GLY A 48 -7.25 17.49 -6.13
CA GLY A 48 -7.72 17.58 -4.76
C GLY A 48 -7.75 16.22 -4.11
N ILE A 49 -7.02 15.30 -4.72
CA ILE A 49 -6.95 13.92 -4.28
C ILE A 49 -6.40 13.82 -2.86
N TYR A 50 -6.89 12.81 -2.13
CA TYR A 50 -6.48 12.56 -0.75
C TYR A 50 -7.11 13.55 0.21
N ARG A 51 -7.94 14.44 -0.30
CA ARG A 51 -8.59 15.43 0.52
C ARG A 51 -10.09 15.15 0.50
N VAL A 52 -10.44 14.09 -0.20
CA VAL A 52 -11.82 13.65 -0.34
C VAL A 52 -12.01 12.35 0.43
N SER A 53 -13.20 12.12 0.95
CA SER A 53 -13.50 10.93 1.71
C SER A 53 -13.91 9.80 0.78
N GLY A 54 -14.94 10.07 -0.01
CA GLY A 54 -15.48 9.05 -0.90
C GLY A 54 -16.67 8.34 -0.29
N ILE A 55 -16.99 7.17 -0.81
CA ILE A 55 -18.08 6.39 -0.26
C ILE A 55 -17.65 5.64 1.00
N LYS A 56 -17.98 6.22 2.15
CA LYS A 56 -17.61 5.67 3.45
C LYS A 56 -18.18 4.27 3.63
N SER A 57 -19.33 4.04 3.03
CA SER A 57 -20.02 2.75 3.07
C SER A 57 -19.16 1.63 2.44
N LYS A 58 -18.31 1.98 1.48
CA LYS A 58 -17.49 0.99 0.80
C LYS A 58 -16.26 0.67 1.63
N VAL A 59 -15.80 1.69 2.35
CA VAL A 59 -14.56 1.62 3.11
C VAL A 59 -14.61 0.53 4.17
N ASP A 60 -15.68 0.52 4.96
CA ASP A 60 -15.84 -0.47 6.03
C ASP A 60 -16.14 -1.84 5.44
N GLU A 61 -16.66 -1.83 4.22
CA GLU A 61 -16.98 -3.06 3.52
C GLU A 61 -15.68 -3.76 3.11
N LEU A 62 -14.74 -2.95 2.61
CA LEU A 62 -13.42 -3.44 2.27
C LEU A 62 -12.71 -4.00 3.49
N LYS A 63 -12.79 -3.28 4.61
CA LYS A 63 -12.16 -3.74 5.86
C LYS A 63 -12.65 -5.13 6.21
N ALA A 64 -13.94 -5.35 5.96
CA ALA A 64 -14.56 -6.62 6.27
C ALA A 64 -13.97 -7.75 5.41
N ALA A 65 -13.73 -7.43 4.14
CA ALA A 65 -13.20 -8.43 3.20
C ALA A 65 -11.72 -8.71 3.45
N TYR A 66 -10.94 -7.65 3.71
CA TYR A 66 -9.50 -7.82 4.00
C TYR A 66 -9.30 -8.70 5.22
N ASP A 67 -10.06 -8.40 6.28
CA ASP A 67 -9.88 -9.05 7.58
C ASP A 67 -10.20 -10.55 7.51
N ARG A 68 -11.10 -10.92 6.62
CA ARG A 68 -11.56 -12.31 6.55
C ARG A 68 -10.94 -13.06 5.36
N GLU A 69 -9.94 -12.46 4.73
CA GLU A 69 -9.30 -13.03 3.54
C GLU A 69 -10.33 -13.30 2.44
N GLU A 70 -10.97 -12.24 1.99
CA GLU A 70 -11.92 -12.32 0.89
C GLU A 70 -11.37 -11.60 -0.32
N SER A 71 -12.16 -11.55 -1.39
CA SER A 71 -11.70 -10.96 -2.65
C SER A 71 -11.96 -9.46 -2.66
N THR A 72 -10.89 -8.69 -2.83
CA THR A 72 -10.98 -7.24 -2.87
C THR A 72 -10.37 -6.68 -4.15
N ASN A 73 -11.21 -6.07 -4.97
CA ASN A 73 -10.75 -5.40 -6.17
C ASN A 73 -10.81 -3.88 -6.00
N LEU A 74 -9.66 -3.25 -5.83
CA LEU A 74 -9.60 -1.82 -5.59
C LEU A 74 -9.80 -1.00 -6.86
N GLU A 75 -9.77 -1.65 -8.01
CA GLU A 75 -9.79 -0.94 -9.29
C GLU A 75 -11.18 -0.35 -9.57
N ASP A 76 -12.19 -0.83 -8.86
CA ASP A 76 -13.56 -0.38 -9.07
C ASP A 76 -13.93 0.74 -8.10
N TYR A 77 -13.12 0.90 -7.06
CA TYR A 77 -13.41 1.90 -6.04
C TYR A 77 -12.68 3.20 -6.37
N GLU A 78 -13.09 4.28 -5.72
CA GLU A 78 -12.47 5.58 -5.94
C GLU A 78 -11.07 5.62 -5.33
N PRO A 79 -10.15 6.40 -5.93
CA PRO A 79 -8.79 6.57 -5.39
C PRO A 79 -8.82 7.17 -4.00
N ASN A 80 -9.65 8.19 -3.83
CA ASN A 80 -9.90 8.78 -2.52
C ASN A 80 -10.50 7.75 -1.55
N THR A 81 -11.34 6.85 -2.05
CA THR A 81 -11.99 5.85 -1.21
C THR A 81 -10.99 4.78 -0.76
N VAL A 82 -10.12 4.32 -1.65
CA VAL A 82 -9.07 3.38 -1.28
C VAL A 82 -8.06 4.06 -0.34
N ALA A 83 -7.81 5.34 -0.58
CA ALA A 83 -6.93 6.15 0.28
C ALA A 83 -7.53 6.30 1.67
N SER A 84 -8.85 6.36 1.74
CA SER A 84 -9.55 6.48 3.01
C SER A 84 -9.55 5.15 3.70
N LEU A 85 -9.69 4.09 2.90
CA LEU A 85 -9.53 2.74 3.39
C LEU A 85 -8.12 2.58 3.95
N LEU A 86 -7.14 3.18 3.28
CA LEU A 86 -5.75 3.12 3.69
C LEU A 86 -5.54 3.84 5.02
N LYS A 87 -5.96 5.10 5.09
CA LYS A 87 -5.76 5.89 6.31
C LYS A 87 -6.56 5.29 7.47
N GLN A 88 -7.69 4.71 7.16
CA GLN A 88 -8.52 4.07 8.17
C GLN A 88 -7.87 2.77 8.62
N TYR A 89 -7.51 1.93 7.66
CA TYR A 89 -6.75 0.72 7.94
C TYR A 89 -5.56 1.00 8.85
N LEU A 90 -4.86 2.10 8.61
CA LEU A 90 -3.71 2.46 9.42
C LEU A 90 -4.16 2.90 10.82
N ARG A 91 -5.27 3.63 10.89
CA ARG A 91 -5.81 4.11 12.15
C ARG A 91 -6.17 2.96 13.08
N ASP A 92 -6.94 2.00 12.57
CA ASP A 92 -7.32 0.81 13.33
C ASP A 92 -6.13 0.02 13.86
N LEU A 93 -4.94 0.35 13.42
CA LEU A 93 -3.74 -0.29 13.93
C LEU A 93 -3.24 0.47 15.16
N PRO A 94 -3.22 -0.18 16.33
CA PRO A 94 -2.81 0.44 17.59
C PRO A 94 -1.35 0.89 17.57
N GLU A 95 -0.58 0.35 16.63
CA GLU A 95 0.82 0.68 16.51
C GLU A 95 1.05 1.63 15.34
N ASN A 96 1.75 2.73 15.61
CA ASN A 96 2.02 3.74 14.61
C ASN A 96 3.32 3.43 13.89
N LEU A 97 3.63 4.23 12.87
CA LEU A 97 4.90 4.12 12.17
C LEU A 97 6.04 4.45 13.12
N LEU A 98 5.86 5.56 13.82
CA LEU A 98 6.85 6.04 14.77
C LEU A 98 6.53 5.51 16.16
N THR A 99 5.42 4.78 16.24
CA THR A 99 4.85 4.33 17.50
C THR A 99 4.68 5.50 18.48
N LYS A 100 4.27 5.18 19.69
CA LYS A 100 4.10 6.20 20.73
C LYS A 100 5.46 6.75 21.15
N GLU A 101 6.46 5.89 20.99
CA GLU A 101 7.83 6.20 21.38
C GLU A 101 8.42 7.39 20.62
N LEU A 102 8.48 7.30 19.29
CA LEU A 102 9.14 8.34 18.49
C LEU A 102 8.16 9.44 18.06
N MET A 103 6.86 9.19 18.16
CA MET A 103 5.84 10.14 17.71
C MET A 103 6.02 11.55 18.34
N PRO A 104 6.06 11.69 19.68
CA PRO A 104 6.21 12.99 20.34
C PRO A 104 7.58 13.61 20.07
N ARG A 105 8.53 12.79 19.62
CA ARG A 105 9.88 13.25 19.34
C ARG A 105 9.93 14.10 18.09
N PHE A 106 8.89 14.00 17.27
CA PHE A 106 8.81 14.78 16.05
C PHE A 106 8.60 16.26 16.36
N GLU A 107 7.87 16.56 17.42
CA GLU A 107 7.70 17.95 17.85
C GLU A 107 9.05 18.54 18.27
N GLU A 108 9.89 17.72 18.88
CA GLU A 108 11.25 18.11 19.23
C GLU A 108 12.03 18.44 17.96
N ALA A 109 11.92 17.56 16.97
CA ALA A 109 12.58 17.72 15.69
C ALA A 109 11.97 18.87 14.89
N CYS A 110 10.73 19.21 15.20
CA CYS A 110 10.00 20.20 14.42
C CYS A 110 10.47 21.59 14.84
N GLY A 111 10.83 21.70 16.11
CA GLY A 111 11.28 22.96 16.65
C GLY A 111 12.79 23.04 16.79
N ARG A 112 13.50 22.35 15.91
CA ARG A 112 14.95 22.44 15.90
C ARG A 112 15.40 23.76 15.31
N THR A 113 16.54 24.25 15.74
CA THR A 113 17.07 25.51 15.25
C THR A 113 17.44 25.41 13.78
N THR A 114 17.74 24.20 13.32
CA THR A 114 18.20 24.02 11.96
C THR A 114 17.51 22.82 11.32
N GLU A 115 17.23 22.90 10.03
CA GLU A 115 16.61 21.79 9.29
C GLU A 115 17.51 20.57 9.34
N THR A 116 18.81 20.81 9.43
CA THR A 116 19.78 19.75 9.57
C THR A 116 19.50 18.99 10.86
N GLU A 117 19.33 19.73 11.95
CA GLU A 117 19.02 19.13 13.25
C GLU A 117 17.72 18.36 13.18
N LYS A 118 16.78 18.86 12.36
CA LYS A 118 15.49 18.22 12.23
C LYS A 118 15.63 16.86 11.57
N VAL A 119 16.15 16.85 10.35
CA VAL A 119 16.39 15.59 9.64
C VAL A 119 17.25 14.63 10.45
N GLN A 120 18.22 15.15 11.23
CA GLN A 120 19.01 14.30 12.14
C GLN A 120 18.11 13.56 13.12
N GLU A 121 17.18 14.28 13.75
CA GLU A 121 16.26 13.66 14.71
C GLU A 121 15.36 12.64 14.00
N PHE A 122 14.79 13.03 12.86
CA PHE A 122 14.00 12.10 12.04
C PHE A 122 14.77 10.81 11.79
N GLN A 123 16.00 10.98 11.32
CA GLN A 123 16.91 9.85 11.13
C GLN A 123 16.99 8.99 12.39
N ARG A 124 17.19 9.62 13.54
CA ARG A 124 17.26 8.91 14.82
C ARG A 124 15.96 8.17 15.10
N LEU A 125 14.83 8.86 14.93
CA LEU A 125 13.53 8.25 15.16
C LEU A 125 13.37 7.00 14.31
N LEU A 126 13.64 7.16 13.02
CA LEU A 126 13.57 6.06 12.06
C LEU A 126 14.45 4.87 12.43
N LYS A 127 15.55 5.12 13.15
CA LYS A 127 16.40 4.04 13.62
C LYS A 127 15.65 3.19 14.63
N GLU A 128 15.02 3.88 15.55
CA GLU A 128 14.26 3.28 16.65
C GLU A 128 12.97 2.61 16.16
N LEU A 129 12.87 2.31 14.87
CA LEU A 129 11.66 1.72 14.32
C LEU A 129 11.91 0.25 13.95
N PRO A 130 10.85 -0.57 14.00
CA PRO A 130 10.91 -1.94 13.48
C PRO A 130 11.11 -1.96 11.96
N GLU A 131 11.57 -3.09 11.45
CA GLU A 131 11.86 -3.24 10.01
C GLU A 131 10.64 -2.88 9.18
N CYS A 132 9.50 -3.48 9.51
CA CYS A 132 8.26 -3.25 8.79
C CYS A 132 7.88 -1.78 8.79
N ASN A 133 8.11 -1.11 9.91
CA ASN A 133 7.74 0.29 10.05
C ASN A 133 8.66 1.19 9.24
N TYR A 134 9.95 0.86 9.23
CA TYR A 134 10.94 1.66 8.55
C TYR A 134 10.67 1.71 7.04
N LEU A 135 10.34 0.57 6.46
CA LEU A 135 10.04 0.56 5.04
C LEU A 135 8.68 1.19 4.76
N LEU A 136 7.73 0.98 5.68
CA LEU A 136 6.39 1.53 5.53
C LEU A 136 6.45 3.06 5.58
N ILE A 137 7.17 3.61 6.57
CA ILE A 137 7.26 5.06 6.72
C ILE A 137 7.89 5.68 5.47
N SER A 138 8.96 5.05 4.97
CA SER A 138 9.55 5.44 3.69
C SER A 138 8.50 5.55 2.59
N TRP A 139 7.68 4.52 2.45
CA TRP A 139 6.75 4.44 1.34
C TRP A 139 5.60 5.41 1.48
N LEU A 140 5.02 5.45 2.67
CA LEU A 140 3.85 6.26 2.93
C LEU A 140 4.14 7.73 2.61
N ILE A 141 5.31 8.18 3.04
CA ILE A 141 5.67 9.58 2.88
C ILE A 141 6.14 9.87 1.44
N VAL A 142 6.94 8.97 0.88
CA VAL A 142 7.42 9.14 -0.51
C VAL A 142 6.26 9.08 -1.50
N HIS A 143 5.34 8.14 -1.31
CA HIS A 143 4.19 8.05 -2.20
C HIS A 143 3.31 9.29 -2.07
N MET A 144 3.20 9.83 -0.87
CA MET A 144 2.38 11.00 -0.65
C MET A 144 3.07 12.23 -1.23
N ASP A 145 4.41 12.21 -1.21
CA ASP A 145 5.22 13.28 -1.79
C ASP A 145 5.13 13.23 -3.31
N HIS A 146 4.97 12.02 -3.85
CA HIS A 146 4.79 11.83 -5.27
C HIS A 146 3.48 12.49 -5.71
N VAL A 147 2.46 12.39 -4.84
CA VAL A 147 1.18 13.09 -5.07
C VAL A 147 1.39 14.59 -5.01
N ILE A 148 2.34 15.05 -4.20
CA ILE A 148 2.63 16.47 -4.10
C ILE A 148 2.98 17.04 -5.46
N ALA A 149 3.88 16.36 -6.16
CA ALA A 149 4.25 16.76 -7.52
C ALA A 149 3.05 16.66 -8.44
N LYS A 150 2.21 15.67 -8.20
CA LYS A 150 1.01 15.49 -9.00
C LYS A 150 -0.02 16.57 -8.71
N GLU A 151 -0.11 16.99 -7.45
CA GLU A 151 -0.98 18.07 -7.07
C GLU A 151 -0.44 19.40 -7.58
N LEU A 152 0.86 19.43 -7.85
CA LEU A 152 1.46 20.57 -8.49
C LEU A 152 0.95 20.70 -9.92
N GLU A 153 0.69 19.56 -10.56
CA GLU A 153 0.10 19.60 -11.89
C GLU A 153 -1.43 19.64 -11.86
N THR A 154 -2.07 19.05 -10.84
CA THR A 154 -3.53 19.04 -10.81
C THR A 154 -4.09 20.36 -10.27
N LYS A 155 -3.54 20.84 -9.13
CA LYS A 155 -3.86 22.18 -8.58
C LYS A 155 -3.42 22.41 -7.13
N MET A 156 -3.43 21.36 -6.31
CA MET A 156 -3.29 21.56 -4.86
C MET A 156 -1.85 21.78 -4.43
N ASN A 157 -1.61 21.65 -3.14
CA ASN A 157 -0.35 22.07 -2.54
C ASN A 157 0.10 21.10 -1.47
N ILE A 158 1.37 21.17 -1.12
CA ILE A 158 1.96 20.36 -0.06
C ILE A 158 1.17 20.51 1.23
N GLN A 159 0.72 21.74 1.50
CA GLN A 159 0.03 22.06 2.74
C GLN A 159 -1.25 21.23 2.90
N ASN A 160 -2.04 21.16 1.84
CA ASN A 160 -3.35 20.47 1.91
C ASN A 160 -3.17 18.97 2.11
N ILE A 161 -2.18 18.40 1.45
CA ILE A 161 -1.88 16.99 1.61
C ILE A 161 -1.36 16.72 3.03
N SER A 162 -0.66 17.70 3.59
CA SER A 162 -0.17 17.58 4.96
C SER A 162 -1.32 17.59 5.96
N ILE A 163 -2.39 18.32 5.62
CA ILE A 163 -3.54 18.45 6.50
C ILE A 163 -4.31 17.15 6.57
N VAL A 164 -4.41 16.47 5.44
CA VAL A 164 -5.19 15.25 5.35
C VAL A 164 -4.36 14.05 5.85
N LEU A 165 -3.06 14.08 5.60
CA LEU A 165 -2.18 13.03 6.10
C LEU A 165 -1.97 13.15 7.61
N SER A 166 -2.23 14.33 8.18
CA SER A 166 -2.07 14.57 9.61
C SER A 166 -2.90 13.55 10.44
N PRO A 167 -4.24 13.50 10.26
CA PRO A 167 -5.09 12.53 10.97
C PRO A 167 -4.80 11.09 10.56
N THR A 168 -4.10 10.93 9.44
CA THR A 168 -3.82 9.60 8.91
C THR A 168 -2.81 8.86 9.77
N VAL A 169 -1.61 9.43 9.95
CA VAL A 169 -0.60 8.78 10.78
C VAL A 169 -0.71 9.20 12.24
N GLN A 170 -1.55 10.20 12.48
CA GLN A 170 -1.86 10.67 13.83
C GLN A 170 -0.74 11.53 14.39
N ILE A 171 -0.25 12.46 13.58
CA ILE A 171 0.79 13.39 14.00
C ILE A 171 0.38 14.82 13.63
N SER A 172 0.83 15.78 14.44
CA SER A 172 0.54 17.19 14.22
C SER A 172 0.75 17.63 12.76
N ASN A 173 -0.12 18.52 12.31
CA ASN A 173 -0.20 18.97 10.91
C ASN A 173 1.16 19.38 10.35
N ARG A 174 1.90 20.18 11.11
CA ARG A 174 3.17 20.75 10.63
C ARG A 174 4.16 19.66 10.23
N VAL A 175 4.08 18.54 10.93
CA VAL A 175 5.04 17.46 10.77
C VAL A 175 4.98 16.78 9.39
N LEU A 176 3.81 16.79 8.76
CA LEU A 176 3.67 16.10 7.48
C LEU A 176 4.36 16.87 6.36
N TYR A 177 4.05 18.16 6.26
CA TYR A 177 4.78 19.06 5.37
C TYR A 177 6.31 18.87 5.48
N VAL A 178 6.83 18.90 6.70
CA VAL A 178 8.25 18.70 6.92
C VAL A 178 8.64 17.25 6.66
N PHE A 179 7.68 16.35 6.84
CA PHE A 179 7.88 14.94 6.55
C PHE A 179 8.35 14.75 5.11
N PHE A 180 7.58 15.26 4.14
CA PHE A 180 7.91 15.00 2.74
C PHE A 180 9.20 15.72 2.34
N THR A 181 9.15 17.03 2.47
CA THR A 181 10.33 17.87 2.24
C THR A 181 11.62 17.17 2.73
N HIS A 182 11.62 16.70 3.95
CA HIS A 182 12.82 16.15 4.53
C HIS A 182 12.85 14.62 4.45
N VAL A 183 11.77 13.99 4.01
CA VAL A 183 11.79 12.56 3.74
C VAL A 183 12.75 12.27 2.60
N GLN A 184 12.76 13.13 1.58
CA GLN A 184 13.74 13.00 0.51
C GLN A 184 15.07 13.58 0.96
N GLU A 185 15.04 14.52 1.91
CA GLU A 185 16.26 14.86 2.64
C GLU A 185 16.89 13.59 3.24
N LEU A 186 16.06 12.59 3.53
CA LEU A 186 16.57 11.34 4.11
C LEU A 186 16.81 10.27 3.05
N PHE A 187 15.81 10.00 2.21
CA PHE A 187 15.95 8.99 1.15
C PHE A 187 15.95 9.66 -0.21
N GLY A 188 15.46 8.94 -1.22
CA GLY A 188 15.37 9.48 -2.54
C GLY A 188 15.54 8.40 -3.58
N ASN A 189 16.21 7.34 -3.16
CA ASN A 189 16.37 6.16 -3.99
C ASN A 189 15.22 5.21 -3.71
N VAL A 190 14.55 5.48 -2.60
CA VAL A 190 13.36 4.73 -2.20
C VAL A 190 12.34 4.75 -3.32
N VAL A 191 11.87 3.58 -3.66
CA VAL A 191 11.05 3.39 -4.84
C VAL A 191 9.76 2.65 -4.50
N LEU A 192 8.67 3.07 -5.13
CA LEU A 192 7.37 2.46 -4.94
C LEU A 192 7.19 1.28 -5.87
N LYS A 193 7.44 0.09 -5.37
CA LYS A 193 7.26 -1.13 -6.14
C LYS A 193 5.78 -1.51 -6.23
N GLN A 194 5.26 -1.55 -7.46
CA GLN A 194 3.86 -1.85 -7.70
C GLN A 194 3.55 -3.34 -7.52
N VAL A 195 2.27 -3.66 -7.42
CA VAL A 195 1.79 -5.03 -7.32
C VAL A 195 0.73 -5.31 -8.39
N MET A 196 0.55 -6.58 -8.74
CA MET A 196 -0.50 -6.97 -9.67
C MET A 196 -1.87 -6.79 -9.01
N LYS A 197 -2.91 -6.64 -9.83
CA LYS A 197 -4.25 -6.38 -9.33
C LYS A 197 -5.23 -7.43 -9.80
N PRO A 198 -6.27 -7.73 -9.01
CA PRO A 198 -7.36 -8.60 -9.42
C PRO A 198 -8.20 -7.96 -10.53
N LEU A 199 -8.74 -8.78 -11.40
CA LEU A 199 -9.55 -8.29 -12.51
C LEU A 199 -11.03 -8.40 -12.18
N ARG A 200 -11.88 -7.82 -13.02
CA ARG A 200 -13.33 -7.87 -12.82
C ARG A 200 -13.86 -9.27 -13.10
N TRP A 201 -13.02 -10.11 -13.69
CA TRP A 201 -13.41 -11.45 -14.07
C TRP A 201 -13.35 -12.39 -12.87
N SER A 202 -14.34 -13.25 -12.76
CA SER A 202 -14.46 -14.16 -11.62
C SER A 202 -13.51 -15.36 -11.75
N ASN A 203 -12.57 -15.25 -12.69
CA ASN A 203 -11.47 -16.22 -12.86
C ASN A 203 -11.87 -17.45 -13.68
N MET A 204 -13.17 -17.73 -13.81
CA MET A 204 -13.62 -18.84 -14.66
C MET A 204 -14.97 -18.50 -15.32
N ALA A 205 -15.59 -19.52 -15.95
CA ALA A 205 -16.87 -19.38 -16.65
C ALA A 205 -16.70 -18.63 -17.97
N THR A 206 -16.45 -17.33 -17.88
CA THR A 206 -16.21 -16.52 -19.06
C THR A 206 -14.78 -16.74 -19.55
N MET A 207 -14.37 -15.97 -20.55
CA MET A 207 -13.02 -16.06 -21.09
C MET A 207 -12.65 -14.72 -21.73
N PRO A 208 -13.45 -14.22 -22.70
CA PRO A 208 -13.23 -12.90 -23.30
C PRO A 208 -13.43 -11.79 -22.27
N THR A 209 -12.32 -11.17 -21.86
CA THR A 209 -12.34 -10.08 -20.90
C THR A 209 -10.91 -9.63 -20.58
N LEU A 210 -9.93 -10.43 -20.99
CA LEU A 210 -8.52 -10.08 -20.80
C LEU A 210 -8.12 -9.02 -21.83
N PRO A 211 -7.02 -8.29 -21.59
CA PRO A 211 -6.50 -7.30 -22.53
C PRO A 211 -6.21 -7.91 -23.90
N GLU A 212 -6.53 -7.18 -24.95
CA GLU A 212 -6.34 -7.67 -26.31
C GLU A 212 -5.08 -7.06 -26.94
N THR A 213 -4.52 -6.05 -26.27
CA THR A 213 -3.33 -5.37 -26.78
C THR A 213 -2.06 -6.04 -26.26
N GLN A 214 -0.98 -5.90 -27.04
CA GLN A 214 0.30 -6.53 -26.71
C GLN A 214 0.87 -5.97 -25.41
N ALA A 215 0.89 -4.65 -25.30
CA ALA A 215 1.52 -3.97 -24.17
C ALA A 215 0.86 -4.38 -22.86
N GLY A 216 -0.47 -4.35 -22.85
CA GLY A 216 -1.22 -4.71 -21.66
C GLY A 216 -0.86 -6.09 -21.15
N ILE A 217 -0.76 -7.05 -22.07
CA ILE A 217 -0.51 -8.44 -21.69
C ILE A 217 0.94 -8.63 -21.23
N LYS A 218 1.87 -8.01 -21.93
CA LYS A 218 3.30 -8.13 -21.62
C LYS A 218 3.62 -7.75 -20.18
N GLU A 219 3.22 -6.55 -19.80
CA GLU A 219 3.49 -6.04 -18.46
C GLU A 219 2.70 -6.83 -17.41
N GLU A 220 1.50 -7.23 -17.78
CA GLU A 220 0.64 -8.00 -16.88
C GLU A 220 1.26 -9.37 -16.60
N ILE A 221 1.70 -10.06 -17.66
CA ILE A 221 2.33 -11.37 -17.54
C ILE A 221 3.60 -11.28 -16.69
N ARG A 222 4.38 -10.21 -16.86
CA ARG A 222 5.59 -10.03 -16.09
C ARG A 222 5.28 -10.13 -14.61
N ARG A 223 4.26 -9.39 -14.18
CA ARG A 223 3.83 -9.42 -12.79
C ARG A 223 3.32 -10.80 -12.41
N GLN A 224 2.52 -11.41 -13.28
CA GLN A 224 1.93 -12.71 -13.02
C GLN A 224 2.99 -13.77 -12.75
N GLU A 225 4.03 -13.80 -13.58
CA GLU A 225 5.06 -14.81 -13.46
C GLU A 225 5.90 -14.62 -12.20
N PHE A 226 6.07 -13.38 -11.77
CA PHE A 226 6.78 -13.10 -10.53
C PHE A 226 6.00 -13.66 -9.35
N LEU A 227 4.69 -13.47 -9.39
CA LEU A 227 3.83 -14.02 -8.36
C LEU A 227 3.84 -15.53 -8.46
N LEU A 228 3.96 -16.03 -9.69
CA LEU A 228 3.86 -17.45 -9.93
C LEU A 228 5.07 -18.17 -9.39
N ASN A 229 6.25 -17.77 -9.84
CA ASN A 229 7.48 -18.50 -9.52
C ASN A 229 7.83 -18.36 -8.05
N CYS A 230 7.46 -17.23 -7.45
CA CYS A 230 7.84 -16.97 -6.08
C CYS A 230 7.01 -17.83 -5.12
N LEU A 231 5.68 -17.79 -5.27
CA LEU A 231 4.80 -18.53 -4.37
C LEU A 231 4.95 -20.03 -4.62
N HIS A 232 5.07 -20.37 -5.89
CA HIS A 232 5.29 -21.76 -6.32
C HIS A 232 6.53 -22.33 -5.64
N ARG A 233 7.59 -21.54 -5.57
CA ARG A 233 8.85 -21.96 -4.98
C ARG A 233 8.75 -22.05 -3.45
N ASP A 234 7.95 -21.17 -2.87
CA ASP A 234 7.76 -21.13 -1.42
C ASP A 234 7.25 -22.47 -0.89
N LEU A 235 6.46 -23.15 -1.72
CA LEU A 235 5.81 -24.39 -1.33
C LEU A 235 6.81 -25.53 -1.09
N GLN A 236 8.05 -25.35 -1.55
CA GLN A 236 9.06 -26.38 -1.41
C GLN A 236 9.83 -26.27 -0.09
N GLY A 237 9.56 -25.22 0.66
CA GLY A 237 10.27 -25.01 1.91
C GLY A 237 9.69 -25.82 3.06
N GLY A 238 9.38 -27.08 2.78
CA GLY A 238 8.75 -27.94 3.77
C GLY A 238 7.36 -27.45 4.14
N ILE A 239 6.72 -26.80 3.19
CA ILE A 239 5.43 -26.16 3.42
C ILE A 239 4.31 -26.94 2.74
N LYS A 240 3.25 -27.22 3.48
CA LYS A 240 2.12 -27.92 2.92
C LYS A 240 0.81 -27.28 3.37
N ASP A 241 0.38 -26.28 2.62
CA ASP A 241 -0.91 -25.65 2.86
C ASP A 241 -1.82 -25.90 1.67
N LEU A 242 -2.93 -26.55 1.89
CA LEU A 242 -3.87 -26.86 0.83
C LEU A 242 -4.38 -25.57 0.19
N SER A 243 -4.52 -24.53 1.00
CA SER A 243 -5.01 -23.25 0.52
C SER A 243 -3.97 -22.56 -0.36
N LYS A 244 -2.70 -22.74 -0.01
CA LYS A 244 -1.60 -22.17 -0.79
C LYS A 244 -1.55 -22.85 -2.16
N GLU A 245 -1.77 -24.15 -2.16
CA GLU A 245 -1.77 -24.92 -3.40
C GLU A 245 -2.91 -24.47 -4.31
N GLU A 246 -4.13 -24.49 -3.79
CA GLU A 246 -5.30 -24.08 -4.56
C GLU A 246 -5.09 -22.71 -5.21
N ARG A 247 -4.60 -21.74 -4.44
CA ARG A 247 -4.37 -20.39 -4.97
C ARG A 247 -3.32 -20.40 -6.09
N LEU A 248 -2.40 -21.36 -6.05
CA LEU A 248 -1.42 -21.49 -7.12
C LEU A 248 -2.09 -21.85 -8.44
N TRP A 249 -3.03 -22.80 -8.40
CA TRP A 249 -3.70 -23.26 -9.61
C TRP A 249 -4.48 -22.11 -10.21
N GLU A 250 -5.03 -21.31 -9.33
CA GLU A 250 -5.84 -20.15 -9.71
C GLU A 250 -5.02 -19.14 -10.51
N VAL A 251 -3.87 -18.74 -9.99
CA VAL A 251 -3.03 -17.75 -10.66
C VAL A 251 -2.47 -18.28 -11.98
N GLN A 252 -1.96 -19.51 -11.95
CA GLN A 252 -1.41 -20.12 -13.16
C GLN A 252 -2.51 -20.35 -14.20
N ARG A 253 -3.74 -20.52 -13.74
CA ARG A 253 -4.91 -20.65 -14.61
C ARG A 253 -5.08 -19.39 -15.46
N ILE A 254 -4.97 -18.26 -14.79
CA ILE A 254 -5.17 -16.96 -15.42
C ILE A 254 -3.99 -16.64 -16.31
N LEU A 255 -2.80 -16.91 -15.77
CA LEU A 255 -1.57 -16.68 -16.51
C LEU A 255 -1.52 -17.54 -17.76
N THR A 256 -2.03 -18.77 -17.69
CA THR A 256 -2.07 -19.65 -18.85
C THR A 256 -2.81 -18.98 -20.01
N ALA A 257 -3.99 -18.44 -19.73
CA ALA A 257 -4.73 -17.69 -20.74
C ALA A 257 -3.93 -16.49 -21.23
N LEU A 258 -3.33 -15.75 -20.30
CA LEU A 258 -2.56 -14.57 -20.65
C LEU A 258 -1.37 -14.90 -21.56
N LYS A 259 -0.65 -15.96 -21.24
CA LYS A 259 0.55 -16.31 -22.00
C LYS A 259 0.20 -16.78 -23.40
N ARG A 260 -0.97 -17.37 -23.56
CA ARG A 260 -1.48 -17.70 -24.89
C ARG A 260 -1.72 -16.44 -25.69
N LYS A 261 -2.41 -15.49 -25.07
CA LYS A 261 -2.74 -14.21 -25.69
C LYS A 261 -1.50 -13.38 -25.96
N LEU A 262 -0.41 -13.69 -25.27
CA LEU A 262 0.86 -12.99 -25.48
C LEU A 262 1.34 -13.19 -26.92
N ARG A 263 0.97 -14.32 -27.50
CA ARG A 263 1.36 -14.64 -28.88
C ARG A 263 0.15 -14.50 -29.79
N GLU A 264 -0.87 -13.85 -29.28
CA GLU A 264 -2.14 -13.69 -29.98
C GLU A 264 -2.17 -12.34 -30.69
N ALA A 265 -1.39 -11.39 -30.17
CA ALA A 265 -1.36 -10.05 -30.70
C ALA A 265 -0.41 -9.95 -31.89
N HIS A 1 -13.53 -19.24 21.89
CA HIS A 1 -13.17 -19.33 20.46
C HIS A 1 -12.59 -18.00 20.00
N MET A 2 -11.78 -18.05 18.94
CA MET A 2 -11.22 -16.85 18.33
C MET A 2 -12.31 -15.84 18.02
N PRO A 3 -12.12 -14.58 18.45
CA PRO A 3 -13.10 -13.50 18.26
C PRO A 3 -13.31 -13.17 16.79
N ASN A 4 -12.21 -12.93 16.09
CA ASN A 4 -12.27 -12.66 14.67
C ASN A 4 -11.29 -13.59 13.96
N LEU A 5 -11.83 -14.42 13.08
CA LEU A 5 -11.04 -15.40 12.36
C LEU A 5 -10.08 -14.71 11.40
N LYS A 6 -8.79 -14.72 11.76
CA LYS A 6 -7.73 -14.07 11.00
C LYS A 6 -8.06 -12.61 10.72
N PRO A 7 -7.72 -11.70 11.66
CA PRO A 7 -7.96 -10.26 11.49
C PRO A 7 -6.86 -9.58 10.69
N ILE A 8 -7.04 -8.29 10.44
CA ILE A 8 -6.09 -7.48 9.68
C ILE A 8 -6.08 -6.08 10.25
N PHE A 9 -7.26 -5.53 10.49
CA PHE A 9 -7.39 -4.19 11.05
C PHE A 9 -7.26 -4.22 12.57
N GLY A 10 -6.01 -4.32 13.02
CA GLY A 10 -5.74 -4.36 14.44
C GLY A 10 -4.77 -5.47 14.80
N ILE A 11 -3.48 -5.17 14.66
CA ILE A 11 -2.40 -6.16 14.85
C ILE A 11 -1.04 -5.47 14.72
N PRO A 12 0.04 -6.18 15.07
CA PRO A 12 1.41 -5.74 14.77
C PRO A 12 1.64 -5.71 13.26
N LEU A 13 2.51 -4.83 12.80
CA LEU A 13 2.70 -4.62 11.37
C LEU A 13 3.23 -5.88 10.68
N ALA A 14 4.33 -6.44 11.18
CA ALA A 14 4.89 -7.68 10.64
C ALA A 14 3.85 -8.80 10.56
N ASP A 15 3.07 -8.95 11.62
CA ASP A 15 1.99 -9.94 11.66
C ASP A 15 1.05 -9.78 10.44
N ALA A 16 0.63 -8.54 10.19
CA ALA A 16 -0.19 -8.24 9.02
C ALA A 16 0.57 -8.56 7.73
N VAL A 17 1.89 -8.35 7.78
CA VAL A 17 2.76 -8.62 6.64
C VAL A 17 2.77 -10.11 6.30
N GLU A 18 3.01 -10.94 7.31
CA GLU A 18 3.08 -12.39 7.11
C GLU A 18 1.72 -12.93 6.67
N ARG A 19 0.69 -12.15 6.94
CA ARG A 19 -0.65 -12.50 6.52
C ARG A 19 -0.91 -12.07 5.08
N THR A 20 -0.46 -10.87 4.73
CA THR A 20 -0.75 -10.30 3.41
C THR A 20 0.49 -10.23 2.51
N MET A 21 1.36 -11.22 2.59
CA MET A 21 2.56 -11.24 1.75
C MET A 21 2.20 -11.44 0.27
N MET A 22 2.80 -10.63 -0.60
CA MET A 22 2.56 -10.74 -2.03
C MET A 22 3.81 -11.20 -2.78
N TYR A 23 4.59 -10.26 -3.32
CA TYR A 23 5.78 -10.59 -4.09
C TYR A 23 6.87 -11.21 -3.22
N ASP A 24 7.67 -10.33 -2.67
CA ASP A 24 8.90 -10.69 -1.98
C ASP A 24 8.73 -10.73 -0.47
N GLY A 25 7.74 -10.02 0.03
CA GLY A 25 7.55 -9.96 1.45
C GLY A 25 8.64 -9.15 2.12
N ILE A 26 8.85 -7.95 1.59
CA ILE A 26 9.93 -7.05 2.07
C ILE A 26 9.60 -6.42 3.42
N ARG A 27 8.69 -7.06 4.15
CA ARG A 27 8.16 -6.52 5.41
C ARG A 27 7.37 -5.24 5.14
N LEU A 28 6.14 -5.44 4.68
CA LEU A 28 5.25 -4.37 4.27
C LEU A 28 3.93 -4.99 3.83
N PRO A 29 2.78 -4.53 4.36
CA PRO A 29 1.47 -5.12 4.07
C PRO A 29 1.11 -5.03 2.59
N ALA A 30 0.22 -5.91 2.13
CA ALA A 30 -0.20 -5.93 0.73
C ALA A 30 -1.00 -4.68 0.40
N VAL A 31 -2.01 -4.41 1.25
CA VAL A 31 -2.93 -3.30 1.05
C VAL A 31 -2.20 -1.98 0.86
N PHE A 32 -1.05 -1.83 1.51
CA PHE A 32 -0.24 -0.63 1.37
C PHE A 32 0.23 -0.50 -0.07
N ARG A 33 0.71 -1.60 -0.62
CA ARG A 33 1.22 -1.59 -1.98
C ARG A 33 0.06 -1.53 -2.98
N GLU A 34 -1.05 -2.19 -2.64
CA GLU A 34 -2.24 -2.18 -3.48
C GLU A 34 -2.79 -0.76 -3.67
N CYS A 35 -2.69 0.06 -2.63
CA CYS A 35 -3.19 1.42 -2.68
C CYS A 35 -2.19 2.33 -3.40
N ILE A 36 -0.90 2.20 -3.04
CA ILE A 36 0.15 3.00 -3.67
C ILE A 36 0.22 2.68 -5.17
N ASP A 37 -0.06 1.43 -5.49
CA ASP A 37 -0.03 0.95 -6.86
C ASP A 37 -1.16 1.58 -7.67
N TYR A 38 -2.36 1.55 -7.10
CA TYR A 38 -3.54 2.02 -7.80
C TYR A 38 -3.41 3.50 -8.17
N VAL A 39 -3.11 4.33 -7.17
CA VAL A 39 -3.03 5.77 -7.39
C VAL A 39 -1.94 6.12 -8.40
N GLU A 40 -0.78 5.50 -8.26
CA GLU A 40 0.39 5.88 -9.04
C GLU A 40 0.23 5.54 -10.52
N LYS A 41 -0.24 4.35 -10.81
CA LYS A 41 -0.37 3.88 -12.20
C LYS A 41 -1.52 4.55 -12.93
N TYR A 42 -2.61 4.79 -12.23
CA TYR A 42 -3.81 5.28 -12.89
C TYR A 42 -3.93 6.81 -12.82
N GLY A 43 -3.18 7.44 -11.93
CA GLY A 43 -3.10 8.88 -11.95
C GLY A 43 -2.99 9.49 -10.57
N MET A 44 -1.80 9.98 -10.25
CA MET A 44 -1.58 10.63 -8.97
C MET A 44 -2.08 12.06 -9.01
N LYS A 45 -1.70 12.78 -10.06
CA LYS A 45 -2.29 14.10 -10.34
C LYS A 45 -3.77 14.03 -10.75
N CYS A 46 -4.51 13.22 -10.02
CA CYS A 46 -5.97 13.20 -10.09
C CYS A 46 -6.50 14.35 -9.24
N GLU A 47 -7.67 14.89 -9.58
CA GLU A 47 -8.23 15.99 -8.80
C GLU A 47 -8.85 15.43 -7.51
N GLY A 48 -8.80 16.23 -6.44
CA GLY A 48 -9.33 15.79 -5.14
C GLY A 48 -8.57 14.64 -4.52
N ILE A 49 -7.56 14.15 -5.23
CA ILE A 49 -6.80 12.97 -4.82
C ILE A 49 -6.45 12.97 -3.33
N TYR A 50 -6.88 11.90 -2.64
CA TYR A 50 -6.54 11.64 -1.23
C TYR A 50 -7.38 12.48 -0.28
N ARG A 51 -7.72 13.70 -0.66
CA ARG A 51 -8.50 14.57 0.20
C ARG A 51 -9.99 14.26 0.13
N VAL A 52 -10.45 13.80 -1.04
CA VAL A 52 -11.86 13.45 -1.23
C VAL A 52 -12.21 12.18 -0.45
N SER A 53 -13.44 12.11 0.03
CA SER A 53 -13.90 10.96 0.79
C SER A 53 -15.03 10.26 0.03
N GLY A 54 -14.87 8.96 -0.18
CA GLY A 54 -15.89 8.20 -0.88
C GLY A 54 -17.00 7.73 0.03
N ILE A 55 -17.89 6.90 -0.51
CA ILE A 55 -19.00 6.35 0.26
C ILE A 55 -18.48 5.48 1.40
N LYS A 56 -18.83 5.86 2.64
CA LYS A 56 -18.32 5.19 3.84
C LYS A 56 -18.61 3.69 3.80
N SER A 57 -19.76 3.33 3.24
CA SER A 57 -20.13 1.92 3.09
C SER A 57 -19.05 1.15 2.32
N LYS A 58 -18.82 1.54 1.07
CA LYS A 58 -17.73 0.95 0.28
C LYS A 58 -16.38 1.00 1.00
N VAL A 59 -16.14 2.04 1.77
CA VAL A 59 -14.89 2.15 2.51
C VAL A 59 -14.78 1.02 3.54
N ASP A 60 -15.83 0.84 4.32
CA ASP A 60 -15.91 -0.26 5.28
C ASP A 60 -16.08 -1.60 4.56
N GLU A 61 -16.48 -1.55 3.30
CA GLU A 61 -16.70 -2.75 2.50
C GLU A 61 -15.34 -3.38 2.19
N LEU A 62 -14.43 -2.53 1.72
CA LEU A 62 -13.06 -2.94 1.45
C LEU A 62 -12.40 -3.44 2.73
N LYS A 63 -12.59 -2.67 3.80
CA LYS A 63 -12.06 -3.02 5.12
C LYS A 63 -12.48 -4.44 5.51
N ALA A 64 -13.76 -4.71 5.31
CA ALA A 64 -14.34 -6.00 5.69
C ALA A 64 -13.77 -7.12 4.82
N ALA A 65 -13.59 -6.85 3.54
CA ALA A 65 -13.11 -7.85 2.60
C ALA A 65 -11.64 -8.18 2.85
N TYR A 66 -10.84 -7.14 3.09
CA TYR A 66 -9.41 -7.34 3.34
C TYR A 66 -9.17 -8.08 4.64
N ASP A 67 -9.93 -7.70 5.68
CA ASP A 67 -9.77 -8.29 7.01
C ASP A 67 -10.06 -9.78 7.00
N ARG A 68 -11.04 -10.19 6.21
CA ARG A 68 -11.46 -11.59 6.19
C ARG A 68 -10.93 -12.33 4.96
N GLU A 69 -9.97 -11.72 4.26
CA GLU A 69 -9.35 -12.32 3.08
C GLU A 69 -10.40 -12.65 2.00
N GLU A 70 -10.93 -11.59 1.39
CA GLU A 70 -11.88 -11.74 0.28
C GLU A 70 -11.38 -10.96 -0.93
N SER A 71 -12.03 -11.18 -2.06
CA SER A 71 -11.58 -10.62 -3.33
C SER A 71 -12.11 -9.19 -3.52
N THR A 72 -11.20 -8.27 -3.77
CA THR A 72 -11.54 -6.88 -3.95
C THR A 72 -10.93 -6.31 -5.22
N ASN A 73 -11.74 -6.15 -6.25
CA ASN A 73 -11.30 -5.47 -7.46
C ASN A 73 -11.31 -3.96 -7.24
N LEU A 74 -10.13 -3.39 -7.02
CA LEU A 74 -9.99 -1.97 -6.70
C LEU A 74 -10.21 -1.10 -7.93
N GLU A 75 -10.24 -1.73 -9.08
CA GLU A 75 -10.22 -1.01 -10.35
C GLU A 75 -11.61 -0.46 -10.67
N ASP A 76 -12.59 -0.87 -9.87
CA ASP A 76 -13.97 -0.42 -10.04
C ASP A 76 -14.30 0.64 -8.99
N TYR A 77 -13.32 0.93 -8.16
CA TYR A 77 -13.46 1.93 -7.12
C TYR A 77 -12.69 3.19 -7.50
N GLU A 78 -12.61 4.13 -6.57
CA GLU A 78 -11.89 5.37 -6.77
C GLU A 78 -10.63 5.37 -5.91
N PRO A 79 -9.63 6.20 -6.26
CA PRO A 79 -8.39 6.30 -5.50
C PRO A 79 -8.63 6.68 -4.04
N ASN A 80 -9.56 7.59 -3.83
CA ASN A 80 -9.89 8.09 -2.50
C ASN A 80 -10.31 6.98 -1.54
N THR A 81 -11.06 5.99 -2.02
CA THR A 81 -11.56 4.93 -1.15
C THR A 81 -10.43 4.01 -0.71
N VAL A 82 -9.60 3.57 -1.65
CA VAL A 82 -8.44 2.75 -1.32
C VAL A 82 -7.46 3.54 -0.45
N ALA A 83 -7.33 4.83 -0.73
CA ALA A 83 -6.53 5.74 0.07
C ALA A 83 -7.03 5.79 1.52
N SER A 84 -8.33 5.62 1.68
CA SER A 84 -8.98 5.76 2.97
C SER A 84 -8.95 4.42 3.68
N LEU A 85 -9.01 3.37 2.87
CA LEU A 85 -8.76 2.03 3.35
C LEU A 85 -7.38 2.02 3.99
N LEU A 86 -6.41 2.56 3.26
CA LEU A 86 -5.02 2.59 3.70
C LEU A 86 -4.84 3.41 4.98
N LYS A 87 -5.29 4.67 4.95
CA LYS A 87 -5.06 5.55 6.08
C LYS A 87 -5.82 5.08 7.31
N GLN A 88 -6.98 4.47 7.10
CA GLN A 88 -7.76 3.91 8.19
C GLN A 88 -7.13 2.61 8.68
N TYR A 89 -6.87 1.68 7.77
CA TYR A 89 -6.12 0.47 8.10
C TYR A 89 -4.86 0.80 8.89
N LEU A 90 -4.14 1.85 8.49
CA LEU A 90 -2.94 2.26 9.19
C LEU A 90 -3.25 2.61 10.64
N ARG A 91 -4.34 3.32 10.85
CA ARG A 91 -4.75 3.74 12.18
C ARG A 91 -5.00 2.55 13.12
N ASP A 92 -5.80 1.57 12.69
CA ASP A 92 -6.16 0.42 13.53
C ASP A 92 -4.96 -0.36 14.06
N LEU A 93 -3.78 -0.10 13.53
CA LEU A 93 -2.57 -0.71 14.08
C LEU A 93 -2.20 -0.03 15.39
N PRO A 94 -2.19 -0.77 16.51
CA PRO A 94 -1.97 -0.21 17.85
C PRO A 94 -0.63 0.53 17.97
N GLU A 95 0.34 0.12 17.17
CA GLU A 95 1.64 0.76 17.17
C GLU A 95 1.82 1.56 15.90
N ASN A 96 2.07 2.85 16.07
CA ASN A 96 2.24 3.76 14.94
C ASN A 96 3.58 3.50 14.28
N LEU A 97 3.88 4.23 13.22
CA LEU A 97 5.12 4.03 12.51
C LEU A 97 6.28 4.57 13.35
N LEU A 98 6.05 5.72 13.98
CA LEU A 98 7.04 6.34 14.84
C LEU A 98 6.82 5.91 16.28
N THR A 99 5.80 5.06 16.47
CA THR A 99 5.38 4.58 17.79
C THR A 99 5.00 5.74 18.70
N LYS A 100 4.48 5.44 19.88
CA LYS A 100 4.21 6.49 20.85
C LYS A 100 5.55 7.02 21.37
N GLU A 101 6.49 6.09 21.48
CA GLU A 101 7.86 6.36 21.95
C GLU A 101 8.57 7.48 21.18
N LEU A 102 8.69 7.36 19.86
CA LEU A 102 9.47 8.33 19.09
C LEU A 102 8.62 9.55 18.70
N MET A 103 7.30 9.34 18.61
CA MET A 103 6.34 10.37 18.22
C MET A 103 6.59 11.76 18.87
N PRO A 104 6.73 11.87 20.21
CA PRO A 104 6.86 13.17 20.88
C PRO A 104 8.15 13.91 20.50
N ARG A 105 9.16 13.15 20.09
CA ARG A 105 10.45 13.75 19.78
C ARG A 105 10.41 14.39 18.39
N PHE A 106 9.35 14.08 17.64
CA PHE A 106 9.13 14.70 16.34
C PHE A 106 8.81 16.18 16.50
N GLU A 107 8.12 16.53 17.58
CA GLU A 107 7.82 17.92 17.88
C GLU A 107 9.12 18.67 18.13
N GLU A 108 10.02 18.05 18.89
CA GLU A 108 11.34 18.61 19.15
C GLU A 108 12.09 18.83 17.84
N ALA A 109 12.06 17.80 17.00
CA ALA A 109 12.71 17.84 15.69
C ALA A 109 12.05 18.83 14.76
N CYS A 110 10.82 19.21 15.04
CA CYS A 110 10.10 20.14 14.20
C CYS A 110 10.48 21.56 14.63
N GLY A 111 10.78 21.69 15.91
CA GLY A 111 11.18 22.97 16.48
C GLY A 111 12.69 23.17 16.46
N ARG A 112 13.38 22.38 15.64
CA ARG A 112 14.82 22.53 15.49
C ARG A 112 15.15 23.87 14.84
N THR A 113 16.25 24.46 15.26
CA THR A 113 16.67 25.77 14.76
C THR A 113 17.10 25.70 13.30
N THR A 114 17.43 24.50 12.85
CA THR A 114 17.91 24.31 11.48
C THR A 114 17.21 23.11 10.85
N GLU A 115 16.97 23.16 9.56
CA GLU A 115 16.33 22.05 8.85
C GLU A 115 17.23 20.82 8.96
N THR A 116 18.53 21.06 9.00
CA THR A 116 19.53 20.03 9.21
C THR A 116 19.29 19.31 10.53
N GLU A 117 19.17 20.08 11.61
CA GLU A 117 18.91 19.53 12.93
C GLU A 117 17.64 18.68 12.92
N LYS A 118 16.67 19.11 12.11
CA LYS A 118 15.41 18.38 12.02
C LYS A 118 15.63 17.02 11.39
N VAL A 119 16.11 17.02 10.15
CA VAL A 119 16.35 15.78 9.42
C VAL A 119 17.23 14.80 10.21
N GLN A 120 18.32 15.29 10.80
CA GLN A 120 19.19 14.44 11.61
C GLN A 120 18.44 13.81 12.79
N GLU A 121 17.55 14.59 13.39
CA GLU A 121 16.77 14.11 14.52
C GLU A 121 15.82 13.00 14.09
N PHE A 122 15.06 13.26 13.03
CA PHE A 122 14.16 12.26 12.47
C PHE A 122 14.92 10.99 12.10
N GLN A 123 16.16 11.18 11.64
CA GLN A 123 17.01 10.06 11.30
C GLN A 123 17.12 9.09 12.48
N ARG A 124 17.49 9.60 13.65
CA ARG A 124 17.65 8.74 14.82
C ARG A 124 16.32 8.10 15.20
N LEU A 125 15.23 8.86 15.07
CA LEU A 125 13.90 8.34 15.34
C LEU A 125 13.60 7.14 14.45
N LEU A 126 13.77 7.31 13.14
CA LEU A 126 13.52 6.25 12.17
C LEU A 126 14.34 4.98 12.42
N LYS A 127 15.53 5.12 13.02
CA LYS A 127 16.35 3.95 13.34
C LYS A 127 15.73 3.19 14.50
N GLU A 128 15.21 3.96 15.44
CA GLU A 128 14.49 3.43 16.60
C GLU A 128 13.13 2.81 16.22
N LEU A 129 12.94 2.49 14.94
CA LEU A 129 11.68 1.91 14.48
C LEU A 129 11.92 0.52 13.94
N PRO A 130 10.91 -0.37 14.03
CA PRO A 130 10.96 -1.68 13.38
C PRO A 130 11.10 -1.54 11.87
N GLU A 131 11.83 -2.45 11.24
CA GLU A 131 12.06 -2.38 9.79
C GLU A 131 10.76 -2.27 9.00
N CYS A 132 9.74 -2.97 9.46
CA CYS A 132 8.42 -2.91 8.85
C CYS A 132 7.91 -1.47 8.87
N ASN A 133 8.01 -0.84 10.03
CA ASN A 133 7.54 0.52 10.22
C ASN A 133 8.43 1.49 9.45
N TYR A 134 9.72 1.18 9.41
CA TYR A 134 10.69 1.99 8.71
C TYR A 134 10.41 2.01 7.21
N LEU A 135 10.07 0.86 6.66
CA LEU A 135 9.73 0.79 5.23
C LEU A 135 8.39 1.46 4.98
N LEU A 136 7.46 1.27 5.92
CA LEU A 136 6.14 1.88 5.85
C LEU A 136 6.27 3.40 5.85
N ILE A 137 7.01 3.93 6.84
CA ILE A 137 7.17 5.36 6.98
C ILE A 137 7.80 5.96 5.72
N SER A 138 8.87 5.32 5.23
CA SER A 138 9.51 5.73 3.98
C SER A 138 8.49 5.85 2.86
N TRP A 139 7.72 4.80 2.62
CA TRP A 139 6.88 4.75 1.44
C TRP A 139 5.66 5.65 1.57
N LEU A 140 5.05 5.63 2.75
CA LEU A 140 3.84 6.41 3.01
C LEU A 140 4.11 7.89 2.77
N ILE A 141 5.23 8.37 3.29
CA ILE A 141 5.55 9.79 3.20
C ILE A 141 6.10 10.12 1.82
N VAL A 142 7.00 9.28 1.30
CA VAL A 142 7.57 9.52 -0.02
C VAL A 142 6.50 9.53 -1.11
N HIS A 143 5.58 8.57 -1.07
CA HIS A 143 4.53 8.49 -2.08
C HIS A 143 3.55 9.65 -1.92
N MET A 144 3.33 10.05 -0.67
CA MET A 144 2.42 11.16 -0.39
C MET A 144 3.07 12.46 -0.81
N ASP A 145 4.37 12.54 -0.63
CA ASP A 145 5.17 13.69 -1.03
C ASP A 145 5.08 13.90 -2.54
N HIS A 146 5.12 12.80 -3.27
CA HIS A 146 5.05 12.87 -4.71
C HIS A 146 3.65 13.23 -5.19
N VAL A 147 2.64 12.99 -4.35
CA VAL A 147 1.30 13.54 -4.63
C VAL A 147 1.34 15.04 -4.45
N ILE A 148 2.10 15.51 -3.45
CA ILE A 148 2.23 16.94 -3.22
C ILE A 148 2.79 17.61 -4.47
N ALA A 149 3.74 16.94 -5.11
CA ALA A 149 4.29 17.43 -6.37
C ALA A 149 3.21 17.44 -7.45
N LYS A 150 2.34 16.43 -7.42
CA LYS A 150 1.25 16.34 -8.38
C LYS A 150 0.19 17.39 -8.05
N GLU A 151 0.02 17.68 -6.77
CA GLU A 151 -0.95 18.65 -6.34
C GLU A 151 -0.44 20.05 -6.58
N LEU A 152 0.88 20.18 -6.66
CA LEU A 152 1.50 21.43 -7.04
C LEU A 152 1.14 21.75 -8.48
N GLU A 153 0.98 20.69 -9.27
CA GLU A 153 0.60 20.86 -10.67
C GLU A 153 -0.91 20.75 -10.89
N THR A 154 -1.68 20.22 -9.93
CA THR A 154 -3.11 20.03 -10.17
C THR A 154 -3.95 21.16 -9.58
N LYS A 155 -3.79 21.43 -8.28
CA LYS A 155 -4.51 22.54 -7.61
C LYS A 155 -4.50 22.43 -6.08
N MET A 156 -3.54 21.75 -5.49
CA MET A 156 -3.53 21.60 -4.03
C MET A 156 -2.14 21.86 -3.47
N ASN A 157 -1.98 21.64 -2.17
CA ASN A 157 -0.73 21.99 -1.51
C ASN A 157 -0.43 20.99 -0.40
N ILE A 158 0.77 21.11 0.17
CA ILE A 158 1.19 20.26 1.28
C ILE A 158 0.16 20.30 2.41
N GLN A 159 -0.43 21.48 2.61
CA GLN A 159 -1.30 21.73 3.75
C GLN A 159 -2.51 20.82 3.71
N ASN A 160 -3.18 20.77 2.56
CA ASN A 160 -4.39 19.96 2.37
C ASN A 160 -4.12 18.52 2.78
N ILE A 161 -3.07 17.96 2.18
CA ILE A 161 -2.71 16.58 2.42
C ILE A 161 -2.26 16.38 3.86
N SER A 162 -1.51 17.34 4.39
CA SER A 162 -1.04 17.28 5.77
C SER A 162 -2.20 17.34 6.77
N ILE A 163 -3.32 17.91 6.36
CA ILE A 163 -4.50 17.98 7.21
C ILE A 163 -5.11 16.60 7.34
N VAL A 164 -5.26 15.93 6.21
CA VAL A 164 -5.86 14.60 6.18
C VAL A 164 -4.87 13.54 6.67
N LEU A 165 -3.58 13.84 6.55
CA LEU A 165 -2.54 12.91 6.95
C LEU A 165 -2.23 13.03 8.44
N SER A 166 -2.60 14.17 9.03
CA SER A 166 -2.38 14.41 10.46
C SER A 166 -3.04 13.32 11.32
N PRO A 167 -4.38 13.13 11.23
CA PRO A 167 -5.07 12.09 11.98
C PRO A 167 -4.66 10.69 11.52
N THR A 168 -4.05 10.61 10.35
CA THR A 168 -3.67 9.34 9.75
C THR A 168 -2.60 8.64 10.58
N VAL A 169 -1.44 9.26 10.78
CA VAL A 169 -0.41 8.65 11.61
C VAL A 169 -0.51 9.14 13.06
N GLN A 170 -1.40 10.11 13.29
CA GLN A 170 -1.71 10.60 14.63
C GLN A 170 -0.62 11.54 15.14
N ILE A 171 -0.27 12.50 14.29
CA ILE A 171 0.68 13.55 14.65
C ILE A 171 0.16 14.88 14.10
N SER A 172 0.38 15.97 14.84
CA SER A 172 -0.14 17.28 14.46
C SER A 172 0.27 17.68 13.03
N ASN A 173 -0.62 18.45 12.40
CA ASN A 173 -0.51 18.87 10.98
C ASN A 173 0.90 19.33 10.60
N ARG A 174 1.50 20.19 11.42
CA ARG A 174 2.80 20.79 11.10
C ARG A 174 3.87 19.74 10.83
N VAL A 175 3.84 18.66 11.60
CA VAL A 175 4.82 17.58 11.47
C VAL A 175 4.71 16.88 10.11
N LEU A 176 3.52 16.83 9.54
CA LEU A 176 3.35 16.18 8.23
C LEU A 176 3.98 17.05 7.14
N TYR A 177 3.70 18.34 7.19
CA TYR A 177 4.39 19.30 6.34
C TYR A 177 5.91 19.06 6.34
N VAL A 178 6.52 19.04 7.52
CA VAL A 178 7.96 18.80 7.61
C VAL A 178 8.28 17.34 7.26
N PHE A 179 7.33 16.43 7.47
CA PHE A 179 7.52 15.04 7.13
C PHE A 179 8.00 14.88 5.70
N PHE A 180 7.33 15.57 4.78
CA PHE A 180 7.70 15.51 3.36
C PHE A 180 9.00 16.27 3.10
N THR A 181 8.99 17.55 3.48
CA THR A 181 10.21 18.37 3.39
C THR A 181 11.45 17.54 3.78
N HIS A 182 11.41 16.95 4.98
CA HIS A 182 12.54 16.17 5.45
C HIS A 182 12.60 14.77 4.82
N VAL A 183 11.48 14.27 4.30
CA VAL A 183 11.46 12.90 3.79
C VAL A 183 12.40 12.75 2.60
N GLN A 184 12.37 13.68 1.66
CA GLN A 184 13.30 13.63 0.55
C GLN A 184 14.66 14.16 0.97
N GLU A 185 14.69 15.04 1.97
CA GLU A 185 15.96 15.40 2.58
C GLU A 185 16.67 14.15 3.13
N LEU A 186 15.89 13.13 3.50
CA LEU A 186 16.46 11.89 4.02
C LEU A 186 16.61 10.85 2.93
N PHE A 187 15.54 10.59 2.17
CA PHE A 187 15.58 9.61 1.11
C PHE A 187 15.52 10.29 -0.25
N GLY A 188 14.91 9.60 -1.21
CA GLY A 188 14.76 10.14 -2.55
C GLY A 188 14.95 9.05 -3.57
N ASN A 189 15.72 8.06 -3.17
CA ASN A 189 15.94 6.87 -3.97
C ASN A 189 14.87 5.85 -3.63
N VAL A 190 14.30 6.00 -2.43
CA VAL A 190 13.12 5.24 -2.02
C VAL A 190 12.06 5.27 -3.11
N VAL A 191 11.62 4.11 -3.50
CA VAL A 191 10.76 3.96 -4.65
C VAL A 191 9.57 3.06 -4.34
N LEU A 192 8.46 3.35 -5.01
CA LEU A 192 7.22 2.64 -4.76
C LEU A 192 7.02 1.51 -5.76
N LYS A 193 7.37 0.29 -5.33
CA LYS A 193 7.22 -0.90 -6.16
C LYS A 193 5.73 -1.28 -6.32
N GLN A 194 5.32 -1.42 -7.58
CA GLN A 194 3.91 -1.64 -7.92
C GLN A 194 3.52 -3.12 -7.82
N VAL A 195 2.21 -3.38 -7.75
CA VAL A 195 1.68 -4.74 -7.63
C VAL A 195 0.61 -5.03 -8.70
N MET A 196 0.39 -6.30 -9.02
CA MET A 196 -0.72 -6.67 -9.89
C MET A 196 -2.02 -6.55 -9.12
N LYS A 197 -3.16 -6.48 -9.80
CA LYS A 197 -4.43 -6.32 -9.12
C LYS A 197 -5.39 -7.44 -9.48
N PRO A 198 -6.21 -7.88 -8.51
CA PRO A 198 -7.23 -8.90 -8.73
C PRO A 198 -8.35 -8.37 -9.63
N LEU A 199 -9.08 -9.27 -10.28
CA LEU A 199 -10.09 -8.86 -11.25
C LEU A 199 -11.45 -9.42 -10.87
N ARG A 200 -12.51 -8.77 -11.35
CA ARG A 200 -13.86 -9.23 -11.09
C ARG A 200 -14.28 -10.23 -12.15
N TRP A 201 -13.92 -11.48 -11.93
CA TRP A 201 -14.22 -12.55 -12.86
C TRP A 201 -14.46 -13.84 -12.08
N SER A 202 -14.45 -13.72 -10.75
CA SER A 202 -14.46 -14.88 -9.86
C SER A 202 -13.25 -15.77 -10.15
N ASN A 203 -12.28 -15.17 -10.85
CA ASN A 203 -11.06 -15.85 -11.32
C ASN A 203 -11.41 -16.95 -12.32
N MET A 204 -12.68 -16.97 -12.73
CA MET A 204 -13.22 -17.87 -13.74
C MET A 204 -14.75 -17.80 -13.69
N ALA A 205 -15.34 -17.12 -14.66
CA ALA A 205 -16.79 -17.06 -14.77
C ALA A 205 -17.23 -17.66 -16.10
N THR A 206 -16.68 -17.11 -17.16
CA THR A 206 -16.87 -17.62 -18.51
C THR A 206 -15.55 -17.55 -19.27
N MET A 207 -15.22 -16.37 -19.78
CA MET A 207 -13.93 -16.15 -20.44
C MET A 207 -13.73 -14.67 -20.82
N PRO A 208 -14.64 -14.07 -21.63
CA PRO A 208 -14.46 -12.70 -22.14
C PRO A 208 -14.34 -11.65 -21.03
N THR A 209 -13.14 -11.09 -20.90
CA THR A 209 -12.85 -10.04 -19.91
C THR A 209 -11.35 -9.79 -19.86
N LEU A 210 -10.57 -10.79 -20.24
CA LEU A 210 -9.12 -10.71 -20.20
C LEU A 210 -8.58 -9.82 -21.32
N PRO A 211 -7.45 -9.15 -21.08
CA PRO A 211 -6.80 -8.30 -22.09
C PRO A 211 -6.38 -9.10 -23.31
N GLU A 212 -6.59 -8.53 -24.49
CA GLU A 212 -6.24 -9.19 -25.73
C GLU A 212 -5.21 -8.36 -26.50
N THR A 213 -4.63 -7.38 -25.84
CA THR A 213 -3.60 -6.56 -26.45
C THR A 213 -2.22 -7.16 -26.22
N GLN A 214 -1.34 -7.03 -27.21
CA GLN A 214 0.00 -7.59 -27.12
C GLN A 214 0.73 -7.04 -25.88
N ALA A 215 0.70 -5.71 -25.73
CA ALA A 215 1.38 -5.05 -24.62
C ALA A 215 0.68 -5.34 -23.30
N GLY A 216 -0.65 -5.40 -23.35
CA GLY A 216 -1.42 -5.66 -22.14
C GLY A 216 -1.12 -7.02 -21.55
N ILE A 217 -1.08 -8.05 -22.39
CA ILE A 217 -0.77 -9.39 -21.94
C ILE A 217 0.70 -9.50 -21.59
N LYS A 218 1.52 -8.75 -22.31
CA LYS A 218 2.95 -8.70 -22.04
C LYS A 218 3.23 -8.32 -20.59
N GLU A 219 2.58 -7.26 -20.13
CA GLU A 219 2.71 -6.84 -18.73
C GLU A 219 2.19 -7.90 -17.79
N GLU A 220 1.00 -8.43 -18.10
CA GLU A 220 0.36 -9.44 -17.26
C GLU A 220 1.28 -10.63 -17.04
N ILE A 221 1.79 -11.21 -18.12
CA ILE A 221 2.65 -12.39 -18.02
C ILE A 221 3.87 -12.12 -17.14
N ARG A 222 4.48 -10.95 -17.31
CA ARG A 222 5.61 -10.56 -16.47
C ARG A 222 5.20 -10.58 -15.00
N ARG A 223 4.10 -9.92 -14.69
CA ARG A 223 3.66 -9.75 -13.31
C ARG A 223 3.19 -11.07 -12.72
N GLN A 224 2.42 -11.81 -13.49
CA GLN A 224 1.84 -13.06 -13.01
C GLN A 224 2.91 -14.12 -12.77
N GLU A 225 3.91 -14.21 -13.64
CA GLU A 225 4.92 -15.26 -13.52
C GLU A 225 5.84 -15.01 -12.33
N PHE A 226 6.13 -13.75 -12.03
CA PHE A 226 6.94 -13.45 -10.85
C PHE A 226 6.16 -13.79 -9.58
N LEU A 227 4.85 -13.55 -9.61
CA LEU A 227 4.00 -13.92 -8.50
C LEU A 227 3.83 -15.43 -8.46
N LEU A 228 3.96 -16.06 -9.62
CA LEU A 228 3.73 -17.48 -9.75
C LEU A 228 4.86 -18.27 -9.10
N ASN A 229 6.07 -18.00 -9.55
CA ASN A 229 7.23 -18.75 -9.11
C ASN A 229 7.53 -18.48 -7.64
N CYS A 230 7.38 -17.23 -7.20
CA CYS A 230 7.72 -16.88 -5.84
C CYS A 230 6.74 -17.53 -4.87
N LEU A 231 5.47 -17.55 -5.23
CA LEU A 231 4.45 -18.20 -4.41
C LEU A 231 4.65 -19.71 -4.41
N HIS A 232 4.99 -20.27 -5.57
CA HIS A 232 5.33 -21.68 -5.67
C HIS A 232 6.47 -22.03 -4.71
N ARG A 233 7.51 -21.22 -4.72
CA ARG A 233 8.70 -21.46 -3.93
C ARG A 233 8.44 -21.22 -2.44
N ASP A 234 7.58 -20.26 -2.15
CA ASP A 234 7.17 -19.98 -0.77
C ASP A 234 6.50 -21.19 -0.14
N LEU A 235 5.74 -21.91 -0.96
CA LEU A 235 4.99 -23.07 -0.51
C LEU A 235 5.92 -24.18 0.00
N GLN A 236 7.17 -24.16 -0.45
CA GLN A 236 8.13 -25.20 -0.05
C GLN A 236 8.74 -24.90 1.32
N GLY A 237 8.39 -23.76 1.89
CA GLY A 237 8.89 -23.41 3.20
C GLY A 237 8.18 -24.14 4.33
N GLY A 238 7.94 -25.44 4.13
CA GLY A 238 7.23 -26.24 5.11
C GLY A 238 5.77 -25.84 5.21
N ILE A 239 5.23 -25.34 4.12
CA ILE A 239 3.88 -24.82 4.11
C ILE A 239 2.92 -25.78 3.41
N LYS A 240 1.93 -26.27 4.15
CA LYS A 240 0.82 -26.99 3.56
C LYS A 240 -0.47 -26.30 3.96
N ASP A 241 -0.78 -25.22 3.27
CA ASP A 241 -1.95 -24.41 3.56
C ASP A 241 -2.83 -24.34 2.34
N LEU A 242 -4.11 -24.67 2.54
CA LEU A 242 -5.06 -24.72 1.44
C LEU A 242 -5.22 -23.34 0.81
N SER A 243 -5.08 -22.31 1.63
CA SER A 243 -5.24 -20.93 1.18
C SER A 243 -4.20 -20.59 0.12
N LYS A 244 -2.97 -21.03 0.36
CA LYS A 244 -1.86 -20.81 -0.57
C LYS A 244 -2.09 -21.61 -1.82
N GLU A 245 -2.47 -22.87 -1.64
CA GLU A 245 -2.66 -23.78 -2.75
C GLU A 245 -3.79 -23.31 -3.67
N GLU A 246 -4.99 -23.09 -3.10
CA GLU A 246 -6.12 -22.57 -3.88
C GLU A 246 -5.73 -21.38 -4.73
N ARG A 247 -5.03 -20.42 -4.13
CA ARG A 247 -4.64 -19.22 -4.84
C ARG A 247 -3.64 -19.53 -5.96
N LEU A 248 -2.89 -20.63 -5.79
CA LEU A 248 -1.94 -21.05 -6.81
C LEU A 248 -2.65 -21.49 -8.09
N TRP A 249 -3.73 -22.25 -7.95
CA TRP A 249 -4.45 -22.75 -9.12
C TRP A 249 -5.13 -21.59 -9.82
N GLU A 250 -5.52 -20.62 -9.02
CA GLU A 250 -6.20 -19.44 -9.54
C GLU A 250 -5.29 -18.68 -10.50
N VAL A 251 -4.09 -18.32 -10.03
CA VAL A 251 -3.15 -17.56 -10.84
C VAL A 251 -2.69 -18.35 -12.06
N GLN A 252 -2.41 -19.62 -11.86
CA GLN A 252 -1.97 -20.51 -12.93
C GLN A 252 -3.00 -20.63 -14.05
N ARG A 253 -4.27 -20.75 -13.71
CA ARG A 253 -5.33 -20.80 -14.72
C ARG A 253 -5.44 -19.48 -15.47
N ILE A 254 -5.20 -18.37 -14.76
CA ILE A 254 -5.31 -17.05 -15.36
C ILE A 254 -4.13 -16.83 -16.29
N LEU A 255 -2.95 -17.20 -15.81
CA LEU A 255 -1.73 -17.08 -16.58
C LEU A 255 -1.76 -18.01 -17.80
N THR A 256 -2.44 -19.15 -17.68
CA THR A 256 -2.56 -20.08 -18.79
C THR A 256 -3.26 -19.40 -19.96
N ALA A 257 -4.40 -18.76 -19.67
CA ALA A 257 -5.11 -17.97 -20.66
C ALA A 257 -4.20 -16.90 -21.26
N LEU A 258 -3.46 -16.22 -20.41
CA LEU A 258 -2.54 -15.17 -20.85
C LEU A 258 -1.48 -15.71 -21.81
N LYS A 259 -0.92 -16.86 -21.48
CA LYS A 259 0.11 -17.48 -22.31
C LYS A 259 -0.42 -17.77 -23.71
N ARG A 260 -1.65 -18.27 -23.79
CA ARG A 260 -2.25 -18.59 -25.07
C ARG A 260 -2.55 -17.32 -25.86
N LYS A 261 -3.26 -16.39 -25.23
CA LYS A 261 -3.64 -15.14 -25.86
C LYS A 261 -2.43 -14.27 -26.24
N LEU A 262 -1.29 -14.51 -25.61
CA LEU A 262 -0.06 -13.80 -25.97
C LEU A 262 0.32 -14.08 -27.41
N ARG A 263 0.09 -15.32 -27.84
CA ARG A 263 0.36 -15.75 -29.20
C ARG A 263 -0.94 -15.81 -29.98
N GLU A 264 -1.98 -15.28 -29.37
CA GLU A 264 -3.31 -15.28 -29.96
C GLU A 264 -3.60 -13.88 -30.52
N ALA A 265 -2.85 -12.91 -30.02
CA ALA A 265 -2.98 -11.53 -30.45
C ALA A 265 -2.45 -11.35 -31.88
N HIS A 1 -15.26 -19.56 23.06
CA HIS A 1 -15.31 -18.10 23.24
C HIS A 1 -14.16 -17.44 22.49
N MET A 2 -14.51 -16.49 21.61
CA MET A 2 -13.54 -15.75 20.80
C MET A 2 -12.78 -16.68 19.85
N PRO A 3 -13.23 -16.74 18.59
CA PRO A 3 -12.65 -17.62 17.57
C PRO A 3 -11.33 -17.07 17.03
N ASN A 4 -11.17 -15.75 17.12
CA ASN A 4 -9.94 -15.10 16.65
C ASN A 4 -9.61 -13.92 17.54
N LEU A 5 -8.33 -13.65 17.69
CA LEU A 5 -7.87 -12.54 18.49
C LEU A 5 -7.24 -11.47 17.60
N LYS A 6 -7.98 -10.38 17.41
CA LYS A 6 -7.55 -9.24 16.60
C LYS A 6 -7.54 -9.57 15.11
N PRO A 7 -8.43 -8.93 14.35
CA PRO A 7 -8.49 -9.05 12.90
C PRO A 7 -7.57 -8.03 12.23
N ILE A 8 -7.21 -8.30 10.97
CA ILE A 8 -6.52 -7.35 10.09
C ILE A 8 -6.57 -5.89 10.55
N PHE A 9 -7.77 -5.35 10.72
CA PHE A 9 -7.91 -3.99 11.18
C PHE A 9 -7.75 -3.90 12.69
N GLY A 10 -6.51 -3.87 13.13
CA GLY A 10 -6.22 -3.75 14.55
C GLY A 10 -5.15 -4.72 15.00
N ILE A 11 -4.07 -4.81 14.23
CA ILE A 11 -2.97 -5.72 14.55
C ILE A 11 -1.62 -5.04 14.36
N PRO A 12 -0.54 -5.62 14.94
CA PRO A 12 0.82 -5.14 14.73
C PRO A 12 1.25 -5.24 13.27
N LEU A 13 2.30 -4.50 12.91
CA LEU A 13 2.74 -4.43 11.52
C LEU A 13 3.12 -5.80 10.97
N ALA A 14 4.09 -6.46 11.60
CA ALA A 14 4.53 -7.79 11.17
C ALA A 14 3.35 -8.75 11.00
N ASP A 15 2.50 -8.82 12.01
CA ASP A 15 1.29 -9.64 11.95
C ASP A 15 0.46 -9.30 10.72
N ALA A 16 0.28 -8.02 10.47
CA ALA A 16 -0.45 -7.57 9.28
C ALA A 16 0.25 -8.00 8.01
N VAL A 17 1.58 -7.88 8.01
CA VAL A 17 2.39 -8.22 6.85
C VAL A 17 2.33 -9.72 6.53
N GLU A 18 2.59 -10.55 7.54
CA GLU A 18 2.65 -11.99 7.35
C GLU A 18 1.29 -12.57 6.99
N ARG A 19 0.23 -11.87 7.37
CA ARG A 19 -1.12 -12.32 7.04
C ARG A 19 -1.46 -11.98 5.59
N THR A 20 -1.17 -10.75 5.19
CA THR A 20 -1.55 -10.25 3.87
C THR A 20 -0.37 -10.26 2.88
N MET A 21 0.50 -11.25 2.99
CA MET A 21 1.65 -11.31 2.09
C MET A 21 1.23 -11.71 0.68
N MET A 22 1.61 -10.88 -0.31
CA MET A 22 1.28 -11.16 -1.70
C MET A 22 2.55 -11.46 -2.49
N TYR A 23 3.13 -10.41 -3.06
CA TYR A 23 4.31 -10.51 -3.94
C TYR A 23 5.49 -11.21 -3.26
N ASP A 24 6.33 -10.43 -2.61
CA ASP A 24 7.55 -10.95 -1.99
C ASP A 24 7.47 -10.92 -0.48
N GLY A 25 6.58 -10.06 0.02
CA GLY A 25 6.48 -9.89 1.46
C GLY A 25 7.52 -8.93 1.98
N ILE A 26 7.66 -7.80 1.29
CA ILE A 26 8.69 -6.79 1.59
C ILE A 26 8.36 -5.98 2.85
N ARG A 27 7.76 -6.63 3.84
CA ARG A 27 7.40 -6.01 5.12
C ARG A 27 6.50 -4.79 4.91
N LEU A 28 5.28 -5.07 4.48
CA LEU A 28 4.27 -4.07 4.16
C LEU A 28 2.94 -4.78 4.01
N PRO A 29 1.83 -4.22 4.50
CA PRO A 29 0.50 -4.83 4.36
C PRO A 29 0.04 -4.83 2.91
N ALA A 30 -0.91 -5.71 2.54
CA ALA A 30 -1.35 -5.82 1.14
C ALA A 30 -2.11 -4.59 0.71
N VAL A 31 -3.08 -4.18 1.54
CA VAL A 31 -3.88 -2.99 1.27
C VAL A 31 -3.02 -1.79 0.93
N PHE A 32 -1.87 -1.67 1.60
CA PHE A 32 -0.94 -0.60 1.31
C PHE A 32 -0.47 -0.70 -0.13
N ARG A 33 -0.09 -1.89 -0.53
CA ARG A 33 0.39 -2.13 -1.88
C ARG A 33 -0.72 -1.86 -2.88
N GLU A 34 -1.90 -2.38 -2.60
CA GLU A 34 -3.04 -2.26 -3.52
C GLU A 34 -3.52 -0.82 -3.65
N CYS A 35 -3.39 -0.03 -2.59
CA CYS A 35 -3.79 1.36 -2.64
C CYS A 35 -2.73 2.17 -3.40
N ILE A 36 -1.45 1.90 -3.09
CA ILE A 36 -0.35 2.59 -3.73
C ILE A 36 -0.29 2.23 -5.21
N ASP A 37 -0.57 0.98 -5.53
CA ASP A 37 -0.53 0.50 -6.90
C ASP A 37 -1.57 1.20 -7.74
N TYR A 38 -2.82 1.15 -7.29
CA TYR A 38 -3.94 1.60 -8.10
C TYR A 38 -3.85 3.10 -8.41
N VAL A 39 -3.53 3.91 -7.41
CA VAL A 39 -3.40 5.35 -7.62
C VAL A 39 -2.30 5.65 -8.62
N GLU A 40 -1.19 4.95 -8.51
CA GLU A 40 -0.09 5.17 -9.43
C GLU A 40 -0.40 4.63 -10.83
N LYS A 41 -1.29 3.63 -10.93
CA LYS A 41 -1.70 3.10 -12.24
C LYS A 41 -2.45 4.13 -13.07
N TYR A 42 -3.54 4.65 -12.50
CA TYR A 42 -4.47 5.48 -13.28
C TYR A 42 -4.89 6.76 -12.55
N GLY A 43 -4.62 6.84 -11.25
CA GLY A 43 -5.21 7.92 -10.47
C GLY A 43 -4.18 8.80 -9.80
N MET A 44 -3.30 9.38 -10.61
CA MET A 44 -2.20 10.15 -10.08
C MET A 44 -2.48 11.65 -10.15
N LYS A 45 -3.36 12.02 -11.08
CA LYS A 45 -3.70 13.41 -11.30
C LYS A 45 -5.18 13.61 -11.02
N CYS A 46 -5.70 12.82 -10.10
CA CYS A 46 -7.10 12.86 -9.74
C CYS A 46 -7.35 13.96 -8.73
N GLU A 47 -8.35 14.80 -8.98
CA GLU A 47 -8.67 15.89 -8.07
C GLU A 47 -9.12 15.33 -6.72
N GLY A 48 -8.87 16.10 -5.66
CA GLY A 48 -9.17 15.61 -4.32
C GLY A 48 -8.34 14.40 -3.92
N ILE A 49 -7.36 14.04 -4.73
CA ILE A 49 -6.52 12.87 -4.48
C ILE A 49 -5.93 12.88 -3.06
N TYR A 50 -6.34 11.89 -2.26
CA TYR A 50 -5.88 11.72 -0.88
C TYR A 50 -6.41 12.82 0.03
N ARG A 51 -7.34 13.62 -0.48
CA ARG A 51 -7.91 14.69 0.30
C ARG A 51 -9.38 14.36 0.60
N VAL A 52 -10.04 13.79 -0.39
CA VAL A 52 -11.44 13.42 -0.26
C VAL A 52 -11.60 12.22 0.66
N SER A 53 -12.71 12.18 1.37
CA SER A 53 -13.02 11.11 2.31
C SER A 53 -14.51 11.09 2.55
N GLY A 54 -15.25 10.59 1.57
CA GLY A 54 -16.69 10.71 1.61
C GLY A 54 -17.38 9.41 1.94
N ILE A 55 -17.39 8.47 1.01
CA ILE A 55 -18.15 7.24 1.16
C ILE A 55 -17.58 6.35 2.26
N LYS A 56 -18.23 6.40 3.41
CA LYS A 56 -17.91 5.48 4.51
C LYS A 56 -18.35 4.08 4.12
N SER A 57 -19.38 4.02 3.29
CA SER A 57 -20.08 2.79 2.98
C SER A 57 -19.16 1.74 2.35
N LYS A 58 -18.21 2.18 1.51
CA LYS A 58 -17.35 1.24 0.82
C LYS A 58 -16.19 0.82 1.73
N VAL A 59 -15.84 1.69 2.66
CA VAL A 59 -14.78 1.40 3.62
C VAL A 59 -15.15 0.18 4.44
N ASP A 60 -16.42 0.11 4.86
CA ASP A 60 -16.94 -1.03 5.61
C ASP A 60 -16.78 -2.30 4.81
N GLU A 61 -16.92 -2.17 3.49
CA GLU A 61 -16.88 -3.32 2.59
C GLU A 61 -15.45 -3.82 2.47
N LEU A 62 -14.52 -2.88 2.30
CA LEU A 62 -13.11 -3.23 2.14
C LEU A 62 -12.55 -3.81 3.43
N LYS A 63 -12.98 -3.26 4.56
CA LYS A 63 -12.61 -3.81 5.87
C LYS A 63 -13.04 -5.26 5.94
N ALA A 64 -14.21 -5.52 5.37
CA ALA A 64 -14.77 -6.87 5.37
C ALA A 64 -13.98 -7.80 4.47
N ALA A 65 -13.43 -7.26 3.38
CA ALA A 65 -12.64 -8.06 2.44
C ALA A 65 -11.37 -8.56 3.10
N TYR A 66 -10.60 -7.64 3.66
CA TYR A 66 -9.27 -7.97 4.18
C TYR A 66 -9.36 -8.87 5.40
N ASP A 67 -10.35 -8.61 6.26
CA ASP A 67 -10.56 -9.39 7.47
C ASP A 67 -10.86 -10.86 7.15
N ARG A 68 -11.59 -11.08 6.06
CA ARG A 68 -12.06 -12.40 5.70
C ARG A 68 -11.35 -12.92 4.46
N GLU A 69 -10.09 -12.49 4.35
CA GLU A 69 -9.21 -12.85 3.24
C GLU A 69 -9.46 -11.99 2.02
N GLU A 70 -8.90 -10.79 2.11
CA GLU A 70 -8.76 -9.81 1.03
C GLU A 70 -9.13 -10.34 -0.34
N SER A 71 -10.26 -9.90 -0.84
CA SER A 71 -10.63 -10.19 -2.20
C SER A 71 -11.43 -9.03 -2.77
N THR A 72 -10.75 -8.10 -3.43
CA THR A 72 -11.40 -6.94 -3.99
C THR A 72 -10.56 -6.35 -5.10
N ASN A 73 -11.22 -5.85 -6.12
CA ASN A 73 -10.55 -5.14 -7.18
C ASN A 73 -10.69 -3.65 -6.93
N LEU A 74 -9.62 -3.05 -6.45
CA LEU A 74 -9.60 -1.64 -6.10
C LEU A 74 -9.75 -0.73 -7.32
N GLU A 75 -9.73 -1.33 -8.50
CA GLU A 75 -9.82 -0.58 -9.74
C GLU A 75 -11.28 -0.21 -10.02
N ASP A 76 -12.18 -0.98 -9.41
CA ASP A 76 -13.60 -0.72 -9.50
C ASP A 76 -13.98 0.37 -8.50
N TYR A 77 -13.15 0.50 -7.47
CA TYR A 77 -13.39 1.46 -6.40
C TYR A 77 -12.79 2.82 -6.73
N GLU A 78 -13.06 3.78 -5.87
CA GLU A 78 -12.58 5.15 -6.07
C GLU A 78 -11.24 5.35 -5.39
N PRO A 79 -10.42 6.29 -5.89
CA PRO A 79 -9.12 6.62 -5.29
C PRO A 79 -9.28 7.08 -3.84
N ASN A 80 -10.25 7.95 -3.59
CA ASN A 80 -10.59 8.37 -2.23
C ASN A 80 -10.90 7.16 -1.33
N THR A 81 -11.52 6.15 -1.90
CA THR A 81 -11.95 4.98 -1.13
C THR A 81 -10.73 4.19 -0.63
N VAL A 82 -9.82 3.85 -1.54
CA VAL A 82 -8.63 3.08 -1.18
C VAL A 82 -7.71 3.90 -0.27
N ALA A 83 -7.61 5.19 -0.56
CA ALA A 83 -6.80 6.12 0.23
C ALA A 83 -7.30 6.19 1.68
N SER A 84 -8.60 6.04 1.85
CA SER A 84 -9.23 6.24 3.15
C SER A 84 -9.22 4.93 3.91
N LEU A 85 -9.42 3.85 3.17
CA LEU A 85 -9.31 2.53 3.73
C LEU A 85 -7.89 2.33 4.25
N LEU A 86 -6.91 2.83 3.49
CA LEU A 86 -5.51 2.70 3.85
C LEU A 86 -5.18 3.44 5.15
N LYS A 87 -5.51 4.73 5.19
CA LYS A 87 -5.18 5.54 6.37
C LYS A 87 -5.96 5.06 7.58
N GLN A 88 -7.17 4.57 7.36
CA GLN A 88 -7.96 4.00 8.45
C GLN A 88 -7.37 2.67 8.91
N TYR A 89 -7.05 1.82 7.95
CA TYR A 89 -6.35 0.57 8.20
C TYR A 89 -5.15 0.75 9.13
N LEU A 90 -4.23 1.63 8.77
CA LEU A 90 -3.03 1.81 9.59
C LEU A 90 -3.35 2.51 10.91
N ARG A 91 -4.48 3.22 10.95
CA ARG A 91 -4.94 3.82 12.19
C ARG A 91 -5.43 2.74 13.16
N ASP A 92 -6.28 1.83 12.68
CA ASP A 92 -6.75 0.70 13.49
C ASP A 92 -5.62 -0.12 14.07
N LEU A 93 -4.43 0.01 13.52
CA LEU A 93 -3.28 -0.73 14.03
C LEU A 93 -2.86 -0.12 15.38
N PRO A 94 -2.76 -0.96 16.43
CA PRO A 94 -2.46 -0.50 17.80
C PRO A 94 -1.10 0.17 17.92
N GLU A 95 -0.26 -0.02 16.93
CA GLU A 95 1.06 0.56 16.92
C GLU A 95 1.18 1.60 15.82
N ASN A 96 1.50 2.83 16.22
CA ASN A 96 1.73 3.90 15.27
C ASN A 96 2.95 3.58 14.41
N LEU A 97 3.10 4.32 13.33
CA LEU A 97 4.25 4.15 12.46
C LEU A 97 5.51 4.56 13.21
N LEU A 98 5.42 5.69 13.91
CA LEU A 98 6.51 6.18 14.74
C LEU A 98 6.33 5.69 16.17
N THR A 99 5.24 4.94 16.37
CA THR A 99 4.80 4.49 17.70
C THR A 99 4.66 5.67 18.68
N LYS A 100 4.28 5.36 19.91
CA LYS A 100 4.16 6.36 20.97
C LYS A 100 5.55 6.87 21.33
N GLU A 101 6.50 5.95 21.20
CA GLU A 101 7.88 6.18 21.58
C GLU A 101 8.50 7.41 20.92
N LEU A 102 8.45 7.47 19.59
CA LEU A 102 9.11 8.56 18.87
C LEU A 102 8.13 9.69 18.51
N MET A 103 6.83 9.38 18.46
CA MET A 103 5.81 10.34 18.01
C MET A 103 5.94 11.75 18.64
N PRO A 104 5.92 11.90 19.98
CA PRO A 104 6.01 13.22 20.61
C PRO A 104 7.36 13.89 20.39
N ARG A 105 8.35 13.10 20.02
CA ARG A 105 9.71 13.61 19.81
C ARG A 105 9.83 14.21 18.41
N PHE A 106 8.84 13.92 17.57
CA PHE A 106 8.78 14.49 16.24
C PHE A 106 8.54 15.99 16.30
N GLU A 107 7.77 16.42 17.30
CA GLU A 107 7.53 17.84 17.51
C GLU A 107 8.86 18.55 17.76
N GLU A 108 9.71 17.91 18.57
CA GLU A 108 11.06 18.41 18.83
C GLU A 108 11.86 18.50 17.53
N ALA A 109 11.79 17.43 16.75
CA ALA A 109 12.48 17.34 15.46
C ALA A 109 11.92 18.34 14.45
N CYS A 110 10.71 18.82 14.69
CA CYS A 110 10.10 19.79 13.80
C CYS A 110 10.47 21.20 14.23
N GLY A 111 10.72 21.38 15.53
CA GLY A 111 11.08 22.67 16.07
C GLY A 111 12.57 22.93 16.03
N ARG A 112 13.32 22.07 15.36
CA ARG A 112 14.76 22.25 15.24
C ARG A 112 15.07 23.55 14.49
N THR A 113 16.13 24.21 14.93
CA THR A 113 16.50 25.53 14.44
C THR A 113 16.76 25.56 12.92
N THR A 114 17.06 24.40 12.34
CA THR A 114 17.40 24.31 10.93
C THR A 114 16.84 23.02 10.34
N GLU A 115 16.45 23.05 9.07
CA GLU A 115 15.95 21.87 8.36
C GLU A 115 16.93 20.71 8.47
N THR A 116 18.22 21.02 8.44
CA THR A 116 19.26 20.01 8.59
C THR A 116 19.16 19.34 9.96
N GLU A 117 19.03 20.14 11.01
CA GLU A 117 18.85 19.61 12.36
C GLU A 117 17.60 18.74 12.41
N LYS A 118 16.56 19.17 11.68
CA LYS A 118 15.31 18.43 11.64
C LYS A 118 15.53 17.05 11.02
N VAL A 119 16.01 17.04 9.78
CA VAL A 119 16.26 15.77 9.08
C VAL A 119 17.16 14.83 9.88
N GLN A 120 18.19 15.36 10.53
CA GLN A 120 19.06 14.54 11.38
C GLN A 120 18.27 13.97 12.57
N GLU A 121 17.43 14.80 13.15
CA GLU A 121 16.63 14.39 14.28
C GLU A 121 15.71 13.23 13.89
N PHE A 122 14.91 13.44 12.82
CA PHE A 122 14.02 12.40 12.31
C PHE A 122 14.79 11.12 12.00
N GLN A 123 16.02 11.30 11.52
CA GLN A 123 16.89 10.16 11.27
C GLN A 123 16.95 9.24 12.48
N ARG A 124 17.28 9.78 13.66
CA ARG A 124 17.36 8.94 14.85
C ARG A 124 16.01 8.34 15.19
N LEU A 125 14.95 9.14 15.06
CA LEU A 125 13.60 8.64 15.35
C LEU A 125 13.30 7.41 14.52
N LEU A 126 13.47 7.54 13.22
CA LEU A 126 13.24 6.43 12.28
C LEU A 126 14.08 5.20 12.56
N LYS A 127 15.26 5.36 13.16
CA LYS A 127 16.10 4.21 13.49
C LYS A 127 15.44 3.41 14.60
N GLU A 128 14.84 4.14 15.52
CA GLU A 128 14.13 3.56 16.66
C GLU A 128 12.81 2.89 16.24
N LEU A 129 12.63 2.61 14.96
CA LEU A 129 11.38 2.02 14.48
C LEU A 129 11.60 0.55 14.10
N PRO A 130 10.55 -0.28 14.14
CA PRO A 130 10.60 -1.65 13.64
C PRO A 130 10.77 -1.69 12.12
N GLU A 131 11.29 -2.80 11.60
CA GLU A 131 11.57 -2.96 10.16
C GLU A 131 10.34 -2.62 9.32
N CYS A 132 9.22 -3.26 9.62
CA CYS A 132 7.99 -3.06 8.87
C CYS A 132 7.52 -1.60 8.89
N ASN A 133 7.69 -0.95 10.04
CA ASN A 133 7.27 0.44 10.19
C ASN A 133 8.23 1.35 9.44
N TYR A 134 9.51 1.01 9.49
CA TYR A 134 10.56 1.75 8.80
C TYR A 134 10.29 1.76 7.30
N LEU A 135 9.93 0.62 6.75
CA LEU A 135 9.61 0.52 5.34
C LEU A 135 8.29 1.22 5.02
N LEU A 136 7.30 1.07 5.90
CA LEU A 136 6.00 1.68 5.68
C LEU A 136 6.12 3.21 5.70
N ILE A 137 6.83 3.74 6.68
CA ILE A 137 7.02 5.19 6.79
C ILE A 137 7.75 5.72 5.55
N SER A 138 8.66 4.91 5.03
CA SER A 138 9.40 5.24 3.81
C SER A 138 8.44 5.39 2.64
N TRP A 139 7.60 4.38 2.45
CA TRP A 139 6.74 4.32 1.28
C TRP A 139 5.60 5.30 1.40
N LEU A 140 4.95 5.31 2.54
CA LEU A 140 3.77 6.14 2.74
C LEU A 140 4.09 7.59 2.45
N ILE A 141 5.23 8.06 2.91
CA ILE A 141 5.59 9.46 2.75
C ILE A 141 6.12 9.74 1.35
N VAL A 142 7.02 8.88 0.84
CA VAL A 142 7.58 9.07 -0.50
C VAL A 142 6.50 8.97 -1.58
N HIS A 143 5.60 7.99 -1.45
CA HIS A 143 4.50 7.84 -2.38
C HIS A 143 3.58 9.06 -2.32
N MET A 144 3.36 9.55 -1.11
CA MET A 144 2.48 10.70 -0.92
C MET A 144 3.16 11.95 -1.49
N ASP A 145 4.48 11.98 -1.40
CA ASP A 145 5.29 13.08 -1.92
C ASP A 145 5.21 13.11 -3.44
N HIS A 146 5.20 11.94 -4.04
CA HIS A 146 5.04 11.82 -5.48
C HIS A 146 3.71 12.42 -5.92
N VAL A 147 2.67 12.25 -5.09
CA VAL A 147 1.38 12.88 -5.35
C VAL A 147 1.50 14.39 -5.22
N ILE A 148 2.32 14.84 -4.28
CA ILE A 148 2.52 16.28 -4.08
C ILE A 148 3.03 16.92 -5.36
N ALA A 149 3.98 16.26 -6.01
CA ALA A 149 4.49 16.72 -7.28
C ALA A 149 3.37 16.72 -8.34
N LYS A 150 2.50 15.73 -8.26
CA LYS A 150 1.39 15.64 -9.19
C LYS A 150 0.33 16.68 -8.85
N GLU A 151 0.20 17.01 -7.57
CA GLU A 151 -0.71 18.07 -7.15
C GLU A 151 -0.17 19.43 -7.54
N LEU A 152 1.14 19.49 -7.73
CA LEU A 152 1.76 20.69 -8.25
C LEU A 152 1.31 20.91 -9.68
N GLU A 153 1.06 19.81 -10.40
CA GLU A 153 0.55 19.92 -11.76
C GLU A 153 -0.98 19.95 -11.83
N THR A 154 -1.66 19.35 -10.86
CA THR A 154 -3.11 19.25 -10.94
C THR A 154 -3.81 20.46 -10.31
N LYS A 155 -3.40 20.83 -9.09
CA LYS A 155 -3.89 22.06 -8.44
C LYS A 155 -3.38 22.26 -7.01
N MET A 156 -3.37 21.20 -6.19
CA MET A 156 -3.13 21.39 -4.76
C MET A 156 -1.65 21.51 -4.42
N ASN A 157 -1.36 21.42 -3.13
CA ASN A 157 -0.02 21.61 -2.62
C ASN A 157 0.16 20.73 -1.39
N ILE A 158 1.35 20.77 -0.80
CA ILE A 158 1.64 20.02 0.41
C ILE A 158 0.63 20.36 1.51
N GLN A 159 0.14 21.59 1.47
CA GLN A 159 -0.75 22.11 2.53
C GLN A 159 -1.96 21.23 2.75
N ASN A 160 -2.74 21.01 1.69
CA ASN A 160 -3.98 20.22 1.81
C ASN A 160 -3.68 18.80 2.25
N ILE A 161 -2.64 18.23 1.68
CA ILE A 161 -2.24 16.87 2.01
C ILE A 161 -1.80 16.80 3.47
N SER A 162 -1.13 17.84 3.93
CA SER A 162 -0.69 17.92 5.32
C SER A 162 -1.89 17.92 6.27
N ILE A 163 -3.00 18.50 5.83
CA ILE A 163 -4.19 18.60 6.66
C ILE A 163 -4.81 17.22 6.87
N VAL A 164 -4.82 16.44 5.80
CA VAL A 164 -5.44 15.12 5.84
C VAL A 164 -4.47 14.05 6.37
N LEU A 165 -3.18 14.26 6.13
CA LEU A 165 -2.17 13.29 6.54
C LEU A 165 -1.83 13.44 8.03
N SER A 166 -2.16 14.59 8.59
CA SER A 166 -1.97 14.85 10.02
C SER A 166 -2.70 13.78 10.87
N PRO A 167 -4.03 13.63 10.75
CA PRO A 167 -4.78 12.60 11.47
C PRO A 167 -4.40 11.20 11.03
N THR A 168 -3.73 11.09 9.89
CA THR A 168 -3.34 9.80 9.34
C THR A 168 -2.33 9.09 10.25
N VAL A 169 -1.22 9.76 10.56
CA VAL A 169 -0.26 9.20 11.52
C VAL A 169 -0.54 9.64 12.96
N GLN A 170 -1.41 10.65 13.11
CA GLN A 170 -1.77 11.22 14.41
C GLN A 170 -0.67 12.15 14.91
N ILE A 171 -0.19 13.01 14.03
CA ILE A 171 0.87 13.95 14.38
C ILE A 171 0.54 15.33 13.82
N SER A 172 1.01 16.37 14.52
CA SER A 172 0.78 17.76 14.15
C SER A 172 1.04 18.03 12.67
N ASN A 173 0.29 19.00 12.14
CA ASN A 173 0.18 19.26 10.70
C ASN A 173 1.54 19.54 10.06
N ARG A 174 2.33 20.41 10.69
CA ARG A 174 3.57 20.89 10.11
C ARG A 174 4.57 19.75 9.89
N VAL A 175 4.41 18.68 10.66
CA VAL A 175 5.31 17.54 10.58
C VAL A 175 5.13 16.79 9.26
N LEU A 176 3.92 16.75 8.74
CA LEU A 176 3.66 16.03 7.49
C LEU A 176 4.25 16.78 6.30
N TYR A 177 3.98 18.08 6.26
CA TYR A 177 4.68 18.96 5.33
C TYR A 177 6.19 18.68 5.31
N VAL A 178 6.84 18.77 6.46
CA VAL A 178 8.28 18.50 6.52
C VAL A 178 8.57 17.02 6.27
N PHE A 179 7.59 16.15 6.54
CA PHE A 179 7.75 14.72 6.31
C PHE A 179 8.22 14.46 4.89
N PHE A 180 7.55 15.04 3.92
CA PHE A 180 7.93 14.87 2.52
C PHE A 180 9.27 15.54 2.28
N THR A 181 9.27 16.83 2.60
CA THR A 181 10.49 17.62 2.60
C THR A 181 11.72 16.78 3.02
N HIS A 182 11.66 16.21 4.22
CA HIS A 182 12.80 15.46 4.73
C HIS A 182 12.83 14.04 4.18
N VAL A 183 11.70 13.50 3.74
CA VAL A 183 11.65 12.12 3.25
C VAL A 183 12.52 11.95 2.01
N GLN A 184 12.53 12.95 1.14
CA GLN A 184 13.38 12.94 -0.03
C GLN A 184 14.81 13.26 0.37
N GLU A 185 14.98 14.16 1.34
CA GLU A 185 16.30 14.45 1.86
C GLU A 185 16.93 13.22 2.51
N LEU A 186 16.12 12.39 3.17
CA LEU A 186 16.63 11.26 3.95
C LEU A 186 16.77 9.98 3.12
N PHE A 187 15.75 9.60 2.37
CA PHE A 187 15.79 8.35 1.61
C PHE A 187 16.15 8.58 0.15
N GLY A 188 15.16 8.96 -0.63
CA GLY A 188 15.37 9.20 -2.06
C GLY A 188 15.31 7.94 -2.89
N ASN A 189 15.99 6.92 -2.42
CA ASN A 189 16.09 5.66 -3.16
C ASN A 189 14.86 4.80 -2.91
N VAL A 190 14.16 5.11 -1.84
CA VAL A 190 12.88 4.46 -1.53
C VAL A 190 11.95 4.52 -2.74
N VAL A 191 11.63 3.35 -3.27
CA VAL A 191 10.88 3.26 -4.50
C VAL A 191 9.56 2.53 -4.27
N LEU A 192 8.54 2.96 -4.98
CA LEU A 192 7.23 2.35 -4.84
C LEU A 192 7.10 1.18 -5.82
N LYS A 193 7.31 -0.03 -5.32
CA LYS A 193 7.15 -1.23 -6.13
C LYS A 193 5.70 -1.70 -6.12
N GLN A 194 5.08 -1.71 -7.29
CA GLN A 194 3.68 -2.11 -7.41
C GLN A 194 3.53 -3.62 -7.27
N VAL A 195 2.35 -4.03 -6.82
CA VAL A 195 2.05 -5.42 -6.61
C VAL A 195 0.75 -5.78 -7.34
N MET A 196 0.59 -7.05 -7.70
CA MET A 196 -0.60 -7.49 -8.42
C MET A 196 -1.82 -7.46 -7.53
N LYS A 197 -2.94 -7.11 -8.14
CA LYS A 197 -4.20 -7.00 -7.45
C LYS A 197 -5.24 -7.87 -8.15
N PRO A 198 -6.28 -8.32 -7.42
CA PRO A 198 -7.38 -9.11 -8.01
C PRO A 198 -8.11 -8.36 -9.12
N LEU A 199 -8.67 -9.10 -10.06
CA LEU A 199 -9.39 -8.49 -11.16
C LEU A 199 -10.90 -8.56 -10.92
N ARG A 200 -11.68 -7.95 -11.80
CA ARG A 200 -13.14 -7.92 -11.66
C ARG A 200 -13.77 -9.20 -12.20
N TRP A 201 -12.96 -10.24 -12.37
CA TRP A 201 -13.44 -11.46 -12.98
C TRP A 201 -13.77 -12.51 -11.93
N SER A 202 -14.81 -13.28 -12.20
CA SER A 202 -15.29 -14.31 -11.29
C SER A 202 -14.51 -15.62 -11.45
N ASN A 203 -13.24 -15.50 -11.85
CA ASN A 203 -12.31 -16.65 -11.92
C ASN A 203 -12.53 -17.52 -13.16
N MET A 204 -13.78 -17.84 -13.49
CA MET A 204 -14.07 -18.64 -14.67
C MET A 204 -15.38 -18.21 -15.33
N ALA A 205 -15.88 -19.05 -16.26
CA ALA A 205 -17.17 -18.84 -16.95
C ALA A 205 -17.03 -17.84 -18.10
N THR A 206 -16.32 -16.76 -17.86
CA THR A 206 -16.11 -15.74 -18.88
C THR A 206 -14.70 -15.83 -19.44
N MET A 207 -14.24 -14.76 -20.09
CA MET A 207 -12.88 -14.73 -20.63
C MET A 207 -12.41 -13.28 -20.83
N PRO A 208 -13.18 -12.43 -21.56
CA PRO A 208 -12.80 -11.03 -21.77
C PRO A 208 -12.96 -10.21 -20.49
N THR A 209 -11.84 -9.68 -19.99
CA THR A 209 -11.84 -8.87 -18.79
C THR A 209 -10.41 -8.40 -18.46
N LEU A 210 -9.44 -9.20 -18.88
CA LEU A 210 -8.04 -8.86 -18.69
C LEU A 210 -7.53 -8.04 -19.87
N PRO A 211 -6.57 -7.11 -19.61
CA PRO A 211 -6.01 -6.17 -20.60
C PRO A 211 -5.94 -6.71 -22.04
N GLU A 212 -6.38 -5.89 -22.99
CA GLU A 212 -6.39 -6.27 -24.39
C GLU A 212 -5.07 -5.90 -25.08
N THR A 213 -4.35 -4.94 -24.50
CA THR A 213 -3.15 -4.40 -25.13
C THR A 213 -1.90 -5.23 -24.80
N GLN A 214 -0.98 -5.32 -25.76
CA GLN A 214 0.26 -6.06 -25.58
C GLN A 214 1.03 -5.54 -24.36
N ALA A 215 1.03 -4.22 -24.21
CA ALA A 215 1.76 -3.57 -23.12
C ALA A 215 1.12 -3.91 -21.78
N GLY A 216 -0.20 -3.82 -21.74
CA GLY A 216 -0.93 -4.14 -20.52
C GLY A 216 -0.71 -5.58 -20.08
N ILE A 217 -0.74 -6.49 -21.04
CA ILE A 217 -0.60 -7.90 -20.75
C ILE A 217 0.82 -8.22 -20.31
N LYS A 218 1.80 -7.79 -21.11
CA LYS A 218 3.20 -8.05 -20.83
C LYS A 218 3.63 -7.58 -19.44
N GLU A 219 3.32 -6.34 -19.11
CA GLU A 219 3.75 -5.76 -17.85
C GLU A 219 3.13 -6.49 -16.66
N GLU A 220 1.83 -6.79 -16.75
CA GLU A 220 1.17 -7.53 -15.68
C GLU A 220 1.72 -8.94 -15.60
N ILE A 221 1.95 -9.58 -16.76
CA ILE A 221 2.56 -10.91 -16.81
C ILE A 221 3.89 -10.91 -16.09
N ARG A 222 4.70 -9.89 -16.34
CA ARG A 222 6.00 -9.74 -15.71
C ARG A 222 5.86 -9.90 -14.21
N ARG A 223 4.92 -9.16 -13.65
CA ARG A 223 4.68 -9.19 -12.21
C ARG A 223 4.17 -10.56 -11.79
N GLN A 224 3.24 -11.10 -12.59
CA GLN A 224 2.62 -12.40 -12.29
C GLN A 224 3.67 -13.51 -12.18
N GLU A 225 4.59 -13.57 -13.14
CA GLU A 225 5.59 -14.62 -13.16
C GLU A 225 6.56 -14.51 -11.99
N PHE A 226 6.85 -13.28 -11.55
CA PHE A 226 7.69 -13.08 -10.36
C PHE A 226 6.98 -13.60 -9.12
N LEU A 227 5.67 -13.38 -9.07
CA LEU A 227 4.84 -13.88 -8.00
C LEU A 227 4.73 -15.39 -8.09
N LEU A 228 4.75 -15.88 -9.32
CA LEU A 228 4.56 -17.29 -9.60
C LEU A 228 5.75 -18.10 -9.10
N ASN A 229 6.94 -17.75 -9.56
CA ASN A 229 8.14 -18.52 -9.26
C ASN A 229 8.46 -18.47 -7.77
N CYS A 230 8.23 -17.33 -7.13
CA CYS A 230 8.54 -17.17 -5.72
C CYS A 230 7.66 -18.07 -4.87
N LEU A 231 6.36 -17.99 -5.09
CA LEU A 231 5.39 -18.77 -4.32
C LEU A 231 5.53 -20.26 -4.63
N HIS A 232 5.50 -20.58 -5.92
CA HIS A 232 5.57 -21.96 -6.39
C HIS A 232 6.80 -22.68 -5.81
N ARG A 233 7.92 -21.99 -5.74
CA ARG A 233 9.18 -22.59 -5.29
C ARG A 233 9.19 -22.85 -3.79
N ASP A 234 8.87 -21.83 -3.01
CA ASP A 234 8.92 -21.93 -1.55
C ASP A 234 7.96 -22.98 -1.01
N LEU A 235 6.90 -23.26 -1.77
CA LEU A 235 5.88 -24.21 -1.37
C LEU A 235 6.48 -25.60 -1.05
N GLN A 236 7.62 -25.91 -1.64
CA GLN A 236 8.26 -27.21 -1.44
C GLN A 236 8.96 -27.28 -0.09
N GLY A 237 9.06 -26.15 0.59
CA GLY A 237 9.75 -26.10 1.87
C GLY A 237 8.90 -26.59 3.02
N GLY A 238 8.28 -27.75 2.83
CA GLY A 238 7.43 -28.33 3.86
C GLY A 238 6.18 -27.52 4.11
N ILE A 239 5.78 -26.72 3.13
CA ILE A 239 4.62 -25.84 3.27
C ILE A 239 3.40 -26.47 2.63
N LYS A 240 2.43 -26.84 3.45
CA LYS A 240 1.20 -27.43 2.94
C LYS A 240 -0.01 -26.70 3.50
N ASP A 241 -0.32 -25.56 2.90
CA ASP A 241 -1.52 -24.82 3.23
C ASP A 241 -2.40 -24.76 2.00
N LEU A 242 -3.66 -25.14 2.15
CA LEU A 242 -4.57 -25.18 1.01
C LEU A 242 -4.77 -23.77 0.45
N SER A 243 -4.71 -22.78 1.34
CA SER A 243 -4.98 -21.41 0.96
C SER A 243 -3.83 -20.85 0.10
N LYS A 244 -2.61 -21.33 0.36
CA LYS A 244 -1.45 -20.91 -0.42
C LYS A 244 -1.57 -21.47 -1.82
N GLU A 245 -2.00 -22.72 -1.89
CA GLU A 245 -2.15 -23.41 -3.15
C GLU A 245 -3.29 -22.82 -3.96
N GLU A 246 -4.44 -22.61 -3.32
CA GLU A 246 -5.58 -22.02 -4.00
C GLU A 246 -5.19 -20.75 -4.75
N ARG A 247 -4.49 -19.85 -4.08
CA ARG A 247 -4.06 -18.61 -4.72
C ARG A 247 -3.01 -18.89 -5.79
N LEU A 248 -2.28 -19.99 -5.63
CA LEU A 248 -1.25 -20.39 -6.58
C LEU A 248 -1.87 -20.87 -7.90
N TRP A 249 -2.94 -21.64 -7.85
CA TRP A 249 -3.59 -22.12 -9.08
C TRP A 249 -4.21 -20.95 -9.81
N GLU A 250 -4.64 -20.00 -9.01
CA GLU A 250 -5.31 -18.81 -9.53
C GLU A 250 -4.39 -18.04 -10.47
N VAL A 251 -3.19 -17.71 -9.99
CA VAL A 251 -2.23 -16.97 -10.82
C VAL A 251 -1.84 -17.78 -12.06
N GLN A 252 -1.69 -19.08 -11.89
CA GLN A 252 -1.37 -19.98 -13.00
C GLN A 252 -2.45 -19.93 -14.09
N ARG A 253 -3.70 -19.98 -13.68
CA ARG A 253 -4.82 -19.95 -14.64
C ARG A 253 -4.86 -18.62 -15.38
N ILE A 254 -4.54 -17.56 -14.66
CA ILE A 254 -4.58 -16.21 -15.23
C ILE A 254 -3.42 -16.01 -16.19
N LEU A 255 -2.24 -16.42 -15.74
CA LEU A 255 -1.03 -16.33 -16.55
C LEU A 255 -1.20 -17.09 -17.86
N THR A 256 -1.83 -18.24 -17.78
CA THR A 256 -2.09 -19.08 -18.95
C THR A 256 -2.91 -18.31 -19.99
N ALA A 257 -4.01 -17.71 -19.55
CA ALA A 257 -4.82 -16.86 -20.41
C ALA A 257 -3.99 -15.75 -21.04
N LEU A 258 -3.20 -15.09 -20.22
CA LEU A 258 -2.36 -13.98 -20.67
C LEU A 258 -1.30 -14.44 -21.67
N LYS A 259 -0.73 -15.62 -21.44
CA LYS A 259 0.25 -16.18 -22.36
C LYS A 259 -0.36 -16.45 -23.73
N ARG A 260 -1.63 -16.79 -23.74
CA ARG A 260 -2.38 -16.93 -24.99
C ARG A 260 -2.56 -15.57 -25.64
N LYS A 261 -2.98 -14.59 -24.84
CA LYS A 261 -3.21 -13.23 -25.30
C LYS A 261 -1.94 -12.59 -25.86
N LEU A 262 -0.77 -13.12 -25.49
CA LEU A 262 0.50 -12.62 -26.03
C LEU A 262 0.52 -12.70 -27.55
N ARG A 263 -0.16 -13.69 -28.09
CA ARG A 263 -0.28 -13.84 -29.54
C ARG A 263 -1.70 -13.55 -29.98
N GLU A 264 -2.45 -12.93 -29.08
CA GLU A 264 -3.80 -12.48 -29.37
C GLU A 264 -3.72 -11.05 -29.90
N ALA A 265 -2.67 -10.36 -29.46
CA ALA A 265 -2.40 -9.01 -29.90
C ALA A 265 -1.81 -9.04 -31.31
N HIS A 1 -18.69 -10.77 22.39
CA HIS A 1 -17.60 -11.69 22.05
C HIS A 1 -17.00 -11.31 20.72
N MET A 2 -15.69 -11.49 20.58
CA MET A 2 -14.99 -11.19 19.35
C MET A 2 -15.31 -12.21 18.28
N PRO A 3 -15.89 -11.76 17.16
CA PRO A 3 -16.16 -12.62 16.00
C PRO A 3 -14.88 -13.24 15.45
N ASN A 4 -13.92 -12.39 15.12
CA ASN A 4 -12.62 -12.85 14.66
C ASN A 4 -11.55 -12.45 15.66
N LEU A 5 -10.62 -13.34 15.92
CA LEU A 5 -9.57 -13.11 16.89
C LEU A 5 -8.40 -12.38 16.24
N LYS A 6 -8.16 -11.16 16.72
CA LYS A 6 -7.14 -10.28 16.18
C LYS A 6 -7.33 -10.02 14.69
N PRO A 7 -8.21 -9.07 14.37
CA PRO A 7 -8.49 -8.68 13.00
C PRO A 7 -7.52 -7.61 12.52
N ILE A 8 -7.07 -7.74 11.26
CA ILE A 8 -6.25 -6.73 10.55
C ILE A 8 -6.31 -5.32 11.16
N PHE A 9 -7.52 -4.84 11.40
CA PHE A 9 -7.68 -3.51 11.97
C PHE A 9 -7.52 -3.55 13.48
N GLY A 10 -6.26 -3.60 13.92
CA GLY A 10 -5.96 -3.62 15.34
C GLY A 10 -4.92 -4.67 15.69
N ILE A 11 -3.90 -4.78 14.86
CA ILE A 11 -2.82 -5.77 15.06
C ILE A 11 -1.47 -5.15 14.75
N PRO A 12 -0.36 -5.85 15.07
CA PRO A 12 0.98 -5.43 14.64
C PRO A 12 1.15 -5.54 13.13
N LEU A 13 2.03 -4.70 12.59
CA LEU A 13 2.28 -4.65 11.15
C LEU A 13 2.67 -6.02 10.60
N ALA A 14 3.66 -6.66 11.21
CA ALA A 14 4.12 -7.98 10.77
C ALA A 14 2.97 -8.98 10.66
N ASP A 15 2.16 -9.07 11.71
CA ASP A 15 0.98 -9.94 11.71
C ASP A 15 0.09 -9.66 10.49
N ALA A 16 -0.11 -8.38 10.18
CA ALA A 16 -0.87 -8.01 9.01
C ALA A 16 -0.17 -8.50 7.75
N VAL A 17 1.15 -8.39 7.73
CA VAL A 17 1.96 -8.81 6.58
C VAL A 17 1.78 -10.29 6.30
N GLU A 18 1.99 -11.09 7.35
CA GLU A 18 1.95 -12.55 7.24
C GLU A 18 0.62 -13.04 6.70
N ARG A 19 -0.44 -12.33 7.05
CA ARG A 19 -1.77 -12.69 6.58
C ARG A 19 -2.01 -12.17 5.17
N THR A 20 -1.68 -10.93 4.93
CA THR A 20 -1.99 -10.29 3.65
C THR A 20 -0.82 -10.38 2.68
N MET A 21 -0.09 -11.48 2.72
CA MET A 21 0.99 -11.69 1.78
C MET A 21 0.43 -12.08 0.40
N MET A 22 0.72 -11.24 -0.59
CA MET A 22 0.32 -11.54 -1.97
C MET A 22 1.53 -11.62 -2.87
N TYR A 23 2.04 -10.46 -3.32
CA TYR A 23 3.22 -10.41 -4.17
C TYR A 23 4.41 -11.19 -3.58
N ASP A 24 5.22 -10.54 -2.76
CA ASP A 24 6.38 -11.19 -2.14
C ASP A 24 6.27 -11.21 -0.62
N GLY A 25 5.46 -10.33 -0.08
CA GLY A 25 5.41 -10.17 1.36
C GLY A 25 6.65 -9.48 1.88
N ILE A 26 6.96 -8.35 1.27
CA ILE A 26 8.19 -7.60 1.55
C ILE A 26 8.12 -6.86 2.90
N ARG A 27 7.68 -7.58 3.94
CA ARG A 27 7.50 -6.98 5.27
C ARG A 27 6.72 -5.67 5.19
N LEU A 28 5.50 -5.79 4.71
CA LEU A 28 4.60 -4.66 4.53
C LEU A 28 3.21 -5.21 4.22
N PRO A 29 2.16 -4.76 4.92
CA PRO A 29 0.79 -5.25 4.69
C PRO A 29 0.33 -5.02 3.25
N ALA A 30 -0.57 -5.88 2.76
CA ALA A 30 -1.05 -5.75 1.39
C ALA A 30 -1.88 -4.50 1.23
N VAL A 31 -2.78 -4.27 2.20
CA VAL A 31 -3.68 -3.11 2.20
C VAL A 31 -2.97 -1.84 1.78
N PHE A 32 -1.76 -1.65 2.29
CA PHE A 32 -0.97 -0.46 1.98
C PHE A 32 -0.65 -0.42 0.49
N ARG A 33 -0.27 -1.57 -0.07
CA ARG A 33 0.09 -1.64 -1.47
C ARG A 33 -1.16 -1.61 -2.35
N GLU A 34 -2.22 -2.29 -1.91
CA GLU A 34 -3.50 -2.30 -2.63
C GLU A 34 -3.91 -0.86 -3.00
N CYS A 35 -3.84 0.02 -2.01
CA CYS A 35 -4.31 1.39 -2.21
C CYS A 35 -3.25 2.22 -2.92
N ILE A 36 -1.98 1.95 -2.61
CA ILE A 36 -0.87 2.68 -3.21
C ILE A 36 -0.69 2.29 -4.68
N ASP A 37 -0.97 1.05 -5.00
CA ASP A 37 -0.83 0.54 -6.36
C ASP A 37 -1.89 1.18 -7.25
N TYR A 38 -3.13 1.14 -6.79
CA TYR A 38 -4.25 1.72 -7.53
C TYR A 38 -3.99 3.18 -7.90
N VAL A 39 -3.57 3.97 -6.92
CA VAL A 39 -3.32 5.38 -7.18
C VAL A 39 -2.05 5.58 -8.01
N GLU A 40 -1.02 4.77 -7.76
CA GLU A 40 0.22 4.89 -8.53
C GLU A 40 -0.04 4.56 -10.00
N LYS A 41 -0.95 3.62 -10.25
CA LYS A 41 -1.31 3.24 -11.61
C LYS A 41 -2.13 4.33 -12.29
N TYR A 42 -3.21 4.79 -11.63
CA TYR A 42 -4.14 5.70 -12.30
C TYR A 42 -4.45 6.93 -11.46
N GLY A 43 -4.60 6.76 -10.16
CA GLY A 43 -4.97 7.88 -9.28
C GLY A 43 -3.78 8.72 -8.85
N MET A 44 -3.01 9.18 -9.83
CA MET A 44 -1.84 9.99 -9.54
C MET A 44 -2.15 11.47 -9.71
N LYS A 45 -2.83 11.79 -10.80
CA LYS A 45 -3.04 13.18 -11.19
C LYS A 45 -4.55 13.46 -11.25
N CYS A 46 -5.28 12.84 -10.36
CA CYS A 46 -6.74 12.98 -10.31
C CYS A 46 -7.12 13.94 -9.19
N GLU A 47 -8.24 14.63 -9.34
CA GLU A 47 -8.70 15.56 -8.31
C GLU A 47 -9.36 14.81 -7.15
N GLY A 48 -9.46 15.49 -6.00
CA GLY A 48 -9.97 14.85 -4.81
C GLY A 48 -8.97 13.91 -4.18
N ILE A 49 -7.82 13.79 -4.85
CA ILE A 49 -6.77 12.85 -4.47
C ILE A 49 -6.35 13.03 -3.00
N TYR A 50 -6.85 12.12 -2.15
CA TYR A 50 -6.50 12.09 -0.73
C TYR A 50 -7.03 13.31 0.02
N ARG A 51 -7.91 14.07 -0.63
CA ARG A 51 -8.37 15.32 -0.04
C ARG A 51 -9.87 15.27 0.26
N VAL A 52 -10.62 14.57 -0.58
CA VAL A 52 -12.05 14.42 -0.40
C VAL A 52 -12.35 13.34 0.66
N SER A 53 -13.49 13.49 1.34
CA SER A 53 -13.88 12.58 2.42
C SER A 53 -13.89 11.12 1.95
N GLY A 54 -14.52 10.88 0.80
CA GLY A 54 -14.63 9.53 0.28
C GLY A 54 -15.89 8.85 0.75
N ILE A 55 -16.49 8.06 -0.13
CA ILE A 55 -17.69 7.33 0.24
C ILE A 55 -17.36 6.31 1.31
N LYS A 56 -17.79 6.59 2.53
CA LYS A 56 -17.51 5.73 3.67
C LYS A 56 -18.19 4.39 3.50
N SER A 57 -19.30 4.38 2.77
CA SER A 57 -20.06 3.17 2.51
C SER A 57 -19.22 2.14 1.79
N LYS A 58 -18.25 2.61 1.00
CA LYS A 58 -17.37 1.70 0.26
C LYS A 58 -16.27 1.19 1.18
N VAL A 59 -15.93 2.02 2.16
CA VAL A 59 -14.83 1.74 3.07
C VAL A 59 -15.17 0.57 3.98
N ASP A 60 -16.44 0.49 4.36
CA ASP A 60 -16.90 -0.60 5.21
C ASP A 60 -16.87 -1.91 4.45
N GLU A 61 -17.06 -1.82 3.14
CA GLU A 61 -17.03 -2.98 2.26
C GLU A 61 -15.62 -3.53 2.19
N LEU A 62 -14.68 -2.63 1.94
CA LEU A 62 -13.28 -2.97 1.82
C LEU A 62 -12.74 -3.55 3.13
N LYS A 63 -12.93 -2.84 4.23
CA LYS A 63 -12.38 -3.24 5.51
C LYS A 63 -12.91 -4.63 5.90
N ALA A 64 -14.14 -4.89 5.51
CA ALA A 64 -14.75 -6.21 5.76
C ALA A 64 -14.03 -7.29 4.96
N ALA A 65 -13.72 -6.98 3.71
CA ALA A 65 -13.08 -7.95 2.82
C ALA A 65 -11.60 -8.15 3.18
N TYR A 66 -10.97 -7.11 3.69
CA TYR A 66 -9.56 -7.17 4.05
C TYR A 66 -9.32 -8.11 5.23
N ASP A 67 -10.11 -7.99 6.29
CA ASP A 67 -9.88 -8.83 7.47
C ASP A 67 -10.27 -10.29 7.22
N ARG A 68 -11.31 -10.51 6.41
CA ARG A 68 -11.71 -11.88 6.10
C ARG A 68 -10.83 -12.45 5.01
N GLU A 69 -9.92 -11.61 4.51
CA GLU A 69 -9.00 -11.97 3.44
C GLU A 69 -9.77 -12.48 2.22
N GLU A 70 -10.36 -11.51 1.52
CA GLU A 70 -11.17 -11.77 0.34
C GLU A 70 -10.53 -11.12 -0.88
N SER A 71 -11.24 -11.09 -2.00
CA SER A 71 -10.72 -10.46 -3.20
C SER A 71 -11.03 -8.96 -3.18
N THR A 72 -9.98 -8.14 -3.22
CA THR A 72 -10.13 -6.70 -3.20
C THR A 72 -9.75 -6.09 -4.55
N ASN A 73 -10.73 -5.54 -5.25
CA ASN A 73 -10.47 -4.88 -6.51
C ASN A 73 -10.59 -3.37 -6.35
N LEU A 74 -9.46 -2.69 -6.46
CA LEU A 74 -9.40 -1.25 -6.24
C LEU A 74 -9.94 -0.47 -7.44
N GLU A 75 -10.15 -1.16 -8.54
CA GLU A 75 -10.53 -0.53 -9.80
C GLU A 75 -11.98 -0.06 -9.78
N ASP A 76 -12.71 -0.53 -8.77
CA ASP A 76 -14.14 -0.24 -8.67
C ASP A 76 -14.41 0.99 -7.82
N TYR A 77 -13.43 1.38 -7.00
CA TYR A 77 -13.63 2.44 -6.03
C TYR A 77 -12.87 3.72 -6.41
N GLU A 78 -12.85 4.67 -5.49
CA GLU A 78 -12.20 5.95 -5.73
C GLU A 78 -10.82 5.97 -5.08
N PRO A 79 -9.91 6.84 -5.56
CA PRO A 79 -8.60 7.02 -4.92
C PRO A 79 -8.77 7.51 -3.48
N ASN A 80 -9.66 8.46 -3.30
CA ASN A 80 -9.98 8.97 -1.97
C ASN A 80 -10.63 7.92 -1.07
N THR A 81 -11.26 6.90 -1.65
CA THR A 81 -11.86 5.84 -0.85
C THR A 81 -10.78 4.95 -0.24
N VAL A 82 -9.87 4.48 -1.09
CA VAL A 82 -8.76 3.64 -0.63
C VAL A 82 -7.86 4.45 0.30
N ALA A 83 -7.72 5.73 0.00
CA ALA A 83 -6.94 6.64 0.82
C ALA A 83 -7.54 6.78 2.22
N SER A 84 -8.87 6.73 2.29
CA SER A 84 -9.57 6.93 3.54
C SER A 84 -9.47 5.67 4.38
N LEU A 85 -9.50 4.52 3.70
CA LEU A 85 -9.31 3.26 4.37
C LEU A 85 -7.86 3.14 4.85
N LEU A 86 -6.93 3.60 4.01
CA LEU A 86 -5.51 3.56 4.34
C LEU A 86 -5.22 4.32 5.63
N LYS A 87 -5.65 5.58 5.69
CA LYS A 87 -5.41 6.41 6.86
C LYS A 87 -6.15 5.86 8.08
N GLN A 88 -7.32 5.27 7.86
CA GLN A 88 -8.11 4.73 8.95
C GLN A 88 -7.50 3.41 9.45
N TYR A 89 -7.32 2.47 8.54
CA TYR A 89 -6.63 1.21 8.85
C TYR A 89 -5.33 1.48 9.59
N LEU A 90 -4.55 2.43 9.08
CA LEU A 90 -3.28 2.78 9.68
C LEU A 90 -3.45 3.12 11.17
N ARG A 91 -4.47 3.89 11.48
CA ARG A 91 -4.76 4.30 12.84
C ARG A 91 -4.98 3.10 13.77
N ASP A 92 -5.91 2.21 13.41
CA ASP A 92 -6.29 1.09 14.30
C ASP A 92 -5.16 0.14 14.63
N LEU A 93 -4.02 0.27 13.99
CA LEU A 93 -2.87 -0.52 14.38
C LEU A 93 -2.29 0.04 15.69
N PRO A 94 -2.23 -0.79 16.76
CA PRO A 94 -1.87 -0.34 18.11
C PRO A 94 -0.49 0.33 18.17
N GLU A 95 0.38 -0.04 17.25
CA GLU A 95 1.71 0.54 17.20
C GLU A 95 1.76 1.60 16.10
N ASN A 96 2.09 2.83 16.48
CA ASN A 96 2.10 3.95 15.54
C ASN A 96 3.29 3.86 14.60
N LEU A 97 3.33 4.72 13.60
CA LEU A 97 4.44 4.76 12.66
C LEU A 97 5.66 5.34 13.35
N LEU A 98 5.44 6.42 14.08
CA LEU A 98 6.50 7.05 14.85
C LEU A 98 6.47 6.51 16.26
N THR A 99 5.56 5.55 16.47
CA THR A 99 5.25 5.01 17.79
C THR A 99 4.91 6.12 18.80
N LYS A 100 4.53 5.75 20.01
CA LYS A 100 4.31 6.72 21.08
C LYS A 100 5.65 7.30 21.48
N GLU A 101 6.62 6.42 21.47
CA GLU A 101 7.98 6.73 21.87
C GLU A 101 8.61 7.87 21.06
N LEU A 102 8.63 7.78 19.72
CA LEU A 102 9.32 8.81 18.93
C LEU A 102 8.39 9.99 18.61
N MET A 103 7.09 9.73 18.55
CA MET A 103 6.09 10.76 18.21
C MET A 103 6.35 12.14 18.84
N PRO A 104 6.47 12.26 20.20
CA PRO A 104 6.64 13.55 20.85
C PRO A 104 7.99 14.18 20.53
N ARG A 105 8.92 13.36 20.07
CA ARG A 105 10.26 13.82 19.74
C ARG A 105 10.25 14.50 18.38
N PHE A 106 9.19 14.25 17.62
CA PHE A 106 8.99 14.93 16.35
C PHE A 106 8.72 16.41 16.58
N GLU A 107 8.03 16.72 17.66
CA GLU A 107 7.82 18.11 18.05
C GLU A 107 9.17 18.81 18.23
N GLU A 108 10.09 18.13 18.89
CA GLU A 108 11.45 18.62 19.09
C GLU A 108 12.16 18.76 17.74
N ALA A 109 12.13 17.68 16.98
CA ALA A 109 12.77 17.62 15.67
C ALA A 109 12.20 18.66 14.71
N CYS A 110 10.96 19.07 14.92
CA CYS A 110 10.31 20.03 14.05
C CYS A 110 10.77 21.43 14.40
N GLY A 111 11.09 21.63 15.67
CA GLY A 111 11.49 22.94 16.14
C GLY A 111 13.00 23.12 16.19
N ARG A 112 13.75 22.24 15.53
CA ARG A 112 15.19 22.36 15.50
C ARG A 112 15.62 23.62 14.76
N THR A 113 16.76 24.18 15.17
CA THR A 113 17.22 25.48 14.70
C THR A 113 17.54 25.49 13.20
N THR A 114 17.85 24.32 12.66
CA THR A 114 18.22 24.20 11.26
C THR A 114 17.42 23.07 10.64
N GLU A 115 17.09 23.17 9.36
CA GLU A 115 16.39 22.11 8.67
C GLU A 115 17.26 20.87 8.62
N THR A 116 18.57 21.10 8.68
CA THR A 116 19.55 20.02 8.73
C THR A 116 19.39 19.26 10.05
N GLU A 117 19.24 20.01 11.15
CA GLU A 117 19.02 19.40 12.47
C GLU A 117 17.73 18.58 12.44
N LYS A 118 16.72 19.10 11.74
CA LYS A 118 15.43 18.46 11.68
C LYS A 118 15.55 17.11 10.99
N VAL A 119 15.97 17.15 9.74
CA VAL A 119 16.16 15.93 8.95
C VAL A 119 16.99 14.88 9.70
N GLN A 120 18.06 15.30 10.37
CA GLN A 120 18.91 14.37 11.10
C GLN A 120 18.20 13.76 12.31
N GLU A 121 17.38 14.56 12.99
CA GLU A 121 16.67 14.07 14.16
C GLU A 121 15.61 13.05 13.75
N PHE A 122 14.81 13.37 12.74
CA PHE A 122 13.83 12.43 12.20
C PHE A 122 14.49 11.09 11.89
N GLN A 123 15.66 11.15 11.26
CA GLN A 123 16.47 9.95 11.02
C GLN A 123 16.60 9.14 12.31
N ARG A 124 17.03 9.78 13.38
CA ARG A 124 17.18 9.14 14.69
C ARG A 124 15.86 8.46 15.11
N LEU A 125 14.76 9.18 14.97
CA LEU A 125 13.45 8.64 15.31
C LEU A 125 13.17 7.39 14.46
N LEU A 126 13.33 7.52 13.15
CA LEU A 126 13.13 6.40 12.23
C LEU A 126 14.00 5.20 12.56
N LYS A 127 15.17 5.43 13.16
CA LYS A 127 16.05 4.32 13.56
C LYS A 127 15.34 3.48 14.61
N GLU A 128 14.73 4.17 15.56
CA GLU A 128 14.01 3.52 16.64
C GLU A 128 12.67 2.95 16.18
N LEU A 129 12.55 2.62 14.91
CA LEU A 129 11.32 2.04 14.37
C LEU A 129 11.54 0.60 13.94
N PRO A 130 10.51 -0.26 14.02
CA PRO A 130 10.60 -1.65 13.54
C PRO A 130 10.77 -1.73 12.03
N GLU A 131 11.33 -2.84 11.56
CA GLU A 131 11.67 -3.04 10.16
C GLU A 131 10.49 -2.76 9.22
N CYS A 132 9.38 -3.48 9.45
CA CYS A 132 8.20 -3.33 8.60
C CYS A 132 7.67 -1.90 8.62
N ASN A 133 7.79 -1.25 9.77
CA ASN A 133 7.30 0.11 9.94
C ASN A 133 8.17 1.08 9.17
N TYR A 134 9.48 0.83 9.22
CA TYR A 134 10.45 1.66 8.50
C TYR A 134 10.09 1.72 7.02
N LEU A 135 9.79 0.58 6.44
CA LEU A 135 9.42 0.52 5.04
C LEU A 135 8.09 1.22 4.80
N LEU A 136 7.16 1.06 5.74
CA LEU A 136 5.84 1.66 5.61
C LEU A 136 5.92 3.19 5.63
N ILE A 137 6.62 3.74 6.63
CA ILE A 137 6.74 5.20 6.75
C ILE A 137 7.46 5.77 5.53
N SER A 138 8.47 5.06 5.04
CA SER A 138 9.16 5.41 3.80
C SER A 138 8.15 5.58 2.66
N TRP A 139 7.32 4.57 2.46
CA TRP A 139 6.44 4.53 1.31
C TRP A 139 5.31 5.55 1.44
N LEU A 140 4.72 5.61 2.62
CA LEU A 140 3.57 6.49 2.85
C LEU A 140 3.91 7.92 2.47
N ILE A 141 5.06 8.38 2.92
CA ILE A 141 5.42 9.77 2.74
C ILE A 141 5.98 10.01 1.33
N VAL A 142 6.82 9.08 0.85
CA VAL A 142 7.42 9.21 -0.48
C VAL A 142 6.35 9.06 -1.57
N HIS A 143 5.39 8.18 -1.36
CA HIS A 143 4.31 8.02 -2.32
C HIS A 143 3.40 9.23 -2.29
N MET A 144 3.26 9.80 -1.10
CA MET A 144 2.43 10.98 -0.96
C MET A 144 3.14 12.17 -1.59
N ASP A 145 4.47 12.09 -1.65
CA ASP A 145 5.29 13.11 -2.30
C ASP A 145 5.10 13.04 -3.81
N HIS A 146 4.87 11.81 -4.31
CA HIS A 146 4.48 11.62 -5.70
C HIS A 146 3.21 12.39 -5.99
N VAL A 147 2.25 12.33 -5.06
CA VAL A 147 1.03 13.10 -5.20
C VAL A 147 1.33 14.60 -5.14
N ILE A 148 2.27 14.99 -4.28
CA ILE A 148 2.63 16.41 -4.16
C ILE A 148 3.04 16.97 -5.52
N ALA A 149 3.88 16.23 -6.24
CA ALA A 149 4.30 16.65 -7.56
C ALA A 149 3.09 16.75 -8.48
N LYS A 150 2.15 15.84 -8.29
CA LYS A 150 0.92 15.81 -9.07
C LYS A 150 0.00 16.93 -8.62
N GLU A 151 0.11 17.33 -7.36
CA GLU A 151 -0.65 18.45 -6.84
C GLU A 151 -0.25 19.71 -7.57
N LEU A 152 1.02 19.81 -7.90
CA LEU A 152 1.54 20.98 -8.57
C LEU A 152 1.03 21.04 -9.99
N GLU A 153 0.85 19.87 -10.60
CA GLU A 153 0.30 19.81 -11.94
C GLU A 153 -1.24 19.80 -11.97
N THR A 154 -1.93 19.55 -10.85
CA THR A 154 -3.38 19.45 -10.94
C THR A 154 -4.08 20.70 -10.39
N LYS A 155 -3.74 21.07 -9.13
CA LYS A 155 -4.27 22.30 -8.46
C LYS A 155 -4.19 22.20 -6.93
N MET A 156 -3.18 21.55 -6.38
CA MET A 156 -3.13 21.30 -4.95
C MET A 156 -1.71 21.50 -4.43
N ASN A 157 -1.54 21.47 -3.11
CA ASN A 157 -0.23 21.68 -2.51
C ASN A 157 -0.12 20.90 -1.20
N ILE A 158 1.11 20.76 -0.71
CA ILE A 158 1.39 20.00 0.51
C ILE A 158 0.48 20.41 1.66
N GLN A 159 0.06 21.68 1.67
CA GLN A 159 -0.76 22.20 2.75
C GLN A 159 -2.05 21.37 2.89
N ASN A 160 -2.66 21.06 1.75
CA ASN A 160 -3.92 20.32 1.74
C ASN A 160 -3.67 18.91 2.23
N ILE A 161 -2.63 18.29 1.69
CA ILE A 161 -2.27 16.94 2.05
C ILE A 161 -1.87 16.86 3.53
N SER A 162 -1.13 17.83 4.00
CA SER A 162 -0.70 17.87 5.39
C SER A 162 -1.89 17.97 6.35
N ILE A 163 -2.98 18.58 5.89
CA ILE A 163 -4.18 18.72 6.73
C ILE A 163 -4.86 17.37 6.89
N VAL A 164 -4.92 16.64 5.78
CA VAL A 164 -5.56 15.32 5.78
C VAL A 164 -4.63 14.25 6.36
N LEU A 165 -3.36 14.58 6.47
CA LEU A 165 -2.36 13.65 6.98
C LEU A 165 -2.13 13.81 8.47
N SER A 166 -2.46 14.98 9.02
CA SER A 166 -2.28 15.25 10.44
C SER A 166 -2.94 14.16 11.31
N PRO A 167 -4.26 13.91 11.17
CA PRO A 167 -4.95 12.85 11.91
C PRO A 167 -4.49 11.46 11.49
N THR A 168 -3.80 11.38 10.36
CA THR A 168 -3.37 10.11 9.80
C THR A 168 -2.27 9.45 10.62
N VAL A 169 -1.17 10.15 10.90
CA VAL A 169 -0.17 9.61 11.81
C VAL A 169 -0.36 10.12 13.24
N GLN A 170 -1.28 11.08 13.40
CA GLN A 170 -1.62 11.64 14.72
C GLN A 170 -0.57 12.65 15.19
N ILE A 171 -0.19 13.57 14.30
CA ILE A 171 0.80 14.60 14.63
C ILE A 171 0.41 15.91 13.95
N SER A 172 0.75 17.03 14.60
CA SER A 172 0.40 18.37 14.12
C SER A 172 0.77 18.59 12.65
N ASN A 173 -0.01 19.46 12.01
CA ASN A 173 0.06 19.73 10.56
C ASN A 173 1.50 20.03 10.09
N ARG A 174 2.20 20.85 10.86
CA ARG A 174 3.53 21.32 10.47
C ARG A 174 4.49 20.17 10.19
N VAL A 175 4.32 19.06 10.91
CA VAL A 175 5.23 17.93 10.80
C VAL A 175 5.04 17.18 9.48
N LEU A 176 3.83 17.19 8.94
CA LEU A 176 3.57 16.49 7.68
C LEU A 176 4.29 17.16 6.51
N TYR A 177 4.06 18.47 6.36
CA TYR A 177 4.83 19.27 5.41
C TYR A 177 6.33 18.96 5.48
N VAL A 178 6.90 19.00 6.68
CA VAL A 178 8.32 18.70 6.83
C VAL A 178 8.61 17.21 6.60
N PHE A 179 7.60 16.36 6.81
CA PHE A 179 7.72 14.94 6.57
C PHE A 179 8.20 14.67 5.14
N PHE A 180 7.56 15.29 4.15
CA PHE A 180 7.97 15.11 2.75
C PHE A 180 9.35 15.72 2.53
N THR A 181 9.39 17.01 2.84
CA THR A 181 10.63 17.76 2.87
C THR A 181 11.80 16.86 3.34
N HIS A 182 11.68 16.27 4.51
CA HIS A 182 12.75 15.45 5.04
C HIS A 182 12.76 14.05 4.42
N VAL A 183 11.61 13.56 3.98
CA VAL A 183 11.52 12.21 3.45
C VAL A 183 12.37 12.04 2.18
N GLN A 184 12.39 13.07 1.34
CA GLN A 184 13.25 13.03 0.16
C GLN A 184 14.70 13.20 0.57
N GLU A 185 14.95 14.11 1.52
CA GLU A 185 16.31 14.27 2.05
C GLU A 185 16.81 13.00 2.75
N LEU A 186 15.89 12.18 3.26
CA LEU A 186 16.24 11.01 4.08
C LEU A 186 16.19 9.71 3.31
N PHE A 187 15.78 9.74 2.06
CA PHE A 187 15.53 8.51 1.32
C PHE A 187 15.87 8.68 -0.14
N GLY A 188 14.88 9.08 -0.93
CA GLY A 188 15.09 9.33 -2.35
C GLY A 188 15.08 8.07 -3.19
N ASN A 189 15.69 7.01 -2.69
CA ASN A 189 15.74 5.74 -3.42
C ASN A 189 14.51 4.88 -3.09
N VAL A 190 13.74 5.35 -2.11
CA VAL A 190 12.46 4.72 -1.77
C VAL A 190 11.56 4.71 -2.99
N VAL A 191 11.26 3.51 -3.44
CA VAL A 191 10.54 3.30 -4.67
C VAL A 191 9.28 2.48 -4.42
N LEU A 192 8.22 2.86 -5.10
CA LEU A 192 6.94 2.20 -4.95
C LEU A 192 6.86 0.97 -5.85
N LYS A 193 7.21 -0.17 -5.28
CA LYS A 193 7.13 -1.45 -5.97
C LYS A 193 5.67 -1.88 -6.08
N GLN A 194 5.11 -1.71 -7.27
CA GLN A 194 3.68 -1.91 -7.50
C GLN A 194 3.34 -3.39 -7.65
N VAL A 195 2.07 -3.71 -7.51
CA VAL A 195 1.60 -5.09 -7.43
C VAL A 195 0.61 -5.39 -8.56
N MET A 196 0.48 -6.67 -8.92
CA MET A 196 -0.51 -7.08 -9.91
C MET A 196 -1.91 -6.80 -9.38
N LYS A 197 -2.82 -6.35 -10.24
CA LYS A 197 -4.15 -5.98 -9.78
C LYS A 197 -5.17 -7.10 -10.09
N PRO A 198 -5.96 -7.50 -9.08
CA PRO A 198 -6.98 -8.55 -9.25
C PRO A 198 -8.15 -8.08 -10.11
N LEU A 199 -8.80 -9.02 -10.76
CA LEU A 199 -9.90 -8.70 -11.66
C LEU A 199 -11.15 -9.47 -11.24
N ARG A 200 -12.30 -8.81 -11.23
CA ARG A 200 -13.54 -9.43 -10.76
C ARG A 200 -14.15 -10.30 -11.86
N TRP A 201 -13.28 -11.04 -12.55
CA TRP A 201 -13.68 -11.94 -13.62
C TRP A 201 -14.04 -13.30 -13.02
N SER A 202 -13.97 -13.38 -11.68
CA SER A 202 -14.10 -14.63 -10.95
C SER A 202 -12.91 -15.52 -11.32
N ASN A 203 -11.91 -14.88 -11.93
CA ASN A 203 -10.72 -15.53 -12.44
C ASN A 203 -11.07 -16.53 -13.55
N MET A 204 -12.34 -16.49 -13.97
CA MET A 204 -12.84 -17.23 -15.11
C MET A 204 -14.35 -17.05 -15.21
N ALA A 205 -14.83 -16.70 -16.40
CA ALA A 205 -16.26 -16.60 -16.65
C ALA A 205 -16.55 -17.13 -18.05
N THR A 206 -15.91 -16.52 -19.03
CA THR A 206 -15.93 -17.01 -20.40
C THR A 206 -14.52 -16.91 -20.97
N MET A 207 -14.07 -15.67 -21.19
CA MET A 207 -12.69 -15.41 -21.63
C MET A 207 -12.46 -13.90 -21.83
N PRO A 208 -13.20 -13.26 -22.76
CA PRO A 208 -12.94 -11.86 -23.13
C PRO A 208 -13.10 -10.89 -21.97
N THR A 209 -11.97 -10.35 -21.51
CA THR A 209 -11.94 -9.39 -20.41
C THR A 209 -10.50 -8.93 -20.17
N LEU A 210 -9.56 -9.84 -20.43
CA LEU A 210 -8.14 -9.53 -20.34
C LEU A 210 -7.79 -8.47 -21.38
N PRO A 211 -6.92 -7.50 -21.01
CA PRO A 211 -6.52 -6.40 -21.90
C PRO A 211 -6.13 -6.87 -23.29
N GLU A 212 -6.45 -6.07 -24.28
CA GLU A 212 -6.19 -6.40 -25.67
C GLU A 212 -4.95 -5.68 -26.18
N THR A 213 -4.21 -5.09 -25.25
CA THR A 213 -2.97 -4.39 -25.58
C THR A 213 -1.76 -5.25 -25.23
N GLN A 214 -0.76 -5.22 -26.10
CA GLN A 214 0.47 -5.97 -25.88
C GLN A 214 1.20 -5.48 -24.63
N ALA A 215 1.18 -4.18 -24.41
CA ALA A 215 1.87 -3.58 -23.26
C ALA A 215 1.22 -4.03 -21.95
N GLY A 216 -0.11 -4.00 -21.93
CA GLY A 216 -0.85 -4.38 -20.74
C GLY A 216 -0.59 -5.82 -20.33
N ILE A 217 -0.58 -6.70 -21.32
CA ILE A 217 -0.38 -8.12 -21.08
C ILE A 217 1.05 -8.41 -20.63
N LYS A 218 2.01 -7.82 -21.36
CA LYS A 218 3.43 -8.05 -21.09
C LYS A 218 3.78 -7.67 -19.65
N GLU A 219 3.27 -6.53 -19.18
CA GLU A 219 3.56 -6.05 -17.83
C GLU A 219 3.01 -6.99 -16.76
N GLU A 220 1.73 -7.33 -16.86
CA GLU A 220 1.10 -8.16 -15.84
C GLU A 220 1.61 -9.59 -15.90
N ILE A 221 1.99 -10.07 -17.09
CA ILE A 221 2.60 -11.40 -17.21
C ILE A 221 3.85 -11.49 -16.33
N ARG A 222 4.74 -10.52 -16.48
CA ARG A 222 5.98 -10.49 -15.73
C ARG A 222 5.70 -10.62 -14.24
N ARG A 223 4.78 -9.77 -13.78
CA ARG A 223 4.41 -9.72 -12.37
C ARG A 223 3.77 -11.03 -11.92
N GLN A 224 2.85 -11.55 -12.73
CA GLN A 224 2.17 -12.81 -12.42
C GLN A 224 3.15 -13.95 -12.27
N GLU A 225 4.17 -13.99 -13.12
CA GLU A 225 5.17 -15.05 -13.05
C GLU A 225 5.99 -14.95 -11.77
N PHE A 226 6.18 -13.73 -11.27
CA PHE A 226 6.87 -13.53 -9.98
C PHE A 226 6.05 -14.14 -8.85
N LEU A 227 4.74 -13.94 -8.92
CA LEU A 227 3.83 -14.55 -7.96
C LEU A 227 3.89 -16.06 -8.10
N LEU A 228 3.97 -16.51 -9.35
CA LEU A 228 3.86 -17.91 -9.67
C LEU A 228 5.09 -18.70 -9.21
N ASN A 229 6.27 -18.27 -9.63
CA ASN A 229 7.50 -19.01 -9.35
C ASN A 229 7.83 -19.01 -7.86
N CYS A 230 7.50 -17.90 -7.16
CA CYS A 230 7.85 -17.78 -5.76
C CYS A 230 7.05 -18.76 -4.93
N LEU A 231 5.73 -18.73 -5.10
CA LEU A 231 4.86 -19.64 -4.34
C LEU A 231 5.20 -21.07 -4.67
N HIS A 232 5.44 -21.32 -5.95
CA HIS A 232 5.81 -22.65 -6.41
C HIS A 232 7.05 -23.17 -5.69
N ARG A 233 8.10 -22.36 -5.59
CA ARG A 233 9.34 -22.77 -4.95
C ARG A 233 9.20 -22.87 -3.44
N ASP A 234 8.51 -21.90 -2.85
CA ASP A 234 8.35 -21.84 -1.39
C ASP A 234 7.76 -23.13 -0.83
N LEU A 235 6.92 -23.80 -1.62
CA LEU A 235 6.32 -25.06 -1.22
C LEU A 235 7.36 -26.12 -0.90
N GLN A 236 8.49 -26.05 -1.60
CA GLN A 236 9.58 -27.02 -1.42
C GLN A 236 10.33 -26.74 -0.12
N GLY A 237 9.97 -25.66 0.55
CA GLY A 237 10.56 -25.33 1.85
C GLY A 237 9.90 -26.08 2.98
N GLY A 238 9.25 -27.20 2.64
CA GLY A 238 8.53 -27.98 3.64
C GLY A 238 7.15 -27.42 3.90
N ILE A 239 6.58 -26.79 2.89
CA ILE A 239 5.28 -26.16 3.02
C ILE A 239 4.22 -26.96 2.29
N LYS A 240 3.34 -27.60 3.05
CA LYS A 240 2.25 -28.36 2.47
C LYS A 240 0.92 -27.73 2.85
N ASP A 241 0.59 -26.67 2.14
CA ASP A 241 -0.62 -25.90 2.41
C ASP A 241 -1.55 -25.94 1.22
N LEU A 242 -2.71 -26.56 1.40
CA LEU A 242 -3.66 -26.74 0.30
C LEU A 242 -4.14 -25.37 -0.18
N SER A 243 -4.21 -24.41 0.74
CA SER A 243 -4.68 -23.07 0.40
C SER A 243 -3.65 -22.35 -0.46
N LYS A 244 -2.37 -22.52 -0.13
CA LYS A 244 -1.30 -21.93 -0.92
C LYS A 244 -1.25 -22.61 -2.28
N GLU A 245 -1.48 -23.92 -2.29
CA GLU A 245 -1.49 -24.70 -3.52
C GLU A 245 -2.61 -24.23 -4.44
N GLU A 246 -3.82 -24.08 -3.91
CA GLU A 246 -4.93 -23.50 -4.70
C GLU A 246 -4.51 -22.20 -5.39
N ARG A 247 -3.78 -21.36 -4.68
CA ARG A 247 -3.26 -20.11 -5.26
C ARG A 247 -2.28 -20.39 -6.40
N LEU A 248 -1.58 -21.52 -6.30
CA LEU A 248 -0.60 -21.91 -7.31
C LEU A 248 -1.28 -22.32 -8.62
N TRP A 249 -2.35 -23.10 -8.54
CA TRP A 249 -3.08 -23.51 -9.75
C TRP A 249 -3.79 -22.29 -10.33
N GLU A 250 -4.17 -21.40 -9.44
CA GLU A 250 -4.88 -20.20 -9.82
C GLU A 250 -4.02 -19.33 -10.74
N VAL A 251 -2.80 -19.02 -10.31
CA VAL A 251 -1.90 -18.19 -11.10
C VAL A 251 -1.57 -18.88 -12.44
N GLN A 252 -1.41 -20.19 -12.38
CA GLN A 252 -1.13 -21.00 -13.56
C GLN A 252 -2.22 -20.85 -14.63
N ARG A 253 -3.48 -20.98 -14.23
CA ARG A 253 -4.58 -20.91 -15.17
C ARG A 253 -4.69 -19.50 -15.78
N ILE A 254 -4.40 -18.50 -14.94
CA ILE A 254 -4.50 -17.10 -15.35
C ILE A 254 -3.36 -16.78 -16.30
N LEU A 255 -2.14 -17.15 -15.91
CA LEU A 255 -0.96 -16.95 -16.73
C LEU A 255 -1.14 -17.61 -18.10
N THR A 256 -1.79 -18.76 -18.11
CA THR A 256 -2.06 -19.48 -19.36
C THR A 256 -2.82 -18.60 -20.35
N ALA A 257 -3.89 -17.98 -19.87
CA ALA A 257 -4.65 -17.03 -20.67
C ALA A 257 -3.76 -15.90 -21.19
N LEU A 258 -2.94 -15.33 -20.30
CA LEU A 258 -2.07 -14.23 -20.70
C LEU A 258 -1.00 -14.70 -21.70
N LYS A 259 -0.51 -15.93 -21.55
CA LYS A 259 0.52 -16.45 -22.45
C LYS A 259 -0.03 -16.66 -23.86
N ARG A 260 -1.31 -17.00 -23.95
CA ARG A 260 -1.96 -17.11 -25.26
C ARG A 260 -2.18 -15.72 -25.85
N LYS A 261 -2.72 -14.82 -25.02
CA LYS A 261 -2.95 -13.43 -25.42
C LYS A 261 -1.64 -12.71 -25.74
N LEU A 262 -0.54 -13.24 -25.23
CA LEU A 262 0.78 -12.66 -25.48
C LEU A 262 1.05 -12.56 -26.97
N ARG A 263 0.63 -13.58 -27.71
CA ARG A 263 0.79 -13.59 -29.16
C ARG A 263 -0.53 -13.27 -29.85
N GLU A 264 -1.49 -12.81 -29.06
CA GLU A 264 -2.79 -12.45 -29.58
C GLU A 264 -2.77 -10.98 -29.99
N ALA A 265 -1.96 -10.20 -29.30
CA ALA A 265 -1.85 -8.78 -29.55
C ALA A 265 -0.63 -8.47 -30.41
N HIS A 1 -11.59 -22.21 20.88
CA HIS A 1 -10.73 -22.09 19.68
C HIS A 1 -11.26 -20.98 18.78
N MET A 2 -10.34 -20.19 18.22
CA MET A 2 -10.72 -19.11 17.31
C MET A 2 -10.58 -19.56 15.86
N PRO A 3 -11.66 -19.38 15.08
CA PRO A 3 -11.66 -19.66 13.64
C PRO A 3 -10.54 -18.94 12.89
N ASN A 4 -10.37 -17.67 13.20
CA ASN A 4 -9.33 -16.85 12.58
C ASN A 4 -8.43 -16.25 13.65
N LEU A 5 -7.17 -16.10 13.33
CA LEU A 5 -6.19 -15.55 14.27
C LEU A 5 -5.66 -14.20 13.79
N LYS A 6 -6.03 -13.16 14.52
CA LYS A 6 -5.56 -11.79 14.27
C LYS A 6 -6.13 -11.22 12.98
N PRO A 7 -7.15 -10.36 13.11
CA PRO A 7 -7.71 -9.62 11.98
C PRO A 7 -6.88 -8.39 11.64
N ILE A 8 -6.70 -8.13 10.34
CA ILE A 8 -6.01 -6.93 9.83
C ILE A 8 -6.16 -5.67 10.70
N PHE A 9 -7.33 -5.47 11.30
CA PHE A 9 -7.55 -4.30 12.13
C PHE A 9 -7.30 -4.60 13.62
N GLY A 10 -7.00 -3.57 14.38
CA GLY A 10 -6.61 -3.73 15.78
C GLY A 10 -5.35 -4.55 15.99
N ILE A 11 -4.34 -4.39 15.13
CA ILE A 11 -3.09 -5.16 15.27
C ILE A 11 -1.89 -4.35 14.84
N PRO A 12 -0.67 -4.82 15.17
CA PRO A 12 0.59 -4.21 14.72
C PRO A 12 0.87 -4.51 13.25
N LEU A 13 1.77 -3.72 12.64
CA LEU A 13 2.05 -3.83 11.21
C LEU A 13 2.51 -5.23 10.81
N ALA A 14 3.59 -5.73 11.43
CA ALA A 14 4.13 -7.05 11.11
C ALA A 14 3.04 -8.12 11.04
N ASP A 15 2.23 -8.18 12.09
CA ASP A 15 1.11 -9.12 12.13
C ASP A 15 0.21 -8.97 10.90
N ALA A 16 -0.11 -7.75 10.53
CA ALA A 16 -0.91 -7.51 9.34
C ALA A 16 -0.15 -7.96 8.08
N VAL A 17 1.17 -7.79 8.10
CA VAL A 17 2.02 -8.22 7.00
C VAL A 17 1.98 -9.72 6.79
N GLU A 18 2.22 -10.46 7.86
CA GLU A 18 2.25 -11.92 7.81
C GLU A 18 0.92 -12.47 7.32
N ARG A 19 -0.13 -11.72 7.57
CA ARG A 19 -1.47 -12.08 7.14
C ARG A 19 -1.64 -11.83 5.63
N THR A 20 -1.23 -10.65 5.18
CA THR A 20 -1.50 -10.22 3.80
C THR A 20 -0.27 -10.26 2.88
N MET A 21 0.56 -11.27 3.02
CA MET A 21 1.70 -11.42 2.12
C MET A 21 1.24 -11.83 0.72
N MET A 22 1.61 -11.02 -0.26
CA MET A 22 1.22 -11.28 -1.65
C MET A 22 2.40 -11.86 -2.44
N TYR A 23 3.36 -11.00 -2.76
CA TYR A 23 4.55 -11.41 -3.50
C TYR A 23 5.68 -11.81 -2.55
N ASP A 24 6.36 -10.81 -2.04
CA ASP A 24 7.62 -10.99 -1.35
C ASP A 24 7.47 -10.91 0.16
N GLY A 25 6.45 -10.22 0.61
CA GLY A 25 6.27 -10.04 2.03
C GLY A 25 7.37 -9.16 2.60
N ILE A 26 7.62 -8.05 1.93
CA ILE A 26 8.72 -7.13 2.28
C ILE A 26 8.42 -6.33 3.55
N ARG A 27 7.76 -6.95 4.51
CA ARG A 27 7.36 -6.27 5.75
C ARG A 27 6.55 -5.03 5.43
N LEU A 28 5.39 -5.26 4.81
CA LEU A 28 4.47 -4.23 4.35
C LEU A 28 3.18 -4.91 3.95
N PRO A 29 2.06 -4.58 4.62
CA PRO A 29 0.77 -5.23 4.38
C PRO A 29 0.33 -5.07 2.93
N ALA A 30 -0.55 -5.95 2.47
CA ALA A 30 -1.01 -5.89 1.08
C ALA A 30 -1.87 -4.66 0.89
N VAL A 31 -2.74 -4.41 1.86
CA VAL A 31 -3.66 -3.29 1.84
C VAL A 31 -2.95 -1.97 1.52
N PHE A 32 -1.79 -1.77 2.13
CA PHE A 32 -1.00 -0.56 1.90
C PHE A 32 -0.61 -0.47 0.43
N ARG A 33 -0.19 -1.61 -0.12
CA ARG A 33 0.27 -1.65 -1.50
C ARG A 33 -0.92 -1.58 -2.45
N GLU A 34 -2.03 -2.18 -2.06
CA GLU A 34 -3.26 -2.10 -2.84
C GLU A 34 -3.71 -0.66 -3.03
N CYS A 35 -3.48 0.17 -2.01
CA CYS A 35 -3.84 1.58 -2.09
C CYS A 35 -2.77 2.33 -2.86
N ILE A 36 -1.51 2.10 -2.52
CA ILE A 36 -0.39 2.77 -3.16
C ILE A 36 -0.35 2.48 -4.65
N ASP A 37 -0.60 1.23 -5.02
CA ASP A 37 -0.59 0.83 -6.41
C ASP A 37 -1.77 1.41 -7.15
N TYR A 38 -2.97 1.28 -6.57
CA TYR A 38 -4.20 1.72 -7.22
C TYR A 38 -4.12 3.20 -7.60
N VAL A 39 -3.75 4.03 -6.63
CA VAL A 39 -3.64 5.46 -6.85
C VAL A 39 -2.55 5.74 -7.89
N GLU A 40 -1.45 5.00 -7.79
CA GLU A 40 -0.30 5.21 -8.65
C GLU A 40 -0.59 4.77 -10.10
N LYS A 41 -1.41 3.74 -10.25
CA LYS A 41 -1.61 3.10 -11.54
C LYS A 41 -2.86 3.64 -12.26
N TYR A 42 -3.96 3.79 -11.54
CA TYR A 42 -5.24 4.11 -12.19
C TYR A 42 -5.39 5.60 -12.45
N GLY A 43 -4.91 6.43 -11.53
CA GLY A 43 -4.99 7.84 -11.75
C GLY A 43 -4.95 8.62 -10.45
N MET A 44 -3.78 9.11 -10.11
CA MET A 44 -3.59 9.92 -8.93
C MET A 44 -3.72 11.38 -9.29
N LYS A 45 -4.30 11.63 -10.45
CA LYS A 45 -4.42 12.97 -10.99
C LYS A 45 -5.86 13.47 -10.83
N CYS A 46 -6.53 12.93 -9.82
CA CYS A 46 -7.91 13.29 -9.54
C CYS A 46 -7.94 14.38 -8.48
N GLU A 47 -8.79 15.38 -8.67
CA GLU A 47 -8.95 16.43 -7.67
C GLU A 47 -9.43 15.82 -6.35
N GLY A 48 -9.11 16.47 -5.24
CA GLY A 48 -9.38 15.89 -3.95
C GLY A 48 -8.60 14.61 -3.64
N ILE A 49 -7.63 14.26 -4.50
CA ILE A 49 -6.81 13.07 -4.28
C ILE A 49 -6.13 13.12 -2.90
N TYR A 50 -6.53 12.17 -2.03
CA TYR A 50 -6.02 12.09 -0.66
C TYR A 50 -6.51 13.28 0.18
N ARG A 51 -7.42 14.06 -0.38
CA ARG A 51 -7.90 15.28 0.26
C ARG A 51 -9.37 15.14 0.69
N VAL A 52 -10.19 14.59 -0.19
CA VAL A 52 -11.60 14.41 0.10
C VAL A 52 -11.83 13.16 0.95
N SER A 53 -13.00 13.09 1.56
CA SER A 53 -13.32 11.98 2.44
C SER A 53 -13.92 10.83 1.65
N GLY A 54 -13.23 9.70 1.66
CA GLY A 54 -13.76 8.51 1.02
C GLY A 54 -15.06 8.08 1.66
N ILE A 55 -15.95 7.51 0.86
CA ILE A 55 -17.24 7.05 1.35
C ILE A 55 -17.05 5.98 2.41
N LYS A 56 -17.38 6.32 3.65
CA LYS A 56 -17.20 5.40 4.77
C LYS A 56 -17.98 4.12 4.56
N SER A 57 -19.07 4.22 3.83
CA SER A 57 -19.93 3.07 3.57
C SER A 57 -19.18 2.04 2.73
N LYS A 58 -18.26 2.51 1.89
CA LYS A 58 -17.48 1.61 1.04
C LYS A 58 -16.32 1.06 1.86
N VAL A 59 -15.78 1.92 2.70
CA VAL A 59 -14.65 1.58 3.55
C VAL A 59 -14.99 0.42 4.47
N ASP A 60 -16.19 0.48 5.07
CA ASP A 60 -16.70 -0.60 5.89
C ASP A 60 -16.78 -1.91 5.11
N GLU A 61 -17.13 -1.82 3.84
CA GLU A 61 -17.26 -3.00 3.00
C GLU A 61 -15.87 -3.56 2.69
N LEU A 62 -14.96 -2.65 2.32
CA LEU A 62 -13.60 -3.03 1.95
C LEU A 62 -12.88 -3.73 3.10
N LYS A 63 -12.85 -3.08 4.27
CA LYS A 63 -12.15 -3.65 5.40
C LYS A 63 -12.80 -4.96 5.84
N ALA A 64 -14.10 -5.06 5.62
CA ALA A 64 -14.80 -6.30 5.92
C ALA A 64 -14.37 -7.39 4.96
N ALA A 65 -14.38 -7.08 3.67
CA ALA A 65 -14.06 -8.03 2.63
C ALA A 65 -12.59 -8.47 2.69
N TYR A 66 -11.69 -7.52 2.91
CA TYR A 66 -10.27 -7.82 3.01
C TYR A 66 -9.96 -8.75 4.17
N ASP A 67 -10.64 -8.56 5.29
CA ASP A 67 -10.40 -9.37 6.48
C ASP A 67 -11.06 -10.75 6.36
N ARG A 68 -12.14 -10.81 5.58
CA ARG A 68 -12.88 -12.06 5.41
C ARG A 68 -12.33 -12.86 4.24
N GLU A 69 -11.45 -12.23 3.46
CA GLU A 69 -10.94 -12.80 2.22
C GLU A 69 -12.08 -12.95 1.21
N GLU A 70 -12.78 -11.85 0.98
CA GLU A 70 -13.89 -11.81 0.05
C GLU A 70 -13.45 -11.17 -1.25
N SER A 71 -14.38 -11.06 -2.19
CA SER A 71 -14.10 -10.43 -3.47
C SER A 71 -14.05 -8.92 -3.31
N THR A 72 -12.91 -8.32 -3.62
CA THR A 72 -12.75 -6.90 -3.50
C THR A 72 -11.94 -6.34 -4.66
N ASN A 73 -12.65 -5.96 -5.70
CA ASN A 73 -12.03 -5.37 -6.87
C ASN A 73 -12.02 -3.85 -6.73
N LEU A 74 -10.85 -3.24 -6.85
CA LEU A 74 -10.71 -1.81 -6.66
C LEU A 74 -11.23 -1.02 -7.87
N GLU A 75 -11.51 -1.75 -8.93
CA GLU A 75 -11.86 -1.17 -10.23
C GLU A 75 -12.99 -0.13 -10.14
N ASP A 76 -14.05 -0.45 -9.40
CA ASP A 76 -15.23 0.42 -9.38
C ASP A 76 -15.32 1.24 -8.10
N TYR A 77 -14.26 1.19 -7.30
CA TYR A 77 -14.22 1.98 -6.08
C TYR A 77 -13.43 3.27 -6.30
N GLU A 78 -13.55 4.19 -5.37
CA GLU A 78 -12.92 5.50 -5.50
C GLU A 78 -11.51 5.48 -4.94
N PRO A 79 -10.59 6.24 -5.55
CA PRO A 79 -9.21 6.36 -5.07
C PRO A 79 -9.18 6.98 -3.68
N ASN A 80 -9.95 8.05 -3.52
CA ASN A 80 -10.12 8.69 -2.22
C ASN A 80 -10.62 7.71 -1.17
N THR A 81 -11.51 6.82 -1.55
CA THR A 81 -12.05 5.82 -0.63
C THR A 81 -10.99 4.78 -0.26
N VAL A 82 -10.23 4.31 -1.25
CA VAL A 82 -9.12 3.39 -0.99
C VAL A 82 -8.07 4.06 -0.10
N ALA A 83 -7.83 5.35 -0.36
CA ALA A 83 -6.91 6.16 0.45
C ALA A 83 -7.39 6.29 1.89
N SER A 84 -8.70 6.29 2.04
CA SER A 84 -9.33 6.53 3.33
C SER A 84 -9.36 5.25 4.11
N LEU A 85 -9.57 4.15 3.39
CA LEU A 85 -9.43 2.83 3.95
C LEU A 85 -8.02 2.68 4.50
N LEU A 86 -7.04 3.18 3.73
CA LEU A 86 -5.64 3.09 4.12
C LEU A 86 -5.35 3.88 5.39
N LYS A 87 -5.67 5.18 5.38
CA LYS A 87 -5.36 6.05 6.50
C LYS A 87 -6.13 5.64 7.75
N GLN A 88 -7.34 5.15 7.53
CA GLN A 88 -8.16 4.65 8.63
C GLN A 88 -7.58 3.34 9.16
N TYR A 89 -7.34 2.39 8.28
CA TYR A 89 -6.65 1.15 8.64
C TYR A 89 -5.39 1.44 9.47
N LEU A 90 -4.60 2.41 9.04
CA LEU A 90 -3.39 2.78 9.75
C LEU A 90 -3.70 3.23 11.18
N ARG A 91 -4.69 4.10 11.31
CA ARG A 91 -5.05 4.65 12.62
C ARG A 91 -5.51 3.56 13.60
N ASP A 92 -6.42 2.69 13.17
CA ASP A 92 -6.92 1.59 14.00
C ASP A 92 -5.81 0.67 14.52
N LEU A 93 -4.62 0.80 13.98
CA LEU A 93 -3.49 0.02 14.45
C LEU A 93 -2.94 0.64 15.74
N PRO A 94 -2.94 -0.14 16.84
CA PRO A 94 -2.57 0.36 18.18
C PRO A 94 -1.13 0.88 18.25
N GLU A 95 -0.28 0.41 17.35
CA GLU A 95 1.11 0.82 17.35
C GLU A 95 1.35 1.83 16.25
N ASN A 96 1.81 3.02 16.65
CA ASN A 96 2.08 4.10 15.70
C ASN A 96 3.29 3.77 14.86
N LEU A 97 3.47 4.51 13.78
CA LEU A 97 4.62 4.32 12.91
C LEU A 97 5.89 4.75 13.63
N LEU A 98 5.82 5.92 14.27
CA LEU A 98 6.94 6.46 15.02
C LEU A 98 6.80 6.07 16.47
N THR A 99 5.84 5.20 16.73
CA THR A 99 5.48 4.74 18.08
C THR A 99 5.16 5.91 19.00
N LYS A 100 4.71 5.59 20.21
CA LYS A 100 4.51 6.61 21.23
C LYS A 100 5.87 7.17 21.64
N GLU A 101 6.84 6.28 21.62
CA GLU A 101 8.23 6.56 21.97
C GLU A 101 8.82 7.71 21.15
N LEU A 102 8.88 7.56 19.83
CA LEU A 102 9.58 8.55 19.00
C LEU A 102 8.67 9.71 18.61
N MET A 103 7.36 9.50 18.76
CA MET A 103 6.35 10.54 18.41
C MET A 103 6.69 11.92 19.00
N PRO A 104 6.89 12.07 20.34
CA PRO A 104 7.18 13.37 20.96
C PRO A 104 8.57 13.92 20.61
N ARG A 105 9.38 13.10 19.97
CA ARG A 105 10.71 13.53 19.56
C ARG A 105 10.60 14.32 18.26
N PHE A 106 9.51 14.10 17.53
CA PHE A 106 9.30 14.77 16.25
C PHE A 106 8.98 16.25 16.43
N GLU A 107 8.25 16.60 17.48
CA GLU A 107 7.95 18.00 17.74
C GLU A 107 9.23 18.74 18.14
N GLU A 108 10.13 18.03 18.81
CA GLU A 108 11.46 18.55 19.12
C GLU A 108 12.22 18.82 17.82
N ALA A 109 12.21 17.82 16.94
CA ALA A 109 12.84 17.93 15.64
C ALA A 109 12.14 18.95 14.76
N CYS A 110 10.91 19.28 15.09
CA CYS A 110 10.13 20.23 14.30
C CYS A 110 10.49 21.66 14.70
N GLY A 111 10.73 21.83 16.00
CA GLY A 111 11.10 23.14 16.52
C GLY A 111 12.60 23.34 16.52
N ARG A 112 13.31 22.51 15.76
CA ARG A 112 14.75 22.64 15.63
C ARG A 112 15.14 23.95 14.96
N THR A 113 16.28 24.49 15.33
CA THR A 113 16.72 25.79 14.84
C THR A 113 17.26 25.70 13.41
N THR A 114 17.64 24.51 12.99
CA THR A 114 18.20 24.30 11.67
C THR A 114 17.52 23.11 10.99
N GLU A 115 17.42 23.14 9.66
CA GLU A 115 16.82 22.03 8.93
C GLU A 115 17.68 20.77 9.07
N THR A 116 18.98 20.99 9.21
CA THR A 116 19.92 19.91 9.43
C THR A 116 19.59 19.20 10.75
N GLU A 117 19.30 20.02 11.77
CA GLU A 117 18.88 19.52 13.07
C GLU A 117 17.67 18.60 12.94
N LYS A 118 16.77 18.99 12.06
CA LYS A 118 15.53 18.26 11.87
C LYS A 118 15.79 16.91 11.22
N VAL A 119 16.38 16.93 10.02
CA VAL A 119 16.68 15.68 9.32
C VAL A 119 17.51 14.71 10.16
N GLN A 120 18.53 15.21 10.88
CA GLN A 120 19.34 14.36 11.75
C GLN A 120 18.50 13.64 12.80
N GLU A 121 17.60 14.37 13.44
CA GLU A 121 16.76 13.78 14.48
C GLU A 121 15.77 12.79 13.85
N PHE A 122 15.12 13.20 12.76
CA PHE A 122 14.24 12.29 11.99
C PHE A 122 14.98 11.00 11.67
N GLN A 123 16.22 11.16 11.20
CA GLN A 123 17.10 10.00 10.95
C GLN A 123 17.13 9.10 12.18
N ARG A 124 17.48 9.68 13.32
CA ARG A 124 17.56 8.94 14.58
C ARG A 124 16.24 8.25 14.91
N LEU A 125 15.12 9.00 14.85
CA LEU A 125 13.82 8.45 15.18
C LEU A 125 13.53 7.21 14.35
N LEU A 126 13.70 7.35 13.05
CA LEU A 126 13.48 6.25 12.12
C LEU A 126 14.31 5.00 12.42
N LYS A 127 15.52 5.18 12.95
CA LYS A 127 16.36 4.02 13.29
C LYS A 127 15.74 3.28 14.46
N GLU A 128 15.21 4.05 15.39
CA GLU A 128 14.55 3.53 16.58
C GLU A 128 13.19 2.89 16.26
N LEU A 129 12.89 2.68 14.98
CA LEU A 129 11.60 2.14 14.59
C LEU A 129 11.75 0.66 14.20
N PRO A 130 10.69 -0.14 14.38
CA PRO A 130 10.65 -1.52 13.89
C PRO A 130 10.77 -1.59 12.37
N GLU A 131 11.18 -2.75 11.87
CA GLU A 131 11.43 -2.95 10.44
C GLU A 131 10.22 -2.55 9.59
N CYS A 132 9.05 -3.07 9.93
CA CYS A 132 7.83 -2.78 9.19
C CYS A 132 7.53 -1.29 9.20
N ASN A 133 7.81 -0.63 10.32
CA ASN A 133 7.52 0.78 10.46
C ASN A 133 8.46 1.60 9.59
N TYR A 134 9.70 1.14 9.52
CA TYR A 134 10.74 1.83 8.75
C TYR A 134 10.37 1.87 7.27
N LEU A 135 9.92 0.74 6.75
CA LEU A 135 9.52 0.65 5.36
C LEU A 135 8.18 1.35 5.12
N LEU A 136 7.27 1.24 6.09
CA LEU A 136 5.97 1.89 5.98
C LEU A 136 6.14 3.40 5.92
N ILE A 137 6.92 3.95 6.85
CA ILE A 137 7.12 5.39 6.93
C ILE A 137 7.73 5.91 5.62
N SER A 138 8.72 5.18 5.11
CA SER A 138 9.33 5.50 3.83
C SER A 138 8.28 5.61 2.73
N TRP A 139 7.45 4.58 2.58
CA TRP A 139 6.56 4.49 1.44
C TRP A 139 5.40 5.47 1.57
N LEU A 140 4.81 5.55 2.74
CA LEU A 140 3.67 6.43 2.97
C LEU A 140 4.03 7.86 2.56
N ILE A 141 5.18 8.31 3.01
CA ILE A 141 5.60 9.68 2.79
C ILE A 141 6.11 9.88 1.36
N VAL A 142 6.94 8.96 0.87
CA VAL A 142 7.50 9.08 -0.47
C VAL A 142 6.44 8.86 -1.56
N HIS A 143 5.48 7.98 -1.31
CA HIS A 143 4.37 7.80 -2.26
C HIS A 143 3.55 9.07 -2.30
N MET A 144 3.45 9.74 -1.16
CA MET A 144 2.70 10.98 -1.09
C MET A 144 3.48 12.12 -1.73
N ASP A 145 4.80 11.95 -1.83
CA ASP A 145 5.66 12.91 -2.54
C ASP A 145 5.34 12.89 -4.04
N HIS A 146 5.16 11.68 -4.56
CA HIS A 146 4.69 11.51 -5.94
C HIS A 146 3.37 12.23 -6.11
N VAL A 147 2.53 12.12 -5.09
CA VAL A 147 1.25 12.82 -5.06
C VAL A 147 1.47 14.33 -5.14
N ILE A 148 2.57 14.83 -4.57
CA ILE A 148 2.84 16.26 -4.57
C ILE A 148 3.02 16.80 -6.00
N ALA A 149 3.70 16.04 -6.84
CA ALA A 149 3.79 16.40 -8.26
C ALA A 149 2.39 16.37 -8.88
N LYS A 150 1.61 15.43 -8.42
CA LYS A 150 0.26 15.29 -8.91
C LYS A 150 -0.58 16.44 -8.37
N GLU A 151 -0.24 16.92 -7.18
CA GLU A 151 -0.83 18.12 -6.59
C GLU A 151 -0.64 19.31 -7.51
N LEU A 152 0.49 19.31 -8.22
CA LEU A 152 0.78 20.37 -9.16
C LEU A 152 -0.25 20.37 -10.28
N GLU A 153 -0.70 19.18 -10.67
CA GLU A 153 -1.77 19.08 -11.68
C GLU A 153 -3.18 19.03 -11.05
N THR A 154 -3.35 18.31 -9.95
CA THR A 154 -4.65 18.23 -9.23
C THR A 154 -5.06 19.54 -8.57
N LYS A 155 -4.24 20.57 -8.77
CA LYS A 155 -4.54 21.91 -8.27
C LYS A 155 -4.59 21.93 -6.74
N MET A 156 -3.58 21.35 -6.13
CA MET A 156 -3.53 21.21 -4.68
C MET A 156 -2.09 21.42 -4.21
N ASN A 157 -1.83 21.25 -2.91
CA ASN A 157 -0.52 21.59 -2.39
C ASN A 157 -0.11 20.66 -1.26
N ILE A 158 1.18 20.64 -0.96
CA ILE A 158 1.72 19.87 0.16
C ILE A 158 0.94 20.15 1.43
N GLN A 159 0.46 21.40 1.56
CA GLN A 159 -0.30 21.83 2.72
C GLN A 159 -1.55 20.97 2.88
N ASN A 160 -2.23 20.70 1.77
CA ASN A 160 -3.45 19.91 1.79
C ASN A 160 -3.16 18.51 2.30
N ILE A 161 -2.14 17.90 1.71
CA ILE A 161 -1.72 16.56 2.10
C ILE A 161 -1.29 16.54 3.57
N SER A 162 -0.62 17.60 4.00
CA SER A 162 -0.18 17.73 5.38
C SER A 162 -1.38 17.80 6.34
N ILE A 163 -2.49 18.35 5.85
CA ILE A 163 -3.69 18.50 6.66
C ILE A 163 -4.33 17.14 6.90
N VAL A 164 -4.28 16.30 5.89
CA VAL A 164 -4.92 15.00 5.97
C VAL A 164 -4.01 13.96 6.62
N LEU A 165 -2.69 14.07 6.38
CA LEU A 165 -1.74 13.13 6.96
C LEU A 165 -1.48 13.40 8.44
N SER A 166 -1.79 14.62 8.89
CA SER A 166 -1.67 14.97 10.30
C SER A 166 -2.46 13.99 11.18
N PRO A 167 -3.79 13.85 10.98
CA PRO A 167 -4.60 12.85 11.69
C PRO A 167 -4.23 11.43 11.31
N THR A 168 -3.46 11.28 10.25
CA THR A 168 -3.11 9.96 9.75
C THR A 168 -2.07 9.25 10.62
N VAL A 169 -0.90 9.87 10.87
CA VAL A 169 0.11 9.26 11.73
C VAL A 169 0.04 9.75 13.18
N GLN A 170 -0.93 10.63 13.45
CA GLN A 170 -1.24 11.13 14.80
C GLN A 170 -0.25 12.22 15.20
N ILE A 171 0.16 13.04 14.23
CA ILE A 171 1.16 14.08 14.48
C ILE A 171 0.71 15.41 13.89
N SER A 172 1.03 16.51 14.56
CA SER A 172 0.68 17.87 14.12
C SER A 172 1.00 18.13 12.65
N ASN A 173 0.20 19.02 12.06
CA ASN A 173 0.21 19.32 10.62
C ASN A 173 1.60 19.65 10.08
N ARG A 174 2.30 20.56 10.76
CA ARG A 174 3.57 21.10 10.26
C ARG A 174 4.60 20.01 9.99
N VAL A 175 4.56 18.96 10.80
CA VAL A 175 5.54 17.88 10.70
C VAL A 175 5.44 17.17 9.34
N LEU A 176 4.24 17.08 8.78
CA LEU A 176 4.05 16.34 7.52
C LEU A 176 4.70 17.08 6.34
N TYR A 177 4.42 18.37 6.21
CA TYR A 177 5.14 19.21 5.26
C TYR A 177 6.66 18.97 5.31
N VAL A 178 7.24 19.03 6.51
CA VAL A 178 8.66 18.77 6.65
C VAL A 178 8.94 17.29 6.41
N PHE A 179 7.96 16.44 6.67
CA PHE A 179 8.12 15.01 6.43
C PHE A 179 8.54 14.74 5.00
N PHE A 180 7.85 15.30 4.02
CA PHE A 180 8.20 15.03 2.61
C PHE A 180 9.53 15.70 2.25
N THR A 181 9.55 17.01 2.42
CA THR A 181 10.79 17.78 2.23
C THR A 181 12.00 17.02 2.83
N HIS A 182 11.91 16.64 4.09
CA HIS A 182 13.02 16.02 4.78
C HIS A 182 13.10 14.52 4.49
N VAL A 183 11.99 13.94 4.05
CA VAL A 183 11.96 12.50 3.74
C VAL A 183 12.94 12.16 2.63
N GLN A 184 13.01 12.98 1.59
CA GLN A 184 13.99 12.78 0.55
C GLN A 184 15.36 13.29 0.99
N GLU A 185 15.38 14.26 1.90
CA GLU A 185 16.62 14.60 2.57
C GLU A 185 17.18 13.37 3.29
N LEU A 186 16.30 12.43 3.65
CA LEU A 186 16.73 11.21 4.32
C LEU A 186 16.94 10.08 3.31
N PHE A 187 15.93 9.84 2.46
CA PHE A 187 15.99 8.76 1.49
C PHE A 187 16.11 9.32 0.08
N GLY A 188 15.60 8.58 -0.89
CA GLY A 188 15.57 9.07 -2.26
C GLY A 188 15.62 7.91 -3.24
N ASN A 189 16.12 6.78 -2.77
CA ASN A 189 16.06 5.54 -3.55
C ASN A 189 14.84 4.74 -3.14
N VAL A 190 14.16 5.23 -2.09
CA VAL A 190 12.88 4.68 -1.69
C VAL A 190 11.93 4.71 -2.88
N VAL A 191 11.58 3.54 -3.32
CA VAL A 191 10.83 3.38 -4.55
C VAL A 191 9.51 2.69 -4.28
N LEU A 192 8.48 3.08 -5.03
CA LEU A 192 7.16 2.50 -4.88
C LEU A 192 6.99 1.34 -5.85
N LYS A 193 7.27 0.14 -5.36
CA LYS A 193 7.10 -1.07 -6.17
C LYS A 193 5.63 -1.51 -6.17
N GLN A 194 5.04 -1.53 -7.36
CA GLN A 194 3.62 -1.81 -7.53
C GLN A 194 3.30 -3.30 -7.41
N VAL A 195 2.02 -3.59 -7.22
CA VAL A 195 1.52 -4.94 -7.19
C VAL A 195 0.37 -5.07 -8.20
N MET A 196 0.26 -6.20 -8.89
CA MET A 196 -0.82 -6.36 -9.87
C MET A 196 -2.19 -6.39 -9.19
N LYS A 197 -3.14 -5.68 -9.78
CA LYS A 197 -4.50 -5.62 -9.26
C LYS A 197 -5.32 -6.81 -9.79
N PRO A 198 -6.15 -7.41 -8.93
CA PRO A 198 -7.11 -8.45 -9.35
C PRO A 198 -8.13 -7.87 -10.33
N LEU A 199 -8.74 -8.74 -11.13
CA LEU A 199 -9.65 -8.30 -12.16
C LEU A 199 -11.09 -8.68 -11.80
N ARG A 200 -12.04 -8.02 -12.44
CA ARG A 200 -13.45 -8.34 -12.27
C ARG A 200 -13.81 -9.71 -12.83
N TRP A 201 -12.85 -10.37 -13.48
CA TRP A 201 -13.10 -11.64 -14.12
C TRP A 201 -13.05 -12.75 -13.09
N SER A 202 -14.00 -13.66 -13.18
CA SER A 202 -14.09 -14.79 -12.25
C SER A 202 -13.03 -15.85 -12.54
N ASN A 203 -12.12 -15.52 -13.47
CA ASN A 203 -10.96 -16.34 -13.81
C ASN A 203 -11.28 -17.46 -14.80
N MET A 204 -12.56 -17.66 -15.08
CA MET A 204 -12.97 -18.64 -16.10
C MET A 204 -14.33 -18.28 -16.69
N ALA A 205 -14.82 -19.14 -17.58
CA ALA A 205 -16.18 -19.02 -18.15
C ALA A 205 -16.30 -17.83 -19.10
N THR A 206 -15.18 -17.22 -19.45
CA THR A 206 -15.18 -16.09 -20.38
C THR A 206 -13.80 -15.98 -21.04
N MET A 207 -13.64 -14.98 -21.89
CA MET A 207 -12.37 -14.72 -22.57
C MET A 207 -12.26 -13.23 -22.92
N PRO A 208 -13.28 -12.62 -23.58
CA PRO A 208 -13.30 -11.18 -23.85
C PRO A 208 -13.37 -10.38 -22.55
N THR A 209 -12.20 -10.00 -22.07
CA THR A 209 -12.06 -9.28 -20.80
C THR A 209 -10.58 -9.07 -20.52
N LEU A 210 -9.75 -9.94 -21.09
CA LEU A 210 -8.31 -9.82 -20.96
C LEU A 210 -7.80 -8.69 -21.85
N PRO A 211 -6.64 -8.10 -21.53
CA PRO A 211 -6.05 -7.06 -22.37
C PRO A 211 -5.73 -7.59 -23.78
N GLU A 212 -6.21 -6.88 -24.78
CA GLU A 212 -5.96 -7.26 -26.16
C GLU A 212 -4.78 -6.48 -26.74
N THR A 213 -4.03 -5.82 -25.85
CA THR A 213 -2.88 -5.04 -26.26
C THR A 213 -1.58 -5.81 -26.04
N GLN A 214 -0.63 -5.63 -26.96
CA GLN A 214 0.66 -6.31 -26.86
C GLN A 214 1.37 -5.91 -25.57
N ALA A 215 1.29 -4.63 -25.25
CA ALA A 215 1.97 -4.07 -24.10
C ALA A 215 1.34 -4.58 -22.81
N GLY A 216 0.01 -4.54 -22.76
CA GLY A 216 -0.72 -4.97 -21.57
C GLY A 216 -0.42 -6.40 -21.19
N ILE A 217 -0.38 -7.29 -22.18
CA ILE A 217 -0.13 -8.69 -21.92
C ILE A 217 1.32 -8.90 -21.49
N LYS A 218 2.24 -8.25 -22.21
CA LYS A 218 3.67 -8.36 -21.93
C LYS A 218 3.99 -8.00 -20.49
N GLU A 219 3.46 -6.87 -20.04
CA GLU A 219 3.72 -6.37 -18.69
C GLU A 219 3.23 -7.33 -17.62
N GLU A 220 1.97 -7.76 -17.73
CA GLU A 220 1.37 -8.60 -16.70
C GLU A 220 2.00 -9.98 -16.68
N ILE A 221 2.37 -10.50 -17.86
CA ILE A 221 3.07 -11.78 -17.93
C ILE A 221 4.35 -11.75 -17.11
N ARG A 222 5.15 -10.71 -17.34
CA ARG A 222 6.39 -10.50 -16.60
C ARG A 222 6.12 -10.55 -15.10
N ARG A 223 5.11 -9.80 -14.67
CA ARG A 223 4.80 -9.71 -13.25
C ARG A 223 4.29 -11.05 -12.71
N GLN A 224 3.49 -11.76 -13.50
CA GLN A 224 2.93 -13.04 -13.06
C GLN A 224 3.99 -14.12 -12.94
N GLU A 225 4.99 -14.08 -13.83
CA GLU A 225 6.03 -15.11 -13.80
C GLU A 225 6.95 -14.94 -12.60
N PHE A 226 7.16 -13.70 -12.16
CA PHE A 226 7.95 -13.45 -10.97
C PHE A 226 7.15 -13.83 -9.72
N LEU A 227 5.84 -13.61 -9.77
CA LEU A 227 4.96 -14.05 -8.71
C LEU A 227 4.91 -15.57 -8.68
N LEU A 228 4.95 -16.17 -9.86
CA LEU A 228 4.74 -17.59 -9.98
C LEU A 228 5.93 -18.37 -9.45
N ASN A 229 7.13 -18.00 -9.91
CA ASN A 229 8.34 -18.72 -9.53
C ASN A 229 8.62 -18.55 -8.03
N CYS A 230 8.32 -17.37 -7.49
CA CYS A 230 8.60 -17.11 -6.09
C CYS A 230 7.77 -18.04 -5.21
N LEU A 231 6.46 -18.07 -5.44
CA LEU A 231 5.56 -18.88 -4.63
C LEU A 231 5.84 -20.36 -4.89
N HIS A 232 6.14 -20.66 -6.14
CA HIS A 232 6.52 -22.02 -6.55
C HIS A 232 7.66 -22.56 -5.69
N ARG A 233 8.70 -21.75 -5.50
CA ARG A 233 9.83 -22.15 -4.68
C ARG A 233 9.51 -22.12 -3.18
N ASP A 234 9.07 -20.96 -2.71
CA ASP A 234 8.93 -20.71 -1.26
C ASP A 234 7.96 -21.67 -0.60
N LEU A 235 7.02 -22.19 -1.38
CA LEU A 235 6.03 -23.16 -0.89
C LEU A 235 6.72 -24.38 -0.25
N GLN A 236 7.97 -24.61 -0.62
CA GLN A 236 8.70 -25.78 -0.16
C GLN A 236 9.34 -25.55 1.21
N GLY A 237 9.21 -24.32 1.71
CA GLY A 237 9.75 -23.99 3.02
C GLY A 237 8.90 -24.53 4.15
N GLY A 238 8.52 -25.79 4.05
CA GLY A 238 7.67 -26.40 5.06
C GLY A 238 6.25 -25.88 4.98
N ILE A 239 5.85 -25.43 3.81
CA ILE A 239 4.53 -24.85 3.63
C ILE A 239 3.61 -25.83 2.92
N LYS A 240 2.69 -26.44 3.65
CA LYS A 240 1.74 -27.36 3.08
C LYS A 240 0.32 -26.97 3.46
N ASP A 241 -0.25 -26.07 2.69
CA ASP A 241 -1.62 -25.65 2.87
C ASP A 241 -2.35 -25.72 1.54
N LEU A 242 -3.55 -26.27 1.57
CA LEU A 242 -4.33 -26.48 0.36
C LEU A 242 -4.77 -25.15 -0.21
N SER A 243 -4.88 -24.16 0.67
CA SER A 243 -5.35 -22.83 0.31
C SER A 243 -4.32 -22.14 -0.57
N LYS A 244 -3.05 -22.23 -0.16
CA LYS A 244 -1.97 -21.56 -0.87
C LYS A 244 -1.79 -22.20 -2.24
N GLU A 245 -1.91 -23.53 -2.27
CA GLU A 245 -1.76 -24.30 -3.49
C GLU A 245 -2.86 -23.94 -4.49
N GLU A 246 -4.12 -23.98 -4.05
CA GLU A 246 -5.24 -23.62 -4.92
C GLU A 246 -5.02 -22.29 -5.64
N ARG A 247 -4.51 -21.30 -4.92
CA ARG A 247 -4.28 -19.98 -5.53
C ARG A 247 -3.15 -20.05 -6.56
N LEU A 248 -2.20 -20.96 -6.33
CA LEU A 248 -1.07 -21.12 -7.23
C LEU A 248 -1.50 -21.66 -8.60
N TRP A 249 -2.44 -22.59 -8.62
CA TRP A 249 -2.91 -23.16 -9.89
C TRP A 249 -3.67 -22.12 -10.67
N GLU A 250 -4.44 -21.35 -9.94
CA GLU A 250 -5.32 -20.35 -10.55
C GLU A 250 -4.52 -19.28 -11.29
N VAL A 251 -3.40 -18.85 -10.72
CA VAL A 251 -2.57 -17.85 -11.40
C VAL A 251 -1.95 -18.45 -12.65
N GLN A 252 -1.51 -19.69 -12.55
CA GLN A 252 -0.98 -20.43 -13.70
C GLN A 252 -2.01 -20.52 -14.83
N ARG A 253 -3.27 -20.75 -14.49
CA ARG A 253 -4.34 -20.82 -15.49
C ARG A 253 -4.52 -19.48 -16.19
N ILE A 254 -4.34 -18.40 -15.44
CA ILE A 254 -4.50 -17.06 -15.98
C ILE A 254 -3.31 -16.74 -16.89
N LEU A 255 -2.13 -17.09 -16.41
CA LEU A 255 -0.90 -16.89 -17.16
C LEU A 255 -0.91 -17.72 -18.43
N THR A 256 -1.59 -18.87 -18.38
CA THR A 256 -1.72 -19.72 -19.54
C THR A 256 -2.44 -18.98 -20.67
N ALA A 257 -3.57 -18.35 -20.34
CA ALA A 257 -4.27 -17.50 -21.28
C ALA A 257 -3.33 -16.45 -21.85
N LEU A 258 -2.64 -15.76 -20.95
CA LEU A 258 -1.73 -14.68 -21.34
C LEU A 258 -0.63 -15.16 -22.28
N LYS A 259 -0.15 -16.38 -22.07
CA LYS A 259 0.89 -16.94 -22.93
C LYS A 259 0.38 -17.14 -24.36
N ARG A 260 -0.89 -17.52 -24.48
CA ARG A 260 -1.54 -17.62 -25.79
C ARG A 260 -1.74 -16.23 -26.37
N LYS A 261 -2.24 -15.33 -25.52
CA LYS A 261 -2.52 -13.95 -25.88
C LYS A 261 -1.25 -13.22 -26.33
N LEU A 262 -0.10 -13.61 -25.78
CA LEU A 262 1.17 -12.99 -26.13
C LEU A 262 1.49 -13.20 -27.61
N ARG A 263 1.07 -14.34 -28.15
CA ARG A 263 1.26 -14.65 -29.55
C ARG A 263 -0.05 -14.50 -30.30
N GLU A 264 -1.00 -13.85 -29.67
CA GLU A 264 -2.29 -13.57 -30.27
C GLU A 264 -2.27 -12.17 -30.86
N ALA A 265 -1.49 -11.31 -30.22
CA ALA A 265 -1.35 -9.93 -30.63
C ALA A 265 -0.12 -9.77 -31.51
N HIS A 1 -17.79 -15.26 22.12
CA HIS A 1 -17.22 -15.67 20.82
C HIS A 1 -17.20 -14.48 19.85
N MET A 2 -16.00 -14.10 19.44
CA MET A 2 -15.84 -12.98 18.54
C MET A 2 -15.60 -13.48 17.12
N PRO A 3 -16.39 -12.97 16.16
CA PRO A 3 -16.25 -13.28 14.74
C PRO A 3 -14.83 -13.06 14.23
N ASN A 4 -14.28 -14.11 13.60
CA ASN A 4 -12.94 -14.10 13.01
C ASN A 4 -11.84 -14.07 14.08
N LEU A 5 -10.84 -14.90 13.90
CA LEU A 5 -9.73 -15.00 14.83
C LEU A 5 -8.71 -13.90 14.59
N LYS A 6 -8.88 -12.79 15.30
CA LYS A 6 -7.99 -11.63 15.21
C LYS A 6 -8.02 -11.00 13.81
N PRO A 7 -8.90 -10.01 13.63
CA PRO A 7 -9.08 -9.31 12.35
C PRO A 7 -7.91 -8.38 12.03
N ILE A 8 -7.39 -8.46 10.80
CA ILE A 8 -6.38 -7.53 10.28
C ILE A 8 -6.57 -6.06 10.70
N PHE A 9 -7.81 -5.62 10.89
CA PHE A 9 -8.05 -4.24 11.28
C PHE A 9 -7.89 -4.08 12.79
N GLY A 10 -6.64 -3.92 13.21
CA GLY A 10 -6.33 -3.76 14.62
C GLY A 10 -5.27 -4.72 15.11
N ILE A 11 -4.18 -4.83 14.35
CA ILE A 11 -3.08 -5.72 14.70
C ILE A 11 -1.75 -5.05 14.39
N PRO A 12 -0.63 -5.60 14.89
CA PRO A 12 0.72 -5.14 14.54
C PRO A 12 0.98 -5.27 13.03
N LEU A 13 1.86 -4.43 12.52
CA LEU A 13 2.13 -4.36 11.09
C LEU A 13 2.59 -5.70 10.54
N ALA A 14 3.62 -6.30 11.15
CA ALA A 14 4.15 -7.58 10.69
C ALA A 14 3.07 -8.66 10.60
N ASP A 15 2.28 -8.81 11.67
CA ASP A 15 1.17 -9.76 11.68
C ASP A 15 0.24 -9.55 10.48
N ALA A 16 -0.01 -8.29 10.17
CA ALA A 16 -0.83 -7.94 9.01
C ALA A 16 -0.12 -8.33 7.72
N VAL A 17 1.20 -8.18 7.72
CA VAL A 17 2.02 -8.56 6.56
C VAL A 17 1.94 -10.05 6.30
N GLU A 18 2.18 -10.85 7.35
CA GLU A 18 2.18 -12.30 7.24
C GLU A 18 0.86 -12.81 6.71
N ARG A 19 -0.20 -12.07 6.99
CA ARG A 19 -1.52 -12.39 6.46
C ARG A 19 -1.66 -12.00 5.00
N THR A 20 -1.29 -10.77 4.68
CA THR A 20 -1.51 -10.23 3.35
C THR A 20 -0.27 -10.36 2.48
N MET A 21 0.49 -11.43 2.67
CA MET A 21 1.65 -11.68 1.82
C MET A 21 1.20 -12.14 0.44
N MET A 22 1.47 -11.31 -0.56
CA MET A 22 1.03 -11.62 -1.92
C MET A 22 2.20 -11.77 -2.88
N TYR A 23 3.09 -10.81 -2.90
CA TYR A 23 4.15 -10.81 -3.88
C TYR A 23 5.35 -11.57 -3.32
N ASP A 24 6.16 -10.88 -2.54
CA ASP A 24 7.32 -11.50 -1.91
C ASP A 24 7.20 -11.46 -0.39
N GLY A 25 6.41 -10.52 0.12
CA GLY A 25 6.31 -10.35 1.55
C GLY A 25 7.44 -9.48 2.09
N ILE A 26 7.62 -8.30 1.50
CA ILE A 26 8.70 -7.38 1.86
C ILE A 26 8.45 -6.66 3.18
N ARG A 27 7.77 -7.32 4.11
CA ARG A 27 7.39 -6.72 5.39
C ARG A 27 6.62 -5.41 5.18
N LEU A 28 5.44 -5.53 4.57
CA LEU A 28 4.60 -4.41 4.23
C LEU A 28 3.25 -4.95 3.76
N PRO A 29 2.15 -4.63 4.46
CA PRO A 29 0.83 -5.19 4.15
C PRO A 29 0.41 -4.98 2.71
N ALA A 30 -0.35 -5.91 2.15
CA ALA A 30 -0.73 -5.87 0.75
C ALA A 30 -1.66 -4.70 0.49
N VAL A 31 -2.57 -4.47 1.42
CA VAL A 31 -3.50 -3.33 1.33
C VAL A 31 -2.75 -2.02 1.11
N PHE A 32 -1.57 -1.87 1.72
CA PHE A 32 -0.77 -0.67 1.52
C PHE A 32 -0.29 -0.62 0.07
N ARG A 33 0.15 -1.76 -0.44
CA ARG A 33 0.59 -1.88 -1.81
C ARG A 33 -0.58 -1.60 -2.75
N GLU A 34 -1.72 -2.18 -2.43
CA GLU A 34 -2.94 -2.02 -3.21
C GLU A 34 -3.33 -0.56 -3.37
N CYS A 35 -3.21 0.21 -2.29
CA CYS A 35 -3.66 1.59 -2.31
C CYS A 35 -2.58 2.47 -2.95
N ILE A 36 -1.32 2.10 -2.74
CA ILE A 36 -0.21 2.82 -3.35
C ILE A 36 -0.21 2.58 -4.86
N ASP A 37 -0.50 1.35 -5.26
CA ASP A 37 -0.50 0.96 -6.65
C ASP A 37 -1.65 1.62 -7.42
N TYR A 38 -2.84 1.55 -6.84
CA TYR A 38 -4.04 2.10 -7.50
C TYR A 38 -3.90 3.60 -7.76
N VAL A 39 -3.50 4.34 -6.73
CA VAL A 39 -3.34 5.78 -6.85
C VAL A 39 -2.23 6.12 -7.84
N GLU A 40 -1.14 5.37 -7.78
CA GLU A 40 0.04 5.64 -8.62
C GLU A 40 -0.31 5.49 -10.11
N LYS A 41 -1.21 4.57 -10.41
CA LYS A 41 -1.53 4.24 -11.80
C LYS A 41 -2.81 4.90 -12.30
N TYR A 42 -3.83 5.03 -11.45
CA TYR A 42 -5.13 5.51 -11.92
C TYR A 42 -5.45 6.90 -11.37
N GLY A 43 -5.01 7.18 -10.15
CA GLY A 43 -5.47 8.37 -9.44
C GLY A 43 -4.32 9.20 -8.97
N MET A 44 -3.45 9.51 -9.90
CA MET A 44 -2.19 10.12 -9.57
C MET A 44 -2.26 11.64 -9.70
N LYS A 45 -2.96 12.09 -10.75
CA LYS A 45 -3.08 13.51 -11.04
C LYS A 45 -4.56 13.92 -11.02
N CYS A 46 -5.29 13.39 -10.05
CA CYS A 46 -6.72 13.66 -9.93
C CYS A 46 -6.97 14.64 -8.79
N GLU A 47 -7.96 15.51 -8.94
CA GLU A 47 -8.28 16.47 -7.90
C GLU A 47 -9.01 15.82 -6.74
N GLY A 48 -9.05 16.49 -5.59
CA GLY A 48 -9.59 15.90 -4.38
C GLY A 48 -8.74 14.79 -3.82
N ILE A 49 -7.68 14.44 -4.54
CA ILE A 49 -6.82 13.33 -4.21
C ILE A 49 -6.26 13.42 -2.78
N TYR A 50 -6.62 12.42 -1.97
CA TYR A 50 -6.11 12.28 -0.60
C TYR A 50 -6.60 13.40 0.32
N ARG A 51 -7.49 14.27 -0.16
CA ARG A 51 -7.97 15.37 0.66
C ARG A 51 -9.35 15.05 1.19
N VAL A 52 -10.15 14.38 0.38
CA VAL A 52 -11.48 13.98 0.77
C VAL A 52 -11.50 12.51 1.15
N SER A 53 -12.67 12.01 1.53
CA SER A 53 -12.83 10.60 1.83
C SER A 53 -13.62 9.94 0.71
N GLY A 54 -14.71 10.59 0.32
CA GLY A 54 -15.51 10.09 -0.78
C GLY A 54 -16.74 9.33 -0.30
N ILE A 55 -16.74 8.03 -0.55
CA ILE A 55 -17.90 7.20 -0.22
C ILE A 55 -17.64 6.38 1.03
N LYS A 56 -18.25 6.81 2.14
CA LYS A 56 -18.12 6.13 3.42
C LYS A 56 -18.63 4.69 3.32
N SER A 57 -19.73 4.54 2.59
CA SER A 57 -20.39 3.25 2.44
C SER A 57 -19.50 2.18 1.80
N LYS A 58 -18.53 2.58 0.98
CA LYS A 58 -17.66 1.61 0.31
C LYS A 58 -16.57 1.13 1.25
N VAL A 59 -16.23 1.98 2.21
CA VAL A 59 -15.13 1.71 3.11
C VAL A 59 -15.44 0.53 4.03
N ASP A 60 -16.72 0.39 4.36
CA ASP A 60 -17.17 -0.71 5.20
C ASP A 60 -17.08 -2.03 4.42
N GLU A 61 -17.25 -1.93 3.10
CA GLU A 61 -17.19 -3.10 2.23
C GLU A 61 -15.76 -3.61 2.16
N LEU A 62 -14.83 -2.67 2.10
CA LEU A 62 -13.41 -2.96 2.03
C LEU A 62 -12.94 -3.63 3.31
N LYS A 63 -13.33 -3.04 4.44
CA LYS A 63 -13.02 -3.61 5.74
C LYS A 63 -13.48 -5.07 5.80
N ALA A 64 -14.64 -5.32 5.23
CA ALA A 64 -15.22 -6.65 5.22
C ALA A 64 -14.41 -7.58 4.32
N ALA A 65 -14.11 -7.11 3.12
CA ALA A 65 -13.42 -7.91 2.12
C ALA A 65 -11.99 -8.26 2.54
N TYR A 66 -11.25 -7.26 3.02
CA TYR A 66 -9.85 -7.47 3.40
C TYR A 66 -9.73 -8.39 4.60
N ASP A 67 -10.58 -8.21 5.60
CA ASP A 67 -10.47 -8.98 6.83
C ASP A 67 -10.79 -10.46 6.61
N ARG A 68 -11.60 -10.76 5.61
CA ARG A 68 -11.96 -12.15 5.34
C ARG A 68 -10.97 -12.78 4.36
N GLU A 69 -9.90 -12.04 4.06
CA GLU A 69 -8.86 -12.49 3.15
C GLU A 69 -9.43 -12.84 1.78
N GLU A 70 -9.81 -11.81 1.02
CA GLU A 70 -10.40 -12.00 -0.28
C GLU A 70 -9.93 -10.92 -1.24
N SER A 71 -10.00 -11.25 -2.53
CA SER A 71 -9.66 -10.31 -3.57
C SER A 71 -10.60 -9.12 -3.54
N THR A 72 -10.04 -7.92 -3.58
CA THR A 72 -10.83 -6.73 -3.56
C THR A 72 -10.57 -5.94 -4.84
N ASN A 73 -11.58 -5.88 -5.67
CA ASN A 73 -11.47 -5.20 -6.96
C ASN A 73 -11.52 -3.69 -6.76
N LEU A 74 -10.35 -3.10 -6.63
CA LEU A 74 -10.22 -1.69 -6.33
C LEU A 74 -10.54 -0.83 -7.53
N GLU A 75 -10.65 -1.47 -8.69
CA GLU A 75 -10.85 -0.76 -9.95
C GLU A 75 -12.24 -0.12 -9.97
N ASP A 76 -13.11 -0.62 -9.10
CA ASP A 76 -14.45 -0.05 -8.92
C ASP A 76 -14.40 1.13 -7.96
N TYR A 77 -13.54 1.03 -6.97
CA TYR A 77 -13.45 2.02 -5.92
C TYR A 77 -12.64 3.23 -6.37
N GLU A 78 -12.98 4.38 -5.86
CA GLU A 78 -12.32 5.62 -6.22
C GLU A 78 -11.01 5.76 -5.44
N PRO A 79 -10.02 6.48 -6.02
CA PRO A 79 -8.68 6.64 -5.42
C PRO A 79 -8.74 7.19 -4.00
N ASN A 80 -9.56 8.21 -3.80
CA ASN A 80 -9.73 8.80 -2.48
C ASN A 80 -10.39 7.82 -1.51
N THR A 81 -11.23 6.92 -2.03
CA THR A 81 -11.90 5.96 -1.17
C THR A 81 -10.95 4.86 -0.69
N VAL A 82 -10.15 4.30 -1.60
CA VAL A 82 -9.15 3.32 -1.21
C VAL A 82 -8.11 3.95 -0.28
N ALA A 83 -7.79 5.22 -0.55
CA ALA A 83 -6.88 5.99 0.29
C ALA A 83 -7.45 6.14 1.70
N SER A 84 -8.77 6.23 1.79
CA SER A 84 -9.45 6.43 3.06
C SER A 84 -9.52 5.12 3.82
N LEU A 85 -9.59 4.03 3.07
CA LEU A 85 -9.49 2.72 3.66
C LEU A 85 -8.08 2.53 4.19
N LEU A 86 -7.10 2.95 3.41
CA LEU A 86 -5.69 2.86 3.78
C LEU A 86 -5.41 3.66 5.06
N LYS A 87 -5.79 4.93 5.04
CA LYS A 87 -5.55 5.81 6.19
C LYS A 87 -6.30 5.31 7.42
N GLN A 88 -7.47 4.71 7.19
CA GLN A 88 -8.26 4.16 8.29
C GLN A 88 -7.61 2.87 8.81
N TYR A 89 -7.37 1.93 7.90
CA TYR A 89 -6.65 0.70 8.23
C TYR A 89 -5.38 0.99 9.01
N LEU A 90 -4.69 2.06 8.65
CA LEU A 90 -3.49 2.47 9.37
C LEU A 90 -3.85 2.85 10.80
N ARG A 91 -4.93 3.57 10.96
CA ARG A 91 -5.40 4.01 12.28
C ARG A 91 -5.89 2.83 13.11
N ASP A 92 -6.59 1.87 12.48
CA ASP A 92 -6.97 0.62 13.15
C ASP A 92 -5.78 -0.09 13.76
N LEU A 93 -4.60 0.17 13.24
CA LEU A 93 -3.42 -0.49 13.76
C LEU A 93 -2.97 0.20 15.04
N PRO A 94 -2.95 -0.54 16.17
CA PRO A 94 -2.75 0.04 17.50
C PRO A 94 -1.33 0.52 17.76
N GLU A 95 -0.43 0.31 16.81
CA GLU A 95 0.95 0.75 16.97
C GLU A 95 1.30 1.73 15.87
N ASN A 96 1.70 2.92 16.27
CA ASN A 96 2.07 3.97 15.33
C ASN A 96 3.31 3.58 14.55
N LEU A 97 3.52 4.29 13.45
CA LEU A 97 4.69 4.07 12.62
C LEU A 97 5.93 4.49 13.39
N LEU A 98 5.82 5.62 14.08
CA LEU A 98 6.90 6.13 14.92
C LEU A 98 6.71 5.64 16.35
N THR A 99 5.64 4.86 16.53
CA THR A 99 5.20 4.37 17.84
C THR A 99 5.09 5.51 18.87
N LYS A 100 4.77 5.15 20.11
CA LYS A 100 4.71 6.13 21.20
C LYS A 100 6.11 6.64 21.51
N GLU A 101 7.06 5.79 21.22
CA GLU A 101 8.46 6.03 21.52
C GLU A 101 9.04 7.24 20.76
N LEU A 102 9.02 7.21 19.44
CA LEU A 102 9.63 8.28 18.64
C LEU A 102 8.67 9.43 18.38
N MET A 103 7.37 9.15 18.39
CA MET A 103 6.34 10.15 18.02
C MET A 103 6.52 11.50 18.74
N PRO A 104 6.63 11.55 20.08
CA PRO A 104 6.74 12.83 20.81
C PRO A 104 8.07 13.54 20.53
N ARG A 105 9.05 12.78 20.04
CA ARG A 105 10.37 13.34 19.72
C ARG A 105 10.31 14.19 18.46
N PHE A 106 9.27 13.98 17.66
CA PHE A 106 9.09 14.71 16.42
C PHE A 106 8.84 16.19 16.67
N GLU A 107 8.15 16.52 17.76
CA GLU A 107 7.96 17.92 18.12
C GLU A 107 9.31 18.62 18.27
N GLU A 108 10.26 17.95 18.94
CA GLU A 108 11.61 18.47 19.07
C GLU A 108 12.27 18.61 17.71
N ALA A 109 12.10 17.58 16.88
CA ALA A 109 12.65 17.55 15.54
C ALA A 109 12.02 18.61 14.64
N CYS A 110 10.81 19.01 14.97
CA CYS A 110 10.10 20.00 14.17
C CYS A 110 10.45 21.40 14.64
N GLY A 111 10.63 21.53 15.96
CA GLY A 111 10.95 22.82 16.55
C GLY A 111 12.44 23.12 16.52
N ARG A 112 13.17 22.41 15.67
CA ARG A 112 14.59 22.68 15.49
C ARG A 112 14.80 24.05 14.87
N THR A 113 15.78 24.77 15.38
CA THR A 113 16.07 26.12 14.91
C THR A 113 16.57 26.10 13.46
N THR A 114 17.02 24.92 13.02
CA THR A 114 17.58 24.77 11.69
C THR A 114 16.95 23.56 11.01
N GLU A 115 16.76 23.67 9.70
CA GLU A 115 16.20 22.60 8.88
C GLU A 115 17.05 21.33 8.94
N THR A 116 18.35 21.51 9.07
CA THR A 116 19.29 20.40 9.11
C THR A 116 19.10 19.60 10.40
N GLU A 117 18.97 20.31 11.51
CA GLU A 117 18.77 19.67 12.81
C GLU A 117 17.49 18.85 12.81
N LYS A 118 16.54 19.25 11.97
CA LYS A 118 15.26 18.56 11.87
C LYS A 118 15.47 17.17 11.29
N VAL A 119 15.98 17.13 10.05
CA VAL A 119 16.23 15.86 9.39
C VAL A 119 17.09 14.92 10.24
N GLN A 120 18.06 15.46 10.97
CA GLN A 120 18.90 14.67 11.86
C GLN A 120 18.10 13.90 12.91
N GLU A 121 17.19 14.58 13.58
CA GLU A 121 16.39 13.92 14.62
C GLU A 121 15.43 12.91 13.99
N PHE A 122 14.79 13.31 12.87
CA PHE A 122 13.94 12.38 12.11
C PHE A 122 14.70 11.09 11.80
N GLN A 123 15.90 11.26 11.27
CA GLN A 123 16.79 10.13 11.00
C GLN A 123 16.93 9.24 12.22
N ARG A 124 17.31 9.82 13.36
CA ARG A 124 17.49 9.08 14.61
C ARG A 124 16.22 8.31 14.97
N LEU A 125 15.09 9.01 14.94
CA LEU A 125 13.80 8.42 15.27
C LEU A 125 13.51 7.23 14.35
N LEU A 126 13.64 7.47 13.06
CA LEU A 126 13.41 6.44 12.05
C LEU A 126 14.31 5.22 12.23
N LYS A 127 15.48 5.39 12.83
CA LYS A 127 16.35 4.25 13.10
C LYS A 127 15.73 3.37 14.18
N GLU A 128 15.20 4.03 15.20
CA GLU A 128 14.53 3.36 16.32
C GLU A 128 13.16 2.79 15.93
N LEU A 129 12.93 2.55 14.64
CA LEU A 129 11.66 2.00 14.20
C LEU A 129 11.81 0.52 13.88
N PRO A 130 10.74 -0.26 14.06
CA PRO A 130 10.68 -1.65 13.62
C PRO A 130 10.70 -1.76 12.09
N GLU A 131 11.10 -2.91 11.56
CA GLU A 131 11.28 -3.11 10.12
C GLU A 131 10.06 -2.67 9.30
N CYS A 132 8.90 -3.24 9.60
CA CYS A 132 7.68 -2.96 8.84
C CYS A 132 7.28 -1.49 8.94
N ASN A 133 7.56 -0.87 10.08
CA ASN A 133 7.23 0.53 10.28
C ASN A 133 8.14 1.40 9.44
N TYR A 134 9.41 1.05 9.45
CA TYR A 134 10.43 1.79 8.73
C TYR A 134 10.15 1.79 7.24
N LEU A 135 9.76 0.65 6.68
CA LEU A 135 9.48 0.56 5.25
C LEU A 135 8.17 1.28 4.93
N LEU A 136 7.18 1.16 5.81
CA LEU A 136 5.88 1.79 5.58
C LEU A 136 6.01 3.31 5.63
N ILE A 137 6.73 3.83 6.62
CA ILE A 137 6.92 5.27 6.75
C ILE A 137 7.62 5.82 5.50
N SER A 138 8.57 5.04 4.99
CA SER A 138 9.26 5.39 3.75
C SER A 138 8.24 5.56 2.62
N TRP A 139 7.43 4.54 2.38
CA TRP A 139 6.56 4.52 1.23
C TRP A 139 5.37 5.46 1.38
N LEU A 140 4.79 5.50 2.57
CA LEU A 140 3.60 6.32 2.81
C LEU A 140 3.90 7.77 2.50
N ILE A 141 5.05 8.23 2.97
CA ILE A 141 5.43 9.62 2.80
C ILE A 141 5.88 9.87 1.36
N VAL A 142 6.69 8.98 0.81
CA VAL A 142 7.19 9.11 -0.55
C VAL A 142 6.05 9.00 -1.58
N HIS A 143 5.06 8.16 -1.29
CA HIS A 143 3.90 8.05 -2.18
C HIS A 143 3.11 9.35 -2.19
N MET A 144 2.99 9.96 -1.02
CA MET A 144 2.23 11.21 -0.92
C MET A 144 3.04 12.35 -1.51
N ASP A 145 4.35 12.16 -1.53
CA ASP A 145 5.27 13.13 -2.14
C ASP A 145 5.04 13.18 -3.65
N HIS A 146 4.87 12.00 -4.22
CA HIS A 146 4.59 11.88 -5.64
C HIS A 146 3.27 12.57 -5.99
N VAL A 147 2.30 12.48 -5.09
CA VAL A 147 1.05 13.19 -5.26
C VAL A 147 1.29 14.69 -5.29
N ILE A 148 2.17 15.18 -4.42
CA ILE A 148 2.46 16.61 -4.34
C ILE A 148 2.97 17.13 -5.68
N ALA A 149 3.79 16.34 -6.35
CA ALA A 149 4.29 16.71 -7.66
C ALA A 149 3.15 16.79 -8.66
N LYS A 150 2.19 15.89 -8.53
CA LYS A 150 1.03 15.91 -9.39
C LYS A 150 0.04 16.97 -8.94
N GLU A 151 0.11 17.33 -7.67
CA GLU A 151 -0.70 18.43 -7.16
C GLU A 151 -0.10 19.74 -7.62
N LEU A 152 1.18 19.70 -7.93
CA LEU A 152 1.84 20.83 -8.56
C LEU A 152 1.25 21.04 -9.95
N GLU A 153 0.90 19.95 -10.62
CA GLU A 153 0.25 20.08 -11.92
C GLU A 153 -1.27 20.21 -11.82
N THR A 154 -1.92 19.71 -10.75
CA THR A 154 -3.37 19.78 -10.68
C THR A 154 -3.83 21.11 -10.10
N LYS A 155 -3.22 21.50 -8.95
CA LYS A 155 -3.49 22.79 -8.28
C LYS A 155 -2.95 22.86 -6.84
N MET A 156 -3.00 21.75 -6.11
CA MET A 156 -2.82 21.78 -4.66
C MET A 156 -1.36 21.76 -4.22
N ASN A 157 -1.14 21.67 -2.91
CA ASN A 157 0.17 21.88 -2.34
C ASN A 157 0.36 20.98 -1.12
N ILE A 158 1.60 20.89 -0.64
CA ILE A 158 1.96 20.05 0.49
C ILE A 158 1.10 20.38 1.73
N GLN A 159 0.71 21.65 1.86
CA GLN A 159 0.00 22.13 3.05
C GLN A 159 -1.29 21.33 3.26
N ASN A 160 -2.08 21.19 2.20
CA ASN A 160 -3.37 20.51 2.29
C ASN A 160 -3.15 19.06 2.69
N ILE A 161 -2.18 18.44 2.04
CA ILE A 161 -1.88 17.04 2.28
C ILE A 161 -1.39 16.83 3.72
N SER A 162 -0.71 17.84 4.25
CA SER A 162 -0.21 17.79 5.62
C SER A 162 -1.36 17.87 6.62
N ILE A 163 -2.43 18.56 6.22
CA ILE A 163 -3.58 18.72 7.10
C ILE A 163 -4.32 17.40 7.24
N VAL A 164 -4.38 16.65 6.15
CA VAL A 164 -5.11 15.40 6.11
C VAL A 164 -4.26 14.22 6.63
N LEU A 165 -2.96 14.26 6.35
CA LEU A 165 -2.05 13.24 6.87
C LEU A 165 -1.83 13.38 8.37
N SER A 166 -2.07 14.58 8.89
CA SER A 166 -1.91 14.83 10.32
C SER A 166 -2.67 13.80 11.15
N PRO A 167 -4.02 13.69 11.02
CA PRO A 167 -4.79 12.69 11.74
C PRO A 167 -4.48 11.27 11.30
N THR A 168 -3.83 11.15 10.15
CA THR A 168 -3.56 9.85 9.56
C THR A 168 -2.45 9.11 10.32
N VAL A 169 -1.27 9.70 10.46
CA VAL A 169 -0.21 9.06 11.23
C VAL A 169 -0.23 9.53 12.69
N GLN A 170 -1.05 10.55 12.96
CA GLN A 170 -1.26 11.07 14.31
C GLN A 170 -0.10 11.95 14.74
N ILE A 171 0.33 12.81 13.83
CA ILE A 171 1.38 13.79 14.11
C ILE A 171 0.93 15.16 13.58
N SER A 172 1.10 16.19 14.40
CA SER A 172 0.57 17.52 14.12
C SER A 172 1.05 18.14 12.79
N ASN A 173 0.13 18.14 11.82
CA ASN A 173 0.19 18.91 10.57
C ASN A 173 1.59 19.22 10.03
N ARG A 174 2.24 20.23 10.62
CA ARG A 174 3.48 20.81 10.08
C ARG A 174 4.56 19.76 9.87
N VAL A 175 4.52 18.70 10.67
CA VAL A 175 5.52 17.64 10.60
C VAL A 175 5.43 16.88 9.27
N LEU A 176 4.24 16.81 8.68
CA LEU A 176 4.05 16.10 7.42
C LEU A 176 4.69 16.85 6.25
N TYR A 177 4.38 18.13 6.15
CA TYR A 177 5.08 19.01 5.21
C TYR A 177 6.59 18.78 5.25
N VAL A 178 7.18 18.85 6.43
CA VAL A 178 8.59 18.61 6.57
C VAL A 178 8.91 17.14 6.32
N PHE A 179 7.93 16.26 6.56
CA PHE A 179 8.11 14.83 6.31
C PHE A 179 8.51 14.58 4.87
N PHE A 180 7.78 15.12 3.90
CA PHE A 180 8.12 14.86 2.50
C PHE A 180 9.45 15.53 2.13
N THR A 181 9.46 16.84 2.27
CA THR A 181 10.70 17.62 2.07
C THR A 181 11.94 16.86 2.59
N HIS A 182 11.87 16.43 3.83
CA HIS A 182 13.02 15.81 4.46
C HIS A 182 13.09 14.31 4.19
N VAL A 183 11.96 13.69 3.84
CA VAL A 183 11.94 12.28 3.47
C VAL A 183 12.78 12.05 2.21
N GLN A 184 12.78 13.03 1.32
CA GLN A 184 13.61 12.98 0.14
C GLN A 184 15.06 13.19 0.53
N GLU A 185 15.31 14.09 1.47
CA GLU A 185 16.65 14.26 2.01
C GLU A 185 17.13 12.99 2.73
N LEU A 186 16.21 12.30 3.39
CA LEU A 186 16.55 11.14 4.22
C LEU A 186 16.76 9.87 3.38
N PHE A 187 15.81 9.55 2.51
CA PHE A 187 15.92 8.34 1.72
C PHE A 187 16.33 8.65 0.29
N GLY A 188 15.38 9.16 -0.49
CA GLY A 188 15.66 9.54 -1.85
C GLY A 188 15.53 8.40 -2.84
N ASN A 189 16.09 7.26 -2.48
CA ASN A 189 16.11 6.10 -3.36
C ASN A 189 14.86 5.25 -3.17
N VAL A 190 14.16 5.51 -2.08
CA VAL A 190 12.89 4.82 -1.80
C VAL A 190 11.96 4.95 -2.99
N VAL A 191 11.54 3.81 -3.49
CA VAL A 191 10.78 3.75 -4.72
C VAL A 191 9.49 2.94 -4.51
N LEU A 192 8.45 3.31 -5.24
CA LEU A 192 7.15 2.69 -5.07
C LEU A 192 6.95 1.55 -6.07
N LYS A 193 7.25 0.34 -5.60
CA LYS A 193 7.09 -0.87 -6.40
C LYS A 193 5.61 -1.21 -6.57
N GLN A 194 5.15 -1.24 -7.81
CA GLN A 194 3.73 -1.49 -8.09
C GLN A 194 3.41 -2.99 -8.04
N VAL A 195 2.14 -3.27 -7.85
CA VAL A 195 1.66 -4.65 -7.72
C VAL A 195 0.49 -4.91 -8.68
N MET A 196 0.24 -6.18 -9.00
CA MET A 196 -0.89 -6.54 -9.86
C MET A 196 -2.22 -6.18 -9.18
N LYS A 197 -3.29 -6.15 -9.95
CA LYS A 197 -4.60 -5.82 -9.42
C LYS A 197 -5.58 -6.97 -9.61
N PRO A 198 -6.33 -7.33 -8.55
CA PRO A 198 -7.36 -8.36 -8.61
C PRO A 198 -8.52 -7.92 -9.50
N LEU A 199 -9.10 -8.87 -10.21
CA LEU A 199 -10.15 -8.55 -11.16
C LEU A 199 -11.51 -8.93 -10.60
N ARG A 200 -12.56 -8.51 -11.29
CA ARG A 200 -13.92 -8.81 -10.88
C ARG A 200 -14.39 -10.10 -11.55
N TRP A 201 -13.43 -10.88 -12.02
CA TRP A 201 -13.72 -12.15 -12.66
C TRP A 201 -13.54 -13.29 -11.67
N SER A 202 -14.47 -14.23 -11.69
CA SER A 202 -14.45 -15.35 -10.75
C SER A 202 -13.54 -16.47 -11.25
N ASN A 203 -12.75 -16.16 -12.30
CA ASN A 203 -11.72 -17.05 -12.86
C ASN A 203 -12.29 -18.05 -13.87
N MET A 204 -13.61 -18.26 -13.84
CA MET A 204 -14.25 -19.07 -14.86
C MET A 204 -15.70 -18.63 -15.03
N ALA A 205 -16.49 -19.39 -15.81
CA ALA A 205 -17.90 -19.10 -16.07
C ALA A 205 -18.05 -17.90 -16.99
N THR A 206 -16.92 -17.42 -17.49
CA THR A 206 -16.86 -16.32 -18.45
C THR A 206 -15.51 -16.40 -19.15
N MET A 207 -15.16 -15.42 -19.98
CA MET A 207 -13.88 -15.43 -20.65
C MET A 207 -13.46 -14.03 -21.14
N PRO A 208 -14.26 -13.36 -22.00
CA PRO A 208 -13.88 -12.08 -22.60
C PRO A 208 -13.96 -10.89 -21.64
N THR A 209 -13.08 -10.87 -20.66
CA THR A 209 -13.02 -9.76 -19.71
C THR A 209 -11.56 -9.38 -19.44
N LEU A 210 -10.64 -10.13 -20.02
CA LEU A 210 -9.21 -9.89 -19.85
C LEU A 210 -8.77 -8.70 -20.71
N PRO A 211 -7.78 -7.92 -20.23
CA PRO A 211 -7.24 -6.77 -20.98
C PRO A 211 -6.66 -7.19 -22.33
N GLU A 212 -7.20 -6.63 -23.40
CA GLU A 212 -6.84 -7.04 -24.75
C GLU A 212 -5.72 -6.17 -25.33
N THR A 213 -5.08 -5.38 -24.49
CA THR A 213 -3.98 -4.54 -24.94
C THR A 213 -2.63 -5.24 -24.76
N GLN A 214 -1.75 -5.13 -25.75
CA GLN A 214 -0.48 -5.82 -25.73
C GLN A 214 0.39 -5.35 -24.56
N ALA A 215 0.44 -4.03 -24.36
CA ALA A 215 1.22 -3.45 -23.28
C ALA A 215 0.63 -3.88 -21.94
N GLY A 216 -0.70 -3.91 -21.89
CA GLY A 216 -1.41 -4.36 -20.72
C GLY A 216 -1.02 -5.78 -20.33
N ILE A 217 -0.91 -6.64 -21.34
CA ILE A 217 -0.60 -8.06 -21.11
C ILE A 217 0.87 -8.24 -20.71
N LYS A 218 1.75 -7.41 -21.28
CA LYS A 218 3.17 -7.46 -20.92
C LYS A 218 3.37 -7.33 -19.42
N GLU A 219 2.84 -6.26 -18.84
CA GLU A 219 2.95 -6.05 -17.40
C GLU A 219 2.08 -7.03 -16.62
N GLU A 220 0.94 -7.38 -17.21
CA GLU A 220 0.04 -8.39 -16.65
C GLU A 220 0.79 -9.68 -16.34
N ILE A 221 1.36 -10.27 -17.38
CA ILE A 221 2.11 -11.52 -17.25
C ILE A 221 3.29 -11.35 -16.31
N ARG A 222 4.02 -10.25 -16.49
CA ARG A 222 5.22 -9.96 -15.70
C ARG A 222 4.95 -10.11 -14.21
N ARG A 223 3.89 -9.45 -13.75
CA ARG A 223 3.56 -9.45 -12.33
C ARG A 223 3.20 -10.84 -11.85
N GLN A 224 2.40 -11.54 -12.65
CA GLN A 224 1.95 -12.88 -12.27
C GLN A 224 3.12 -13.87 -12.21
N GLU A 225 4.12 -13.67 -13.07
CA GLU A 225 5.30 -14.52 -13.10
C GLU A 225 6.09 -14.44 -11.79
N PHE A 226 6.34 -13.23 -11.32
CA PHE A 226 7.12 -13.04 -10.09
C PHE A 226 6.36 -13.57 -8.87
N LEU A 227 5.05 -13.39 -8.89
CA LEU A 227 4.21 -13.93 -7.84
C LEU A 227 4.24 -15.46 -7.93
N LEU A 228 4.35 -15.95 -9.15
CA LEU A 228 4.25 -17.38 -9.42
C LEU A 228 5.49 -18.13 -8.95
N ASN A 229 6.65 -17.70 -9.42
CA ASN A 229 7.90 -18.39 -9.12
C ASN A 229 8.24 -18.29 -7.64
N CYS A 230 7.82 -17.20 -6.99
CA CYS A 230 8.13 -17.00 -5.60
C CYS A 230 7.37 -17.99 -4.73
N LEU A 231 6.05 -18.08 -4.94
CA LEU A 231 5.22 -18.96 -4.12
C LEU A 231 5.64 -20.41 -4.33
N HIS A 232 5.98 -20.73 -5.56
CA HIS A 232 6.47 -22.06 -5.91
C HIS A 232 7.65 -22.45 -5.02
N ARG A 233 8.61 -21.53 -4.86
CA ARG A 233 9.79 -21.79 -4.03
C ARG A 233 9.44 -21.79 -2.54
N ASP A 234 8.47 -20.96 -2.17
CA ASP A 234 8.08 -20.80 -0.77
C ASP A 234 7.63 -22.13 -0.17
N LEU A 235 6.98 -22.95 -1.00
CA LEU A 235 6.52 -24.28 -0.58
C LEU A 235 7.68 -25.13 -0.06
N GLN A 236 8.89 -24.88 -0.55
CA GLN A 236 10.05 -25.66 -0.15
C GLN A 236 10.49 -25.32 1.27
N GLY A 237 9.83 -24.34 1.88
CA GLY A 237 10.12 -24.00 3.26
C GLY A 237 9.47 -24.95 4.24
N GLY A 238 9.41 -26.22 3.86
CA GLY A 238 8.78 -27.22 4.71
C GLY A 238 7.29 -27.01 4.82
N ILE A 239 6.67 -26.59 3.73
CA ILE A 239 5.25 -26.26 3.75
C ILE A 239 4.41 -27.35 3.09
N LYS A 240 3.39 -27.80 3.78
CA LYS A 240 2.41 -28.72 3.22
C LYS A 240 1.02 -28.19 3.49
N ASP A 241 0.61 -27.22 2.68
CA ASP A 241 -0.69 -26.61 2.80
C ASP A 241 -1.50 -26.79 1.53
N LEU A 242 -2.68 -27.35 1.68
CA LEU A 242 -3.59 -27.52 0.56
C LEU A 242 -4.02 -26.14 0.05
N SER A 243 -4.13 -25.21 0.99
CA SER A 243 -4.61 -23.87 0.71
C SER A 243 -3.63 -23.11 -0.18
N LYS A 244 -2.34 -23.30 0.07
CA LYS A 244 -1.31 -22.59 -0.68
C LYS A 244 -1.22 -23.14 -2.10
N GLU A 245 -1.31 -24.47 -2.20
CA GLU A 245 -1.24 -25.14 -3.49
C GLU A 245 -2.46 -24.81 -4.35
N GLU A 246 -3.65 -24.81 -3.73
CA GLU A 246 -4.87 -24.35 -4.41
C GLU A 246 -4.64 -23.00 -5.08
N ARG A 247 -4.06 -22.06 -4.33
CA ARG A 247 -3.76 -20.73 -4.84
C ARG A 247 -2.80 -20.79 -6.02
N LEU A 248 -1.93 -21.80 -6.03
CA LEU A 248 -0.97 -21.97 -7.12
C LEU A 248 -1.67 -22.31 -8.44
N TRP A 249 -2.55 -23.32 -8.43
CA TRP A 249 -3.24 -23.73 -9.67
C TRP A 249 -4.10 -22.58 -10.16
N GLU A 250 -4.62 -21.86 -9.20
CA GLU A 250 -5.53 -20.75 -9.45
C GLU A 250 -4.84 -19.67 -10.29
N VAL A 251 -3.69 -19.19 -9.81
CA VAL A 251 -2.94 -18.17 -10.54
C VAL A 251 -2.43 -18.72 -11.88
N GLN A 252 -2.04 -19.98 -11.87
CA GLN A 252 -1.57 -20.63 -13.09
C GLN A 252 -2.65 -20.72 -14.16
N ARG A 253 -3.90 -20.97 -13.77
CA ARG A 253 -5.01 -20.97 -14.72
C ARG A 253 -5.15 -19.60 -15.36
N ILE A 254 -4.96 -18.57 -14.55
CA ILE A 254 -5.08 -17.19 -15.01
C ILE A 254 -3.92 -16.86 -15.93
N LEU A 255 -2.72 -17.17 -15.46
CA LEU A 255 -1.50 -16.90 -16.23
C LEU A 255 -1.49 -17.66 -17.54
N THR A 256 -2.11 -18.84 -17.55
CA THR A 256 -2.23 -19.63 -18.76
C THR A 256 -2.96 -18.82 -19.84
N ALA A 257 -4.09 -18.24 -19.47
CA ALA A 257 -4.83 -17.34 -20.37
C ALA A 257 -3.95 -16.16 -20.80
N LEU A 258 -3.19 -15.63 -19.86
CA LEU A 258 -2.33 -14.47 -20.11
C LEU A 258 -1.25 -14.79 -21.13
N LYS A 259 -0.55 -15.91 -20.91
CA LYS A 259 0.51 -16.37 -21.83
C LYS A 259 -0.04 -16.52 -23.25
N ARG A 260 -1.30 -16.93 -23.34
CA ARG A 260 -1.95 -17.05 -24.64
C ARG A 260 -2.15 -15.67 -25.25
N LYS A 261 -2.78 -14.77 -24.49
CA LYS A 261 -3.08 -13.42 -24.97
C LYS A 261 -1.83 -12.70 -25.48
N LEU A 262 -0.68 -13.01 -24.90
CA LEU A 262 0.56 -12.32 -25.29
C LEU A 262 0.84 -12.49 -26.78
N ARG A 263 0.53 -13.66 -27.31
CA ARG A 263 0.70 -13.92 -28.73
C ARG A 263 -0.66 -14.02 -29.40
N GLU A 264 -1.66 -13.51 -28.70
CA GLU A 264 -3.03 -13.50 -29.18
C GLU A 264 -3.43 -12.09 -29.60
N ALA A 265 -2.87 -11.11 -28.89
CA ALA A 265 -3.08 -9.71 -29.18
C ALA A 265 -2.23 -9.27 -30.36
N HIS A 1 -9.22 -20.70 21.21
CA HIS A 1 -7.78 -20.42 21.07
C HIS A 1 -7.50 -19.92 19.66
N MET A 2 -7.19 -18.64 19.55
CA MET A 2 -7.04 -18.00 18.24
C MET A 2 -5.57 -17.88 17.83
N PRO A 3 -5.28 -18.15 16.56
CA PRO A 3 -3.93 -17.98 16.00
C PRO A 3 -3.58 -16.51 15.82
N ASN A 4 -4.61 -15.69 15.70
CA ASN A 4 -4.44 -14.24 15.59
C ASN A 4 -5.42 -13.55 16.50
N LEU A 5 -4.98 -12.48 17.14
CA LEU A 5 -5.81 -11.75 18.06
C LEU A 5 -6.29 -10.46 17.41
N LYS A 6 -7.61 -10.35 17.25
CA LYS A 6 -8.26 -9.18 16.63
C LYS A 6 -8.06 -9.16 15.11
N PRO A 7 -9.00 -8.54 14.39
CA PRO A 7 -8.97 -8.48 12.93
C PRO A 7 -8.01 -7.40 12.44
N ILE A 8 -7.61 -7.51 11.16
CA ILE A 8 -6.83 -6.49 10.45
C ILE A 8 -6.97 -5.07 11.02
N PHE A 9 -8.20 -4.63 11.23
CA PHE A 9 -8.42 -3.32 11.81
C PHE A 9 -8.25 -3.36 13.32
N GLY A 10 -7.00 -3.28 13.75
CA GLY A 10 -6.69 -3.24 15.16
C GLY A 10 -5.60 -4.21 15.56
N ILE A 11 -4.54 -4.29 14.75
CA ILE A 11 -3.44 -5.21 15.01
C ILE A 11 -2.09 -4.54 14.75
N PRO A 12 -0.99 -5.14 15.23
CA PRO A 12 0.36 -4.67 14.93
C PRO A 12 0.75 -4.91 13.46
N LEU A 13 1.74 -4.18 12.97
CA LEU A 13 2.14 -4.24 11.57
C LEU A 13 2.56 -5.64 11.13
N ALA A 14 3.55 -6.22 11.80
CA ALA A 14 4.06 -7.56 11.43
C ALA A 14 2.93 -8.58 11.32
N ASP A 15 2.05 -8.59 12.32
CA ASP A 15 0.89 -9.47 12.32
C ASP A 15 0.06 -9.29 11.04
N ALA A 16 -0.17 -8.04 10.68
CA ALA A 16 -0.89 -7.74 9.45
C ALA A 16 -0.06 -8.17 8.23
N VAL A 17 1.24 -7.92 8.29
CA VAL A 17 2.16 -8.25 7.21
C VAL A 17 2.15 -9.75 6.90
N GLU A 18 2.34 -10.56 7.94
CA GLU A 18 2.44 -12.00 7.77
C GLU A 18 1.12 -12.60 7.32
N ARG A 19 0.02 -11.91 7.61
CA ARG A 19 -1.28 -12.37 7.15
C ARG A 19 -1.58 -11.89 5.73
N THR A 20 -1.30 -10.63 5.45
CA THR A 20 -1.65 -10.03 4.16
C THR A 20 -0.50 -10.13 3.14
N MET A 21 0.24 -11.22 3.20
CA MET A 21 1.33 -11.44 2.24
C MET A 21 0.79 -11.90 0.89
N MET A 22 0.98 -11.07 -0.12
CA MET A 22 0.47 -11.36 -1.45
C MET A 22 1.59 -11.57 -2.47
N TYR A 23 2.36 -10.52 -2.74
CA TYR A 23 3.39 -10.57 -3.77
C TYR A 23 4.65 -11.23 -3.22
N ASP A 24 5.51 -10.43 -2.61
CA ASP A 24 6.81 -10.91 -2.13
C ASP A 24 6.92 -10.86 -0.61
N GLY A 25 6.11 -10.00 0.00
CA GLY A 25 6.11 -9.91 1.46
C GLY A 25 7.31 -9.14 2.01
N ILE A 26 7.53 -7.95 1.46
CA ILE A 26 8.67 -7.11 1.86
C ILE A 26 8.44 -6.41 3.20
N ARG A 27 7.85 -7.13 4.15
CA ARG A 27 7.49 -6.57 5.46
C ARG A 27 6.64 -5.30 5.31
N LEU A 28 5.43 -5.48 4.77
CA LEU A 28 4.49 -4.42 4.52
C LEU A 28 3.10 -5.02 4.30
N PRO A 29 2.06 -4.50 4.96
CA PRO A 29 0.69 -5.00 4.76
C PRO A 29 0.24 -4.84 3.32
N ALA A 30 -0.68 -5.68 2.87
CA ALA A 30 -1.17 -5.58 1.50
C ALA A 30 -1.97 -4.30 1.29
N VAL A 31 -2.91 -4.07 2.20
CA VAL A 31 -3.80 -2.90 2.14
C VAL A 31 -3.04 -1.59 1.88
N PHE A 32 -1.90 -1.40 2.55
CA PHE A 32 -1.12 -0.18 2.36
C PHE A 32 -0.70 -0.06 0.91
N ARG A 33 -0.23 -1.16 0.36
CA ARG A 33 0.29 -1.15 -0.98
C ARG A 33 -0.83 -1.15 -2.01
N GLU A 34 -1.94 -1.81 -1.69
CA GLU A 34 -3.11 -1.78 -2.56
C GLU A 34 -3.67 -0.38 -2.74
N CYS A 35 -3.56 0.45 -1.70
CA CYS A 35 -4.05 1.82 -1.80
C CYS A 35 -3.00 2.66 -2.52
N ILE A 36 -1.73 2.41 -2.23
CA ILE A 36 -0.64 3.12 -2.86
C ILE A 36 -0.56 2.78 -4.35
N ASP A 37 -0.94 1.55 -4.69
CA ASP A 37 -0.93 1.07 -6.06
C ASP A 37 -2.02 1.76 -6.88
N TYR A 38 -3.23 1.77 -6.33
CA TYR A 38 -4.39 2.33 -7.04
C TYR A 38 -4.16 3.79 -7.38
N VAL A 39 -3.74 4.58 -6.39
CA VAL A 39 -3.54 6.00 -6.62
C VAL A 39 -2.34 6.26 -7.53
N GLU A 40 -1.29 5.46 -7.39
CA GLU A 40 -0.11 5.62 -8.22
C GLU A 40 -0.44 5.41 -9.69
N LYS A 41 -1.40 4.52 -9.96
CA LYS A 41 -1.80 4.20 -11.33
C LYS A 41 -2.92 5.09 -11.84
N TYR A 42 -3.96 5.31 -11.04
CA TYR A 42 -5.16 5.99 -11.53
C TYR A 42 -5.44 7.28 -10.75
N GLY A 43 -5.02 7.33 -9.49
CA GLY A 43 -5.42 8.43 -8.62
C GLY A 43 -4.41 9.56 -8.66
N MET A 44 -3.69 9.64 -9.76
CA MET A 44 -2.66 10.64 -9.92
C MET A 44 -3.19 11.83 -10.70
N LYS A 45 -4.28 11.62 -11.40
CA LYS A 45 -4.96 12.72 -12.07
C LYS A 45 -6.29 13.06 -11.40
N CYS A 46 -6.48 12.60 -10.17
CA CYS A 46 -7.69 12.89 -9.43
C CYS A 46 -7.54 14.14 -8.56
N GLU A 47 -8.36 15.14 -8.82
CA GLU A 47 -8.50 16.27 -7.92
C GLU A 47 -9.17 15.80 -6.64
N GLY A 48 -9.09 16.57 -5.57
CA GLY A 48 -9.62 16.12 -4.29
C GLY A 48 -8.95 14.89 -3.73
N ILE A 49 -7.93 14.38 -4.41
CA ILE A 49 -7.26 13.16 -4.01
C ILE A 49 -6.75 13.26 -2.56
N TYR A 50 -7.21 12.35 -1.71
CA TYR A 50 -6.81 12.30 -0.30
C TYR A 50 -7.35 13.47 0.51
N ARG A 51 -8.26 14.26 -0.06
CA ARG A 51 -8.79 15.42 0.63
C ARG A 51 -10.25 15.18 1.01
N VAL A 52 -10.96 14.49 0.12
CA VAL A 52 -12.37 14.18 0.35
C VAL A 52 -12.51 12.88 1.15
N SER A 53 -13.65 12.72 1.80
CA SER A 53 -13.89 11.56 2.62
C SER A 53 -14.26 10.35 1.76
N GLY A 54 -13.87 9.17 2.21
CA GLY A 54 -14.24 7.95 1.52
C GLY A 54 -15.64 7.49 1.88
N ILE A 55 -16.32 6.85 0.93
CA ILE A 55 -17.70 6.41 1.12
C ILE A 55 -17.79 5.39 2.26
N LYS A 56 -18.26 5.88 3.41
CA LYS A 56 -18.29 5.12 4.67
C LYS A 56 -18.84 3.71 4.48
N SER A 57 -19.95 3.60 3.78
CA SER A 57 -20.64 2.33 3.62
C SER A 57 -19.76 1.28 2.95
N LYS A 58 -19.10 1.64 1.85
CA LYS A 58 -18.35 0.64 1.11
C LYS A 58 -16.95 0.46 1.70
N VAL A 59 -16.46 1.49 2.40
CA VAL A 59 -15.21 1.36 3.16
C VAL A 59 -15.29 0.17 4.11
N ASP A 60 -16.46 -0.03 4.70
CA ASP A 60 -16.69 -1.16 5.61
C ASP A 60 -16.76 -2.47 4.84
N GLU A 61 -17.05 -2.38 3.54
CA GLU A 61 -17.09 -3.55 2.68
C GLU A 61 -15.67 -4.04 2.45
N LEU A 62 -14.76 -3.10 2.24
CA LEU A 62 -13.34 -3.41 2.11
C LEU A 62 -12.80 -3.95 3.43
N LYS A 63 -13.19 -3.32 4.53
CA LYS A 63 -12.84 -3.81 5.87
C LYS A 63 -13.18 -5.28 5.98
N ALA A 64 -14.34 -5.62 5.43
CA ALA A 64 -14.82 -6.99 5.43
C ALA A 64 -13.95 -7.87 4.55
N ALA A 65 -13.75 -7.45 3.31
CA ALA A 65 -13.04 -8.27 2.33
C ALA A 65 -11.59 -8.52 2.74
N TYR A 66 -10.97 -7.53 3.36
CA TYR A 66 -9.59 -7.66 3.81
C TYR A 66 -9.46 -8.65 4.96
N ASP A 67 -10.31 -8.51 5.97
CA ASP A 67 -10.23 -9.37 7.14
C ASP A 67 -10.80 -10.76 6.88
N ARG A 68 -11.58 -10.88 5.82
CA ARG A 68 -12.08 -12.19 5.40
C ARG A 68 -11.15 -12.81 4.39
N GLU A 69 -10.08 -12.08 4.07
CA GLU A 69 -9.05 -12.55 3.14
C GLU A 69 -9.66 -12.95 1.80
N GLU A 70 -10.12 -11.95 1.08
CA GLU A 70 -10.78 -12.18 -0.19
C GLU A 70 -10.08 -11.40 -1.30
N SER A 71 -10.66 -11.42 -2.49
CA SER A 71 -10.08 -10.71 -3.63
C SER A 71 -10.54 -9.25 -3.58
N THR A 72 -9.60 -8.35 -3.33
CA THR A 72 -9.91 -6.94 -3.19
C THR A 72 -9.51 -6.17 -4.44
N ASN A 73 -10.47 -6.00 -5.33
CA ASN A 73 -10.23 -5.24 -6.54
C ASN A 73 -10.52 -3.77 -6.29
N LEU A 74 -9.49 -3.00 -6.00
CA LEU A 74 -9.63 -1.57 -5.75
C LEU A 74 -9.84 -0.81 -7.04
N GLU A 75 -9.67 -1.50 -8.16
CA GLU A 75 -9.64 -0.86 -9.46
C GLU A 75 -11.01 -0.26 -9.81
N ASP A 76 -12.07 -0.78 -9.20
CA ASP A 76 -13.42 -0.29 -9.45
C ASP A 76 -13.87 0.69 -8.37
N TYR A 77 -13.14 0.73 -7.26
CA TYR A 77 -13.50 1.60 -6.15
C TYR A 77 -13.01 3.02 -6.37
N GLU A 78 -13.54 3.95 -5.58
CA GLU A 78 -13.14 5.35 -5.67
C GLU A 78 -11.87 5.59 -4.87
N PRO A 79 -11.05 6.58 -5.27
CA PRO A 79 -9.75 6.84 -4.64
C PRO A 79 -9.89 7.22 -3.17
N ASN A 80 -10.83 8.12 -2.89
CA ASN A 80 -11.17 8.50 -1.53
C ASN A 80 -11.52 7.28 -0.69
N THR A 81 -12.18 6.30 -1.30
CA THR A 81 -12.60 5.11 -0.60
C THR A 81 -11.39 4.28 -0.15
N VAL A 82 -10.50 3.97 -1.10
CA VAL A 82 -9.32 3.18 -0.77
C VAL A 82 -8.39 3.94 0.18
N ALA A 83 -8.28 5.24 -0.02
CA ALA A 83 -7.47 6.11 0.84
C ALA A 83 -8.02 6.14 2.26
N SER A 84 -9.33 6.01 2.39
CA SER A 84 -9.98 6.16 3.67
C SER A 84 -9.88 4.84 4.40
N LEU A 85 -9.97 3.77 3.63
CA LEU A 85 -9.71 2.44 4.12
C LEU A 85 -8.28 2.38 4.66
N LEU A 86 -7.35 2.93 3.88
CA LEU A 86 -5.94 2.96 4.25
C LEU A 86 -5.71 3.73 5.54
N LYS A 87 -6.16 4.97 5.59
CA LYS A 87 -5.94 5.80 6.76
C LYS A 87 -6.65 5.24 7.97
N GLN A 88 -7.79 4.59 7.74
CA GLN A 88 -8.56 4.01 8.83
C GLN A 88 -7.83 2.80 9.39
N TYR A 89 -7.51 1.85 8.51
CA TYR A 89 -6.69 0.70 8.88
C TYR A 89 -5.44 1.14 9.64
N LEU A 90 -4.73 2.13 9.12
CA LEU A 90 -3.50 2.57 9.75
C LEU A 90 -3.75 3.10 11.16
N ARG A 91 -4.77 3.93 11.29
CA ARG A 91 -5.10 4.52 12.59
C ARG A 91 -5.53 3.47 13.61
N ASP A 92 -6.38 2.52 13.20
CA ASP A 92 -6.80 1.42 14.08
C ASP A 92 -5.64 0.60 14.65
N LEU A 93 -4.45 0.79 14.11
CA LEU A 93 -3.30 0.02 14.58
C LEU A 93 -2.78 0.63 15.88
N PRO A 94 -2.73 -0.18 16.95
CA PRO A 94 -2.35 0.28 18.30
C PRO A 94 -0.96 0.89 18.35
N GLU A 95 -0.06 0.39 17.52
CA GLU A 95 1.29 0.90 17.47
C GLU A 95 1.45 1.83 16.26
N ASN A 96 1.83 3.07 16.52
CA ASN A 96 2.05 4.05 15.47
C ASN A 96 3.25 3.67 14.61
N LEU A 97 3.43 4.39 13.52
CA LEU A 97 4.59 4.17 12.65
C LEU A 97 5.86 4.62 13.38
N LEU A 98 5.75 5.77 14.04
CA LEU A 98 6.84 6.31 14.84
C LEU A 98 6.67 5.86 16.28
N THR A 99 5.63 5.06 16.50
CA THR A 99 5.22 4.59 17.82
C THR A 99 5.05 5.76 18.82
N LYS A 100 4.68 5.44 20.05
CA LYS A 100 4.54 6.46 21.08
C LYS A 100 5.91 7.02 21.43
N GLU A 101 6.89 6.13 21.29
CA GLU A 101 8.27 6.41 21.67
C GLU A 101 8.83 7.66 20.97
N LEU A 102 8.85 7.65 19.64
CA LEU A 102 9.52 8.69 18.88
C LEU A 102 8.55 9.82 18.50
N MET A 103 7.25 9.50 18.45
CA MET A 103 6.22 10.46 17.99
C MET A 103 6.36 11.88 18.58
N PRO A 104 6.39 12.05 19.93
CA PRO A 104 6.46 13.39 20.55
C PRO A 104 7.75 14.13 20.22
N ARG A 105 8.77 13.38 19.82
CA ARG A 105 10.08 13.96 19.51
C ARG A 105 10.11 14.53 18.10
N PHE A 106 9.13 14.14 17.30
CA PHE A 106 9.04 14.64 15.94
C PHE A 106 8.77 16.15 15.90
N GLU A 107 7.98 16.64 16.85
CA GLU A 107 7.71 18.07 16.95
C GLU A 107 9.01 18.82 17.24
N GLU A 108 9.84 18.25 18.10
CA GLU A 108 11.14 18.82 18.43
C GLU A 108 12.02 18.89 17.18
N ALA A 109 12.06 17.77 16.45
CA ALA A 109 12.78 17.67 15.20
C ALA A 109 12.23 18.64 14.15
N CYS A 110 10.95 18.96 14.26
CA CYS A 110 10.29 19.83 13.30
C CYS A 110 10.63 21.28 13.61
N GLY A 111 10.78 21.56 14.89
CA GLY A 111 11.07 22.91 15.32
C GLY A 111 12.56 23.19 15.43
N ARG A 112 13.36 22.36 14.76
CA ARG A 112 14.80 22.57 14.74
C ARG A 112 15.14 23.84 14.00
N THR A 113 16.15 24.55 14.48
CA THR A 113 16.52 25.84 13.91
C THR A 113 17.09 25.69 12.51
N THR A 114 17.45 24.48 12.13
CA THR A 114 17.99 24.22 10.81
C THR A 114 17.35 22.97 10.21
N GLU A 115 17.13 22.97 8.89
CA GLU A 115 16.58 21.82 8.19
C GLU A 115 17.48 20.60 8.39
N THR A 116 18.76 20.88 8.52
CA THR A 116 19.77 19.85 8.76
C THR A 116 19.54 19.19 10.11
N GLU A 117 19.26 20.00 11.13
CA GLU A 117 18.96 19.50 12.46
C GLU A 117 17.70 18.64 12.42
N LYS A 118 16.75 19.03 11.56
CA LYS A 118 15.49 18.30 11.45
C LYS A 118 15.74 16.92 10.85
N VAL A 119 16.24 16.91 9.62
CA VAL A 119 16.54 15.67 8.91
C VAL A 119 17.35 14.68 9.75
N GLN A 120 18.42 15.15 10.40
CA GLN A 120 19.27 14.28 11.21
C GLN A 120 18.52 13.78 12.45
N GLU A 121 17.64 14.61 12.99
CA GLU A 121 16.84 14.22 14.13
C GLU A 121 15.89 13.10 13.72
N PHE A 122 15.09 13.34 12.69
CA PHE A 122 14.17 12.33 12.17
C PHE A 122 14.90 11.02 11.90
N GLN A 123 16.10 11.12 11.35
CA GLN A 123 16.95 9.95 11.12
C GLN A 123 17.04 9.09 12.38
N ARG A 124 17.42 9.68 13.50
CA ARG A 124 17.57 8.89 14.73
C ARG A 124 16.23 8.30 15.17
N LEU A 125 15.16 9.07 15.00
CA LEU A 125 13.81 8.59 15.33
C LEU A 125 13.48 7.35 14.52
N LEU A 126 13.59 7.47 13.20
CA LEU A 126 13.30 6.37 12.28
C LEU A 126 14.16 5.13 12.55
N LYS A 127 15.38 5.32 13.06
CA LYS A 127 16.25 4.18 13.36
C LYS A 127 15.67 3.35 14.50
N GLU A 128 15.11 4.06 15.47
CA GLU A 128 14.47 3.44 16.62
C GLU A 128 13.15 2.74 16.25
N LEU A 129 12.88 2.56 14.96
CA LEU A 129 11.64 1.93 14.53
C LEU A 129 11.88 0.48 14.12
N PRO A 130 10.85 -0.37 14.29
CA PRO A 130 10.86 -1.74 13.77
C PRO A 130 10.93 -1.74 12.24
N GLU A 131 11.42 -2.83 11.66
CA GLU A 131 11.61 -2.90 10.22
C GLU A 131 10.32 -2.59 9.45
N CYS A 132 9.21 -3.20 9.88
CA CYS A 132 7.93 -2.97 9.22
C CYS A 132 7.53 -1.49 9.25
N ASN A 133 7.75 -0.83 10.38
CA ASN A 133 7.39 0.58 10.52
C ASN A 133 8.31 1.43 9.68
N TYR A 134 9.59 1.05 9.67
CA TYR A 134 10.61 1.79 8.95
C TYR A 134 10.28 1.85 7.46
N LEU A 135 9.94 0.71 6.87
CA LEU A 135 9.63 0.68 5.46
C LEU A 135 8.27 1.34 5.19
N LEU A 136 7.33 1.17 6.12
CA LEU A 136 6.01 1.78 6.00
C LEU A 136 6.16 3.31 5.91
N ILE A 137 6.90 3.89 6.86
CA ILE A 137 7.08 5.33 6.92
C ILE A 137 7.81 5.83 5.67
N SER A 138 8.72 5.01 5.15
CA SER A 138 9.43 5.34 3.91
C SER A 138 8.42 5.55 2.78
N TRP A 139 7.54 4.57 2.60
CA TRP A 139 6.62 4.55 1.47
C TRP A 139 5.54 5.60 1.59
N LEU A 140 4.92 5.69 2.76
CA LEU A 140 3.83 6.63 2.98
C LEU A 140 4.27 8.04 2.61
N ILE A 141 5.46 8.41 3.07
CA ILE A 141 5.93 9.77 2.88
C ILE A 141 6.48 9.97 1.46
N VAL A 142 7.30 9.04 0.98
CA VAL A 142 7.87 9.15 -0.37
C VAL A 142 6.78 9.04 -1.43
N HIS A 143 5.78 8.19 -1.20
CA HIS A 143 4.66 8.08 -2.12
C HIS A 143 3.90 9.39 -2.15
N MET A 144 3.80 10.04 -1.01
CA MET A 144 3.09 11.29 -0.92
C MET A 144 3.90 12.40 -1.61
N ASP A 145 5.20 12.17 -1.77
CA ASP A 145 6.06 13.10 -2.51
C ASP A 145 5.75 13.04 -4.00
N HIS A 146 5.56 11.82 -4.51
CA HIS A 146 5.06 11.61 -5.86
C HIS A 146 3.71 12.31 -6.00
N VAL A 147 2.97 12.36 -4.89
CA VAL A 147 1.71 13.06 -4.83
C VAL A 147 1.91 14.58 -4.97
N ILE A 148 3.05 15.10 -4.55
CA ILE A 148 3.32 16.53 -4.69
C ILE A 148 3.53 16.91 -6.16
N ALA A 149 4.19 16.04 -6.93
CA ALA A 149 4.28 16.25 -8.37
C ALA A 149 2.88 16.09 -8.98
N LYS A 150 2.18 15.15 -8.42
CA LYS A 150 0.82 14.85 -8.80
C LYS A 150 -0.06 16.10 -8.58
N GLU A 151 0.10 16.73 -7.41
CA GLU A 151 -0.65 17.95 -7.07
C GLU A 151 -0.22 19.12 -7.92
N LEU A 152 0.97 19.03 -8.48
CA LEU A 152 1.46 20.05 -9.39
C LEU A 152 0.53 20.12 -10.59
N GLU A 153 0.01 18.96 -11.01
CA GLU A 153 -1.01 18.94 -12.06
C GLU A 153 -2.44 18.98 -11.48
N THR A 154 -2.70 18.18 -10.45
CA THR A 154 -4.06 18.06 -9.86
C THR A 154 -4.44 19.23 -8.95
N LYS A 155 -3.72 20.33 -9.07
CA LYS A 155 -4.12 21.59 -8.42
C LYS A 155 -4.25 21.45 -6.91
N MET A 156 -3.24 20.90 -6.28
CA MET A 156 -3.24 20.75 -4.83
C MET A 156 -1.94 21.30 -4.27
N ASN A 157 -1.80 21.32 -2.95
CA ASN A 157 -0.59 21.84 -2.34
C ASN A 157 -0.24 21.05 -1.08
N ILE A 158 1.05 21.00 -0.77
CA ILE A 158 1.55 20.28 0.40
C ILE A 158 0.82 20.69 1.68
N GLN A 159 0.39 21.95 1.75
CA GLN A 159 -0.39 22.42 2.89
C GLN A 159 -1.64 21.56 3.06
N ASN A 160 -2.33 21.34 1.95
CA ASN A 160 -3.56 20.59 1.94
C ASN A 160 -3.28 19.12 2.27
N ILE A 161 -2.22 18.60 1.66
CA ILE A 161 -1.81 17.22 1.91
C ILE A 161 -1.42 17.02 3.38
N SER A 162 -0.70 17.97 3.95
CA SER A 162 -0.27 17.86 5.35
C SER A 162 -1.44 17.98 6.32
N ILE A 163 -2.52 18.63 5.88
CA ILE A 163 -3.71 18.77 6.72
C ILE A 163 -4.37 17.41 6.88
N VAL A 164 -4.45 16.69 5.78
CA VAL A 164 -5.11 15.41 5.75
C VAL A 164 -4.19 14.29 6.22
N LEU A 165 -2.90 14.46 5.97
CA LEU A 165 -1.91 13.49 6.37
C LEU A 165 -1.63 13.57 7.87
N SER A 166 -1.99 14.70 8.49
CA SER A 166 -1.80 14.91 9.92
C SER A 166 -2.50 13.82 10.75
N PRO A 167 -3.84 13.63 10.61
CA PRO A 167 -4.56 12.58 11.33
C PRO A 167 -4.12 11.18 10.90
N THR A 168 -3.47 11.10 9.74
CA THR A 168 -3.10 9.82 9.17
C THR A 168 -2.09 9.08 10.05
N VAL A 169 -0.97 9.71 10.39
CA VAL A 169 -0.01 9.11 11.32
C VAL A 169 -0.19 9.63 12.75
N GLN A 170 -1.05 10.64 12.89
CA GLN A 170 -1.36 11.25 14.19
C GLN A 170 -0.26 12.20 14.64
N ILE A 171 0.15 13.08 13.74
CA ILE A 171 1.17 14.09 14.04
C ILE A 171 0.77 15.42 13.41
N SER A 172 1.03 16.51 14.12
CA SER A 172 0.61 17.85 13.70
C SER A 172 1.09 18.23 12.29
N ASN A 173 0.35 19.17 11.70
CA ASN A 173 0.48 19.53 10.28
C ASN A 173 1.91 19.81 9.83
N ARG A 174 2.64 20.65 10.55
CA ARG A 174 3.96 21.11 10.12
C ARG A 174 4.92 19.96 9.88
N VAL A 175 4.74 18.87 10.62
CA VAL A 175 5.65 17.74 10.55
C VAL A 175 5.55 17.01 9.22
N LEU A 176 4.37 17.01 8.60
CA LEU A 176 4.17 16.31 7.33
C LEU A 176 4.91 17.02 6.19
N TYR A 177 4.66 18.31 6.03
CA TYR A 177 5.43 19.13 5.11
C TYR A 177 6.94 18.85 5.21
N VAL A 178 7.49 18.95 6.42
CA VAL A 178 8.90 18.67 6.62
C VAL A 178 9.20 17.18 6.44
N PHE A 179 8.19 16.33 6.65
CA PHE A 179 8.33 14.90 6.42
C PHE A 179 8.86 14.64 5.02
N PHE A 180 8.26 15.27 4.01
CA PHE A 180 8.68 15.07 2.62
C PHE A 180 10.05 15.69 2.38
N THR A 181 10.12 17.00 2.63
CA THR A 181 11.41 17.71 2.56
C THR A 181 12.56 16.83 3.10
N HIS A 182 12.37 16.24 4.27
CA HIS A 182 13.40 15.41 4.87
C HIS A 182 13.38 14.00 4.28
N VAL A 183 12.25 13.55 3.75
CA VAL A 183 12.15 12.20 3.20
C VAL A 183 13.05 12.03 2.00
N GLN A 184 13.17 13.08 1.20
CA GLN A 184 14.11 13.07 0.09
C GLN A 184 15.54 13.15 0.61
N GLU A 185 15.73 13.97 1.64
CA GLU A 185 17.03 14.05 2.30
C GLU A 185 17.46 12.70 2.90
N LEU A 186 16.49 11.98 3.46
CA LEU A 186 16.77 10.80 4.27
C LEU A 186 16.65 9.49 3.50
N PHE A 187 16.19 9.54 2.26
CA PHE A 187 15.90 8.32 1.53
C PHE A 187 16.28 8.47 0.06
N GLY A 188 15.36 9.00 -0.72
CA GLY A 188 15.65 9.32 -2.10
C GLY A 188 15.43 8.15 -3.04
N ASN A 189 15.92 6.97 -2.67
CA ASN A 189 15.85 5.81 -3.56
C ASN A 189 14.65 4.93 -3.21
N VAL A 190 13.92 5.34 -2.17
CA VAL A 190 12.68 4.68 -1.79
C VAL A 190 11.70 4.73 -2.95
N VAL A 191 11.34 3.57 -3.45
CA VAL A 191 10.54 3.47 -4.64
C VAL A 191 9.26 2.71 -4.37
N LEU A 192 8.16 3.23 -4.91
CA LEU A 192 6.86 2.62 -4.72
C LEU A 192 6.67 1.46 -5.69
N LYS A 193 6.92 0.26 -5.18
CA LYS A 193 6.71 -0.95 -5.96
C LYS A 193 5.23 -1.33 -5.96
N GLN A 194 4.60 -1.18 -7.12
CA GLN A 194 3.18 -1.48 -7.27
C GLN A 194 2.95 -2.99 -7.26
N VAL A 195 1.70 -3.38 -7.05
CA VAL A 195 1.35 -4.79 -6.99
C VAL A 195 0.33 -5.13 -8.07
N MET A 196 0.30 -6.39 -8.48
CA MET A 196 -0.63 -6.82 -9.53
C MET A 196 -2.04 -6.87 -8.96
N LYS A 197 -3.02 -6.67 -9.81
CA LYS A 197 -4.41 -6.63 -9.36
C LYS A 197 -5.21 -7.71 -10.05
N PRO A 198 -6.19 -8.29 -9.34
CA PRO A 198 -7.09 -9.29 -9.93
C PRO A 198 -7.96 -8.71 -11.03
N LEU A 199 -8.47 -9.56 -11.90
CA LEU A 199 -9.36 -9.14 -12.96
C LEU A 199 -10.79 -9.44 -12.57
N ARG A 200 -11.74 -8.90 -13.30
CA ARG A 200 -13.14 -9.14 -13.02
C ARG A 200 -13.56 -10.52 -13.55
N TRP A 201 -12.88 -11.55 -13.07
CA TRP A 201 -13.10 -12.90 -13.53
C TRP A 201 -13.08 -13.87 -12.35
N SER A 202 -13.83 -14.96 -12.45
CA SER A 202 -13.88 -15.98 -11.41
C SER A 202 -12.66 -16.90 -11.50
N ASN A 203 -11.70 -16.50 -12.34
CA ASN A 203 -10.42 -17.20 -12.53
C ASN A 203 -10.54 -18.34 -13.53
N MET A 204 -11.73 -18.89 -13.68
CA MET A 204 -12.00 -19.86 -14.75
C MET A 204 -13.48 -19.81 -15.15
N ALA A 205 -13.87 -20.72 -16.04
CA ALA A 205 -15.26 -20.84 -16.49
C ALA A 205 -15.64 -19.69 -17.42
N THR A 206 -14.63 -19.01 -17.94
CA THR A 206 -14.83 -17.94 -18.91
C THR A 206 -13.52 -17.73 -19.69
N MET A 207 -13.48 -16.73 -20.56
CA MET A 207 -12.29 -16.46 -21.36
C MET A 207 -12.15 -14.97 -21.74
N PRO A 208 -13.17 -14.34 -22.39
CA PRO A 208 -13.03 -12.96 -22.90
C PRO A 208 -13.12 -11.90 -21.80
N THR A 209 -12.12 -11.87 -20.95
CA THR A 209 -12.01 -10.84 -19.92
C THR A 209 -10.53 -10.46 -19.74
N LEU A 210 -9.68 -11.11 -20.52
CA LEU A 210 -8.25 -10.90 -20.43
C LEU A 210 -7.84 -9.65 -21.18
N PRO A 211 -6.69 -9.04 -20.81
CA PRO A 211 -6.12 -7.93 -21.57
C PRO A 211 -5.70 -8.37 -22.95
N GLU A 212 -5.92 -7.52 -23.94
CA GLU A 212 -5.60 -7.86 -25.32
C GLU A 212 -4.63 -6.86 -25.93
N THR A 213 -4.04 -6.05 -25.06
CA THR A 213 -3.02 -5.11 -25.49
C THR A 213 -1.63 -5.72 -25.33
N GLN A 214 -0.76 -5.47 -26.29
CA GLN A 214 0.60 -6.04 -26.27
C GLN A 214 1.36 -5.57 -25.05
N ALA A 215 1.32 -4.26 -24.81
CA ALA A 215 2.03 -3.67 -23.67
C ALA A 215 1.37 -4.10 -22.36
N GLY A 216 0.05 -4.23 -22.40
CA GLY A 216 -0.70 -4.60 -21.21
C GLY A 216 -0.36 -5.99 -20.73
N ILE A 217 -0.34 -6.96 -21.63
CA ILE A 217 -0.07 -8.34 -21.27
C ILE A 217 1.39 -8.52 -20.90
N LYS A 218 2.28 -7.89 -21.66
CA LYS A 218 3.72 -8.01 -21.46
C LYS A 218 4.11 -7.67 -20.02
N GLU A 219 3.71 -6.48 -19.57
CA GLU A 219 4.05 -6.00 -18.23
C GLU A 219 3.34 -6.81 -17.13
N GLU A 220 2.09 -7.19 -17.41
CA GLU A 220 1.31 -7.95 -16.45
C GLU A 220 1.93 -9.34 -16.22
N ILE A 221 2.29 -10.00 -17.31
CA ILE A 221 2.95 -11.31 -17.24
C ILE A 221 4.20 -11.23 -16.36
N ARG A 222 4.98 -10.16 -16.54
CA ARG A 222 6.17 -9.96 -15.74
C ARG A 222 5.84 -10.03 -14.26
N ARG A 223 4.83 -9.26 -13.85
CA ARG A 223 4.45 -9.17 -12.46
C ARG A 223 3.95 -10.53 -11.95
N GLN A 224 3.07 -11.15 -12.73
CA GLN A 224 2.42 -12.38 -12.30
C GLN A 224 3.42 -13.51 -12.13
N GLU A 225 4.42 -13.59 -13.00
CA GLU A 225 5.41 -14.66 -12.93
C GLU A 225 6.29 -14.50 -11.68
N PHE A 226 6.54 -13.26 -11.27
CA PHE A 226 7.31 -13.03 -10.04
C PHE A 226 6.54 -13.51 -8.82
N LEU A 227 5.23 -13.28 -8.82
CA LEU A 227 4.40 -13.78 -7.74
C LEU A 227 4.26 -15.29 -7.89
N LEU A 228 4.31 -15.75 -9.12
CA LEU A 228 4.08 -17.15 -9.42
C LEU A 228 5.24 -18.00 -8.90
N ASN A 229 6.46 -17.69 -9.34
CA ASN A 229 7.63 -18.48 -8.95
C ASN A 229 7.93 -18.35 -7.46
N CYS A 230 7.59 -17.20 -6.87
CA CYS A 230 7.84 -17.02 -5.45
C CYS A 230 6.86 -17.85 -4.64
N LEU A 231 5.57 -17.77 -4.97
CA LEU A 231 4.55 -18.57 -4.29
C LEU A 231 4.84 -20.04 -4.48
N HIS A 232 5.19 -20.41 -5.71
CA HIS A 232 5.55 -21.79 -6.03
C HIS A 232 6.65 -22.28 -5.10
N ARG A 233 7.67 -21.46 -4.91
CA ARG A 233 8.81 -21.82 -4.06
C ARG A 233 8.42 -21.81 -2.58
N ASP A 234 7.60 -20.85 -2.19
CA ASP A 234 7.15 -20.73 -0.80
C ASP A 234 6.53 -22.04 -0.33
N LEU A 235 5.80 -22.68 -1.23
CA LEU A 235 5.14 -23.95 -0.95
C LEU A 235 6.14 -25.01 -0.49
N GLN A 236 7.39 -24.93 -0.96
CA GLN A 236 8.40 -25.92 -0.62
C GLN A 236 8.93 -25.71 0.79
N GLY A 237 8.50 -24.64 1.45
CA GLY A 237 8.96 -24.36 2.80
C GLY A 237 8.22 -25.19 3.84
N GLY A 238 8.03 -26.48 3.53
CA GLY A 238 7.32 -27.37 4.42
C GLY A 238 5.84 -27.07 4.47
N ILE A 239 5.36 -26.33 3.48
CA ILE A 239 3.98 -25.91 3.45
C ILE A 239 3.13 -26.87 2.64
N LYS A 240 2.12 -27.43 3.29
CA LYS A 240 1.19 -28.31 2.63
C LYS A 240 -0.23 -27.79 2.77
N ASP A 241 -0.55 -26.78 1.97
CA ASP A 241 -1.89 -26.20 1.97
C ASP A 241 -2.51 -26.33 0.61
N LEU A 242 -3.73 -26.85 0.57
CA LEU A 242 -4.46 -27.00 -0.68
C LEU A 242 -4.86 -25.62 -1.18
N SER A 243 -5.00 -24.69 -0.23
CA SER A 243 -5.40 -23.33 -0.54
C SER A 243 -4.25 -22.55 -1.18
N LYS A 244 -3.02 -22.83 -0.74
CA LYS A 244 -1.84 -22.26 -1.38
C LYS A 244 -1.78 -22.72 -2.83
N GLU A 245 -2.07 -24.01 -3.01
CA GLU A 245 -2.09 -24.62 -4.33
C GLU A 245 -3.17 -23.99 -5.20
N GLU A 246 -4.37 -23.81 -4.64
CA GLU A 246 -5.46 -23.14 -5.37
C GLU A 246 -4.98 -21.83 -5.99
N ARG A 247 -4.26 -21.04 -5.20
CA ARG A 247 -3.73 -19.75 -5.68
C ARG A 247 -2.59 -19.98 -6.68
N LEU A 248 -1.93 -21.13 -6.57
CA LEU A 248 -0.86 -21.49 -7.48
C LEU A 248 -1.41 -21.82 -8.88
N TRP A 249 -2.36 -22.75 -8.97
CA TRP A 249 -2.95 -23.09 -10.28
C TRP A 249 -3.65 -21.87 -10.84
N GLU A 250 -4.05 -21.00 -9.93
CA GLU A 250 -4.76 -19.79 -10.28
C GLU A 250 -3.89 -18.90 -11.17
N VAL A 251 -2.68 -18.58 -10.73
CA VAL A 251 -1.79 -17.75 -11.53
C VAL A 251 -1.28 -18.51 -12.77
N GLN A 252 -1.03 -19.80 -12.61
CA GLN A 252 -0.68 -20.68 -13.73
C GLN A 252 -1.70 -20.58 -14.86
N ARG A 253 -2.97 -20.70 -14.51
CA ARG A 253 -4.06 -20.70 -15.49
C ARG A 253 -4.19 -19.35 -16.19
N ILE A 254 -4.01 -18.30 -15.42
CA ILE A 254 -4.17 -16.94 -15.94
C ILE A 254 -3.03 -16.62 -16.87
N LEU A 255 -1.82 -16.91 -16.41
CA LEU A 255 -0.62 -16.67 -17.18
C LEU A 255 -0.57 -17.51 -18.44
N THR A 256 -1.17 -18.70 -18.41
CA THR A 256 -1.17 -19.57 -19.57
C THR A 256 -1.95 -18.93 -20.72
N ALA A 257 -3.16 -18.47 -20.42
CA ALA A 257 -3.94 -17.73 -21.38
C ALA A 257 -3.16 -16.53 -21.90
N LEU A 258 -2.57 -15.78 -20.98
CA LEU A 258 -1.84 -14.57 -21.33
C LEU A 258 -0.64 -14.85 -22.23
N LYS A 259 0.02 -15.99 -22.02
CA LYS A 259 1.15 -16.37 -22.88
C LYS A 259 0.69 -16.55 -24.32
N ARG A 260 -0.51 -17.09 -24.50
CA ARG A 260 -1.10 -17.21 -25.83
C ARG A 260 -1.52 -15.83 -26.33
N LYS A 261 -2.24 -15.12 -25.48
CA LYS A 261 -2.77 -13.80 -25.80
C LYS A 261 -1.67 -12.79 -26.16
N LEU A 262 -0.50 -12.93 -25.53
CA LEU A 262 0.62 -12.02 -25.78
C LEU A 262 1.09 -12.13 -27.23
N ARG A 263 1.06 -13.33 -27.76
CA ARG A 263 1.40 -13.56 -29.16
C ARG A 263 0.14 -13.56 -30.01
N GLU A 264 -0.97 -13.20 -29.39
CA GLU A 264 -2.25 -13.14 -30.06
C GLU A 264 -2.54 -11.69 -30.47
N ALA A 265 -1.83 -10.77 -29.85
CA ALA A 265 -2.02 -9.35 -30.08
C ALA A 265 -0.96 -8.82 -31.05
N HIS A 1 -16.14 -15.53 22.73
CA HIS A 1 -15.13 -16.16 21.84
C HIS A 1 -15.00 -15.32 20.58
N MET A 2 -13.77 -15.04 20.19
CA MET A 2 -13.52 -14.27 18.99
C MET A 2 -13.37 -15.19 17.78
N PRO A 3 -14.27 -15.06 16.80
CA PRO A 3 -14.23 -15.85 15.56
C PRO A 3 -12.84 -15.82 14.92
N ASN A 4 -12.24 -14.65 14.86
CA ASN A 4 -10.88 -14.49 14.38
C ASN A 4 -10.07 -13.71 15.41
N LEU A 5 -8.97 -14.29 15.85
CA LEU A 5 -8.11 -13.64 16.83
C LEU A 5 -7.38 -12.46 16.21
N LYS A 6 -7.84 -11.25 16.56
CA LYS A 6 -7.22 -10.00 16.11
C LYS A 6 -7.41 -9.77 14.61
N PRO A 7 -8.54 -9.17 14.22
CA PRO A 7 -8.81 -8.82 12.83
C PRO A 7 -7.95 -7.64 12.38
N ILE A 8 -7.56 -7.67 11.10
CA ILE A 8 -6.80 -6.59 10.43
C ILE A 8 -6.85 -5.22 11.12
N PHE A 9 -8.04 -4.73 11.40
CA PHE A 9 -8.19 -3.41 12.01
C PHE A 9 -7.94 -3.47 13.52
N GLY A 10 -6.69 -3.25 13.89
CA GLY A 10 -6.32 -3.13 15.29
C GLY A 10 -5.15 -4.03 15.65
N ILE A 11 -4.14 -4.04 14.79
CA ILE A 11 -2.98 -4.93 14.99
C ILE A 11 -1.69 -4.22 14.59
N PRO A 12 -0.53 -4.66 15.11
CA PRO A 12 0.77 -4.15 14.70
C PRO A 12 1.09 -4.50 13.25
N LEU A 13 2.02 -3.76 12.67
CA LEU A 13 2.37 -3.95 11.26
C LEU A 13 2.86 -5.37 10.96
N ALA A 14 3.80 -5.88 11.77
CA ALA A 14 4.29 -7.25 11.59
C ALA A 14 3.16 -8.27 11.49
N ASP A 15 2.29 -8.28 12.50
CA ASP A 15 1.13 -9.16 12.48
C ASP A 15 0.30 -8.95 11.22
N ALA A 16 0.17 -7.71 10.79
CA ALA A 16 -0.57 -7.39 9.59
C ALA A 16 0.09 -7.99 8.35
N VAL A 17 1.39 -7.76 8.17
CA VAL A 17 2.09 -8.24 6.97
C VAL A 17 2.18 -9.75 6.93
N GLU A 18 2.58 -10.36 8.04
CA GLU A 18 2.78 -11.80 8.06
C GLU A 18 1.46 -12.55 7.86
N ARG A 19 0.34 -11.84 8.06
CA ARG A 19 -0.95 -12.36 7.69
C ARG A 19 -1.32 -12.01 6.23
N THR A 20 -1.15 -10.75 5.86
CA THR A 20 -1.63 -10.24 4.55
C THR A 20 -0.50 -10.03 3.55
N MET A 21 0.45 -10.94 3.51
CA MET A 21 1.54 -10.83 2.53
C MET A 21 1.20 -11.59 1.26
N MET A 22 1.48 -10.98 0.10
CA MET A 22 1.13 -11.59 -1.17
C MET A 22 2.36 -11.92 -2.02
N TYR A 23 3.03 -10.89 -2.54
CA TYR A 23 4.20 -11.09 -3.40
C TYR A 23 5.35 -11.80 -2.66
N ASP A 24 6.15 -11.03 -1.96
CA ASP A 24 7.33 -11.55 -1.27
C ASP A 24 7.13 -11.44 0.24
N GLY A 25 6.25 -10.54 0.65
CA GLY A 25 6.09 -10.27 2.05
C GLY A 25 7.18 -9.37 2.55
N ILE A 26 7.35 -8.25 1.85
CA ILE A 26 8.43 -7.29 2.12
C ILE A 26 8.20 -6.50 3.41
N ARG A 27 7.68 -7.18 4.43
CA ARG A 27 7.37 -6.57 5.72
C ARG A 27 6.51 -5.34 5.53
N LEU A 28 5.41 -5.51 4.80
CA LEU A 28 4.50 -4.46 4.41
C LEU A 28 3.19 -5.11 4.00
N PRO A 29 2.08 -4.81 4.70
CA PRO A 29 0.78 -5.44 4.43
C PRO A 29 0.31 -5.24 2.99
N ALA A 30 -0.54 -6.15 2.49
CA ALA A 30 -0.98 -6.10 1.11
C ALA A 30 -1.85 -4.89 0.87
N VAL A 31 -2.79 -4.68 1.78
CA VAL A 31 -3.69 -3.54 1.71
C VAL A 31 -2.93 -2.22 1.50
N PHE A 32 -1.77 -2.10 2.14
CA PHE A 32 -0.98 -0.88 2.02
C PHE A 32 -0.54 -0.69 0.56
N ARG A 33 -0.09 -1.76 -0.05
CA ARG A 33 0.37 -1.71 -1.42
C ARG A 33 -0.83 -1.63 -2.37
N GLU A 34 -1.92 -2.28 -2.00
CA GLU A 34 -3.17 -2.22 -2.75
C GLU A 34 -3.65 -0.78 -2.93
N CYS A 35 -3.47 0.03 -1.90
CA CYS A 35 -3.89 1.42 -1.97
C CYS A 35 -2.83 2.24 -2.69
N ILE A 36 -1.56 1.91 -2.44
CA ILE A 36 -0.46 2.56 -3.11
C ILE A 36 -0.53 2.34 -4.62
N ASP A 37 -0.90 1.12 -5.01
CA ASP A 37 -1.00 0.77 -6.43
C ASP A 37 -2.13 1.53 -7.11
N TYR A 38 -3.32 1.51 -6.51
CA TYR A 38 -4.49 2.09 -7.16
C TYR A 38 -4.35 3.59 -7.32
N VAL A 39 -3.89 4.28 -6.28
CA VAL A 39 -3.70 5.72 -6.35
C VAL A 39 -2.67 6.06 -7.42
N GLU A 40 -1.61 5.28 -7.51
CA GLU A 40 -0.53 5.58 -8.44
C GLU A 40 -0.95 5.31 -9.88
N LYS A 41 -1.91 4.40 -10.07
CA LYS A 41 -2.37 4.07 -11.41
C LYS A 41 -3.42 5.05 -11.91
N TYR A 42 -4.45 5.30 -11.11
CA TYR A 42 -5.63 6.02 -11.60
C TYR A 42 -5.96 7.26 -10.77
N GLY A 43 -5.23 7.48 -9.69
CA GLY A 43 -5.58 8.54 -8.76
C GLY A 43 -4.38 9.39 -8.37
N MET A 44 -3.54 9.64 -9.35
CA MET A 44 -2.26 10.27 -9.11
C MET A 44 -2.36 11.78 -9.34
N LYS A 45 -3.07 12.17 -10.39
CA LYS A 45 -3.26 13.56 -10.75
C LYS A 45 -4.73 13.95 -10.60
N CYS A 46 -5.36 13.45 -9.54
CA CYS A 46 -6.78 13.71 -9.30
C CYS A 46 -7.00 14.92 -8.39
N GLU A 47 -8.09 15.64 -8.64
CA GLU A 47 -8.52 16.72 -7.77
C GLU A 47 -9.26 16.16 -6.56
N GLY A 48 -9.39 16.96 -5.50
CA GLY A 48 -10.01 16.49 -4.27
C GLY A 48 -9.24 15.37 -3.58
N ILE A 49 -8.19 14.90 -4.22
CA ILE A 49 -7.45 13.73 -3.77
C ILE A 49 -7.07 13.80 -2.29
N TYR A 50 -7.58 12.82 -1.53
CA TYR A 50 -7.30 12.66 -0.09
C TYR A 50 -8.13 13.62 0.76
N ARG A 51 -8.32 14.85 0.29
CA ARG A 51 -9.17 15.81 1.00
C ARG A 51 -10.60 15.30 1.07
N VAL A 52 -11.03 14.63 0.02
CA VAL A 52 -12.34 13.98 0.02
C VAL A 52 -12.18 12.50 0.35
N SER A 53 -13.24 11.91 0.86
CA SER A 53 -13.24 10.49 1.17
C SER A 53 -14.24 9.77 0.26
N GLY A 54 -15.29 10.50 -0.10
CA GLY A 54 -16.27 9.97 -1.03
C GLY A 54 -17.36 9.18 -0.34
N ILE A 55 -17.37 7.89 -0.58
CA ILE A 55 -18.38 7.02 -0.02
C ILE A 55 -17.81 6.19 1.12
N LYS A 56 -18.17 6.54 2.34
CA LYS A 56 -17.71 5.84 3.53
C LYS A 56 -18.27 4.42 3.54
N SER A 57 -19.44 4.28 2.93
CA SER A 57 -20.13 3.00 2.87
C SER A 57 -19.32 1.93 2.13
N LYS A 58 -18.41 2.37 1.25
CA LYS A 58 -17.57 1.45 0.49
C LYS A 58 -16.40 1.00 1.36
N VAL A 59 -16.03 1.85 2.30
CA VAL A 59 -14.90 1.60 3.17
C VAL A 59 -15.21 0.43 4.11
N ASP A 60 -16.44 0.40 4.60
CA ASP A 60 -16.92 -0.72 5.40
C ASP A 60 -16.92 -2.00 4.58
N GLU A 61 -17.16 -1.85 3.28
CA GLU A 61 -17.21 -2.97 2.37
C GLU A 61 -15.81 -3.53 2.14
N LEU A 62 -14.88 -2.63 1.84
CA LEU A 62 -13.49 -3.01 1.59
C LEU A 62 -12.88 -3.67 2.81
N LYS A 63 -13.05 -3.05 3.98
CA LYS A 63 -12.46 -3.60 5.21
C LYS A 63 -13.07 -4.96 5.52
N ALA A 64 -14.31 -5.15 5.08
CA ALA A 64 -14.97 -6.44 5.23
C ALA A 64 -14.30 -7.48 4.34
N ALA A 65 -13.95 -7.08 3.12
CA ALA A 65 -13.25 -7.95 2.19
C ALA A 65 -11.90 -8.37 2.76
N TYR A 66 -11.13 -7.38 3.21
CA TYR A 66 -9.76 -7.61 3.64
C TYR A 66 -9.67 -8.62 4.78
N ASP A 67 -10.53 -8.50 5.78
CA ASP A 67 -10.42 -9.36 6.95
C ASP A 67 -10.91 -10.78 6.66
N ARG A 68 -11.79 -10.95 5.67
CA ARG A 68 -12.40 -12.25 5.44
C ARG A 68 -11.75 -13.04 4.31
N GLU A 69 -11.04 -12.34 3.42
CA GLU A 69 -10.40 -12.95 2.22
C GLU A 69 -10.24 -11.86 1.15
N GLU A 70 -9.48 -10.83 1.51
CA GLU A 70 -9.23 -9.68 0.66
C GLU A 70 -9.08 -10.04 -0.81
N SER A 71 -10.17 -9.86 -1.54
CA SER A 71 -10.16 -9.97 -2.97
C SER A 71 -11.20 -9.00 -3.53
N THR A 72 -10.72 -7.87 -4.03
CA THR A 72 -11.59 -6.80 -4.47
C THR A 72 -10.91 -6.02 -5.58
N ASN A 73 -11.66 -5.70 -6.59
CA ASN A 73 -11.13 -4.96 -7.71
C ASN A 73 -11.26 -3.47 -7.44
N LEU A 74 -10.23 -2.92 -6.83
CA LEU A 74 -10.25 -1.56 -6.30
C LEU A 74 -10.31 -0.49 -7.38
N GLU A 75 -10.12 -0.89 -8.63
CA GLU A 75 -10.12 0.08 -9.71
C GLU A 75 -11.56 0.37 -10.13
N ASP A 76 -12.47 -0.42 -9.57
CA ASP A 76 -13.90 -0.25 -9.81
C ASP A 76 -14.45 0.78 -8.83
N TYR A 77 -13.66 1.09 -7.81
CA TYR A 77 -14.05 2.04 -6.78
C TYR A 77 -13.40 3.39 -7.04
N GLU A 78 -13.45 4.27 -6.04
CA GLU A 78 -12.88 5.60 -6.14
C GLU A 78 -11.54 5.67 -5.41
N PRO A 79 -10.56 6.42 -5.96
CA PRO A 79 -9.24 6.57 -5.35
C PRO A 79 -9.30 7.12 -3.93
N ASN A 80 -10.10 8.15 -3.75
CA ASN A 80 -10.32 8.75 -2.45
C ASN A 80 -10.85 7.74 -1.44
N THR A 81 -11.65 6.79 -1.90
CA THR A 81 -12.23 5.80 -1.03
C THR A 81 -11.18 4.80 -0.55
N VAL A 82 -10.39 4.30 -1.48
CA VAL A 82 -9.32 3.36 -1.18
C VAL A 82 -8.26 4.03 -0.29
N ALA A 83 -7.99 5.30 -0.56
CA ALA A 83 -7.02 6.09 0.21
C ALA A 83 -7.52 6.30 1.64
N SER A 84 -8.84 6.40 1.77
CA SER A 84 -9.46 6.68 3.04
C SER A 84 -9.46 5.40 3.86
N LEU A 85 -9.67 4.28 3.16
CA LEU A 85 -9.54 2.97 3.75
C LEU A 85 -8.11 2.77 4.26
N LEU A 86 -7.14 3.25 3.48
CA LEU A 86 -5.73 3.10 3.83
C LEU A 86 -5.40 3.86 5.11
N LYS A 87 -5.71 5.16 5.14
CA LYS A 87 -5.37 5.99 6.28
C LYS A 87 -6.18 5.58 7.51
N GLN A 88 -7.39 5.09 7.26
CA GLN A 88 -8.21 4.55 8.33
C GLN A 88 -7.61 3.24 8.84
N TYR A 89 -7.34 2.32 7.93
CA TYR A 89 -6.64 1.09 8.26
C TYR A 89 -5.40 1.36 9.12
N LEU A 90 -4.60 2.34 8.73
CA LEU A 90 -3.39 2.68 9.48
C LEU A 90 -3.76 3.18 10.87
N ARG A 91 -4.82 3.97 10.93
CA ARG A 91 -5.25 4.61 12.17
C ARG A 91 -5.53 3.61 13.28
N ASP A 92 -6.44 2.67 13.01
CA ASP A 92 -6.87 1.70 14.03
C ASP A 92 -5.77 0.75 14.48
N LEU A 93 -4.58 0.88 13.92
CA LEU A 93 -3.46 0.08 14.36
C LEU A 93 -2.92 0.64 15.68
N PRO A 94 -2.79 -0.21 16.71
CA PRO A 94 -2.42 0.23 18.07
C PRO A 94 -0.98 0.72 18.18
N GLU A 95 -0.23 0.57 17.11
CA GLU A 95 1.14 1.05 17.08
C GLU A 95 1.36 1.93 15.85
N ASN A 96 1.75 3.18 16.09
CA ASN A 96 2.07 4.09 15.01
C ASN A 96 3.38 3.72 14.37
N LEU A 97 3.73 4.42 13.30
CA LEU A 97 4.97 4.14 12.57
C LEU A 97 6.17 4.51 13.44
N LEU A 98 6.06 5.66 14.08
CA LEU A 98 7.12 6.15 14.97
C LEU A 98 6.85 5.68 16.39
N THR A 99 5.73 4.96 16.54
CA THR A 99 5.26 4.45 17.84
C THR A 99 5.14 5.57 18.87
N LYS A 100 4.78 5.21 20.10
CA LYS A 100 4.69 6.18 21.19
C LYS A 100 6.09 6.65 21.55
N GLU A 101 7.04 5.76 21.34
CA GLU A 101 8.43 5.97 21.72
C GLU A 101 9.05 7.20 21.04
N LEU A 102 9.12 7.20 19.71
CA LEU A 102 9.83 8.25 18.98
C LEU A 102 8.92 9.45 18.70
N MET A 103 7.62 9.18 18.52
CA MET A 103 6.62 10.21 18.14
C MET A 103 6.81 11.58 18.82
N PRO A 104 6.85 11.66 20.17
CA PRO A 104 6.92 12.95 20.87
C PRO A 104 8.19 13.74 20.55
N ARG A 105 9.24 13.04 20.14
CA ARG A 105 10.53 13.66 19.89
C ARG A 105 10.59 14.24 18.48
N PHE A 106 9.55 13.99 17.71
CA PHE A 106 9.43 14.57 16.38
C PHE A 106 9.17 16.05 16.46
N GLU A 107 8.41 16.47 17.47
CA GLU A 107 8.19 17.89 17.72
C GLU A 107 9.53 18.60 17.89
N GLU A 108 10.48 17.93 18.54
CA GLU A 108 11.84 18.42 18.68
C GLU A 108 12.45 18.65 17.31
N ALA A 109 12.43 17.60 16.49
CA ALA A 109 13.00 17.64 15.16
C ALA A 109 12.29 18.65 14.26
N CYS A 110 11.05 18.98 14.61
CA CYS A 110 10.28 19.93 13.82
C CYS A 110 10.64 21.35 14.24
N GLY A 111 10.93 21.53 15.53
CA GLY A 111 11.28 22.82 16.06
C GLY A 111 12.77 23.08 16.07
N ARG A 112 13.51 22.34 15.24
CA ARG A 112 14.95 22.53 15.14
C ARG A 112 15.25 23.83 14.42
N THR A 113 16.30 24.51 14.87
CA THR A 113 16.72 25.79 14.32
C THR A 113 17.14 25.67 12.86
N THR A 114 17.49 24.46 12.43
CA THR A 114 17.97 24.26 11.07
C THR A 114 17.24 23.06 10.44
N GLU A 115 17.10 23.08 9.12
CA GLU A 115 16.40 22.01 8.41
C GLU A 115 17.29 20.77 8.36
N THR A 116 18.59 21.00 8.45
CA THR A 116 19.57 19.92 8.49
C THR A 116 19.42 19.12 9.79
N GLU A 117 19.25 19.84 10.90
CA GLU A 117 19.06 19.21 12.19
C GLU A 117 17.78 18.38 12.19
N LYS A 118 16.82 18.81 11.38
CA LYS A 118 15.54 18.13 11.33
C LYS A 118 15.70 16.76 10.69
N VAL A 119 16.17 16.74 9.44
CA VAL A 119 16.43 15.49 8.74
C VAL A 119 17.32 14.54 9.56
N GLN A 120 18.34 15.09 10.23
CA GLN A 120 19.23 14.27 11.06
C GLN A 120 18.50 13.69 12.28
N GLU A 121 17.74 14.52 12.98
CA GLU A 121 17.00 14.07 14.16
C GLU A 121 16.00 12.98 13.78
N PHE A 122 15.24 13.24 12.71
CA PHE A 122 14.32 12.24 12.16
C PHE A 122 15.01 10.90 11.93
N GLN A 123 16.16 10.94 11.28
CA GLN A 123 16.95 9.73 11.06
C GLN A 123 17.11 8.94 12.35
N ARG A 124 17.49 9.61 13.45
CA ARG A 124 17.64 8.93 14.75
C ARG A 124 16.36 8.20 15.12
N LEU A 125 15.23 8.90 15.07
CA LEU A 125 13.94 8.30 15.42
C LEU A 125 13.67 7.09 14.53
N LEU A 126 13.85 7.27 13.23
CA LEU A 126 13.68 6.19 12.25
C LEU A 126 14.57 4.98 12.52
N LYS A 127 15.72 5.18 13.15
CA LYS A 127 16.60 4.06 13.48
C LYS A 127 15.94 3.20 14.54
N GLU A 128 15.35 3.88 15.51
CA GLU A 128 14.66 3.23 16.61
C GLU A 128 13.29 2.68 16.20
N LEU A 129 13.10 2.43 14.91
CA LEU A 129 11.84 1.87 14.42
C LEU A 129 12.05 0.41 14.06
N PRO A 130 11.06 -0.45 14.32
CA PRO A 130 11.10 -1.84 13.90
C PRO A 130 11.09 -1.96 12.37
N GLU A 131 11.52 -3.12 11.87
CA GLU A 131 11.66 -3.38 10.44
C GLU A 131 10.43 -2.96 9.65
N CYS A 132 9.27 -3.48 10.04
CA CYS A 132 8.01 -3.22 9.35
C CYS A 132 7.67 -1.73 9.31
N ASN A 133 7.96 -1.03 10.40
CA ASN A 133 7.62 0.38 10.50
C ASN A 133 8.56 1.21 9.67
N TYR A 134 9.82 0.80 9.62
CA TYR A 134 10.84 1.49 8.85
C TYR A 134 10.48 1.49 7.36
N LEU A 135 10.06 0.34 6.85
CA LEU A 135 9.67 0.24 5.44
C LEU A 135 8.33 0.93 5.21
N LEU A 136 7.43 0.84 6.17
CA LEU A 136 6.13 1.48 6.07
C LEU A 136 6.29 2.99 5.99
N ILE A 137 7.06 3.56 6.91
CA ILE A 137 7.27 5.01 6.96
C ILE A 137 7.92 5.49 5.67
N SER A 138 8.77 4.64 5.09
CA SER A 138 9.40 4.94 3.82
C SER A 138 8.34 5.12 2.73
N TRP A 139 7.50 4.11 2.55
CA TRP A 139 6.56 4.09 1.44
C TRP A 139 5.42 5.06 1.65
N LEU A 140 4.90 5.10 2.88
CA LEU A 140 3.79 5.97 3.22
C LEU A 140 4.11 7.41 2.86
N ILE A 141 5.29 7.87 3.24
CA ILE A 141 5.66 9.25 3.04
C ILE A 141 6.13 9.49 1.60
N VAL A 142 6.94 8.59 1.05
CA VAL A 142 7.48 8.78 -0.30
C VAL A 142 6.38 8.65 -1.36
N HIS A 143 5.40 7.76 -1.14
CA HIS A 143 4.28 7.65 -2.07
C HIS A 143 3.36 8.86 -1.95
N MET A 144 3.18 9.33 -0.72
CA MET A 144 2.33 10.47 -0.47
C MET A 144 2.99 11.71 -1.06
N ASP A 145 4.32 11.68 -1.06
CA ASP A 145 5.15 12.74 -1.62
C ASP A 145 4.95 12.85 -3.12
N HIS A 146 4.82 11.70 -3.77
CA HIS A 146 4.54 11.66 -5.20
C HIS A 146 3.22 12.37 -5.49
N VAL A 147 2.22 12.16 -4.65
CA VAL A 147 0.96 12.88 -4.82
C VAL A 147 1.16 14.37 -4.58
N ILE A 148 2.03 14.71 -3.63
CA ILE A 148 2.29 16.11 -3.33
C ILE A 148 2.73 16.87 -4.58
N ALA A 149 3.67 16.28 -5.33
CA ALA A 149 4.11 16.89 -6.57
C ALA A 149 2.97 16.97 -7.57
N LYS A 150 2.10 15.98 -7.57
CA LYS A 150 1.02 15.92 -8.52
C LYS A 150 -0.15 16.79 -8.06
N GLU A 151 -0.25 17.02 -6.76
CA GLU A 151 -1.28 17.91 -6.24
C GLU A 151 -0.91 19.34 -6.58
N LEU A 152 0.40 19.56 -6.70
CA LEU A 152 0.91 20.86 -7.07
C LEU A 152 0.57 21.13 -8.53
N GLU A 153 0.54 20.08 -9.34
CA GLU A 153 0.18 20.22 -10.75
C GLU A 153 -1.33 20.16 -10.97
N THR A 154 -2.11 19.70 -9.99
CA THR A 154 -3.53 19.53 -10.23
C THR A 154 -4.33 20.76 -9.78
N LYS A 155 -4.10 21.19 -8.52
CA LYS A 155 -4.69 22.41 -7.95
C LYS A 155 -4.66 22.38 -6.43
N MET A 156 -3.64 21.77 -5.87
CA MET A 156 -3.57 21.57 -4.44
C MET A 156 -2.18 21.90 -3.96
N ASN A 157 -1.93 21.82 -2.65
CA ASN A 157 -0.65 22.26 -2.11
C ASN A 157 -0.26 21.38 -0.94
N ILE A 158 1.04 21.33 -0.66
CA ILE A 158 1.59 20.42 0.34
C ILE A 158 0.84 20.48 1.67
N GLN A 159 0.27 21.64 1.98
CA GLN A 159 -0.44 21.85 3.23
C GLN A 159 -1.70 21.00 3.29
N ASN A 160 -2.38 20.83 2.16
CA ASN A 160 -3.66 20.11 2.13
C ASN A 160 -3.47 18.67 2.54
N ILE A 161 -2.52 17.99 1.89
CA ILE A 161 -2.24 16.61 2.21
C ILE A 161 -1.65 16.50 3.62
N SER A 162 -0.99 17.55 4.05
CA SER A 162 -0.46 17.60 5.41
C SER A 162 -1.60 17.66 6.43
N ILE A 163 -2.73 18.23 6.01
CA ILE A 163 -3.89 18.34 6.88
C ILE A 163 -4.56 16.99 7.05
N VAL A 164 -4.52 16.19 6.00
CA VAL A 164 -5.13 14.88 6.04
C VAL A 164 -4.18 13.85 6.64
N LEU A 165 -2.88 13.99 6.35
CA LEU A 165 -1.89 13.04 6.84
C LEU A 165 -1.57 13.26 8.31
N SER A 166 -1.91 14.45 8.83
CA SER A 166 -1.70 14.76 10.25
C SER A 166 -2.47 13.76 11.15
N PRO A 167 -3.80 13.64 10.99
CA PRO A 167 -4.60 12.63 11.72
C PRO A 167 -4.23 11.21 11.31
N THR A 168 -3.50 11.09 10.21
CA THR A 168 -3.13 9.79 9.70
C THR A 168 -2.05 9.14 10.54
N VAL A 169 -0.92 9.80 10.76
CA VAL A 169 0.13 9.20 11.59
C VAL A 169 0.13 9.75 13.01
N GLN A 170 -0.79 10.68 13.28
CA GLN A 170 -1.05 11.20 14.64
C GLN A 170 0.02 12.19 15.06
N ILE A 171 0.47 13.01 14.11
CA ILE A 171 1.52 13.99 14.37
C ILE A 171 1.11 15.36 13.83
N SER A 172 1.60 16.41 14.49
CA SER A 172 1.32 17.80 14.11
C SER A 172 1.46 18.04 12.61
N ASN A 173 0.53 18.84 12.08
CA ASN A 173 0.41 19.15 10.65
C ASN A 173 1.75 19.56 10.02
N ARG A 174 2.46 20.46 10.69
CA ARG A 174 3.71 21.00 10.17
C ARG A 174 4.74 19.90 9.89
N VAL A 175 4.64 18.82 10.64
CA VAL A 175 5.59 17.71 10.53
C VAL A 175 5.43 16.94 9.22
N LEU A 176 4.22 16.89 8.67
CA LEU A 176 3.97 16.13 7.44
C LEU A 176 4.56 16.85 6.23
N TYR A 177 4.24 18.13 6.10
CA TYR A 177 4.91 19.00 5.12
C TYR A 177 6.43 18.76 5.10
N VAL A 178 7.07 18.82 6.26
CA VAL A 178 8.50 18.56 6.34
C VAL A 178 8.81 17.08 6.17
N PHE A 179 7.85 16.22 6.49
CA PHE A 179 8.00 14.80 6.27
C PHE A 179 8.38 14.51 4.83
N PHE A 180 7.65 15.06 3.87
CA PHE A 180 7.97 14.79 2.46
C PHE A 180 9.25 15.50 2.03
N THR A 181 9.23 16.83 2.14
CA THR A 181 10.45 17.63 1.89
C THR A 181 11.73 16.90 2.39
N HIS A 182 11.70 16.44 3.63
CA HIS A 182 12.87 15.78 4.21
C HIS A 182 12.96 14.32 3.76
N VAL A 183 11.82 13.71 3.44
CA VAL A 183 11.79 12.31 3.02
C VAL A 183 12.55 12.13 1.70
N GLN A 184 12.49 13.12 0.83
CA GLN A 184 13.26 13.08 -0.40
C GLN A 184 14.72 13.35 -0.10
N GLU A 185 15.00 14.22 0.87
CA GLU A 185 16.37 14.38 1.34
C GLU A 185 16.86 13.11 2.04
N LEU A 186 15.93 12.34 2.60
CA LEU A 186 16.27 11.20 3.44
C LEU A 186 16.41 9.92 2.64
N PHE A 187 15.43 9.58 1.80
CA PHE A 187 15.47 8.35 1.03
C PHE A 187 15.63 8.66 -0.46
N GLY A 188 14.53 9.04 -1.10
CA GLY A 188 14.57 9.42 -2.52
C GLY A 188 14.53 8.23 -3.46
N ASN A 189 15.18 7.15 -3.05
CA ASN A 189 15.28 5.94 -3.86
C ASN A 189 14.17 4.98 -3.53
N VAL A 190 13.57 5.15 -2.35
CA VAL A 190 12.41 4.38 -1.95
C VAL A 190 11.36 4.45 -3.04
N VAL A 191 11.02 3.30 -3.57
CA VAL A 191 10.20 3.20 -4.76
C VAL A 191 8.89 2.48 -4.46
N LEU A 192 7.83 2.93 -5.09
CA LEU A 192 6.53 2.35 -4.88
C LEU A 192 6.27 1.21 -5.86
N LYS A 193 6.56 0.00 -5.42
CA LYS A 193 6.33 -1.18 -6.24
C LYS A 193 4.85 -1.58 -6.19
N GLN A 194 4.19 -1.47 -7.32
CA GLN A 194 2.76 -1.74 -7.42
C GLN A 194 2.45 -3.23 -7.24
N VAL A 195 1.18 -3.53 -7.01
CA VAL A 195 0.72 -4.90 -6.83
C VAL A 195 -0.40 -5.21 -7.83
N MET A 196 -0.43 -6.43 -8.34
CA MET A 196 -1.48 -6.82 -9.26
C MET A 196 -2.75 -7.20 -8.51
N LYS A 197 -3.88 -7.00 -9.15
CA LYS A 197 -5.16 -7.23 -8.51
C LYS A 197 -5.89 -8.39 -9.17
N PRO A 198 -6.66 -9.16 -8.39
CA PRO A 198 -7.49 -10.25 -8.92
C PRO A 198 -8.57 -9.72 -9.83
N LEU A 199 -9.14 -10.60 -10.66
CA LEU A 199 -10.09 -10.16 -11.67
C LEU A 199 -11.49 -10.60 -11.32
N ARG A 200 -12.48 -9.90 -11.88
CA ARG A 200 -13.89 -10.20 -11.66
C ARG A 200 -14.36 -11.25 -12.65
N TRP A 201 -13.46 -12.15 -12.99
CA TRP A 201 -13.69 -13.17 -13.99
C TRP A 201 -14.22 -14.45 -13.35
N SER A 202 -14.45 -14.36 -12.04
CA SER A 202 -14.84 -15.54 -11.25
C SER A 202 -13.72 -16.58 -11.31
N ASN A 203 -12.49 -16.09 -11.51
CA ASN A 203 -11.32 -16.92 -11.78
C ASN A 203 -11.38 -17.51 -13.18
N MET A 204 -12.56 -17.95 -13.59
CA MET A 204 -12.78 -18.37 -14.96
C MET A 204 -14.28 -18.39 -15.25
N ALA A 205 -14.69 -17.59 -16.22
CA ALA A 205 -16.08 -17.60 -16.68
C ALA A 205 -16.17 -18.29 -18.03
N THR A 206 -15.35 -17.84 -18.96
CA THR A 206 -15.23 -18.47 -20.26
C THR A 206 -13.83 -18.25 -20.82
N MET A 207 -13.54 -17.01 -21.23
CA MET A 207 -12.21 -16.67 -21.73
C MET A 207 -12.05 -15.16 -21.99
N PRO A 208 -12.91 -14.56 -22.86
CA PRO A 208 -12.73 -13.14 -23.28
C PRO A 208 -12.83 -12.15 -22.12
N THR A 209 -11.69 -11.56 -21.77
CA THR A 209 -11.62 -10.54 -20.72
C THR A 209 -10.17 -10.10 -20.50
N LEU A 210 -9.23 -10.98 -20.86
CA LEU A 210 -7.82 -10.69 -20.70
C LEU A 210 -7.35 -9.65 -21.70
N PRO A 211 -6.30 -8.87 -21.35
CA PRO A 211 -5.75 -7.83 -22.23
C PRO A 211 -5.36 -8.38 -23.60
N GLU A 212 -5.73 -7.64 -24.64
CA GLU A 212 -5.44 -8.04 -26.00
C GLU A 212 -4.33 -7.18 -26.60
N THR A 213 -3.81 -6.26 -25.81
CA THR A 213 -2.72 -5.41 -26.25
C THR A 213 -1.37 -6.03 -25.93
N GLN A 214 -0.43 -5.92 -26.88
CA GLN A 214 0.89 -6.52 -26.73
C GLN A 214 1.61 -5.95 -25.51
N ALA A 215 1.54 -4.63 -25.37
CA ALA A 215 2.18 -3.94 -24.26
C ALA A 215 1.49 -4.31 -22.95
N GLY A 216 0.17 -4.37 -22.98
CA GLY A 216 -0.61 -4.71 -21.81
C GLY A 216 -0.30 -6.11 -21.30
N ILE A 217 -0.17 -7.05 -22.24
CA ILE A 217 0.13 -8.43 -21.88
C ILE A 217 1.55 -8.55 -21.33
N LYS A 218 2.51 -7.96 -22.03
CA LYS A 218 3.91 -8.00 -21.60
C LYS A 218 4.07 -7.52 -20.16
N GLU A 219 3.41 -6.42 -19.81
CA GLU A 219 3.45 -5.90 -18.44
C GLU A 219 2.89 -6.92 -17.45
N GLU A 220 1.70 -7.44 -17.75
CA GLU A 220 1.05 -8.42 -16.90
C GLU A 220 1.90 -9.68 -16.73
N ILE A 221 2.48 -10.15 -17.84
CA ILE A 221 3.29 -11.36 -17.82
C ILE A 221 4.41 -11.28 -16.80
N ARG A 222 5.19 -10.22 -16.88
CA ARG A 222 6.34 -10.02 -16.01
C ARG A 222 5.91 -10.07 -14.54
N ARG A 223 4.89 -9.30 -14.21
CA ARG A 223 4.43 -9.21 -12.83
C ARG A 223 3.87 -10.54 -12.35
N GLN A 224 3.14 -11.22 -13.23
CA GLN A 224 2.48 -12.47 -12.88
C GLN A 224 3.51 -13.56 -12.60
N GLU A 225 4.51 -13.69 -13.46
CA GLU A 225 5.49 -14.76 -13.32
C GLU A 225 6.30 -14.61 -12.03
N PHE A 226 6.57 -13.37 -11.61
CA PHE A 226 7.33 -13.16 -10.38
C PHE A 226 6.50 -13.55 -9.16
N LEU A 227 5.21 -13.26 -9.20
CA LEU A 227 4.32 -13.65 -8.11
C LEU A 227 4.14 -15.17 -8.13
N LEU A 228 4.13 -15.70 -9.34
CA LEU A 228 3.87 -17.11 -9.57
C LEU A 228 4.97 -17.98 -8.98
N ASN A 229 6.20 -17.72 -9.42
CA ASN A 229 7.34 -18.54 -9.04
C ASN A 229 7.71 -18.35 -7.57
N CYS A 230 7.54 -17.14 -7.05
CA CYS A 230 7.94 -16.87 -5.68
C CYS A 230 7.04 -17.63 -4.70
N LEU A 231 5.74 -17.60 -4.96
CA LEU A 231 4.80 -18.32 -4.13
C LEU A 231 5.00 -19.83 -4.28
N HIS A 232 5.24 -20.26 -5.50
CA HIS A 232 5.52 -21.66 -5.78
C HIS A 232 6.75 -22.12 -5.02
N ARG A 233 7.78 -21.28 -5.00
CA ARG A 233 9.03 -21.57 -4.32
C ARG A 233 8.84 -21.55 -2.80
N ASP A 234 8.03 -20.61 -2.32
CA ASP A 234 7.74 -20.47 -0.90
C ASP A 234 7.16 -21.76 -0.33
N LEU A 235 6.39 -22.46 -1.15
CA LEU A 235 5.72 -23.70 -0.76
C LEU A 235 6.73 -24.78 -0.31
N GLN A 236 7.97 -24.67 -0.79
CA GLN A 236 8.99 -25.68 -0.49
C GLN A 236 9.55 -25.49 0.91
N GLY A 237 9.13 -24.45 1.60
CA GLY A 237 9.62 -24.20 2.95
C GLY A 237 8.92 -25.06 3.98
N GLY A 238 8.68 -26.31 3.64
CA GLY A 238 7.98 -27.22 4.53
C GLY A 238 6.50 -26.89 4.64
N ILE A 239 5.96 -26.25 3.62
CA ILE A 239 4.57 -25.79 3.64
C ILE A 239 3.68 -26.74 2.84
N LYS A 240 2.56 -27.10 3.44
CA LYS A 240 1.56 -27.90 2.77
C LYS A 240 0.17 -27.37 3.12
N ASP A 241 -0.21 -26.29 2.46
CA ASP A 241 -1.49 -25.64 2.72
C ASP A 241 -2.26 -25.51 1.41
N LEU A 242 -3.53 -25.87 1.46
CA LEU A 242 -4.38 -25.88 0.26
C LEU A 242 -4.58 -24.48 -0.27
N SER A 243 -4.43 -23.49 0.61
CA SER A 243 -4.62 -22.10 0.23
C SER A 243 -3.47 -21.64 -0.67
N LYS A 244 -2.26 -22.06 -0.31
CA LYS A 244 -1.09 -21.78 -1.12
C LYS A 244 -1.21 -22.48 -2.46
N GLU A 245 -1.64 -23.74 -2.40
CA GLU A 245 -1.74 -24.57 -3.60
C GLU A 245 -2.79 -24.03 -4.57
N GLU A 246 -4.01 -23.82 -4.09
CA GLU A 246 -5.07 -23.23 -4.93
C GLU A 246 -4.62 -21.94 -5.61
N ARG A 247 -3.88 -21.10 -4.89
CA ARG A 247 -3.38 -19.86 -5.46
C ARG A 247 -2.35 -20.16 -6.55
N LEU A 248 -1.66 -21.28 -6.44
CA LEU A 248 -0.67 -21.68 -7.43
C LEU A 248 -1.32 -22.01 -8.76
N TRP A 249 -2.38 -22.82 -8.74
CA TRP A 249 -3.06 -23.20 -9.97
C TRP A 249 -3.70 -21.97 -10.56
N GLU A 250 -4.10 -21.09 -9.67
CA GLU A 250 -4.78 -19.85 -10.03
C GLU A 250 -3.90 -18.98 -10.92
N VAL A 251 -2.69 -18.67 -10.44
CA VAL A 251 -1.77 -17.84 -11.20
C VAL A 251 -1.32 -18.55 -12.50
N GLN A 252 -0.99 -19.82 -12.36
CA GLN A 252 -0.52 -20.63 -13.49
C GLN A 252 -1.54 -20.70 -14.63
N ARG A 253 -2.78 -21.02 -14.32
CA ARG A 253 -3.80 -21.18 -15.35
C ARG A 253 -4.14 -19.84 -16.02
N ILE A 254 -4.11 -18.78 -15.22
CA ILE A 254 -4.46 -17.46 -15.73
C ILE A 254 -3.33 -16.97 -16.62
N LEU A 255 -2.11 -17.19 -16.16
CA LEU A 255 -0.92 -16.85 -16.91
C LEU A 255 -0.85 -17.67 -18.20
N THR A 256 -1.37 -18.88 -18.17
CA THR A 256 -1.36 -19.75 -19.34
C THR A 256 -2.14 -19.12 -20.50
N ALA A 257 -3.35 -18.66 -20.21
CA ALA A 257 -4.14 -17.95 -21.20
C ALA A 257 -3.39 -16.72 -21.71
N LEU A 258 -2.71 -16.03 -20.81
CA LEU A 258 -1.92 -14.86 -21.17
C LEU A 258 -0.73 -15.25 -22.05
N LYS A 259 -0.15 -16.41 -21.79
CA LYS A 259 0.97 -16.91 -22.60
C LYS A 259 0.51 -17.17 -24.02
N ARG A 260 -0.71 -17.66 -24.17
CA ARG A 260 -1.29 -17.87 -25.48
C ARG A 260 -1.49 -16.53 -26.18
N LYS A 261 -2.09 -15.59 -25.46
CA LYS A 261 -2.37 -14.27 -26.00
C LYS A 261 -1.10 -13.47 -26.25
N LEU A 262 -0.01 -13.86 -25.59
CA LEU A 262 1.27 -13.18 -25.73
C LEU A 262 1.72 -13.15 -27.19
N ARG A 263 1.42 -14.23 -27.91
CA ARG A 263 1.71 -14.30 -29.34
C ARG A 263 0.42 -14.31 -30.15
N GLU A 264 -0.67 -13.93 -29.51
CA GLU A 264 -1.95 -13.82 -30.18
C GLU A 264 -2.08 -12.42 -30.78
N ALA A 265 -1.29 -11.50 -30.25
CA ALA A 265 -1.27 -10.14 -30.73
C ALA A 265 -0.52 -10.05 -32.06
N HIS A 1 -8.37 -18.82 26.44
CA HIS A 1 -8.73 -19.04 25.03
C HIS A 1 -8.73 -17.72 24.26
N MET A 2 -8.67 -17.79 22.94
CA MET A 2 -8.70 -16.59 22.11
C MET A 2 -10.11 -16.38 21.56
N PRO A 3 -10.66 -15.18 21.75
CA PRO A 3 -12.04 -14.87 21.37
C PRO A 3 -12.26 -14.83 19.85
N ASN A 4 -11.67 -13.83 19.19
CA ASN A 4 -11.89 -13.63 17.76
C ASN A 4 -10.94 -14.48 16.94
N LEU A 5 -11.40 -14.88 15.76
CA LEU A 5 -10.61 -15.72 14.87
C LEU A 5 -10.16 -14.91 13.66
N LYS A 6 -8.84 -14.76 13.51
CA LYS A 6 -8.24 -14.02 12.38
C LYS A 6 -8.61 -12.54 12.38
N PRO A 7 -7.90 -11.72 13.18
CA PRO A 7 -8.06 -10.27 13.16
C PRO A 7 -7.12 -9.61 12.16
N ILE A 8 -7.45 -8.37 11.78
CA ILE A 8 -6.63 -7.60 10.85
C ILE A 8 -6.64 -6.13 11.27
N PHE A 9 -7.83 -5.60 11.53
CA PHE A 9 -7.97 -4.23 11.99
C PHE A 9 -7.81 -4.13 13.50
N GLY A 10 -6.56 -3.98 13.92
CA GLY A 10 -6.25 -3.88 15.33
C GLY A 10 -5.19 -4.86 15.76
N ILE A 11 -4.08 -4.89 15.04
CA ILE A 11 -3.00 -5.84 15.30
C ILE A 11 -1.65 -5.21 14.99
N PRO A 12 -0.56 -5.81 15.49
CA PRO A 12 0.80 -5.40 15.14
C PRO A 12 1.06 -5.51 13.64
N LEU A 13 1.97 -4.67 13.13
CA LEU A 13 2.26 -4.65 11.70
C LEU A 13 2.66 -6.03 11.18
N ALA A 14 3.63 -6.68 11.84
CA ALA A 14 4.11 -8.00 11.42
C ALA A 14 2.99 -9.00 11.15
N ASP A 15 2.13 -9.21 12.15
CA ASP A 15 0.99 -10.12 11.98
C ASP A 15 0.16 -9.71 10.76
N ALA A 16 -0.11 -8.42 10.63
CA ALA A 16 -0.86 -7.91 9.49
C ALA A 16 -0.15 -8.25 8.19
N VAL A 17 1.17 -8.11 8.19
CA VAL A 17 1.99 -8.43 7.02
C VAL A 17 1.85 -9.89 6.66
N GLU A 18 2.01 -10.77 7.63
CA GLU A 18 2.01 -12.21 7.39
C GLU A 18 0.64 -12.69 6.89
N ARG A 19 -0.40 -11.92 7.15
CA ARG A 19 -1.73 -12.26 6.66
C ARG A 19 -1.90 -11.77 5.23
N THR A 20 -1.49 -10.53 5.01
CA THR A 20 -1.72 -9.85 3.73
C THR A 20 -0.47 -9.90 2.83
N MET A 21 0.22 -11.01 2.84
CA MET A 21 1.38 -11.16 1.97
C MET A 21 0.96 -11.48 0.54
N MET A 22 1.39 -10.66 -0.40
CA MET A 22 1.04 -10.82 -1.81
C MET A 22 2.24 -11.33 -2.61
N TYR A 23 3.32 -10.57 -2.59
CA TYR A 23 4.53 -10.93 -3.31
C TYR A 23 5.60 -11.45 -2.37
N ASP A 24 6.23 -10.53 -1.67
CA ASP A 24 7.40 -10.82 -0.87
C ASP A 24 7.14 -10.69 0.62
N GLY A 25 6.17 -9.87 0.97
CA GLY A 25 5.88 -9.64 2.36
C GLY A 25 7.04 -8.89 3.01
N ILE A 26 7.48 -7.83 2.34
CA ILE A 26 8.64 -7.03 2.76
C ILE A 26 8.34 -6.18 3.98
N ARG A 27 7.75 -6.80 5.00
CA ARG A 27 7.42 -6.12 6.24
C ARG A 27 6.52 -4.93 5.95
N LEU A 28 5.41 -5.21 5.27
CA LEU A 28 4.51 -4.19 4.73
C LEU A 28 3.19 -4.87 4.39
N PRO A 29 2.08 -4.49 5.04
CA PRO A 29 0.76 -5.08 4.77
C PRO A 29 0.34 -4.83 3.33
N ALA A 30 -0.56 -5.67 2.79
CA ALA A 30 -0.96 -5.53 1.40
C ALA A 30 -1.78 -4.26 1.22
N VAL A 31 -2.72 -4.06 2.15
CA VAL A 31 -3.60 -2.89 2.17
C VAL A 31 -2.87 -1.60 1.82
N PHE A 32 -1.71 -1.40 2.44
CA PHE A 32 -0.92 -0.22 2.18
C PHE A 32 -0.48 -0.17 0.72
N ARG A 33 -0.12 -1.32 0.19
CA ARG A 33 0.35 -1.39 -1.18
C ARG A 33 -0.82 -1.32 -2.15
N GLU A 34 -1.93 -1.96 -1.77
CA GLU A 34 -3.18 -1.89 -2.54
C GLU A 34 -3.60 -0.44 -2.79
N CYS A 35 -3.53 0.41 -1.76
CA CYS A 35 -3.94 1.80 -1.92
C CYS A 35 -2.90 2.57 -2.74
N ILE A 36 -1.62 2.29 -2.52
CA ILE A 36 -0.56 2.94 -3.28
C ILE A 36 -0.67 2.54 -4.76
N ASP A 37 -0.60 1.23 -5.00
CA ASP A 37 -0.77 0.66 -6.33
C ASP A 37 -1.99 1.21 -7.08
N TYR A 38 -3.15 1.21 -6.44
CA TYR A 38 -4.38 1.64 -7.09
C TYR A 38 -4.29 3.10 -7.54
N VAL A 39 -3.97 3.97 -6.60
CA VAL A 39 -3.95 5.40 -6.88
C VAL A 39 -2.83 5.77 -7.84
N GLU A 40 -1.65 5.22 -7.62
CA GLU A 40 -0.47 5.64 -8.36
C GLU A 40 -0.49 5.16 -9.81
N LYS A 41 -1.19 4.06 -10.09
CA LYS A 41 -1.20 3.50 -11.43
C LYS A 41 -2.35 4.04 -12.26
N TYR A 42 -3.55 3.97 -11.70
CA TYR A 42 -4.77 4.24 -12.45
C TYR A 42 -5.01 5.73 -12.63
N GLY A 43 -4.66 6.52 -11.63
CA GLY A 43 -4.77 7.95 -11.78
C GLY A 43 -4.77 8.66 -10.45
N MET A 44 -3.59 9.12 -10.04
CA MET A 44 -3.45 9.85 -8.80
C MET A 44 -3.56 11.34 -9.10
N LYS A 45 -4.07 11.63 -10.29
CA LYS A 45 -4.16 12.99 -10.78
C LYS A 45 -5.62 13.41 -10.83
N CYS A 46 -6.40 12.90 -9.89
CA CYS A 46 -7.77 13.33 -9.70
C CYS A 46 -7.84 14.37 -8.59
N GLU A 47 -8.65 15.40 -8.77
CA GLU A 47 -8.84 16.40 -7.73
C GLU A 47 -9.44 15.76 -6.49
N GLY A 48 -9.22 16.39 -5.33
CA GLY A 48 -9.64 15.79 -4.08
C GLY A 48 -8.89 14.50 -3.73
N ILE A 49 -7.86 14.17 -4.49
CA ILE A 49 -7.12 12.92 -4.28
C ILE A 49 -6.54 12.85 -2.87
N TYR A 50 -6.97 11.81 -2.13
CA TYR A 50 -6.51 11.56 -0.76
C TYR A 50 -7.09 12.57 0.22
N ARG A 51 -7.94 13.47 -0.25
CA ARG A 51 -8.46 14.53 0.59
C ARG A 51 -9.88 14.20 1.02
N VAL A 52 -10.67 13.72 0.08
CA VAL A 52 -12.04 13.31 0.38
C VAL A 52 -12.10 11.83 0.69
N SER A 53 -13.27 11.36 1.05
CA SER A 53 -13.51 9.95 1.27
C SER A 53 -14.78 9.55 0.53
N GLY A 54 -15.05 8.27 0.45
CA GLY A 54 -16.24 7.82 -0.24
C GLY A 54 -17.40 7.63 0.70
N ILE A 55 -18.16 6.59 0.47
CA ILE A 55 -19.31 6.26 1.32
C ILE A 55 -18.83 5.47 2.53
N LYS A 56 -19.07 6.00 3.73
CA LYS A 56 -18.65 5.35 4.98
C LYS A 56 -19.00 3.87 4.96
N SER A 57 -20.23 3.57 4.55
CA SER A 57 -20.69 2.19 4.42
C SER A 57 -19.65 1.31 3.72
N LYS A 58 -19.37 1.60 2.45
CA LYS A 58 -18.35 0.86 1.71
C LYS A 58 -16.98 0.90 2.38
N VAL A 59 -16.66 1.99 3.06
CA VAL A 59 -15.39 2.10 3.76
C VAL A 59 -15.34 1.10 4.91
N ASP A 60 -16.44 1.00 5.65
CA ASP A 60 -16.56 0.01 6.71
C ASP A 60 -16.64 -1.38 6.10
N GLU A 61 -17.28 -1.48 4.94
CA GLU A 61 -17.40 -2.73 4.20
C GLU A 61 -16.02 -3.25 3.82
N LEU A 62 -15.16 -2.35 3.36
CA LEU A 62 -13.79 -2.71 3.03
C LEU A 62 -13.04 -3.19 4.27
N LYS A 63 -13.24 -2.50 5.40
CA LYS A 63 -12.68 -2.96 6.66
C LYS A 63 -13.11 -4.39 6.90
N ALA A 64 -14.39 -4.65 6.62
CA ALA A 64 -14.95 -5.98 6.76
C ALA A 64 -14.30 -6.95 5.79
N ALA A 65 -14.18 -6.55 4.53
CA ALA A 65 -13.59 -7.41 3.50
C ALA A 65 -12.15 -7.81 3.83
N TYR A 66 -11.35 -6.86 4.27
CA TYR A 66 -9.96 -7.14 4.64
C TYR A 66 -9.90 -8.03 5.88
N ASP A 67 -10.66 -7.65 6.91
CA ASP A 67 -10.66 -8.36 8.20
C ASP A 67 -11.29 -9.75 8.08
N ARG A 68 -12.04 -9.96 7.01
CA ARG A 68 -12.67 -11.26 6.77
C ARG A 68 -11.91 -12.07 5.72
N GLU A 69 -10.78 -11.54 5.28
CA GLU A 69 -9.97 -12.16 4.22
C GLU A 69 -10.80 -12.41 2.96
N GLU A 70 -11.25 -11.33 2.34
CA GLU A 70 -12.01 -11.44 1.10
C GLU A 70 -11.26 -10.78 -0.04
N SER A 71 -11.73 -10.98 -1.26
CA SER A 71 -11.06 -10.42 -2.43
C SER A 71 -11.40 -8.94 -2.58
N THR A 72 -10.41 -8.09 -2.36
CA THR A 72 -10.59 -6.66 -2.46
C THR A 72 -10.20 -6.17 -3.85
N ASN A 73 -11.20 -5.95 -4.68
CA ASN A 73 -10.99 -5.45 -6.02
C ASN A 73 -11.28 -3.94 -6.05
N LEU A 74 -10.24 -3.14 -6.04
CA LEU A 74 -10.37 -1.70 -5.82
C LEU A 74 -10.91 -1.00 -7.06
N GLU A 75 -10.66 -1.58 -8.22
CA GLU A 75 -11.20 -1.05 -9.48
C GLU A 75 -12.73 -0.97 -9.48
N ASP A 76 -13.38 -1.57 -8.47
CA ASP A 76 -14.83 -1.45 -8.31
C ASP A 76 -15.17 -0.34 -7.31
N TYR A 77 -14.16 0.24 -6.68
CA TYR A 77 -14.39 1.25 -5.64
C TYR A 77 -13.72 2.57 -6.00
N GLU A 78 -13.87 3.54 -5.12
CA GLU A 78 -13.31 4.87 -5.31
C GLU A 78 -11.90 4.96 -4.73
N PRO A 79 -11.01 5.74 -5.36
CA PRO A 79 -9.65 5.94 -4.83
C PRO A 79 -9.67 6.61 -3.45
N ASN A 80 -10.48 7.66 -3.34
CA ASN A 80 -10.73 8.32 -2.05
C ASN A 80 -11.21 7.31 -1.00
N THR A 81 -12.06 6.38 -1.41
CA THR A 81 -12.55 5.36 -0.50
C THR A 81 -11.39 4.45 -0.04
N VAL A 82 -10.54 4.06 -0.98
CA VAL A 82 -9.38 3.24 -0.66
C VAL A 82 -8.40 4.01 0.23
N ALA A 83 -8.16 5.28 -0.13
CA ALA A 83 -7.32 6.18 0.67
C ALA A 83 -7.84 6.30 2.11
N SER A 84 -9.14 6.16 2.25
CA SER A 84 -9.81 6.39 3.51
C SER A 84 -9.70 5.13 4.33
N LEU A 85 -9.82 4.02 3.64
CA LEU A 85 -9.59 2.72 4.22
C LEU A 85 -8.13 2.61 4.67
N LEU A 86 -7.22 3.15 3.85
CA LEU A 86 -5.79 3.11 4.15
C LEU A 86 -5.46 3.84 5.45
N LYS A 87 -5.87 5.11 5.54
CA LYS A 87 -5.57 5.91 6.71
C LYS A 87 -6.25 5.34 7.94
N GLN A 88 -7.44 4.79 7.73
CA GLN A 88 -8.23 4.19 8.79
C GLN A 88 -7.61 2.87 9.26
N TYR A 89 -7.35 1.98 8.31
CA TYR A 89 -6.71 0.68 8.58
C TYR A 89 -5.45 0.84 9.44
N LEU A 90 -4.66 1.87 9.18
CA LEU A 90 -3.45 2.06 9.96
C LEU A 90 -3.80 2.51 11.38
N ARG A 91 -4.78 3.42 11.49
CA ARG A 91 -5.22 3.92 12.78
C ARG A 91 -5.58 2.78 13.72
N ASP A 92 -6.37 1.84 13.22
CA ASP A 92 -6.77 0.65 13.99
C ASP A 92 -5.60 -0.15 14.51
N LEU A 93 -4.41 0.10 14.02
CA LEU A 93 -3.26 -0.64 14.51
C LEU A 93 -2.70 0.04 15.75
N PRO A 94 -2.45 -0.74 16.81
CA PRO A 94 -2.06 -0.21 18.13
C PRO A 94 -0.70 0.48 18.14
N GLU A 95 0.00 0.44 17.02
CA GLU A 95 1.31 1.06 16.93
C GLU A 95 1.38 1.96 15.71
N ASN A 96 1.96 3.14 15.88
CA ASN A 96 2.14 4.09 14.79
C ASN A 96 3.49 3.85 14.12
N LEU A 97 3.83 4.68 13.16
CA LEU A 97 5.04 4.51 12.39
C LEU A 97 6.23 5.03 13.18
N LEU A 98 6.08 6.24 13.71
CA LEU A 98 7.11 6.84 14.56
C LEU A 98 6.84 6.45 16.00
N THR A 99 5.73 5.73 16.17
CA THR A 99 5.20 5.34 17.48
C THR A 99 5.06 6.55 18.44
N LYS A 100 4.60 6.29 19.65
CA LYS A 100 4.50 7.33 20.66
C LYS A 100 5.90 7.78 21.06
N GLU A 101 6.81 6.83 20.96
CA GLU A 101 8.19 6.99 21.39
C GLU A 101 8.88 8.19 20.73
N LEU A 102 8.95 8.20 19.40
CA LEU A 102 9.69 9.24 18.68
C LEU A 102 8.80 10.43 18.33
N MET A 103 7.48 10.22 18.34
CA MET A 103 6.51 11.24 17.90
C MET A 103 6.79 12.65 18.48
N PRO A 104 6.93 12.80 19.81
CA PRO A 104 7.16 14.12 20.43
C PRO A 104 8.45 14.78 19.96
N ARG A 105 9.41 13.96 19.53
CA ARG A 105 10.69 14.47 19.08
C ARG A 105 10.57 15.13 17.71
N PHE A 106 9.54 14.76 16.96
CA PHE A 106 9.30 15.35 15.64
C PHE A 106 8.84 16.80 15.79
N GLU A 107 8.05 17.05 16.83
CA GLU A 107 7.62 18.39 17.16
C GLU A 107 8.84 19.28 17.42
N GLU A 108 9.84 18.69 18.06
CA GLU A 108 11.10 19.36 18.33
C GLU A 108 11.92 19.52 17.05
N ALA A 109 12.02 18.44 16.29
CA ALA A 109 12.82 18.41 15.07
C ALA A 109 12.31 19.41 14.04
N CYS A 110 11.06 19.78 14.13
CA CYS A 110 10.48 20.74 13.21
C CYS A 110 10.96 22.15 13.56
N GLY A 111 11.05 22.43 14.86
CA GLY A 111 11.48 23.74 15.32
C GLY A 111 12.98 23.84 15.53
N ARG A 112 13.74 22.92 14.93
CA ARG A 112 15.19 22.96 15.02
C ARG A 112 15.75 24.25 14.45
N THR A 113 16.86 24.70 15.02
CA THR A 113 17.47 25.96 14.65
C THR A 113 17.99 25.98 13.21
N THR A 114 18.18 24.81 12.62
CA THR A 114 18.71 24.73 11.26
C THR A 114 18.12 23.54 10.50
N GLU A 115 18.02 23.67 9.17
CA GLU A 115 17.57 22.58 8.30
C GLU A 115 18.31 21.28 8.62
N THR A 116 19.60 21.39 8.86
CA THR A 116 20.42 20.23 9.11
C THR A 116 19.92 19.50 10.35
N GLU A 117 19.72 20.26 11.43
CA GLU A 117 19.29 19.71 12.71
C GLU A 117 17.99 18.94 12.55
N LYS A 118 17.08 19.50 11.77
CA LYS A 118 15.77 18.91 11.57
C LYS A 118 15.92 17.54 10.94
N VAL A 119 16.54 17.50 9.77
CA VAL A 119 16.76 16.25 9.07
C VAL A 119 17.57 15.24 9.90
N GLN A 120 18.61 15.73 10.59
CA GLN A 120 19.39 14.86 11.48
C GLN A 120 18.56 14.27 12.61
N GLU A 121 17.72 15.10 13.23
CA GLU A 121 16.86 14.63 14.31
C GLU A 121 15.89 13.57 13.77
N PHE A 122 15.26 13.87 12.63
CA PHE A 122 14.41 12.91 11.93
C PHE A 122 15.13 11.58 11.72
N GLN A 123 16.37 11.68 11.25
CA GLN A 123 17.21 10.50 11.06
C GLN A 123 17.26 9.68 12.33
N ARG A 124 17.63 10.30 13.44
CA ARG A 124 17.70 9.62 14.74
C ARG A 124 16.37 8.95 15.07
N LEU A 125 15.29 9.69 14.94
CA LEU A 125 13.96 9.17 15.25
C LEU A 125 13.66 7.93 14.41
N LEU A 126 13.96 8.02 13.12
CA LEU A 126 13.77 6.90 12.19
C LEU A 126 14.66 5.70 12.53
N LYS A 127 15.81 5.94 13.13
CA LYS A 127 16.68 4.83 13.56
C LYS A 127 15.98 4.04 14.64
N GLU A 128 15.41 4.77 15.58
CA GLU A 128 14.65 4.22 16.70
C GLU A 128 13.35 3.53 16.25
N LEU A 129 13.14 3.40 14.94
CA LEU A 129 11.91 2.79 14.44
C LEU A 129 12.11 1.31 14.18
N PRO A 130 11.04 0.52 14.33
CA PRO A 130 11.03 -0.89 13.95
C PRO A 130 11.25 -1.07 12.44
N GLU A 131 11.65 -2.26 12.05
CA GLU A 131 11.98 -2.58 10.67
C GLU A 131 10.85 -2.19 9.72
N CYS A 132 9.68 -2.79 9.92
CA CYS A 132 8.51 -2.51 9.09
C CYS A 132 8.16 -1.03 9.07
N ASN A 133 8.26 -0.39 10.23
CA ASN A 133 7.89 1.02 10.35
C ASN A 133 8.82 1.90 9.52
N TYR A 134 10.10 1.57 9.53
CA TYR A 134 11.10 2.31 8.77
C TYR A 134 10.77 2.29 7.27
N LEU A 135 10.45 1.12 6.76
CA LEU A 135 10.14 0.99 5.35
C LEU A 135 8.78 1.61 5.03
N LEU A 136 7.83 1.42 5.94
CA LEU A 136 6.48 1.97 5.79
C LEU A 136 6.56 3.50 5.74
N ILE A 137 7.20 4.11 6.75
CA ILE A 137 7.31 5.56 6.82
C ILE A 137 7.89 6.16 5.53
N SER A 138 8.90 5.52 4.96
CA SER A 138 9.43 5.96 3.67
C SER A 138 8.33 5.91 2.62
N TRP A 139 7.73 4.74 2.50
CA TRP A 139 6.72 4.47 1.49
C TRP A 139 5.53 5.43 1.56
N LEU A 140 5.00 5.63 2.75
CA LEU A 140 3.86 6.54 2.93
C LEU A 140 4.20 7.93 2.42
N ILE A 141 5.36 8.42 2.81
CA ILE A 141 5.74 9.79 2.54
C ILE A 141 6.19 9.98 1.09
N VAL A 142 6.99 9.05 0.59
CA VAL A 142 7.48 9.12 -0.78
C VAL A 142 6.34 8.95 -1.80
N HIS A 143 5.34 8.14 -1.45
CA HIS A 143 4.18 7.99 -2.32
C HIS A 143 3.41 9.29 -2.40
N MET A 144 3.28 9.97 -1.26
CA MET A 144 2.60 11.24 -1.23
C MET A 144 3.41 12.31 -1.95
N ASP A 145 4.70 12.07 -2.08
CA ASP A 145 5.59 12.98 -2.79
C ASP A 145 5.21 13.01 -4.26
N HIS A 146 4.97 11.82 -4.80
CA HIS A 146 4.49 11.68 -6.16
C HIS A 146 3.13 12.36 -6.30
N VAL A 147 2.33 12.28 -5.24
CA VAL A 147 1.04 12.93 -5.20
C VAL A 147 1.20 14.45 -5.27
N ILE A 148 2.23 14.97 -4.60
CA ILE A 148 2.48 16.42 -4.58
C ILE A 148 2.67 16.98 -6.00
N ALA A 149 3.42 16.26 -6.82
CA ALA A 149 3.59 16.67 -8.22
C ALA A 149 2.25 16.60 -8.97
N LYS A 150 1.48 15.60 -8.62
CA LYS A 150 0.15 15.45 -9.16
C LYS A 150 -0.75 16.58 -8.66
N GLU A 151 -0.55 16.99 -7.41
CA GLU A 151 -1.17 18.20 -6.88
C GLU A 151 -0.78 19.44 -7.67
N LEU A 152 0.41 19.41 -8.28
CA LEU A 152 0.86 20.54 -9.06
C LEU A 152 -0.05 20.72 -10.26
N GLU A 153 -0.55 19.61 -10.80
CA GLU A 153 -1.55 19.70 -11.86
C GLU A 153 -2.98 19.71 -11.30
N THR A 154 -3.26 18.87 -10.31
CA THR A 154 -4.59 18.80 -9.69
C THR A 154 -4.90 19.99 -8.78
N LYS A 155 -4.07 21.03 -8.87
CA LYS A 155 -4.31 22.32 -8.20
C LYS A 155 -4.08 22.24 -6.69
N MET A 156 -4.12 21.04 -6.13
CA MET A 156 -3.95 20.83 -4.69
C MET A 156 -2.53 21.19 -4.21
N ASN A 157 -2.30 21.08 -2.91
CA ASN A 157 -1.07 21.60 -2.32
C ASN A 157 -0.61 20.73 -1.16
N ILE A 158 0.69 20.77 -0.86
CA ILE A 158 1.28 19.98 0.22
C ILE A 158 0.51 20.16 1.52
N GLN A 159 0.04 21.38 1.77
CA GLN A 159 -0.75 21.67 2.96
C GLN A 159 -1.95 20.74 3.07
N ASN A 160 -2.58 20.44 1.94
CA ASN A 160 -3.74 19.56 1.92
C ASN A 160 -3.35 18.14 2.31
N ILE A 161 -2.32 17.62 1.66
CA ILE A 161 -1.84 16.27 1.96
C ILE A 161 -1.39 16.18 3.41
N SER A 162 -0.79 17.25 3.92
CA SER A 162 -0.39 17.30 5.32
C SER A 162 -1.61 17.13 6.23
N ILE A 163 -2.74 17.69 5.82
CA ILE A 163 -3.98 17.58 6.58
C ILE A 163 -4.50 16.15 6.54
N VAL A 164 -4.42 15.54 5.37
CA VAL A 164 -4.99 14.22 5.16
C VAL A 164 -4.10 13.11 5.74
N LEU A 165 -2.82 13.42 5.95
CA LEU A 165 -1.91 12.46 6.56
C LEU A 165 -1.98 12.55 8.08
N SER A 166 -2.42 13.70 8.58
CA SER A 166 -2.53 13.91 10.02
C SER A 166 -3.24 12.76 10.77
N PRO A 167 -4.39 12.23 10.28
CA PRO A 167 -5.05 11.07 10.91
C PRO A 167 -4.17 9.83 11.02
N THR A 168 -3.31 9.63 10.04
CA THR A 168 -2.43 8.46 9.99
C THR A 168 -1.17 8.69 10.82
N VAL A 169 -0.50 9.78 10.50
CA VAL A 169 0.79 10.07 11.10
C VAL A 169 0.60 10.57 12.53
N GLN A 170 -0.51 11.30 12.73
CA GLN A 170 -0.97 11.67 14.07
C GLN A 170 -0.04 12.72 14.66
N ILE A 171 0.39 13.62 13.78
CA ILE A 171 1.33 14.68 14.12
C ILE A 171 0.84 15.99 13.50
N SER A 172 1.21 17.12 14.10
CA SER A 172 0.87 18.44 13.59
C SER A 172 1.09 18.56 12.07
N ASN A 173 0.21 19.35 11.44
CA ASN A 173 0.17 19.52 9.98
C ASN A 173 1.54 19.89 9.40
N ARG A 174 2.17 20.89 10.01
CA ARG A 174 3.41 21.48 9.50
C ARG A 174 4.51 20.44 9.32
N VAL A 175 4.48 19.39 10.14
CA VAL A 175 5.53 18.39 10.14
C VAL A 175 5.54 17.58 8.84
N LEU A 176 4.38 17.39 8.22
CA LEU A 176 4.28 16.58 7.00
C LEU A 176 5.01 17.27 5.83
N TYR A 177 4.76 18.56 5.67
CA TYR A 177 5.54 19.40 4.74
C TYR A 177 7.04 19.13 4.88
N VAL A 178 7.55 19.18 6.10
CA VAL A 178 8.96 18.90 6.33
C VAL A 178 9.25 17.41 6.18
N PHE A 179 8.24 16.57 6.41
CA PHE A 179 8.39 15.13 6.24
C PHE A 179 8.82 14.80 4.81
N PHE A 180 8.16 15.39 3.81
CA PHE A 180 8.50 15.11 2.42
C PHE A 180 9.87 15.68 2.09
N THR A 181 10.00 16.99 2.23
CA THR A 181 11.32 17.65 2.09
C THR A 181 12.44 16.80 2.71
N HIS A 182 12.23 16.31 3.93
CA HIS A 182 13.25 15.52 4.62
C HIS A 182 13.33 14.10 4.07
N VAL A 183 12.17 13.51 3.77
CA VAL A 183 12.13 12.13 3.28
C VAL A 183 12.94 11.97 2.00
N GLN A 184 13.01 13.01 1.19
CA GLN A 184 13.83 12.97 -0.01
C GLN A 184 15.31 13.15 0.33
N GLU A 185 15.61 14.04 1.28
CA GLU A 185 17.00 14.21 1.71
C GLU A 185 17.53 12.95 2.41
N LEU A 186 16.69 12.35 3.25
CA LEU A 186 17.09 11.19 4.05
C LEU A 186 17.16 9.93 3.21
N PHE A 187 16.14 9.68 2.37
CA PHE A 187 16.12 8.48 1.54
C PHE A 187 16.50 8.81 0.12
N GLY A 188 15.52 9.17 -0.68
CA GLY A 188 15.77 9.39 -2.08
C GLY A 188 15.89 8.09 -2.84
N ASN A 189 15.09 7.97 -3.89
CA ASN A 189 15.17 6.88 -4.88
C ASN A 189 14.25 5.74 -4.47
N VAL A 190 13.70 5.89 -3.28
CA VAL A 190 12.65 5.04 -2.76
C VAL A 190 11.59 4.80 -3.82
N VAL A 191 11.24 3.55 -4.00
CA VAL A 191 10.40 3.16 -5.11
C VAL A 191 9.22 2.32 -4.63
N LEU A 192 8.04 2.65 -5.12
CA LEU A 192 6.83 1.95 -4.72
C LEU A 192 6.64 0.72 -5.59
N LYS A 193 7.02 -0.44 -5.05
CA LYS A 193 6.83 -1.72 -5.72
C LYS A 193 5.34 -1.96 -5.99
N GLN A 194 4.94 -1.81 -7.24
CA GLN A 194 3.53 -1.91 -7.60
C GLN A 194 3.08 -3.37 -7.72
N VAL A 195 1.77 -3.58 -7.62
CA VAL A 195 1.18 -4.90 -7.58
C VAL A 195 0.35 -5.18 -8.84
N MET A 196 0.21 -6.45 -9.17
CA MET A 196 -0.64 -6.86 -10.30
C MET A 196 -2.10 -6.50 -10.01
N LYS A 197 -2.87 -6.30 -11.06
CA LYS A 197 -4.27 -5.95 -10.87
C LYS A 197 -5.17 -7.19 -10.97
N PRO A 198 -6.11 -7.34 -10.04
CA PRO A 198 -7.11 -8.40 -10.10
C PRO A 198 -8.23 -8.04 -11.07
N LEU A 199 -8.85 -9.04 -11.67
CA LEU A 199 -9.95 -8.80 -12.59
C LEU A 199 -11.22 -9.46 -12.10
N ARG A 200 -12.36 -8.98 -12.57
CA ARG A 200 -13.66 -9.57 -12.23
C ARG A 200 -13.92 -10.82 -13.05
N TRP A 201 -12.92 -11.23 -13.83
CA TRP A 201 -13.01 -12.42 -14.65
C TRP A 201 -12.90 -13.66 -13.75
N SER A 202 -13.78 -14.63 -13.99
CA SER A 202 -13.82 -15.84 -13.19
C SER A 202 -12.66 -16.78 -13.51
N ASN A 203 -11.63 -16.26 -14.18
CA ASN A 203 -10.37 -16.98 -14.40
C ASN A 203 -10.43 -17.96 -15.59
N MET A 204 -11.62 -18.22 -16.12
CA MET A 204 -11.75 -19.04 -17.32
C MET A 204 -13.14 -18.88 -17.92
N ALA A 205 -13.41 -19.64 -18.98
CA ALA A 205 -14.73 -19.65 -19.65
C ALA A 205 -14.95 -18.35 -20.43
N THR A 206 -13.88 -17.59 -20.60
CA THR A 206 -13.90 -16.34 -21.37
C THR A 206 -12.47 -16.05 -21.82
N MET A 207 -12.22 -14.88 -22.40
CA MET A 207 -10.88 -14.53 -22.84
C MET A 207 -10.73 -13.01 -22.97
N PRO A 208 -11.61 -12.31 -23.73
CA PRO A 208 -11.55 -10.85 -23.86
C PRO A 208 -11.74 -10.14 -22.53
N THR A 209 -10.62 -9.74 -21.91
CA THR A 209 -10.65 -9.09 -20.61
C THR A 209 -9.22 -8.74 -20.19
N LEU A 210 -8.28 -9.59 -20.58
CA LEU A 210 -6.87 -9.33 -20.33
C LEU A 210 -6.41 -8.15 -21.18
N PRO A 211 -5.39 -7.41 -20.72
CA PRO A 211 -4.92 -6.20 -21.41
C PRO A 211 -4.55 -6.45 -22.87
N GLU A 212 -4.92 -5.53 -23.74
CA GLU A 212 -4.57 -5.61 -25.15
C GLU A 212 -3.30 -4.83 -25.44
N THR A 213 -2.73 -4.25 -24.40
CA THR A 213 -1.52 -3.45 -24.55
C THR A 213 -0.28 -4.31 -24.30
N GLN A 214 0.74 -4.11 -25.11
CA GLN A 214 1.96 -4.90 -25.02
C GLN A 214 2.73 -4.56 -23.75
N ALA A 215 2.84 -3.27 -23.46
CA ALA A 215 3.53 -2.82 -22.26
C ALA A 215 2.78 -3.30 -21.01
N GLY A 216 1.47 -3.41 -21.15
CA GLY A 216 0.62 -3.85 -20.06
C GLY A 216 0.86 -5.31 -19.71
N ILE A 217 0.90 -6.16 -20.73
CA ILE A 217 1.06 -7.58 -20.54
C ILE A 217 2.48 -7.90 -20.09
N LYS A 218 3.46 -7.25 -20.75
CA LYS A 218 4.87 -7.48 -20.47
C LYS A 218 5.17 -7.31 -18.97
N GLU A 219 4.77 -6.16 -18.42
CA GLU A 219 5.06 -5.87 -17.02
C GLU A 219 4.29 -6.79 -16.07
N GLU A 220 3.03 -7.04 -16.36
CA GLU A 220 2.22 -7.86 -15.46
C GLU A 220 2.66 -9.31 -15.49
N ILE A 221 3.12 -9.79 -16.64
CA ILE A 221 3.68 -11.13 -16.73
C ILE A 221 4.86 -11.28 -15.78
N ARG A 222 5.71 -10.25 -15.76
CA ARG A 222 6.81 -10.20 -14.81
C ARG A 222 6.29 -10.39 -13.39
N ARG A 223 5.26 -9.61 -13.06
CA ARG A 223 4.67 -9.63 -11.73
C ARG A 223 4.09 -11.01 -11.42
N GLN A 224 3.46 -11.61 -12.42
CA GLN A 224 2.80 -12.91 -12.29
C GLN A 224 3.81 -14.03 -12.07
N GLU A 225 4.93 -13.98 -12.77
CA GLU A 225 5.95 -15.02 -12.63
C GLU A 225 6.63 -14.94 -11.26
N PHE A 226 6.61 -13.75 -10.66
CA PHE A 226 7.08 -13.59 -9.29
C PHE A 226 6.13 -14.28 -8.32
N LEU A 227 4.85 -14.10 -8.54
CA LEU A 227 3.84 -14.77 -7.73
C LEU A 227 3.88 -16.27 -8.01
N LEU A 228 4.25 -16.60 -9.24
CA LEU A 228 4.27 -17.98 -9.69
C LEU A 228 5.33 -18.77 -8.94
N ASN A 229 6.57 -18.31 -9.01
CA ASN A 229 7.71 -19.04 -8.47
C ASN A 229 7.66 -19.09 -6.95
N CYS A 230 7.18 -18.02 -6.33
CA CYS A 230 7.12 -17.94 -4.88
C CYS A 230 6.18 -19.01 -4.32
N LEU A 231 4.96 -19.05 -4.85
CA LEU A 231 3.96 -20.00 -4.38
C LEU A 231 4.32 -21.41 -4.81
N HIS A 232 4.76 -21.54 -6.06
CA HIS A 232 5.20 -22.82 -6.62
C HIS A 232 6.26 -23.47 -5.74
N ARG A 233 7.27 -22.69 -5.36
CA ARG A 233 8.37 -23.18 -4.55
C ARG A 233 7.94 -23.40 -3.09
N ASP A 234 7.03 -22.56 -2.62
CA ASP A 234 6.63 -22.57 -1.21
C ASP A 234 6.00 -23.90 -0.81
N LEU A 235 5.35 -24.56 -1.77
CA LEU A 235 4.73 -25.86 -1.53
C LEU A 235 5.74 -26.89 -1.06
N GLN A 236 6.99 -26.69 -1.42
CA GLN A 236 8.05 -27.64 -1.07
C GLN A 236 8.43 -27.52 0.40
N GLY A 237 7.82 -26.56 1.09
CA GLY A 237 8.04 -26.41 2.51
C GLY A 237 7.15 -27.32 3.33
N GLY A 238 6.85 -28.48 2.77
CA GLY A 238 5.98 -29.44 3.44
C GLY A 238 4.54 -28.98 3.45
N ILE A 239 4.10 -28.38 2.35
CA ILE A 239 2.77 -27.83 2.26
C ILE A 239 1.91 -28.61 1.25
N LYS A 240 0.76 -29.07 1.72
CA LYS A 240 -0.19 -29.74 0.85
C LYS A 240 -1.61 -29.33 1.21
N ASP A 241 -2.07 -28.25 0.61
CA ASP A 241 -3.42 -27.75 0.85
C ASP A 241 -4.04 -27.35 -0.48
N LEU A 242 -5.36 -27.48 -0.57
CA LEU A 242 -6.05 -27.19 -1.82
C LEU A 242 -6.01 -25.70 -2.10
N SER A 243 -6.28 -24.91 -1.07
CA SER A 243 -6.22 -23.45 -1.17
C SER A 243 -4.92 -23.00 -1.84
N LYS A 244 -3.80 -23.61 -1.45
CA LYS A 244 -2.50 -23.25 -2.01
C LYS A 244 -2.43 -23.67 -3.49
N GLU A 245 -2.80 -24.92 -3.75
CA GLU A 245 -2.71 -25.50 -5.08
C GLU A 245 -3.68 -24.82 -6.04
N GLU A 246 -4.94 -24.70 -5.64
CA GLU A 246 -5.95 -24.04 -6.46
C GLU A 246 -5.48 -22.66 -6.93
N ARG A 247 -4.82 -21.90 -6.04
CA ARG A 247 -4.30 -20.59 -6.43
C ARG A 247 -3.11 -20.75 -7.37
N LEU A 248 -2.41 -21.87 -7.27
CA LEU A 248 -1.27 -22.14 -8.13
C LEU A 248 -1.70 -22.39 -9.57
N TRP A 249 -2.77 -23.16 -9.77
CA TRP A 249 -3.29 -23.39 -11.13
C TRP A 249 -3.86 -22.10 -11.65
N GLU A 250 -4.39 -21.34 -10.71
CA GLU A 250 -5.05 -20.08 -11.01
C GLU A 250 -4.07 -19.09 -11.66
N VAL A 251 -2.92 -18.87 -11.02
CA VAL A 251 -1.89 -17.99 -11.59
C VAL A 251 -1.36 -18.55 -12.92
N GLN A 252 -1.13 -19.86 -12.95
CA GLN A 252 -0.65 -20.54 -14.16
C GLN A 252 -1.60 -20.33 -15.34
N ARG A 253 -2.89 -20.55 -15.13
CA ARG A 253 -3.88 -20.40 -16.19
C ARG A 253 -3.93 -18.96 -16.71
N ILE A 254 -3.72 -18.01 -15.79
CA ILE A 254 -3.75 -16.60 -16.15
C ILE A 254 -2.47 -16.24 -16.90
N LEU A 255 -1.33 -16.65 -16.33
CA LEU A 255 -0.04 -16.39 -16.93
C LEU A 255 0.07 -17.02 -18.31
N THR A 256 -0.51 -18.20 -18.47
CA THR A 256 -0.52 -18.89 -19.75
C THR A 256 -1.23 -18.03 -20.81
N ALA A 257 -2.41 -17.52 -20.46
CA ALA A 257 -3.14 -16.62 -21.33
C ALA A 257 -2.30 -15.38 -21.64
N LEU A 258 -1.67 -14.83 -20.61
CA LEU A 258 -0.81 -13.65 -20.76
C LEU A 258 0.35 -13.91 -21.71
N LYS A 259 1.04 -15.04 -21.53
CA LYS A 259 2.15 -15.42 -22.39
C LYS A 259 1.72 -15.46 -23.85
N ARG A 260 0.50 -15.96 -24.08
CA ARG A 260 -0.06 -16.02 -25.41
C ARG A 260 -0.39 -14.62 -25.94
N LYS A 261 -1.06 -13.81 -25.12
CA LYS A 261 -1.44 -12.47 -25.51
C LYS A 261 -0.22 -11.56 -25.71
N LEU A 262 0.86 -11.85 -25.02
CA LEU A 262 2.10 -11.08 -25.20
C LEU A 262 2.64 -11.32 -26.61
N ARG A 263 2.39 -12.50 -27.15
CA ARG A 263 2.77 -12.80 -28.52
C ARG A 263 1.58 -12.62 -29.44
N GLU A 264 0.54 -12.02 -28.90
CA GLU A 264 -0.68 -11.75 -29.63
C GLU A 264 -0.71 -10.30 -30.07
N ALA A 265 0.09 -9.48 -29.40
CA ALA A 265 0.17 -8.06 -29.70
C ALA A 265 1.38 -7.76 -30.59
N HIS A 1 -17.18 -11.22 23.87
CA HIS A 1 -16.37 -12.02 22.93
C HIS A 1 -16.26 -11.34 21.57
N MET A 2 -15.05 -11.24 21.06
CA MET A 2 -14.79 -10.52 19.81
C MET A 2 -14.69 -11.49 18.64
N PRO A 3 -15.29 -11.14 17.50
CA PRO A 3 -15.23 -11.94 16.27
C PRO A 3 -13.85 -11.88 15.59
N ASN A 4 -13.32 -13.05 15.25
CA ASN A 4 -11.98 -13.21 14.64
C ASN A 4 -10.87 -12.85 15.64
N LEU A 5 -9.78 -13.61 15.59
CA LEU A 5 -8.68 -13.42 16.52
C LEU A 5 -7.77 -12.27 16.07
N LYS A 6 -7.95 -11.11 16.71
CA LYS A 6 -7.17 -9.91 16.40
C LYS A 6 -7.37 -9.47 14.95
N PRO A 7 -8.47 -8.76 14.66
CA PRO A 7 -8.77 -8.27 13.31
C PRO A 7 -7.82 -7.15 12.89
N ILE A 8 -7.49 -7.11 11.59
CA ILE A 8 -6.66 -6.04 11.00
C ILE A 8 -6.82 -4.68 11.68
N PHE A 9 -8.07 -4.24 11.87
CA PHE A 9 -8.31 -2.96 12.52
C PHE A 9 -8.08 -3.04 14.03
N GLY A 10 -6.81 -3.08 14.41
CA GLY A 10 -6.45 -3.08 15.81
C GLY A 10 -5.33 -4.04 16.13
N ILE A 11 -4.30 -4.06 15.30
CA ILE A 11 -3.17 -4.97 15.50
C ILE A 11 -1.84 -4.30 15.12
N PRO A 12 -0.71 -4.89 15.52
CA PRO A 12 0.62 -4.42 15.09
C PRO A 12 0.82 -4.61 13.59
N LEU A 13 1.76 -3.85 13.01
CA LEU A 13 1.99 -3.87 11.58
C LEU A 13 2.40 -5.25 11.07
N ALA A 14 3.43 -5.85 11.66
CA ALA A 14 3.89 -7.19 11.28
C ALA A 14 2.74 -8.20 11.23
N ASP A 15 1.94 -8.20 12.29
CA ASP A 15 0.76 -9.06 12.36
C ASP A 15 -0.16 -8.86 11.15
N ALA A 16 -0.41 -7.60 10.81
CA ALA A 16 -1.21 -7.28 9.62
C ALA A 16 -0.52 -7.79 8.36
N VAL A 17 0.80 -7.66 8.33
CA VAL A 17 1.61 -8.10 7.18
C VAL A 17 1.46 -9.58 6.92
N GLU A 18 1.67 -10.37 7.96
CA GLU A 18 1.70 -11.82 7.85
C GLU A 18 0.32 -12.37 7.54
N ARG A 19 -0.71 -11.55 7.79
CA ARG A 19 -2.06 -11.90 7.38
C ARG A 19 -2.31 -11.49 5.92
N THR A 20 -1.87 -10.28 5.56
CA THR A 20 -2.15 -9.72 4.25
C THR A 20 -0.94 -9.75 3.32
N MET A 21 -0.18 -10.83 3.33
CA MET A 21 0.91 -10.98 2.37
C MET A 21 0.38 -11.03 0.92
N MET A 22 1.28 -11.10 -0.05
CA MET A 22 0.86 -10.96 -1.45
C MET A 22 1.96 -11.36 -2.43
N TYR A 23 3.05 -10.59 -2.47
CA TYR A 23 4.16 -10.92 -3.36
C TYR A 23 5.15 -11.86 -2.68
N ASP A 24 6.10 -11.25 -1.99
CA ASP A 24 7.25 -11.95 -1.42
C ASP A 24 7.26 -11.88 0.09
N GLY A 25 6.52 -10.91 0.63
CA GLY A 25 6.51 -10.70 2.06
C GLY A 25 7.60 -9.75 2.50
N ILE A 26 7.69 -8.61 1.85
CA ILE A 26 8.70 -7.59 2.15
C ILE A 26 8.41 -6.86 3.48
N ARG A 27 7.62 -7.50 4.33
CA ARG A 27 7.18 -6.92 5.60
C ARG A 27 6.42 -5.61 5.35
N LEU A 28 5.21 -5.75 4.81
CA LEU A 28 4.37 -4.63 4.45
C LEU A 28 3.01 -5.18 3.99
N PRO A 29 1.91 -4.76 4.63
CA PRO A 29 0.57 -5.31 4.34
C PRO A 29 0.15 -5.11 2.89
N ALA A 30 -0.71 -5.98 2.39
CA ALA A 30 -1.17 -5.89 1.01
C ALA A 30 -2.04 -4.67 0.84
N VAL A 31 -2.99 -4.52 1.76
CA VAL A 31 -3.93 -3.42 1.75
C VAL A 31 -3.24 -2.06 1.55
N PHE A 32 -2.14 -1.82 2.27
CA PHE A 32 -1.40 -0.58 2.10
C PHE A 32 -0.92 -0.44 0.65
N ARG A 33 -0.40 -1.51 0.11
CA ARG A 33 0.15 -1.50 -1.23
C ARG A 33 -0.96 -1.45 -2.26
N GLU A 34 -2.07 -2.10 -1.98
CA GLU A 34 -3.25 -2.05 -2.85
C GLU A 34 -3.77 -0.63 -2.98
N CYS A 35 -3.62 0.16 -1.92
CA CYS A 35 -4.11 1.54 -1.92
C CYS A 35 -3.09 2.44 -2.62
N ILE A 36 -1.81 2.17 -2.38
CA ILE A 36 -0.73 2.89 -3.02
C ILE A 36 -0.69 2.56 -4.51
N ASP A 37 -1.00 1.32 -4.84
CA ASP A 37 -0.97 0.83 -6.21
C ASP A 37 -2.03 1.55 -7.05
N TYR A 38 -3.25 1.58 -6.55
CA TYR A 38 -4.35 2.26 -7.25
C TYR A 38 -4.02 3.72 -7.52
N VAL A 39 -3.53 4.41 -6.49
CA VAL A 39 -3.18 5.81 -6.61
C VAL A 39 -2.02 6.01 -7.58
N GLU A 40 -1.00 5.16 -7.49
CA GLU A 40 0.18 5.28 -8.32
C GLU A 40 -0.15 5.03 -9.80
N LYS A 41 -1.18 4.24 -10.04
CA LYS A 41 -1.59 3.88 -11.39
C LYS A 41 -2.60 4.87 -11.97
N TYR A 42 -3.71 5.07 -11.26
CA TYR A 42 -4.85 5.76 -11.85
C TYR A 42 -5.29 6.97 -11.02
N GLY A 43 -4.78 7.08 -9.79
CA GLY A 43 -5.19 8.16 -8.92
C GLY A 43 -4.02 9.07 -8.59
N MET A 44 -3.23 9.37 -9.61
CA MET A 44 -1.96 10.06 -9.40
C MET A 44 -2.13 11.57 -9.57
N LYS A 45 -2.81 11.96 -10.64
CA LYS A 45 -2.93 13.35 -11.03
C LYS A 45 -4.40 13.76 -11.01
N CYS A 46 -5.11 13.25 -10.02
CA CYS A 46 -6.51 13.54 -9.85
C CYS A 46 -6.69 14.67 -8.86
N GLU A 47 -7.68 15.53 -9.08
CA GLU A 47 -7.97 16.59 -8.14
C GLU A 47 -8.92 16.02 -7.10
N GLY A 48 -9.05 16.68 -5.95
CA GLY A 48 -9.83 16.13 -4.86
C GLY A 48 -9.16 14.95 -4.19
N ILE A 49 -8.03 14.51 -4.74
CA ILE A 49 -7.26 13.41 -4.20
C ILE A 49 -6.98 13.60 -2.70
N TYR A 50 -7.61 12.76 -1.88
CA TYR A 50 -7.46 12.78 -0.41
C TYR A 50 -8.28 13.90 0.22
N ARG A 51 -8.31 15.05 -0.43
CA ARG A 51 -9.09 16.20 0.05
C ARG A 51 -10.60 15.89 0.06
N VAL A 52 -11.04 15.07 -0.86
CA VAL A 52 -12.46 14.71 -0.95
C VAL A 52 -12.74 13.41 -0.19
N SER A 53 -13.94 13.32 0.36
CA SER A 53 -14.37 12.14 1.09
C SER A 53 -15.78 11.77 0.67
N GLY A 54 -15.91 10.71 -0.12
CA GLY A 54 -17.20 10.35 -0.68
C GLY A 54 -17.90 9.26 0.10
N ILE A 55 -18.11 8.12 -0.54
CA ILE A 55 -18.89 7.04 0.05
C ILE A 55 -18.07 6.25 1.08
N LYS A 56 -18.35 6.49 2.35
CA LYS A 56 -17.75 5.71 3.43
C LYS A 56 -18.30 4.29 3.42
N SER A 57 -19.53 4.14 2.95
CA SER A 57 -20.22 2.85 2.95
C SER A 57 -19.42 1.77 2.23
N LYS A 58 -18.53 2.16 1.30
CA LYS A 58 -17.72 1.18 0.60
C LYS A 58 -16.48 0.80 1.41
N VAL A 59 -16.02 1.71 2.26
CA VAL A 59 -14.87 1.45 3.11
C VAL A 59 -15.19 0.32 4.07
N ASP A 60 -16.41 0.36 4.61
CA ASP A 60 -16.89 -0.68 5.52
C ASP A 60 -16.97 -2.03 4.80
N GLU A 61 -17.22 -1.96 3.49
CA GLU A 61 -17.26 -3.17 2.65
C GLU A 61 -15.84 -3.72 2.50
N LEU A 62 -14.93 -2.84 2.14
CA LEU A 62 -13.52 -3.20 1.92
C LEU A 62 -12.87 -3.74 3.19
N LYS A 63 -13.02 -3.01 4.28
CA LYS A 63 -12.37 -3.39 5.53
C LYS A 63 -12.87 -4.76 5.99
N ALA A 64 -14.17 -4.99 5.78
CA ALA A 64 -14.78 -6.27 6.11
C ALA A 64 -14.26 -7.37 5.20
N ALA A 65 -13.94 -7.00 3.97
CA ALA A 65 -13.40 -7.94 3.00
C ALA A 65 -11.95 -8.30 3.33
N TYR A 66 -11.14 -7.29 3.61
CA TYR A 66 -9.70 -7.48 3.83
C TYR A 66 -9.41 -8.42 5.00
N ASP A 67 -10.11 -8.23 6.10
CA ASP A 67 -9.82 -9.02 7.30
C ASP A 67 -10.33 -10.46 7.15
N ARG A 68 -11.23 -10.70 6.20
CA ARG A 68 -11.80 -12.03 6.03
C ARG A 68 -11.19 -12.78 4.84
N GLU A 69 -10.11 -12.23 4.27
CA GLU A 69 -9.47 -12.83 3.09
C GLU A 69 -10.47 -12.87 1.93
N GLU A 70 -11.02 -11.71 1.63
CA GLU A 70 -12.00 -11.56 0.59
C GLU A 70 -11.42 -10.76 -0.55
N SER A 71 -11.82 -11.07 -1.77
CA SER A 71 -11.24 -10.46 -2.95
C SER A 71 -11.59 -8.99 -3.08
N THR A 72 -10.57 -8.14 -3.09
CA THR A 72 -10.75 -6.71 -3.21
C THR A 72 -10.19 -6.21 -4.54
N ASN A 73 -10.97 -5.39 -5.22
CA ASN A 73 -10.52 -4.77 -6.45
C ASN A 73 -10.64 -3.26 -6.37
N LEU A 74 -9.50 -2.60 -6.26
CA LEU A 74 -9.47 -1.16 -6.05
C LEU A 74 -9.75 -0.38 -7.33
N GLU A 75 -9.72 -1.09 -8.46
CA GLU A 75 -9.78 -0.46 -9.77
C GLU A 75 -11.18 0.12 -10.00
N ASP A 76 -12.17 -0.46 -9.34
CA ASP A 76 -13.56 -0.09 -9.55
C ASP A 76 -14.03 0.91 -8.49
N TYR A 77 -13.19 1.16 -7.50
CA TYR A 77 -13.57 2.01 -6.38
C TYR A 77 -13.07 3.45 -6.55
N GLU A 78 -13.52 4.33 -5.69
CA GLU A 78 -13.11 5.73 -5.70
C GLU A 78 -11.74 5.89 -5.06
N PRO A 79 -10.94 6.87 -5.50
CA PRO A 79 -9.67 7.19 -4.88
C PRO A 79 -9.83 7.55 -3.39
N ASN A 80 -10.81 8.40 -3.09
CA ASN A 80 -11.12 8.76 -1.70
C ASN A 80 -11.48 7.53 -0.87
N THR A 81 -12.18 6.58 -1.48
CA THR A 81 -12.59 5.37 -0.78
C THR A 81 -11.36 4.54 -0.41
N VAL A 82 -10.47 4.37 -1.38
CA VAL A 82 -9.24 3.63 -1.17
C VAL A 82 -8.35 4.35 -0.15
N ALA A 83 -8.28 5.67 -0.29
CA ALA A 83 -7.46 6.52 0.60
C ALA A 83 -7.92 6.45 2.05
N SER A 84 -9.21 6.28 2.25
CA SER A 84 -9.78 6.35 3.59
C SER A 84 -9.72 4.99 4.24
N LEU A 85 -9.88 3.96 3.42
CA LEU A 85 -9.66 2.60 3.85
C LEU A 85 -8.20 2.45 4.29
N LEU A 86 -7.31 3.06 3.51
CA LEU A 86 -5.88 3.05 3.79
C LEU A 86 -5.58 3.73 5.12
N LYS A 87 -6.03 4.96 5.27
CA LYS A 87 -5.73 5.73 6.47
C LYS A 87 -6.41 5.13 7.69
N GLN A 88 -7.59 4.53 7.51
CA GLN A 88 -8.33 3.96 8.62
C GLN A 88 -7.71 2.66 9.12
N TYR A 89 -7.52 1.71 8.21
CA TYR A 89 -6.80 0.49 8.54
C TYR A 89 -5.47 0.81 9.23
N LEU A 90 -4.90 1.96 8.92
CA LEU A 90 -3.67 2.42 9.56
C LEU A 90 -3.93 2.94 10.98
N ARG A 91 -4.91 3.83 11.10
CA ARG A 91 -5.16 4.53 12.36
C ARG A 91 -5.48 3.60 13.52
N ASP A 92 -6.47 2.72 13.38
CA ASP A 92 -6.92 1.87 14.50
C ASP A 92 -5.90 0.85 14.94
N LEU A 93 -4.69 0.92 14.40
CA LEU A 93 -3.61 0.09 14.87
C LEU A 93 -3.04 0.67 16.17
N PRO A 94 -2.99 -0.13 17.24
CA PRO A 94 -2.50 0.32 18.55
C PRO A 94 -1.01 0.65 18.53
N GLU A 95 -0.36 0.25 17.45
CA GLU A 95 1.05 0.53 17.26
C GLU A 95 1.21 1.59 16.18
N ASN A 96 1.85 2.68 16.54
CA ASN A 96 2.04 3.79 15.62
C ASN A 96 3.18 3.51 14.66
N LEU A 97 3.25 4.29 13.59
CA LEU A 97 4.31 4.16 12.61
C LEU A 97 5.63 4.60 13.25
N LEU A 98 5.58 5.74 13.93
CA LEU A 98 6.72 6.26 14.66
C LEU A 98 6.66 5.77 16.10
N THR A 99 5.70 4.88 16.34
CA THR A 99 5.41 4.35 17.68
C THR A 99 5.11 5.46 18.69
N LYS A 100 4.73 5.06 19.90
CA LYS A 100 4.57 6.01 20.99
C LYS A 100 5.93 6.55 21.36
N GLU A 101 6.90 5.66 21.26
CA GLU A 101 8.30 5.93 21.57
C GLU A 101 8.85 7.14 20.80
N LEU A 102 8.86 7.08 19.47
CA LEU A 102 9.56 8.10 18.69
C LEU A 102 8.67 9.31 18.39
N MET A 103 7.36 9.08 18.28
CA MET A 103 6.39 10.15 17.92
C MET A 103 6.66 11.50 18.60
N PRO A 104 6.75 11.57 19.95
CA PRO A 104 6.96 12.85 20.66
C PRO A 104 8.28 13.53 20.30
N ARG A 105 9.25 12.74 19.83
CA ARG A 105 10.55 13.27 19.47
C ARG A 105 10.48 14.04 18.16
N PHE A 106 9.46 13.74 17.36
CA PHE A 106 9.23 14.44 16.12
C PHE A 106 8.84 15.89 16.39
N GLU A 107 8.11 16.11 17.48
CA GLU A 107 7.76 17.46 17.90
C GLU A 107 9.04 18.27 18.18
N GLU A 108 9.97 17.63 18.89
CA GLU A 108 11.26 18.24 19.21
C GLU A 108 12.02 18.59 17.94
N ALA A 109 12.15 17.59 17.07
CA ALA A 109 12.83 17.74 15.80
C ALA A 109 12.10 18.70 14.85
N CYS A 110 10.83 18.96 15.13
CA CYS A 110 10.04 19.85 14.28
C CYS A 110 10.35 21.29 14.65
N GLY A 111 10.70 21.49 15.91
CA GLY A 111 11.09 22.80 16.38
C GLY A 111 12.58 23.02 16.28
N ARG A 112 13.26 22.20 15.49
CA ARG A 112 14.68 22.37 15.28
C ARG A 112 14.93 23.58 14.38
N THR A 113 15.95 24.34 14.72
CA THR A 113 16.26 25.59 14.03
C THR A 113 16.70 25.36 12.58
N THR A 114 17.12 24.13 12.26
CA THR A 114 17.64 23.83 10.93
C THR A 114 17.05 22.51 10.42
N GLU A 115 16.86 22.40 9.10
CA GLU A 115 16.34 21.18 8.50
C GLU A 115 17.29 20.02 8.79
N THR A 116 18.57 20.34 8.86
CA THR A 116 19.60 19.37 9.16
C THR A 116 19.41 18.78 10.57
N GLU A 117 19.16 19.66 11.54
CA GLU A 117 18.89 19.24 12.91
C GLU A 117 17.71 18.27 12.93
N LYS A 118 16.68 18.57 12.12
CA LYS A 118 15.49 17.76 12.05
C LYS A 118 15.84 16.37 11.51
N VAL A 119 16.34 16.34 10.28
CA VAL A 119 16.68 15.08 9.63
C VAL A 119 17.61 14.22 10.49
N GLN A 120 18.58 14.82 11.18
CA GLN A 120 19.42 14.07 12.13
C GLN A 120 18.57 13.31 13.16
N GLU A 121 17.63 14.01 13.80
CA GLU A 121 16.77 13.37 14.81
C GLU A 121 15.85 12.36 14.14
N PHE A 122 15.19 12.79 13.07
CA PHE A 122 14.33 11.91 12.27
C PHE A 122 15.07 10.65 11.85
N GLN A 123 16.37 10.81 11.60
CA GLN A 123 17.21 9.69 11.21
C GLN A 123 17.25 8.66 12.33
N ARG A 124 17.63 9.07 13.53
CA ARG A 124 17.73 8.13 14.64
C ARG A 124 16.36 7.58 14.99
N LEU A 125 15.34 8.42 14.89
CA LEU A 125 13.96 7.98 15.11
C LEU A 125 13.61 6.81 14.19
N LEU A 126 13.73 7.04 12.89
CA LEU A 126 13.44 6.02 11.89
C LEU A 126 14.26 4.73 12.08
N LYS A 127 15.45 4.84 12.66
CA LYS A 127 16.25 3.64 12.93
C LYS A 127 15.64 2.83 14.06
N GLU A 128 15.15 3.55 15.06
CA GLU A 128 14.48 2.96 16.21
C GLU A 128 13.08 2.45 15.87
N LEU A 129 12.80 2.24 14.59
CA LEU A 129 11.49 1.76 14.17
C LEU A 129 11.57 0.28 13.83
N PRO A 130 10.49 -0.47 14.07
CA PRO A 130 10.39 -1.86 13.63
C PRO A 130 10.46 -1.97 12.11
N GLU A 131 10.90 -3.12 11.61
CA GLU A 131 11.10 -3.34 10.19
C GLU A 131 9.89 -2.92 9.35
N CYS A 132 8.70 -3.36 9.73
CA CYS A 132 7.49 -3.06 9.00
C CYS A 132 7.16 -1.57 9.05
N ASN A 133 7.51 -0.92 10.16
CA ASN A 133 7.22 0.50 10.33
C ASN A 133 8.13 1.32 9.45
N TYR A 134 9.40 0.91 9.39
CA TYR A 134 10.39 1.61 8.60
C TYR A 134 10.02 1.60 7.12
N LEU A 135 9.55 0.47 6.64
CA LEU A 135 9.17 0.38 5.23
C LEU A 135 7.91 1.17 4.96
N LEU A 136 6.95 1.07 5.87
CA LEU A 136 5.67 1.77 5.71
C LEU A 136 5.89 3.28 5.74
N ILE A 137 6.71 3.75 6.69
CA ILE A 137 6.97 5.18 6.80
C ILE A 137 7.63 5.70 5.52
N SER A 138 8.55 4.90 4.97
CA SER A 138 9.16 5.22 3.69
C SER A 138 8.11 5.38 2.61
N TRP A 139 7.25 4.38 2.46
CA TRP A 139 6.31 4.34 1.35
C TRP A 139 5.19 5.36 1.52
N LEU A 140 4.64 5.44 2.72
CA LEU A 140 3.53 6.35 2.98
C LEU A 140 3.92 7.77 2.62
N ILE A 141 5.11 8.18 3.03
CA ILE A 141 5.55 9.53 2.83
C ILE A 141 6.07 9.75 1.40
N VAL A 142 6.91 8.83 0.91
CA VAL A 142 7.47 8.95 -0.44
C VAL A 142 6.37 8.87 -1.50
N HIS A 143 5.39 8.01 -1.28
CA HIS A 143 4.28 7.89 -2.21
C HIS A 143 3.41 9.15 -2.16
N MET A 144 3.27 9.72 -0.97
CA MET A 144 2.46 10.91 -0.82
C MET A 144 3.20 12.12 -1.37
N ASP A 145 4.52 12.01 -1.39
CA ASP A 145 5.39 13.01 -2.00
C ASP A 145 5.15 13.06 -3.50
N HIS A 146 4.95 11.89 -4.08
CA HIS A 146 4.70 11.78 -5.50
C HIS A 146 3.38 12.44 -5.86
N VAL A 147 2.40 12.32 -4.97
CA VAL A 147 1.14 13.04 -5.15
C VAL A 147 1.43 14.53 -5.14
N ILE A 148 2.33 14.97 -4.26
CA ILE A 148 2.68 16.39 -4.15
C ILE A 148 3.13 16.94 -5.50
N ALA A 149 3.91 16.16 -6.24
CA ALA A 149 4.34 16.57 -7.57
C ALA A 149 3.13 16.71 -8.49
N LYS A 150 2.18 15.82 -8.32
CA LYS A 150 0.97 15.85 -9.12
C LYS A 150 0.02 16.93 -8.60
N GLU A 151 0.17 17.26 -7.32
CA GLU A 151 -0.58 18.34 -6.71
C GLU A 151 -0.15 19.66 -7.32
N LEU A 152 1.13 19.73 -7.65
CA LEU A 152 1.68 20.91 -8.27
C LEU A 152 1.09 21.05 -9.66
N GLU A 153 0.77 19.93 -10.30
CA GLU A 153 0.14 20.00 -11.60
C GLU A 153 -1.39 20.02 -11.52
N THR A 154 -2.02 19.69 -10.38
CA THR A 154 -3.47 19.70 -10.33
C THR A 154 -3.98 21.04 -9.80
N LYS A 155 -3.42 21.47 -8.65
CA LYS A 155 -3.68 22.80 -8.04
C LYS A 155 -3.30 22.84 -6.56
N MET A 156 -3.37 21.69 -5.87
CA MET A 156 -3.13 21.64 -4.43
C MET A 156 -1.63 21.66 -4.12
N ASN A 157 -1.30 21.64 -2.84
CA ASN A 157 0.10 21.74 -2.41
C ASN A 157 0.34 20.88 -1.18
N ILE A 158 1.58 20.85 -0.72
CA ILE A 158 1.97 20.09 0.46
C ILE A 158 1.08 20.43 1.65
N GLN A 159 0.63 21.68 1.71
CA GLN A 159 -0.20 22.15 2.82
C GLN A 159 -1.49 21.33 2.90
N ASN A 160 -2.13 21.17 1.75
CA ASN A 160 -3.41 20.47 1.67
C ASN A 160 -3.26 19.03 2.12
N ILE A 161 -2.24 18.38 1.58
CA ILE A 161 -1.95 16.99 1.92
C ILE A 161 -1.52 16.87 3.38
N SER A 162 -0.79 17.85 3.87
CA SER A 162 -0.38 17.85 5.28
C SER A 162 -1.58 17.96 6.22
N ILE A 163 -2.65 18.58 5.73
CA ILE A 163 -3.85 18.74 6.53
C ILE A 163 -4.55 17.40 6.70
N VAL A 164 -4.60 16.64 5.61
CA VAL A 164 -5.26 15.35 5.62
C VAL A 164 -4.35 14.26 6.21
N LEU A 165 -3.06 14.57 6.28
CA LEU A 165 -2.08 13.62 6.78
C LEU A 165 -1.85 13.76 8.28
N SER A 166 -2.15 14.92 8.83
CA SER A 166 -2.01 15.15 10.27
C SER A 166 -2.82 14.12 11.06
N PRO A 167 -4.14 13.95 10.77
CA PRO A 167 -4.95 12.91 11.39
C PRO A 167 -4.53 11.50 10.96
N THR A 168 -3.69 11.42 9.93
CA THR A 168 -3.28 10.13 9.39
C THR A 168 -2.20 9.45 10.25
N VAL A 169 -1.07 10.10 10.53
CA VAL A 169 -0.05 9.48 11.37
C VAL A 169 -0.14 9.91 12.83
N GLN A 170 -1.07 10.82 13.12
CA GLN A 170 -1.33 11.32 14.48
C GLN A 170 -0.28 12.34 14.90
N ILE A 171 0.08 13.23 13.99
CA ILE A 171 1.10 14.24 14.26
C ILE A 171 0.71 15.56 13.60
N SER A 172 1.10 16.67 14.22
CA SER A 172 0.74 18.02 13.75
C SER A 172 1.08 18.25 12.26
N ASN A 173 0.33 19.21 11.68
CA ASN A 173 0.41 19.54 10.25
C ASN A 173 1.84 19.82 9.78
N ARG A 174 2.57 20.62 10.54
CA ARG A 174 3.91 21.06 10.16
C ARG A 174 4.83 19.87 9.89
N VAL A 175 4.63 18.81 10.66
CA VAL A 175 5.49 17.63 10.58
C VAL A 175 5.33 16.89 9.24
N LEU A 176 4.15 16.95 8.65
CA LEU A 176 3.94 16.30 7.35
C LEU A 176 4.66 17.06 6.23
N TYR A 177 4.46 18.36 6.20
CA TYR A 177 5.24 19.23 5.31
C TYR A 177 6.73 18.89 5.38
N VAL A 178 7.30 18.87 6.58
CA VAL A 178 8.71 18.53 6.74
C VAL A 178 8.94 17.03 6.47
N PHE A 179 7.90 16.23 6.66
CA PHE A 179 8.00 14.81 6.35
C PHE A 179 8.46 14.61 4.92
N PHE A 180 7.89 15.32 3.97
CA PHE A 180 8.30 15.17 2.57
C PHE A 180 9.67 15.81 2.33
N THR A 181 9.75 17.11 2.61
CA THR A 181 11.03 17.83 2.53
C THR A 181 12.18 16.94 3.02
N HIS A 182 12.07 16.43 4.23
CA HIS A 182 13.14 15.64 4.83
C HIS A 182 13.14 14.19 4.31
N VAL A 183 11.99 13.70 3.83
CA VAL A 183 11.88 12.29 3.44
C VAL A 183 12.83 11.98 2.28
N GLN A 184 12.89 12.87 1.30
CA GLN A 184 13.84 12.69 0.22
C GLN A 184 15.22 13.16 0.65
N GLU A 185 15.30 14.05 1.63
CA GLU A 185 16.58 14.32 2.26
C GLU A 185 17.15 13.03 2.85
N LEU A 186 16.27 12.08 3.21
CA LEU A 186 16.71 10.81 3.74
C LEU A 186 16.81 9.75 2.64
N PHE A 187 15.74 9.56 1.87
CA PHE A 187 15.73 8.55 0.82
C PHE A 187 15.69 9.21 -0.56
N GLY A 188 15.12 8.50 -1.52
CA GLY A 188 14.98 9.02 -2.86
C GLY A 188 15.04 7.90 -3.85
N ASN A 189 15.70 6.83 -3.45
CA ASN A 189 15.73 5.59 -4.22
C ASN A 189 14.55 4.73 -3.83
N VAL A 190 13.96 5.04 -2.66
CA VAL A 190 12.75 4.39 -2.20
C VAL A 190 11.68 4.44 -3.29
N VAL A 191 11.20 3.27 -3.63
CA VAL A 191 10.37 3.08 -4.79
C VAL A 191 9.06 2.38 -4.43
N LEU A 192 7.98 2.78 -5.09
CA LEU A 192 6.67 2.21 -4.83
C LEU A 192 6.40 1.08 -5.81
N LYS A 193 6.74 -0.15 -5.42
CA LYS A 193 6.52 -1.31 -6.28
C LYS A 193 5.04 -1.69 -6.33
N GLN A 194 4.48 -1.63 -7.53
CA GLN A 194 3.05 -1.83 -7.74
C GLN A 194 2.68 -3.32 -7.78
N VAL A 195 1.39 -3.60 -7.66
CA VAL A 195 0.89 -4.96 -7.72
C VAL A 195 0.06 -5.15 -8.99
N MET A 196 -0.02 -6.39 -9.47
CA MET A 196 -0.85 -6.71 -10.63
C MET A 196 -2.31 -6.42 -10.31
N LYS A 197 -3.04 -5.88 -11.28
CA LYS A 197 -4.40 -5.43 -11.03
C LYS A 197 -5.41 -6.53 -11.35
N PRO A 198 -6.16 -6.97 -10.31
CA PRO A 198 -7.17 -8.02 -10.44
C PRO A 198 -8.21 -7.71 -11.49
N LEU A 199 -8.67 -8.74 -12.20
CA LEU A 199 -9.63 -8.58 -13.27
C LEU A 199 -11.05 -8.62 -12.72
N ARG A 200 -11.18 -9.06 -11.45
CA ARG A 200 -12.47 -9.23 -10.79
C ARG A 200 -13.23 -10.37 -11.48
N TRP A 201 -12.49 -11.18 -12.21
CA TRP A 201 -13.03 -12.33 -12.93
C TRP A 201 -13.11 -13.54 -12.01
N SER A 202 -14.16 -14.33 -12.20
CA SER A 202 -14.42 -15.53 -11.41
C SER A 202 -13.31 -16.58 -11.59
N ASN A 203 -12.46 -16.38 -12.59
CA ASN A 203 -11.33 -17.25 -12.91
C ASN A 203 -11.77 -18.50 -13.67
N MET A 204 -13.03 -18.49 -14.15
CA MET A 204 -13.55 -19.56 -14.99
C MET A 204 -14.89 -19.13 -15.57
N ALA A 205 -15.43 -19.94 -16.49
CA ALA A 205 -16.76 -19.69 -17.08
C ALA A 205 -16.78 -18.43 -17.92
N THR A 206 -15.59 -17.93 -18.24
CA THR A 206 -15.44 -16.73 -19.03
C THR A 206 -14.05 -16.75 -19.66
N MET A 207 -13.73 -15.72 -20.43
CA MET A 207 -12.44 -15.64 -21.09
C MET A 207 -12.15 -14.20 -21.53
N PRO A 208 -13.08 -13.54 -22.26
CA PRO A 208 -12.93 -12.13 -22.63
C PRO A 208 -12.98 -11.24 -21.39
N THR A 209 -11.80 -10.85 -20.93
CA THR A 209 -11.66 -10.01 -19.75
C THR A 209 -10.19 -9.72 -19.49
N LEU A 210 -9.33 -10.61 -19.98
CA LEU A 210 -7.89 -10.41 -19.92
C LEU A 210 -7.48 -9.40 -20.99
N PRO A 211 -6.40 -8.63 -20.74
CA PRO A 211 -5.92 -7.61 -21.69
C PRO A 211 -5.72 -8.15 -23.11
N GLU A 212 -6.26 -7.43 -24.09
CA GLU A 212 -6.15 -7.82 -25.48
C GLU A 212 -4.95 -7.16 -26.15
N THR A 213 -4.43 -6.12 -25.52
CA THR A 213 -3.29 -5.41 -26.03
C THR A 213 -1.98 -6.07 -25.62
N GLN A 214 -1.04 -6.14 -26.56
CA GLN A 214 0.25 -6.81 -26.34
C GLN A 214 1.00 -6.24 -25.13
N ALA A 215 1.04 -4.92 -25.04
CA ALA A 215 1.79 -4.24 -23.98
C ALA A 215 1.21 -4.56 -22.61
N GLY A 216 -0.11 -4.39 -22.49
CA GLY A 216 -0.79 -4.66 -21.23
C GLY A 216 -0.56 -6.06 -20.73
N ILE A 217 -0.54 -7.02 -21.65
CA ILE A 217 -0.28 -8.41 -21.31
C ILE A 217 1.14 -8.57 -20.76
N LYS A 218 2.12 -8.01 -21.48
CA LYS A 218 3.52 -8.06 -21.08
C LYS A 218 3.72 -7.53 -19.66
N GLU A 219 3.10 -6.40 -19.36
CA GLU A 219 3.28 -5.74 -18.07
C GLU A 219 2.74 -6.58 -16.93
N GLU A 220 1.49 -7.02 -17.06
CA GLU A 220 0.86 -7.84 -16.03
C GLU A 220 1.59 -9.17 -15.88
N ILE A 221 1.99 -9.76 -17.01
CA ILE A 221 2.71 -11.03 -16.99
C ILE A 221 4.01 -10.92 -16.21
N ARG A 222 4.77 -9.86 -16.46
CA ARG A 222 6.04 -9.66 -15.77
C ARG A 222 5.85 -9.71 -14.26
N ARG A 223 4.90 -8.91 -13.77
CA ARG A 223 4.62 -8.87 -12.35
C ARG A 223 4.08 -10.22 -11.86
N GLN A 224 3.21 -10.81 -12.67
CA GLN A 224 2.54 -12.05 -12.31
C GLN A 224 3.53 -13.22 -12.21
N GLU A 225 4.45 -13.29 -13.16
CA GLU A 225 5.43 -14.38 -13.18
C GLU A 225 6.33 -14.32 -11.95
N PHE A 226 6.65 -13.10 -11.49
CA PHE A 226 7.44 -12.93 -10.28
C PHE A 226 6.69 -13.47 -9.07
N LEU A 227 5.39 -13.26 -9.05
CA LEU A 227 4.57 -13.80 -7.97
C LEU A 227 4.43 -15.31 -8.14
N LEU A 228 4.34 -15.74 -9.39
CA LEU A 228 4.10 -17.14 -9.71
C LEU A 228 5.27 -18.02 -9.29
N ASN A 229 6.46 -17.69 -9.78
CA ASN A 229 7.66 -18.48 -9.50
C ASN A 229 7.99 -18.43 -8.01
N CYS A 230 7.73 -17.27 -7.39
CA CYS A 230 8.02 -17.08 -5.98
C CYS A 230 7.26 -18.11 -5.16
N LEU A 231 5.97 -18.24 -5.43
CA LEU A 231 5.13 -19.14 -4.66
C LEU A 231 5.46 -20.58 -4.98
N HIS A 232 5.68 -20.85 -6.26
CA HIS A 232 6.05 -22.18 -6.70
C HIS A 232 7.30 -22.68 -5.97
N ARG A 233 8.32 -21.83 -5.91
CA ARG A 233 9.58 -22.17 -5.25
C ARG A 233 9.41 -22.20 -3.73
N ASP A 234 8.55 -21.32 -3.23
CA ASP A 234 8.30 -21.18 -1.80
C ASP A 234 7.96 -22.52 -1.13
N LEU A 235 7.14 -23.31 -1.81
CA LEU A 235 6.66 -24.59 -1.27
C LEU A 235 7.81 -25.56 -0.96
N GLN A 236 8.92 -25.41 -1.67
CA GLN A 236 10.04 -26.34 -1.53
C GLN A 236 10.87 -26.01 -0.29
N GLY A 237 10.53 -24.91 0.38
CA GLY A 237 11.22 -24.54 1.59
C GLY A 237 10.65 -25.23 2.81
N GLY A 238 10.15 -26.44 2.60
CA GLY A 238 9.53 -27.19 3.67
C GLY A 238 8.18 -26.62 4.04
N ILE A 239 7.55 -25.98 3.06
CA ILE A 239 6.30 -25.30 3.29
C ILE A 239 5.13 -26.09 2.71
N LYS A 240 4.21 -26.52 3.58
CA LYS A 240 3.09 -27.34 3.17
C LYS A 240 1.78 -26.63 3.48
N ASP A 241 1.41 -25.70 2.62
CA ASP A 241 0.21 -24.92 2.81
C ASP A 241 -0.74 -25.11 1.65
N LEU A 242 -1.83 -25.84 1.89
CA LEU A 242 -2.79 -26.17 0.83
C LEU A 242 -3.43 -24.90 0.28
N SER A 243 -3.52 -23.88 1.12
CA SER A 243 -4.11 -22.61 0.72
C SER A 243 -3.19 -21.95 -0.32
N LYS A 244 -1.89 -22.00 -0.05
CA LYS A 244 -0.89 -21.44 -0.95
C LYS A 244 -0.78 -22.30 -2.21
N GLU A 245 -0.92 -23.60 -2.04
CA GLU A 245 -0.90 -24.52 -3.17
C GLU A 245 -2.01 -24.19 -4.15
N GLU A 246 -3.25 -24.16 -3.67
CA GLU A 246 -4.37 -23.74 -4.50
C GLU A 246 -4.10 -22.42 -5.21
N ARG A 247 -3.45 -21.49 -4.51
CA ARG A 247 -3.14 -20.19 -5.08
C ARG A 247 -2.14 -20.32 -6.23
N LEU A 248 -1.34 -21.37 -6.18
CA LEU A 248 -0.36 -21.64 -7.20
C LEU A 248 -1.02 -22.10 -8.51
N TRP A 249 -1.93 -23.07 -8.40
CA TRP A 249 -2.64 -23.57 -9.58
C TRP A 249 -3.48 -22.46 -10.17
N GLU A 250 -3.88 -21.56 -9.28
CA GLU A 250 -4.69 -20.41 -9.64
C GLU A 250 -3.91 -19.51 -10.60
N VAL A 251 -2.70 -19.13 -10.21
CA VAL A 251 -1.87 -18.27 -11.06
C VAL A 251 -1.41 -19.03 -12.31
N GLN A 252 -1.18 -20.34 -12.16
CA GLN A 252 -0.83 -21.20 -13.30
C GLN A 252 -1.88 -21.12 -14.40
N ARG A 253 -3.14 -21.31 -14.05
CA ARG A 253 -4.22 -21.34 -15.05
C ARG A 253 -4.43 -19.97 -15.67
N ILE A 254 -4.25 -18.93 -14.87
CA ILE A 254 -4.51 -17.57 -15.32
C ILE A 254 -3.42 -17.13 -16.29
N LEU A 255 -2.17 -17.35 -15.89
CA LEU A 255 -1.04 -17.01 -16.71
C LEU A 255 -1.07 -17.78 -18.02
N THR A 256 -1.55 -19.02 -17.97
CA THR A 256 -1.61 -19.87 -19.16
C THR A 256 -2.52 -19.25 -20.22
N ALA A 257 -3.72 -18.84 -19.82
CA ALA A 257 -4.64 -18.16 -20.73
C ALA A 257 -4.03 -16.88 -21.26
N LEU A 258 -3.32 -16.18 -20.38
CA LEU A 258 -2.71 -14.90 -20.74
C LEU A 258 -1.53 -15.13 -21.68
N LYS A 259 -0.85 -16.27 -21.53
CA LYS A 259 0.24 -16.63 -22.43
C LYS A 259 -0.30 -16.94 -23.82
N ARG A 260 -1.51 -17.50 -23.87
CA ARG A 260 -2.19 -17.71 -25.14
C ARG A 260 -2.49 -16.36 -25.79
N LYS A 261 -3.04 -15.45 -25.00
CA LYS A 261 -3.35 -14.11 -25.47
C LYS A 261 -2.09 -13.32 -25.81
N LEU A 262 -0.97 -13.73 -25.20
CA LEU A 262 0.33 -13.12 -25.49
C LEU A 262 0.71 -13.37 -26.95
N ARG A 263 0.19 -14.44 -27.51
CA ARG A 263 0.40 -14.76 -28.93
C ARG A 263 -0.88 -14.50 -29.71
N GLU A 264 -1.84 -13.90 -29.05
CA GLU A 264 -3.14 -13.59 -29.63
C GLU A 264 -3.14 -12.17 -30.19
N ALA A 265 -2.36 -11.32 -29.52
CA ALA A 265 -2.23 -9.93 -29.90
C ALA A 265 -1.24 -9.77 -31.05
N HIS A 1 -10.33 -15.27 24.22
CA HIS A 1 -8.96 -15.56 23.75
C HIS A 1 -8.66 -14.79 22.48
N MET A 2 -9.54 -14.91 21.50
CA MET A 2 -9.38 -14.22 20.24
C MET A 2 -10.66 -13.50 19.87
N PRO A 3 -10.62 -12.16 19.83
CA PRO A 3 -11.80 -11.34 19.61
C PRO A 3 -12.34 -11.45 18.19
N ASN A 4 -11.49 -11.83 17.25
CA ASN A 4 -11.87 -11.90 15.85
C ASN A 4 -11.02 -12.92 15.11
N LEU A 5 -11.63 -13.68 14.21
CA LEU A 5 -10.92 -14.71 13.47
C LEU A 5 -10.14 -14.11 12.31
N LYS A 6 -8.83 -13.98 12.52
CA LYS A 6 -7.92 -13.40 11.53
C LYS A 6 -8.30 -11.95 11.22
N PRO A 7 -7.88 -11.00 12.07
CA PRO A 7 -8.15 -9.58 11.87
C PRO A 7 -7.15 -8.91 10.93
N ILE A 8 -7.40 -7.65 10.61
CA ILE A 8 -6.54 -6.85 9.76
C ILE A 8 -6.53 -5.40 10.27
N PHE A 9 -7.71 -4.89 10.55
CA PHE A 9 -7.85 -3.52 11.04
C PHE A 9 -7.68 -3.45 12.55
N GLY A 10 -6.42 -3.39 12.96
CA GLY A 10 -6.10 -3.31 14.37
C GLY A 10 -5.06 -4.33 14.79
N ILE A 11 -4.05 -4.50 13.95
CA ILE A 11 -3.01 -5.50 14.19
C ILE A 11 -1.62 -4.91 13.97
N PRO A 12 -0.58 -5.56 14.51
CA PRO A 12 0.82 -5.17 14.27
C PRO A 12 1.19 -5.33 12.79
N LEU A 13 2.26 -4.67 12.37
CA LEU A 13 2.67 -4.74 10.98
C LEU A 13 3.17 -6.15 10.63
N ALA A 14 4.09 -6.70 11.42
CA ALA A 14 4.51 -8.11 11.28
C ALA A 14 3.31 -9.05 11.18
N ASP A 15 2.19 -8.59 11.70
CA ASP A 15 0.98 -9.41 11.71
C ASP A 15 0.34 -9.36 10.32
N ALA A 16 0.14 -8.15 9.82
CA ALA A 16 -0.41 -7.95 8.49
C ALA A 16 0.55 -8.43 7.42
N VAL A 17 1.84 -8.23 7.66
CA VAL A 17 2.88 -8.63 6.71
C VAL A 17 2.86 -10.12 6.47
N GLU A 18 2.90 -10.90 7.55
CA GLU A 18 2.95 -12.35 7.44
C GLU A 18 1.63 -12.91 6.91
N ARG A 19 0.56 -12.10 6.96
CA ARG A 19 -0.72 -12.54 6.41
C ARG A 19 -0.89 -12.13 4.94
N THR A 20 -0.68 -10.85 4.64
CA THR A 20 -1.06 -10.28 3.35
C THR A 20 0.11 -10.22 2.38
N MET A 21 0.97 -11.23 2.41
CA MET A 21 2.07 -11.30 1.46
C MET A 21 1.57 -11.62 0.05
N MET A 22 1.88 -10.73 -0.88
CA MET A 22 1.43 -10.89 -2.28
C MET A 22 2.48 -11.65 -3.10
N TYR A 23 3.71 -11.66 -2.59
CA TYR A 23 4.79 -12.47 -3.18
C TYR A 23 6.14 -12.31 -2.48
N ASP A 24 6.79 -11.15 -2.56
CA ASP A 24 8.19 -11.08 -2.17
C ASP A 24 8.33 -10.83 -0.68
N GLY A 25 7.33 -10.21 -0.07
CA GLY A 25 7.27 -10.13 1.37
C GLY A 25 8.38 -9.25 1.95
N ILE A 26 8.52 -8.03 1.41
CA ILE A 26 9.55 -7.10 1.85
C ILE A 26 9.20 -6.42 3.16
N ARG A 27 8.41 -7.09 3.98
CA ARG A 27 7.90 -6.55 5.25
C ARG A 27 7.12 -5.25 5.01
N LEU A 28 5.89 -5.44 4.53
CA LEU A 28 4.99 -4.36 4.20
C LEU A 28 3.65 -4.96 3.79
N PRO A 29 2.56 -4.63 4.51
CA PRO A 29 1.24 -5.22 4.25
C PRO A 29 0.75 -4.94 2.83
N ALA A 30 -0.12 -5.80 2.32
CA ALA A 30 -0.60 -5.68 0.95
C ALA A 30 -1.46 -4.45 0.78
N VAL A 31 -2.36 -4.24 1.74
CA VAL A 31 -3.29 -3.12 1.73
C VAL A 31 -2.61 -1.80 1.38
N PHE A 32 -1.47 -1.54 2.02
CA PHE A 32 -0.74 -0.30 1.79
C PHE A 32 -0.32 -0.19 0.32
N ARG A 33 0.05 -1.32 -0.26
CA ARG A 33 0.48 -1.33 -1.65
C ARG A 33 -0.71 -1.31 -2.58
N GLU A 34 -1.79 -2.00 -2.21
CA GLU A 34 -3.03 -1.98 -3.00
C GLU A 34 -3.52 -0.54 -3.21
N CYS A 35 -3.40 0.27 -2.18
CA CYS A 35 -3.87 1.65 -2.24
C CYS A 35 -2.85 2.53 -2.95
N ILE A 36 -1.57 2.31 -2.66
CA ILE A 36 -0.51 3.08 -3.29
C ILE A 36 -0.39 2.72 -4.78
N ASP A 37 -0.66 1.47 -5.11
CA ASP A 37 -0.59 0.97 -6.48
C ASP A 37 -1.67 1.62 -7.34
N TYR A 38 -2.89 1.63 -6.79
CA TYR A 38 -4.04 2.16 -7.49
C TYR A 38 -3.84 3.63 -7.85
N VAL A 39 -3.52 4.46 -6.87
CA VAL A 39 -3.37 5.88 -7.13
C VAL A 39 -2.18 6.17 -8.05
N GLU A 40 -1.06 5.50 -7.81
CA GLU A 40 0.18 5.76 -8.55
C GLU A 40 0.00 5.53 -10.05
N LYS A 41 -0.50 4.35 -10.39
CA LYS A 41 -0.59 3.95 -11.79
C LYS A 41 -1.80 4.56 -12.48
N TYR A 42 -2.90 4.72 -11.75
CA TYR A 42 -4.17 5.09 -12.39
C TYR A 42 -4.40 6.59 -12.40
N GLY A 43 -3.98 7.29 -11.35
CA GLY A 43 -4.14 8.73 -11.36
C GLY A 43 -4.04 9.33 -9.98
N MET A 44 -2.87 9.84 -9.67
CA MET A 44 -2.65 10.47 -8.38
C MET A 44 -3.39 11.79 -8.34
N LYS A 45 -3.18 12.58 -9.40
CA LYS A 45 -3.91 13.82 -9.61
C LYS A 45 -5.40 13.65 -9.92
N CYS A 46 -6.05 12.79 -9.19
CA CYS A 46 -7.49 12.81 -9.10
C CYS A 46 -7.87 13.92 -8.12
N GLU A 47 -8.82 14.78 -8.46
CA GLU A 47 -9.16 15.87 -7.56
C GLU A 47 -9.85 15.31 -6.31
N GLY A 48 -9.83 16.10 -5.23
CA GLY A 48 -10.33 15.62 -3.94
C GLY A 48 -9.45 14.53 -3.33
N ILE A 49 -8.36 14.20 -3.99
CA ILE A 49 -7.49 13.11 -3.55
C ILE A 49 -6.92 13.39 -2.14
N TYR A 50 -7.23 12.48 -1.21
CA TYR A 50 -6.70 12.54 0.15
C TYR A 50 -7.30 13.70 0.93
N ARG A 51 -8.28 14.40 0.35
CA ARG A 51 -8.85 15.57 1.00
C ARG A 51 -10.20 15.21 1.61
N VAL A 52 -10.98 14.45 0.87
CA VAL A 52 -12.24 13.94 1.37
C VAL A 52 -12.06 12.50 1.84
N SER A 53 -13.08 11.95 2.47
CA SER A 53 -13.06 10.56 2.88
C SER A 53 -13.79 9.71 1.86
N GLY A 54 -14.36 10.40 0.86
CA GLY A 54 -15.07 9.72 -0.21
C GLY A 54 -16.39 9.16 0.25
N ILE A 55 -16.88 8.17 -0.46
CA ILE A 55 -18.10 7.49 -0.07
C ILE A 55 -17.83 6.61 1.15
N LYS A 56 -18.10 7.14 2.33
CA LYS A 56 -17.84 6.44 3.59
C LYS A 56 -18.55 5.09 3.65
N SER A 57 -19.65 4.98 2.91
CA SER A 57 -20.38 3.73 2.81
C SER A 57 -19.50 2.61 2.25
N LYS A 58 -18.55 2.95 1.38
CA LYS A 58 -17.70 1.97 0.72
C LYS A 58 -16.55 1.56 1.63
N VAL A 59 -16.14 2.49 2.49
CA VAL A 59 -14.97 2.33 3.33
C VAL A 59 -15.18 1.18 4.32
N ASP A 60 -16.38 1.08 4.86
CA ASP A 60 -16.69 0.02 5.81
C ASP A 60 -16.82 -1.32 5.10
N GLU A 61 -17.08 -1.28 3.79
CA GLU A 61 -17.18 -2.49 3.00
C GLU A 61 -15.79 -3.09 2.82
N LEU A 62 -14.83 -2.20 2.59
CA LEU A 62 -13.45 -2.58 2.41
C LEU A 62 -12.84 -3.04 3.73
N LYS A 63 -13.20 -2.37 4.83
CA LYS A 63 -12.78 -2.83 6.16
C LYS A 63 -13.23 -4.26 6.36
N ALA A 64 -14.45 -4.53 5.92
CA ALA A 64 -15.02 -5.87 6.03
C ALA A 64 -14.32 -6.83 5.09
N ALA A 65 -14.01 -6.38 3.89
CA ALA A 65 -13.41 -7.24 2.88
C ALA A 65 -12.00 -7.65 3.26
N TYR A 66 -11.18 -6.70 3.67
CA TYR A 66 -9.79 -6.99 4.02
C TYR A 66 -9.70 -7.85 5.27
N ASP A 67 -10.49 -7.51 6.27
CA ASP A 67 -10.43 -8.18 7.57
C ASP A 67 -10.86 -9.63 7.47
N ARG A 68 -11.94 -9.88 6.75
CA ARG A 68 -12.53 -11.21 6.68
C ARG A 68 -11.85 -12.07 5.62
N GLU A 69 -10.85 -11.51 4.94
CA GLU A 69 -10.12 -12.22 3.88
C GLU A 69 -11.01 -12.46 2.67
N GLU A 70 -11.54 -11.38 2.12
CA GLU A 70 -12.42 -11.43 0.95
C GLU A 70 -11.69 -10.89 -0.27
N SER A 71 -12.41 -10.79 -1.37
CA SER A 71 -11.86 -10.26 -2.62
C SER A 71 -12.01 -8.74 -2.66
N THR A 72 -10.91 -8.04 -2.88
CA THR A 72 -10.92 -6.59 -2.92
C THR A 72 -10.65 -6.05 -4.32
N ASN A 73 -11.71 -5.62 -4.98
CA ASN A 73 -11.58 -5.00 -6.28
C ASN A 73 -11.55 -3.49 -6.14
N LEU A 74 -10.35 -2.92 -6.19
CA LEU A 74 -10.18 -1.49 -5.98
C LEU A 74 -10.60 -0.67 -7.18
N GLU A 75 -10.85 -1.35 -8.30
CA GLU A 75 -11.14 -0.66 -9.56
C GLU A 75 -12.52 -0.02 -9.53
N ASP A 76 -13.40 -0.55 -8.70
CA ASP A 76 -14.79 -0.11 -8.69
C ASP A 76 -15.00 0.99 -7.64
N TYR A 77 -13.95 1.29 -6.89
CA TYR A 77 -14.03 2.29 -5.83
C TYR A 77 -13.28 3.55 -6.23
N GLU A 78 -13.48 4.61 -5.47
CA GLU A 78 -12.81 5.89 -5.75
C GLU A 78 -11.38 5.84 -5.26
N PRO A 79 -10.47 6.57 -5.90
CA PRO A 79 -9.10 6.68 -5.42
C PRO A 79 -9.07 7.27 -4.01
N ASN A 80 -9.85 8.33 -3.83
CA ASN A 80 -10.03 8.93 -2.51
C ASN A 80 -10.64 7.95 -1.50
N THR A 81 -11.53 7.07 -1.96
CA THR A 81 -12.11 6.07 -1.08
C THR A 81 -11.08 5.00 -0.70
N VAL A 82 -10.30 4.55 -1.69
CA VAL A 82 -9.22 3.62 -1.45
C VAL A 82 -8.19 4.23 -0.51
N ALA A 83 -7.94 5.52 -0.70
CA ALA A 83 -7.04 6.29 0.13
C ALA A 83 -7.59 6.45 1.56
N SER A 84 -8.91 6.52 1.66
CA SER A 84 -9.58 6.73 2.92
C SER A 84 -9.49 5.47 3.74
N LEU A 85 -9.64 4.34 3.05
CA LEU A 85 -9.43 3.05 3.64
C LEU A 85 -7.95 2.93 4.07
N LEU A 86 -7.06 3.44 3.23
CA LEU A 86 -5.62 3.38 3.48
C LEU A 86 -5.26 4.16 4.75
N LYS A 87 -5.64 5.43 4.81
CA LYS A 87 -5.32 6.27 5.95
C LYS A 87 -5.97 5.74 7.22
N GLN A 88 -7.16 5.18 7.08
CA GLN A 88 -7.87 4.62 8.21
C GLN A 88 -7.22 3.33 8.68
N TYR A 89 -6.93 2.45 7.74
CA TYR A 89 -6.19 1.22 8.03
C TYR A 89 -4.92 1.48 8.84
N LEU A 90 -4.29 2.61 8.60
CA LEU A 90 -3.11 2.99 9.38
C LEU A 90 -3.50 3.37 10.80
N ARG A 91 -4.62 4.06 10.92
CA ARG A 91 -5.13 4.46 12.23
C ARG A 91 -5.61 3.24 13.02
N ASP A 92 -6.35 2.34 12.36
CA ASP A 92 -6.76 1.08 12.98
C ASP A 92 -5.61 0.32 13.58
N LEU A 93 -4.41 0.53 13.05
CA LEU A 93 -3.25 -0.17 13.60
C LEU A 93 -2.81 0.52 14.89
N PRO A 94 -2.69 -0.25 15.98
CA PRO A 94 -2.40 0.29 17.32
C PRO A 94 -0.97 0.81 17.47
N GLU A 95 -0.11 0.47 16.51
CA GLU A 95 1.27 0.90 16.54
C GLU A 95 1.51 1.95 15.46
N ASN A 96 2.00 3.09 15.88
CA ASN A 96 2.27 4.18 14.95
C ASN A 96 3.52 3.88 14.15
N LEU A 97 3.73 4.64 13.08
CA LEU A 97 4.91 4.48 12.25
C LEU A 97 6.13 4.97 13.01
N LEU A 98 5.94 6.08 13.71
CA LEU A 98 6.98 6.67 14.55
C LEU A 98 6.84 6.14 15.97
N THR A 99 5.82 5.30 16.17
CA THR A 99 5.43 4.80 17.49
C THR A 99 5.15 5.94 18.47
N LYS A 100 4.66 5.59 19.65
CA LYS A 100 4.42 6.57 20.69
C LYS A 100 5.74 7.13 21.16
N GLU A 101 6.67 6.20 21.30
CA GLU A 101 8.01 6.47 21.81
C GLU A 101 8.75 7.58 21.05
N LEU A 102 8.82 7.52 19.72
CA LEU A 102 9.59 8.54 18.96
C LEU A 102 8.72 9.77 18.65
N MET A 103 7.42 9.56 18.64
CA MET A 103 6.44 10.61 18.32
C MET A 103 6.74 11.99 18.98
N PRO A 104 6.94 12.06 20.32
CA PRO A 104 7.17 13.34 21.00
C PRO A 104 8.50 13.98 20.59
N ARG A 105 9.44 13.16 20.13
CA ARG A 105 10.74 13.64 19.70
C ARG A 105 10.62 14.38 18.39
N PHE A 106 9.55 14.10 17.63
CA PHE A 106 9.30 14.80 16.38
C PHE A 106 8.88 16.24 16.64
N GLU A 107 8.13 16.44 17.72
CA GLU A 107 7.82 17.80 18.17
C GLU A 107 9.11 18.58 18.39
N GLU A 108 10.04 17.94 19.09
CA GLU A 108 11.35 18.51 19.36
C GLU A 108 12.10 18.78 18.05
N ALA A 109 12.09 17.77 17.18
CA ALA A 109 12.72 17.84 15.87
C ALA A 109 12.11 18.92 14.99
N CYS A 110 10.90 19.34 15.29
CA CYS A 110 10.23 20.34 14.49
C CYS A 110 10.59 21.74 15.00
N GLY A 111 10.82 21.84 16.30
CA GLY A 111 11.18 23.11 16.90
C GLY A 111 12.68 23.33 16.97
N ARG A 112 13.45 22.47 16.32
CA ARG A 112 14.89 22.62 16.28
C ARG A 112 15.29 23.99 15.73
N THR A 113 16.33 24.57 16.31
CA THR A 113 16.76 25.91 15.94
C THR A 113 17.36 25.92 14.54
N THR A 114 17.78 24.75 14.09
CA THR A 114 18.37 24.64 12.76
C THR A 114 17.65 23.54 11.97
N GLU A 115 17.48 23.76 10.68
CA GLU A 115 16.80 22.80 9.82
C GLU A 115 17.59 21.51 9.71
N THR A 116 18.91 21.65 9.87
CA THR A 116 19.80 20.50 9.85
C THR A 116 19.49 19.59 11.03
N GLU A 117 19.36 20.18 12.22
CA GLU A 117 19.04 19.44 13.44
C GLU A 117 17.74 18.67 13.27
N LYS A 118 16.84 19.22 12.47
CA LYS A 118 15.54 18.61 12.27
C LYS A 118 15.69 17.30 11.53
N VAL A 119 16.23 17.37 10.31
CA VAL A 119 16.46 16.17 9.50
C VAL A 119 17.34 15.15 10.23
N GLN A 120 18.38 15.62 10.94
CA GLN A 120 19.23 14.73 11.73
C GLN A 120 18.44 14.01 12.82
N GLU A 121 17.50 14.72 13.45
CA GLU A 121 16.69 14.15 14.51
C GLU A 121 15.74 13.09 13.95
N PHE A 122 15.06 13.44 12.84
CA PHE A 122 14.22 12.48 12.12
C PHE A 122 14.99 11.21 11.81
N GLN A 123 16.24 11.39 11.37
CA GLN A 123 17.13 10.26 11.11
C GLN A 123 17.17 9.34 12.32
N ARG A 124 17.49 9.90 13.49
CA ARG A 124 17.58 9.13 14.73
C ARG A 124 16.26 8.43 15.02
N LEU A 125 15.16 9.18 14.98
CA LEU A 125 13.85 8.62 15.28
C LEU A 125 13.55 7.42 14.38
N LEU A 126 13.73 7.61 13.09
CA LEU A 126 13.52 6.55 12.10
C LEU A 126 14.36 5.29 12.36
N LYS A 127 15.53 5.45 12.99
CA LYS A 127 16.37 4.29 13.30
C LYS A 127 15.70 3.48 14.40
N GLU A 128 15.15 4.21 15.35
CA GLU A 128 14.47 3.65 16.50
C GLU A 128 13.10 3.05 16.13
N LEU A 129 12.86 2.82 14.84
CA LEU A 129 11.58 2.29 14.40
C LEU A 129 11.74 0.83 14.04
N PRO A 130 10.66 0.04 14.16
CA PRO A 130 10.64 -1.34 13.68
C PRO A 130 10.90 -1.40 12.17
N GLU A 131 11.46 -2.50 11.70
CA GLU A 131 11.87 -2.63 10.29
C GLU A 131 10.75 -2.28 9.33
N CYS A 132 9.60 -2.93 9.50
CA CYS A 132 8.46 -2.72 8.61
C CYS A 132 7.98 -1.26 8.67
N ASN A 133 8.09 -0.64 9.83
CA ASN A 133 7.64 0.74 10.02
C ASN A 133 8.55 1.68 9.24
N TYR A 134 9.84 1.35 9.19
CA TYR A 134 10.81 2.14 8.44
C TYR A 134 10.46 2.15 6.96
N LEU A 135 10.09 0.99 6.42
CA LEU A 135 9.73 0.90 5.02
C LEU A 135 8.40 1.63 4.77
N LEU A 136 7.47 1.47 5.70
CA LEU A 136 6.15 2.06 5.55
C LEU A 136 6.24 3.58 5.63
N ILE A 137 6.99 4.09 6.60
CA ILE A 137 7.13 5.54 6.76
C ILE A 137 7.75 6.15 5.50
N SER A 138 8.80 5.51 4.99
CA SER A 138 9.42 5.92 3.74
C SER A 138 8.38 6.06 2.63
N TRP A 139 7.57 5.04 2.40
CA TRP A 139 6.66 5.03 1.26
C TRP A 139 5.53 6.00 1.46
N LEU A 140 4.97 6.01 2.67
CA LEU A 140 3.85 6.88 2.98
C LEU A 140 4.19 8.33 2.67
N ILE A 141 5.36 8.77 3.12
CA ILE A 141 5.72 10.16 3.00
C ILE A 141 6.27 10.47 1.60
N VAL A 142 7.12 9.58 1.07
CA VAL A 142 7.70 9.79 -0.26
C VAL A 142 6.62 9.74 -1.35
N HIS A 143 5.69 8.81 -1.22
CA HIS A 143 4.61 8.69 -2.18
C HIS A 143 3.65 9.88 -2.05
N MET A 144 3.49 10.39 -0.83
CA MET A 144 2.60 11.53 -0.59
C MET A 144 3.28 12.83 -1.03
N ASP A 145 4.60 12.83 -1.00
CA ASP A 145 5.39 13.94 -1.54
C ASP A 145 5.16 14.05 -3.04
N HIS A 146 5.13 12.90 -3.69
CA HIS A 146 4.84 12.83 -5.11
C HIS A 146 3.41 13.27 -5.36
N VAL A 147 2.53 13.03 -4.38
CA VAL A 147 1.18 13.55 -4.45
C VAL A 147 1.23 15.06 -4.49
N ILE A 148 2.11 15.66 -3.68
CA ILE A 148 2.23 17.12 -3.62
C ILE A 148 2.49 17.73 -5.00
N ALA A 149 3.33 17.07 -5.79
CA ALA A 149 3.56 17.52 -7.16
C ALA A 149 2.27 17.39 -7.99
N LYS A 150 1.54 16.33 -7.70
CA LYS A 150 0.28 16.10 -8.39
C LYS A 150 -0.75 17.08 -7.88
N GLU A 151 -0.57 17.54 -6.65
CA GLU A 151 -1.37 18.61 -6.09
C GLU A 151 -1.04 19.94 -6.75
N LEU A 152 0.18 20.07 -7.26
CA LEU A 152 0.55 21.25 -8.01
C LEU A 152 -0.31 21.33 -9.26
N GLU A 153 -0.69 20.17 -9.78
CA GLU A 153 -1.63 20.12 -10.90
C GLU A 153 -3.10 19.97 -10.45
N THR A 154 -3.38 19.27 -9.34
CA THR A 154 -4.74 19.20 -8.77
C THR A 154 -5.09 20.45 -7.96
N LYS A 155 -4.26 21.48 -8.14
CA LYS A 155 -4.52 22.81 -7.58
C LYS A 155 -4.30 22.88 -6.06
N MET A 156 -4.31 21.73 -5.39
CA MET A 156 -4.09 21.68 -3.95
C MET A 156 -2.61 21.86 -3.59
N ASN A 157 -2.28 21.78 -2.29
CA ASN A 157 -0.93 22.04 -1.83
C ASN A 157 -0.61 21.18 -0.62
N ILE A 158 0.64 21.24 -0.15
CA ILE A 158 1.08 20.50 1.03
C ILE A 158 0.17 20.76 2.22
N GLN A 159 -0.36 21.99 2.30
CA GLN A 159 -1.18 22.41 3.43
C GLN A 159 -2.38 21.47 3.60
N ASN A 160 -3.12 21.22 2.53
CA ASN A 160 -4.29 20.35 2.59
C ASN A 160 -3.87 18.95 3.00
N ILE A 161 -2.81 18.48 2.37
CA ILE A 161 -2.31 17.14 2.61
C ILE A 161 -1.85 16.97 4.07
N SER A 162 -1.15 17.98 4.58
CA SER A 162 -0.68 17.95 5.96
C SER A 162 -1.84 18.00 6.95
N ILE A 163 -2.97 18.57 6.53
CA ILE A 163 -4.12 18.70 7.40
C ILE A 163 -4.77 17.34 7.60
N VAL A 164 -4.82 16.56 6.53
CA VAL A 164 -5.47 15.26 6.59
C VAL A 164 -4.54 14.21 7.20
N LEU A 165 -3.23 14.38 6.99
CA LEU A 165 -2.24 13.45 7.51
C LEU A 165 -1.98 13.65 9.00
N SER A 166 -2.25 14.84 9.50
CA SER A 166 -2.04 15.15 10.92
C SER A 166 -2.79 14.13 11.81
N PRO A 167 -4.14 14.02 11.71
CA PRO A 167 -4.91 13.02 12.46
C PRO A 167 -4.59 11.59 12.04
N THR A 168 -3.95 11.45 10.87
CA THR A 168 -3.64 10.14 10.33
C THR A 168 -2.66 9.38 11.21
N VAL A 169 -1.50 9.96 11.53
CA VAL A 169 -0.54 9.31 12.43
C VAL A 169 -0.44 10.03 13.76
N GLN A 170 -1.24 11.07 13.94
CA GLN A 170 -1.40 11.74 15.24
C GLN A 170 -0.23 12.68 15.53
N ILE A 171 0.21 13.39 14.49
CA ILE A 171 1.29 14.36 14.65
C ILE A 171 0.85 15.71 14.08
N SER A 172 1.18 16.78 14.81
CA SER A 172 0.82 18.14 14.45
C SER A 172 1.08 18.47 12.97
N ASN A 173 0.23 19.35 12.44
CA ASN A 173 0.20 19.69 11.01
C ASN A 173 1.56 20.07 10.45
N ARG A 174 2.25 20.98 11.14
CA ARG A 174 3.50 21.55 10.65
C ARG A 174 4.55 20.49 10.34
N VAL A 175 4.53 19.41 11.12
CA VAL A 175 5.53 18.35 10.98
C VAL A 175 5.44 17.64 9.64
N LEU A 176 4.23 17.49 9.11
CA LEU A 176 4.04 16.79 7.83
C LEU A 176 4.68 17.56 6.68
N TYR A 177 4.42 18.85 6.64
CA TYR A 177 5.12 19.76 5.75
C TYR A 177 6.64 19.50 5.74
N VAL A 178 7.25 19.48 6.91
CA VAL A 178 8.68 19.22 7.00
C VAL A 178 8.97 17.75 6.67
N PHE A 179 7.99 16.87 6.92
CA PHE A 179 8.13 15.47 6.62
C PHE A 179 8.49 15.24 5.16
N PHE A 180 7.73 15.82 4.23
CA PHE A 180 8.02 15.59 2.80
C PHE A 180 9.30 16.30 2.39
N THR A 181 9.28 17.63 2.55
CA THR A 181 10.48 18.44 2.29
C THR A 181 11.76 17.69 2.71
N HIS A 182 11.78 17.21 3.94
CA HIS A 182 12.97 16.60 4.47
C HIS A 182 12.97 15.08 4.30
N VAL A 183 11.85 14.50 3.88
CA VAL A 183 11.81 13.06 3.60
C VAL A 183 12.74 12.74 2.44
N GLN A 184 12.75 13.59 1.42
CA GLN A 184 13.71 13.43 0.35
C GLN A 184 15.06 14.00 0.76
N GLU A 185 15.09 14.95 1.70
CA GLU A 185 16.36 15.28 2.32
C GLU A 185 16.99 14.03 2.95
N LEU A 186 16.14 13.11 3.42
CA LEU A 186 16.64 11.87 4.03
C LEU A 186 16.82 10.78 2.98
N PHE A 187 15.78 10.51 2.18
CA PHE A 187 15.85 9.46 1.17
C PHE A 187 15.86 10.07 -0.24
N GLY A 188 15.35 9.29 -1.18
CA GLY A 188 15.28 9.71 -2.56
C GLY A 188 15.43 8.52 -3.47
N ASN A 189 16.08 7.51 -2.91
CA ASN A 189 16.18 6.20 -3.54
C ASN A 189 14.94 5.38 -3.21
N VAL A 190 14.23 5.84 -2.18
CA VAL A 190 12.95 5.25 -1.81
C VAL A 190 11.99 5.31 -2.98
N VAL A 191 11.70 4.14 -3.50
CA VAL A 191 10.93 4.01 -4.72
C VAL A 191 9.63 3.27 -4.45
N LEU A 192 8.57 3.68 -5.13
CA LEU A 192 7.26 3.08 -4.94
C LEU A 192 7.09 1.89 -5.86
N LYS A 193 7.34 0.70 -5.34
CA LYS A 193 7.21 -0.52 -6.10
C LYS A 193 5.73 -0.92 -6.22
N GLN A 194 5.23 -0.94 -7.44
CA GLN A 194 3.83 -1.26 -7.69
C GLN A 194 3.61 -2.78 -7.64
N VAL A 195 2.38 -3.19 -7.42
CA VAL A 195 2.09 -4.62 -7.28
C VAL A 195 1.06 -5.09 -8.30
N MET A 196 1.07 -6.39 -8.57
CA MET A 196 0.07 -7.00 -9.44
C MET A 196 -1.29 -7.02 -8.74
N LYS A 197 -2.28 -6.44 -9.40
CA LYS A 197 -3.63 -6.43 -8.87
C LYS A 197 -4.59 -7.04 -9.89
N PRO A 198 -5.77 -7.48 -9.44
CA PRO A 198 -6.84 -7.95 -10.33
C PRO A 198 -7.19 -6.89 -11.37
N LEU A 199 -7.38 -7.33 -12.62
CA LEU A 199 -7.60 -6.41 -13.74
C LEU A 199 -7.80 -7.18 -15.03
N ARG A 200 -6.82 -8.02 -15.37
CA ARG A 200 -6.87 -8.79 -16.62
C ARG A 200 -7.95 -9.86 -16.56
N TRP A 201 -8.56 -9.98 -15.39
CA TRP A 201 -9.67 -10.90 -15.17
C TRP A 201 -10.16 -10.72 -13.74
N SER A 202 -11.40 -11.12 -13.50
CA SER A 202 -11.92 -11.25 -12.14
C SER A 202 -11.46 -12.57 -11.56
N ASN A 203 -10.41 -13.12 -12.18
CA ASN A 203 -9.74 -14.38 -11.78
C ASN A 203 -10.45 -15.62 -12.34
N MET A 204 -11.77 -15.56 -12.45
CA MET A 204 -12.53 -16.66 -13.08
C MET A 204 -13.95 -16.20 -13.38
N ALA A 205 -14.82 -17.15 -13.74
CA ALA A 205 -16.25 -16.88 -13.96
C ALA A 205 -16.50 -15.95 -15.15
N THR A 206 -15.51 -15.81 -16.01
CA THR A 206 -15.63 -14.96 -17.19
C THR A 206 -14.65 -15.45 -18.26
N MET A 207 -14.21 -14.55 -19.14
CA MET A 207 -13.25 -14.89 -20.17
C MET A 207 -12.81 -13.63 -20.93
N PRO A 208 -13.76 -12.86 -21.52
CA PRO A 208 -13.43 -11.60 -22.21
C PRO A 208 -12.94 -10.53 -21.23
N THR A 209 -11.62 -10.42 -21.11
CA THR A 209 -10.96 -9.46 -20.24
C THR A 209 -9.45 -9.67 -20.30
N LEU A 210 -9.04 -10.90 -20.60
CA LEU A 210 -7.64 -11.21 -20.85
C LEU A 210 -7.11 -10.35 -22.00
N PRO A 211 -5.85 -9.89 -21.89
CA PRO A 211 -5.25 -8.97 -22.87
C PRO A 211 -5.38 -9.48 -24.30
N GLU A 212 -5.83 -8.61 -25.20
CA GLU A 212 -5.99 -8.95 -26.60
C GLU A 212 -4.88 -8.29 -27.42
N THR A 213 -3.88 -7.77 -26.72
CA THR A 213 -2.73 -7.14 -27.35
C THR A 213 -1.42 -7.71 -26.82
N GLN A 214 -0.37 -7.65 -27.62
CA GLN A 214 0.94 -8.20 -27.25
C GLN A 214 1.45 -7.61 -25.93
N ALA A 215 1.46 -6.29 -25.85
CA ALA A 215 2.06 -5.58 -24.72
C ALA A 215 1.37 -5.96 -23.40
N GLY A 216 0.04 -6.05 -23.46
CA GLY A 216 -0.73 -6.39 -22.28
C GLY A 216 -0.38 -7.77 -21.75
N ILE A 217 -0.20 -8.71 -22.67
CA ILE A 217 0.10 -10.09 -22.32
C ILE A 217 1.54 -10.20 -21.82
N LYS A 218 2.46 -9.53 -22.50
CA LYS A 218 3.88 -9.56 -22.14
C LYS A 218 4.09 -9.19 -20.67
N GLU A 219 3.51 -8.08 -20.26
CA GLU A 219 3.69 -7.60 -18.89
C GLU A 219 3.01 -8.52 -17.88
N GLU A 220 1.82 -9.01 -18.20
CA GLU A 220 1.08 -9.86 -17.28
C GLU A 220 1.78 -11.21 -17.13
N ILE A 221 2.29 -11.76 -18.23
CA ILE A 221 3.04 -13.01 -18.18
C ILE A 221 4.23 -12.87 -17.24
N ARG A 222 4.93 -11.75 -17.36
CA ARG A 222 6.06 -11.45 -16.48
C ARG A 222 5.60 -11.51 -15.04
N ARG A 223 4.51 -10.81 -14.75
CA ARG A 223 3.93 -10.75 -13.42
C ARG A 223 3.51 -12.14 -12.94
N GLN A 224 2.79 -12.87 -13.78
CA GLN A 224 2.27 -14.19 -13.42
C GLN A 224 3.40 -15.14 -13.02
N GLU A 225 4.51 -15.10 -13.74
CA GLU A 225 5.61 -15.99 -13.46
C GLU A 225 6.34 -15.61 -12.17
N PHE A 226 6.31 -14.34 -11.83
CA PHE A 226 6.87 -13.90 -10.54
C PHE A 226 6.03 -14.44 -9.40
N LEU A 227 4.72 -14.31 -9.52
CA LEU A 227 3.81 -14.86 -8.53
C LEU A 227 3.95 -16.38 -8.53
N LEU A 228 4.22 -16.93 -9.70
CA LEU A 228 4.26 -18.37 -9.90
C LEU A 228 5.46 -18.98 -9.21
N ASN A 229 6.65 -18.53 -9.58
CA ASN A 229 7.89 -19.14 -9.10
C ASN A 229 8.03 -18.95 -7.59
N CYS A 230 7.55 -17.82 -7.08
CA CYS A 230 7.70 -17.52 -5.68
C CYS A 230 6.88 -18.48 -4.82
N LEU A 231 5.60 -18.62 -5.15
CA LEU A 231 4.71 -19.46 -4.38
C LEU A 231 5.06 -20.93 -4.64
N HIS A 232 5.33 -21.23 -5.91
CA HIS A 232 5.70 -22.57 -6.32
C HIS A 232 6.92 -23.08 -5.53
N ARG A 233 7.91 -22.21 -5.36
CA ARG A 233 9.12 -22.57 -4.61
C ARG A 233 8.82 -22.70 -3.12
N ASP A 234 7.98 -21.79 -2.63
CA ASP A 234 7.60 -21.76 -1.22
C ASP A 234 6.92 -23.05 -0.80
N LEU A 235 6.23 -23.67 -1.74
CA LEU A 235 5.48 -24.91 -1.51
C LEU A 235 6.39 -26.04 -0.99
N GLN A 236 7.67 -26.01 -1.36
CA GLN A 236 8.61 -27.05 -0.97
C GLN A 236 8.99 -26.93 0.51
N GLY A 237 8.52 -25.88 1.16
CA GLY A 237 8.80 -25.69 2.58
C GLY A 237 7.91 -26.57 3.46
N GLY A 238 7.52 -27.72 2.94
CA GLY A 238 6.66 -28.62 3.69
C GLY A 238 5.25 -28.12 3.80
N ILE A 239 4.75 -27.50 2.75
CA ILE A 239 3.42 -26.95 2.75
C ILE A 239 2.40 -27.95 2.24
N LYS A 240 1.53 -28.40 3.13
CA LYS A 240 0.40 -29.22 2.74
C LYS A 240 -0.86 -28.44 3.05
N ASP A 241 -1.24 -27.54 2.16
CA ASP A 241 -2.30 -26.59 2.46
C ASP A 241 -3.08 -26.25 1.20
N LEU A 242 -4.40 -26.37 1.30
CA LEU A 242 -5.29 -26.17 0.17
C LEU A 242 -5.22 -24.74 -0.39
N SER A 243 -5.01 -23.77 0.48
CA SER A 243 -5.07 -22.38 0.07
C SER A 243 -3.90 -22.05 -0.85
N LYS A 244 -2.72 -22.51 -0.46
CA LYS A 244 -1.52 -22.29 -1.25
C LYS A 244 -1.57 -23.11 -2.53
N GLU A 245 -2.08 -24.33 -2.43
CA GLU A 245 -2.14 -25.23 -3.58
C GLU A 245 -3.18 -24.76 -4.59
N GLU A 246 -4.44 -24.62 -4.17
CA GLU A 246 -5.50 -24.14 -5.07
C GLU A 246 -5.12 -22.88 -5.82
N ARG A 247 -4.50 -21.93 -5.14
CA ARG A 247 -4.11 -20.68 -5.78
C ARG A 247 -2.93 -20.89 -6.74
N LEU A 248 -2.15 -21.93 -6.48
CA LEU A 248 -1.05 -22.31 -7.36
C LEU A 248 -1.58 -22.73 -8.74
N TRP A 249 -2.56 -23.62 -8.77
CA TRP A 249 -3.10 -24.10 -10.05
C TRP A 249 -3.84 -22.97 -10.74
N GLU A 250 -4.40 -22.08 -9.93
CA GLU A 250 -5.16 -20.95 -10.44
C GLU A 250 -4.27 -20.03 -11.29
N VAL A 251 -3.13 -19.62 -10.75
CA VAL A 251 -2.20 -18.76 -11.50
C VAL A 251 -1.65 -19.50 -12.73
N GLN A 252 -1.42 -20.80 -12.56
CA GLN A 252 -1.03 -21.67 -13.67
C GLN A 252 -2.05 -21.62 -14.79
N ARG A 253 -3.34 -21.68 -14.44
CA ARG A 253 -4.41 -21.57 -15.42
C ARG A 253 -4.35 -20.24 -16.18
N ILE A 254 -3.98 -19.19 -15.46
CA ILE A 254 -3.96 -17.85 -16.02
C ILE A 254 -2.76 -17.70 -16.94
N LEU A 255 -1.60 -18.10 -16.44
CA LEU A 255 -0.36 -18.01 -17.19
C LEU A 255 -0.46 -18.83 -18.47
N THR A 256 -1.05 -20.02 -18.39
CA THR A 256 -1.22 -20.87 -19.55
C THR A 256 -2.11 -20.19 -20.60
N ALA A 257 -3.25 -19.67 -20.16
CA ALA A 257 -4.13 -18.91 -21.04
C ALA A 257 -3.35 -17.81 -21.74
N LEU A 258 -2.59 -17.04 -20.97
CA LEU A 258 -1.77 -15.94 -21.49
C LEU A 258 -0.75 -16.44 -22.51
N LYS A 259 -0.13 -17.59 -22.24
CA LYS A 259 0.86 -18.15 -23.15
C LYS A 259 0.23 -18.46 -24.51
N ARG A 260 -1.00 -18.95 -24.50
CA ARG A 260 -1.73 -19.21 -25.74
C ARG A 260 -2.16 -17.89 -26.37
N LYS A 261 -2.77 -17.04 -25.55
CA LYS A 261 -3.20 -15.70 -25.92
C LYS A 261 -2.08 -14.88 -26.57
N LEU A 262 -0.84 -15.14 -26.16
CA LEU A 262 0.31 -14.43 -26.74
C LEU A 262 0.36 -14.64 -28.25
N ARG A 263 -0.04 -15.83 -28.69
CA ARG A 263 -0.06 -16.15 -30.12
C ARG A 263 -1.46 -15.99 -30.67
N GLU A 264 -2.31 -15.37 -29.88
CA GLU A 264 -3.69 -15.12 -30.27
C GLU A 264 -3.88 -13.65 -30.60
N ALA A 265 -3.14 -12.80 -29.89
CA ALA A 265 -3.23 -11.36 -30.05
C ALA A 265 -2.43 -10.87 -31.25
#